data_9K47
#
_entry.id   9K47
#
_cell.length_a   1.00
_cell.length_b   1.00
_cell.length_c   1.00
_cell.angle_alpha   90.00
_cell.angle_beta   90.00
_cell.angle_gamma   90.00
#
_symmetry.space_group_name_H-M   'P 1'
#
_entity_poly.entity_id   1
_entity_poly.type   'polypeptide(L)'
_entity_poly.pdbx_seq_one_letter_code
;MHHHHHHQRVSQFFNKAPHITIPPSLSMVSRNSKRPFLSRFYATHKELKFGVEGRASLLKGVDILAKAVAVTLGPKGRNV
LIEQPYGSPKITKDGVTVAKSISLKDKFENLGARLVQDVANKTNEVAGDGTTTATILTRAIFAEGVKNVAAGCNPMDLRR
GVQMAVDSIVKFLREKSRVITTSEEIAQVATISANGDTHVGKLIANAMEKVGKEGVITVKEGKTIEDELEITEGMRFDRG
YISPYFITDAKTQKVEFEKPLILLTEKKISILQDILPALETSSTQRRPLLIIAEDIDGEALAACILNKLRGNLQVAAVKA
PGFGDNRKSILGDLAILTGGTVFSDELDIKLERATPDLFGSTGSVTITKEDTILLNGEGSKDMINQRCEQIRAAINDSSV
SDYEREKLQERLAKLSGGVAVIKVGGSSELEVGEKKDRFVDALNATRAAVEEGTVPGGGVALLKSTKCLDKLTPGNFDQQ
LGINIIKSALQKPAKIIADNAGEEGAVIVGKILDNHTDDFNYGYDAAKSEYGDLVSRGIVDPLKVVRTALVDASGVASLL
TTTECTITEAPEENKTAGGMGRMGGMGGMGDMGMM
;
_entity_poly.pdbx_strand_id   A,B,C,D,E,F,G,H,I,J,K,L,M,N
#
# COMPACT_ATOMS: atom_id res chain seq x y z
N THR A 44 -35.28 5.62 -12.42
CA THR A 44 -34.75 5.64 -11.06
C THR A 44 -34.35 4.25 -10.59
N HIS A 45 -33.37 4.19 -9.70
CA HIS A 45 -32.86 2.94 -9.16
C HIS A 45 -33.12 2.89 -7.66
N LYS A 46 -33.53 1.73 -7.18
CA LYS A 46 -33.98 1.56 -5.80
C LYS A 46 -33.09 0.58 -5.05
N GLU A 47 -33.14 0.69 -3.73
CA GLU A 47 -32.48 -0.23 -2.81
C GLU A 47 -33.53 -0.86 -1.91
N LEU A 48 -33.43 -2.16 -1.69
CA LEU A 48 -34.44 -2.91 -0.97
C LEU A 48 -33.81 -3.61 0.23
N LYS A 49 -34.50 -3.55 1.37
CA LYS A 49 -34.11 -4.29 2.56
C LYS A 49 -35.29 -5.13 3.03
N PHE A 50 -35.00 -6.36 3.45
CA PHE A 50 -36.01 -7.34 3.83
C PHE A 50 -35.79 -7.81 5.25
N GLY A 51 -36.88 -7.98 5.99
CA GLY A 51 -36.85 -8.64 7.28
C GLY A 51 -36.11 -7.93 8.39
N VAL A 52 -35.11 -8.61 8.96
CA VAL A 52 -34.48 -8.15 10.19
C VAL A 52 -33.65 -6.89 9.94
N GLU A 53 -32.94 -6.81 8.81
CA GLU A 53 -32.05 -5.69 8.59
C GLU A 53 -32.81 -4.39 8.38
N GLY A 54 -33.91 -4.44 7.61
CA GLY A 54 -34.73 -3.25 7.43
C GLY A 54 -35.34 -2.76 8.72
N ARG A 55 -35.85 -3.69 9.53
CA ARG A 55 -36.40 -3.31 10.83
C ARG A 55 -35.31 -2.76 11.75
N ALA A 56 -34.09 -3.28 11.64
CA ALA A 56 -32.97 -2.75 12.44
C ALA A 56 -32.66 -1.31 12.05
N SER A 57 -32.64 -1.01 10.75
CA SER A 57 -32.40 0.36 10.31
C SER A 57 -33.53 1.29 10.77
N LEU A 58 -34.78 0.84 10.63
CA LEU A 58 -35.90 1.64 11.11
C LEU A 58 -35.79 1.89 12.61
N LEU A 59 -35.40 0.86 13.37
CA LEU A 59 -35.24 1.00 14.81
C LEU A 59 -34.12 1.97 15.15
N LYS A 60 -33.04 1.97 14.37
CA LYS A 60 -31.97 2.94 14.58
C LYS A 60 -32.50 4.36 14.41
N GLY A 61 -33.27 4.59 13.34
CA GLY A 61 -33.81 5.92 13.11
C GLY A 61 -34.76 6.36 14.22
N VAL A 62 -35.67 5.47 14.62
CA VAL A 62 -36.61 5.80 15.68
C VAL A 62 -35.88 6.01 17.00
N ASP A 63 -34.82 5.24 17.23
CA ASP A 63 -34.01 5.39 18.44
C ASP A 63 -33.37 6.76 18.50
N ILE A 64 -32.77 7.20 17.39
CA ILE A 64 -32.15 8.51 17.35
C ILE A 64 -33.19 9.61 17.61
N LEU A 65 -34.33 9.52 16.94
CA LEU A 65 -35.36 10.54 17.12
C LEU A 65 -35.86 10.59 18.55
N ALA A 66 -36.16 9.43 19.14
CA ALA A 66 -36.70 9.38 20.49
C ALA A 66 -35.66 9.84 21.51
N LYS A 67 -34.39 9.46 21.31
CA LYS A 67 -33.34 9.90 22.21
C LYS A 67 -33.19 11.42 22.18
N ALA A 68 -33.28 12.01 20.98
CA ALA A 68 -33.20 13.47 20.89
C ALA A 68 -34.40 14.14 21.56
N VAL A 69 -35.59 13.58 21.39
CA VAL A 69 -36.79 14.26 21.86
C VAL A 69 -37.01 14.06 23.36
N ALA A 70 -36.57 12.93 23.92
CA ALA A 70 -36.93 12.57 25.29
C ALA A 70 -36.28 13.46 26.34
N VAL A 71 -35.16 14.11 26.03
CA VAL A 71 -34.46 14.93 27.02
C VAL A 71 -35.24 16.19 27.41
N THR A 72 -36.30 16.52 26.68
CA THR A 72 -37.06 17.74 26.94
C THR A 72 -38.37 17.47 27.64
N LEU A 73 -38.57 16.27 28.19
CA LEU A 73 -39.85 15.90 28.80
C LEU A 73 -39.78 16.11 30.31
N GLY A 74 -40.80 16.78 30.85
CA GLY A 74 -40.88 17.01 32.27
C GLY A 74 -40.54 18.43 32.66
N PRO A 75 -40.82 18.80 33.91
CA PRO A 75 -40.43 20.14 34.39
C PRO A 75 -38.93 20.36 34.36
N LYS A 76 -38.13 19.32 34.58
CA LYS A 76 -36.68 19.41 34.59
C LYS A 76 -36.06 18.94 33.27
N GLY A 77 -36.75 19.17 32.16
CA GLY A 77 -36.20 18.77 30.87
C GLY A 77 -34.95 19.54 30.53
N ARG A 78 -34.04 18.87 29.83
CA ARG A 78 -32.75 19.47 29.48
C ARG A 78 -32.89 20.33 28.23
N ASN A 79 -31.79 20.99 27.86
CA ASN A 79 -31.77 21.91 26.73
C ASN A 79 -31.24 21.21 25.49
N VAL A 80 -31.70 21.68 24.33
CA VAL A 80 -31.23 21.22 23.04
C VAL A 80 -30.72 22.42 22.26
N LEU A 81 -29.51 22.30 21.72
CA LEU A 81 -28.90 23.34 20.88
C LEU A 81 -29.08 22.96 19.42
N ILE A 82 -29.78 23.82 18.68
CA ILE A 82 -30.01 23.62 17.25
C ILE A 82 -29.28 24.72 16.50
N GLU A 83 -28.43 24.34 15.55
CA GLU A 83 -27.59 25.26 14.82
C GLU A 83 -28.28 25.69 13.53
N GLN A 84 -28.37 27.01 13.31
CA GLN A 84 -28.89 27.64 12.10
C GLN A 84 -27.77 27.88 11.09
N PRO A 85 -28.10 27.85 9.78
CA PRO A 85 -27.04 28.10 8.78
C PRO A 85 -26.34 29.42 8.97
N TYR A 86 -27.10 30.44 9.36
CA TYR A 86 -26.53 31.77 9.62
C TYR A 86 -27.31 32.35 10.80
N GLY A 87 -26.62 32.73 11.87
CA GLY A 87 -27.25 33.29 13.04
C GLY A 87 -26.86 32.55 14.31
N SER A 88 -27.29 33.12 15.42
CA SER A 88 -26.97 32.55 16.73
C SER A 88 -27.69 31.22 16.92
N PRO A 89 -27.08 30.28 17.64
CA PRO A 89 -27.73 28.98 17.87
C PRO A 89 -28.99 29.13 18.69
N LYS A 90 -29.93 28.22 18.47
CA LYS A 90 -31.23 28.24 19.14
C LYS A 90 -31.21 27.25 20.30
N ILE A 91 -31.66 27.71 21.47
CA ILE A 91 -31.74 26.90 22.67
C ILE A 91 -33.21 26.58 22.91
N THR A 92 -33.56 25.30 22.90
CA THR A 92 -34.95 24.90 22.97
C THR A 92 -35.16 23.81 24.01
N LYS A 93 -36.29 23.91 24.72
CA LYS A 93 -36.78 22.87 25.61
C LYS A 93 -38.08 22.25 25.11
N ASP A 94 -38.42 22.49 23.84
CA ASP A 94 -39.70 22.12 23.28
C ASP A 94 -39.55 20.87 22.42
N GLY A 95 -40.37 19.86 22.71
CA GLY A 95 -40.21 18.57 22.04
C GLY A 95 -40.54 18.61 20.56
N VAL A 96 -41.61 19.31 20.19
CA VAL A 96 -42.02 19.34 18.79
C VAL A 96 -41.01 20.13 17.95
N THR A 97 -40.44 21.19 18.51
CA THR A 97 -39.40 21.95 17.81
C THR A 97 -38.18 21.08 17.54
N VAL A 98 -37.77 20.29 18.53
CA VAL A 98 -36.63 19.38 18.35
C VAL A 98 -36.97 18.32 17.32
N ALA A 99 -38.19 17.77 17.37
CA ALA A 99 -38.59 16.71 16.45
C ALA A 99 -38.63 17.19 15.01
N LYS A 100 -39.11 18.41 14.78
CA LYS A 100 -39.26 18.95 13.43
C LYS A 100 -37.93 19.27 12.76
N SER A 101 -36.83 19.25 13.49
CA SER A 101 -35.53 19.65 12.95
C SER A 101 -34.55 18.49 12.85
N ILE A 102 -35.04 17.25 12.74
CA ILE A 102 -34.18 16.07 12.70
C ILE A 102 -34.33 15.42 11.33
N SER A 103 -33.21 15.27 10.63
CA SER A 103 -33.15 14.55 9.37
C SER A 103 -31.89 13.72 9.35
N LEU A 104 -32.01 12.47 8.92
CA LEU A 104 -30.91 11.52 8.93
C LEU A 104 -30.39 11.29 7.52
N LYS A 105 -29.09 11.05 7.44
CA LYS A 105 -28.42 10.81 6.20
C LYS A 105 -28.71 9.50 5.60
N ASP A 106 -28.76 8.47 6.40
CA ASP A 106 -29.14 7.13 5.97
C ASP A 106 -30.63 7.10 5.61
N LYS A 107 -30.94 6.39 4.53
CA LYS A 107 -32.29 6.47 3.95
C LYS A 107 -33.32 5.71 4.78
N PHE A 108 -32.98 4.51 5.26
CA PHE A 108 -33.97 3.70 5.97
C PHE A 108 -34.22 4.23 7.38
N GLU A 109 -33.15 4.66 8.06
CA GLU A 109 -33.33 5.30 9.36
C GLU A 109 -34.13 6.59 9.22
N ASN A 110 -33.85 7.36 8.17
CA ASN A 110 -34.66 8.55 7.91
C ASN A 110 -36.11 8.20 7.60
N LEU A 111 -36.34 7.05 6.96
CA LEU A 111 -37.71 6.63 6.68
C LEU A 111 -38.47 6.34 7.97
N GLY A 112 -37.85 5.59 8.88
CA GLY A 112 -38.49 5.33 10.16
C GLY A 112 -38.71 6.59 10.96
N ALA A 113 -37.70 7.47 11.01
CA ALA A 113 -37.83 8.73 11.73
C ALA A 113 -38.94 9.60 11.13
N ARG A 114 -39.05 9.58 9.81
CA ARG A 114 -40.08 10.38 9.14
C ARG A 114 -41.46 9.85 9.49
N LEU A 115 -41.64 8.53 9.45
CA LEU A 115 -42.93 7.95 9.81
C LEU A 115 -43.33 8.35 11.23
N VAL A 116 -42.40 8.21 12.18
CA VAL A 116 -42.73 8.56 13.55
C VAL A 116 -42.97 10.07 13.69
N GLN A 117 -42.21 10.88 12.95
CA GLN A 117 -42.40 12.33 12.97
C GLN A 117 -43.78 12.71 12.46
N ASP A 118 -44.21 12.08 11.36
CA ASP A 118 -45.54 12.36 10.82
C ASP A 118 -46.62 12.00 11.83
N VAL A 119 -46.50 10.84 12.47
CA VAL A 119 -47.53 10.44 13.43
C VAL A 119 -47.55 11.38 14.64
N ALA A 120 -46.36 11.76 15.14
CA ALA A 120 -46.28 12.67 16.27
C ALA A 120 -46.83 14.05 15.92
N ASN A 121 -46.52 14.56 14.73
CA ASN A 121 -47.07 15.83 14.30
C ASN A 121 -48.59 15.77 14.17
N LYS A 122 -49.11 14.65 13.64
CA LYS A 122 -50.56 14.51 13.52
C LYS A 122 -51.24 14.49 14.88
N THR A 123 -50.69 13.75 15.84
CA THR A 123 -51.34 13.70 17.16
C THR A 123 -51.21 15.05 17.87
N ASN A 124 -50.08 15.74 17.69
CA ASN A 124 -49.95 17.07 18.29
C ASN A 124 -50.96 18.05 17.69
N GLU A 125 -51.17 17.98 16.38
CA GLU A 125 -52.15 18.86 15.74
C GLU A 125 -53.56 18.52 16.19
N VAL A 126 -53.88 17.23 16.31
CA VAL A 126 -55.24 16.82 16.67
C VAL A 126 -55.55 17.19 18.11
N ALA A 127 -54.65 16.88 19.04
CA ALA A 127 -54.93 17.03 20.46
C ALA A 127 -54.39 18.31 21.07
N GLY A 128 -53.35 18.90 20.49
CA GLY A 128 -52.76 20.09 21.07
C GLY A 128 -51.34 19.84 21.55
N ASP A 129 -51.09 18.66 22.11
CA ASP A 129 -49.77 18.28 22.58
C ASP A 129 -49.68 16.76 22.62
N GLY A 130 -48.53 16.26 23.07
CA GLY A 130 -48.30 14.84 23.16
C GLY A 130 -47.28 14.27 22.18
N THR A 131 -46.42 15.11 21.60
CA THR A 131 -45.44 14.61 20.65
C THR A 131 -44.36 13.78 21.35
N THR A 132 -43.82 14.28 22.46
CA THR A 132 -42.74 13.57 23.14
C THR A 132 -43.22 12.23 23.71
N THR A 133 -44.39 12.23 24.33
CA THR A 133 -44.93 10.99 24.89
C THR A 133 -45.21 9.97 23.79
N ALA A 134 -45.80 10.41 22.68
CA ALA A 134 -46.07 9.50 21.57
C ALA A 134 -44.78 8.93 21.00
N THR A 135 -43.75 9.77 20.83
CA THR A 135 -42.48 9.29 20.32
C THR A 135 -41.85 8.28 21.26
N ILE A 136 -41.87 8.55 22.56
CA ILE A 136 -41.27 7.65 23.54
C ILE A 136 -42.00 6.30 23.54
N LEU A 137 -43.33 6.34 23.54
CA LEU A 137 -44.10 5.11 23.52
C LEU A 137 -43.87 4.32 22.24
N THR A 138 -43.80 5.02 21.11
CA THR A 138 -43.50 4.36 19.84
C THR A 138 -42.16 3.65 19.90
N ARG A 139 -41.13 4.34 20.40
CA ARG A 139 -39.81 3.72 20.48
C ARG A 139 -39.84 2.48 21.38
N ALA A 140 -40.49 2.59 22.54
CA ALA A 140 -40.51 1.47 23.47
C ALA A 140 -41.22 0.27 22.87
N ILE A 141 -42.43 0.49 22.34
CA ILE A 141 -43.21 -0.62 21.78
C ILE A 141 -42.49 -1.24 20.59
N PHE A 142 -41.93 -0.41 19.71
CA PHE A 142 -41.25 -0.94 18.54
C PHE A 142 -40.03 -1.75 18.92
N ALA A 143 -39.22 -1.26 19.86
CA ALA A 143 -38.03 -2.01 20.28
C ALA A 143 -38.41 -3.34 20.92
N GLU A 144 -39.42 -3.32 21.81
CA GLU A 144 -39.82 -4.55 22.47
C GLU A 144 -40.42 -5.55 21.48
N GLY A 145 -41.20 -5.07 20.52
CA GLY A 145 -41.74 -5.95 19.50
C GLY A 145 -40.67 -6.55 18.62
N VAL A 146 -39.65 -5.75 18.28
CA VAL A 146 -38.53 -6.28 17.51
C VAL A 146 -37.82 -7.39 18.28
N LYS A 147 -37.59 -7.15 19.58
CA LYS A 147 -36.95 -8.18 20.41
C LYS A 147 -37.79 -9.46 20.46
N ASN A 148 -39.10 -9.32 20.66
CA ASN A 148 -39.96 -10.49 20.76
C ASN A 148 -40.04 -11.25 19.44
N VAL A 149 -40.07 -10.52 18.32
CA VAL A 149 -40.07 -11.18 17.01
C VAL A 149 -38.76 -11.92 16.79
N ALA A 150 -37.63 -11.31 17.16
CA ALA A 150 -36.35 -11.99 17.06
C ALA A 150 -36.32 -13.23 17.94
N ALA A 151 -37.02 -13.21 19.08
CA ALA A 151 -37.08 -14.37 19.95
C ALA A 151 -37.86 -15.54 19.34
N GLY A 152 -38.57 -15.31 18.24
CA GLY A 152 -39.28 -16.38 17.57
C GLY A 152 -40.78 -16.39 17.83
N CYS A 153 -41.40 -15.22 17.78
CA CYS A 153 -42.81 -15.07 18.06
C CYS A 153 -43.56 -14.59 16.82
N ASN A 154 -44.89 -14.76 16.86
CA ASN A 154 -45.74 -14.40 15.73
C ASN A 154 -46.13 -12.93 15.83
N PRO A 155 -45.74 -12.08 14.87
CA PRO A 155 -46.07 -10.65 14.97
C PRO A 155 -47.56 -10.35 14.99
N MET A 156 -48.39 -11.15 14.32
CA MET A 156 -49.81 -10.87 14.28
C MET A 156 -50.45 -11.04 15.65
N ASP A 157 -50.07 -12.08 16.39
CA ASP A 157 -50.59 -12.26 17.73
C ASP A 157 -50.05 -11.19 18.68
N LEU A 158 -48.82 -10.73 18.46
CA LEU A 158 -48.31 -9.58 19.20
C LEU A 158 -49.19 -8.36 18.95
N ARG A 159 -49.56 -8.12 17.69
CA ARG A 159 -50.42 -7.00 17.36
C ARG A 159 -51.78 -7.12 18.05
N ARG A 160 -52.35 -8.33 18.05
CA ARG A 160 -53.64 -8.53 18.70
C ARG A 160 -53.56 -8.27 20.20
N GLY A 161 -52.50 -8.77 20.84
CA GLY A 161 -52.33 -8.53 22.27
C GLY A 161 -52.12 -7.06 22.59
N VAL A 162 -51.34 -6.36 21.76
CA VAL A 162 -51.13 -4.94 21.96
C VAL A 162 -52.44 -4.17 21.82
N GLN A 163 -53.25 -4.53 20.82
CA GLN A 163 -54.55 -3.87 20.65
C GLN A 163 -55.45 -4.11 21.85
N MET A 164 -55.49 -5.36 22.34
CA MET A 164 -56.34 -5.67 23.50
C MET A 164 -55.88 -4.90 24.73
N ALA A 165 -54.57 -4.85 24.97
CA ALA A 165 -54.05 -4.11 26.12
C ALA A 165 -54.36 -2.62 26.00
N VAL A 166 -54.20 -2.05 24.80
CA VAL A 166 -54.48 -0.63 24.62
C VAL A 166 -55.95 -0.32 24.86
N ASP A 167 -56.84 -1.19 24.36
CA ASP A 167 -58.26 -1.01 24.61
C ASP A 167 -58.58 -1.05 26.10
N SER A 168 -57.99 -2.01 26.82
CA SER A 168 -58.20 -2.09 28.26
C SER A 168 -57.71 -0.84 28.97
N ILE A 169 -56.53 -0.34 28.58
CA ILE A 169 -55.98 0.86 29.21
C ILE A 169 -56.88 2.07 28.95
N VAL A 170 -57.36 2.20 27.72
CA VAL A 170 -58.24 3.32 27.37
C VAL A 170 -59.53 3.26 28.17
N LYS A 171 -60.10 2.06 28.31
CA LYS A 171 -61.33 1.92 29.09
C LYS A 171 -61.09 2.30 30.56
N PHE A 172 -59.98 1.84 31.13
CA PHE A 172 -59.67 2.18 32.51
C PHE A 172 -59.49 3.68 32.69
N LEU A 173 -58.76 4.31 31.78
CA LEU A 173 -58.51 5.75 31.87
C LEU A 173 -59.81 6.54 31.73
N ARG A 174 -60.68 6.14 30.81
CA ARG A 174 -61.97 6.80 30.69
C ARG A 174 -62.82 6.61 31.94
N GLU A 175 -62.73 5.44 32.57
CA GLU A 175 -63.46 5.22 33.82
C GLU A 175 -62.95 6.12 34.93
N LYS A 176 -61.65 6.35 35.00
CA LYS A 176 -61.05 7.10 36.10
C LYS A 176 -60.91 8.59 35.82
N SER A 177 -61.43 9.08 34.70
CA SER A 177 -61.29 10.49 34.37
C SER A 177 -62.21 11.35 35.23
N ARG A 178 -61.83 12.61 35.40
CA ARG A 178 -62.61 13.59 36.15
C ARG A 178 -63.18 14.62 35.19
N VAL A 179 -64.50 14.68 35.09
CA VAL A 179 -65.19 15.59 34.19
C VAL A 179 -65.38 16.93 34.87
N ILE A 180 -65.26 18.02 34.10
CA ILE A 180 -65.44 19.37 34.59
C ILE A 180 -66.59 20.01 33.82
N THR A 181 -67.59 20.51 34.55
CA THR A 181 -68.78 21.09 33.94
C THR A 181 -69.03 22.55 34.32
N THR A 182 -68.98 22.89 35.60
CA THR A 182 -69.36 24.23 36.03
C THR A 182 -68.22 25.22 35.79
N SER A 183 -68.57 26.51 35.90
CA SER A 183 -67.63 27.57 35.54
C SER A 183 -66.43 27.64 36.47
N GLU A 184 -66.60 27.30 37.75
CA GLU A 184 -65.48 27.38 38.68
C GLU A 184 -64.40 26.36 38.34
N GLU A 185 -64.81 25.14 37.96
CA GLU A 185 -63.82 24.14 37.56
C GLU A 185 -63.15 24.51 36.25
N ILE A 186 -63.88 25.11 35.32
CA ILE A 186 -63.27 25.58 34.08
C ILE A 186 -62.24 26.66 34.39
N ALA A 187 -62.58 27.58 35.29
CA ALA A 187 -61.64 28.64 35.67
C ALA A 187 -60.40 28.06 36.32
N GLN A 188 -60.58 27.08 37.22
CA GLN A 188 -59.43 26.46 37.87
C GLN A 188 -58.54 25.73 36.86
N VAL A 189 -59.15 25.00 35.91
CA VAL A 189 -58.39 24.28 34.90
C VAL A 189 -57.61 25.27 34.04
N ALA A 190 -58.25 26.36 33.63
CA ALA A 190 -57.56 27.36 32.82
C ALA A 190 -56.45 28.05 33.59
N THR A 191 -56.64 28.29 34.89
CA THR A 191 -55.58 28.86 35.70
C THR A 191 -54.39 27.92 35.81
N ILE A 192 -54.65 26.63 36.02
CA ILE A 192 -53.57 25.65 36.07
C ILE A 192 -52.85 25.59 34.73
N SER A 193 -53.60 25.60 33.62
CA SER A 193 -53.00 25.54 32.30
C SER A 193 -52.23 26.81 31.95
N ALA A 194 -52.43 27.89 32.70
CA ALA A 194 -51.74 29.16 32.46
C ALA A 194 -50.60 29.38 33.44
N ASN A 195 -50.05 28.31 34.01
CA ASN A 195 -48.95 28.39 34.98
C ASN A 195 -49.33 29.26 36.18
N GLY A 196 -50.54 29.03 36.70
CA GLY A 196 -50.99 29.75 37.88
C GLY A 196 -51.47 31.16 37.64
N ASP A 197 -51.73 31.54 36.40
CA ASP A 197 -52.21 32.88 36.10
C ASP A 197 -53.72 32.94 36.32
N THR A 198 -54.14 33.73 37.31
CA THR A 198 -55.56 33.84 37.63
C THR A 198 -56.31 34.68 36.61
N HIS A 199 -55.68 35.73 36.07
CA HIS A 199 -56.36 36.58 35.10
C HIS A 199 -56.73 35.81 33.83
N VAL A 200 -55.79 34.99 33.33
CA VAL A 200 -56.06 34.22 32.13
C VAL A 200 -57.18 33.21 32.38
N GLY A 201 -57.14 32.54 33.52
CA GLY A 201 -58.19 31.59 33.85
C GLY A 201 -59.56 32.24 33.98
N LYS A 202 -59.61 33.42 34.59
CA LYS A 202 -60.88 34.14 34.69
C LYS A 202 -61.38 34.59 33.33
N LEU A 203 -60.48 35.07 32.47
CA LEU A 203 -60.89 35.52 31.14
C LEU A 203 -61.40 34.37 30.30
N ILE A 204 -60.72 33.21 30.35
CA ILE A 204 -61.14 32.07 29.54
C ILE A 204 -62.50 31.57 29.99
N ALA A 205 -62.69 31.30 31.25
CA ALA A 205 -63.92 30.79 31.76
C ALA A 205 -65.09 31.61 31.46
N ASN A 206 -64.91 32.81 30.94
CA ASN A 206 -66.01 33.71 30.67
C ASN A 206 -66.33 33.70 29.21
N ALA A 207 -65.33 33.69 28.40
CA ALA A 207 -65.58 33.59 26.97
C ALA A 207 -66.38 32.33 26.65
N MET A 208 -65.98 31.20 27.23
CA MET A 208 -66.67 29.95 27.03
C MET A 208 -67.95 29.84 27.86
N GLU A 209 -68.15 30.76 28.80
CA GLU A 209 -69.49 30.95 29.36
C GLU A 209 -70.40 31.63 28.35
N LYS A 210 -69.90 32.66 27.68
CA LYS A 210 -70.71 33.42 26.73
C LYS A 210 -71.07 32.58 25.51
N VAL A 211 -70.08 31.95 24.87
CA VAL A 211 -70.33 31.22 23.64
C VAL A 211 -70.61 29.73 23.87
N GLY A 212 -70.46 29.25 25.09
CA GLY A 212 -70.61 27.83 25.38
C GLY A 212 -69.28 27.10 25.27
N LYS A 213 -69.31 25.83 25.67
CA LYS A 213 -68.12 25.01 25.59
C LYS A 213 -67.70 24.77 24.14
N GLU A 214 -68.68 24.64 23.25
CA GLU A 214 -68.43 24.36 21.84
C GLU A 214 -68.34 25.62 20.98
N GLY A 215 -68.37 26.79 21.60
CA GLY A 215 -68.35 28.02 20.83
C GLY A 215 -66.98 28.32 20.23
N VAL A 216 -66.90 29.43 19.53
CA VAL A 216 -65.67 29.88 18.90
C VAL A 216 -65.05 30.98 19.75
N ILE A 217 -63.83 30.75 20.20
CA ILE A 217 -63.06 31.72 20.97
C ILE A 217 -61.73 31.94 20.26
N THR A 218 -61.37 33.20 20.04
CA THR A 218 -60.12 33.52 19.37
C THR A 218 -59.40 34.62 20.14
N VAL A 219 -58.09 34.70 19.94
CA VAL A 219 -57.22 35.61 20.67
C VAL A 219 -56.54 36.55 19.68
N LYS A 220 -56.63 37.85 19.94
CA LYS A 220 -56.03 38.85 19.06
C LYS A 220 -55.30 39.88 19.91
N GLU A 221 -54.46 40.67 19.26
CA GLU A 221 -53.70 41.72 19.94
C GLU A 221 -54.62 42.88 20.32
N GLY A 222 -54.32 43.50 21.45
CA GLY A 222 -55.14 44.60 21.94
C GLY A 222 -54.51 45.96 21.69
N LYS A 223 -55.32 47.00 21.91
CA LYS A 223 -54.88 48.38 21.70
C LYS A 223 -54.48 49.07 22.99
N THR A 224 -54.63 48.43 24.14
CA THR A 224 -54.52 49.09 25.43
C THR A 224 -53.76 48.17 26.39
N ILE A 225 -53.86 48.48 27.69
CA ILE A 225 -53.18 47.67 28.69
C ILE A 225 -54.09 46.60 29.27
N GLU A 226 -55.34 46.94 29.56
CA GLU A 226 -56.27 45.97 30.15
C GLU A 226 -56.79 45.02 29.08
N ASP A 227 -57.25 43.86 29.53
CA ASP A 227 -57.67 42.78 28.67
C ASP A 227 -59.16 42.87 28.36
N GLU A 228 -59.51 42.64 27.10
CA GLU A 228 -60.89 42.84 26.68
C GLU A 228 -61.47 41.53 26.17
N LEU A 229 -62.78 41.36 26.41
CA LEU A 229 -63.53 40.22 25.89
C LEU A 229 -64.78 40.75 25.21
N GLU A 230 -64.89 40.54 23.90
CA GLU A 230 -66.01 41.09 23.15
C GLU A 230 -66.66 40.00 22.31
N ILE A 231 -67.99 39.99 22.26
CA ILE A 231 -68.75 39.08 21.43
C ILE A 231 -69.09 39.78 20.13
N THR A 232 -68.65 39.22 19.00
CA THR A 232 -68.91 39.82 17.70
C THR A 232 -69.65 38.81 16.83
N GLU A 233 -69.92 39.23 15.60
CA GLU A 233 -70.47 38.36 14.59
C GLU A 233 -69.34 37.79 13.74
N GLY A 234 -69.40 36.49 13.48
CA GLY A 234 -68.38 35.83 12.68
C GLY A 234 -68.68 34.35 12.62
N MET A 235 -67.82 33.64 11.91
CA MET A 235 -68.06 32.20 11.77
C MET A 235 -66.82 31.52 11.21
N ARG A 236 -66.77 30.20 11.40
CA ARG A 236 -65.58 29.40 11.10
C ARG A 236 -65.94 28.27 10.13
N PHE A 237 -65.01 27.94 9.24
CA PHE A 237 -65.10 26.74 8.42
C PHE A 237 -63.86 25.88 8.62
N ASP A 238 -64.00 24.61 8.25
CA ASP A 238 -62.94 23.63 8.35
C ASP A 238 -62.10 23.53 7.07
N ARG A 239 -62.04 24.61 6.29
CA ARG A 239 -61.20 24.66 5.10
C ARG A 239 -60.18 25.78 5.24
N GLY A 240 -58.90 25.44 5.06
CA GLY A 240 -57.81 26.37 5.17
C GLY A 240 -57.33 26.89 3.83
N TYR A 241 -56.14 27.48 3.84
CA TYR A 241 -55.61 28.10 2.63
C TYR A 241 -55.10 27.03 1.66
N ILE A 242 -55.13 27.37 0.37
CA ILE A 242 -54.76 26.42 -0.67
C ILE A 242 -53.27 26.10 -0.63
N SER A 243 -52.43 27.14 -0.55
CA SER A 243 -51.00 26.92 -0.64
C SER A 243 -50.27 27.46 0.58
N PRO A 244 -49.35 26.68 1.16
CA PRO A 244 -48.55 27.19 2.28
C PRO A 244 -47.91 28.54 2.05
N TYR A 245 -47.59 28.90 0.80
CA TYR A 245 -46.93 30.17 0.54
C TYR A 245 -47.78 31.37 0.94
N PHE A 246 -49.09 31.21 1.08
CA PHE A 246 -49.96 32.31 1.45
C PHE A 246 -49.74 32.79 2.88
N ILE A 247 -48.95 32.07 3.68
CA ILE A 247 -48.72 32.42 5.08
C ILE A 247 -48.06 33.79 5.14
N THR A 248 -48.66 34.71 5.90
CA THR A 248 -48.07 36.01 6.17
C THR A 248 -47.44 36.09 7.55
N ASP A 249 -47.93 35.31 8.51
CA ASP A 249 -47.37 35.21 9.85
C ASP A 249 -46.67 33.86 9.96
N ALA A 250 -45.38 33.84 9.61
CA ALA A 250 -44.63 32.59 9.63
C ALA A 250 -44.40 32.07 11.04
N LYS A 251 -44.62 32.88 12.06
CA LYS A 251 -44.42 32.43 13.44
C LYS A 251 -45.39 31.30 13.77
N THR A 252 -46.65 31.43 13.37
CA THR A 252 -47.69 30.45 13.66
C THR A 252 -48.25 29.81 12.40
N GLN A 253 -47.66 30.11 11.24
CA GLN A 253 -48.06 29.52 9.96
C GLN A 253 -49.53 29.83 9.64
N LYS A 254 -49.93 31.09 9.77
CA LYS A 254 -51.29 31.50 9.49
C LYS A 254 -51.29 32.81 8.71
N VAL A 255 -52.48 33.16 8.21
CA VAL A 255 -52.69 34.35 7.40
C VAL A 255 -53.71 35.23 8.11
N GLU A 256 -53.41 36.51 8.27
CA GLU A 256 -54.33 37.46 8.91
C GLU A 256 -54.52 38.67 8.03
N PHE A 257 -55.79 39.03 7.78
CA PHE A 257 -56.10 40.21 7.01
C PHE A 257 -57.11 41.08 7.76
N GLU A 258 -56.89 42.38 7.71
CA GLU A 258 -57.76 43.35 8.37
C GLU A 258 -58.60 44.06 7.31
N LYS A 259 -59.92 43.92 7.43
CA LYS A 259 -60.87 44.55 6.51
C LYS A 259 -60.58 44.19 5.05
N PRO A 260 -60.69 42.92 4.67
CA PRO A 260 -60.40 42.53 3.29
C PRO A 260 -61.65 42.47 2.42
N LEU A 261 -61.41 42.29 1.13
CA LEU A 261 -62.48 42.07 0.16
C LEU A 261 -62.64 40.59 -0.13
N ILE A 262 -63.89 40.12 -0.08
CA ILE A 262 -64.20 38.69 -0.16
C ILE A 262 -64.90 38.44 -1.49
N LEU A 263 -64.40 37.44 -2.22
CA LEU A 263 -64.99 37.03 -3.50
C LEU A 263 -65.52 35.61 -3.35
N LEU A 264 -66.84 35.48 -3.29
CA LEU A 264 -67.50 34.19 -3.16
C LEU A 264 -68.03 33.77 -4.52
N THR A 265 -67.55 32.63 -5.02
CA THR A 265 -67.97 32.11 -6.32
C THR A 265 -68.17 30.61 -6.24
N GLU A 266 -69.22 30.13 -6.91
CA GLU A 266 -69.52 28.70 -6.99
C GLU A 266 -68.98 28.18 -8.32
N LYS A 267 -67.66 28.27 -8.48
CA LYS A 267 -67.06 27.95 -9.78
C LYS A 267 -65.67 27.37 -9.56
N LYS A 268 -65.19 26.70 -10.59
CA LYS A 268 -63.82 26.24 -10.69
C LYS A 268 -63.05 27.27 -11.52
N ILE A 269 -62.07 27.93 -10.90
CA ILE A 269 -61.33 29.03 -11.51
C ILE A 269 -59.92 28.55 -11.84
N SER A 270 -59.56 28.65 -13.13
CA SER A 270 -58.20 28.34 -13.56
C SER A 270 -57.63 29.34 -14.54
N ILE A 271 -58.45 30.20 -15.15
CA ILE A 271 -57.96 31.20 -16.09
C ILE A 271 -57.98 32.56 -15.40
N LEU A 272 -56.95 33.35 -15.70
CA LEU A 272 -56.76 34.63 -15.02
C LEU A 272 -57.64 35.74 -15.56
N GLN A 273 -58.25 35.56 -16.73
CA GLN A 273 -59.07 36.63 -17.31
C GLN A 273 -60.27 36.92 -16.42
N ASP A 274 -60.83 35.88 -15.80
CA ASP A 274 -61.95 36.08 -14.88
C ASP A 274 -61.50 36.77 -13.59
N ILE A 275 -60.25 36.57 -13.19
CA ILE A 275 -59.77 37.16 -11.93
C ILE A 275 -59.32 38.61 -12.12
N LEU A 276 -58.93 39.00 -13.32
CA LEU A 276 -58.37 40.33 -13.55
C LEU A 276 -59.26 41.47 -13.07
N PRO A 277 -60.56 41.52 -13.36
CA PRO A 277 -61.37 42.63 -12.82
C PRO A 277 -61.39 42.69 -11.31
N ALA A 278 -61.53 41.53 -10.64
CA ALA A 278 -61.53 41.51 -9.18
C ALA A 278 -60.20 41.98 -8.62
N LEU A 279 -59.09 41.51 -9.21
CA LEU A 279 -57.77 41.89 -8.73
C LEU A 279 -57.52 43.37 -8.95
N GLU A 280 -57.95 43.91 -10.08
CA GLU A 280 -57.79 45.34 -10.34
C GLU A 280 -58.61 46.18 -9.38
N THR A 281 -59.85 45.77 -9.12
CA THR A 281 -60.68 46.50 -8.16
C THR A 281 -60.06 46.46 -6.77
N SER A 282 -59.47 45.32 -6.40
CA SER A 282 -58.77 45.24 -5.13
C SER A 282 -57.55 46.15 -5.09
N SER A 283 -56.77 46.20 -6.18
CA SER A 283 -55.58 47.04 -6.24
C SER A 283 -55.95 48.52 -6.13
N THR A 284 -57.03 48.93 -6.77
CA THR A 284 -57.50 50.31 -6.68
C THR A 284 -57.88 50.70 -5.26
N GLN A 285 -58.55 49.80 -4.52
CA GLN A 285 -58.95 50.08 -3.16
C GLN A 285 -57.85 49.85 -2.14
N ARG A 286 -56.70 49.34 -2.57
CA ARG A 286 -55.58 49.04 -1.66
C ARG A 286 -56.01 48.18 -0.48
N ARG A 287 -56.72 47.09 -0.76
CA ARG A 287 -57.19 46.19 0.29
C ARG A 287 -56.85 44.76 -0.07
N PRO A 288 -56.55 43.93 0.93
CA PRO A 288 -56.25 42.51 0.65
C PRO A 288 -57.50 41.75 0.21
N LEU A 289 -57.28 40.68 -0.54
CA LEU A 289 -58.35 39.93 -1.17
C LEU A 289 -58.34 38.48 -0.69
N LEU A 290 -59.53 37.95 -0.43
CA LEU A 290 -59.72 36.55 -0.09
C LEU A 290 -60.78 35.98 -1.03
N ILE A 291 -60.46 34.88 -1.70
CA ILE A 291 -61.38 34.25 -2.64
C ILE A 291 -61.80 32.89 -2.08
N ILE A 292 -63.10 32.72 -1.91
CA ILE A 292 -63.69 31.49 -1.38
C ILE A 292 -64.40 30.81 -2.54
N ALA A 293 -63.75 29.83 -3.15
CA ALA A 293 -64.28 29.24 -4.39
C ALA A 293 -64.46 27.74 -4.20
N GLU A 294 -65.00 27.09 -5.23
CA GLU A 294 -65.05 25.64 -5.23
C GLU A 294 -63.64 25.05 -5.27
N ASP A 295 -62.75 25.65 -6.07
CA ASP A 295 -61.35 25.25 -6.13
C ASP A 295 -60.60 26.28 -6.93
N ILE A 296 -59.34 26.51 -6.55
CA ILE A 296 -58.44 27.41 -7.25
C ILE A 296 -57.24 26.60 -7.69
N ASP A 297 -57.26 26.11 -8.92
CA ASP A 297 -56.20 25.27 -9.45
C ASP A 297 -55.75 25.81 -10.81
N GLY A 298 -54.69 25.19 -11.34
CA GLY A 298 -54.13 25.59 -12.61
C GLY A 298 -53.21 26.79 -12.51
N GLU A 299 -53.17 27.60 -13.57
CA GLU A 299 -52.31 28.78 -13.56
C GLU A 299 -52.85 29.85 -12.60
N ALA A 300 -54.12 29.74 -12.22
CA ALA A 300 -54.73 30.73 -11.35
C ALA A 300 -54.01 30.82 -10.01
N LEU A 301 -53.76 29.66 -9.38
CA LEU A 301 -53.08 29.68 -8.09
C LEU A 301 -51.69 30.28 -8.23
N ALA A 302 -50.97 29.89 -9.29
CA ALA A 302 -49.61 30.38 -9.47
C ALA A 302 -49.58 31.89 -9.63
N ALA A 303 -50.51 32.44 -10.41
CA ALA A 303 -50.60 33.88 -10.53
C ALA A 303 -50.86 34.51 -9.16
N CYS A 304 -51.79 33.92 -8.39
CA CYS A 304 -52.08 34.46 -7.07
C CYS A 304 -50.85 34.45 -6.18
N ILE A 305 -50.09 33.35 -6.21
CA ILE A 305 -48.90 33.22 -5.37
C ILE A 305 -47.83 34.25 -5.70
N LEU A 306 -47.48 34.39 -6.98
CA LEU A 306 -46.42 35.33 -7.34
C LEU A 306 -46.86 36.74 -7.04
N ASN A 307 -48.15 37.03 -7.23
CA ASN A 307 -48.65 38.36 -6.91
C ASN A 307 -48.49 38.58 -5.42
N LYS A 308 -48.81 37.58 -4.62
CA LYS A 308 -48.73 37.74 -3.16
C LYS A 308 -47.29 37.86 -2.69
N LEU A 309 -46.39 37.06 -3.26
CA LEU A 309 -44.98 37.08 -2.86
C LEU A 309 -44.36 38.43 -3.16
N ARG A 310 -44.75 39.06 -4.25
CA ARG A 310 -44.33 40.41 -4.58
C ARG A 310 -45.29 41.41 -3.94
N GLY A 311 -44.99 42.69 -4.09
CA GLY A 311 -45.78 43.73 -3.47
C GLY A 311 -46.98 44.21 -4.25
N ASN A 312 -47.31 43.55 -5.36
CA ASN A 312 -48.42 44.02 -6.20
C ASN A 312 -49.74 43.97 -5.44
N LEU A 313 -50.05 42.81 -4.86
CA LEU A 313 -51.27 42.64 -4.08
C LEU A 313 -51.13 41.40 -3.22
N GLN A 314 -51.68 41.45 -2.01
CA GLN A 314 -51.67 40.33 -1.08
C GLN A 314 -53.05 39.66 -1.13
N VAL A 315 -53.05 38.36 -1.41
CA VAL A 315 -54.28 37.62 -1.67
C VAL A 315 -54.22 36.26 -0.98
N ALA A 316 -55.39 35.67 -0.75
CA ALA A 316 -55.53 34.34 -0.17
C ALA A 316 -56.71 33.62 -0.82
N ALA A 317 -56.65 32.29 -0.81
CA ALA A 317 -57.66 31.48 -1.46
C ALA A 317 -58.03 30.30 -0.57
N VAL A 318 -59.34 30.05 -0.45
CA VAL A 318 -59.85 28.90 0.30
C VAL A 318 -60.97 28.25 -0.50
N LYS A 319 -61.23 26.98 -0.18
CA LYS A 319 -62.28 26.22 -0.82
C LYS A 319 -63.61 26.40 -0.09
N ALA A 320 -64.70 26.33 -0.84
CA ALA A 320 -66.01 26.51 -0.24
C ALA A 320 -66.33 25.35 0.70
N PRO A 321 -66.88 25.64 1.88
CA PRO A 321 -67.19 24.55 2.83
C PRO A 321 -68.35 23.69 2.37
N GLY A 322 -68.34 22.44 2.81
CA GLY A 322 -69.41 21.51 2.48
C GLY A 322 -69.31 21.03 1.04
N PHE A 323 -70.24 20.08 0.75
CA PHE A 323 -70.29 19.40 -0.55
C PHE A 323 -71.77 19.19 -0.95
N GLY A 324 -72.12 19.31 -2.25
CA GLY A 324 -73.51 19.13 -2.64
C GLY A 324 -74.28 20.43 -2.54
N ASP A 325 -75.57 20.31 -2.22
CA ASP A 325 -76.39 21.50 -2.02
C ASP A 325 -76.05 22.20 -0.71
N ASN A 326 -75.47 21.47 0.24
CA ASN A 326 -75.03 22.07 1.49
C ASN A 326 -73.98 23.15 1.21
N ARG A 327 -73.08 22.90 0.27
CA ARG A 327 -72.07 23.90 -0.09
C ARG A 327 -72.73 25.16 -0.60
N LYS A 328 -73.72 25.04 -1.48
CA LYS A 328 -74.40 26.21 -2.01
C LYS A 328 -75.13 26.97 -0.91
N SER A 329 -75.80 26.25 -0.01
CA SER A 329 -76.51 26.92 1.08
C SER A 329 -75.56 27.64 2.02
N ILE A 330 -74.42 27.02 2.34
CA ILE A 330 -73.44 27.68 3.20
C ILE A 330 -72.85 28.90 2.50
N LEU A 331 -72.57 28.81 1.21
CA LEU A 331 -72.06 29.98 0.49
C LEU A 331 -73.09 31.10 0.46
N GLY A 332 -74.38 30.76 0.35
CA GLY A 332 -75.41 31.78 0.43
C GLY A 332 -75.47 32.45 1.78
N ASP A 333 -75.40 31.65 2.86
CA ASP A 333 -75.38 32.22 4.20
C ASP A 333 -74.17 33.13 4.39
N LEU A 334 -73.02 32.69 3.90
CA LEU A 334 -71.80 33.47 4.07
C LEU A 334 -71.83 34.74 3.23
N ALA A 335 -72.41 34.68 2.03
CA ALA A 335 -72.57 35.88 1.23
C ALA A 335 -73.51 36.88 1.90
N ILE A 336 -74.58 36.38 2.54
CA ILE A 336 -75.45 37.28 3.31
C ILE A 336 -74.68 37.90 4.47
N LEU A 337 -73.89 37.10 5.18
CA LEU A 337 -73.18 37.60 6.35
C LEU A 337 -72.13 38.62 5.97
N THR A 338 -71.37 38.36 4.90
CA THR A 338 -70.26 39.21 4.51
C THR A 338 -70.70 40.46 3.75
N GLY A 339 -71.98 40.58 3.45
CA GLY A 339 -72.48 41.76 2.76
C GLY A 339 -72.30 41.74 1.26
N GLY A 340 -71.76 40.67 0.70
CA GLY A 340 -71.58 40.57 -0.73
C GLY A 340 -72.61 39.65 -1.38
N THR A 341 -72.34 39.24 -2.62
CA THR A 341 -73.21 38.33 -3.34
C THR A 341 -72.39 37.18 -3.90
N VAL A 342 -72.99 35.99 -3.93
CA VAL A 342 -72.31 34.81 -4.46
C VAL A 342 -72.50 34.75 -5.96
N PHE A 343 -71.48 34.22 -6.64
CA PHE A 343 -71.48 34.11 -8.10
C PHE A 343 -71.67 32.66 -8.48
N SER A 344 -72.73 32.37 -9.23
CA SER A 344 -73.10 31.00 -9.56
C SER A 344 -73.40 30.90 -11.05
N ASP A 345 -72.91 29.84 -11.68
CA ASP A 345 -73.23 29.60 -13.09
C ASP A 345 -74.70 29.29 -13.29
N GLU A 346 -75.36 28.71 -12.28
CA GLU A 346 -76.80 28.46 -12.39
C GLU A 346 -77.58 29.76 -12.52
N LEU A 347 -77.02 30.87 -12.04
CA LEU A 347 -77.60 32.19 -12.26
C LEU A 347 -77.05 32.85 -13.52
N ASP A 348 -76.09 32.21 -14.21
CA ASP A 348 -75.53 32.72 -15.46
C ASP A 348 -74.95 34.12 -15.32
N ILE A 349 -74.26 34.38 -14.21
CA ILE A 349 -73.55 35.63 -13.99
C ILE A 349 -72.05 35.35 -14.08
N LYS A 350 -71.33 36.18 -14.83
CA LYS A 350 -69.93 35.97 -15.13
C LYS A 350 -69.04 36.72 -14.15
N LEU A 351 -67.82 36.22 -13.97
CA LEU A 351 -66.88 36.84 -13.05
C LEU A 351 -66.35 38.17 -13.56
N GLU A 352 -66.37 38.39 -14.87
CA GLU A 352 -65.96 39.68 -15.43
C GLU A 352 -66.97 40.77 -15.16
N ARG A 353 -68.17 40.40 -14.71
CA ARG A 353 -69.21 41.35 -14.32
C ARG A 353 -69.02 41.86 -12.90
N ALA A 354 -68.00 41.37 -12.19
CA ALA A 354 -67.82 41.71 -10.79
C ALA A 354 -67.60 43.20 -10.60
N THR A 355 -68.28 43.76 -9.61
CA THR A 355 -68.16 45.15 -9.19
C THR A 355 -67.98 45.19 -7.68
N PRO A 356 -67.28 46.20 -7.16
CA PRO A 356 -67.03 46.24 -5.70
C PRO A 356 -68.28 46.25 -4.86
N ASP A 357 -69.45 46.55 -5.43
CA ASP A 357 -70.69 46.47 -4.67
C ASP A 357 -70.98 45.04 -4.23
N LEU A 358 -70.75 44.07 -5.12
CA LEU A 358 -71.05 42.68 -4.80
C LEU A 358 -69.94 42.01 -4.01
N PHE A 359 -68.80 42.67 -3.84
CA PHE A 359 -67.71 42.11 -3.05
C PHE A 359 -68.06 42.14 -1.57
N GLY A 360 -67.69 41.08 -0.85
CA GLY A 360 -67.94 41.03 0.56
C GLY A 360 -66.84 41.70 1.37
N SER A 361 -67.24 42.23 2.53
CA SER A 361 -66.31 42.89 3.44
C SER A 361 -66.58 42.43 4.86
N THR A 362 -65.51 42.40 5.66
CA THR A 362 -65.61 41.93 7.04
C THR A 362 -64.52 42.60 7.87
N GLY A 363 -64.67 42.50 9.19
CA GLY A 363 -63.70 43.11 10.08
C GLY A 363 -62.31 42.52 9.94
N SER A 364 -62.22 41.20 9.92
CA SER A 364 -60.93 40.53 9.74
C SER A 364 -61.14 39.10 9.30
N VAL A 365 -60.09 38.50 8.78
CA VAL A 365 -60.09 37.09 8.42
C VAL A 365 -58.79 36.46 8.90
N THR A 366 -58.89 35.23 9.41
CA THR A 366 -57.72 34.48 9.87
C THR A 366 -57.79 33.08 9.30
N ILE A 367 -56.72 32.66 8.63
CA ILE A 367 -56.67 31.40 7.90
C ILE A 367 -55.55 30.55 8.48
N THR A 368 -55.86 29.30 8.80
CA THR A 368 -54.86 28.34 9.27
C THR A 368 -54.81 27.16 8.30
N LYS A 369 -54.04 26.13 8.68
CA LYS A 369 -53.97 24.93 7.85
C LYS A 369 -55.32 24.25 7.74
N GLU A 370 -56.05 24.13 8.84
CA GLU A 370 -57.30 23.39 8.83
C GLU A 370 -58.52 24.32 8.78
N ASP A 371 -58.58 25.31 9.68
CA ASP A 371 -59.75 26.13 9.85
C ASP A 371 -59.49 27.56 9.37
N THR A 372 -60.56 28.24 8.99
CA THR A 372 -60.52 29.67 8.72
C THR A 372 -61.69 30.32 9.43
N ILE A 373 -61.53 31.57 9.84
CA ILE A 373 -62.51 32.27 10.64
C ILE A 373 -62.67 33.69 10.12
N LEU A 374 -63.91 34.08 9.85
CA LEU A 374 -64.25 35.44 9.45
C LEU A 374 -64.87 36.16 10.65
N LEU A 375 -64.50 37.43 10.82
CA LEU A 375 -64.80 38.18 12.02
C LEU A 375 -65.39 39.54 11.64
N ASN A 376 -66.49 39.90 12.31
CA ASN A 376 -67.12 41.22 12.16
C ASN A 376 -67.54 41.45 10.72
N GLY A 377 -68.46 40.62 10.24
CA GLY A 377 -68.98 40.79 8.90
C GLY A 377 -69.75 42.09 8.75
N GLU A 378 -69.77 42.59 7.52
CA GLU A 378 -70.41 43.86 7.23
C GLU A 378 -71.90 43.73 6.92
N GLY A 379 -72.45 42.53 7.01
CA GLY A 379 -73.87 42.36 6.74
C GLY A 379 -74.71 43.05 7.80
N SER A 380 -75.86 43.58 7.37
CA SER A 380 -76.79 44.18 8.31
C SER A 380 -77.38 43.11 9.23
N LYS A 381 -77.75 43.53 10.45
CA LYS A 381 -78.30 42.58 11.41
C LYS A 381 -79.63 42.01 10.92
N ASP A 382 -80.48 42.84 10.34
CA ASP A 382 -81.85 42.43 10.02
C ASP A 382 -81.87 41.27 9.03
N MET A 383 -81.02 41.32 8.00
CA MET A 383 -81.05 40.23 7.03
C MET A 383 -80.43 38.96 7.60
N ILE A 384 -79.40 39.08 8.44
CA ILE A 384 -78.91 37.91 9.17
C ILE A 384 -80.03 37.29 9.97
N ASN A 385 -80.87 38.13 10.58
CA ASN A 385 -81.99 37.59 11.35
C ASN A 385 -83.00 36.88 10.44
N GLN A 386 -83.34 37.49 9.32
CA GLN A 386 -84.36 36.85 8.52
C GLN A 386 -83.84 35.52 8.03
N ARG A 387 -82.61 35.47 7.62
CA ARG A 387 -81.98 34.23 7.19
C ARG A 387 -82.05 33.20 8.30
N CYS A 388 -81.82 33.63 9.55
CA CYS A 388 -82.03 32.73 10.68
C CYS A 388 -83.46 32.21 10.71
N GLU A 389 -84.43 33.08 10.40
CA GLU A 389 -85.83 32.65 10.37
C GLU A 389 -86.06 31.61 9.28
N GLN A 390 -85.51 31.81 8.09
CA GLN A 390 -85.64 30.77 7.06
C GLN A 390 -84.94 29.48 7.49
N ILE A 391 -83.83 29.58 8.22
CA ILE A 391 -83.15 28.38 8.68
C ILE A 391 -84.04 27.59 9.63
N ARG A 392 -84.66 28.27 10.59
CA ARG A 392 -85.54 27.55 11.52
C ARG A 392 -86.80 27.04 10.83
N ALA A 393 -87.30 27.79 9.83
CA ALA A 393 -88.43 27.29 9.06
C ALA A 393 -88.07 26.02 8.30
N ALA A 394 -86.87 25.98 7.71
CA ALA A 394 -86.42 24.78 7.03
C ALA A 394 -86.20 23.63 8.01
N ILE A 395 -85.73 23.94 9.23
CA ILE A 395 -85.64 22.92 10.26
C ILE A 395 -87.01 22.32 10.52
N ASN A 396 -88.03 23.17 10.63
CA ASN A 396 -89.39 22.69 10.85
C ASN A 396 -89.88 21.85 9.68
N ASP A 397 -89.61 22.28 8.45
CA ASP A 397 -90.15 21.61 7.27
C ASP A 397 -89.39 20.33 6.93
N SER A 398 -88.08 20.28 7.19
CA SER A 398 -87.26 19.16 6.74
C SER A 398 -87.74 17.85 7.32
N SER A 399 -87.77 16.82 6.48
CA SER A 399 -88.27 15.50 6.88
C SER A 399 -87.18 14.58 7.39
N VAL A 400 -85.94 14.75 6.91
CA VAL A 400 -84.85 13.87 7.33
C VAL A 400 -84.56 14.12 8.80
N SER A 401 -84.77 13.11 9.63
CA SER A 401 -84.66 13.27 11.08
C SER A 401 -83.23 13.56 11.50
N ASP A 402 -82.27 12.84 10.93
CA ASP A 402 -80.90 12.94 11.41
C ASP A 402 -80.05 13.87 10.54
N TYR A 403 -79.96 13.58 9.24
CA TYR A 403 -78.97 14.23 8.39
C TYR A 403 -79.31 15.70 8.16
N GLU A 404 -80.44 15.97 7.50
CA GLU A 404 -80.77 17.34 7.11
C GLU A 404 -81.04 18.20 8.34
N ARG A 405 -81.75 17.66 9.33
CA ARG A 405 -82.02 18.43 10.53
C ARG A 405 -80.74 18.82 11.25
N GLU A 406 -79.80 17.88 11.40
CA GLU A 406 -78.58 18.22 12.12
C GLU A 406 -77.72 19.19 11.32
N LYS A 407 -77.72 19.08 9.98
CA LYS A 407 -76.93 20.04 9.20
C LYS A 407 -77.53 21.44 9.28
N LEU A 408 -78.86 21.55 9.19
CA LEU A 408 -79.50 22.85 9.35
C LEU A 408 -79.26 23.41 10.73
N GLN A 409 -79.32 22.56 11.77
CA GLN A 409 -79.04 23.03 13.13
C GLN A 409 -77.60 23.52 13.26
N GLU A 410 -76.65 22.80 12.65
CA GLU A 410 -75.26 23.20 12.77
C GLU A 410 -75.01 24.53 12.06
N ARG A 411 -75.64 24.75 10.90
CA ARG A 411 -75.40 26.02 10.23
C ARG A 411 -76.17 27.16 10.89
N LEU A 412 -77.32 26.87 11.50
CA LEU A 412 -77.99 27.85 12.33
C LEU A 412 -77.11 28.27 13.50
N ALA A 413 -76.49 27.30 14.18
CA ALA A 413 -75.59 27.62 15.28
C ALA A 413 -74.39 28.42 14.80
N LYS A 414 -73.84 28.05 13.64
CA LYS A 414 -72.70 28.78 13.11
C LYS A 414 -73.05 30.23 12.79
N LEU A 415 -74.23 30.46 12.23
CA LEU A 415 -74.61 31.81 11.85
C LEU A 415 -75.04 32.65 13.05
N SER A 416 -75.61 32.02 14.08
CA SER A 416 -76.23 32.77 15.16
C SER A 416 -75.34 32.90 16.40
N GLY A 417 -74.40 31.99 16.60
CA GLY A 417 -73.67 31.96 17.86
C GLY A 417 -72.77 33.15 18.09
N GLY A 418 -72.16 33.66 17.02
CA GLY A 418 -71.17 34.70 17.17
C GLY A 418 -69.80 34.14 17.56
N VAL A 419 -68.87 35.05 17.80
CA VAL A 419 -67.49 34.68 18.11
C VAL A 419 -67.03 35.49 19.31
N ALA A 420 -66.41 34.83 20.28
CA ALA A 420 -65.78 35.53 21.39
C ALA A 420 -64.34 35.87 21.00
N VAL A 421 -63.98 37.14 21.19
CA VAL A 421 -62.64 37.62 20.87
C VAL A 421 -62.03 38.14 22.16
N ILE A 422 -60.81 37.68 22.44
CA ILE A 422 -60.04 38.13 23.59
C ILE A 422 -58.93 39.01 23.08
N LYS A 423 -59.03 40.30 23.36
CA LYS A 423 -58.03 41.28 22.97
C LYS A 423 -57.01 41.40 24.10
N VAL A 424 -55.75 41.07 23.79
CA VAL A 424 -54.70 40.99 24.78
C VAL A 424 -54.06 42.36 24.92
N GLY A 425 -54.15 42.93 26.12
CA GLY A 425 -53.58 44.24 26.36
C GLY A 425 -52.25 44.19 27.09
N GLY A 426 -51.42 45.20 26.89
CA GLY A 426 -50.13 45.23 27.56
C GLY A 426 -49.48 46.59 27.37
N SER A 427 -48.35 46.76 28.05
CA SER A 427 -47.62 48.02 27.97
C SER A 427 -46.76 48.07 26.72
N SER A 428 -45.89 47.08 26.53
CA SER A 428 -44.96 47.04 25.42
C SER A 428 -45.45 46.05 24.36
N GLU A 429 -44.79 46.07 23.20
CA GLU A 429 -45.19 45.16 22.13
C GLU A 429 -44.77 43.73 22.44
N LEU A 430 -43.54 43.55 22.92
CA LEU A 430 -43.07 42.19 23.23
C LEU A 430 -43.89 41.57 24.35
N GLU A 431 -44.25 42.36 25.37
CA GLU A 431 -45.11 41.85 26.42
C GLU A 431 -46.45 41.39 25.86
N VAL A 432 -47.03 42.18 24.96
CA VAL A 432 -48.29 41.81 24.35
C VAL A 432 -48.14 40.51 23.57
N GLY A 433 -47.07 40.37 22.80
CA GLY A 433 -46.89 39.16 22.02
C GLY A 433 -46.73 37.91 22.88
N GLU A 434 -45.88 38.00 23.91
CA GLU A 434 -45.64 36.83 24.75
C GLU A 434 -46.90 36.47 25.56
N LYS A 435 -47.62 37.47 26.06
CA LYS A 435 -48.86 37.18 26.75
C LYS A 435 -49.90 36.60 25.81
N LYS A 436 -49.92 37.05 24.56
CA LYS A 436 -50.83 36.48 23.56
C LYS A 436 -50.54 35.00 23.35
N ASP A 437 -49.25 34.65 23.22
CA ASP A 437 -48.91 33.25 23.05
C ASP A 437 -49.29 32.41 24.28
N ARG A 438 -49.04 32.95 25.47
CA ARG A 438 -49.44 32.25 26.69
C ARG A 438 -50.95 32.06 26.75
N PHE A 439 -51.71 33.08 26.36
CA PHE A 439 -53.16 32.98 26.40
C PHE A 439 -53.66 31.94 25.40
N VAL A 440 -53.05 31.90 24.21
CA VAL A 440 -53.43 30.90 23.22
C VAL A 440 -53.17 29.50 23.75
N ASP A 441 -52.00 29.28 24.37
CA ASP A 441 -51.70 27.95 24.89
C ASP A 441 -52.65 27.57 26.01
N ALA A 442 -52.94 28.49 26.92
CA ALA A 442 -53.86 28.20 28.02
C ALA A 442 -55.27 27.97 27.52
N LEU A 443 -55.63 28.58 26.39
CA LEU A 443 -56.93 28.31 25.79
C LEU A 443 -56.99 26.91 25.20
N ASN A 444 -56.01 26.46 24.46
CA ASN A 444 -56.14 25.16 23.84
C ASN A 444 -56.19 24.00 24.75
N ALA A 445 -55.69 24.17 25.97
CA ALA A 445 -55.66 23.08 26.94
C ALA A 445 -56.98 22.96 27.69
N THR A 446 -57.62 24.09 27.96
CA THR A 446 -58.90 24.07 28.65
C THR A 446 -59.94 23.37 27.81
N ARG A 447 -59.91 23.59 26.50
CA ARG A 447 -60.87 22.93 25.61
C ARG A 447 -60.74 21.42 25.69
N ALA A 448 -59.51 20.91 25.59
CA ALA A 448 -59.29 19.47 25.66
C ALA A 448 -59.75 18.88 26.99
N ALA A 449 -59.54 19.61 28.08
CA ALA A 449 -59.97 19.15 29.40
C ALA A 449 -61.49 19.21 29.53
N VAL A 450 -62.12 20.16 28.87
CA VAL A 450 -63.57 20.29 28.93
C VAL A 450 -64.21 19.18 28.08
N GLU A 451 -63.48 18.66 27.10
CA GLU A 451 -64.01 17.63 26.23
C GLU A 451 -64.06 16.26 26.89
N GLU A 452 -62.97 15.83 27.53
CA GLU A 452 -62.92 14.48 28.09
C GLU A 452 -62.58 14.42 29.58
N GLY A 453 -61.85 15.38 30.12
CA GLY A 453 -61.53 15.39 31.53
C GLY A 453 -60.04 15.51 31.75
N THR A 454 -59.62 15.30 32.99
CA THR A 454 -58.22 15.41 33.38
C THR A 454 -57.82 14.20 34.22
N VAL A 455 -56.56 13.82 34.01
CA VAL A 455 -56.02 12.70 34.75
C VAL A 455 -54.66 13.18 35.38
N PRO A 456 -54.18 12.61 36.55
CA PRO A 456 -52.94 13.08 37.17
C PRO A 456 -51.77 13.06 36.18
N GLY A 457 -50.95 14.09 36.27
CA GLY A 457 -49.85 14.28 35.35
C GLY A 457 -48.58 13.60 35.80
N GLY A 458 -47.46 14.02 35.21
CA GLY A 458 -46.18 13.44 35.53
C GLY A 458 -45.95 12.06 34.97
N GLY A 459 -46.82 11.59 34.08
CA GLY A 459 -46.73 10.25 33.55
C GLY A 459 -47.27 9.16 34.44
N VAL A 460 -47.93 9.53 35.54
CA VAL A 460 -48.42 8.53 36.49
C VAL A 460 -49.78 7.95 36.11
N ALA A 461 -50.51 8.57 35.19
CA ALA A 461 -51.77 8.00 34.75
C ALA A 461 -51.55 6.66 34.04
N LEU A 462 -50.64 6.63 33.06
CA LEU A 462 -50.33 5.39 32.36
C LEU A 462 -49.69 4.38 33.30
N LEU A 463 -48.82 4.86 34.20
CA LEU A 463 -48.16 3.97 35.15
C LEU A 463 -49.17 3.27 36.05
N LYS A 464 -50.17 4.02 36.53
CA LYS A 464 -51.22 3.41 37.34
C LYS A 464 -52.13 2.52 36.51
N SER A 465 -52.37 2.89 35.25
CA SER A 465 -53.18 2.06 34.36
C SER A 465 -52.52 0.74 34.04
N THR A 466 -51.19 0.65 34.15
CA THR A 466 -50.50 -0.62 33.92
C THR A 466 -50.93 -1.72 34.88
N LYS A 467 -51.56 -1.40 36.00
CA LYS A 467 -51.94 -2.38 37.00
C LYS A 467 -53.23 -3.11 36.65
N CYS A 468 -53.93 -2.70 35.59
CA CYS A 468 -55.14 -3.37 35.16
C CYS A 468 -54.89 -4.39 34.05
N LEU A 469 -53.67 -4.47 33.52
CA LEU A 469 -53.37 -5.39 32.44
C LEU A 469 -53.19 -6.83 32.92
N ASP A 470 -53.11 -7.06 34.23
CA ASP A 470 -52.92 -8.40 34.76
C ASP A 470 -54.24 -9.11 34.94
N LYS A 471 -55.29 -8.59 34.31
CA LYS A 471 -56.61 -9.23 34.34
C LYS A 471 -57.08 -9.66 32.96
N LEU A 472 -56.26 -9.54 31.93
CA LEU A 472 -56.64 -9.90 30.58
C LEU A 472 -56.43 -11.40 30.36
N THR A 473 -57.27 -11.98 29.50
CA THR A 473 -57.20 -13.41 29.20
C THR A 473 -56.96 -13.60 27.72
N PRO A 474 -55.71 -13.63 27.27
CA PRO A 474 -55.44 -13.88 25.85
C PRO A 474 -55.67 -15.35 25.48
N GLY A 475 -55.96 -15.56 24.20
CA GLY A 475 -56.14 -16.88 23.66
C GLY A 475 -54.87 -17.57 23.22
N ASN A 476 -53.80 -16.79 23.15
CA ASN A 476 -52.58 -17.32 22.61
C ASN A 476 -51.43 -16.87 23.44
N PHE A 477 -50.32 -17.56 23.27
CA PHE A 477 -49.14 -17.21 24.01
C PHE A 477 -48.59 -15.87 23.57
N ASP A 478 -48.54 -15.66 22.26
CA ASP A 478 -47.96 -14.45 21.74
C ASP A 478 -48.79 -13.21 22.05
N GLN A 479 -50.09 -13.38 22.25
CA GLN A 479 -50.91 -12.24 22.67
C GLN A 479 -50.56 -11.81 24.08
N GLN A 480 -50.25 -12.76 24.95
CA GLN A 480 -49.78 -12.42 26.29
C GLN A 480 -48.44 -11.69 26.23
N LEU A 481 -47.57 -12.10 25.31
CA LEU A 481 -46.30 -11.39 25.11
C LEU A 481 -46.55 -9.95 24.66
N GLY A 482 -47.53 -9.75 23.78
CA GLY A 482 -47.88 -8.39 23.37
C GLY A 482 -48.43 -7.56 24.51
N ILE A 483 -49.27 -8.16 25.35
CA ILE A 483 -49.79 -7.48 26.52
C ILE A 483 -48.65 -7.07 27.45
N ASN A 484 -47.69 -7.98 27.65
CA ASN A 484 -46.51 -7.65 28.45
C ASN A 484 -45.67 -6.55 27.81
N ILE A 485 -45.60 -6.54 26.47
CA ILE A 485 -44.90 -5.46 25.78
C ILE A 485 -45.53 -4.11 26.12
N ILE A 486 -46.85 -4.03 26.03
CA ILE A 486 -47.54 -2.77 26.33
C ILE A 486 -47.35 -2.41 27.80
N LYS A 487 -47.42 -3.40 28.69
CA LYS A 487 -47.28 -3.14 30.12
C LYS A 487 -45.90 -2.60 30.45
N SER A 488 -44.86 -3.15 29.83
CA SER A 488 -43.51 -2.64 30.05
C SER A 488 -43.32 -1.26 29.42
N ALA A 489 -43.91 -1.04 28.25
CA ALA A 489 -43.70 0.21 27.54
C ALA A 489 -44.40 1.38 28.22
N LEU A 490 -45.53 1.13 28.89
CA LEU A 490 -46.30 2.22 29.48
C LEU A 490 -45.68 2.78 30.76
N GLN A 491 -44.46 2.39 31.11
CA GLN A 491 -43.77 2.94 32.27
C GLN A 491 -42.67 3.92 31.89
N LYS A 492 -42.33 4.02 30.60
CA LYS A 492 -41.22 4.87 30.19
C LYS A 492 -41.40 6.36 30.47
N PRO A 493 -42.57 6.98 30.24
CA PRO A 493 -42.67 8.44 30.48
C PRO A 493 -42.32 8.86 31.89
N ALA A 494 -42.77 8.12 32.91
CA ALA A 494 -42.43 8.48 34.29
C ALA A 494 -40.95 8.28 34.56
N LYS A 495 -40.36 7.20 34.02
CA LYS A 495 -38.93 6.98 34.18
C LYS A 495 -38.13 8.12 33.57
N ILE A 496 -38.52 8.57 32.38
CA ILE A 496 -37.79 9.65 31.70
C ILE A 496 -37.97 10.97 32.43
N ILE A 497 -39.19 11.24 32.94
CA ILE A 497 -39.42 12.46 33.70
C ILE A 497 -38.54 12.47 34.95
N ALA A 498 -38.44 11.33 35.64
CA ALA A 498 -37.58 11.26 36.81
C ALA A 498 -36.11 11.38 36.44
N ASP A 499 -35.71 10.79 35.31
CA ASP A 499 -34.33 10.88 34.86
C ASP A 499 -33.93 12.32 34.55
N ASN A 500 -34.83 13.07 33.91
CA ASN A 500 -34.53 14.48 33.60
C ASN A 500 -34.34 15.30 34.85
N ALA A 501 -35.00 14.92 35.95
CA ALA A 501 -34.82 15.60 37.23
C ALA A 501 -33.48 15.29 37.88
N GLY A 502 -32.73 14.32 37.34
CA GLY A 502 -31.46 13.95 37.90
C GLY A 502 -31.47 12.70 38.75
N GLU A 503 -32.63 12.09 38.97
CA GLU A 503 -32.75 10.90 39.79
C GLU A 503 -32.63 9.65 38.91
N GLU A 504 -32.92 8.50 39.49
CA GLU A 504 -32.95 7.23 38.76
C GLU A 504 -34.41 6.86 38.55
N GLY A 505 -34.86 6.86 37.30
CA GLY A 505 -36.28 6.69 37.02
C GLY A 505 -36.81 5.34 37.44
N ALA A 506 -35.99 4.29 37.33
CA ALA A 506 -36.45 2.96 37.69
C ALA A 506 -36.79 2.86 39.17
N VAL A 507 -35.94 3.44 40.03
CA VAL A 507 -36.17 3.38 41.47
C VAL A 507 -37.42 4.18 41.85
N ILE A 508 -37.59 5.36 41.25
CA ILE A 508 -38.77 6.17 41.53
C ILE A 508 -40.04 5.44 41.11
N VAL A 509 -40.01 4.83 39.92
CA VAL A 509 -41.17 4.10 39.43
C VAL A 509 -41.48 2.91 40.34
N GLY A 510 -40.43 2.19 40.76
CA GLY A 510 -40.63 1.09 41.69
C GLY A 510 -41.24 1.54 43.01
N LYS A 511 -40.78 2.67 43.53
CA LYS A 511 -41.36 3.20 44.77
C LYS A 511 -42.82 3.56 44.58
N ILE A 512 -43.16 4.17 43.44
CA ILE A 512 -44.55 4.53 43.19
C ILE A 512 -45.41 3.28 43.01
N LEU A 513 -44.87 2.26 42.36
CA LEU A 513 -45.63 1.05 42.02
C LEU A 513 -45.63 0.00 43.12
N ASP A 514 -44.93 0.23 44.24
CA ASP A 514 -44.83 -0.75 45.31
C ASP A 514 -45.75 -0.44 46.48
N ASN A 515 -45.62 0.75 47.07
CA ASN A 515 -46.45 1.16 48.19
C ASN A 515 -47.46 2.21 47.73
N HIS A 516 -48.36 2.59 48.64
CA HIS A 516 -49.44 3.52 48.34
C HIS A 516 -50.26 3.03 47.15
N THR A 517 -50.75 1.80 47.27
CA THR A 517 -51.45 1.12 46.20
C THR A 517 -52.93 1.48 46.14
N ASP A 518 -53.42 2.29 47.06
CA ASP A 518 -54.81 2.71 47.09
C ASP A 518 -54.94 4.21 46.81
N ASP A 519 -54.04 4.74 45.99
CA ASP A 519 -54.04 6.15 45.64
C ASP A 519 -53.70 6.29 44.17
N PHE A 520 -54.71 6.54 43.34
CA PHE A 520 -54.50 6.75 41.92
C PHE A 520 -53.81 8.08 41.63
N ASN A 521 -53.82 9.01 42.57
CA ASN A 521 -53.30 10.35 42.33
C ASN A 521 -51.93 10.55 42.98
N TYR A 522 -51.30 9.46 43.41
CA TYR A 522 -50.05 9.54 44.16
C TYR A 522 -48.89 9.33 43.19
N GLY A 523 -47.90 10.20 43.27
CA GLY A 523 -46.77 10.11 42.36
C GLY A 523 -45.64 11.02 42.77
N TYR A 524 -44.72 11.23 41.83
CA TYR A 524 -43.50 11.98 42.05
C TYR A 524 -43.65 13.39 41.48
N ASP A 525 -43.51 14.40 42.34
CA ASP A 525 -43.42 15.79 41.93
C ASP A 525 -41.95 16.07 41.64
N ALA A 526 -41.59 16.09 40.35
CA ALA A 526 -40.20 16.29 39.96
C ALA A 526 -39.76 17.73 40.18
N ALA A 527 -40.68 18.69 40.09
CA ALA A 527 -40.31 20.09 40.29
C ALA A 527 -39.81 20.33 41.70
N LYS A 528 -40.49 19.76 42.70
CA LYS A 528 -40.08 19.87 44.09
C LYS A 528 -39.33 18.64 44.59
N SER A 529 -39.14 17.63 43.73
CA SER A 529 -38.45 16.40 44.09
C SER A 529 -39.08 15.75 45.32
N GLU A 530 -40.41 15.67 45.32
CA GLU A 530 -41.16 15.17 46.46
C GLU A 530 -42.10 14.06 46.00
N TYR A 531 -42.76 13.42 46.96
CA TYR A 531 -43.79 12.43 46.68
C TYR A 531 -45.11 12.93 47.24
N GLY A 532 -46.20 12.64 46.56
CA GLY A 532 -47.50 12.99 47.09
C GLY A 532 -48.57 13.00 46.02
N ASP A 533 -49.72 13.55 46.39
CA ASP A 533 -50.86 13.64 45.49
C ASP A 533 -50.60 14.70 44.44
N LEU A 534 -50.54 14.29 43.18
CA LEU A 534 -50.20 15.21 42.11
C LEU A 534 -51.37 16.12 41.74
N VAL A 535 -52.60 15.64 41.88
CA VAL A 535 -53.76 16.47 41.57
C VAL A 535 -53.88 17.62 42.55
N SER A 536 -53.55 17.38 43.83
CA SER A 536 -53.58 18.45 44.82
C SER A 536 -52.56 19.53 44.50
N ARG A 537 -51.44 19.17 43.87
CA ARG A 537 -50.41 20.11 43.48
C ARG A 537 -50.64 20.73 42.11
N GLY A 538 -51.73 20.37 41.44
CA GLY A 538 -52.04 20.94 40.14
C GLY A 538 -51.30 20.32 38.97
N ILE A 539 -50.75 19.12 39.14
CA ILE A 539 -50.05 18.42 38.06
C ILE A 539 -51.05 17.47 37.44
N VAL A 540 -51.80 17.96 36.45
CA VAL A 540 -52.78 17.17 35.73
C VAL A 540 -52.62 17.42 34.24
N ASP A 541 -53.07 16.47 33.44
CA ASP A 541 -53.08 16.59 32.00
C ASP A 541 -54.40 16.06 31.45
N PRO A 542 -54.85 16.58 30.31
CA PRO A 542 -56.13 16.13 29.75
C PRO A 542 -56.09 14.66 29.35
N LEU A 543 -57.24 14.00 29.49
CA LEU A 543 -57.36 12.62 29.04
C LEU A 543 -57.23 12.51 27.52
N LYS A 544 -57.66 13.54 26.80
CA LYS A 544 -57.64 13.51 25.35
C LYS A 544 -56.23 13.34 24.81
N VAL A 545 -55.28 14.11 25.34
CA VAL A 545 -53.93 14.08 24.79
C VAL A 545 -53.26 12.76 25.08
N VAL A 546 -53.43 12.22 26.30
CA VAL A 546 -52.79 10.96 26.64
C VAL A 546 -53.42 9.81 25.87
N ARG A 547 -54.74 9.85 25.68
CA ARG A 547 -55.40 8.80 24.90
C ARG A 547 -54.96 8.84 23.45
N THR A 548 -54.90 10.03 22.86
CA THR A 548 -54.47 10.15 21.47
C THR A 548 -53.03 9.70 21.30
N ALA A 549 -52.15 10.11 22.22
CA ALA A 549 -50.75 9.70 22.14
C ALA A 549 -50.62 8.20 22.24
N LEU A 550 -51.32 7.58 23.19
CA LEU A 550 -51.25 6.13 23.35
C LEU A 550 -51.73 5.42 22.09
N VAL A 551 -52.88 5.82 21.57
CA VAL A 551 -53.46 5.12 20.42
C VAL A 551 -52.56 5.27 19.20
N ASP A 552 -52.07 6.48 18.93
CA ASP A 552 -51.26 6.71 17.75
C ASP A 552 -49.91 6.00 17.86
N ALA A 553 -49.28 6.05 19.04
CA ALA A 553 -48.01 5.36 19.23
C ALA A 553 -48.18 3.86 19.05
N SER A 554 -49.24 3.29 19.63
CA SER A 554 -49.48 1.86 19.50
C SER A 554 -49.69 1.48 18.04
N GLY A 555 -50.49 2.26 17.32
CA GLY A 555 -50.76 1.93 15.92
C GLY A 555 -49.52 2.00 15.05
N VAL A 556 -48.74 3.08 15.20
CA VAL A 556 -47.55 3.23 14.37
C VAL A 556 -46.50 2.19 14.74
N ALA A 557 -46.38 1.83 16.02
CA ALA A 557 -45.41 0.81 16.42
C ALA A 557 -45.81 -0.55 15.87
N SER A 558 -47.11 -0.88 15.91
CA SER A 558 -47.56 -2.14 15.32
C SER A 558 -47.31 -2.16 13.82
N LEU A 559 -47.57 -1.04 13.14
CA LEU A 559 -47.32 -0.98 11.70
C LEU A 559 -45.84 -1.15 11.39
N LEU A 560 -44.96 -0.54 12.19
CA LEU A 560 -43.53 -0.70 11.98
C LEU A 560 -43.08 -2.13 12.24
N THR A 561 -43.65 -2.77 13.27
CA THR A 561 -43.29 -4.16 13.56
C THR A 561 -43.73 -5.09 12.44
N THR A 562 -44.91 -4.83 11.86
CA THR A 562 -45.42 -5.70 10.81
C THR A 562 -44.65 -5.56 9.49
N THR A 563 -43.96 -4.44 9.29
CA THR A 563 -43.29 -4.18 8.01
C THR A 563 -42.25 -5.26 7.70
N GLU A 564 -42.28 -5.76 6.46
CA GLU A 564 -41.40 -6.82 6.01
C GLU A 564 -40.44 -6.44 4.91
N CYS A 565 -40.68 -5.33 4.20
CA CYS A 565 -39.79 -4.89 3.14
C CYS A 565 -39.81 -3.36 3.10
N THR A 566 -38.65 -2.78 2.85
CA THR A 566 -38.52 -1.32 2.74
C THR A 566 -37.71 -0.98 1.50
N ILE A 567 -38.21 -0.03 0.71
CA ILE A 567 -37.61 0.36 -0.55
C ILE A 567 -37.27 1.85 -0.50
N THR A 568 -36.01 2.17 -0.79
CA THR A 568 -35.57 3.56 -0.88
C THR A 568 -34.89 3.80 -2.22
N GLU A 569 -34.32 4.99 -2.41
CA GLU A 569 -33.63 5.34 -3.64
C GLU A 569 -32.11 5.23 -3.44
N ALA A 570 -31.43 4.72 -4.45
CA ALA A 570 -29.98 4.59 -4.38
C ALA A 570 -29.33 5.97 -4.47
N PRO A 571 -28.43 6.32 -3.54
CA PRO A 571 -27.77 7.63 -3.51
C PRO A 571 -26.94 7.88 -4.77
N THR B 44 -32.54 18.82 4.12
CA THR B 44 -31.28 18.98 4.83
C THR B 44 -31.01 17.77 5.74
N HIS B 45 -29.73 17.50 5.96
CA HIS B 45 -29.28 16.38 6.78
C HIS B 45 -28.52 16.92 7.99
N LYS B 46 -28.78 16.33 9.15
CA LYS B 46 -28.26 16.85 10.41
C LYS B 46 -27.34 15.82 11.07
N GLU B 47 -26.50 16.32 11.98
CA GLU B 47 -25.64 15.52 12.82
C GLU B 47 -25.97 15.82 14.28
N LEU B 48 -26.05 14.77 15.09
CA LEU B 48 -26.49 14.89 16.47
C LEU B 48 -25.42 14.36 17.42
N LYS B 49 -25.18 15.10 18.50
CA LYS B 49 -24.30 14.67 19.57
C LYS B 49 -25.05 14.72 20.89
N PHE B 50 -24.83 13.71 21.72
CA PHE B 50 -25.56 13.54 22.98
C PHE B 50 -24.59 13.47 24.15
N GLY B 51 -24.96 14.10 25.25
CA GLY B 51 -24.26 13.93 26.51
C GLY B 51 -22.84 14.46 26.57
N VAL B 52 -21.90 13.57 26.89
CA VAL B 52 -20.54 14.00 27.22
C VAL B 52 -19.80 14.51 25.99
N GLU B 53 -19.99 13.87 24.84
CA GLU B 53 -19.22 14.27 23.65
C GLU B 53 -19.64 15.65 23.14
N GLY B 54 -20.95 15.94 23.13
CA GLY B 54 -21.39 17.26 22.72
C GLY B 54 -20.88 18.34 23.64
N ARG B 55 -20.96 18.10 24.95
CA ARG B 55 -20.43 19.07 25.91
C ARG B 55 -18.92 19.22 25.77
N ALA B 56 -18.21 18.15 25.43
CA ALA B 56 -16.78 18.26 25.20
C ALA B 56 -16.46 19.13 23.99
N SER B 57 -17.23 18.99 22.90
CA SER B 57 -17.02 19.84 21.75
C SER B 57 -17.34 21.30 22.06
N LEU B 58 -18.45 21.54 22.78
CA LEU B 58 -18.78 22.90 23.19
C LEU B 58 -17.68 23.49 24.07
N LEU B 59 -17.14 22.68 24.98
CA LEU B 59 -16.06 23.14 25.85
C LEU B 59 -14.81 23.46 25.06
N LYS B 60 -14.52 22.66 24.03
CA LYS B 60 -13.37 22.98 23.16
C LYS B 60 -13.56 24.34 22.49
N GLY B 61 -14.75 24.60 21.97
CA GLY B 61 -15.00 25.89 21.34
C GLY B 61 -14.87 27.06 22.30
N VAL B 62 -15.49 26.91 23.48
CA VAL B 62 -15.43 27.98 24.48
C VAL B 62 -13.99 28.16 24.96
N ASP B 63 -13.24 27.06 25.06
CA ASP B 63 -11.84 27.13 25.48
C ASP B 63 -11.02 27.93 24.47
N ILE B 64 -11.20 27.65 23.18
CA ILE B 64 -10.46 28.40 22.16
C ILE B 64 -10.80 29.88 22.23
N LEU B 65 -12.11 30.19 22.31
CA LEU B 65 -12.52 31.59 22.34
C LEU B 65 -11.94 32.31 23.56
N ALA B 66 -12.06 31.70 24.75
CA ALA B 66 -11.59 32.34 25.96
C ALA B 66 -10.07 32.48 25.97
N LYS B 67 -9.36 31.47 25.46
CA LYS B 67 -7.90 31.57 25.38
C LYS B 67 -7.48 32.70 24.46
N ALA B 68 -8.17 32.87 23.34
CA ALA B 68 -7.84 33.98 22.45
C ALA B 68 -8.14 35.33 23.09
N VAL B 69 -9.26 35.43 23.80
CA VAL B 69 -9.67 36.74 24.31
C VAL B 69 -8.91 37.13 25.59
N ALA B 70 -8.49 36.16 26.40
CA ALA B 70 -7.96 36.46 27.73
C ALA B 70 -6.60 37.16 27.70
N VAL B 71 -5.84 37.03 26.61
CA VAL B 71 -4.50 37.62 26.55
C VAL B 71 -4.54 39.14 26.49
N THR B 72 -5.70 39.74 26.27
CA THR B 72 -5.82 41.18 26.13
C THR B 72 -6.40 41.85 27.37
N LEU B 73 -6.47 41.15 28.50
CA LEU B 73 -7.08 41.67 29.71
C LEU B 73 -6.02 42.26 30.63
N GLY B 74 -6.26 43.47 31.11
CA GLY B 74 -5.36 44.13 32.03
C GLY B 74 -4.54 45.21 31.37
N PRO B 75 -3.87 46.03 32.18
CA PRO B 75 -2.97 47.06 31.61
C PRO B 75 -1.83 46.47 30.81
N LYS B 76 -1.35 45.27 31.16
CA LYS B 76 -0.26 44.62 30.46
C LYS B 76 -0.76 43.53 29.50
N GLY B 77 -1.93 43.73 28.90
CA GLY B 77 -2.43 42.75 27.97
C GLY B 77 -1.56 42.63 26.73
N ARG B 78 -1.50 41.42 26.20
CA ARG B 78 -0.65 41.14 25.05
C ARG B 78 -1.35 41.55 23.76
N ASN B 79 -0.64 41.40 22.64
CA ASN B 79 -1.14 41.80 21.33
C ASN B 79 -1.71 40.60 20.59
N VAL B 80 -2.68 40.88 19.73
CA VAL B 80 -3.27 39.87 18.85
C VAL B 80 -3.12 40.35 17.41
N LEU B 81 -2.62 39.48 16.55
CA LEU B 81 -2.47 39.76 15.12
C LEU B 81 -3.64 39.12 14.38
N ILE B 82 -4.43 39.95 13.71
CA ILE B 82 -5.55 39.47 12.90
C ILE B 82 -5.26 39.78 11.44
N GLU B 83 -5.33 38.75 10.60
CA GLU B 83 -4.98 38.86 9.19
C GLU B 83 -6.22 39.16 8.37
N GLN B 84 -6.12 40.21 7.53
CA GLN B 84 -7.15 40.62 6.57
C GLN B 84 -6.92 39.95 5.22
N PRO B 85 -7.99 39.71 4.45
CA PRO B 85 -7.82 39.07 3.14
C PRO B 85 -6.88 39.83 2.22
N TYR B 86 -6.95 41.18 2.30
CA TYR B 86 -6.07 42.03 1.51
C TYR B 86 -5.76 43.24 2.37
N GLY B 87 -4.47 43.51 2.61
CA GLY B 87 -4.06 44.63 3.42
C GLY B 87 -3.13 44.21 4.53
N SER B 88 -2.60 45.22 5.22
CA SER B 88 -1.65 44.98 6.30
C SER B 88 -2.37 44.34 7.49
N PRO B 89 -1.66 43.47 8.22
CA PRO B 89 -2.27 42.83 9.39
C PRO B 89 -2.64 43.84 10.46
N LYS B 90 -3.68 43.51 11.22
CA LYS B 90 -4.19 44.38 12.27
C LYS B 90 -3.66 43.93 13.62
N ILE B 91 -3.14 44.88 14.40
CA ILE B 91 -2.60 44.62 15.73
C ILE B 91 -3.60 45.18 16.73
N THR B 92 -4.15 44.32 17.58
CA THR B 92 -5.22 44.73 18.48
C THR B 92 -4.95 44.27 19.90
N LYS B 93 -5.30 45.12 20.86
CA LYS B 93 -5.32 44.80 22.28
C LYS B 93 -6.74 44.81 22.85
N ASP B 94 -7.74 44.80 21.98
CA ASP B 94 -9.13 45.00 22.36
C ASP B 94 -9.85 43.65 22.37
N GLY B 95 -10.49 43.33 23.50
CA GLY B 95 -11.08 42.01 23.64
C GLY B 95 -12.27 41.77 22.72
N VAL B 96 -13.14 42.77 22.57
CA VAL B 96 -14.33 42.60 21.74
C VAL B 96 -13.95 42.46 20.27
N THR B 97 -12.93 43.20 19.83
CA THR B 97 -12.46 43.07 18.46
C THR B 97 -11.93 41.67 18.18
N VAL B 98 -11.16 41.12 19.13
CA VAL B 98 -10.66 39.75 18.98
C VAL B 98 -11.80 38.76 18.99
N ALA B 99 -12.78 38.95 19.87
CA ALA B 99 -13.90 38.02 19.97
C ALA B 99 -14.76 38.00 18.71
N LYS B 100 -14.99 39.17 18.11
CA LYS B 100 -15.84 39.28 16.93
C LYS B 100 -15.23 38.67 15.68
N SER B 101 -13.95 38.31 15.70
CA SER B 101 -13.26 37.81 14.53
C SER B 101 -12.87 36.33 14.64
N ILE B 102 -13.57 35.56 15.46
CA ILE B 102 -13.24 34.15 15.68
C ILE B 102 -14.37 33.30 15.13
N SER B 103 -14.04 32.40 14.22
CA SER B 103 -14.97 31.41 13.69
C SER B 103 -14.24 30.08 13.56
N LEU B 104 -14.89 29.01 14.00
CA LEU B 104 -14.28 27.69 14.02
C LEU B 104 -14.87 26.82 12.91
N LYS B 105 -14.02 25.95 12.40
CA LYS B 105 -14.39 25.04 11.34
C LYS B 105 -15.27 23.95 11.77
N ASP B 106 -15.04 23.39 12.92
CA ASP B 106 -15.89 22.37 13.51
C ASP B 106 -17.21 22.98 13.95
N LYS B 107 -18.31 22.26 13.71
CA LYS B 107 -19.63 22.84 13.87
C LYS B 107 -20.04 23.00 15.33
N PHE B 108 -19.75 22.00 16.17
CA PHE B 108 -20.20 22.04 17.56
C PHE B 108 -19.35 23.03 18.38
N GLU B 109 -18.05 23.04 18.16
CA GLU B 109 -17.19 24.03 18.80
C GLU B 109 -17.57 25.44 18.36
N ASN B 110 -17.88 25.61 17.07
CA ASN B 110 -18.36 26.91 16.60
C ASN B 110 -19.69 27.26 17.24
N LEU B 111 -20.54 26.27 17.50
CA LEU B 111 -21.83 26.54 18.16
C LEU B 111 -21.62 27.07 19.57
N GLY B 112 -20.75 26.42 20.35
CA GLY B 112 -20.45 26.91 21.68
C GLY B 112 -19.81 28.29 21.66
N ALA B 113 -18.84 28.49 20.77
CA ALA B 113 -18.20 29.79 20.64
C ALA B 113 -19.19 30.88 20.24
N ARG B 114 -20.13 30.53 19.36
CA ARG B 114 -21.13 31.51 18.94
C ARG B 114 -22.04 31.88 20.09
N LEU B 115 -22.48 30.89 20.86
CA LEU B 115 -23.33 31.19 22.01
C LEU B 115 -22.63 32.14 22.98
N VAL B 116 -21.38 31.83 23.32
CA VAL B 116 -20.64 32.70 24.24
C VAL B 116 -20.40 34.07 23.62
N GLN B 117 -20.13 34.12 22.31
CA GLN B 117 -19.93 35.39 21.63
C GLN B 117 -21.18 36.25 21.67
N ASP B 118 -22.35 35.64 21.44
CA ASP B 118 -23.60 36.38 21.51
C ASP B 118 -23.82 36.95 22.90
N VAL B 119 -23.59 36.13 23.94
CA VAL B 119 -23.81 36.62 25.30
C VAL B 119 -22.84 37.74 25.65
N ALA B 120 -21.57 37.59 25.26
CA ALA B 120 -20.58 38.63 25.52
C ALA B 120 -20.89 39.91 24.78
N ASN B 121 -21.32 39.81 23.52
CA ASN B 121 -21.71 40.99 22.77
C ASN B 121 -22.92 41.68 23.40
N LYS B 122 -23.88 40.89 23.87
CA LYS B 122 -25.06 41.47 24.51
C LYS B 122 -24.70 42.20 25.79
N THR B 123 -23.84 41.61 26.64
CA THR B 123 -23.47 42.30 27.87
C THR B 123 -22.62 43.54 27.59
N ASN B 124 -21.75 43.47 26.58
CA ASN B 124 -20.97 44.64 26.21
C ASN B 124 -21.88 45.77 25.71
N GLU B 125 -22.89 45.43 24.92
CA GLU B 125 -23.81 46.46 24.43
C GLU B 125 -24.64 47.04 25.58
N VAL B 126 -25.08 46.19 26.51
CA VAL B 126 -25.94 46.66 27.59
C VAL B 126 -25.16 47.55 28.56
N ALA B 127 -23.97 47.11 28.97
CA ALA B 127 -23.24 47.80 30.03
C ALA B 127 -22.15 48.73 29.52
N GLY B 128 -21.63 48.51 28.31
CA GLY B 128 -20.55 49.34 27.80
C GLY B 128 -19.26 48.56 27.64
N ASP B 129 -18.99 47.65 28.56
CA ASP B 129 -17.80 46.81 28.51
C ASP B 129 -18.06 45.55 29.33
N GLY B 130 -17.05 44.69 29.39
CA GLY B 130 -17.13 43.45 30.13
C GLY B 130 -17.15 42.18 29.29
N THR B 131 -16.70 42.24 28.02
CA THR B 131 -16.70 41.06 27.18
C THR B 131 -15.66 40.04 27.64
N THR B 132 -14.44 40.50 27.91
CA THR B 132 -13.37 39.58 28.30
C THR B 132 -13.66 38.92 29.62
N THR B 133 -14.11 39.69 30.61
CA THR B 133 -14.42 39.13 31.92
C THR B 133 -15.56 38.12 31.82
N ALA B 134 -16.61 38.46 31.07
CA ALA B 134 -17.73 37.53 30.90
C ALA B 134 -17.28 36.25 30.22
N THR B 135 -16.45 36.34 29.19
CA THR B 135 -15.95 35.16 28.51
C THR B 135 -15.11 34.29 29.43
N ILE B 136 -14.25 34.92 30.22
CA ILE B 136 -13.38 34.17 31.13
C ILE B 136 -14.21 33.45 32.19
N LEU B 137 -15.17 34.16 32.78
CA LEU B 137 -16.03 33.56 33.79
C LEU B 137 -16.86 32.42 33.20
N THR B 138 -17.38 32.61 31.99
CA THR B 138 -18.12 31.55 31.32
C THR B 138 -17.26 30.32 31.14
N ARG B 139 -16.03 30.49 30.65
CA ARG B 139 -15.15 29.34 30.44
C ARG B 139 -14.88 28.63 31.77
N ALA B 140 -14.58 29.39 32.82
CA ALA B 140 -14.25 28.78 34.10
C ALA B 140 -15.43 27.99 34.66
N ILE B 141 -16.61 28.62 34.70
CA ILE B 141 -17.78 27.95 35.27
C ILE B 141 -18.16 26.74 34.44
N PHE B 142 -18.13 26.86 33.11
CA PHE B 142 -18.51 25.74 32.25
C PHE B 142 -17.55 24.57 32.42
N ALA B 143 -16.24 24.83 32.45
CA ALA B 143 -15.28 23.75 32.62
C ALA B 143 -15.43 23.07 33.97
N GLU B 144 -15.60 23.86 35.04
CA GLU B 144 -15.75 23.26 36.36
C GLU B 144 -17.05 22.46 36.47
N GLY B 145 -18.13 22.97 35.88
CA GLY B 145 -19.38 22.22 35.89
C GLY B 145 -19.29 20.92 35.11
N VAL B 146 -18.59 20.96 33.97
CA VAL B 146 -18.39 19.72 33.22
C VAL B 146 -17.61 18.71 34.05
N LYS B 147 -16.55 19.16 34.73
CA LYS B 147 -15.79 18.26 35.58
C LYS B 147 -16.66 17.66 36.69
N ASN B 148 -17.46 18.50 37.35
CA ASN B 148 -18.29 18.02 38.44
C ASN B 148 -19.38 17.06 37.96
N VAL B 149 -19.94 17.33 36.79
CA VAL B 149 -20.93 16.41 36.22
C VAL B 149 -20.28 15.08 35.88
N ALA B 150 -19.08 15.11 35.29
CA ALA B 150 -18.36 13.87 35.02
C ALA B 150 -18.05 13.12 36.31
N ALA B 151 -17.83 13.84 37.40
CA ALA B 151 -17.58 13.19 38.69
C ALA B 151 -18.80 12.46 39.24
N GLY B 152 -19.98 12.68 38.65
CA GLY B 152 -21.17 11.97 39.09
C GLY B 152 -22.10 12.81 39.96
N CYS B 153 -22.33 14.05 39.56
CA CYS B 153 -23.15 14.98 40.33
C CYS B 153 -24.38 15.37 39.53
N ASN B 154 -25.38 15.93 40.24
CA ASN B 154 -26.64 16.32 39.63
C ASN B 154 -26.53 17.74 39.08
N PRO B 155 -26.66 17.94 37.77
CA PRO B 155 -26.52 19.29 37.21
C PRO B 155 -27.53 20.30 37.73
N MET B 156 -28.75 19.87 38.06
CA MET B 156 -29.76 20.82 38.53
C MET B 156 -29.38 21.42 39.88
N ASP B 157 -28.86 20.60 40.79
CA ASP B 157 -28.41 21.12 42.08
C ASP B 157 -27.18 21.99 41.92
N LEU B 158 -26.31 21.65 40.96
CA LEU B 158 -25.21 22.55 40.61
C LEU B 158 -25.73 23.91 40.18
N ARG B 159 -26.75 23.92 39.33
CA ARG B 159 -27.34 25.17 38.87
C ARG B 159 -27.93 25.96 40.04
N ARG B 160 -28.62 25.28 40.96
CA ARG B 160 -29.19 25.96 42.11
C ARG B 160 -28.11 26.57 42.99
N GLY B 161 -27.03 25.83 43.24
CA GLY B 161 -25.94 26.36 44.04
C GLY B 161 -25.25 27.53 43.38
N VAL B 162 -25.05 27.45 42.05
CA VAL B 162 -24.45 28.55 41.32
C VAL B 162 -25.32 29.79 41.40
N GLN B 163 -26.64 29.63 41.25
CA GLN B 163 -27.55 30.76 41.36
C GLN B 163 -27.50 31.39 42.75
N MET B 164 -27.49 30.55 43.80
CA MET B 164 -27.44 31.07 45.15
C MET B 164 -26.13 31.83 45.41
N ALA B 165 -25.01 31.27 44.95
CA ALA B 165 -23.73 31.95 45.12
C ALA B 165 -23.70 33.27 44.38
N VAL B 166 -24.22 33.30 43.14
CA VAL B 166 -24.22 34.53 42.36
C VAL B 166 -25.08 35.59 43.03
N ASP B 167 -26.24 35.20 43.57
CA ASP B 167 -27.08 36.15 44.28
C ASP B 167 -26.36 36.72 45.50
N SER B 168 -25.67 35.86 46.26
CA SER B 168 -24.93 36.33 47.42
C SER B 168 -23.83 37.30 47.02
N ILE B 169 -23.10 36.99 45.95
CA ILE B 169 -22.03 37.86 45.48
C ILE B 169 -22.59 39.21 45.05
N VAL B 170 -23.71 39.20 44.32
CA VAL B 170 -24.31 40.45 43.86
C VAL B 170 -24.75 41.29 45.04
N LYS B 171 -25.36 40.66 46.06
CA LYS B 171 -25.78 41.40 47.24
C LYS B 171 -24.59 42.02 47.96
N PHE B 172 -23.50 41.26 48.11
CA PHE B 172 -22.31 41.79 48.77
C PHE B 172 -21.74 42.96 47.99
N LEU B 173 -21.64 42.83 46.67
CA LEU B 173 -21.08 43.88 45.85
C LEU B 173 -21.93 45.15 45.90
N ARG B 174 -23.25 44.99 45.86
CA ARG B 174 -24.14 46.15 46.00
C ARG B 174 -23.99 46.80 47.37
N GLU B 175 -23.78 46.00 48.41
CA GLU B 175 -23.57 46.55 49.74
C GLU B 175 -22.28 47.37 49.81
N LYS B 176 -21.22 46.89 49.14
CA LYS B 176 -19.91 47.52 49.24
C LYS B 176 -19.65 48.57 48.18
N SER B 177 -20.64 48.90 47.35
CA SER B 177 -20.43 49.88 46.29
C SER B 177 -20.37 51.30 46.84
N ARG B 178 -19.69 52.17 46.10
CA ARG B 178 -19.56 53.59 46.45
C ARG B 178 -20.36 54.42 45.46
N VAL B 179 -21.38 55.11 45.97
CA VAL B 179 -22.26 55.93 45.14
C VAL B 179 -21.66 57.31 44.98
N ILE B 180 -21.81 57.90 43.80
CA ILE B 180 -21.32 59.24 43.49
C ILE B 180 -22.52 60.10 43.12
N THR B 181 -22.67 61.24 43.81
CA THR B 181 -23.79 62.13 43.60
C THR B 181 -23.41 63.54 43.19
N THR B 182 -22.47 64.17 43.89
CA THR B 182 -22.17 65.57 43.63
C THR B 182 -21.28 65.73 42.40
N SER B 183 -21.16 66.97 41.94
CA SER B 183 -20.47 67.25 40.68
C SER B 183 -18.97 66.97 40.76
N GLU B 184 -18.36 67.17 41.93
CA GLU B 184 -16.92 66.93 42.04
C GLU B 184 -16.58 65.46 41.86
N GLU B 185 -17.39 64.56 42.43
CA GLU B 185 -17.15 63.13 42.26
C GLU B 185 -17.40 62.70 40.83
N ILE B 186 -18.42 63.28 40.18
CA ILE B 186 -18.65 62.98 38.76
C ILE B 186 -17.47 63.43 37.92
N ALA B 187 -16.92 64.61 38.21
CA ALA B 187 -15.76 65.11 37.49
C ALA B 187 -14.55 64.19 37.71
N GLN B 188 -14.34 63.76 38.94
CA GLN B 188 -13.22 62.86 39.22
C GLN B 188 -13.38 61.52 38.51
N VAL B 189 -14.59 60.97 38.52
CA VAL B 189 -14.84 59.69 37.84
C VAL B 189 -14.62 59.83 36.35
N ALA B 190 -15.10 60.93 35.76
CA ALA B 190 -14.89 61.15 34.32
C ALA B 190 -13.43 61.36 33.99
N THR B 191 -12.68 62.04 34.87
CA THR B 191 -11.24 62.21 34.65
C THR B 191 -10.52 60.87 34.70
N ILE B 192 -10.87 60.02 35.66
CA ILE B 192 -10.27 58.69 35.74
C ILE B 192 -10.61 57.87 34.50
N SER B 193 -11.86 57.94 34.06
CA SER B 193 -12.29 57.19 32.89
C SER B 193 -11.66 57.73 31.60
N ALA B 194 -11.09 58.93 31.63
CA ALA B 194 -10.45 59.53 30.47
C ALA B 194 -8.93 59.42 30.51
N ASN B 195 -8.41 58.44 31.26
CA ASN B 195 -6.96 58.23 31.40
C ASN B 195 -6.27 59.49 31.93
N GLY B 196 -6.86 60.06 32.98
CA GLY B 196 -6.28 61.22 33.63
C GLY B 196 -6.46 62.54 32.91
N ASP B 197 -7.38 62.62 31.95
CA ASP B 197 -7.62 63.86 31.21
C ASP B 197 -8.57 64.74 32.02
N THR B 198 -8.06 65.89 32.49
CA THR B 198 -8.87 66.79 33.29
C THR B 198 -9.88 67.55 32.45
N HIS B 199 -9.54 67.92 31.22
CA HIS B 199 -10.47 68.66 30.37
C HIS B 199 -11.72 67.84 30.07
N VAL B 200 -11.54 66.56 29.73
CA VAL B 200 -12.68 65.71 29.42
C VAL B 200 -13.57 65.54 30.65
N GLY B 201 -12.95 65.32 31.82
CA GLY B 201 -13.73 65.18 33.03
C GLY B 201 -14.51 66.44 33.39
N LYS B 202 -13.88 67.61 33.19
CA LYS B 202 -14.57 68.87 33.46
C LYS B 202 -15.72 69.08 32.48
N LEU B 203 -15.50 68.77 31.20
CA LEU B 203 -16.56 68.94 30.19
C LEU B 203 -17.74 68.01 30.46
N ILE B 204 -17.47 66.75 30.82
CA ILE B 204 -18.55 65.80 31.06
C ILE B 204 -19.37 66.23 32.27
N ALA B 205 -18.77 66.48 33.39
CA ALA B 205 -19.46 66.85 34.58
C ALA B 205 -20.32 68.00 34.45
N ASN B 206 -20.25 68.73 33.36
CA ASN B 206 -21.02 69.95 33.17
C ASN B 206 -22.19 69.66 32.29
N ALA B 207 -21.98 68.90 31.26
CA ALA B 207 -23.11 68.53 30.42
C ALA B 207 -24.18 67.82 31.25
N MET B 208 -23.76 66.88 32.09
CA MET B 208 -24.69 66.15 32.94
C MET B 208 -25.12 66.96 34.16
N GLU B 209 -24.47 68.09 34.42
CA GLU B 209 -25.04 69.08 35.32
C GLU B 209 -26.20 69.81 34.65
N LYS B 210 -26.03 70.18 33.37
CA LYS B 210 -27.06 70.93 32.67
C LYS B 210 -28.30 70.08 32.43
N VAL B 211 -28.12 68.88 31.87
CA VAL B 211 -29.26 68.04 31.51
C VAL B 211 -29.65 67.05 32.60
N GLY B 212 -28.88 66.95 33.67
CA GLY B 212 -29.12 65.96 34.70
C GLY B 212 -28.38 64.67 34.42
N LYS B 213 -28.44 63.77 35.42
CA LYS B 213 -27.79 62.47 35.26
C LYS B 213 -28.48 61.64 34.19
N GLU B 214 -29.80 61.77 34.07
CA GLU B 214 -30.58 61.00 33.11
C GLU B 214 -30.78 61.71 31.78
N GLY B 215 -30.15 62.87 31.59
CA GLY B 215 -30.33 63.62 30.37
C GLY B 215 -29.65 62.98 29.17
N VAL B 216 -29.80 63.63 28.03
CA VAL B 216 -29.20 63.18 26.78
C VAL B 216 -27.95 64.01 26.51
N ILE B 217 -26.81 63.33 26.40
CA ILE B 217 -25.55 63.96 26.06
C ILE B 217 -24.98 63.24 24.84
N THR B 218 -24.57 64.00 23.84
CA THR B 218 -24.01 63.44 22.62
C THR B 218 -22.74 64.19 22.25
N VAL B 219 -21.90 63.53 21.46
CA VAL B 219 -20.57 64.04 21.09
C VAL B 219 -20.50 64.15 19.57
N LYS B 220 -20.11 65.32 19.09
CA LYS B 220 -20.01 65.58 17.66
C LYS B 220 -18.71 66.29 17.37
N GLU B 221 -18.32 66.30 16.09
CA GLU B 221 -17.10 66.96 15.66
C GLU B 221 -17.27 68.48 15.72
N GLY B 222 -16.18 69.17 16.05
CA GLY B 222 -16.21 70.61 16.15
C GLY B 222 -15.60 71.32 14.95
N LYS B 223 -15.82 72.63 14.90
CA LYS B 223 -15.32 73.46 13.82
C LYS B 223 -14.04 74.21 14.17
N THR B 224 -13.56 74.09 15.40
CA THR B 224 -12.50 74.95 15.90
C THR B 224 -11.54 74.12 16.74
N ILE B 225 -10.71 74.81 17.53
CA ILE B 225 -9.74 74.10 18.37
C ILE B 225 -10.28 73.87 19.77
N GLU B 226 -10.94 74.87 20.37
CA GLU B 226 -11.45 74.74 21.72
C GLU B 226 -12.74 73.92 21.72
N ASP B 227 -13.04 73.34 22.89
CA ASP B 227 -14.15 72.42 23.04
C ASP B 227 -15.41 73.16 23.46
N GLU B 228 -16.54 72.78 22.84
CA GLU B 228 -17.77 73.53 23.07
C GLU B 228 -18.83 72.62 23.68
N LEU B 229 -19.67 73.21 24.52
CA LEU B 229 -20.80 72.52 25.13
C LEU B 229 -22.04 73.38 24.91
N GLU B 230 -23.02 72.88 24.16
CA GLU B 230 -24.19 73.67 23.85
C GLU B 230 -25.45 72.87 24.13
N ILE B 231 -26.45 73.53 24.70
CA ILE B 231 -27.76 72.93 24.96
C ILE B 231 -28.68 73.29 23.80
N THR B 232 -29.21 72.29 23.12
CA THR B 232 -30.09 72.50 21.99
C THR B 232 -31.42 71.82 22.26
N GLU B 233 -32.31 71.92 21.28
CA GLU B 233 -33.58 71.20 21.29
C GLU B 233 -33.42 69.91 20.50
N GLY B 234 -33.92 68.81 21.04
CA GLY B 234 -33.83 67.53 20.37
C GLY B 234 -34.42 66.47 21.27
N MET B 235 -34.42 65.24 20.78
CA MET B 235 -35.00 64.16 21.56
C MET B 235 -34.61 62.81 20.98
N ARG B 236 -34.75 61.77 21.80
CA ARG B 236 -34.26 60.43 21.50
C ARG B 236 -35.39 59.42 21.59
N PHE B 237 -35.36 58.42 20.71
CA PHE B 237 -36.22 57.26 20.82
C PHE B 237 -35.37 55.99 20.88
N ASP B 238 -36.00 54.92 21.37
CA ASP B 238 -35.40 53.61 21.49
C ASP B 238 -35.62 52.73 20.27
N ARG B 239 -35.83 53.34 19.10
CA ARG B 239 -35.96 52.60 17.85
C ARG B 239 -34.88 53.02 16.87
N GLY B 240 -34.13 52.04 16.35
CA GLY B 240 -33.05 52.27 15.43
C GLY B 240 -33.45 52.06 14.00
N TYR B 241 -32.44 51.92 13.14
CA TYR B 241 -32.68 51.80 11.70
C TYR B 241 -33.17 50.39 11.37
N ILE B 242 -33.95 50.29 10.28
CA ILE B 242 -34.56 49.02 9.91
C ILE B 242 -33.52 48.02 9.43
N SER B 243 -32.61 48.46 8.54
CA SER B 243 -31.67 47.53 7.95
C SER B 243 -30.24 47.96 8.20
N PRO B 244 -29.37 47.03 8.61
CA PRO B 244 -27.96 47.36 8.77
C PRO B 244 -27.32 48.07 7.58
N TYR B 245 -27.80 47.80 6.35
CA TYR B 245 -27.20 48.43 5.18
C TYR B 245 -27.29 49.95 5.18
N PHE B 246 -28.20 50.53 5.97
CA PHE B 246 -28.35 51.98 6.03
C PHE B 246 -27.16 52.67 6.68
N ILE B 247 -26.24 51.93 7.28
CA ILE B 247 -25.09 52.51 7.96
C ILE B 247 -24.26 53.29 6.97
N THR B 248 -24.01 54.57 7.28
CA THR B 248 -23.10 55.39 6.50
C THR B 248 -21.73 55.55 7.14
N ASP B 249 -21.67 55.46 8.46
CA ASP B 249 -20.41 55.50 9.20
C ASP B 249 -20.13 54.07 9.71
N ALA B 250 -19.42 53.29 8.89
CA ALA B 250 -19.14 51.91 9.24
C ALA B 250 -18.18 51.78 10.42
N LYS B 251 -17.49 52.86 10.80
CA LYS B 251 -16.57 52.80 11.93
C LYS B 251 -17.32 52.48 13.22
N THR B 252 -18.47 53.11 13.43
CA THR B 252 -19.26 52.93 14.64
C THR B 252 -20.64 52.33 14.34
N GLN B 253 -20.88 51.92 13.10
CA GLN B 253 -22.13 51.28 12.70
C GLN B 253 -23.34 52.18 12.97
N LYS B 254 -23.26 53.43 12.54
CA LYS B 254 -24.34 54.38 12.74
C LYS B 254 -24.55 55.21 11.49
N VAL B 255 -25.66 55.95 11.48
CA VAL B 255 -26.06 56.78 10.35
C VAL B 255 -26.17 58.22 10.84
N GLU B 256 -25.56 59.15 10.11
CA GLU B 256 -25.60 60.56 10.47
C GLU B 256 -26.03 61.38 9.27
N PHE B 257 -27.04 62.24 9.47
CA PHE B 257 -27.50 63.12 8.42
C PHE B 257 -27.55 64.56 8.94
N GLU B 258 -27.12 65.50 8.10
CA GLU B 258 -27.13 66.91 8.43
C GLU B 258 -28.26 67.60 7.68
N LYS B 259 -29.18 68.20 8.43
CA LYS B 259 -30.32 68.92 7.88
C LYS B 259 -31.13 68.04 6.90
N PRO B 260 -31.75 66.96 7.38
CA PRO B 260 -32.51 66.09 6.49
C PRO B 260 -34.00 66.42 6.46
N LEU B 261 -34.70 65.77 5.55
CA LEU B 261 -36.15 65.85 5.46
C LEU B 261 -36.78 64.65 6.14
N ILE B 262 -37.77 64.92 6.99
CA ILE B 262 -38.37 63.91 7.85
C ILE B 262 -39.80 63.66 7.37
N LEU B 263 -40.13 62.38 7.17
CA LEU B 263 -41.48 61.97 6.75
C LEU B 263 -42.09 61.14 7.87
N LEU B 264 -43.05 61.72 8.58
CA LEU B 264 -43.73 61.05 9.68
C LEU B 264 -45.10 60.57 9.17
N THR B 265 -45.32 59.26 9.23
CA THR B 265 -46.58 58.68 8.79
C THR B 265 -47.02 57.59 9.75
N GLU B 266 -48.32 57.53 10.01
CA GLU B 266 -48.92 56.51 10.87
C GLU B 266 -49.49 55.42 9.96
N LYS B 267 -48.61 54.77 9.20
CA LYS B 267 -49.06 53.83 8.19
C LYS B 267 -48.05 52.72 8.04
N LYS B 268 -48.52 51.62 7.45
CA LYS B 268 -47.66 50.52 7.01
C LYS B 268 -47.41 50.72 5.51
N ILE B 269 -46.15 50.93 5.16
CA ILE B 269 -45.75 51.26 3.80
C ILE B 269 -45.05 50.06 3.19
N SER B 270 -45.58 49.57 2.06
CA SER B 270 -44.93 48.50 1.31
C SER B 270 -44.91 48.72 -0.20
N ILE B 271 -45.71 49.66 -0.72
CA ILE B 271 -45.74 49.95 -2.15
C ILE B 271 -45.00 51.25 -2.39
N LEU B 272 -44.26 51.29 -3.50
CA LEU B 272 -43.39 52.42 -3.80
C LEU B 272 -44.14 53.61 -4.39
N GLN B 273 -45.38 53.43 -4.84
CA GLN B 273 -46.10 54.54 -5.46
C GLN B 273 -46.35 55.65 -4.45
N ASP B 274 -46.59 55.28 -3.19
CA ASP B 274 -46.77 56.29 -2.15
C ASP B 274 -45.46 56.99 -1.81
N ILE B 275 -44.32 56.31 -1.98
CA ILE B 275 -43.04 56.91 -1.65
C ILE B 275 -42.50 57.80 -2.75
N LEU B 276 -42.90 57.56 -4.01
CA LEU B 276 -42.34 58.29 -5.14
C LEU B 276 -42.43 59.80 -5.02
N PRO B 277 -43.56 60.42 -4.65
CA PRO B 277 -43.55 61.89 -4.52
C PRO B 277 -42.58 62.40 -3.48
N ALA B 278 -42.52 61.73 -2.31
CA ALA B 278 -41.58 62.15 -1.27
C ALA B 278 -40.14 62.01 -1.73
N LEU B 279 -39.82 60.88 -2.38
CA LEU B 279 -38.45 60.66 -2.84
C LEU B 279 -38.07 61.68 -3.92
N GLU B 280 -38.99 61.99 -4.82
CA GLU B 280 -38.72 62.98 -5.86
C GLU B 280 -38.50 64.37 -5.26
N THR B 281 -39.35 64.75 -4.30
CA THR B 281 -39.17 66.04 -3.65
C THR B 281 -37.84 66.11 -2.92
N SER B 282 -37.43 65.00 -2.30
CA SER B 282 -36.10 64.96 -1.69
C SER B 282 -34.99 65.07 -2.71
N SER B 283 -35.11 64.39 -3.85
CA SER B 283 -34.09 64.46 -4.88
C SER B 283 -33.94 65.86 -5.45
N THR B 284 -35.06 66.56 -5.64
CA THR B 284 -35.03 67.93 -6.11
C THR B 284 -34.31 68.87 -5.15
N GLN B 285 -34.53 68.71 -3.84
CA GLN B 285 -33.89 69.54 -2.84
C GLN B 285 -32.47 69.10 -2.49
N ARG B 286 -32.03 67.96 -3.03
CA ARG B 286 -30.69 67.42 -2.75
C ARG B 286 -30.43 67.27 -1.25
N ARG B 287 -31.39 66.70 -0.52
CA ARG B 287 -31.26 66.52 0.91
C ARG B 287 -31.56 65.08 1.28
N PRO B 288 -30.90 64.56 2.32
CA PRO B 288 -31.18 63.18 2.75
C PRO B 288 -32.54 63.08 3.42
N LEU B 289 -33.10 61.86 3.36
CA LEU B 289 -34.46 61.62 3.82
C LEU B 289 -34.47 60.59 4.94
N LEU B 290 -35.29 60.84 5.95
CA LEU B 290 -35.54 59.91 7.04
C LEU B 290 -37.04 59.71 7.16
N ILE B 291 -37.49 58.46 7.15
CA ILE B 291 -38.90 58.15 7.24
C ILE B 291 -39.16 57.42 8.56
N ILE B 292 -40.04 58.00 9.37
CA ILE B 292 -40.41 57.45 10.67
C ILE B 292 -41.84 56.94 10.56
N ALA B 293 -41.97 55.63 10.36
CA ALA B 293 -43.28 55.05 10.05
C ALA B 293 -43.63 53.98 11.08
N GLU B 294 -44.84 53.43 10.94
CA GLU B 294 -45.21 52.28 11.76
C GLU B 294 -44.33 51.08 11.41
N ASP B 295 -44.06 50.87 10.13
CA ASP B 295 -43.16 49.82 9.67
C ASP B 295 -42.90 50.03 8.19
N ILE B 296 -41.68 49.69 7.77
CA ILE B 296 -41.27 49.75 6.37
C ILE B 296 -40.84 48.35 5.97
N ASP B 297 -41.77 47.60 5.36
CA ASP B 297 -41.50 46.23 4.97
C ASP B 297 -41.93 46.02 3.52
N GLY B 298 -41.64 44.83 3.00
CA GLY B 298 -41.95 44.49 1.63
C GLY B 298 -40.94 45.03 0.64
N GLU B 299 -41.41 45.35 -0.57
CA GLU B 299 -40.51 45.87 -1.60
C GLU B 299 -40.05 47.29 -1.27
N ALA B 300 -40.77 47.95 -0.36
CA ALA B 300 -40.43 49.33 0.00
C ALA B 300 -39.02 49.42 0.57
N LEU B 301 -38.70 48.55 1.53
CA LEU B 301 -37.36 48.61 2.13
C LEU B 301 -36.31 48.33 1.08
N ALA B 302 -36.54 47.35 0.21
CA ALA B 302 -35.55 46.99 -0.80
C ALA B 302 -35.29 48.15 -1.75
N ALA B 303 -36.35 48.84 -2.17
CA ALA B 303 -36.16 50.01 -3.00
C ALA B 303 -35.34 51.07 -2.26
N CYS B 304 -35.65 51.28 -0.99
CA CYS B 304 -34.89 52.26 -0.21
C CYS B 304 -33.42 51.89 -0.13
N ILE B 305 -33.14 50.62 0.11
CA ILE B 305 -31.75 50.15 0.24
C ILE B 305 -30.96 50.34 -1.04
N LEU B 306 -31.49 49.90 -2.18
CA LEU B 306 -30.74 50.00 -3.42
C LEU B 306 -30.54 51.46 -3.78
N ASN B 307 -31.54 52.29 -3.50
CA ASN B 307 -31.41 53.71 -3.76
C ASN B 307 -30.28 54.25 -2.91
N LYS B 308 -30.22 53.83 -1.65
CA LYS B 308 -29.20 54.37 -0.74
C LYS B 308 -27.81 53.87 -1.13
N LEU B 309 -27.69 52.59 -1.51
CA LEU B 309 -26.40 52.01 -1.87
C LEU B 309 -25.82 52.69 -3.10
N ARG B 310 -26.68 53.08 -4.04
CA ARG B 310 -26.28 53.86 -5.19
C ARG B 310 -26.34 55.34 -4.85
N GLY B 311 -25.93 56.19 -5.78
CA GLY B 311 -25.88 57.61 -5.55
C GLY B 311 -27.14 58.38 -5.83
N ASN B 312 -28.25 57.69 -6.11
CA ASN B 312 -29.49 58.38 -6.45
C ASN B 312 -29.98 59.23 -5.29
N LEU B 313 -30.10 58.64 -4.11
CA LEU B 313 -30.53 59.35 -2.92
C LEU B 313 -30.15 58.53 -1.69
N GLN B 314 -29.77 59.21 -0.62
CA GLN B 314 -29.42 58.57 0.65
C GLN B 314 -30.61 58.72 1.60
N VAL B 315 -31.09 57.59 2.12
CA VAL B 315 -32.33 57.54 2.88
C VAL B 315 -32.14 56.62 4.09
N ALA B 316 -32.99 56.81 5.09
CA ALA B 316 -33.01 55.97 6.29
C ALA B 316 -34.46 55.80 6.76
N ALA B 317 -34.70 54.69 7.46
CA ALA B 317 -36.05 54.36 7.91
C ALA B 317 -36.02 53.86 9.35
N VAL B 318 -36.95 54.36 10.15
CA VAL B 318 -37.11 53.91 11.53
C VAL B 318 -38.59 53.71 11.83
N LYS B 319 -38.86 52.92 12.87
CA LYS B 319 -40.22 52.65 13.31
C LYS B 319 -40.66 53.69 14.33
N ALA B 320 -41.96 53.97 14.33
CA ALA B 320 -42.50 54.96 15.25
C ALA B 320 -42.39 54.46 16.69
N PRO B 321 -41.98 55.32 17.61
CA PRO B 321 -41.84 54.89 19.01
C PRO B 321 -43.18 54.65 19.68
N GLY B 322 -43.17 53.77 20.68
CA GLY B 322 -44.37 53.45 21.42
C GLY B 322 -45.33 52.59 20.63
N PHE B 323 -46.42 52.21 21.35
CA PHE B 323 -47.44 51.30 20.84
C PHE B 323 -48.83 51.77 21.33
N GLY B 324 -49.89 51.66 20.50
CA GLY B 324 -51.21 52.10 20.95
C GLY B 324 -51.41 53.58 20.67
N ASP B 325 -52.18 54.23 21.54
CA ASP B 325 -52.38 55.66 21.40
C ASP B 325 -51.13 56.45 21.79
N ASN B 326 -50.27 55.84 22.60
CA ASN B 326 -49.01 56.47 22.96
C ASN B 326 -48.17 56.73 21.71
N ARG B 327 -48.17 55.79 20.77
CA ARG B 327 -47.44 55.98 19.52
C ARG B 327 -47.96 57.18 18.75
N LYS B 328 -49.29 57.33 18.66
CA LYS B 328 -49.85 58.46 17.95
C LYS B 328 -49.51 59.78 18.65
N SER B 329 -49.58 59.80 19.97
CA SER B 329 -49.26 61.02 20.70
C SER B 329 -47.79 61.40 20.54
N ILE B 330 -46.89 60.42 20.58
CA ILE B 330 -45.48 60.70 20.40
C ILE B 330 -45.21 61.19 18.97
N LEU B 331 -45.87 60.58 17.97
CA LEU B 331 -45.69 61.06 16.61
C LEU B 331 -46.20 62.48 16.45
N GLY B 332 -47.29 62.82 17.13
CA GLY B 332 -47.77 64.20 17.10
C GLY B 332 -46.79 65.17 17.72
N ASP B 333 -46.23 64.81 18.88
CA ASP B 333 -45.23 65.66 19.51
C ASP B 333 -44.02 65.83 18.61
N LEU B 334 -43.58 64.75 17.97
CA LEU B 334 -42.40 64.81 17.12
C LEU B 334 -42.68 65.60 15.85
N ALA B 335 -43.88 65.49 15.29
CA ALA B 335 -44.25 66.31 14.14
C ALA B 335 -44.28 67.79 14.51
N ILE B 336 -44.76 68.12 15.70
CA ILE B 336 -44.70 69.51 16.16
C ILE B 336 -43.25 69.97 16.29
N LEU B 337 -42.40 69.14 16.88
CA LEU B 337 -41.02 69.54 17.11
C LEU B 337 -40.26 69.69 15.80
N THR B 338 -40.45 68.78 14.85
CA THR B 338 -39.69 68.79 13.60
C THR B 338 -40.23 69.80 12.60
N GLY B 339 -41.33 70.46 12.89
CA GLY B 339 -41.87 71.46 11.99
C GLY B 339 -42.71 70.91 10.86
N GLY B 340 -42.92 69.61 10.81
CA GLY B 340 -43.73 69.01 9.76
C GLY B 340 -45.09 68.59 10.26
N THR B 341 -45.79 67.75 9.50
CA THR B 341 -47.11 67.25 9.87
C THR B 341 -47.12 65.74 9.73
N VAL B 342 -47.84 65.08 10.64
CA VAL B 342 -47.96 63.62 10.60
C VAL B 342 -49.07 63.21 9.64
N PHE B 343 -48.89 62.07 9.00
CA PHE B 343 -49.84 61.56 8.02
C PHE B 343 -50.56 60.36 8.63
N SER B 344 -51.88 60.45 8.74
CA SER B 344 -52.68 59.43 9.42
C SER B 344 -53.87 59.07 8.55
N ASP B 345 -54.16 57.76 8.48
CA ASP B 345 -55.34 57.31 7.75
C ASP B 345 -56.62 57.76 8.44
N GLU B 346 -56.59 57.93 9.77
CA GLU B 346 -57.77 58.42 10.48
C GLU B 346 -58.14 59.83 10.03
N LEU B 347 -57.16 60.58 9.51
CA LEU B 347 -57.43 61.88 8.89
C LEU B 347 -57.69 61.77 7.40
N ASP B 348 -57.57 60.56 6.82
CA ASP B 348 -57.85 60.30 5.42
C ASP B 348 -57.01 61.18 4.49
N ILE B 349 -55.74 61.36 4.82
CA ILE B 349 -54.80 62.08 3.97
C ILE B 349 -53.82 61.07 3.38
N LYS B 350 -53.59 61.16 2.08
CA LYS B 350 -52.81 60.17 1.35
C LYS B 350 -51.36 60.63 1.22
N LEU B 351 -50.46 59.65 1.08
CA LEU B 351 -49.04 59.95 0.97
C LEU B 351 -48.67 60.60 -0.36
N GLU B 352 -49.49 60.40 -1.40
CA GLU B 352 -49.25 61.06 -2.68
C GLU B 352 -49.57 62.55 -2.62
N ARG B 353 -50.25 62.99 -1.56
CA ARG B 353 -50.54 64.40 -1.34
C ARG B 353 -49.37 65.13 -0.70
N ALA B 354 -48.28 64.43 -0.39
CA ALA B 354 -47.17 65.03 0.34
C ALA B 354 -46.55 66.18 -0.45
N THR B 355 -46.29 67.28 0.26
CA THR B 355 -45.62 68.45 -0.25
C THR B 355 -44.51 68.84 0.71
N PRO B 356 -43.43 69.46 0.21
CA PRO B 356 -42.30 69.80 1.10
C PRO B 356 -42.67 70.70 2.26
N ASP B 357 -43.84 71.36 2.22
CA ASP B 357 -44.27 72.16 3.37
C ASP B 357 -44.53 71.27 4.59
N LEU B 358 -45.15 70.11 4.37
CA LEU B 358 -45.47 69.23 5.49
C LEU B 358 -44.29 68.37 5.92
N PHE B 359 -43.21 68.37 5.16
CA PHE B 359 -42.04 67.60 5.54
C PHE B 359 -41.33 68.24 6.73
N GLY B 360 -40.84 67.40 7.64
CA GLY B 360 -40.12 67.91 8.78
C GLY B 360 -38.65 68.13 8.50
N SER B 361 -38.07 69.10 9.20
CA SER B 361 -36.67 69.44 9.06
C SER B 361 -36.05 69.61 10.44
N THR B 362 -34.76 69.30 10.54
CA THR B 362 -34.05 69.37 11.81
C THR B 362 -32.58 69.60 11.55
N GLY B 363 -31.86 69.98 12.60
CA GLY B 363 -30.44 70.25 12.46
C GLY B 363 -29.65 69.03 12.05
N SER B 364 -29.89 67.90 12.71
CA SER B 364 -29.20 66.67 12.37
C SER B 364 -29.97 65.49 12.94
N VAL B 365 -29.67 64.30 12.41
CA VAL B 365 -30.22 63.05 12.93
C VAL B 365 -29.09 62.03 13.02
N THR B 366 -29.12 61.23 14.09
CA THR B 366 -28.14 60.17 14.31
C THR B 366 -28.87 58.90 14.69
N ILE B 367 -28.61 57.83 13.96
CA ILE B 367 -29.33 56.57 14.11
C ILE B 367 -28.33 55.48 14.47
N THR B 368 -28.63 54.72 15.52
CA THR B 368 -27.81 53.58 15.93
C THR B 368 -28.66 52.31 15.85
N LYS B 369 -28.10 51.20 16.34
CA LYS B 369 -28.84 49.94 16.38
C LYS B 369 -30.06 50.05 17.28
N GLU B 370 -29.92 50.65 18.46
CA GLU B 370 -31.01 50.69 19.42
C GLU B 370 -31.72 52.05 19.43
N ASP B 371 -30.97 53.14 19.55
CA ASP B 371 -31.52 54.46 19.75
C ASP B 371 -31.31 55.34 18.52
N THR B 372 -32.20 56.31 18.36
CA THR B 372 -32.03 57.37 17.37
C THR B 372 -32.27 58.70 18.05
N ILE B 373 -31.60 59.75 17.59
CA ILE B 373 -31.65 61.06 18.22
C ILE B 373 -31.78 62.13 17.15
N LEU B 374 -32.77 63.00 17.30
CA LEU B 374 -32.97 64.15 16.44
C LEU B 374 -32.49 65.39 17.17
N LEU B 375 -31.82 66.29 16.43
CA LEU B 375 -31.11 67.42 17.00
C LEU B 375 -31.48 68.69 16.26
N ASN B 376 -31.76 69.74 17.03
CA ASN B 376 -32.02 71.08 16.51
C ASN B 376 -33.21 71.07 15.54
N GLY B 377 -34.37 70.72 16.08
CA GLY B 377 -35.58 70.71 15.27
C GLY B 377 -35.95 72.11 14.80
N GLU B 378 -36.64 72.16 13.68
CA GLU B 378 -37.01 73.43 13.06
C GLU B 378 -38.32 73.98 13.59
N GLY B 379 -38.95 73.33 14.56
CA GLY B 379 -40.19 73.84 15.09
C GLY B 379 -39.97 75.13 15.85
N SER B 380 -40.97 76.01 15.79
CA SER B 380 -40.91 77.25 16.54
C SER B 380 -41.00 76.96 18.04
N LYS B 381 -40.39 77.85 18.83
CA LYS B 381 -40.39 77.66 20.28
C LYS B 381 -41.80 77.72 20.85
N ASP B 382 -42.62 78.66 20.37
CA ASP B 382 -43.91 78.92 20.99
C ASP B 382 -44.82 77.71 20.93
N MET B 383 -44.86 77.01 19.79
CA MET B 383 -45.75 75.85 19.71
C MET B 383 -45.22 74.68 20.53
N ILE B 384 -43.90 74.51 20.60
CA ILE B 384 -43.33 73.53 21.51
C ILE B 384 -43.77 73.84 22.93
N ASN B 385 -43.81 75.11 23.28
CA ASN B 385 -44.26 75.49 24.63
C ASN B 385 -45.74 75.16 24.83
N GLN B 386 -46.57 75.49 23.85
CA GLN B 386 -47.99 75.25 24.10
C GLN B 386 -48.22 73.77 24.24
N ARG B 387 -47.58 72.98 23.42
CA ARG B 387 -47.69 71.54 23.52
C ARG B 387 -47.25 71.06 24.88
N CYS B 388 -46.19 71.66 25.44
CA CYS B 388 -45.81 71.38 26.82
C CYS B 388 -46.96 71.70 27.78
N GLU B 389 -47.68 72.80 27.51
CA GLU B 389 -48.82 73.16 28.36
C GLU B 389 -49.93 72.11 28.27
N GLN B 390 -50.24 71.63 27.06
CA GLN B 390 -51.22 70.56 26.96
C GLN B 390 -50.73 69.29 27.65
N ILE B 391 -49.43 69.02 27.60
CA ILE B 391 -48.91 67.84 28.28
C ILE B 391 -49.12 67.94 29.78
N ARG B 392 -48.81 69.09 30.37
CA ARG B 392 -49.02 69.23 31.81
C ARG B 392 -50.50 69.25 32.17
N ALA B 393 -51.33 69.82 31.29
CA ALA B 393 -52.77 69.76 31.52
C ALA B 393 -53.28 68.32 31.51
N ALA B 394 -52.80 67.51 30.58
CA ALA B 394 -53.17 66.10 30.55
C ALA B 394 -52.63 65.36 31.76
N ILE B 395 -51.46 65.73 32.24
CA ILE B 395 -50.95 65.16 33.50
C ILE B 395 -51.92 65.45 34.63
N ASN B 396 -52.40 66.70 34.70
CA ASN B 396 -53.36 67.07 35.73
C ASN B 396 -54.66 66.28 35.58
N ASP B 397 -55.16 66.14 34.36
CA ASP B 397 -56.46 65.52 34.14
C ASP B 397 -56.42 64.00 34.25
N SER B 398 -55.30 63.37 33.86
CA SER B 398 -55.24 61.91 33.78
C SER B 398 -55.51 61.27 35.13
N SER B 399 -56.31 60.20 35.11
CA SER B 399 -56.71 59.51 36.33
C SER B 399 -55.80 58.36 36.69
N VAL B 400 -55.16 57.73 35.71
CA VAL B 400 -54.29 56.59 35.99
C VAL B 400 -53.08 57.08 36.76
N SER B 401 -52.93 56.61 38.00
CA SER B 401 -51.88 57.11 38.88
C SER B 401 -50.50 56.74 38.37
N ASP B 402 -50.32 55.51 37.93
CA ASP B 402 -48.98 55.03 37.59
C ASP B 402 -48.72 55.09 36.09
N TYR B 403 -49.55 54.42 35.29
CA TYR B 403 -49.23 54.20 33.88
C TYR B 403 -49.28 55.49 33.08
N GLU B 404 -50.48 56.08 32.97
CA GLU B 404 -50.66 57.25 32.11
C GLU B 404 -49.88 58.44 32.62
N ARG B 405 -49.88 58.66 33.94
CA ARG B 405 -49.14 59.78 34.49
C ARG B 405 -47.64 59.66 34.22
N GLU B 406 -47.07 58.47 34.41
CA GLU B 406 -45.64 58.32 34.17
C GLU B 406 -45.30 58.43 32.69
N LYS B 407 -46.19 57.95 31.81
CA LYS B 407 -45.90 58.09 30.38
C LYS B 407 -45.97 59.55 29.93
N LEU B 408 -46.98 60.29 30.42
CA LEU B 408 -47.05 61.71 30.11
C LEU B 408 -45.85 62.45 30.67
N GLN B 409 -45.42 62.11 31.89
CA GLN B 409 -44.25 62.74 32.47
C GLN B 409 -43.00 62.45 31.65
N GLU B 410 -42.85 61.20 31.19
CA GLU B 410 -41.67 60.86 30.42
C GLU B 410 -41.64 61.59 29.09
N ARG B 411 -42.79 61.74 28.43
CA ARG B 411 -42.76 62.45 27.16
C ARG B 411 -42.64 63.95 27.35
N LEU B 412 -43.17 64.48 28.46
CA LEU B 412 -42.89 65.87 28.81
C LEU B 412 -41.41 66.10 29.01
N ALA B 413 -40.74 65.21 29.74
CA ALA B 413 -39.30 65.34 29.93
C ALA B 413 -38.55 65.23 28.62
N LYS B 414 -38.97 64.30 27.76
CA LYS B 414 -38.31 64.15 26.46
C LYS B 414 -38.44 65.41 25.61
N LEU B 415 -39.62 66.03 25.63
CA LEU B 415 -39.84 67.21 24.78
C LEU B 415 -39.20 68.46 25.38
N SER B 416 -39.09 68.54 26.71
CA SER B 416 -38.68 69.79 27.34
C SER B 416 -37.21 69.81 27.75
N GLY B 417 -36.59 68.65 27.95
CA GLY B 417 -35.26 68.62 28.54
C GLY B 417 -34.19 69.21 27.63
N GLY B 418 -34.30 68.98 26.34
CA GLY B 418 -33.24 69.37 25.42
C GLY B 418 -32.13 68.33 25.39
N VAL B 419 -31.08 68.66 24.63
CA VAL B 419 -29.95 67.75 24.43
C VAL B 419 -28.66 68.53 24.62
N ALA B 420 -27.73 67.97 25.40
CA ALA B 420 -26.41 68.54 25.51
C ALA B 420 -25.52 67.98 24.40
N VAL B 421 -24.85 68.87 23.68
CA VAL B 421 -23.97 68.48 22.60
C VAL B 421 -22.57 68.96 22.94
N ILE B 422 -21.60 68.07 22.84
CA ILE B 422 -20.20 68.37 23.07
C ILE B 422 -19.52 68.36 21.72
N LYS B 423 -19.10 69.54 21.26
CA LYS B 423 -18.40 69.70 20.00
C LYS B 423 -16.91 69.61 20.27
N VAL B 424 -16.27 68.62 19.67
CA VAL B 424 -14.87 68.30 19.93
C VAL B 424 -14.00 69.14 19.00
N GLY B 425 -13.18 70.01 19.57
CA GLY B 425 -12.31 70.84 18.78
C GLY B 425 -10.88 70.33 18.72
N GLY B 426 -10.17 70.67 17.65
CA GLY B 426 -8.79 70.24 17.51
C GLY B 426 -8.13 70.94 16.35
N SER B 427 -6.82 70.71 16.24
CA SER B 427 -6.06 71.34 15.16
C SER B 427 -6.21 70.56 13.85
N SER B 428 -5.93 69.27 13.87
CA SER B 428 -5.98 68.43 12.69
C SER B 428 -7.23 67.58 12.70
N GLU B 429 -7.49 66.91 11.58
CA GLU B 429 -8.67 66.05 11.48
C GLU B 429 -8.49 64.78 12.29
N LEU B 430 -7.32 64.15 12.19
CA LEU B 430 -7.09 62.91 12.92
C LEU B 430 -7.11 63.14 14.43
N GLU B 431 -6.55 64.27 14.87
CA GLU B 431 -6.61 64.61 16.29
C GLU B 431 -8.05 64.75 16.75
N VAL B 432 -8.87 65.42 15.94
CA VAL B 432 -10.28 65.58 16.28
C VAL B 432 -10.97 64.23 16.37
N GLY B 433 -10.70 63.34 15.42
CA GLY B 433 -11.35 62.04 15.45
C GLY B 433 -10.95 61.20 16.65
N GLU B 434 -9.66 61.16 16.96
CA GLU B 434 -9.20 60.33 18.08
C GLU B 434 -9.68 60.91 19.41
N LYS B 435 -9.66 62.25 19.54
CA LYS B 435 -10.19 62.86 20.76
C LYS B 435 -11.70 62.64 20.87
N LYS B 436 -12.41 62.62 19.76
CA LYS B 436 -13.84 62.34 19.78
C LYS B 436 -14.10 60.93 20.30
N ASP B 437 -13.32 59.96 19.82
CA ASP B 437 -13.50 58.59 20.30
C ASP B 437 -13.18 58.49 21.79
N ARG B 438 -12.11 59.16 22.24
CA ARG B 438 -11.77 59.14 23.65
C ARG B 438 -12.88 59.77 24.49
N PHE B 439 -13.46 60.87 24.00
CA PHE B 439 -14.52 61.55 24.73
C PHE B 439 -15.77 60.66 24.82
N VAL B 440 -16.08 59.96 23.74
CA VAL B 440 -17.23 59.05 23.75
C VAL B 440 -17.02 57.94 24.77
N ASP B 441 -15.81 57.36 24.79
CA ASP B 441 -15.55 56.29 25.74
C ASP B 441 -15.62 56.79 27.18
N ALA B 442 -15.03 57.96 27.46
CA ALA B 442 -15.06 58.51 28.80
C ALA B 442 -16.47 58.90 29.21
N LEU B 443 -17.33 59.24 28.25
CA LEU B 443 -18.73 59.51 28.55
C LEU B 443 -19.46 58.23 28.93
N ASN B 444 -19.33 57.15 28.19
CA ASN B 444 -20.11 55.97 28.53
C ASN B 444 -19.83 55.34 29.83
N ALA B 445 -18.64 55.59 30.38
CA ALA B 445 -18.24 54.98 31.65
C ALA B 445 -18.75 55.77 32.84
N THR B 446 -18.79 57.10 32.69
CA THR B 446 -19.29 57.93 33.77
C THR B 446 -20.76 57.65 34.03
N ARG B 447 -21.52 57.43 32.98
CA ARG B 447 -22.93 57.12 33.13
C ARG B 447 -23.14 55.85 33.95
N ALA B 448 -22.42 54.78 33.62
CA ALA B 448 -22.53 53.52 34.35
C ALA B 448 -22.15 53.69 35.81
N ALA B 449 -21.14 54.49 36.08
CA ALA B 449 -20.71 54.73 37.46
C ALA B 449 -21.71 55.58 38.21
N VAL B 450 -22.39 56.48 37.50
CA VAL B 450 -23.39 57.34 38.14
C VAL B 450 -24.65 56.52 38.44
N GLU B 451 -24.86 55.44 37.69
CA GLU B 451 -26.04 54.61 37.88
C GLU B 451 -25.96 53.73 39.12
N GLU B 452 -24.85 53.02 39.31
CA GLU B 452 -24.76 52.07 40.41
C GLU B 452 -23.57 52.28 41.34
N GLY B 453 -22.47 52.86 40.88
CA GLY B 453 -21.33 53.12 41.72
C GLY B 453 -20.07 52.52 41.13
N THR B 454 -19.01 52.50 41.94
CA THR B 454 -17.71 51.99 41.52
C THR B 454 -17.15 51.06 42.59
N VAL B 455 -16.45 50.05 42.09
CA VAL B 455 -15.82 49.09 42.97
C VAL B 455 -14.31 48.98 42.55
N PRO B 456 -13.35 48.62 43.46
CA PRO B 456 -11.93 48.53 43.09
C PRO B 456 -11.72 47.64 41.86
N GLY B 457 -10.82 48.08 40.99
CA GLY B 457 -10.57 47.40 39.73
C GLY B 457 -9.49 46.34 39.86
N GLY B 458 -8.97 45.94 38.70
CA GLY B 458 -7.95 44.91 38.68
C GLY B 458 -8.46 43.51 38.92
N GLY B 459 -9.77 43.32 38.94
CA GLY B 459 -10.35 42.02 39.25
C GLY B 459 -10.42 41.69 40.72
N VAL B 460 -10.12 42.65 41.60
CA VAL B 460 -10.08 42.37 43.04
C VAL B 460 -11.45 42.47 43.70
N ALA B 461 -12.44 43.07 43.03
CA ALA B 461 -13.78 43.12 43.60
C ALA B 461 -14.37 41.72 43.73
N LEU B 462 -14.35 40.95 42.64
CA LEU B 462 -14.85 39.58 42.68
C LEU B 462 -14.00 38.71 43.61
N LEU B 463 -12.67 38.92 43.59
CA LEU B 463 -11.79 38.15 44.45
C LEU B 463 -12.11 38.38 45.92
N LYS B 464 -12.36 39.63 46.31
CA LYS B 464 -12.75 39.90 47.69
C LYS B 464 -14.15 39.40 48.00
N SER B 465 -15.05 39.44 47.01
CA SER B 465 -16.40 38.93 47.21
C SER B 465 -16.42 37.42 47.40
N THR B 466 -15.39 36.71 46.92
CA THR B 466 -15.34 35.27 47.14
C THR B 466 -15.27 34.88 48.61
N LYS B 467 -14.94 35.80 49.51
CA LYS B 467 -14.81 35.50 50.93
C LYS B 467 -16.14 35.45 51.66
N CYS B 468 -17.23 35.83 51.00
CA CYS B 468 -18.56 35.77 51.61
C CYS B 468 -19.31 34.50 51.27
N LEU B 469 -18.76 33.66 50.39
CA LEU B 469 -19.46 32.43 49.98
C LEU B 469 -19.34 31.32 51.02
N ASP B 470 -18.50 31.49 52.04
CA ASP B 470 -18.31 30.46 53.05
C ASP B 470 -19.33 30.61 54.18
N LYS B 471 -20.39 31.39 53.92
CA LYS B 471 -21.47 31.55 54.88
C LYS B 471 -22.80 31.03 54.36
N LEU B 472 -22.83 30.41 53.19
CA LEU B 472 -24.07 29.91 52.60
C LEU B 472 -24.39 28.54 53.17
N THR B 473 -25.69 28.23 53.26
CA THR B 473 -26.15 26.96 53.80
C THR B 473 -26.97 26.23 52.74
N PRO B 474 -26.35 25.44 51.88
CA PRO B 474 -27.13 24.68 50.89
C PRO B 474 -27.86 23.51 51.53
N GLY B 475 -28.94 23.10 50.87
CA GLY B 475 -29.72 21.96 51.29
C GLY B 475 -29.23 20.62 50.78
N ASN B 476 -28.18 20.67 49.95
CA ASN B 476 -27.68 19.44 49.32
C ASN B 476 -26.17 19.47 49.15
N PHE B 477 -25.58 18.31 48.89
CA PHE B 477 -24.15 18.22 48.67
C PHE B 477 -23.77 18.84 47.33
N ASP B 478 -24.64 18.68 46.34
CA ASP B 478 -24.35 19.19 45.00
C ASP B 478 -24.48 20.70 44.91
N GLN B 479 -25.41 21.30 45.65
CA GLN B 479 -25.48 22.74 45.70
C GLN B 479 -24.22 23.34 46.30
N GLN B 480 -23.65 22.67 47.31
CA GLN B 480 -22.36 23.11 47.84
C GLN B 480 -21.26 22.99 46.80
N LEU B 481 -21.31 21.94 45.97
CA LEU B 481 -20.35 21.82 44.88
C LEU B 481 -20.50 22.97 43.89
N GLY B 482 -21.73 23.37 43.59
CA GLY B 482 -21.94 24.52 42.73
C GLY B 482 -21.43 25.82 43.33
N ILE B 483 -21.64 26.00 44.63
CA ILE B 483 -21.11 27.18 45.32
C ILE B 483 -19.58 27.19 45.23
N ASN B 484 -18.96 26.04 45.44
CA ASN B 484 -17.51 25.93 45.30
C ASN B 484 -17.06 26.21 43.86
N ILE B 485 -17.86 25.79 42.88
CA ILE B 485 -17.55 26.09 41.49
C ILE B 485 -17.48 27.60 41.28
N ILE B 486 -18.50 28.31 41.77
CA ILE B 486 -18.52 29.77 41.61
C ILE B 486 -17.35 30.40 42.36
N LYS B 487 -17.07 29.91 43.56
CA LYS B 487 -15.99 30.47 44.36
C LYS B 487 -14.64 30.30 43.68
N SER B 488 -14.39 29.14 43.08
CA SER B 488 -13.15 28.93 42.35
C SER B 488 -13.11 29.77 41.07
N ALA B 489 -14.24 29.89 40.38
CA ALA B 489 -14.25 30.59 39.10
C ALA B 489 -14.07 32.09 39.27
N LEU B 490 -14.52 32.66 40.38
CA LEU B 490 -14.46 34.10 40.55
C LEU B 490 -13.06 34.63 40.88
N GLN B 491 -12.03 33.79 40.79
CA GLN B 491 -10.65 34.22 40.99
C GLN B 491 -9.87 34.34 39.69
N LYS B 492 -10.42 33.88 38.57
CA LYS B 492 -9.68 33.87 37.32
C LYS B 492 -9.30 35.25 36.79
N PRO B 493 -10.16 36.28 36.82
CA PRO B 493 -9.76 37.58 36.24
C PRO B 493 -8.49 38.17 36.85
N ALA B 494 -8.34 38.09 38.18
CA ALA B 494 -7.13 38.61 38.80
C ALA B 494 -5.91 37.79 38.43
N LYS B 495 -6.06 36.46 38.37
CA LYS B 495 -4.97 35.59 37.96
C LYS B 495 -4.52 35.93 36.53
N ILE B 496 -5.47 36.14 35.63
CA ILE B 496 -5.13 36.43 34.24
C ILE B 496 -4.50 37.81 34.12
N ILE B 497 -5.00 38.79 34.88
CA ILE B 497 -4.39 40.12 34.85
C ILE B 497 -2.95 40.06 35.34
N ALA B 498 -2.69 39.29 36.39
CA ALA B 498 -1.32 39.14 36.88
C ALA B 498 -0.45 38.38 35.88
N ASP B 499 -1.03 37.37 35.22
CA ASP B 499 -0.28 36.60 34.23
C ASP B 499 0.14 37.47 33.05
N ASN B 500 -0.76 38.36 32.58
CA ASN B 500 -0.44 39.23 31.48
C ASN B 500 0.71 40.18 31.83
N ALA B 501 0.84 40.53 33.12
CA ALA B 501 1.94 41.37 33.55
C ALA B 501 3.27 40.63 33.58
N GLY B 502 3.26 39.32 33.39
CA GLY B 502 4.47 38.52 33.41
C GLY B 502 4.72 37.77 34.70
N GLU B 503 3.87 37.94 35.71
CA GLU B 503 4.05 37.28 36.99
C GLU B 503 3.29 35.95 37.00
N GLU B 504 3.19 35.32 38.16
CA GLU B 504 2.40 34.11 38.35
C GLU B 504 1.12 34.49 39.08
N GLY B 505 -0.02 34.35 38.38
CA GLY B 505 -1.27 34.85 38.92
C GLY B 505 -1.69 34.16 40.20
N ALA B 506 -1.40 32.86 40.32
CA ALA B 506 -1.81 32.12 41.51
C ALA B 506 -1.12 32.66 42.76
N VAL B 507 0.17 32.96 42.66
CA VAL B 507 0.91 33.45 43.82
C VAL B 507 0.44 34.83 44.21
N ILE B 508 0.19 35.71 43.23
CA ILE B 508 -0.31 37.05 43.52
C ILE B 508 -1.68 36.96 44.19
N VAL B 509 -2.57 36.12 43.67
CA VAL B 509 -3.90 35.97 44.25
C VAL B 509 -3.80 35.43 45.67
N GLY B 510 -2.92 34.44 45.90
CA GLY B 510 -2.72 33.94 47.24
C GLY B 510 -2.22 35.00 48.20
N LYS B 511 -1.28 35.83 47.75
CA LYS B 511 -0.80 36.92 48.59
C LYS B 511 -1.91 37.91 48.92
N ILE B 512 -2.76 38.23 47.94
CA ILE B 512 -3.85 39.15 48.19
C ILE B 512 -4.88 38.52 49.15
N LEU B 513 -5.13 37.22 48.99
CA LEU B 513 -6.18 36.54 49.75
C LEU B 513 -5.71 36.01 51.10
N ASP B 514 -4.43 36.18 51.45
CA ASP B 514 -3.90 35.66 52.70
C ASP B 514 -3.74 36.73 53.76
N ASN B 515 -3.01 37.80 53.48
CA ASN B 515 -2.79 38.88 54.43
C ASN B 515 -3.59 40.10 53.98
N HIS B 516 -3.58 41.13 54.82
CA HIS B 516 -4.35 42.36 54.60
C HIS B 516 -5.83 42.02 54.39
N THR B 517 -6.38 41.30 55.36
CA THR B 517 -7.74 40.80 55.30
C THR B 517 -8.78 41.82 55.73
N ASP B 518 -8.37 43.01 56.15
CA ASP B 518 -9.28 44.07 56.58
C ASP B 518 -9.21 45.25 55.63
N ASP B 519 -8.95 44.98 54.36
CA ASP B 519 -8.85 46.03 53.33
C ASP B 519 -9.52 45.52 52.07
N PHE B 520 -10.74 46.00 51.80
CA PHE B 520 -11.45 45.64 50.58
C PHE B 520 -10.83 46.27 49.34
N ASN B 521 -10.02 47.31 49.51
CA ASN B 521 -9.49 48.05 48.38
C ASN B 521 -8.04 47.70 48.11
N TYR B 522 -7.55 46.63 48.72
CA TYR B 522 -6.12 46.28 48.63
C TYR B 522 -5.95 45.24 47.55
N GLY B 523 -4.96 45.46 46.68
CA GLY B 523 -4.75 44.54 45.58
C GLY B 523 -3.46 44.82 44.86
N TYR B 524 -3.34 44.25 43.67
CA TYR B 524 -2.12 44.30 42.86
C TYR B 524 -2.29 45.34 41.75
N ASP B 525 -1.40 46.34 41.76
CA ASP B 525 -1.29 47.30 40.67
C ASP B 525 -0.34 46.69 39.63
N ALA B 526 -0.91 46.14 38.55
CA ALA B 526 -0.09 45.48 37.55
C ALA B 526 0.71 46.48 36.72
N ALA B 527 0.19 47.70 36.55
CA ALA B 527 0.90 48.70 35.77
C ALA B 527 2.23 49.06 36.40
N LYS B 528 2.24 49.25 37.73
CA LYS B 528 3.47 49.53 38.46
C LYS B 528 4.05 48.30 39.15
N SER B 529 3.41 47.14 39.00
CA SER B 529 3.88 45.89 39.62
C SER B 529 4.06 46.05 41.12
N GLU B 530 3.07 46.67 41.76
CA GLU B 530 3.13 46.99 43.19
C GLU B 530 1.90 46.42 43.89
N TYR B 531 1.88 46.54 45.21
CA TYR B 531 0.73 46.18 46.02
C TYR B 531 0.25 47.42 46.75
N GLY B 532 -1.07 47.54 46.90
CA GLY B 532 -1.60 48.64 47.68
C GLY B 532 -3.06 48.88 47.41
N ASP B 533 -3.54 50.01 47.89
CA ASP B 533 -4.94 50.41 47.72
C ASP B 533 -5.18 50.82 46.28
N LEU B 534 -6.03 50.07 45.59
CA LEU B 534 -6.27 50.33 44.17
C LEU B 534 -7.16 51.55 43.95
N VAL B 535 -8.08 51.83 44.87
CA VAL B 535 -8.94 53.01 44.71
C VAL B 535 -8.13 54.28 44.84
N SER B 536 -7.14 54.30 45.72
CA SER B 536 -6.28 55.48 45.85
C SER B 536 -5.49 55.74 44.57
N ARG B 537 -5.17 54.69 43.83
CA ARG B 537 -4.43 54.82 42.57
C ARG B 537 -5.35 55.02 41.37
N GLY B 538 -6.66 55.08 41.59
CA GLY B 538 -7.58 55.31 40.50
C GLY B 538 -7.93 54.09 39.68
N ILE B 539 -7.70 52.89 40.20
CA ILE B 539 -8.03 51.66 39.49
C ILE B 539 -9.39 51.20 40.03
N VAL B 540 -10.46 51.70 39.40
CA VAL B 540 -11.82 51.35 39.76
C VAL B 540 -12.60 51.02 38.50
N ASP B 541 -13.67 50.25 38.66
CA ASP B 541 -14.57 49.92 37.57
C ASP B 541 -16.00 50.00 38.07
N PRO B 542 -16.95 50.32 37.19
CA PRO B 542 -18.35 50.43 37.62
C PRO B 542 -18.91 49.11 38.12
N LEU B 543 -19.80 49.20 39.10
CA LEU B 543 -20.49 48.00 39.58
C LEU B 543 -21.39 47.41 38.51
N LYS B 544 -21.95 48.25 37.64
CA LYS B 544 -22.88 47.78 36.62
C LYS B 544 -22.22 46.76 35.69
N VAL B 545 -21.02 47.07 35.21
CA VAL B 545 -20.39 46.19 34.23
C VAL B 545 -20.00 44.86 34.86
N VAL B 546 -19.47 44.87 36.09
CA VAL B 546 -19.07 43.63 36.73
C VAL B 546 -20.28 42.80 37.09
N ARG B 547 -21.36 43.44 37.54
CA ARG B 547 -22.58 42.70 37.86
C ARG B 547 -23.18 42.08 36.61
N THR B 548 -23.26 42.83 35.51
CA THR B 548 -23.81 42.30 34.27
C THR B 548 -22.96 41.15 33.74
N ALA B 549 -21.62 41.31 33.78
CA ALA B 549 -20.74 40.25 33.31
C ALA B 549 -20.93 38.99 34.14
N LEU B 550 -20.97 39.13 35.47
CA LEU B 550 -21.14 37.97 36.33
C LEU B 550 -22.46 37.27 36.06
N VAL B 551 -23.55 38.03 35.98
CA VAL B 551 -24.87 37.41 35.81
C VAL B 551 -24.97 36.71 34.46
N ASP B 552 -24.51 37.37 33.40
CA ASP B 552 -24.62 36.77 32.06
C ASP B 552 -23.72 35.56 31.92
N ALA B 553 -22.49 35.62 32.44
CA ALA B 553 -21.59 34.47 32.37
C ALA B 553 -22.17 33.30 33.15
N SER B 554 -22.70 33.55 34.34
CA SER B 554 -23.29 32.48 35.14
C SER B 554 -24.46 31.84 34.41
N GLY B 555 -25.34 32.67 33.83
CA GLY B 555 -26.50 32.13 33.15
C GLY B 555 -26.14 31.30 31.94
N VAL B 556 -25.23 31.81 31.11
CA VAL B 556 -24.86 31.08 29.90
C VAL B 556 -24.08 29.81 30.24
N ALA B 557 -23.26 29.85 31.29
CA ALA B 557 -22.52 28.65 31.69
C ALA B 557 -23.47 27.58 32.23
N SER B 558 -24.47 27.99 33.02
CA SER B 558 -25.47 27.03 33.49
C SER B 558 -26.25 26.43 32.33
N LEU B 559 -26.63 27.27 31.36
CA LEU B 559 -27.35 26.78 30.19
C LEU B 559 -26.50 25.78 29.40
N LEU B 560 -25.21 26.07 29.24
CA LEU B 560 -24.33 25.15 28.53
C LEU B 560 -24.16 23.84 29.28
N THR B 561 -24.06 23.91 30.61
CA THR B 561 -23.93 22.70 31.42
C THR B 561 -25.18 21.84 31.34
N THR B 562 -26.36 22.47 31.32
CA THR B 562 -27.61 21.72 31.28
C THR B 562 -27.86 21.05 29.92
N THR B 563 -27.22 21.54 28.86
CA THR B 563 -27.49 21.03 27.51
C THR B 563 -27.18 19.55 27.41
N GLU B 564 -28.11 18.80 26.81
CA GLU B 564 -27.99 17.35 26.69
C GLU B 564 -27.91 16.85 25.26
N CYS B 565 -28.29 17.65 24.27
CA CYS B 565 -28.22 17.24 22.88
C CYS B 565 -27.92 18.46 22.02
N THR B 566 -27.10 18.28 21.00
CA THR B 566 -26.75 19.36 20.08
C THR B 566 -26.87 18.85 18.64
N ILE B 567 -27.52 19.65 17.80
CA ILE B 567 -27.81 19.28 16.41
C ILE B 567 -27.19 20.31 15.50
N THR B 568 -26.39 19.86 14.54
CA THR B 568 -25.81 20.72 13.52
C THR B 568 -26.11 20.17 12.13
N GLU B 569 -25.55 20.78 11.10
CA GLU B 569 -25.75 20.35 9.73
C GLU B 569 -24.54 19.55 9.25
N ALA B 570 -24.81 18.49 8.50
CA ALA B 570 -23.73 17.67 7.96
C ALA B 570 -23.00 18.44 6.87
N PRO B 571 -21.66 18.53 6.91
CA PRO B 571 -20.87 19.26 5.92
C PRO B 571 -21.01 18.67 4.52
N THR C 44 -16.93 33.00 7.38
CA THR C 44 -15.51 32.69 7.23
C THR C 44 -15.00 31.85 8.40
N HIS C 45 -13.98 31.03 8.13
CA HIS C 45 -13.38 30.16 9.12
C HIS C 45 -11.93 30.56 9.33
N LYS C 46 -11.50 30.57 10.59
CA LYS C 46 -10.20 31.08 10.97
C LYS C 46 -9.33 29.99 11.58
N GLU C 47 -8.02 30.24 11.57
CA GLU C 47 -7.03 29.39 12.22
C GLU C 47 -6.26 30.23 13.23
N LEU C 48 -6.05 29.68 14.41
CA LEU C 48 -5.45 30.40 15.51
C LEU C 48 -4.18 29.71 15.98
N LYS C 49 -3.14 30.51 16.25
CA LYS C 49 -1.90 30.02 16.84
C LYS C 49 -1.59 30.83 18.08
N PHE C 50 -1.13 30.15 19.13
CA PHE C 50 -0.90 30.76 20.43
C PHE C 50 0.55 30.55 20.85
N GLY C 51 1.14 31.58 21.45
CA GLY C 51 2.42 31.45 22.12
C GLY C 51 3.62 31.18 21.24
N VAL C 52 4.31 30.08 21.52
CA VAL C 52 5.62 29.83 20.91
C VAL C 52 5.48 29.51 19.42
N GLU C 53 4.45 28.74 19.04
CA GLU C 53 4.34 28.32 17.64
C GLU C 53 4.02 29.50 16.71
N GLY C 54 3.13 30.39 17.15
CA GLY C 54 2.83 31.56 16.34
C GLY C 54 4.04 32.46 16.17
N ARG C 55 4.78 32.69 17.26
CA ARG C 55 6.00 33.48 17.18
C ARG C 55 7.04 32.80 16.31
N ALA C 56 7.10 31.47 16.33
CA ALA C 56 8.03 30.75 15.47
C ALA C 56 7.68 30.95 13.99
N SER C 57 6.40 30.89 13.65
CA SER C 57 6.00 31.14 12.27
C SER C 57 6.29 32.57 11.85
N LEU C 58 6.00 33.54 12.72
CA LEU C 58 6.32 34.93 12.41
C LEU C 58 7.82 35.12 12.23
N LEU C 59 8.63 34.46 13.06
CA LEU C 59 10.08 34.54 12.94
C LEU C 59 10.56 33.91 11.64
N LYS C 60 9.93 32.82 11.20
CA LYS C 60 10.28 32.24 9.91
C LYS C 60 10.03 33.22 8.78
N GLY C 61 8.87 33.89 8.81
CA GLY C 61 8.57 34.87 7.77
C GLY C 61 9.55 36.03 7.77
N VAL C 62 9.82 36.59 8.94
CA VAL C 62 10.75 37.71 9.05
C VAL C 62 12.16 37.27 8.65
N ASP C 63 12.52 36.03 8.97
CA ASP C 63 13.83 35.50 8.59
C ASP C 63 13.96 35.43 7.07
N ILE C 64 12.94 34.92 6.40
CA ILE C 64 12.99 34.83 4.94
C ILE C 64 13.12 36.22 4.34
N LEU C 65 12.29 37.17 4.81
CA LEU C 65 12.33 38.52 4.26
C LEU C 65 13.69 39.17 4.47
N ALA C 66 14.23 39.09 5.69
CA ALA C 66 15.51 39.73 5.99
C ALA C 66 16.65 39.06 5.22
N LYS C 67 16.61 37.73 5.10
CA LYS C 67 17.65 37.05 4.33
C LYS C 67 17.64 37.47 2.87
N ALA C 68 16.44 37.63 2.30
CA ALA C 68 16.36 38.09 0.92
C ALA C 68 16.85 39.52 0.77
N VAL C 69 16.53 40.39 1.73
CA VAL C 69 16.85 41.82 1.57
C VAL C 69 18.30 42.12 1.91
N ALA C 70 18.92 41.36 2.82
CA ALA C 70 20.23 41.73 3.35
C ALA C 70 21.35 41.59 2.34
N VAL C 71 21.19 40.77 1.30
CA VAL C 71 22.26 40.56 0.34
C VAL C 71 22.55 41.78 -0.52
N THR C 72 21.69 42.80 -0.48
CA THR C 72 21.84 43.98 -1.31
C THR C 72 22.36 45.18 -0.53
N LEU C 73 22.88 44.97 0.67
CA LEU C 73 23.32 46.08 1.52
C LEU C 73 24.82 46.29 1.38
N GLY C 74 25.23 47.53 1.17
CA GLY C 74 26.62 47.87 1.05
C GLY C 74 27.06 48.13 -0.38
N PRO C 75 28.25 48.69 -0.55
CA PRO C 75 28.78 48.89 -1.91
C PRO C 75 28.95 47.60 -2.69
N LYS C 76 29.27 46.50 -2.00
CA LYS C 76 29.46 45.20 -2.63
C LYS C 76 28.24 44.29 -2.49
N GLY C 77 27.04 44.87 -2.49
CA GLY C 77 25.85 44.06 -2.39
C GLY C 77 25.67 43.16 -3.60
N ARG C 78 25.10 41.99 -3.35
CA ARG C 78 24.92 40.99 -4.40
C ARG C 78 23.66 41.29 -5.21
N ASN C 79 23.43 40.48 -6.24
CA ASN C 79 22.32 40.67 -7.16
C ASN C 79 21.15 39.78 -6.76
N VAL C 80 19.95 40.24 -7.09
CA VAL C 80 18.72 39.47 -6.90
C VAL C 80 18.01 39.35 -8.24
N LEU C 81 17.64 38.13 -8.60
CA LEU C 81 16.89 37.86 -9.83
C LEU C 81 15.41 37.72 -9.49
N ILE C 82 14.59 38.59 -10.05
CA ILE C 82 13.14 38.54 -9.85
C ILE C 82 12.49 38.21 -11.18
N GLU C 83 11.66 37.17 -11.18
CA GLU C 83 11.03 36.66 -12.40
C GLU C 83 9.67 37.29 -12.59
N GLN C 84 9.44 37.84 -13.79
CA GLN C 84 8.17 38.41 -14.23
C GLN C 84 7.31 37.35 -14.92
N PRO C 85 5.98 37.48 -14.84
CA PRO C 85 5.12 36.49 -15.50
C PRO C 85 5.39 36.36 -17.00
N TYR C 86 5.69 37.49 -17.63
CA TYR C 86 6.02 37.50 -19.06
C TYR C 86 7.08 38.57 -19.25
N GLY C 87 8.23 38.20 -19.81
CA GLY C 87 9.31 39.15 -20.03
C GLY C 87 10.61 38.66 -19.44
N SER C 88 11.67 39.41 -19.74
CA SER C 88 12.99 39.07 -19.28
C SER C 88 13.09 39.24 -17.77
N PRO C 89 13.90 38.41 -17.10
CA PRO C 89 14.04 38.55 -15.64
C PRO C 89 14.70 39.87 -15.27
N LYS C 90 14.34 40.36 -14.09
CA LYS C 90 14.85 41.63 -13.58
C LYS C 90 16.00 41.39 -12.62
N ILE C 91 17.10 42.12 -12.83
CA ILE C 91 18.28 42.04 -11.99
C ILE C 91 18.32 43.29 -11.14
N THR C 92 18.27 43.13 -9.82
CA THR C 92 18.15 44.27 -8.92
C THR C 92 19.17 44.17 -7.78
N LYS C 93 19.72 45.33 -7.41
CA LYS C 93 20.55 45.50 -6.23
C LYS C 93 19.88 46.40 -5.19
N ASP C 94 18.58 46.65 -5.35
CA ASP C 94 17.85 47.62 -4.55
C ASP C 94 17.02 46.91 -3.49
N GLY C 95 17.21 47.31 -2.23
CA GLY C 95 16.57 46.59 -1.14
C GLY C 95 15.05 46.73 -1.12
N VAL C 96 14.55 47.94 -1.38
CA VAL C 96 13.11 48.15 -1.33
C VAL C 96 12.40 47.42 -2.47
N THR C 97 13.04 47.37 -3.65
CA THR C 97 12.47 46.62 -4.76
C THR C 97 12.37 45.13 -4.43
N VAL C 98 13.41 44.58 -3.82
CA VAL C 98 13.38 43.17 -3.40
C VAL C 98 12.32 42.95 -2.33
N ALA C 99 12.20 43.87 -1.37
CA ALA C 99 11.25 43.72 -0.28
C ALA C 99 9.81 43.78 -0.77
N LYS C 100 9.51 44.64 -1.75
CA LYS C 100 8.16 44.82 -2.23
C LYS C 100 7.66 43.65 -3.07
N SER C 101 8.53 42.71 -3.44
CA SER C 101 8.16 41.60 -4.31
C SER C 101 8.20 40.25 -3.61
N ILE C 102 8.03 40.22 -2.28
CA ILE C 102 8.10 38.98 -1.52
C ILE C 102 6.72 38.71 -0.93
N SER C 103 6.17 37.53 -1.23
CA SER C 103 4.93 37.06 -0.64
C SER C 103 5.08 35.58 -0.35
N LEU C 104 4.64 35.17 0.84
CA LEU C 104 4.80 33.80 1.30
C LEU C 104 3.46 33.07 1.25
N LYS C 105 3.56 31.78 0.99
CA LYS C 105 2.41 30.92 0.90
C LYS C 105 1.79 30.62 2.19
N ASP C 106 2.58 30.38 3.20
CA ASP C 106 2.10 30.17 4.56
C ASP C 106 1.55 31.47 5.14
N LYS C 107 0.44 31.37 5.85
CA LYS C 107 -0.31 32.56 6.26
C LYS C 107 0.38 33.32 7.39
N PHE C 108 0.90 32.62 8.39
CA PHE C 108 1.48 33.31 9.55
C PHE C 108 2.84 33.91 9.22
N GLU C 109 3.65 33.18 8.45
CA GLU C 109 4.92 33.73 7.98
C GLU C 109 4.68 34.94 7.08
N ASN C 110 3.66 34.85 6.21
CA ASN C 110 3.30 36.00 5.40
C ASN C 110 2.81 37.16 6.25
N LEU C 111 2.14 36.88 7.37
CA LEU C 111 1.68 37.93 8.26
C LEU C 111 2.86 38.68 8.87
N GLY C 112 3.84 37.93 9.38
CA GLY C 112 5.04 38.57 9.92
C GLY C 112 5.80 39.37 8.87
N ALA C 113 5.98 38.77 7.69
CA ALA C 113 6.68 39.46 6.60
C ALA C 113 5.93 40.72 6.19
N ARG C 114 4.60 40.66 6.17
CA ARG C 114 3.81 41.82 5.80
C ARG C 114 3.97 42.94 6.82
N LEU C 115 3.92 42.59 8.09
CA LEU C 115 4.11 43.60 9.13
C LEU C 115 5.46 44.30 8.99
N VAL C 116 6.53 43.51 8.82
CA VAL C 116 7.85 44.11 8.68
C VAL C 116 7.94 44.91 7.38
N GLN C 117 7.31 44.43 6.30
CA GLN C 117 7.30 45.15 5.04
C GLN C 117 6.61 46.49 5.17
N ASP C 118 5.47 46.52 5.87
CA ASP C 118 4.76 47.78 6.08
C ASP C 118 5.62 48.77 6.86
N VAL C 119 6.27 48.30 7.93
CA VAL C 119 7.09 49.21 8.73
C VAL C 119 8.29 49.72 7.91
N ALA C 120 8.94 48.84 7.15
CA ALA C 120 10.06 49.25 6.33
C ALA C 120 9.64 50.24 5.24
N ASN C 121 8.50 49.99 4.59
CA ASN C 121 8.00 50.93 3.60
C ASN C 121 7.68 52.28 4.23
N LYS C 122 7.09 52.28 5.43
CA LYS C 122 6.77 53.53 6.09
C LYS C 122 8.02 54.32 6.43
N THR C 123 9.06 53.66 6.96
CA THR C 123 10.27 54.39 7.30
C THR C 123 11.00 54.87 6.05
N ASN C 124 10.97 54.07 4.97
CA ASN C 124 11.57 54.52 3.72
C ASN C 124 10.85 55.74 3.16
N GLU C 125 9.51 55.75 3.24
CA GLU C 125 8.76 56.89 2.76
C GLU C 125 9.02 58.13 3.63
N VAL C 126 9.10 57.95 4.94
CA VAL C 126 9.28 59.08 5.85
C VAL C 126 10.67 59.70 5.68
N ALA C 127 11.71 58.85 5.69
CA ALA C 127 13.08 59.34 5.72
C ALA C 127 13.76 59.41 4.36
N GLY C 128 13.31 58.60 3.40
CA GLY C 128 13.96 58.56 2.10
C GLY C 128 14.62 57.23 1.82
N ASP C 129 15.22 56.62 2.85
CA ASP C 129 15.86 55.33 2.74
C ASP C 129 15.92 54.69 4.12
N GLY C 130 16.50 53.50 4.17
CA GLY C 130 16.63 52.75 5.39
C GLY C 130 15.79 51.49 5.50
N THR C 131 15.32 50.93 4.38
CA THR C 131 14.51 49.72 4.42
C THR C 131 15.35 48.51 4.83
N THR C 132 16.51 48.35 4.21
CA THR C 132 17.34 47.17 4.50
C THR C 132 17.83 47.18 5.94
N THR C 133 18.30 48.33 6.42
CA THR C 133 18.79 48.42 7.79
C THR C 133 17.67 48.15 8.79
N ALA C 134 16.49 48.73 8.54
CA ALA C 134 15.36 48.50 9.44
C ALA C 134 14.96 47.03 9.46
N THR C 135 14.92 46.39 8.28
CA THR C 135 14.57 44.97 8.23
C THR C 135 15.60 44.12 8.98
N ILE C 136 16.89 44.42 8.80
CA ILE C 136 17.93 43.64 9.46
C ILE C 136 17.84 43.80 10.97
N LEU C 137 17.66 45.03 11.43
CA LEU C 137 17.55 45.28 12.87
C LEU C 137 16.31 44.63 13.45
N THR C 138 15.20 44.67 12.71
CA THR C 138 13.98 44.00 13.16
C THR C 138 14.22 42.51 13.32
N ARG C 139 14.85 41.88 12.32
CA ARG C 139 15.10 40.45 12.40
C ARG C 139 15.99 40.12 13.59
N ALA C 140 17.05 40.88 13.79
CA ALA C 140 17.98 40.61 14.88
C ALA C 140 17.29 40.74 16.24
N ILE C 141 16.60 41.86 16.47
CA ILE C 141 15.96 42.09 17.75
C ILE C 141 14.87 41.05 18.01
N PHE C 142 14.07 40.73 16.98
CA PHE C 142 12.98 39.78 17.16
C PHE C 142 13.53 38.39 17.48
N ALA C 143 14.57 37.95 16.77
CA ALA C 143 15.14 36.63 17.03
C ALA C 143 15.73 36.56 18.43
N GLU C 144 16.47 37.60 18.83
CA GLU C 144 17.08 37.57 20.16
C GLU C 144 16.03 37.63 21.26
N GLY C 145 14.97 38.42 21.07
CA GLY C 145 13.89 38.45 22.04
C GLY C 145 13.16 37.13 22.15
N VAL C 146 12.95 36.46 21.01
CA VAL C 146 12.34 35.14 21.04
C VAL C 146 13.21 34.17 21.84
N LYS C 147 14.52 34.20 21.60
CA LYS C 147 15.42 33.33 22.35
C LYS C 147 15.37 33.62 23.85
N ASN C 148 15.40 34.90 24.22
CA ASN C 148 15.39 35.26 25.63
C ASN C 148 14.06 34.89 26.30
N VAL C 149 12.95 35.06 25.59
CA VAL C 149 11.65 34.64 26.13
C VAL C 149 11.61 33.14 26.33
N ALA C 150 12.12 32.38 25.35
CA ALA C 150 12.19 30.94 25.51
C ALA C 150 13.07 30.54 26.67
N ALA C 151 14.11 31.33 26.96
CA ALA C 151 14.97 31.06 28.11
C ALA C 151 14.26 31.26 29.45
N GLY C 152 13.08 31.87 29.45
CA GLY C 152 12.32 32.03 30.68
C GLY C 152 12.40 33.43 31.26
N CYS C 153 12.25 34.44 30.41
CA CYS C 153 12.35 35.83 30.81
C CYS C 153 11.01 36.55 30.59
N ASN C 154 10.88 37.71 31.24
CA ASN C 154 9.65 38.49 31.17
C ASN C 154 9.70 39.41 29.96
N PRO C 155 8.80 39.25 28.99
CA PRO C 155 8.85 40.11 27.78
C PRO C 155 8.67 41.60 28.07
N MET C 156 7.89 41.96 29.08
CA MET C 156 7.67 43.38 29.36
C MET C 156 8.95 44.07 29.82
N ASP C 157 9.73 43.41 30.67
CA ASP C 157 11.00 43.99 31.10
C ASP C 157 12.00 44.02 29.95
N LEU C 158 11.95 43.02 29.06
CA LEU C 158 12.73 43.09 27.84
C LEU C 158 12.38 44.32 27.02
N ARG C 159 11.09 44.59 26.88
CA ARG C 159 10.64 45.77 26.15
C ARG C 159 11.15 47.06 26.80
N ARG C 160 11.07 47.13 28.13
CA ARG C 160 11.54 48.32 28.84
C ARG C 160 13.04 48.52 28.63
N GLY C 161 13.82 47.43 28.74
CA GLY C 161 15.25 47.55 28.51
C GLY C 161 15.60 47.94 27.09
N VAL C 162 14.88 47.39 26.12
CA VAL C 162 15.10 47.75 24.72
C VAL C 162 14.79 49.24 24.50
N GLN C 163 13.69 49.72 25.08
CA GLN C 163 13.36 51.13 24.96
C GLN C 163 14.44 52.02 25.57
N MET C 164 14.92 51.65 26.76
CA MET C 164 15.95 52.46 27.41
C MET C 164 17.24 52.48 26.59
N ALA C 165 17.64 51.32 26.06
CA ALA C 165 18.84 51.26 25.24
C ALA C 165 18.68 52.09 23.97
N VAL C 166 17.51 52.01 23.33
CA VAL C 166 17.30 52.78 22.10
C VAL C 166 17.33 54.27 22.39
N ASP C 167 16.73 54.70 23.50
CA ASP C 167 16.79 56.11 23.87
C ASP C 167 18.23 56.57 24.10
N SER C 168 19.02 55.75 24.80
CA SER C 168 20.42 56.09 25.02
C SER C 168 21.19 56.20 23.72
N ILE C 169 20.96 55.26 22.79
CA ILE C 169 21.65 55.28 21.51
C ILE C 169 21.27 56.53 20.72
N VAL C 170 19.98 56.88 20.71
CA VAL C 170 19.53 58.05 19.98
C VAL C 170 20.16 59.32 20.56
N LYS C 171 20.21 59.40 21.89
CA LYS C 171 20.83 60.57 22.52
C LYS C 171 22.31 60.67 22.15
N PHE C 172 23.03 59.55 22.19
CA PHE C 172 24.44 59.57 21.83
C PHE C 172 24.63 59.99 20.37
N LEU C 173 23.82 59.45 19.46
CA LEU C 173 23.95 59.77 18.05
C LEU C 173 23.64 61.24 17.79
N ARG C 174 22.61 61.78 18.45
CA ARG C 174 22.31 63.20 18.31
C ARG C 174 23.44 64.06 18.87
N GLU C 175 24.09 63.61 19.94
CA GLU C 175 25.23 64.35 20.48
C GLU C 175 26.40 64.36 19.51
N LYS C 176 26.64 63.25 18.82
CA LYS C 176 27.80 63.12 17.95
C LYS C 176 27.55 63.52 16.50
N SER C 177 26.37 64.05 16.19
CA SER C 177 26.05 64.41 14.82
C SER C 177 26.79 65.69 14.41
N ARG C 178 27.01 65.83 13.10
CA ARG C 178 27.64 67.01 12.53
C ARG C 178 26.60 67.81 11.74
N VAL C 179 26.34 69.03 12.17
CA VAL C 179 25.34 69.89 11.53
C VAL C 179 26.00 70.66 10.40
N ILE C 180 25.25 70.86 9.32
CA ILE C 180 25.72 71.60 8.15
C ILE C 180 24.80 72.80 7.95
N THR C 181 25.39 74.00 7.89
CA THR C 181 24.63 75.23 7.77
C THR C 181 24.97 76.04 6.54
N THR C 182 26.25 76.29 6.27
CA THR C 182 26.62 77.19 5.19
C THR C 182 26.52 76.50 3.83
N SER C 183 26.60 77.31 2.77
CA SER C 183 26.35 76.81 1.42
C SER C 183 27.43 75.84 0.96
N GLU C 184 28.68 76.04 1.39
CA GLU C 184 29.75 75.15 0.94
C GLU C 184 29.55 73.73 1.47
N GLU C 185 29.12 73.59 2.73
CA GLU C 185 28.87 72.26 3.27
C GLU C 185 27.66 71.62 2.61
N ILE C 186 26.63 72.41 2.29
CA ILE C 186 25.49 71.87 1.57
C ILE C 186 25.91 71.38 0.19
N ALA C 187 26.77 72.15 -0.50
CA ALA C 187 27.26 71.73 -1.81
C ALA C 187 28.07 70.45 -1.70
N GLN C 188 28.93 70.35 -0.68
CA GLN C 188 29.73 69.14 -0.50
C GLN C 188 28.85 67.94 -0.21
N VAL C 189 27.84 68.11 0.65
CA VAL C 189 26.94 67.01 0.98
C VAL C 189 26.18 66.56 -0.26
N ALA C 190 25.68 67.51 -1.05
CA ALA C 190 24.96 67.15 -2.28
C ALA C 190 25.88 66.48 -3.29
N THR C 191 27.15 66.91 -3.38
CA THR C 191 28.09 66.25 -4.27
C THR C 191 28.35 64.81 -3.84
N ILE C 192 28.52 64.59 -2.54
CA ILE C 192 28.71 63.23 -2.03
C ILE C 192 27.48 62.39 -2.31
N SER C 193 26.30 62.95 -2.08
CA SER C 193 25.05 62.21 -2.33
C SER C 193 24.81 61.95 -3.81
N ALA C 194 25.53 62.63 -4.69
CA ALA C 194 25.38 62.45 -6.13
C ALA C 194 26.49 61.59 -6.72
N ASN C 195 27.13 60.76 -5.91
CA ASN C 195 28.23 59.90 -6.34
C ASN C 195 29.37 60.71 -6.96
N GLY C 196 29.73 61.80 -6.27
CA GLY C 196 30.84 62.63 -6.71
C GLY C 196 30.54 63.58 -7.85
N ASP C 197 29.28 63.81 -8.16
CA ASP C 197 28.91 64.72 -9.23
C ASP C 197 28.93 66.15 -8.73
N THR C 198 29.87 66.96 -9.25
CA THR C 198 29.99 68.34 -8.80
C THR C 198 28.88 69.22 -9.35
N HIS C 199 28.42 68.97 -10.58
CA HIS C 199 27.37 69.80 -11.16
C HIS C 199 26.07 69.69 -10.37
N VAL C 200 25.70 68.46 -9.98
CA VAL C 200 24.47 68.28 -9.22
C VAL C 200 24.56 68.95 -7.86
N GLY C 201 25.72 68.81 -7.20
CA GLY C 201 25.90 69.44 -5.91
C GLY C 201 25.85 70.96 -6.00
N LYS C 202 26.44 71.53 -7.05
CA LYS C 202 26.38 72.98 -7.23
C LYS C 202 24.97 73.44 -7.52
N LEU C 203 24.23 72.69 -8.35
CA LEU C 203 22.86 73.07 -8.68
C LEU C 203 21.96 73.01 -7.45
N ILE C 204 22.10 71.97 -6.63
CA ILE C 204 21.25 71.82 -5.46
C ILE C 204 21.52 72.94 -4.46
N ALA C 205 22.74 73.16 -4.07
CA ALA C 205 23.08 74.16 -3.12
C ALA C 205 22.63 75.50 -3.46
N ASN C 206 22.14 75.73 -4.67
CA ASN C 206 21.72 77.04 -5.11
C ASN C 206 20.24 77.16 -5.04
N ALA C 207 19.56 76.12 -5.45
CA ALA C 207 18.11 76.15 -5.33
C ALA C 207 17.70 76.37 -3.88
N MET C 208 18.33 75.64 -2.95
CA MET C 208 18.03 75.79 -1.54
C MET C 208 18.69 77.01 -0.93
N GLU C 209 19.60 77.67 -1.66
CA GLU C 209 19.98 79.03 -1.31
C GLU C 209 18.86 80.02 -1.64
N LYS C 210 18.25 79.85 -2.82
CA LYS C 210 17.21 80.77 -3.26
C LYS C 210 15.95 80.64 -2.40
N VAL C 211 15.45 79.42 -2.23
CA VAL C 211 14.19 79.21 -1.52
C VAL C 211 14.39 78.94 -0.03
N GLY C 212 15.62 78.78 0.43
CA GLY C 212 15.89 78.41 1.80
C GLY C 212 15.96 76.91 1.98
N LYS C 213 16.35 76.50 3.19
CA LYS C 213 16.43 75.08 3.50
C LYS C 213 15.05 74.43 3.50
N GLU C 214 14.03 75.17 3.94
CA GLU C 214 12.67 74.67 4.04
C GLU C 214 11.83 74.95 2.80
N GLY C 215 12.43 75.50 1.75
CA GLY C 215 11.68 75.85 0.57
C GLY C 215 11.26 74.63 -0.23
N VAL C 216 10.57 74.90 -1.34
CA VAL C 216 10.11 73.85 -2.24
C VAL C 216 11.03 73.81 -3.45
N ILE C 217 11.65 72.65 -3.67
CA ILE C 217 12.49 72.40 -4.83
C ILE C 217 11.96 71.18 -5.55
N THR C 218 11.79 71.29 -6.87
CA THR C 218 11.29 70.19 -7.67
C THR C 218 12.16 70.04 -8.92
N VAL C 219 12.11 68.83 -9.50
CA VAL C 219 12.96 68.48 -10.63
C VAL C 219 12.06 68.08 -11.80
N LYS C 220 12.30 68.68 -12.95
CA LYS C 220 11.51 68.40 -14.15
C LYS C 220 12.45 68.23 -15.33
N GLU C 221 11.90 67.67 -16.41
CA GLU C 221 12.67 67.45 -17.64
C GLU C 221 12.93 68.79 -18.35
N GLY C 222 14.10 68.88 -18.98
CA GLY C 222 14.47 70.09 -19.68
C GLY C 222 14.31 70.00 -21.18
N LYS C 223 14.41 71.16 -21.83
CA LYS C 223 14.27 71.26 -23.27
C LYS C 223 15.59 71.30 -24.01
N THR C 224 16.72 71.34 -23.30
CA THR C 224 18.01 71.65 -23.89
C THR C 224 19.05 70.73 -23.28
N ILE C 225 20.33 71.09 -23.47
CA ILE C 225 21.42 70.28 -22.93
C ILE C 225 21.87 70.79 -21.56
N GLU C 226 22.00 72.10 -21.39
CA GLU C 226 22.46 72.65 -20.13
C GLU C 226 21.33 72.66 -19.10
N ASP C 227 21.73 72.68 -17.84
CA ASP C 227 20.81 72.55 -16.71
C ASP C 227 20.32 73.92 -16.26
N GLU C 228 19.02 74.00 -15.97
CA GLU C 228 18.43 75.29 -15.67
C GLU C 228 17.84 75.28 -14.26
N LEU C 229 17.90 76.43 -13.60
CA LEU C 229 17.30 76.64 -12.29
C LEU C 229 16.46 77.90 -12.35
N GLU C 230 15.15 77.76 -12.17
CA GLU C 230 14.26 78.91 -12.30
C GLU C 230 13.34 78.99 -11.08
N ILE C 231 13.12 80.20 -10.58
CA ILE C 231 12.20 80.45 -9.50
C ILE C 231 10.86 80.88 -10.08
N THR C 232 9.81 80.13 -9.78
CA THR C 232 8.48 80.43 -10.29
C THR C 232 7.52 80.63 -9.13
N GLU C 233 6.26 80.87 -9.48
CA GLU C 233 5.18 80.94 -8.51
C GLU C 233 4.51 79.58 -8.44
N GLY C 234 4.23 79.10 -7.23
CA GLY C 234 3.58 77.83 -7.04
C GLY C 234 3.48 77.54 -5.57
N MET C 235 2.89 76.39 -5.25
CA MET C 235 2.73 76.05 -3.84
C MET C 235 2.33 74.60 -3.70
N ARG C 236 2.52 74.07 -2.49
CA ARG C 236 2.38 72.65 -2.20
C ARG C 236 1.38 72.44 -1.07
N PHE C 237 0.62 71.34 -1.15
CA PHE C 237 -0.20 70.87 -0.06
C PHE C 237 0.17 69.44 0.30
N ASP C 238 -0.22 69.05 1.50
CA ASP C 238 0.01 67.71 2.03
C ASP C 238 -1.15 66.76 1.74
N ARG C 239 -1.91 67.00 0.68
CA ARG C 239 -2.98 66.11 0.25
C ARG C 239 -2.71 65.60 -1.15
N GLY C 240 -2.73 64.28 -1.32
CA GLY C 240 -2.47 63.64 -2.58
C GLY C 240 -3.74 63.24 -3.30
N TYR C 241 -3.58 62.37 -4.29
CA TYR C 241 -4.71 61.96 -5.12
C TYR C 241 -5.60 60.97 -4.38
N ILE C 242 -6.88 60.97 -4.74
CA ILE C 242 -7.86 60.15 -4.03
C ILE C 242 -7.63 58.67 -4.32
N SER C 243 -7.43 58.30 -5.58
CA SER C 243 -7.35 56.89 -5.92
C SER C 243 -6.03 56.58 -6.63
N PRO C 244 -5.34 55.51 -6.22
CA PRO C 244 -4.13 55.10 -6.93
C PRO C 244 -4.28 55.00 -8.44
N TYR C 245 -5.47 54.67 -8.95
CA TYR C 245 -5.65 54.52 -10.39
C TYR C 245 -5.37 55.80 -11.17
N PHE C 246 -5.39 56.96 -10.52
CA PHE C 246 -5.14 58.23 -11.19
C PHE C 246 -3.70 58.37 -11.66
N ILE C 247 -2.81 57.48 -11.24
CA ILE C 247 -1.39 57.57 -11.59
C ILE C 247 -1.24 57.48 -13.10
N THR C 248 -0.57 58.47 -13.69
CA THR C 248 -0.22 58.45 -15.10
C THR C 248 1.23 58.07 -15.35
N ASP C 249 2.11 58.34 -14.39
CA ASP C 249 3.52 57.96 -14.45
C ASP C 249 3.71 56.82 -13.45
N ALA C 250 3.54 55.59 -13.93
CA ALA C 250 3.66 54.42 -13.06
C ALA C 250 5.09 54.19 -12.59
N LYS C 251 6.07 54.82 -13.23
CA LYS C 251 7.46 54.64 -12.80
C LYS C 251 7.67 55.14 -11.38
N THR C 252 7.10 56.30 -11.05
CA THR C 252 7.26 56.92 -9.74
C THR C 252 5.94 57.04 -9.00
N GLN C 253 4.86 56.47 -9.55
CA GLN C 253 3.54 56.47 -8.92
C GLN C 253 3.03 57.89 -8.67
N LYS C 254 3.10 58.74 -9.69
CA LYS C 254 2.65 60.12 -9.57
C LYS C 254 1.88 60.52 -10.82
N VAL C 255 1.23 61.68 -10.73
CA VAL C 255 0.40 62.22 -11.79
C VAL C 255 0.96 63.58 -12.18
N GLU C 256 1.16 63.80 -13.48
CA GLU C 256 1.67 65.08 -13.97
C GLU C 256 0.77 65.60 -15.07
N PHE C 257 0.35 66.86 -14.93
CA PHE C 257 -0.45 67.51 -15.96
C PHE C 257 0.16 68.85 -16.33
N GLU C 258 0.14 69.14 -17.64
CA GLU C 258 0.67 70.39 -18.18
C GLU C 258 -0.48 71.30 -18.57
N LYS C 259 -0.54 72.47 -17.95
CA LYS C 259 -1.57 73.47 -18.21
C LYS C 259 -2.99 72.88 -18.06
N PRO C 260 -3.37 72.47 -16.86
CA PRO C 260 -4.71 71.89 -16.67
C PRO C 260 -5.73 72.91 -16.20
N LEU C 261 -6.98 72.46 -16.17
CA LEU C 261 -8.08 73.24 -15.62
C LEU C 261 -8.38 72.79 -14.19
N ILE C 262 -8.49 73.76 -13.29
CA ILE C 262 -8.62 73.51 -11.86
C ILE C 262 -10.01 73.89 -11.43
N LEU C 263 -10.69 72.97 -10.72
CA LEU C 263 -12.02 73.20 -10.18
C LEU C 263 -11.95 73.17 -8.67
N LEU C 264 -12.05 74.34 -8.04
CA LEU C 264 -12.01 74.48 -6.59
C LEU C 264 -13.43 74.63 -6.07
N THR C 265 -13.86 73.70 -5.22
CA THR C 265 -15.19 73.74 -4.64
C THR C 265 -15.15 73.37 -3.17
N GLU C 266 -15.94 74.07 -2.37
CA GLU C 266 -16.06 73.79 -0.94
C GLU C 266 -17.30 72.94 -0.72
N LYS C 267 -17.29 71.74 -1.31
CA LYS C 267 -18.49 70.92 -1.31
C LYS C 267 -18.10 69.45 -1.26
N LYS C 268 -19.07 68.63 -0.87
CA LYS C 268 -18.98 67.18 -0.98
C LYS C 268 -19.71 66.77 -2.25
N ILE C 269 -18.96 66.19 -3.20
CA ILE C 269 -19.48 65.85 -4.51
C ILE C 269 -19.63 64.34 -4.62
N SER C 270 -20.84 63.88 -4.90
CA SER C 270 -21.10 62.47 -5.14
C SER C 270 -22.00 62.19 -6.33
N ILE C 271 -22.70 63.20 -6.86
CA ILE C 271 -23.57 63.02 -8.01
C ILE C 271 -22.90 63.63 -9.22
N LEU C 272 -23.06 62.95 -10.36
CA LEU C 272 -22.36 63.33 -11.58
C LEU C 272 -23.01 64.50 -12.31
N GLN C 273 -24.27 64.85 -11.97
CA GLN C 273 -24.94 65.93 -12.67
C GLN C 273 -24.22 67.26 -12.45
N ASP C 274 -23.67 67.45 -11.25
CA ASP C 274 -22.90 68.67 -10.99
C ASP C 274 -21.57 68.67 -11.72
N ILE C 275 -21.00 67.49 -11.98
CA ILE C 275 -19.71 67.42 -12.66
C ILE C 275 -19.83 67.54 -14.17
N LEU C 276 -20.98 67.18 -14.75
CA LEU C 276 -21.14 67.14 -16.20
C LEU C 276 -20.77 68.45 -16.90
N PRO C 277 -21.23 69.63 -16.46
CA PRO C 277 -20.80 70.85 -17.16
C PRO C 277 -19.31 71.07 -17.14
N ALA C 278 -18.67 70.85 -16.00
CA ALA C 278 -17.22 71.02 -15.90
C ALA C 278 -16.49 70.04 -16.81
N LEU C 279 -16.92 68.78 -16.80
CA LEU C 279 -16.27 67.76 -17.63
C LEU C 279 -16.45 68.06 -19.10
N GLU C 280 -17.64 68.52 -19.50
CA GLU C 280 -17.88 68.88 -20.89
C GLU C 280 -17.03 70.07 -21.32
N THR C 281 -16.95 71.09 -20.47
CA THR C 281 -16.11 72.24 -20.79
C THR C 281 -14.65 71.82 -20.93
N SER C 282 -14.19 70.91 -20.06
CA SER C 282 -12.84 70.38 -20.20
C SER C 282 -12.66 69.60 -21.49
N SER C 283 -13.63 68.78 -21.88
CA SER C 283 -13.53 68.00 -23.11
C SER C 283 -13.47 68.90 -24.33
N THR C 284 -14.26 69.98 -24.33
CA THR C 284 -14.23 70.93 -25.44
C THR C 284 -12.87 71.61 -25.58
N GLN C 285 -12.22 71.97 -24.48
CA GLN C 285 -10.92 72.62 -24.51
C GLN C 285 -9.76 71.65 -24.67
N ARG C 286 -10.05 70.34 -24.63
CA ARG C 286 -9.01 69.29 -24.74
C ARG C 286 -7.89 69.49 -23.73
N ARG C 287 -8.24 69.74 -22.46
CA ARG C 287 -7.27 69.95 -21.40
C ARG C 287 -7.58 69.05 -20.22
N PRO C 288 -6.55 68.59 -19.51
CA PRO C 288 -6.79 67.75 -18.32
C PRO C 288 -7.37 68.56 -17.18
N LEU C 289 -8.09 67.85 -16.31
CA LEU C 289 -8.86 68.47 -15.24
C LEU C 289 -8.37 67.98 -13.89
N LEU C 290 -8.26 68.91 -12.94
CA LEU C 290 -7.96 68.59 -11.54
C LEU C 290 -9.03 69.23 -10.68
N ILE C 291 -9.64 68.45 -9.80
CA ILE C 291 -10.69 68.94 -8.91
C ILE C 291 -10.20 68.88 -7.48
N ILE C 292 -10.19 70.03 -6.82
CA ILE C 292 -9.74 70.17 -5.44
C ILE C 292 -10.98 70.44 -4.59
N ALA C 293 -11.51 69.39 -3.97
CA ALA C 293 -12.79 69.50 -3.28
C ALA C 293 -12.63 69.13 -1.81
N GLU C 294 -13.72 69.26 -1.05
CA GLU C 294 -13.73 68.75 0.31
C GLU C 294 -13.58 67.23 0.32
N ASP C 295 -14.26 66.55 -0.59
CA ASP C 295 -14.13 65.10 -0.74
C ASP C 295 -14.84 64.70 -2.03
N ILE C 296 -14.29 63.69 -2.70
CA ILE C 296 -14.88 63.11 -3.90
C ILE C 296 -15.14 61.64 -3.62
N ASP C 297 -16.37 61.32 -3.22
CA ASP C 297 -16.75 59.97 -2.87
C ASP C 297 -18.04 59.60 -3.58
N GLY C 298 -18.43 58.33 -3.43
CA GLY C 298 -19.62 57.81 -4.08
C GLY C 298 -19.39 57.44 -5.53
N GLU C 299 -20.44 57.57 -6.35
CA GLU C 299 -20.33 57.23 -7.76
C GLU C 299 -19.45 58.23 -8.51
N ALA C 300 -19.23 59.41 -7.90
CA ALA C 300 -18.45 60.45 -8.55
C ALA C 300 -17.03 59.98 -8.83
N LEU C 301 -16.37 59.40 -7.83
CA LEU C 301 -15.01 58.94 -8.04
C LEU C 301 -14.97 57.87 -9.11
N ALA C 302 -15.93 56.93 -9.09
CA ALA C 302 -15.92 55.84 -10.05
C ALA C 302 -16.08 56.36 -11.47
N ALA C 303 -16.98 57.33 -11.67
CA ALA C 303 -17.10 57.94 -12.98
C ALA C 303 -15.80 58.59 -13.40
N CYS C 304 -15.15 59.31 -12.48
CA CYS C 304 -13.88 59.94 -12.80
C CYS C 304 -12.83 58.92 -13.21
N ILE C 305 -12.76 57.81 -12.47
CA ILE C 305 -11.77 56.76 -12.76
C ILE C 305 -11.96 56.14 -14.13
N LEU C 306 -13.19 55.71 -14.44
CA LEU C 306 -13.40 55.04 -15.72
C LEU C 306 -13.17 56.02 -16.86
N ASN C 307 -13.52 57.28 -16.66
CA ASN C 307 -13.28 58.28 -17.67
C ASN C 307 -11.79 58.39 -17.88
N LYS C 308 -11.02 58.40 -16.79
CA LYS C 308 -9.56 58.57 -16.90
C LYS C 308 -8.91 57.35 -17.53
N LEU C 309 -9.36 56.15 -17.14
CA LEU C 309 -8.78 54.93 -17.67
C LEU C 309 -8.99 54.82 -19.18
N ARG C 310 -10.13 55.29 -19.67
CA ARG C 310 -10.41 55.37 -21.09
C ARG C 310 -9.89 56.71 -21.62
N GLY C 311 -10.01 56.90 -22.93
CA GLY C 311 -9.49 58.09 -23.57
C GLY C 311 -10.43 59.28 -23.60
N ASN C 312 -11.58 59.19 -22.93
CA ASN C 312 -12.55 60.29 -22.98
C ASN C 312 -11.97 61.57 -22.40
N LEU C 313 -11.43 61.50 -21.19
CA LEU C 313 -10.82 62.65 -20.54
C LEU C 313 -9.94 62.15 -19.40
N GLN C 314 -8.82 62.82 -19.19
CA GLN C 314 -7.89 62.51 -18.10
C GLN C 314 -8.12 63.51 -16.97
N VAL C 315 -8.39 63.00 -15.77
CA VAL C 315 -8.82 63.82 -14.65
C VAL C 315 -8.11 63.34 -13.38
N ALA C 316 -8.05 64.21 -12.38
CA ALA C 316 -7.49 63.91 -11.07
C ALA C 316 -8.28 64.64 -10.00
N ALA C 317 -8.26 64.08 -8.79
CA ALA C 317 -9.03 64.62 -7.68
C ALA C 317 -8.20 64.63 -6.41
N VAL C 318 -8.24 65.75 -5.68
CA VAL C 318 -7.57 65.87 -4.39
C VAL C 318 -8.51 66.56 -3.41
N LYS C 319 -8.22 66.36 -2.12
CA LYS C 319 -9.00 66.97 -1.06
C LYS C 319 -8.44 68.34 -0.69
N ALA C 320 -9.32 69.23 -0.26
CA ALA C 320 -8.90 70.57 0.10
C ALA C 320 -8.00 70.54 1.33
N PRO C 321 -6.91 71.30 1.34
CA PRO C 321 -6.01 71.29 2.50
C PRO C 321 -6.62 71.97 3.70
N GLY C 322 -6.17 71.55 4.88
CA GLY C 322 -6.64 72.14 6.12
C GLY C 322 -8.05 71.69 6.47
N PHE C 323 -8.47 72.15 7.68
CA PHE C 323 -9.75 71.78 8.28
C PHE C 323 -10.35 73.01 9.00
N GLY C 324 -11.68 73.22 8.95
CA GLY C 324 -12.25 74.38 9.62
C GLY C 324 -12.26 75.59 8.71
N ASP C 325 -12.11 76.77 9.32
CA ASP C 325 -12.02 77.99 8.53
C ASP C 325 -10.68 78.11 7.82
N ASN C 326 -9.66 77.41 8.33
CA ASN C 326 -8.37 77.39 7.65
C ASN C 326 -8.49 76.80 6.27
N ARG C 327 -9.31 75.76 6.11
CA ARG C 327 -9.54 75.17 4.79
C ARG C 327 -10.14 76.19 3.83
N LYS C 328 -11.14 76.95 4.28
CA LYS C 328 -11.75 77.95 3.43
C LYS C 328 -10.76 79.04 3.05
N SER C 329 -9.95 79.49 4.01
CA SER C 329 -8.97 80.53 3.71
C SER C 329 -7.91 80.04 2.73
N ILE C 330 -7.46 78.80 2.89
CA ILE C 330 -6.48 78.25 1.96
C ILE C 330 -7.08 78.09 0.57
N LEU C 331 -8.34 77.64 0.48
CA LEU C 331 -8.98 77.52 -0.82
C LEU C 331 -9.14 78.89 -1.47
N GLY C 332 -9.43 79.93 -0.68
CA GLY C 332 -9.49 81.27 -1.23
C GLY C 332 -8.15 81.74 -1.77
N ASP C 333 -7.07 81.50 -1.01
CA ASP C 333 -5.74 81.87 -1.47
C ASP C 333 -5.39 81.12 -2.75
N LEU C 334 -5.73 79.84 -2.81
CA LEU C 334 -5.40 79.03 -3.99
C LEU C 334 -6.24 79.43 -5.19
N ALA C 335 -7.51 79.81 -4.97
CA ALA C 335 -8.32 80.30 -6.07
C ALA C 335 -7.78 81.62 -6.60
N ILE C 336 -7.28 82.49 -5.72
CA ILE C 336 -6.64 83.72 -6.17
C ILE C 336 -5.39 83.39 -6.99
N LEU C 337 -4.57 82.46 -6.50
CA LEU C 337 -3.33 82.14 -7.19
C LEU C 337 -3.57 81.50 -8.54
N THR C 338 -4.53 80.58 -8.63
CA THR C 338 -4.78 79.83 -9.86
C THR C 338 -5.59 80.61 -10.88
N GLY C 339 -6.06 81.81 -10.53
CA GLY C 339 -6.81 82.62 -11.47
C GLY C 339 -8.26 82.27 -11.59
N GLY C 340 -8.75 81.29 -10.82
CA GLY C 340 -10.15 80.93 -10.86
C GLY C 340 -10.92 81.43 -9.67
N THR C 341 -12.11 80.89 -9.43
CA THR C 341 -12.95 81.26 -8.31
C THR C 341 -13.39 80.00 -7.57
N VAL C 342 -13.49 80.10 -6.25
CA VAL C 342 -13.92 78.97 -5.43
C VAL C 342 -15.45 78.93 -5.39
N PHE C 343 -15.99 77.72 -5.30
CA PHE C 343 -17.43 77.50 -5.27
C PHE C 343 -17.83 77.07 -3.87
N SER C 344 -18.70 77.86 -3.24
CA SER C 344 -19.09 77.64 -1.85
C SER C 344 -20.60 77.69 -1.73
N ASP C 345 -21.16 76.77 -0.94
CA ASP C 345 -22.60 76.79 -0.67
C ASP C 345 -22.99 78.01 0.15
N GLU C 346 -22.07 78.53 0.98
CA GLU C 346 -22.37 79.73 1.75
C GLU C 346 -22.60 80.92 0.82
N LEU C 347 -22.05 80.89 -0.39
CA LEU C 347 -22.35 81.89 -1.40
C LEU C 347 -23.53 81.48 -2.28
N ASP C 348 -24.08 80.28 -2.08
CA ASP C 348 -25.25 79.79 -2.81
C ASP C 348 -25.04 79.80 -4.32
N ILE C 349 -23.86 79.41 -4.76
CA ILE C 349 -23.55 79.25 -6.18
C ILE C 349 -23.43 77.76 -6.49
N LYS C 350 -24.08 77.32 -7.57
CA LYS C 350 -24.20 75.92 -7.91
C LYS C 350 -23.12 75.52 -8.89
N LEU C 351 -22.78 74.22 -8.87
CA LEU C 351 -21.74 73.70 -9.75
C LEU C 351 -22.18 73.65 -11.21
N GLU C 352 -23.49 73.60 -11.47
CA GLU C 352 -23.98 73.63 -12.84
C GLU C 352 -23.85 75.01 -13.46
N ARG C 353 -23.56 76.04 -12.65
CA ARG C 353 -23.31 77.38 -13.12
C ARG C 353 -21.87 77.58 -13.60
N ALA C 354 -21.05 76.54 -13.49
CA ALA C 354 -19.63 76.67 -13.81
C ALA C 354 -19.41 77.05 -15.26
N THR C 355 -18.52 78.02 -15.48
CA THR C 355 -18.09 78.48 -16.79
C THR C 355 -16.57 78.51 -16.82
N PRO C 356 -15.97 78.31 -17.99
CA PRO C 356 -14.50 78.27 -18.06
C PRO C 356 -13.82 79.54 -17.55
N ASP C 357 -14.54 80.65 -17.43
CA ASP C 357 -13.94 81.84 -16.85
C ASP C 357 -13.55 81.63 -15.40
N LEU C 358 -14.40 80.94 -14.62
CA LEU C 358 -14.12 80.73 -13.21
C LEU C 358 -13.18 79.56 -12.97
N PHE C 359 -12.87 78.78 -14.00
CA PHE C 359 -11.94 77.67 -13.85
C PHE C 359 -10.52 78.19 -13.68
N GLY C 360 -9.76 77.53 -12.80
CA GLY C 360 -8.38 77.91 -12.59
C GLY C 360 -7.44 77.25 -13.58
N SER C 361 -6.35 77.96 -13.87
CA SER C 361 -5.33 77.47 -14.79
C SER C 361 -3.95 77.71 -14.19
N THR C 362 -3.02 76.82 -14.52
CA THR C 362 -1.67 76.90 -13.99
C THR C 362 -0.70 76.25 -14.98
N GLY C 363 0.59 76.51 -14.76
CA GLY C 363 1.59 75.96 -15.65
C GLY C 363 1.64 74.44 -15.63
N SER C 364 1.63 73.85 -14.44
CA SER C 364 1.63 72.40 -14.32
C SER C 364 1.16 72.01 -12.93
N VAL C 365 0.78 70.74 -12.80
CA VAL C 365 0.43 70.17 -11.50
C VAL C 365 1.09 68.80 -11.38
N THR C 366 1.57 68.49 -10.19
CA THR C 366 2.19 67.20 -9.90
C THR C 366 1.61 66.66 -8.60
N ILE C 367 1.09 65.43 -8.64
CA ILE C 367 0.38 64.83 -7.53
C ILE C 367 1.09 63.54 -7.15
N THR C 368 1.38 63.39 -5.86
CA THR C 368 1.98 62.19 -5.32
C THR C 368 1.03 61.56 -4.29
N LYS C 369 1.51 60.52 -3.60
CA LYS C 369 0.69 59.90 -2.56
C LYS C 369 0.40 60.87 -1.42
N GLU C 370 1.40 61.63 -0.98
CA GLU C 370 1.23 62.51 0.16
C GLU C 370 1.02 63.96 -0.24
N ASP C 371 1.90 64.49 -1.09
CA ASP C 371 1.91 65.92 -1.41
C ASP C 371 1.48 66.14 -2.85
N THR C 372 0.95 67.34 -3.10
CA THR C 372 0.68 67.81 -4.45
C THR C 372 1.24 69.22 -4.58
N ILE C 373 1.67 69.58 -5.78
CA ILE C 373 2.33 70.86 -6.02
C ILE C 373 1.79 71.47 -7.31
N LEU C 374 1.36 72.72 -7.22
CA LEU C 374 0.92 73.51 -8.37
C LEU C 374 2.03 74.48 -8.75
N LEU C 375 2.24 74.64 -10.05
CA LEU C 375 3.38 75.35 -10.59
C LEU C 375 2.93 76.35 -11.64
N ASN C 376 3.45 77.58 -11.54
CA ASN C 376 3.23 78.63 -12.52
C ASN C 376 1.73 78.93 -12.67
N GLY C 377 1.14 79.42 -11.57
CA GLY C 377 -0.26 79.78 -11.60
C GLY C 377 -0.51 80.96 -12.51
N GLU C 378 -1.74 81.03 -13.02
CA GLU C 378 -2.11 82.06 -13.98
C GLU C 378 -2.61 83.33 -13.32
N GLY C 379 -2.59 83.40 -11.99
CA GLY C 379 -3.04 84.61 -11.32
C GLY C 379 -2.10 85.77 -11.59
N SER C 380 -2.67 86.96 -11.67
CA SER C 380 -1.87 88.16 -11.83
C SER C 380 -1.04 88.42 -10.58
N LYS C 381 0.12 89.05 -10.78
CA LYS C 381 1.01 89.33 -9.65
C LYS C 381 0.36 90.27 -8.64
N ASP C 382 -0.34 91.30 -9.12
CA ASP C 382 -0.83 92.35 -8.24
C ASP C 382 -1.82 91.82 -7.21
N MET C 383 -2.72 90.93 -7.62
CA MET C 383 -3.69 90.43 -6.65
C MET C 383 -3.04 89.45 -5.67
N ILE C 384 -2.07 88.66 -6.13
CA ILE C 384 -1.29 87.85 -5.20
C ILE C 384 -0.63 88.74 -4.16
N ASN C 385 -0.13 89.91 -4.59
CA ASN C 385 0.47 90.83 -3.64
C ASN C 385 -0.55 91.37 -2.66
N GLN C 386 -1.71 91.78 -3.15
CA GLN C 386 -2.64 92.39 -2.20
C GLN C 386 -3.05 91.34 -1.19
N ARG C 387 -3.30 90.14 -1.63
CA ARG C 387 -3.64 89.05 -0.73
C ARG C 387 -2.54 88.86 0.30
N CYS C 388 -1.28 88.96 -0.12
CA CYS C 388 -0.18 88.95 0.84
C CYS C 388 -0.33 90.08 1.86
N GLU C 389 -0.78 91.25 1.40
CA GLU C 389 -0.99 92.37 2.32
C GLU C 389 -2.10 92.06 3.32
N GLN C 390 -3.21 91.48 2.87
CA GLN C 390 -4.23 91.08 3.84
C GLN C 390 -3.72 90.02 4.79
N ILE C 391 -2.85 89.12 4.31
CA ILE C 391 -2.31 88.10 5.19
C ILE C 391 -1.47 88.73 6.31
N ARG C 392 -0.61 89.69 5.95
CA ARG C 392 0.20 90.32 6.98
C ARG C 392 -0.65 91.20 7.90
N ALA C 393 -1.70 91.82 7.36
CA ALA C 393 -2.63 92.58 8.19
C ALA C 393 -3.32 91.68 9.20
N ALA C 394 -3.76 90.50 8.76
CA ALA C 394 -4.36 89.53 9.67
C ALA C 394 -3.36 89.02 10.70
N ILE C 395 -2.10 88.86 10.30
CA ILE C 395 -1.06 88.52 11.26
C ILE C 395 -0.97 89.59 12.34
N ASN C 396 -1.00 90.85 11.94
CA ASN C 396 -0.95 91.95 12.90
C ASN C 396 -2.17 91.94 13.81
N ASP C 397 -3.37 91.71 13.24
CA ASP C 397 -4.60 91.80 14.01
C ASP C 397 -4.84 90.58 14.91
N SER C 398 -4.41 89.40 14.47
CA SER C 398 -4.76 88.16 15.17
C SER C 398 -4.23 88.19 16.61
N SER C 399 -5.07 87.72 17.53
CA SER C 399 -4.73 87.74 18.95
C SER C 399 -4.08 86.44 19.42
N VAL C 400 -4.40 85.31 18.78
CA VAL C 400 -3.84 84.04 19.20
C VAL C 400 -2.35 84.04 18.93
N SER C 401 -1.54 83.95 20.00
CA SER C 401 -0.10 84.09 19.88
C SER C 401 0.50 82.93 19.09
N ASP C 402 0.07 81.70 19.37
CA ASP C 402 0.73 80.54 18.78
C ASP C 402 -0.03 80.01 17.57
N TYR C 403 -1.31 79.66 17.74
CA TYR C 403 -2.02 78.90 16.72
C TYR C 403 -2.29 79.73 15.48
N GLU C 404 -3.11 80.79 15.62
CA GLU C 404 -3.53 81.56 14.46
C GLU C 404 -2.35 82.29 13.82
N ARG C 405 -1.45 82.84 14.64
CA ARG C 405 -0.30 83.54 14.08
C ARG C 405 0.58 82.60 13.27
N GLU C 406 0.85 81.40 13.79
CA GLU C 406 1.71 80.49 13.06
C GLU C 406 1.04 79.96 11.80
N LYS C 407 -0.28 79.77 11.83
CA LYS C 407 -0.95 79.31 10.62
C LYS C 407 -0.97 80.39 9.55
N LEU C 408 -1.23 81.64 9.94
CA LEU C 408 -1.16 82.74 8.98
C LEU C 408 0.25 82.90 8.43
N GLN C 409 1.27 82.76 9.30
CA GLN C 409 2.65 82.85 8.83
C GLN C 409 2.96 81.74 7.84
N GLU C 410 2.49 80.51 8.13
CA GLU C 410 2.79 79.40 7.23
C GLU C 410 2.12 79.59 5.88
N ARG C 411 0.89 80.09 5.85
CA ARG C 411 0.25 80.28 4.55
C ARG C 411 0.81 81.50 3.82
N LEU C 412 1.26 82.52 4.55
CA LEU C 412 2.00 83.61 3.93
C LEU C 412 3.26 83.10 3.27
N ALA C 413 4.02 82.24 3.97
CA ALA C 413 5.22 81.68 3.38
C ALA C 413 4.90 80.81 2.17
N LYS C 414 3.83 80.03 2.25
CA LYS C 414 3.45 79.18 1.12
C LYS C 414 3.09 80.02 -0.10
N LEU C 415 2.38 81.13 0.11
CA LEU C 415 1.94 81.94 -1.03
C LEU C 415 3.08 82.80 -1.58
N SER C 416 4.03 83.20 -0.73
CA SER C 416 5.02 84.19 -1.15
C SER C 416 6.36 83.58 -1.54
N GLY C 417 6.68 82.38 -1.04
CA GLY C 417 8.03 81.86 -1.22
C GLY C 417 8.36 81.52 -2.66
N GLY C 418 7.40 81.00 -3.41
CA GLY C 418 7.67 80.50 -4.74
C GLY C 418 8.23 79.09 -4.70
N VAL C 419 8.59 78.61 -5.89
CA VAL C 419 9.07 77.24 -6.06
C VAL C 419 10.33 77.26 -6.92
N ALA C 420 11.38 76.57 -6.48
CA ALA C 420 12.54 76.38 -7.32
C ALA C 420 12.36 75.15 -8.20
N VAL C 421 12.59 75.31 -9.49
CA VAL C 421 12.44 74.23 -10.45
C VAL C 421 13.79 74.02 -11.10
N ILE C 422 14.24 72.76 -11.11
CA ILE C 422 15.48 72.37 -11.76
C ILE C 422 15.11 71.61 -13.02
N LYS C 423 15.38 72.22 -14.16
CA LYS C 423 15.13 71.62 -15.46
C LYS C 423 16.38 70.87 -15.90
N VAL C 424 16.23 69.56 -16.08
CA VAL C 424 17.35 68.67 -16.36
C VAL C 424 17.58 68.63 -17.86
N GLY C 425 18.75 69.08 -18.29
CA GLY C 425 19.06 69.08 -19.71
C GLY C 425 19.95 67.92 -20.11
N GLY C 426 19.86 67.51 -21.37
CA GLY C 426 20.68 66.42 -21.86
C GLY C 426 20.59 66.31 -23.36
N SER C 427 21.42 65.42 -23.91
CA SER C 427 21.42 65.22 -25.35
C SER C 427 20.30 64.29 -25.79
N SER C 428 20.22 63.09 -25.20
CA SER C 428 19.24 62.09 -25.57
C SER C 428 18.14 62.05 -24.52
N GLU C 429 17.08 61.31 -24.84
CA GLU C 429 15.96 61.19 -23.91
C GLU C 429 16.32 60.31 -22.72
N LEU C 430 16.97 59.17 -22.98
CA LEU C 430 17.33 58.27 -21.89
C LEU C 430 18.33 58.92 -20.95
N GLU C 431 19.28 59.67 -21.50
CA GLU C 431 20.23 60.40 -20.66
C GLU C 431 19.50 61.38 -19.76
N VAL C 432 18.53 62.11 -20.32
CA VAL C 432 17.75 63.05 -19.53
C VAL C 432 17.01 62.33 -18.41
N GLY C 433 16.39 61.20 -18.72
CA GLY C 433 15.64 60.48 -17.70
C GLY C 433 16.51 59.96 -16.58
N GLU C 434 17.65 59.35 -16.92
CA GLU C 434 18.51 58.79 -15.89
C GLU C 434 19.15 59.90 -15.05
N LYS C 435 19.55 61.00 -15.68
CA LYS C 435 20.08 62.12 -14.91
C LYS C 435 19.01 62.75 -14.04
N LYS C 436 17.75 62.77 -14.50
CA LYS C 436 16.66 63.28 -13.69
C LYS C 436 16.48 62.43 -12.43
N ASP C 437 16.53 61.11 -12.58
CA ASP C 437 16.41 60.23 -11.43
C ASP C 437 17.58 60.42 -10.46
N ARG C 438 18.80 60.55 -11.00
CA ARG C 438 19.95 60.79 -10.14
C ARG C 438 19.81 62.11 -9.40
N PHE C 439 19.32 63.15 -10.08
CA PHE C 439 19.17 64.45 -9.43
C PHE C 439 18.12 64.39 -8.33
N VAL C 440 17.02 63.67 -8.58
CA VAL C 440 15.99 63.52 -7.56
C VAL C 440 16.54 62.82 -6.33
N ASP C 441 17.32 61.74 -6.54
CA ASP C 441 17.88 61.03 -5.40
C ASP C 441 18.86 61.89 -4.62
N ALA C 442 19.73 62.62 -5.34
CA ALA C 442 20.70 63.49 -4.66
C ALA C 442 20.02 64.64 -3.95
N LEU C 443 18.85 65.06 -4.44
CA LEU C 443 18.08 66.08 -3.72
C LEU C 443 17.50 65.53 -2.44
N ASN C 444 16.88 64.37 -2.42
CA ASN C 444 16.25 63.93 -1.20
C ASN C 444 17.15 63.64 -0.06
N ALA C 445 18.43 63.40 -0.34
CA ALA C 445 19.40 63.08 0.70
C ALA C 445 19.98 64.33 1.34
N THR C 446 20.15 65.39 0.54
CA THR C 446 20.68 66.64 1.07
C THR C 446 19.70 67.23 2.08
N ARG C 447 18.41 67.14 1.80
CA ARG C 447 17.40 67.64 2.72
C ARG C 447 17.50 66.97 4.07
N ALA C 448 17.57 65.64 4.08
CA ALA C 448 17.67 64.90 5.35
C ALA C 448 18.93 65.26 6.12
N ALA C 449 20.03 65.48 5.41
CA ALA C 449 21.27 65.86 6.06
C ALA C 449 21.21 67.28 6.59
N VAL C 450 20.47 68.15 5.90
CA VAL C 450 20.33 69.54 6.34
C VAL C 450 19.43 69.60 7.56
N GLU C 451 18.54 68.61 7.71
CA GLU C 451 17.61 68.60 8.84
C GLU C 451 18.27 68.22 10.16
N GLU C 452 19.04 67.14 10.17
CA GLU C 452 19.61 66.66 11.43
C GLU C 452 21.13 66.50 11.43
N GLY C 453 21.76 66.26 10.29
CA GLY C 453 23.19 66.12 10.24
C GLY C 453 23.60 64.83 9.57
N THR C 454 24.89 64.52 9.67
CA THR C 454 25.46 63.32 9.07
C THR C 454 26.35 62.61 10.07
N VAL C 455 26.31 61.28 9.95
CA VAL C 455 27.12 60.45 10.81
C VAL C 455 27.92 59.46 9.89
N PRO C 456 29.14 58.94 10.29
CA PRO C 456 29.92 58.05 9.43
C PRO C 456 29.09 56.86 8.96
N GLY C 457 29.28 56.50 7.71
CA GLY C 457 28.51 55.45 7.06
C GLY C 457 29.13 54.08 7.25
N GLY C 458 28.69 53.14 6.41
CA GLY C 458 29.18 51.79 6.50
C GLY C 458 28.64 50.99 7.66
N GLY C 459 27.65 51.51 8.38
CA GLY C 459 27.13 50.85 9.56
C GLY C 459 27.96 51.05 10.80
N VAL C 460 28.97 51.93 10.77
CA VAL C 460 29.84 52.12 11.92
C VAL C 460 29.29 53.08 12.95
N ALA C 461 28.27 53.88 12.61
CA ALA C 461 27.67 54.78 13.59
C ALA C 461 27.00 53.99 14.70
N LEU C 462 26.16 53.03 14.34
CA LEU C 462 25.50 52.19 15.35
C LEU C 462 26.52 51.32 16.08
N LEU C 463 27.52 50.81 15.37
CA LEU C 463 28.55 49.99 15.99
C LEU C 463 29.31 50.77 17.05
N LYS C 464 29.66 52.03 16.76
CA LYS C 464 30.33 52.86 17.76
C LYS C 464 29.38 53.26 18.88
N SER C 465 28.10 53.46 18.57
CA SER C 465 27.13 53.79 19.60
C SER C 465 26.89 52.64 20.56
N THR C 466 27.18 51.39 20.14
CA THR C 466 27.03 50.27 21.05
C THR C 466 27.93 50.35 22.28
N LYS C 467 28.96 51.19 22.26
CA LYS C 467 29.90 51.30 23.37
C LYS C 467 29.39 52.16 24.52
N CYS C 468 28.25 52.83 24.34
CA CYS C 468 27.66 53.63 25.40
C CYS C 468 26.59 52.88 26.20
N LEU C 469 26.25 51.67 25.78
CA LEU C 469 25.20 50.92 26.48
C LEU C 469 25.71 50.27 27.76
N ASP C 470 27.02 50.26 28.00
CA ASP C 470 27.56 49.64 29.20
C ASP C 470 27.57 50.62 30.37
N LYS C 471 26.81 51.71 30.25
CA LYS C 471 26.67 52.67 31.32
C LYS C 471 25.24 52.78 31.84
N LEU C 472 24.33 51.95 31.37
CA LEU C 472 22.94 51.99 31.78
C LEU C 472 22.75 51.21 33.08
N THR C 473 21.80 51.67 33.89
CA THR C 473 21.51 51.03 35.18
C THR C 473 20.07 50.55 35.20
N PRO C 474 19.79 49.33 34.74
CA PRO C 474 18.41 48.81 34.80
C PRO C 474 18.02 48.43 36.22
N GLY C 475 16.71 48.47 36.47
CA GLY C 475 16.16 48.07 37.74
C GLY C 475 15.89 46.59 37.88
N ASN C 476 15.95 45.90 36.76
CA ASN C 476 15.57 44.50 36.76
C ASN C 476 16.56 43.72 35.98
N PHE C 477 16.51 42.42 36.18
CA PHE C 477 17.40 41.55 35.46
C PHE C 477 17.04 41.50 34.00
N ASP C 478 15.76 41.37 33.71
CA ASP C 478 15.33 41.23 32.33
C ASP C 478 15.52 42.50 31.52
N GLN C 479 15.54 43.66 32.16
CA GLN C 479 15.85 44.89 31.45
C GLN C 479 17.30 44.90 30.97
N GLN C 480 18.21 44.36 31.79
CA GLN C 480 19.59 44.23 31.35
C GLN C 480 19.70 43.26 30.17
N LEU C 481 18.90 42.20 30.18
CA LEU C 481 18.87 41.28 29.04
C LEU C 481 18.38 41.99 27.78
N GLY C 482 17.38 42.86 27.92
CA GLY C 482 16.94 43.64 26.77
C GLY C 482 17.98 44.60 26.26
N ILE C 483 18.71 45.24 27.17
CA ILE C 483 19.81 46.12 26.78
C ILE C 483 20.87 45.34 26.03
N ASN C 484 21.20 44.14 26.52
CA ASN C 484 22.14 43.28 25.82
C ASN C 484 21.61 42.85 24.46
N ILE C 485 20.31 42.63 24.35
CA ILE C 485 19.70 42.31 23.05
C ILE C 485 19.96 43.43 22.06
N ILE C 486 19.69 44.67 22.48
CA ILE C 486 19.90 45.81 21.58
C ILE C 486 21.38 45.95 21.23
N LYS C 487 22.25 45.76 22.23
CA LYS C 487 23.69 45.90 22.01
C LYS C 487 24.20 44.87 21.00
N SER C 488 23.73 43.63 21.09
CA SER C 488 24.12 42.61 20.13
C SER C 488 23.52 42.88 18.75
N ALA C 489 22.27 43.36 18.71
CA ALA C 489 21.59 43.56 17.43
C ALA C 489 22.18 44.72 16.65
N LEU C 490 22.69 45.75 17.33
CA LEU C 490 23.18 46.93 16.64
C LEU C 490 24.53 46.74 15.96
N GLN C 491 25.03 45.51 15.87
CA GLN C 491 26.26 45.21 15.15
C GLN C 491 26.04 44.52 13.83
N LYS C 492 24.81 44.10 13.54
CA LYS C 492 24.54 43.35 12.31
C LYS C 492 24.80 44.13 11.02
N PRO C 493 24.41 45.40 10.87
CA PRO C 493 24.62 46.06 9.57
C PRO C 493 26.08 46.07 9.12
N ALA C 494 27.03 46.33 10.02
CA ALA C 494 28.43 46.33 9.63
C ALA C 494 28.91 44.92 9.27
N LYS C 495 28.45 43.92 10.02
CA LYS C 495 28.79 42.53 9.70
C LYS C 495 28.29 42.15 8.32
N ILE C 496 27.06 42.54 7.99
CA ILE C 496 26.48 42.19 6.69
C ILE C 496 27.17 42.95 5.57
N ILE C 497 27.52 44.22 5.80
CA ILE C 497 28.24 44.98 4.79
C ILE C 497 29.60 44.34 4.51
N ALA C 498 30.30 43.90 5.56
CA ALA C 498 31.57 43.22 5.36
C ALA C 498 31.39 41.87 4.68
N ASP C 499 30.32 41.15 5.02
CA ASP C 499 30.06 39.85 4.39
C ASP C 499 29.80 40.00 2.90
N ASN C 500 29.04 41.02 2.50
CA ASN C 500 28.77 41.24 1.08
C ASN C 500 30.05 41.54 0.32
N ALA C 501 31.05 42.13 0.97
CA ALA C 501 32.33 42.38 0.32
C ALA C 501 33.15 41.11 0.15
N GLY C 502 32.72 39.99 0.74
CA GLY C 502 33.44 38.74 0.63
C GLY C 502 34.29 38.39 1.83
N GLU C 503 34.35 39.25 2.84
CA GLU C 503 35.15 39.01 4.03
C GLU C 503 34.30 38.33 5.10
N GLU C 504 34.83 38.22 6.31
CA GLU C 504 34.11 37.69 7.45
C GLU C 504 33.72 38.87 8.33
N GLY C 505 32.41 39.12 8.43
CA GLY C 505 31.96 40.33 9.11
C GLY C 505 32.31 40.37 10.59
N ALA C 506 32.30 39.21 11.24
CA ALA C 506 32.60 39.16 12.68
C ALA C 506 34.03 39.61 12.95
N VAL C 507 34.98 39.17 12.13
CA VAL C 507 36.38 39.53 12.35
C VAL C 507 36.60 41.02 12.09
N ILE C 508 35.98 41.55 11.03
CA ILE C 508 36.10 42.98 10.74
C ILE C 508 35.51 43.81 11.87
N VAL C 509 34.34 43.42 12.37
CA VAL C 509 33.71 44.15 13.46
C VAL C 509 34.57 44.08 14.71
N GLY C 510 35.13 42.91 15.01
CA GLY C 510 36.03 42.79 16.15
C GLY C 510 37.25 43.67 16.02
N LYS C 511 37.83 43.74 14.82
CA LYS C 511 38.98 44.63 14.61
C LYS C 511 38.60 46.09 14.81
N ILE C 512 37.42 46.48 14.33
CA ILE C 512 36.99 47.87 14.50
C ILE C 512 36.71 48.16 15.98
N LEU C 513 36.13 47.20 16.68
CA LEU C 513 35.70 47.40 18.06
C LEU C 513 36.79 47.13 19.10
N ASP C 514 37.99 46.72 18.67
CA ASP C 514 39.06 46.40 19.59
C ASP C 514 40.11 47.50 19.70
N ASN C 515 40.70 47.91 18.59
CA ASN C 515 41.71 48.95 18.57
C ASN C 515 41.12 50.21 17.95
N HIS C 516 41.90 51.29 17.98
CA HIS C 516 41.46 52.60 17.50
C HIS C 516 40.17 53.03 18.21
N THR C 517 40.23 53.01 19.54
CA THR C 517 39.08 53.28 20.38
C THR C 517 38.83 54.77 20.60
N ASP C 518 39.68 55.64 20.07
CA ASP C 518 39.52 57.09 20.21
C ASP C 518 39.23 57.72 18.85
N ASP C 519 38.54 57.00 17.99
CA ASP C 519 38.19 57.49 16.65
C ASP C 519 36.77 57.04 16.34
N PHE C 520 35.81 57.98 16.43
CA PHE C 520 34.43 57.69 16.10
C PHE C 520 34.23 57.51 14.60
N ASN C 521 35.17 57.98 13.78
CA ASN C 521 34.99 57.99 12.33
C ASN C 521 35.81 56.89 11.67
N TYR C 522 36.32 55.95 12.47
CA TYR C 522 37.22 54.92 11.96
C TYR C 522 36.42 53.66 11.67
N GLY C 523 36.63 53.08 10.50
CA GLY C 523 35.88 51.90 10.12
C GLY C 523 36.42 51.26 8.87
N TYR C 524 35.61 50.38 8.29
CA TYR C 524 35.99 49.58 7.15
C TYR C 524 35.40 50.17 5.88
N ASP C 525 36.27 50.53 4.94
CA ASP C 525 35.87 50.91 3.58
C ASP C 525 35.77 49.63 2.76
N ALA C 526 34.54 49.17 2.55
CA ALA C 526 34.34 47.91 1.83
C ALA C 526 34.61 48.07 0.34
N ALA C 527 34.40 49.27 -0.21
CA ALA C 527 34.65 49.49 -1.64
C ALA C 527 36.11 49.28 -1.97
N LYS C 528 37.01 49.81 -1.15
CA LYS C 528 38.44 49.65 -1.34
C LYS C 528 39.02 48.56 -0.45
N SER C 529 38.22 47.90 0.37
CA SER C 529 38.67 46.84 1.26
C SER C 529 39.79 47.32 2.17
N GLU C 530 39.63 48.52 2.73
CA GLU C 530 40.66 49.16 3.53
C GLU C 530 40.08 49.54 4.89
N TYR C 531 40.95 50.04 5.77
CA TYR C 531 40.54 50.57 7.06
C TYR C 531 40.94 52.03 7.13
N GLY C 532 40.10 52.84 7.76
CA GLY C 532 40.46 54.23 7.96
C GLY C 532 39.26 55.08 8.29
N ASP C 533 39.47 56.41 8.23
CA ASP C 533 38.44 57.37 8.53
C ASP C 533 37.43 57.41 7.40
N LEU C 534 36.18 57.04 7.70
CA LEU C 534 35.16 56.94 6.67
C LEU C 534 34.64 58.31 6.25
N VAL C 535 34.62 59.28 7.16
CA VAL C 535 34.16 60.62 6.80
C VAL C 535 35.13 61.28 5.83
N SER C 536 36.43 61.05 5.99
CA SER C 536 37.40 61.59 5.05
C SER C 536 37.21 61.03 3.66
N ARG C 537 36.74 59.79 3.55
CA ARG C 537 36.49 59.15 2.26
C ARG C 537 35.10 59.43 1.72
N GLY C 538 34.29 60.22 2.43
CA GLY C 538 32.96 60.55 1.96
C GLY C 538 31.91 59.50 2.20
N ILE C 539 32.14 58.56 3.11
CA ILE C 539 31.16 57.52 3.44
C ILE C 539 30.41 58.01 4.68
N VAL C 540 29.34 58.77 4.44
CA VAL C 540 28.50 59.28 5.51
C VAL C 540 27.04 59.04 5.15
N ASP C 541 26.19 59.01 6.17
CA ASP C 541 24.76 58.88 5.98
C ASP C 541 24.04 59.82 6.94
N PRO C 542 22.85 60.30 6.58
CA PRO C 542 22.13 61.23 7.44
C PRO C 542 21.74 60.60 8.77
N LEU C 543 21.74 61.42 9.83
CA LEU C 543 21.28 60.95 11.13
C LEU C 543 19.79 60.61 11.10
N LYS C 544 19.02 61.31 10.27
CA LYS C 544 17.57 61.10 10.22
C LYS C 544 17.23 59.67 9.83
N VAL C 545 17.88 59.16 8.78
CA VAL C 545 17.51 57.84 8.28
C VAL C 545 17.89 56.75 9.27
N VAL C 546 19.07 56.86 9.88
CA VAL C 546 19.50 55.84 10.84
C VAL C 546 18.65 55.89 12.10
N ARG C 547 18.29 57.09 12.56
CA ARG C 547 17.44 57.21 13.73
C ARG C 547 16.05 56.64 13.47
N THR C 548 15.46 56.97 12.31
CA THR C 548 14.15 56.45 11.98
C THR C 548 14.18 54.93 11.84
N ALA C 549 15.20 54.40 11.18
CA ALA C 549 15.30 52.95 11.02
C ALA C 549 15.42 52.27 12.38
N LEU C 550 16.27 52.80 13.26
CA LEU C 550 16.45 52.21 14.58
C LEU C 550 15.14 52.23 15.36
N VAL C 551 14.47 53.38 15.40
CA VAL C 551 13.25 53.50 16.19
C VAL C 551 12.16 52.57 15.67
N ASP C 552 11.96 52.56 14.35
CA ASP C 552 10.89 51.74 13.79
C ASP C 552 11.18 50.26 13.94
N ALA C 553 12.43 49.85 13.71
CA ALA C 553 12.78 48.44 13.89
C ALA C 553 12.60 48.01 15.33
N SER C 554 13.03 48.84 16.28
CA SER C 554 12.87 48.51 17.70
C SER C 554 11.40 48.38 18.05
N GLY C 555 10.56 49.32 17.60
CA GLY C 555 9.15 49.27 17.94
C GLY C 555 8.45 48.05 17.36
N VAL C 556 8.70 47.77 16.08
CA VAL C 556 8.04 46.62 15.46
C VAL C 556 8.53 45.31 16.04
N ALA C 557 9.83 45.22 16.39
CA ALA C 557 10.34 44.01 16.99
C ALA C 557 9.76 43.78 18.38
N SER C 558 9.62 44.85 19.18
CA SER C 558 8.98 44.72 20.48
C SER C 558 7.53 44.30 20.33
N LEU C 559 6.82 44.88 19.36
CA LEU C 559 5.42 44.50 19.14
C LEU C 559 5.30 43.04 18.73
N LEU C 560 6.22 42.57 17.88
CA LEU C 560 6.20 41.16 17.48
C LEU C 560 6.51 40.24 18.65
N THR C 561 7.46 40.64 19.50
CA THR C 561 7.80 39.83 20.67
C THR C 561 6.63 39.74 21.65
N THR C 562 5.90 40.85 21.82
CA THR C 562 4.79 40.87 22.77
C THR C 562 3.59 40.05 22.29
N THR C 563 3.48 39.81 20.98
CA THR C 563 2.30 39.14 20.42
C THR C 563 2.12 37.75 21.03
N GLU C 564 0.89 37.44 21.43
CA GLU C 564 0.58 36.17 22.08
C GLU C 564 -0.40 35.30 21.30
N CYS C 565 -1.13 35.85 20.34
CA CYS C 565 -2.07 35.08 19.54
C CYS C 565 -2.12 35.67 18.14
N THR C 566 -2.22 34.78 17.14
CA THR C 566 -2.31 35.21 15.75
C THR C 566 -3.44 34.44 15.07
N ILE C 567 -4.28 35.15 14.33
CA ILE C 567 -5.47 34.60 13.69
C ILE C 567 -5.37 34.85 12.19
N THR C 568 -5.49 33.79 11.41
CA THR C 568 -5.53 33.89 9.95
C THR C 568 -6.77 33.19 9.41
N GLU C 569 -6.87 33.09 8.08
CA GLU C 569 -8.01 32.43 7.45
C GLU C 569 -7.61 31.04 6.99
N ALA C 570 -8.52 30.09 7.16
CA ALA C 570 -8.26 28.72 6.74
C ALA C 570 -8.26 28.64 5.22
N PRO C 571 -7.23 28.06 4.60
CA PRO C 571 -7.13 27.95 3.14
C PRO C 571 -8.26 27.12 2.53
N THR D 44 -0.20 37.45 -5.08
CA THR D 44 0.67 36.44 -5.67
C THR D 44 1.61 35.84 -4.62
N HIS D 45 1.99 34.59 -4.83
CA HIS D 45 2.87 33.86 -3.93
C HIS D 45 4.16 33.51 -4.65
N LYS D 46 5.29 33.67 -3.96
CA LYS D 46 6.60 33.54 -4.56
C LYS D 46 7.38 32.40 -3.92
N GLU D 47 8.38 31.93 -4.67
CA GLU D 47 9.34 30.94 -4.19
C GLU D 47 10.74 31.53 -4.28
N LEU D 48 11.53 31.30 -3.24
CA LEU D 48 12.85 31.92 -3.13
C LEU D 48 13.93 30.85 -2.99
N LYS D 49 15.03 31.05 -3.71
CA LYS D 49 16.20 30.20 -3.59
C LYS D 49 17.42 31.07 -3.29
N PHE D 50 18.27 30.59 -2.39
CA PHE D 50 19.41 31.34 -1.90
C PHE D 50 20.70 30.57 -2.15
N GLY D 51 21.75 31.29 -2.54
CA GLY D 51 23.09 30.73 -2.59
C GLY D 51 23.34 29.64 -3.61
N VAL D 52 23.78 28.47 -3.12
CA VAL D 52 24.28 27.42 -4.01
C VAL D 52 23.16 26.80 -4.82
N GLU D 53 21.98 26.59 -4.21
CA GLU D 53 20.91 25.89 -4.92
C GLU D 53 20.36 26.73 -6.06
N GLY D 54 20.17 28.03 -5.84
CA GLY D 54 19.70 28.89 -6.92
C GLY D 54 20.68 28.95 -8.08
N ARG D 55 21.97 29.08 -7.76
CA ARG D 55 22.99 29.08 -8.80
C ARG D 55 23.05 27.74 -9.52
N ALA D 56 22.80 26.64 -8.81
CA ALA D 56 22.76 25.33 -9.45
C ALA D 56 21.61 25.23 -10.44
N SER D 57 20.43 25.74 -10.07
CA SER D 57 19.31 25.73 -11.00
C SER D 57 19.58 26.61 -12.21
N LEU D 58 20.14 27.81 -11.99
CA LEU D 58 20.50 28.67 -13.11
C LEU D 58 21.52 28.00 -14.02
N LEU D 59 22.50 27.31 -13.43
CA LEU D 59 23.50 26.61 -14.21
C LEU D 59 22.87 25.48 -15.01
N LYS D 60 21.89 24.78 -14.44
CA LYS D 60 21.18 23.74 -15.20
C LYS D 60 20.49 24.33 -16.42
N GLY D 61 19.82 25.48 -16.24
CA GLY D 61 19.15 26.10 -17.38
C GLY D 61 20.12 26.55 -18.45
N VAL D 62 21.21 27.21 -18.04
CA VAL D 62 22.21 27.67 -19.00
C VAL D 62 22.88 26.48 -19.69
N ASP D 63 23.08 25.39 -18.95
CA ASP D 63 23.67 24.18 -19.51
C ASP D 63 22.78 23.61 -20.61
N ILE D 64 21.48 23.52 -20.34
CA ILE D 64 20.56 22.98 -21.36
C ILE D 64 20.57 23.87 -22.59
N LEU D 65 20.50 25.19 -22.40
CA LEU D 65 20.47 26.10 -23.54
C LEU D 65 21.75 26.00 -24.36
N ALA D 66 22.91 26.01 -23.69
CA ALA D 66 24.18 25.97 -24.40
C ALA D 66 24.38 24.63 -25.10
N LYS D 67 23.97 23.53 -24.46
CA LYS D 67 24.08 22.22 -25.09
C LYS D 67 23.23 22.15 -26.35
N ALA D 68 22.03 22.71 -26.30
CA ALA D 68 21.17 22.72 -27.49
C ALA D 68 21.77 23.58 -28.59
N VAL D 69 22.34 24.74 -28.24
CA VAL D 69 22.79 25.67 -29.28
C VAL D 69 24.15 25.28 -29.85
N ALA D 70 25.01 24.61 -29.08
CA ALA D 70 26.39 24.40 -29.50
C ALA D 70 26.54 23.42 -30.65
N VAL D 71 25.56 22.53 -30.86
CA VAL D 71 25.68 21.54 -31.91
C VAL D 71 25.62 22.12 -33.31
N THR D 72 25.24 23.39 -33.45
CA THR D 72 25.09 24.04 -34.74
C THR D 72 26.24 24.96 -35.09
N LEU D 73 27.35 24.89 -34.35
CA LEU D 73 28.46 25.81 -34.55
C LEU D 73 29.52 25.17 -35.44
N GLY D 74 29.96 25.90 -36.46
CA GLY D 74 30.99 25.44 -37.36
C GLY D 74 30.44 25.01 -38.71
N PRO D 75 31.34 24.80 -39.68
CA PRO D 75 30.89 24.30 -40.98
C PRO D 75 30.23 22.93 -40.91
N LYS D 76 30.65 22.08 -39.97
CA LYS D 76 30.10 20.75 -39.79
C LYS D 76 29.09 20.68 -38.65
N GLY D 77 28.34 21.75 -38.42
CA GLY D 77 27.35 21.73 -37.37
C GLY D 77 26.23 20.74 -37.65
N ARG D 78 25.71 20.15 -36.57
CA ARG D 78 24.68 19.13 -36.69
C ARG D 78 23.31 19.78 -36.86
N ASN D 79 22.30 18.93 -37.05
CA ASN D 79 20.94 19.38 -37.29
C ASN D 79 20.13 19.37 -36.01
N VAL D 80 19.14 20.26 -35.93
CA VAL D 80 18.19 20.31 -34.83
C VAL D 80 16.80 20.18 -35.41
N LEU D 81 16.00 19.28 -34.83
CA LEU D 81 14.61 19.08 -35.20
C LEU D 81 13.72 19.81 -34.21
N ILE D 82 12.95 20.77 -34.71
CA ILE D 82 12.00 21.53 -33.90
C ILE D 82 10.59 21.20 -34.35
N GLU D 83 9.75 20.77 -33.41
CA GLU D 83 8.40 20.32 -33.71
C GLU D 83 7.42 21.47 -33.57
N GLN D 84 6.60 21.68 -34.62
CA GLN D 84 5.52 22.65 -34.67
C GLN D 84 4.21 22.03 -34.18
N PRO D 85 3.32 22.83 -33.61
CA PRO D 85 2.04 22.27 -33.14
C PRO D 85 1.24 21.59 -34.25
N TYR D 86 1.31 22.16 -35.44
CA TYR D 86 0.64 21.58 -36.61
C TYR D 86 1.53 21.86 -37.82
N GLY D 87 1.93 20.81 -38.53
CA GLY D 87 2.79 20.95 -39.68
C GLY D 87 4.03 20.07 -39.58
N SER D 88 4.76 20.04 -40.70
CA SER D 88 5.96 19.22 -40.78
C SER D 88 7.05 19.77 -39.85
N PRO D 89 7.87 18.90 -39.28
CA PRO D 89 8.95 19.37 -38.39
C PRO D 89 9.96 20.21 -39.14
N LYS D 90 10.58 21.13 -38.41
CA LYS D 90 11.56 22.06 -38.98
C LYS D 90 12.97 21.55 -38.69
N ILE D 91 13.80 21.53 -39.73
CA ILE D 91 15.19 21.10 -39.62
C ILE D 91 16.05 22.36 -39.73
N THR D 92 16.83 22.63 -38.68
CA THR D 92 17.57 23.88 -38.61
C THR D 92 19.02 23.63 -38.21
N LYS D 93 19.93 24.40 -38.84
CA LYS D 93 21.33 24.47 -38.46
C LYS D 93 21.71 25.83 -37.92
N ASP D 94 20.71 26.65 -37.58
CA ASP D 94 20.91 28.04 -37.22
C ASP D 94 20.82 28.20 -35.71
N GLY D 95 21.85 28.81 -35.11
CA GLY D 95 21.92 28.88 -33.66
C GLY D 95 20.86 29.76 -33.04
N VAL D 96 20.60 30.92 -33.65
CA VAL D 96 19.62 31.84 -33.08
C VAL D 96 18.22 31.26 -33.16
N THR D 97 17.90 30.56 -34.26
CA THR D 97 16.60 29.91 -34.38
C THR D 97 16.40 28.86 -33.29
N VAL D 98 17.44 28.05 -33.02
CA VAL D 98 17.37 27.07 -31.96
C VAL D 98 17.23 27.74 -30.60
N ALA D 99 17.96 28.83 -30.37
CA ALA D 99 17.93 29.51 -29.08
C ALA D 99 16.57 30.15 -28.82
N LYS D 100 15.94 30.71 -29.84
CA LYS D 100 14.66 31.39 -29.67
C LYS D 100 13.49 30.45 -29.40
N SER D 101 13.69 29.14 -29.54
CA SER D 101 12.62 28.17 -29.39
C SER D 101 12.78 27.27 -28.17
N ILE D 102 13.49 27.72 -27.14
CA ILE D 102 13.76 26.91 -25.96
C ILE D 102 13.08 27.57 -24.77
N SER D 103 12.21 26.81 -24.10
CA SER D 103 11.57 27.23 -22.86
C SER D 103 11.54 26.04 -21.92
N LEU D 104 11.88 26.29 -20.66
CA LEU D 104 11.99 25.24 -19.66
C LEU D 104 10.81 25.31 -18.69
N LYS D 105 10.43 24.15 -18.21
CA LYS D 105 9.33 24.01 -17.29
C LYS D 105 9.64 24.47 -15.93
N ASP D 106 10.81 24.18 -15.45
CA ASP D 106 11.29 24.64 -14.15
C ASP D 106 11.55 26.15 -14.22
N LYS D 107 11.18 26.85 -13.14
CA LYS D 107 11.15 28.30 -13.18
C LYS D 107 12.56 28.91 -13.10
N PHE D 108 13.42 28.37 -12.24
CA PHE D 108 14.74 28.98 -12.06
C PHE D 108 15.66 28.67 -13.24
N GLU D 109 15.60 27.44 -13.74
CA GLU D 109 16.36 27.11 -14.95
C GLU D 109 15.87 27.94 -16.13
N ASN D 110 14.55 28.13 -16.25
CA ASN D 110 14.02 29.00 -17.28
C ASN D 110 14.47 30.44 -17.08
N LEU D 111 14.63 30.88 -15.84
CA LEU D 111 15.11 32.24 -15.57
C LEU D 111 16.54 32.42 -16.08
N GLY D 112 17.42 31.47 -15.76
CA GLY D 112 18.79 31.54 -16.27
C GLY D 112 18.84 31.47 -17.78
N ALA D 113 18.08 30.55 -18.38
CA ALA D 113 18.05 30.44 -19.83
C ALA D 113 17.51 31.70 -20.48
N ARG D 114 16.53 32.34 -19.85
CA ARG D 114 15.96 33.56 -20.40
C ARG D 114 16.99 34.69 -20.35
N LEU D 115 17.70 34.81 -19.23
CA LEU D 115 18.72 35.84 -19.14
C LEU D 115 19.77 35.67 -20.23
N VAL D 116 20.27 34.44 -20.40
CA VAL D 116 21.28 34.21 -21.43
C VAL D 116 20.70 34.43 -22.83
N GLN D 117 19.44 34.04 -23.04
CA GLN D 117 18.79 34.26 -24.32
C GLN D 117 18.67 35.74 -24.64
N ASP D 118 18.29 36.54 -23.64
CA ASP D 118 18.19 37.98 -23.86
C ASP D 118 19.53 38.57 -24.24
N VAL D 119 20.59 38.18 -23.52
CA VAL D 119 21.91 38.73 -23.83
C VAL D 119 22.38 38.30 -25.21
N ALA D 120 22.17 37.03 -25.56
CA ALA D 120 22.56 36.54 -26.89
C ALA D 120 21.77 37.23 -28.00
N ASN D 121 20.47 37.42 -27.81
CA ASN D 121 19.67 38.15 -28.79
C ASN D 121 20.15 39.59 -28.94
N LYS D 122 20.48 40.23 -27.82
CA LYS D 122 20.96 41.61 -27.89
C LYS D 122 22.28 41.71 -28.64
N THR D 123 23.22 40.80 -28.38
CA THR D 123 24.50 40.88 -29.09
C THR D 123 24.33 40.52 -30.56
N ASN D 124 23.45 39.57 -30.88
CA ASN D 124 23.17 39.26 -32.28
C ASN D 124 22.56 40.45 -33.01
N GLU D 125 21.64 41.16 -32.36
CA GLU D 125 21.04 42.33 -32.98
C GLU D 125 22.07 43.45 -33.16
N VAL D 126 22.93 43.66 -32.16
CA VAL D 126 23.90 44.75 -32.22
C VAL D 126 24.95 44.49 -33.30
N ALA D 127 25.52 43.28 -33.30
CA ALA D 127 26.66 42.98 -34.17
C ALA D 127 26.29 42.28 -35.47
N GLY D 128 25.16 41.58 -35.51
CA GLY D 128 24.81 40.83 -36.70
C GLY D 128 24.80 39.34 -36.48
N ASP D 129 25.76 38.85 -35.68
CA ASP D 129 25.87 37.45 -35.36
C ASP D 129 26.64 37.30 -34.06
N GLY D 130 26.85 36.06 -33.63
CA GLY D 130 27.56 35.75 -32.42
C GLY D 130 26.73 35.19 -31.28
N THR D 131 25.54 34.65 -31.56
CA THR D 131 24.70 34.10 -30.50
C THR D 131 25.30 32.82 -29.93
N THR D 132 25.71 31.90 -30.81
CA THR D 132 26.24 30.62 -30.34
C THR D 132 27.53 30.80 -29.55
N THR D 133 28.45 31.63 -30.06
CA THR D 133 29.71 31.86 -29.35
C THR D 133 29.46 32.52 -27.99
N ALA D 134 28.57 33.50 -27.94
CA ALA D 134 28.26 34.17 -26.67
C ALA D 134 27.65 33.19 -25.68
N THR D 135 26.73 32.34 -26.14
CA THR D 135 26.12 31.36 -25.26
C THR D 135 27.15 30.37 -24.72
N ILE D 136 28.05 29.89 -25.60
CA ILE D 136 29.07 28.93 -25.18
C ILE D 136 30.01 29.55 -24.16
N LEU D 137 30.46 30.78 -24.42
CA LEU D 137 31.35 31.46 -23.49
C LEU D 137 30.66 31.73 -22.16
N THR D 138 29.39 32.12 -22.20
CA THR D 138 28.64 32.32 -20.98
C THR D 138 28.56 31.05 -20.16
N ARG D 139 28.24 29.92 -20.80
CA ARG D 139 28.16 28.66 -20.08
C ARG D 139 29.50 28.29 -19.46
N ALA D 140 30.59 28.44 -20.23
CA ALA D 140 31.90 28.07 -19.72
C ALA D 140 32.30 28.91 -18.52
N ILE D 141 32.19 30.25 -18.66
CA ILE D 141 32.60 31.13 -17.58
C ILE D 141 31.73 30.93 -16.35
N PHE D 142 30.41 30.78 -16.54
CA PHE D 142 29.52 30.60 -15.40
C PHE D 142 29.82 29.30 -14.66
N ALA D 143 30.02 28.20 -15.40
CA ALA D 143 30.31 26.93 -14.76
C ALA D 143 31.63 26.98 -13.99
N GLU D 144 32.66 27.56 -14.61
CA GLU D 144 33.95 27.63 -13.94
C GLU D 144 33.90 28.54 -12.71
N GLY D 145 33.17 29.66 -12.80
CA GLY D 145 33.02 30.51 -11.65
C GLY D 145 32.25 29.86 -10.51
N VAL D 146 31.22 29.09 -10.85
CA VAL D 146 30.50 28.34 -9.83
C VAL D 146 31.43 27.35 -9.14
N LYS D 147 32.24 26.63 -9.92
CA LYS D 147 33.18 25.69 -9.32
C LYS D 147 34.18 26.40 -8.40
N ASN D 148 34.72 27.54 -8.84
CA ASN D 148 35.70 28.24 -8.03
C ASN D 148 35.08 28.81 -6.77
N VAL D 149 33.84 29.30 -6.86
CA VAL D 149 33.15 29.79 -5.67
C VAL D 149 32.90 28.65 -4.69
N ALA D 150 32.48 27.50 -5.20
CA ALA D 150 32.30 26.33 -4.33
C ALA D 150 33.62 25.92 -3.68
N ALA D 151 34.74 26.11 -4.38
CA ALA D 151 36.05 25.80 -3.81
C ALA D 151 36.42 26.72 -2.66
N GLY D 152 35.70 27.81 -2.44
CA GLY D 152 35.97 28.70 -1.33
C GLY D 152 36.71 29.96 -1.71
N CYS D 153 36.29 30.59 -2.80
CA CYS D 153 36.93 31.79 -3.31
C CYS D 153 35.98 32.98 -3.25
N ASN D 154 36.56 34.18 -3.37
CA ASN D 154 35.79 35.41 -3.29
C ASN D 154 35.25 35.77 -4.67
N PRO D 155 33.93 35.82 -4.87
CA PRO D 155 33.39 36.13 -6.20
C PRO D 155 33.78 37.50 -6.72
N MET D 156 33.95 38.50 -5.86
CA MET D 156 34.28 39.84 -6.33
C MET D 156 35.67 39.88 -6.96
N ASP D 157 36.64 39.21 -6.35
CA ASP D 157 37.97 39.15 -6.94
C ASP D 157 37.97 38.33 -8.22
N LEU D 158 37.14 37.29 -8.29
CA LEU D 158 36.94 36.57 -9.53
C LEU D 158 36.44 37.51 -10.63
N ARG D 159 35.46 38.35 -10.29
CA ARG D 159 34.93 39.31 -11.25
C ARG D 159 36.01 40.28 -11.71
N ARG D 160 36.82 40.77 -10.78
CA ARG D 160 37.89 41.70 -11.14
C ARG D 160 38.91 41.04 -12.06
N GLY D 161 39.30 39.80 -11.77
CA GLY D 161 40.23 39.09 -12.62
C GLY D 161 39.66 38.82 -14.01
N VAL D 162 38.37 38.45 -14.07
CA VAL D 162 37.72 38.22 -15.35
C VAL D 162 37.69 39.50 -16.18
N GLN D 163 37.37 40.63 -15.53
CA GLN D 163 37.36 41.91 -16.23
C GLN D 163 38.75 42.26 -16.76
N MET D 164 39.78 42.07 -15.95
CA MET D 164 41.14 42.38 -16.38
C MET D 164 41.56 41.51 -17.56
N ALA D 165 41.25 40.21 -17.49
CA ALA D 165 41.59 39.30 -18.58
C ALA D 165 40.84 39.68 -19.86
N VAL D 166 39.56 40.02 -19.74
CA VAL D 166 38.78 40.39 -20.92
C VAL D 166 39.33 41.66 -21.55
N ASP D 167 39.70 42.65 -20.73
CA ASP D 167 40.31 43.86 -21.26
C ASP D 167 41.61 43.57 -22.00
N SER D 168 42.45 42.70 -21.42
CA SER D 168 43.70 42.34 -22.07
C SER D 168 43.44 41.65 -23.40
N ILE D 169 42.47 40.73 -23.44
CA ILE D 169 42.15 40.01 -24.68
C ILE D 169 41.65 40.99 -25.74
N VAL D 170 40.78 41.92 -25.36
CA VAL D 170 40.24 42.89 -26.30
C VAL D 170 41.36 43.76 -26.85
N LYS D 171 42.28 44.20 -26.00
CA LYS D 171 43.40 45.01 -26.48
C LYS D 171 44.27 44.23 -27.45
N PHE D 172 44.56 42.97 -27.15
CA PHE D 172 45.37 42.15 -28.04
C PHE D 172 44.68 41.97 -29.39
N LEU D 173 43.37 41.67 -29.37
CA LEU D 173 42.63 41.46 -30.61
C LEU D 173 42.57 42.72 -31.44
N ARG D 174 42.36 43.88 -30.80
CA ARG D 174 42.38 45.14 -31.54
C ARG D 174 43.75 45.42 -32.13
N GLU D 175 44.82 45.05 -31.42
CA GLU D 175 46.16 45.22 -31.95
C GLU D 175 46.40 44.35 -33.18
N LYS D 176 45.88 43.12 -33.17
CA LYS D 176 46.15 42.16 -34.24
C LYS D 176 45.12 42.20 -35.36
N SER D 177 44.17 43.14 -35.33
CA SER D 177 43.14 43.18 -36.36
C SER D 177 43.71 43.72 -37.68
N ARG D 178 43.06 43.34 -38.77
CA ARG D 178 43.42 43.78 -40.12
C ARG D 178 42.33 44.72 -40.64
N VAL D 179 42.70 45.98 -40.87
CA VAL D 179 41.76 46.99 -41.34
C VAL D 179 41.68 46.95 -42.86
N ILE D 180 40.47 47.17 -43.39
CA ILE D 180 40.23 47.19 -44.83
C ILE D 180 39.71 48.56 -45.21
N THR D 181 40.38 49.21 -46.17
CA THR D 181 40.02 50.56 -46.58
C THR D 181 39.65 50.68 -48.05
N THR D 182 40.47 50.15 -48.95
CA THR D 182 40.26 50.37 -50.37
C THR D 182 39.15 49.46 -50.91
N SER D 183 38.72 49.76 -52.14
CA SER D 183 37.56 49.08 -52.71
C SER D 183 37.83 47.61 -53.00
N GLU D 184 39.07 47.26 -53.37
CA GLU D 184 39.36 45.86 -53.68
C GLU D 184 39.23 44.98 -52.44
N GLU D 185 39.70 45.45 -51.29
CA GLU D 185 39.56 44.68 -50.06
C GLU D 185 38.11 44.58 -49.63
N ILE D 186 37.33 45.64 -49.83
CA ILE D 186 35.90 45.57 -49.53
C ILE D 186 35.21 44.55 -50.43
N ALA D 187 35.57 44.53 -51.71
CA ALA D 187 35.00 43.55 -52.64
C ALA D 187 35.38 42.14 -52.24
N GLN D 188 36.64 41.93 -51.85
CA GLN D 188 37.07 40.60 -51.43
C GLN D 188 36.34 40.15 -50.16
N VAL D 189 36.18 41.06 -49.20
CA VAL D 189 35.49 40.72 -47.96
C VAL D 189 34.03 40.38 -48.24
N ALA D 190 33.38 41.17 -49.11
CA ALA D 190 31.99 40.89 -49.44
C ALA D 190 31.85 39.58 -50.21
N THR D 191 32.82 39.26 -51.08
CA THR D 191 32.79 37.97 -51.78
C THR D 191 32.93 36.81 -50.81
N ILE D 192 33.84 36.93 -49.84
CA ILE D 192 34.00 35.88 -48.84
C ILE D 192 32.73 35.74 -48.01
N SER D 193 32.13 36.86 -47.62
CA SER D 193 30.91 36.83 -46.83
C SER D 193 29.72 36.31 -47.62
N ALA D 194 29.82 36.23 -48.95
CA ALA D 194 28.76 35.73 -49.79
C ALA D 194 28.99 34.30 -50.26
N ASN D 195 29.80 33.53 -49.51
CA ASN D 195 30.13 32.16 -49.85
C ASN D 195 30.75 32.06 -51.25
N GLY D 196 31.70 32.95 -51.51
CA GLY D 196 32.42 32.93 -52.77
C GLY D 196 31.69 33.50 -53.95
N ASP D 197 30.61 34.25 -53.73
CA ASP D 197 29.85 34.85 -54.83
C ASP D 197 30.52 36.15 -55.25
N THR D 198 31.06 36.17 -56.48
CA THR D 198 31.74 37.35 -56.98
C THR D 198 30.78 38.48 -57.33
N HIS D 199 29.60 38.14 -57.87
CA HIS D 199 28.64 39.17 -58.25
C HIS D 199 28.17 39.98 -57.05
N VAL D 200 27.87 39.29 -55.94
CA VAL D 200 27.41 39.98 -54.73
C VAL D 200 28.52 40.89 -54.19
N GLY D 201 29.75 40.38 -54.16
CA GLY D 201 30.86 41.19 -53.68
C GLY D 201 31.11 42.41 -54.55
N LYS D 202 31.00 42.26 -55.86
CA LYS D 202 31.17 43.40 -56.76
C LYS D 202 30.04 44.42 -56.57
N LEU D 203 28.80 43.94 -56.42
CA LEU D 203 27.67 44.85 -56.24
C LEU D 203 27.78 45.61 -54.93
N ILE D 204 28.16 44.94 -53.85
CA ILE D 204 28.27 45.60 -52.55
C ILE D 204 29.36 46.67 -52.57
N ALA D 205 30.55 46.34 -52.97
CA ALA D 205 31.64 47.26 -53.00
C ALA D 205 31.40 48.47 -53.76
N ASN D 206 30.32 48.55 -54.52
CA ASN D 206 30.02 49.69 -55.36
C ASN D 206 29.00 50.55 -54.70
N ALA D 207 28.01 49.95 -54.13
CA ALA D 207 27.03 50.74 -53.39
C ALA D 207 27.72 51.56 -52.30
N MET D 208 28.60 50.92 -51.54
CA MET D 208 29.33 51.61 -50.48
C MET D 208 30.49 52.45 -51.02
N GLU D 209 30.83 52.30 -52.30
CA GLU D 209 31.64 53.32 -52.95
C GLU D 209 30.82 54.58 -53.23
N LYS D 210 29.58 54.40 -53.71
CA LYS D 210 28.74 55.55 -54.04
C LYS D 210 28.34 56.33 -52.80
N VAL D 211 27.81 55.65 -51.77
CA VAL D 211 27.31 56.34 -50.59
C VAL D 211 28.34 56.46 -49.48
N GLY D 212 29.50 55.83 -49.62
CA GLY D 212 30.50 55.81 -48.57
C GLY D 212 30.32 54.61 -47.65
N LYS D 213 31.30 54.44 -46.76
CA LYS D 213 31.23 53.35 -45.81
C LYS D 213 30.07 53.53 -44.83
N GLU D 214 29.79 54.77 -44.46
CA GLU D 214 28.74 55.09 -43.50
C GLU D 214 27.39 55.37 -44.15
N GLY D 215 27.28 55.20 -45.47
CA GLY D 215 26.04 55.51 -46.16
C GLY D 215 24.95 54.50 -45.87
N VAL D 216 23.79 54.75 -46.48
CA VAL D 216 22.64 53.87 -46.35
C VAL D 216 22.53 53.00 -47.59
N ILE D 217 22.57 51.69 -47.40
CA ILE D 217 22.40 50.71 -48.46
C ILE D 217 21.26 49.79 -48.07
N THR D 218 20.32 49.57 -48.98
CA THR D 218 19.19 48.69 -48.72
C THR D 218 18.99 47.76 -49.91
N VAL D 219 18.32 46.64 -49.65
CA VAL D 219 18.12 45.59 -50.63
C VAL D 219 16.63 45.37 -50.84
N LYS D 220 16.20 45.40 -52.09
CA LYS D 220 14.79 45.23 -52.43
C LYS D 220 14.67 44.26 -53.60
N GLU D 221 13.45 43.75 -53.80
CA GLU D 221 13.18 42.84 -54.91
C GLU D 221 13.22 43.57 -56.24
N GLY D 222 13.69 42.87 -57.27
CA GLY D 222 13.78 43.45 -58.59
C GLY D 222 12.67 43.01 -59.53
N LYS D 223 12.60 43.70 -60.67
CA LYS D 223 11.58 43.43 -61.68
C LYS D 223 12.09 42.57 -62.83
N THR D 224 13.38 42.24 -62.84
CA THR D 224 14.02 41.66 -64.02
C THR D 224 14.97 40.55 -63.57
N ILE D 225 15.87 40.15 -64.46
CA ILE D 225 16.82 39.10 -64.14
C ILE D 225 18.15 39.69 -63.65
N GLU D 226 18.65 40.72 -64.30
CA GLU D 226 19.92 41.31 -63.92
C GLU D 226 19.75 42.20 -62.68
N ASP D 227 20.87 42.40 -61.99
CA ASP D 227 20.88 43.09 -60.70
C ASP D 227 21.13 44.58 -60.91
N GLU D 228 20.38 45.39 -60.16
CA GLU D 228 20.43 46.83 -60.37
C GLU D 228 20.90 47.52 -59.11
N LEU D 229 21.63 48.63 -59.30
CA LEU D 229 22.08 49.48 -58.21
C LEU D 229 21.71 50.91 -58.56
N GLU D 230 20.83 51.53 -57.77
CA GLU D 230 20.37 52.86 -58.08
C GLU D 230 20.48 53.75 -56.84
N ILE D 231 20.92 55.00 -57.06
CA ILE D 231 21.00 55.99 -56.00
C ILE D 231 19.74 56.84 -56.04
N THR D 232 19.00 56.86 -54.94
CA THR D 232 17.75 57.63 -54.87
C THR D 232 17.84 58.62 -53.72
N GLU D 233 16.75 59.35 -53.53
CA GLU D 233 16.60 60.24 -52.39
C GLU D 233 15.84 59.52 -51.29
N GLY D 234 16.31 59.64 -50.06
CA GLY D 234 15.67 58.98 -48.94
C GLY D 234 16.48 59.24 -47.70
N MET D 235 16.00 58.70 -46.58
CA MET D 235 16.71 58.93 -45.33
C MET D 235 16.17 58.00 -44.26
N ARG D 236 16.97 57.84 -43.20
CA ARG D 236 16.74 56.84 -42.17
C ARG D 236 16.69 57.50 -40.80
N PHE D 237 15.82 56.99 -39.92
CA PHE D 237 15.82 57.35 -38.52
C PHE D 237 15.99 56.11 -37.65
N ASP D 238 16.40 56.35 -36.40
CA ASP D 238 16.60 55.30 -35.42
C ASP D 238 15.36 55.03 -34.58
N ARG D 239 14.16 55.31 -35.12
CA ARG D 239 12.91 55.01 -34.44
C ARG D 239 12.09 54.04 -35.29
N GLY D 240 11.67 52.94 -34.68
CA GLY D 240 10.90 51.91 -35.34
C GLY D 240 9.42 52.02 -35.05
N TYR D 241 8.70 50.94 -35.36
CA TYR D 241 7.25 50.94 -35.21
C TYR D 241 6.86 50.82 -33.75
N ILE D 242 5.68 51.37 -33.42
CA ILE D 242 5.23 51.40 -32.03
C ILE D 242 4.89 50.01 -31.52
N SER D 243 4.13 49.24 -32.30
CA SER D 243 3.67 47.95 -31.82
C SER D 243 4.10 46.82 -32.75
N PRO D 244 4.62 45.72 -32.19
CA PRO D 244 4.96 44.57 -33.02
C PRO D 244 3.87 44.11 -33.96
N TYR D 245 2.59 44.30 -33.60
CA TYR D 245 1.50 43.85 -34.46
C TYR D 245 1.50 44.51 -35.83
N PHE D 246 2.16 45.65 -35.99
CA PHE D 246 2.19 46.35 -37.27
C PHE D 246 2.98 45.60 -38.33
N ILE D 247 3.70 44.53 -37.95
CA ILE D 247 4.53 43.79 -38.90
C ILE D 247 3.65 43.19 -39.99
N THR D 248 4.00 43.48 -41.24
CA THR D 248 3.33 42.87 -42.39
C THR D 248 4.15 41.75 -43.01
N ASP D 249 5.48 41.81 -42.88
CA ASP D 249 6.38 40.76 -43.35
C ASP D 249 6.90 40.04 -42.11
N ALA D 250 6.20 38.99 -41.70
CA ALA D 250 6.58 38.24 -40.50
C ALA D 250 7.87 37.45 -40.69
N LYS D 251 8.34 37.28 -41.94
CA LYS D 251 9.59 36.55 -42.16
C LYS D 251 10.76 37.28 -41.52
N THR D 252 10.82 38.60 -41.66
CA THR D 252 11.91 39.41 -41.14
C THR D 252 11.45 40.40 -40.09
N GLN D 253 10.18 40.32 -39.68
CA GLN D 253 9.61 41.18 -38.64
C GLN D 253 9.73 42.66 -39.00
N LYS D 254 9.32 43.01 -40.21
CA LYS D 254 9.38 44.39 -40.68
C LYS D 254 8.09 44.74 -41.43
N VAL D 255 7.93 46.03 -41.70
CA VAL D 255 6.77 46.58 -42.38
C VAL D 255 7.24 47.28 -43.64
N GLU D 256 6.60 46.98 -44.77
CA GLU D 256 6.95 47.59 -46.04
C GLU D 256 5.69 48.16 -46.70
N PHE D 257 5.76 49.42 -47.10
CA PHE D 257 4.66 50.05 -47.81
C PHE D 257 5.17 50.71 -49.08
N GLU D 258 4.39 50.57 -50.16
CA GLU D 258 4.70 51.15 -51.45
C GLU D 258 3.81 52.36 -51.70
N LYS D 259 4.43 53.51 -51.88
CA LYS D 259 3.74 54.76 -52.13
C LYS D 259 2.67 55.06 -51.07
N PRO D 260 3.07 55.27 -49.82
CA PRO D 260 2.08 55.54 -48.76
C PRO D 260 1.86 57.03 -48.52
N LEU D 261 0.87 57.31 -47.70
CA LEU D 261 0.59 58.66 -47.24
C LEU D 261 1.18 58.87 -45.85
N ILE D 262 1.90 59.99 -45.69
CA ILE D 262 2.67 60.27 -44.49
C ILE D 262 2.00 61.42 -43.75
N LEU D 263 1.76 61.22 -42.45
CA LEU D 263 1.17 62.25 -41.59
C LEU D 263 2.20 62.64 -40.53
N LEU D 264 2.78 63.82 -40.68
CA LEU D 264 3.79 64.33 -39.75
C LEU D 264 3.11 65.34 -38.83
N THR D 265 3.14 65.06 -37.52
CA THR D 265 2.54 65.93 -36.53
C THR D 265 3.43 66.04 -35.31
N GLU D 266 3.53 67.26 -34.76
CA GLU D 266 4.29 67.52 -33.54
C GLU D 266 3.33 67.53 -32.37
N LYS D 267 2.69 66.38 -32.13
CA LYS D 267 1.63 66.33 -31.14
C LYS D 267 1.61 64.95 -30.49
N LYS D 268 0.97 64.89 -29.33
CA LYS D 268 0.64 63.65 -28.66
C LYS D 268 -0.81 63.31 -29.00
N ILE D 269 -0.99 62.19 -29.70
CA ILE D 269 -2.29 61.78 -30.21
C ILE D 269 -2.80 60.60 -29.39
N SER D 270 -3.99 60.76 -28.80
CA SER D 270 -4.66 59.69 -28.08
C SER D 270 -6.14 59.57 -28.37
N ILE D 271 -6.76 60.58 -28.96
CA ILE D 271 -8.18 60.54 -29.29
C ILE D 271 -8.33 60.33 -30.79
N LEU D 272 -9.33 59.52 -31.15
CA LEU D 272 -9.52 59.12 -32.53
C LEU D 272 -10.20 60.18 -33.38
N GLN D 273 -10.82 61.20 -32.78
CA GLN D 273 -11.53 62.20 -33.55
C GLN D 273 -10.55 62.97 -34.44
N ASP D 274 -9.33 63.21 -33.95
CA ASP D 274 -8.34 63.88 -34.77
C ASP D 274 -7.83 62.99 -35.90
N ILE D 275 -7.84 61.67 -35.70
CA ILE D 275 -7.34 60.76 -36.72
C ILE D 275 -8.37 60.46 -37.80
N LEU D 276 -9.67 60.59 -37.49
CA LEU D 276 -10.73 60.21 -38.42
C LEU D 276 -10.62 60.87 -39.79
N PRO D 277 -10.40 62.19 -39.93
CA PRO D 277 -10.28 62.75 -41.27
C PRO D 277 -9.10 62.17 -42.05
N ALA D 278 -7.95 62.01 -41.41
CA ALA D 278 -6.79 61.44 -42.09
C ALA D 278 -7.06 60.00 -42.53
N LEU D 279 -7.65 59.20 -41.64
CA LEU D 279 -7.94 57.81 -41.97
C LEU D 279 -8.96 57.71 -43.10
N GLU D 280 -9.97 58.57 -43.09
CA GLU D 280 -10.97 58.56 -44.15
C GLU D 280 -10.35 58.97 -45.50
N THR D 281 -9.51 60.00 -45.48
CA THR D 281 -8.84 60.40 -46.71
C THR D 281 -7.95 59.29 -47.24
N SER D 282 -7.26 58.57 -46.35
CA SER D 282 -6.49 57.42 -46.76
C SER D 282 -7.36 56.30 -47.34
N SER D 283 -8.50 56.03 -46.72
CA SER D 283 -9.39 54.99 -47.21
C SER D 283 -9.95 55.32 -48.59
N THR D 284 -10.28 56.59 -48.83
CA THR D 284 -10.74 57.01 -50.14
C THR D 284 -9.69 56.82 -51.22
N GLN D 285 -8.42 57.12 -50.93
CA GLN D 285 -7.35 56.97 -51.90
C GLN D 285 -6.81 55.55 -52.00
N ARG D 286 -7.30 54.64 -51.14
CA ARG D 286 -6.84 53.25 -51.12
C ARG D 286 -5.32 53.13 -51.01
N ARG D 287 -4.73 53.89 -50.09
CA ARG D 287 -3.29 53.88 -49.90
C ARG D 287 -2.95 53.65 -48.43
N PRO D 288 -1.84 52.97 -48.14
CA PRO D 288 -1.45 52.76 -46.75
C PRO D 288 -0.96 54.06 -46.11
N LEU D 289 -1.08 54.11 -44.79
CA LEU D 289 -0.82 55.32 -44.03
C LEU D 289 0.30 55.07 -43.02
N LEU D 290 1.20 56.04 -42.89
CA LEU D 290 2.24 56.05 -41.88
C LEU D 290 2.16 57.37 -41.14
N ILE D 291 2.10 57.31 -39.81
CA ILE D 291 2.00 58.51 -38.97
C ILE D 291 3.28 58.63 -38.15
N ILE D 292 3.97 59.76 -38.32
CA ILE D 292 5.21 60.04 -37.62
C ILE D 292 4.91 61.13 -36.60
N ALA D 293 4.70 60.76 -35.35
CA ALA D 293 4.22 61.70 -34.35
C ALA D 293 5.20 61.74 -33.18
N GLU D 294 4.90 62.63 -32.23
CA GLU D 294 5.66 62.62 -30.98
C GLU D 294 5.44 61.33 -30.21
N ASP D 295 4.20 60.84 -30.19
CA ASP D 295 3.87 59.58 -29.57
C ASP D 295 2.43 59.22 -29.93
N ILE D 296 2.18 57.93 -30.09
CA ILE D 296 0.85 57.41 -30.37
C ILE D 296 0.50 56.44 -29.24
N ASP D 297 -0.21 56.93 -28.23
CA ASP D 297 -0.57 56.12 -27.08
C ASP D 297 -2.06 56.27 -26.80
N GLY D 298 -2.53 55.49 -25.84
CA GLY D 298 -3.94 55.48 -25.47
C GLY D 298 -4.79 54.63 -26.40
N GLU D 299 -6.05 55.03 -26.56
CA GLU D 299 -6.95 54.28 -27.44
C GLU D 299 -6.56 54.43 -28.91
N ALA D 300 -5.75 55.44 -29.22
CA ALA D 300 -5.36 55.70 -30.60
C ALA D 300 -4.61 54.51 -31.18
N LEU D 301 -3.61 54.00 -30.45
CA LEU D 301 -2.85 52.88 -30.97
C LEU D 301 -3.75 51.67 -31.17
N ALA D 302 -4.64 51.42 -30.20
CA ALA D 302 -5.52 50.24 -30.29
C ALA D 302 -6.42 50.32 -31.51
N ALA D 303 -6.98 51.50 -31.76
CA ALA D 303 -7.78 51.68 -32.97
C ALA D 303 -6.95 51.41 -34.21
N CYS D 304 -5.72 51.93 -34.24
CA CYS D 304 -4.85 51.70 -35.39
C CYS D 304 -4.58 50.21 -35.60
N ILE D 305 -4.30 49.50 -34.51
CA ILE D 305 -3.99 48.08 -34.58
C ILE D 305 -5.16 47.25 -35.12
N LEU D 306 -6.35 47.44 -34.57
CA LEU D 306 -7.48 46.64 -35.01
C LEU D 306 -7.83 46.96 -36.44
N ASN D 307 -7.67 48.23 -36.83
CA ASN D 307 -7.92 48.61 -38.20
C ASN D 307 -6.93 47.88 -39.08
N LYS D 308 -5.66 47.82 -38.67
CA LYS D 308 -4.64 47.19 -39.50
C LYS D 308 -4.84 45.68 -39.57
N LEU D 309 -5.19 45.06 -38.44
CA LEU D 309 -5.38 43.60 -38.41
C LEU D 309 -6.53 43.18 -39.32
N ARG D 310 -7.57 44.00 -39.41
CA ARG D 310 -8.67 43.78 -40.33
C ARG D 310 -8.33 44.44 -41.66
N GLY D 311 -9.21 44.27 -42.64
CA GLY D 311 -8.98 44.78 -43.97
C GLY D 311 -9.41 46.21 -44.22
N ASN D 312 -9.84 46.93 -43.18
CA ASN D 312 -10.34 48.29 -43.38
C ASN D 312 -9.26 49.20 -43.92
N LEU D 313 -8.10 49.23 -43.27
CA LEU D 313 -6.97 50.03 -43.72
C LEU D 313 -5.71 49.53 -43.04
N GLN D 314 -4.60 49.57 -43.77
CA GLN D 314 -3.29 49.15 -43.24
C GLN D 314 -2.51 50.42 -42.89
N VAL D 315 -2.05 50.50 -41.63
CA VAL D 315 -1.45 51.71 -41.09
C VAL D 315 -0.24 51.33 -40.25
N ALA D 316 0.65 52.30 -40.06
CA ALA D 316 1.83 52.16 -39.22
C ALA D 316 2.11 53.48 -38.49
N ALA D 317 2.77 53.37 -37.34
CA ALA D 317 3.04 54.53 -36.51
C ALA D 317 4.47 54.49 -35.99
N VAL D 318 5.15 55.64 -36.07
CA VAL D 318 6.50 55.78 -35.52
C VAL D 318 6.61 57.11 -34.78
N LYS D 319 7.60 57.18 -33.89
CA LYS D 319 7.85 58.38 -33.12
C LYS D 319 8.81 59.31 -33.85
N ALA D 320 8.63 60.60 -33.64
CA ALA D 320 9.48 61.59 -34.30
C ALA D 320 10.92 61.46 -33.81
N PRO D 321 11.89 61.53 -34.72
CA PRO D 321 13.29 61.40 -34.31
C PRO D 321 13.78 62.62 -33.55
N GLY D 322 14.77 62.40 -32.70
CA GLY D 322 15.35 63.48 -31.91
C GLY D 322 14.44 63.95 -30.79
N PHE D 323 15.03 64.89 -30.00
CA PHE D 323 14.38 65.42 -28.79
C PHE D 323 14.69 66.93 -28.69
N GLY D 324 13.72 67.76 -28.22
CA GLY D 324 14.00 69.18 -28.12
C GLY D 324 13.69 69.89 -29.43
N ASP D 325 14.45 70.96 -29.71
CA ASP D 325 14.28 71.67 -30.98
C ASP D 325 14.84 70.87 -32.15
N ASN D 326 15.76 69.94 -31.86
CA ASN D 326 16.26 69.06 -32.91
C ASN D 326 15.14 68.24 -33.52
N ARG D 327 14.21 67.76 -32.69
CA ARG D 327 13.07 67.01 -33.20
C ARG D 327 12.23 67.86 -34.16
N LYS D 328 11.96 69.11 -33.79
CA LYS D 328 11.18 69.98 -34.67
C LYS D 328 11.92 70.25 -35.98
N SER D 329 13.23 70.47 -35.92
CA SER D 329 13.99 70.74 -37.14
C SER D 329 14.03 69.51 -38.05
N ILE D 330 14.18 68.32 -37.46
CA ILE D 330 14.18 67.11 -38.26
C ILE D 330 12.81 66.87 -38.88
N LEU D 331 11.73 67.12 -38.12
CA LEU D 331 10.40 66.97 -38.69
C LEU D 331 10.17 67.97 -39.82
N GLY D 332 10.71 69.17 -39.70
CA GLY D 332 10.60 70.13 -40.80
C GLY D 332 11.35 69.67 -42.04
N ASP D 333 12.58 69.17 -41.85
CA ASP D 333 13.33 68.64 -42.99
C ASP D 333 12.59 67.48 -43.64
N LEU D 334 12.02 66.59 -42.84
CA LEU D 334 11.33 65.43 -43.38
C LEU D 334 10.03 65.83 -44.06
N ALA D 335 9.33 66.83 -43.53
CA ALA D 335 8.14 67.33 -44.22
C ALA D 335 8.49 67.96 -45.55
N ILE D 336 9.62 68.68 -45.62
CA ILE D 336 10.07 69.20 -46.91
C ILE D 336 10.39 68.06 -47.87
N LEU D 337 11.09 67.03 -47.39
CA LEU D 337 11.49 65.94 -48.27
C LEU D 337 10.29 65.14 -48.77
N THR D 338 9.33 64.86 -47.89
CA THR D 338 8.19 64.02 -48.24
C THR D 338 7.12 64.76 -49.03
N GLY D 339 7.27 66.07 -49.22
CA GLY D 339 6.30 66.83 -49.98
C GLY D 339 5.07 67.25 -49.21
N GLY D 340 4.99 66.94 -47.92
CA GLY D 340 3.86 67.33 -47.12
C GLY D 340 4.18 68.50 -46.20
N THR D 341 3.32 68.73 -45.20
CA THR D 341 3.53 69.78 -44.22
C THR D 341 3.39 69.22 -42.82
N VAL D 342 4.18 69.73 -41.90
CA VAL D 342 4.14 69.29 -40.51
C VAL D 342 3.05 70.04 -39.76
N PHE D 343 2.43 69.36 -38.81
CA PHE D 343 1.34 69.92 -38.01
C PHE D 343 1.85 70.20 -36.60
N SER D 344 1.80 71.46 -36.19
CA SER D 344 2.35 71.90 -34.92
C SER D 344 1.35 72.75 -34.17
N ASP D 345 1.23 72.52 -32.87
CA ASP D 345 0.36 73.35 -32.04
C ASP D 345 0.88 74.78 -31.93
N GLU D 346 2.19 74.97 -32.04
CA GLU D 346 2.74 76.32 -32.03
C GLU D 346 2.25 77.13 -33.22
N LEU D 347 1.86 76.47 -34.31
CA LEU D 347 1.21 77.13 -35.43
C LEU D 347 -0.31 77.13 -35.30
N ASP D 348 -0.85 76.50 -34.26
CA ASP D 348 -2.29 76.50 -33.98
C ASP D 348 -3.11 75.94 -35.15
N ILE D 349 -2.61 74.88 -35.79
CA ILE D 349 -3.32 74.18 -36.84
C ILE D 349 -3.78 72.83 -36.29
N LYS D 350 -5.04 72.50 -36.52
CA LYS D 350 -5.66 71.32 -35.94
C LYS D 350 -5.60 70.14 -36.91
N LEU D 351 -5.63 68.93 -36.35
CA LEU D 351 -5.54 67.72 -37.16
C LEU D 351 -6.82 67.47 -37.96
N GLU D 352 -7.96 68.03 -37.52
CA GLU D 352 -9.19 67.89 -38.28
C GLU D 352 -9.18 68.76 -39.55
N ARG D 353 -8.22 69.67 -39.65
CA ARG D 353 -8.04 70.50 -40.84
C ARG D 353 -7.24 69.79 -41.92
N ALA D 354 -6.81 68.55 -41.66
CA ALA D 354 -5.93 67.85 -42.60
C ALA D 354 -6.63 67.62 -43.93
N THR D 355 -5.89 67.88 -45.01
CA THR D 355 -6.32 67.64 -46.38
C THR D 355 -5.22 66.89 -47.11
N PRO D 356 -5.58 66.07 -48.10
CA PRO D 356 -4.55 65.27 -48.80
C PRO D 356 -3.45 66.10 -49.44
N ASP D 357 -3.64 67.40 -49.61
CA ASP D 357 -2.56 68.24 -50.14
C ASP D 357 -1.39 68.30 -49.17
N LEU D 358 -1.67 68.40 -47.86
CA LEU D 358 -0.60 68.50 -46.88
C LEU D 358 -0.02 67.15 -46.49
N PHE D 359 -0.64 66.06 -46.94
CA PHE D 359 -0.11 64.73 -46.65
C PHE D 359 1.16 64.47 -47.45
N GLY D 360 2.13 63.82 -46.82
CA GLY D 360 3.36 63.49 -47.49
C GLY D 360 3.27 62.19 -48.27
N SER D 361 4.04 62.11 -49.34
CA SER D 361 4.08 60.93 -50.19
C SER D 361 5.53 60.59 -50.52
N THR D 362 5.80 59.30 -50.71
CA THR D 362 7.15 58.84 -50.98
C THR D 362 7.08 57.54 -51.76
N GLY D 363 8.23 57.15 -52.33
CA GLY D 363 8.26 55.93 -53.11
C GLY D 363 7.97 54.69 -52.29
N SER D 364 8.59 54.57 -51.12
CA SER D 364 8.34 53.43 -50.25
C SER D 364 8.81 53.76 -48.84
N VAL D 365 8.33 52.98 -47.89
CA VAL D 365 8.77 53.07 -46.51
C VAL D 365 9.02 51.66 -45.98
N THR D 366 10.07 51.52 -45.17
CA THR D 366 10.41 50.25 -44.56
C THR D 366 10.71 50.48 -43.08
N ILE D 367 10.02 49.75 -42.21
CA ILE D 367 10.07 49.96 -40.77
C ILE D 367 10.56 48.67 -40.12
N THR D 368 11.56 48.79 -39.26
CA THR D 368 12.07 47.67 -38.49
C THR D 368 11.89 47.95 -37.00
N LYS D 369 12.46 47.07 -36.16
CA LYS D 369 12.39 47.29 -34.72
C LYS D 369 13.13 48.56 -34.31
N GLU D 370 14.31 48.79 -34.87
CA GLU D 370 15.12 49.93 -34.45
C GLU D 370 15.04 51.09 -35.44
N ASP D 371 15.25 50.82 -36.73
CA ASP D 371 15.38 51.86 -37.73
C ASP D 371 14.18 51.85 -38.68
N THR D 372 13.90 53.01 -39.27
CA THR D 372 12.94 53.12 -40.35
C THR D 372 13.59 53.94 -41.46
N ILE D 373 13.22 53.66 -42.71
CA ILE D 373 13.84 54.28 -43.86
C ILE D 373 12.74 54.67 -44.86
N LEU D 374 12.77 55.93 -45.29
CA LEU D 374 11.89 56.45 -46.32
C LEU D 374 12.68 56.56 -47.62
N LEU D 375 12.03 56.19 -48.73
CA LEU D 375 12.69 56.03 -50.02
C LEU D 375 11.90 56.76 -51.09
N ASN D 376 12.64 57.52 -51.93
CA ASN D 376 12.07 58.20 -53.09
C ASN D 376 10.95 59.15 -52.68
N GLY D 377 11.34 60.16 -51.90
CA GLY D 377 10.38 61.17 -51.48
C GLY D 377 9.87 61.97 -52.66
N GLU D 378 8.65 62.50 -52.50
CA GLU D 378 8.00 63.23 -53.57
C GLU D 378 8.34 64.72 -53.57
N GLY D 379 9.23 65.15 -52.67
CA GLY D 379 9.60 66.56 -52.66
C GLY D 379 10.38 66.94 -53.91
N SER D 380 10.19 68.17 -54.36
CA SER D 380 10.93 68.69 -55.49
C SER D 380 12.40 68.84 -55.11
N LYS D 381 13.27 68.71 -56.11
CA LYS D 381 14.71 68.81 -55.88
C LYS D 381 15.09 70.20 -55.38
N ASP D 382 14.50 71.25 -55.96
CA ASP D 382 14.95 72.60 -55.70
C ASP D 382 14.76 72.99 -54.23
N MET D 383 13.64 72.62 -53.63
CA MET D 383 13.45 72.98 -52.23
C MET D 383 14.32 72.15 -51.30
N ILE D 384 14.56 70.88 -51.63
CA ILE D 384 15.55 70.11 -50.89
C ILE D 384 16.89 70.81 -50.94
N ASN D 385 17.25 71.36 -52.10
CA ASN D 385 18.51 72.08 -52.21
C ASN D 385 18.52 73.34 -51.34
N GLN D 386 17.44 74.10 -51.38
CA GLN D 386 17.50 75.35 -50.63
C GLN D 386 17.62 75.02 -49.16
N ARG D 387 16.88 74.04 -48.70
CA ARG D 387 16.97 73.59 -47.32
C ARG D 387 18.38 73.18 -46.98
N CYS D 388 19.07 72.50 -47.91
CA CYS D 388 20.49 72.23 -47.72
C CYS D 388 21.28 73.52 -47.54
N GLU D 389 20.93 74.55 -48.30
CA GLU D 389 21.61 75.84 -48.16
C GLU D 389 21.39 76.44 -46.79
N GLN D 390 20.15 76.41 -46.28
CA GLN D 390 19.91 76.89 -44.93
C GLN D 390 20.67 76.05 -43.90
N ILE D 391 20.79 74.75 -44.15
CA ILE D 391 21.54 73.90 -43.22
C ILE D 391 23.00 74.32 -43.15
N ARG D 392 23.63 74.54 -44.31
CA ARG D 392 25.03 74.96 -44.30
C ARG D 392 25.19 76.37 -43.74
N ALA D 393 24.21 77.25 -43.99
CA ALA D 393 24.25 78.58 -43.40
C ALA D 393 24.17 78.50 -41.87
N ALA D 394 23.30 77.63 -41.34
CA ALA D 394 23.23 77.44 -39.90
C ALA D 394 24.50 76.82 -39.35
N ILE D 395 25.14 75.93 -40.12
CA ILE D 395 26.45 75.40 -39.72
C ILE D 395 27.45 76.54 -39.58
N ASN D 396 27.44 77.46 -40.54
CA ASN D 396 28.34 78.61 -40.47
C ASN D 396 28.03 79.49 -39.27
N ASP D 397 26.74 79.75 -39.00
CA ASP D 397 26.35 80.68 -37.96
C ASP D 397 26.48 80.07 -36.55
N SER D 398 26.25 78.77 -36.42
CA SER D 398 26.17 78.16 -35.09
C SER D 398 27.47 78.33 -34.32
N SER D 399 27.35 78.66 -33.04
CA SER D 399 28.51 78.91 -32.20
C SER D 399 29.00 77.68 -31.46
N VAL D 400 28.10 76.73 -31.15
CA VAL D 400 28.50 75.55 -30.41
C VAL D 400 29.43 74.71 -31.28
N SER D 401 30.67 74.54 -30.84
CA SER D 401 31.68 73.88 -31.66
C SER D 401 31.35 72.41 -31.86
N ASP D 402 30.93 71.72 -30.79
CA ASP D 402 30.78 70.27 -30.88
C ASP D 402 29.32 69.87 -31.11
N TYR D 403 28.43 70.30 -30.22
CA TYR D 403 27.08 69.74 -30.19
C TYR D 403 26.26 70.18 -31.41
N GLU D 404 26.00 71.48 -31.51
CA GLU D 404 25.12 71.98 -32.56
C GLU D 404 25.72 71.78 -33.94
N ARG D 405 27.04 72.02 -34.07
CA ARG D 405 27.68 71.83 -35.36
C ARG D 405 27.60 70.38 -35.83
N GLU D 406 27.86 69.43 -34.92
CA GLU D 406 27.83 68.04 -35.34
C GLU D 406 26.40 67.59 -35.63
N LYS D 407 25.41 68.11 -34.91
CA LYS D 407 24.03 67.72 -35.21
C LYS D 407 23.57 68.29 -36.55
N LEU D 408 23.92 69.55 -36.84
CA LEU D 408 23.60 70.11 -38.14
C LEU D 408 24.32 69.36 -39.26
N GLN D 409 25.58 68.99 -39.03
CA GLN D 409 26.32 68.21 -40.03
C GLN D 409 25.66 66.86 -40.27
N GLU D 410 25.22 66.19 -39.19
CA GLU D 410 24.62 64.88 -39.35
C GLU D 410 23.30 64.97 -40.11
N ARG D 411 22.50 66.01 -39.84
CA ARG D 411 21.23 66.09 -40.57
C ARG D 411 21.44 66.57 -42.01
N LEU D 412 22.47 67.38 -42.25
CA LEU D 412 22.86 67.71 -43.61
C LEU D 412 23.25 66.46 -44.39
N ALA D 413 24.05 65.60 -43.77
CA ALA D 413 24.44 64.35 -44.41
C ALA D 413 23.23 63.45 -44.65
N LYS D 414 22.32 63.38 -43.68
CA LYS D 414 21.12 62.57 -43.84
C LYS D 414 20.27 63.06 -45.00
N LEU D 415 20.12 64.38 -45.14
CA LEU D 415 19.26 64.92 -46.19
C LEU D 415 19.93 64.87 -47.56
N SER D 416 21.26 64.97 -47.61
CA SER D 416 21.94 65.13 -48.89
C SER D 416 22.53 63.84 -49.44
N GLY D 417 22.82 62.86 -48.58
CA GLY D 417 23.57 61.70 -49.02
C GLY D 417 22.83 60.83 -50.01
N GLY D 418 21.52 60.68 -49.83
CA GLY D 418 20.75 59.74 -50.62
C GLY D 418 20.86 58.33 -50.08
N VAL D 419 20.26 57.40 -50.82
CA VAL D 419 20.20 56.00 -50.41
C VAL D 419 20.56 55.13 -51.60
N ALA D 420 21.45 54.16 -51.38
CA ALA D 420 21.73 53.17 -52.40
C ALA D 420 20.75 52.01 -52.27
N VAL D 421 20.12 51.65 -53.38
CA VAL D 421 19.17 50.55 -53.40
C VAL D 421 19.69 49.50 -54.36
N ILE D 422 19.72 48.26 -53.89
CA ILE D 422 20.12 47.11 -54.69
C ILE D 422 18.88 46.31 -55.00
N LYS D 423 18.47 46.33 -56.27
CA LYS D 423 17.32 45.59 -56.74
C LYS D 423 17.78 44.22 -57.21
N VAL D 424 17.26 43.19 -56.55
CA VAL D 424 17.71 41.81 -56.78
C VAL D 424 16.90 41.22 -57.91
N GLY D 425 17.58 40.86 -59.00
CA GLY D 425 16.90 40.28 -60.14
C GLY D 425 17.03 38.77 -60.21
N GLY D 426 16.06 38.11 -60.83
CA GLY D 426 16.11 36.66 -60.95
C GLY D 426 15.04 36.18 -61.92
N SER D 427 15.10 34.89 -62.19
CA SER D 427 14.13 34.28 -63.11
C SER D 427 12.81 33.98 -62.40
N SER D 428 12.87 33.23 -61.30
CA SER D 428 11.69 32.81 -60.57
C SER D 428 11.55 33.64 -59.30
N GLU D 429 10.40 33.49 -58.64
CA GLU D 429 10.14 34.25 -57.42
C GLU D 429 10.98 33.70 -56.27
N LEU D 430 11.02 32.37 -56.11
CA LEU D 430 11.79 31.78 -55.02
C LEU D 430 13.28 32.07 -55.16
N GLU D 431 13.79 32.03 -56.40
CA GLU D 431 15.18 32.39 -56.62
C GLU D 431 15.45 33.82 -56.20
N VAL D 432 14.54 34.74 -56.54
CA VAL D 432 14.69 36.13 -56.15
C VAL D 432 14.71 36.26 -54.63
N GLY D 433 13.80 35.56 -53.95
CA GLY D 433 13.74 35.67 -52.50
C GLY D 433 14.99 35.14 -51.82
N GLU D 434 15.45 33.96 -52.24
CA GLU D 434 16.63 33.38 -51.60
C GLU D 434 17.88 34.19 -51.90
N LYS D 435 18.01 34.70 -53.13
CA LYS D 435 19.15 35.56 -53.43
C LYS D 435 19.07 36.88 -52.67
N LYS D 436 17.86 37.40 -52.45
CA LYS D 436 17.70 38.60 -51.65
C LYS D 436 18.19 38.37 -50.22
N ASP D 437 17.82 37.23 -49.63
CA ASP D 437 18.28 36.93 -48.28
C ASP D 437 19.80 36.78 -48.23
N ARG D 438 20.37 36.10 -49.22
CA ARG D 438 21.82 35.97 -49.27
C ARG D 438 22.51 37.32 -49.40
N PHE D 439 21.95 38.21 -50.23
CA PHE D 439 22.53 39.52 -50.42
C PHE D 439 22.45 40.35 -49.13
N VAL D 440 21.33 40.24 -48.41
CA VAL D 440 21.20 40.95 -47.14
C VAL D 440 22.24 40.46 -46.14
N ASP D 441 22.42 39.15 -46.05
CA ASP D 441 23.41 38.62 -45.11
C ASP D 441 24.82 39.04 -45.48
N ALA D 442 25.16 38.97 -46.77
CA ALA D 442 26.50 39.38 -47.21
C ALA D 442 26.72 40.87 -47.02
N LEU D 443 25.64 41.66 -47.06
CA LEU D 443 25.77 43.09 -46.78
C LEU D 443 26.04 43.32 -45.30
N ASN D 444 25.34 42.70 -44.38
CA ASN D 444 25.56 43.02 -42.99
C ASN D 444 26.90 42.68 -42.45
N ALA D 445 27.60 41.75 -43.08
CA ALA D 445 28.90 41.31 -42.61
C ALA D 445 30.02 42.22 -43.10
N THR D 446 29.87 42.73 -44.31
CA THR D 446 30.88 43.64 -44.86
C THR D 446 30.94 44.92 -44.03
N ARG D 447 29.79 45.42 -43.59
CA ARG D 447 29.76 46.61 -42.76
C ARG D 447 30.56 46.41 -41.48
N ALA D 448 30.32 45.31 -40.77
CA ALA D 448 31.03 45.04 -39.53
C ALA D 448 32.53 44.91 -39.75
N ALA D 449 32.93 44.32 -40.87
CA ALA D 449 34.34 44.19 -41.18
C ALA D 449 34.97 45.53 -41.56
N VAL D 450 34.17 46.39 -42.17
CA VAL D 450 34.67 47.72 -42.56
C VAL D 450 34.80 48.60 -41.31
N GLU D 451 34.03 48.29 -40.27
CA GLU D 451 34.07 49.09 -39.05
C GLU D 451 35.31 48.83 -38.20
N GLU D 452 35.64 47.57 -37.95
CA GLU D 452 36.75 47.26 -37.06
C GLU D 452 37.83 46.36 -37.65
N GLY D 453 37.51 45.51 -38.62
CA GLY D 453 38.50 44.66 -39.25
C GLY D 453 38.08 43.21 -39.19
N THR D 454 39.01 42.34 -39.54
CA THR D 454 38.77 40.90 -39.57
C THR D 454 39.91 40.16 -38.87
N VAL D 455 39.50 39.07 -38.21
CA VAL D 455 40.45 38.24 -37.52
C VAL D 455 40.23 36.76 -38.00
N PRO D 456 41.27 35.85 -37.99
CA PRO D 456 41.08 34.48 -38.45
C PRO D 456 39.90 33.80 -37.77
N GLY D 457 39.15 33.03 -38.55
CA GLY D 457 37.94 32.38 -38.08
C GLY D 457 38.21 31.02 -37.49
N GLY D 458 37.14 30.24 -37.36
CA GLY D 458 37.24 28.92 -36.80
C GLY D 458 37.41 28.88 -35.30
N GLY D 459 37.27 30.03 -34.63
CA GLY D 459 37.50 30.10 -33.20
C GLY D 459 38.95 30.23 -32.80
N VAL D 460 39.86 30.41 -33.75
CA VAL D 460 41.29 30.45 -33.44
C VAL D 460 41.76 31.83 -32.98
N ALA D 461 40.97 32.88 -33.20
CA ALA D 461 41.36 34.20 -32.73
C ALA D 461 41.42 34.23 -31.21
N LEU D 462 40.34 33.78 -30.55
CA LEU D 462 40.32 33.73 -29.09
C LEU D 462 41.35 32.73 -28.56
N LEU D 463 41.50 31.60 -29.25
CA LEU D 463 42.47 30.60 -28.83
C LEU D 463 43.89 31.15 -28.85
N LYS D 464 44.24 31.91 -29.89
CA LYS D 464 45.55 32.53 -29.94
C LYS D 464 45.68 33.67 -28.94
N SER D 465 44.58 34.39 -28.68
CA SER D 465 44.61 35.46 -27.69
C SER D 465 44.79 34.93 -26.28
N THR D 466 44.45 33.66 -26.03
CA THR D 466 44.67 33.09 -24.70
C THR D 466 46.14 33.07 -24.29
N LYS D 467 47.08 33.21 -25.23
CA LYS D 467 48.50 33.15 -24.93
C LYS D 467 49.05 34.45 -24.36
N CYS D 468 48.26 35.52 -24.33
CA CYS D 468 48.68 36.78 -23.75
C CYS D 468 48.25 36.95 -22.30
N LEU D 469 47.45 36.03 -21.77
CA LEU D 469 46.96 36.15 -20.40
C LEU D 469 48.01 35.75 -19.36
N ASP D 470 49.12 35.16 -19.79
CA ASP D 470 50.16 34.74 -18.85
C ASP D 470 51.13 35.86 -18.56
N LYS D 471 50.74 37.09 -18.90
CA LYS D 471 51.56 38.27 -18.59
C LYS D 471 50.86 39.23 -17.64
N LEU D 472 49.70 38.88 -17.10
CA LEU D 472 48.96 39.75 -16.20
C LEU D 472 49.48 39.60 -14.79
N THR D 473 49.40 40.69 -14.03
CA THR D 473 49.87 40.70 -12.64
C THR D 473 48.72 41.05 -11.71
N PRO D 474 47.95 40.08 -11.24
CA PRO D 474 46.87 40.38 -10.30
C PRO D 474 47.41 40.70 -8.92
N GLY D 475 46.62 41.44 -8.15
CA GLY D 475 47.02 41.77 -6.78
C GLY D 475 46.45 40.72 -5.85
N ASN D 476 45.53 39.90 -6.35
CA ASN D 476 44.93 38.86 -5.54
C ASN D 476 45.06 37.51 -6.22
N PHE D 477 45.01 36.46 -5.42
CA PHE D 477 45.08 35.12 -6.00
C PHE D 477 43.73 34.75 -6.56
N ASP D 478 42.67 35.32 -6.02
CA ASP D 478 41.34 35.06 -6.55
C ASP D 478 41.23 35.76 -7.90
N GLN D 479 41.91 36.89 -8.07
CA GLN D 479 41.94 37.51 -9.38
C GLN D 479 42.70 36.65 -10.37
N GLN D 480 43.78 35.99 -9.91
CA GLN D 480 44.48 35.04 -10.77
C GLN D 480 43.58 33.86 -11.13
N LEU D 481 42.77 33.41 -10.18
CA LEU D 481 41.80 32.35 -10.48
C LEU D 481 40.79 32.80 -11.54
N GLY D 482 40.35 34.05 -11.46
CA GLY D 482 39.45 34.57 -12.49
C GLY D 482 40.12 34.65 -13.85
N ILE D 483 41.38 35.09 -13.88
CA ILE D 483 42.12 35.12 -15.14
C ILE D 483 42.25 33.72 -15.72
N ASN D 484 42.53 32.72 -14.87
CA ASN D 484 42.59 31.34 -15.33
C ASN D 484 41.22 30.86 -15.82
N ILE D 485 40.14 31.32 -15.18
CA ILE D 485 38.79 30.98 -15.64
C ILE D 485 38.59 31.46 -17.07
N ILE D 486 38.96 32.72 -17.34
CA ILE D 486 38.79 33.27 -18.68
C ILE D 486 39.68 32.53 -19.67
N LYS D 487 40.91 32.23 -19.26
CA LYS D 487 41.85 31.54 -20.14
C LYS D 487 41.35 30.15 -20.53
N SER D 488 40.78 29.42 -19.57
CA SER D 488 40.22 28.11 -19.88
C SER D 488 38.96 28.23 -20.73
N ALA D 489 38.13 29.25 -20.45
CA ALA D 489 36.86 29.36 -21.16
C ALA D 489 37.04 29.78 -22.61
N LEU D 490 38.08 30.54 -22.91
CA LEU D 490 38.27 31.05 -24.27
C LEU D 490 38.77 30.00 -25.25
N GLN D 491 38.81 28.73 -24.88
CA GLN D 491 39.19 27.65 -25.78
C GLN D 491 38.01 26.81 -26.24
N LYS D 492 36.83 27.02 -25.65
CA LYS D 492 35.68 26.19 -25.99
C LYS D 492 35.21 26.29 -27.45
N PRO D 493 35.12 27.48 -28.07
CA PRO D 493 34.59 27.52 -29.45
C PRO D 493 35.37 26.65 -30.43
N ALA D 494 36.70 26.65 -30.36
CA ALA D 494 37.48 25.81 -31.27
C ALA D 494 37.26 24.33 -30.98
N LYS D 495 37.19 23.97 -29.69
CA LYS D 495 36.93 22.58 -29.33
C LYS D 495 35.58 22.12 -29.86
N ILE D 496 34.56 22.97 -29.75
CA ILE D 496 33.22 22.60 -30.21
C ILE D 496 33.19 22.52 -31.74
N ILE D 497 33.87 23.44 -32.42
CA ILE D 497 33.92 23.39 -33.87
C ILE D 497 34.59 22.09 -34.34
N ALA D 498 35.67 21.70 -33.67
CA ALA D 498 36.33 20.44 -34.02
C ALA D 498 35.46 19.24 -33.69
N ASP D 499 34.73 19.30 -32.57
CA ASP D 499 33.84 18.20 -32.19
C ASP D 499 32.73 18.01 -33.20
N ASN D 500 32.15 19.10 -33.70
CA ASN D 500 31.09 19.00 -34.70
C ASN D 500 31.59 18.36 -35.98
N ALA D 501 32.88 18.52 -36.30
CA ALA D 501 33.46 17.88 -37.46
C ALA D 501 33.66 16.39 -37.28
N GLY D 502 33.47 15.87 -36.06
CA GLY D 502 33.65 14.46 -35.77
C GLY D 502 34.96 14.11 -35.12
N GLU D 503 35.85 15.08 -34.91
CA GLU D 503 37.15 14.82 -34.29
C GLU D 503 37.06 15.01 -32.78
N GLU D 504 38.20 15.02 -32.11
CA GLU D 504 38.29 15.30 -30.68
C GLU D 504 38.84 16.71 -30.52
N GLY D 505 38.00 17.61 -30.00
CA GLY D 505 38.36 19.02 -29.97
C GLY D 505 39.58 19.30 -29.12
N ALA D 506 39.74 18.57 -28.01
CA ALA D 506 40.86 18.80 -27.12
C ALA D 506 42.19 18.53 -27.80
N VAL D 507 42.26 17.44 -28.57
CA VAL D 507 43.52 17.08 -29.25
C VAL D 507 43.84 18.10 -30.34
N ILE D 508 42.83 18.53 -31.09
CA ILE D 508 43.06 19.54 -32.14
C ILE D 508 43.54 20.84 -31.52
N VAL D 509 42.91 21.26 -30.43
CA VAL D 509 43.31 22.50 -29.76
C VAL D 509 44.73 22.38 -29.23
N GLY D 510 45.06 21.23 -28.64
CA GLY D 510 46.43 21.02 -28.18
C GLY D 510 47.45 21.07 -29.30
N LYS D 511 47.12 20.48 -30.45
CA LYS D 511 48.02 20.55 -31.59
C LYS D 511 48.19 21.98 -32.08
N ILE D 512 47.11 22.76 -32.11
CA ILE D 512 47.22 24.15 -32.54
C ILE D 512 48.02 24.96 -31.53
N LEU D 513 47.85 24.69 -30.24
CA LEU D 513 48.46 25.48 -29.18
C LEU D 513 49.86 25.02 -28.81
N ASP D 514 50.37 23.95 -29.42
CA ASP D 514 51.69 23.41 -29.08
C ASP D 514 52.77 23.80 -30.08
N ASN D 515 52.57 23.50 -31.35
CA ASN D 515 53.53 23.82 -32.38
C ASN D 515 52.99 24.97 -33.25
N HIS D 516 53.82 25.45 -34.16
CA HIS D 516 53.50 26.59 -35.02
C HIS D 516 53.10 27.80 -34.17
N THR D 517 53.99 28.15 -33.25
CA THR D 517 53.74 29.20 -32.27
C THR D 517 54.04 30.60 -32.81
N ASP D 518 54.52 30.72 -34.04
CA ASP D 518 54.82 32.00 -34.67
C ASP D 518 53.88 32.27 -35.83
N ASP D 519 52.64 31.77 -35.73
CA ASP D 519 51.65 31.95 -36.79
C ASP D 519 50.30 32.22 -36.13
N PHE D 520 49.88 33.49 -36.14
CA PHE D 520 48.58 33.86 -35.59
C PHE D 520 47.44 33.37 -36.46
N ASN D 521 47.70 33.04 -37.72
CA ASN D 521 46.65 32.70 -38.67
C ASN D 521 46.58 31.20 -38.91
N TYR D 522 47.25 30.42 -38.07
CA TYR D 522 47.35 28.97 -38.27
C TYR D 522 46.30 28.29 -37.43
N GLY D 523 45.57 27.36 -38.04
CA GLY D 523 44.50 26.68 -37.32
C GLY D 523 43.96 25.51 -38.10
N TYR D 524 42.79 25.04 -37.67
CA TYR D 524 42.15 23.86 -38.21
C TYR D 524 41.03 24.26 -39.17
N ASP D 525 41.15 23.82 -40.42
CA ASP D 525 40.07 23.94 -41.40
C ASP D 525 39.19 22.72 -41.25
N ALA D 526 38.04 22.90 -40.58
CA ALA D 526 37.15 21.78 -40.32
C ALA D 526 36.42 21.32 -41.58
N ALA D 527 36.18 22.24 -42.53
CA ALA D 527 35.49 21.87 -43.76
C ALA D 527 36.31 20.86 -44.56
N LYS D 528 37.62 21.08 -44.67
CA LYS D 528 38.51 20.15 -45.36
C LYS D 528 39.27 19.24 -44.41
N SER D 529 39.04 19.36 -43.10
CA SER D 529 39.71 18.55 -42.09
C SER D 529 41.23 18.63 -42.23
N GLU D 530 41.74 19.84 -42.41
CA GLU D 530 43.15 20.08 -42.65
C GLU D 530 43.69 21.08 -41.64
N TYR D 531 45.01 21.30 -41.68
CA TYR D 531 45.65 22.32 -40.87
C TYR D 531 46.31 23.32 -41.80
N GLY D 532 46.29 24.59 -41.42
CA GLY D 532 46.99 25.59 -42.19
C GLY D 532 46.52 26.98 -41.89
N ASP D 533 46.94 27.92 -42.74
CA ASP D 533 46.59 29.33 -42.58
C ASP D 533 45.13 29.53 -42.94
N LEU D 534 44.33 29.95 -41.96
CA LEU D 534 42.90 30.10 -42.18
C LEU D 534 42.56 31.34 -42.99
N VAL D 535 43.35 32.40 -42.86
CA VAL D 535 43.08 33.62 -43.64
C VAL D 535 43.30 33.38 -45.12
N SER D 536 44.31 32.57 -45.46
CA SER D 536 44.55 32.24 -46.86
C SER D 536 43.39 31.46 -47.46
N ARG D 537 42.69 30.67 -46.65
CA ARG D 537 41.54 29.90 -47.10
C ARG D 537 40.24 30.67 -47.01
N GLY D 538 40.28 31.93 -46.56
CA GLY D 538 39.08 32.72 -46.48
C GLY D 538 38.22 32.50 -45.26
N ILE D 539 38.76 31.89 -44.21
CA ILE D 539 38.03 31.64 -42.98
C ILE D 539 38.38 32.78 -42.02
N VAL D 540 37.62 33.87 -42.11
CA VAL D 540 37.80 35.04 -41.26
C VAL D 540 36.44 35.47 -40.73
N ASP D 541 36.47 36.18 -39.59
CA ASP D 541 35.28 36.75 -39.01
C ASP D 541 35.57 38.16 -38.53
N PRO D 542 34.58 39.04 -38.50
CA PRO D 542 34.82 40.42 -38.07
C PRO D 542 35.25 40.50 -36.61
N LEU D 543 36.10 41.48 -36.32
CA LEU D 543 36.50 41.71 -34.93
C LEU D 543 35.32 42.19 -34.09
N LYS D 544 34.37 42.91 -34.70
CA LYS D 544 33.24 43.46 -33.97
C LYS D 544 32.41 42.36 -33.31
N VAL D 545 32.09 41.31 -34.07
CA VAL D 545 31.20 40.27 -33.55
C VAL D 545 31.88 39.50 -32.42
N VAL D 546 33.16 39.17 -32.58
CA VAL D 546 33.85 38.41 -31.55
C VAL D 546 34.05 39.25 -30.30
N ARG D 547 34.36 40.54 -30.47
CA ARG D 547 34.51 41.42 -29.32
C ARG D 547 33.20 41.58 -28.57
N THR D 548 32.10 41.80 -29.30
CA THR D 548 30.80 41.96 -28.66
C THR D 548 30.39 40.68 -27.94
N ALA D 549 30.60 39.52 -28.57
CA ALA D 549 30.25 38.26 -27.95
C ALA D 549 31.05 38.05 -26.67
N LEU D 550 32.36 38.30 -26.73
CA LEU D 550 33.20 38.13 -25.55
C LEU D 550 32.75 39.04 -24.42
N VAL D 551 32.54 40.32 -24.71
CA VAL D 551 32.19 41.28 -23.66
C VAL D 551 30.84 40.93 -23.04
N ASP D 552 29.85 40.64 -23.87
CA ASP D 552 28.52 40.35 -23.35
C ASP D 552 28.49 39.05 -22.56
N ALA D 553 29.17 38.00 -23.06
CA ALA D 553 29.22 36.74 -22.33
C ALA D 553 29.92 36.92 -20.99
N SER D 554 31.03 37.65 -20.97
CA SER D 554 31.75 37.88 -19.72
C SER D 554 30.86 38.63 -18.72
N GLY D 555 30.18 39.67 -19.18
CA GLY D 555 29.36 40.46 -18.28
C GLY D 555 28.20 39.66 -17.70
N VAL D 556 27.49 38.92 -18.57
CA VAL D 556 26.35 38.16 -18.09
C VAL D 556 26.79 37.01 -17.18
N ALA D 557 27.94 36.39 -17.48
CA ALA D 557 28.43 35.32 -16.62
C ALA D 557 28.84 35.85 -15.26
N SER D 558 29.49 37.02 -15.22
CA SER D 558 29.84 37.62 -13.93
C SER D 558 28.58 37.98 -13.15
N LEU D 559 27.57 38.52 -13.83
CA LEU D 559 26.32 38.86 -13.15
C LEU D 559 25.64 37.62 -12.59
N LEU D 560 25.65 36.52 -13.34
CA LEU D 560 25.06 35.28 -12.85
C LEU D 560 25.85 34.72 -11.67
N THR D 561 27.18 34.81 -11.71
CA THR D 561 27.99 34.32 -10.60
C THR D 561 27.73 35.15 -9.34
N THR D 562 27.56 36.46 -9.48
CA THR D 562 27.37 37.32 -8.32
C THR D 562 25.99 37.13 -7.67
N THR D 563 25.03 36.60 -8.42
CA THR D 563 23.65 36.50 -7.91
C THR D 563 23.59 35.64 -6.66
N GLU D 564 22.88 36.14 -5.63
CA GLU D 564 22.78 35.47 -4.35
C GLU D 564 21.37 35.03 -3.98
N CYS D 565 20.34 35.56 -4.63
CA CYS D 565 18.96 35.17 -4.34
C CYS D 565 18.16 35.26 -5.63
N THR D 566 17.25 34.30 -5.83
CA THR D 566 16.38 34.28 -6.98
C THR D 566 14.94 34.03 -6.55
N ILE D 567 14.02 34.82 -7.07
CA ILE D 567 12.61 34.78 -6.70
C ILE D 567 11.78 34.49 -7.93
N THR D 568 10.93 33.46 -7.85
CA THR D 568 10.01 33.13 -8.92
C THR D 568 8.58 33.04 -8.36
N GLU D 569 7.63 32.61 -9.19
CA GLU D 569 6.25 32.48 -8.78
C GLU D 569 5.92 31.01 -8.52
N ALA D 570 5.15 30.76 -7.47
CA ALA D 570 4.76 29.40 -7.14
C ALA D 570 3.77 28.89 -8.17
N PRO D 571 4.00 27.70 -8.76
CA PRO D 571 3.11 27.12 -9.78
C PRO D 571 1.70 26.85 -9.25
N THR E 44 5.06 28.88 -23.90
CA THR E 44 5.10 27.45 -24.15
C THR E 44 6.32 26.79 -23.51
N HIS E 45 6.19 25.52 -23.16
CA HIS E 45 7.25 24.75 -22.51
C HIS E 45 7.65 23.60 -23.42
N LYS E 46 8.96 23.36 -23.52
CA LYS E 46 9.50 22.40 -24.47
C LYS E 46 10.22 21.28 -23.75
N GLU E 47 10.38 20.16 -24.46
CA GLU E 47 11.15 19.02 -24.02
C GLU E 47 12.25 18.75 -25.04
N LEU E 48 13.45 18.48 -24.55
CA LEU E 48 14.63 18.34 -25.39
C LEU E 48 15.26 16.97 -25.21
N LYS E 49 15.66 16.35 -26.32
CA LYS E 49 16.40 15.11 -26.30
C LYS E 49 17.68 15.27 -27.11
N PHE E 50 18.77 14.72 -26.60
CA PHE E 50 20.10 14.89 -27.19
C PHE E 50 20.70 13.54 -27.51
N GLY E 51 21.38 13.46 -28.66
CA GLY E 51 22.20 12.32 -29.00
C GLY E 51 21.48 11.01 -29.24
N VAL E 52 21.85 9.99 -28.45
CA VAL E 52 21.42 8.62 -28.73
C VAL E 52 19.94 8.45 -28.46
N GLU E 53 19.42 9.05 -27.39
CA GLU E 53 18.02 8.83 -27.02
C GLU E 53 17.06 9.45 -28.04
N GLY E 54 17.36 10.66 -28.51
CA GLY E 54 16.52 11.27 -29.52
C GLY E 54 16.52 10.48 -30.81
N ARG E 55 17.69 10.02 -31.24
CA ARG E 55 17.77 9.19 -32.44
C ARG E 55 17.04 7.87 -32.24
N ALA E 56 17.07 7.32 -31.03
CA ALA E 56 16.33 6.09 -30.75
C ALA E 56 14.83 6.30 -30.88
N SER E 57 14.32 7.42 -30.37
CA SER E 57 12.90 7.72 -30.50
C SER E 57 12.52 7.93 -31.97
N LEU E 58 13.34 8.67 -32.71
CA LEU E 58 13.08 8.85 -34.14
C LEU E 58 13.09 7.53 -34.87
N LEU E 59 14.03 6.64 -34.52
CA LEU E 59 14.10 5.33 -35.14
C LEU E 59 12.87 4.50 -34.81
N LYS E 60 12.37 4.60 -33.59
CA LYS E 60 11.13 3.90 -33.23
C LYS E 60 9.97 4.37 -34.11
N GLY E 61 9.85 5.69 -34.30
CA GLY E 61 8.78 6.20 -35.14
C GLY E 61 8.90 5.74 -36.58
N VAL E 62 10.10 5.85 -37.14
CA VAL E 62 10.32 5.43 -38.52
C VAL E 62 10.11 3.92 -38.66
N ASP E 63 10.48 3.15 -37.63
CA ASP E 63 10.27 1.71 -37.64
C ASP E 63 8.79 1.38 -37.70
N ILE E 64 7.99 2.04 -36.88
CA ILE E 64 6.55 1.78 -36.89
C ILE E 64 5.96 2.12 -38.25
N LEU E 65 6.32 3.29 -38.79
CA LEU E 65 5.77 3.70 -40.09
C LEU E 65 6.17 2.72 -41.19
N ALA E 66 7.44 2.34 -41.25
CA ALA E 66 7.90 1.45 -42.30
C ALA E 66 7.30 0.05 -42.16
N LYS E 67 7.17 -0.43 -40.93
CA LYS E 67 6.54 -1.73 -40.70
C LYS E 67 5.11 -1.73 -41.16
N ALA E 68 4.37 -0.64 -40.90
CA ALA E 68 2.99 -0.57 -41.35
C ALA E 68 2.91 -0.50 -42.87
N VAL E 69 3.82 0.24 -43.51
CA VAL E 69 3.69 0.46 -44.95
C VAL E 69 4.23 -0.72 -45.77
N ALA E 70 5.20 -1.46 -45.25
CA ALA E 70 5.91 -2.46 -46.05
C ALA E 70 5.04 -3.67 -46.40
N VAL E 71 4.00 -3.95 -45.62
CA VAL E 71 3.18 -5.13 -45.87
C VAL E 71 2.37 -5.04 -47.14
N THR E 72 2.29 -3.86 -47.77
CA THR E 72 1.49 -3.65 -48.96
C THR E 72 2.33 -3.59 -50.23
N LEU E 73 3.60 -3.99 -50.18
CA LEU E 73 4.48 -3.88 -51.32
C LEU E 73 4.54 -5.20 -52.09
N GLY E 74 4.37 -5.13 -53.40
CA GLY E 74 4.45 -6.30 -54.25
C GLY E 74 3.09 -6.76 -54.72
N PRO E 75 3.07 -7.68 -55.69
CA PRO E 75 1.79 -8.25 -56.14
C PRO E 75 1.05 -8.99 -55.04
N LYS E 76 1.77 -9.61 -54.10
CA LYS E 76 1.17 -10.36 -53.01
C LYS E 76 1.16 -9.56 -51.70
N GLY E 77 1.00 -8.24 -51.79
CA GLY E 77 0.94 -7.44 -50.59
C GLY E 77 -0.28 -7.76 -49.74
N ARG E 78 -0.11 -7.64 -48.43
CA ARG E 78 -1.16 -7.98 -47.49
C ARG E 78 -2.14 -6.81 -47.34
N ASN E 79 -3.18 -7.03 -46.56
CA ASN E 79 -4.24 -6.05 -46.35
C ASN E 79 -4.00 -5.27 -45.07
N VAL E 80 -4.48 -4.03 -45.06
CA VAL E 80 -4.45 -3.17 -43.89
C VAL E 80 -5.87 -2.73 -43.58
N LEU E 81 -6.28 -2.89 -42.32
CA LEU E 81 -7.59 -2.45 -41.86
C LEU E 81 -7.44 -1.11 -41.15
N ILE E 82 -8.11 -0.09 -41.68
CA ILE E 82 -8.10 1.25 -41.09
C ILE E 82 -9.52 1.55 -40.59
N GLU E 83 -9.62 1.92 -39.32
CA GLU E 83 -10.91 2.15 -38.67
C GLU E 83 -11.27 3.62 -38.75
N GLN E 84 -12.50 3.90 -39.24
CA GLN E 84 -13.10 5.23 -39.31
C GLN E 84 -13.89 5.53 -38.04
N PRO E 85 -13.99 6.81 -37.67
CA PRO E 85 -14.76 7.15 -36.45
C PRO E 85 -16.19 6.67 -36.50
N TYR E 86 -16.79 6.75 -37.70
CA TYR E 86 -18.16 6.28 -37.90
C TYR E 86 -18.22 5.68 -39.30
N GLY E 87 -18.63 4.42 -39.41
CA GLY E 87 -18.70 3.76 -40.70
C GLY E 87 -17.94 2.44 -40.71
N SER E 88 -18.11 1.72 -41.81
CA SER E 88 -17.47 0.43 -41.96
C SER E 88 -15.95 0.59 -42.09
N PRO E 89 -15.19 -0.37 -41.59
CA PRO E 89 -13.73 -0.28 -41.70
C PRO E 89 -13.28 -0.34 -43.15
N LYS E 90 -12.15 0.30 -43.42
CA LYS E 90 -11.59 0.39 -44.76
C LYS E 90 -10.48 -0.64 -44.92
N ILE E 91 -10.54 -1.41 -46.02
CA ILE E 91 -9.55 -2.42 -46.34
C ILE E 91 -8.70 -1.88 -47.48
N THR E 92 -7.40 -1.74 -47.24
CA THR E 92 -6.53 -1.09 -48.22
C THR E 92 -5.27 -1.92 -48.46
N LYS E 93 -4.83 -1.94 -49.72
CA LYS E 93 -3.55 -2.49 -50.13
C LYS E 93 -2.62 -1.41 -50.66
N ASP E 94 -2.94 -0.14 -50.42
CA ASP E 94 -2.25 0.98 -51.01
C ASP E 94 -1.31 1.60 -49.98
N GLY E 95 -0.03 1.74 -50.36
CA GLY E 95 0.96 2.19 -49.41
C GLY E 95 0.78 3.63 -48.97
N VAL E 96 0.46 4.52 -49.91
CA VAL E 96 0.32 5.93 -49.57
C VAL E 96 -0.90 6.16 -48.68
N THR E 97 -1.98 5.42 -48.93
CA THR E 97 -3.16 5.52 -48.07
C THR E 97 -2.84 5.10 -46.64
N VAL E 98 -2.09 4.01 -46.48
CA VAL E 98 -1.68 3.56 -45.16
C VAL E 98 -0.76 4.58 -44.50
N ALA E 99 0.17 5.15 -45.27
CA ALA E 99 1.13 6.09 -44.72
C ALA E 99 0.44 7.38 -44.25
N LYS E 100 -0.55 7.86 -45.00
CA LYS E 100 -1.21 9.11 -44.67
C LYS E 100 -2.11 9.02 -43.44
N SER E 101 -2.35 7.83 -42.92
CA SER E 101 -3.27 7.64 -41.79
C SER E 101 -2.57 7.19 -40.53
N ILE E 102 -1.28 7.49 -40.36
CA ILE E 102 -0.50 7.06 -39.21
C ILE E 102 -0.09 8.29 -38.41
N SER E 103 -0.47 8.32 -37.14
CA SER E 103 -0.05 9.35 -36.21
C SER E 103 0.26 8.69 -34.87
N LEU E 104 1.39 9.08 -34.28
CA LEU E 104 1.86 8.47 -33.05
C LEU E 104 1.64 9.42 -31.87
N LYS E 105 1.41 8.82 -30.73
CA LYS E 105 1.16 9.54 -29.50
C LYS E 105 2.37 10.16 -28.93
N ASP E 106 3.47 9.47 -28.95
CA ASP E 106 4.75 9.99 -28.52
C ASP E 106 5.25 11.05 -29.49
N LYS E 107 5.81 12.13 -28.95
CA LYS E 107 6.11 13.30 -29.76
C LYS E 107 7.33 13.10 -30.66
N PHE E 108 8.39 12.48 -30.16
CA PHE E 108 9.61 12.35 -30.95
C PHE E 108 9.46 11.29 -32.04
N GLU E 109 8.81 10.16 -31.70
CA GLU E 109 8.51 9.16 -32.71
C GLU E 109 7.59 9.73 -33.78
N ASN E 110 6.59 10.52 -33.37
CA ASN E 110 5.73 11.18 -34.33
C ASN E 110 6.51 12.17 -35.18
N LEU E 111 7.54 12.82 -34.61
CA LEU E 111 8.35 13.75 -35.38
C LEU E 111 9.11 13.01 -36.49
N GLY E 112 9.75 11.90 -36.14
CA GLY E 112 10.44 11.11 -37.14
C GLY E 112 9.50 10.58 -38.21
N ALA E 113 8.35 10.05 -37.78
CA ALA E 113 7.36 9.53 -38.73
C ALA E 113 6.86 10.64 -39.65
N ARG E 114 6.66 11.84 -39.09
CA ARG E 114 6.18 12.95 -39.90
C ARG E 114 7.21 13.35 -40.94
N LEU E 115 8.48 13.42 -40.54
CA LEU E 115 9.53 13.75 -41.50
C LEU E 115 9.55 12.76 -42.65
N VAL E 116 9.53 11.46 -42.33
CA VAL E 116 9.56 10.46 -43.39
C VAL E 116 8.29 10.52 -44.22
N GLN E 117 7.14 10.78 -43.59
CA GLN E 117 5.88 10.90 -44.32
C GLN E 117 5.92 12.07 -45.30
N ASP E 118 6.47 13.21 -44.87
CA ASP E 118 6.58 14.35 -45.76
C ASP E 118 7.47 14.03 -46.95
N VAL E 119 8.61 13.39 -46.71
CA VAL E 119 9.51 13.08 -47.82
C VAL E 119 8.85 12.07 -48.78
N ALA E 120 8.18 11.06 -48.24
CA ALA E 120 7.51 10.07 -49.09
C ALA E 120 6.38 10.70 -49.89
N ASN E 121 5.59 11.58 -49.27
CA ASN E 121 4.54 12.27 -50.00
C ASN E 121 5.12 13.14 -51.10
N LYS E 122 6.22 13.83 -50.82
CA LYS E 122 6.85 14.68 -51.83
C LYS E 122 7.34 13.86 -53.01
N THR E 123 8.00 12.73 -52.76
CA THR E 123 8.50 11.93 -53.88
C THR E 123 7.34 11.29 -54.65
N ASN E 124 6.28 10.88 -53.96
CA ASN E 124 5.11 10.35 -54.65
C ASN E 124 4.46 11.41 -55.53
N GLU E 125 4.37 12.65 -55.05
CA GLU E 125 3.80 13.72 -55.85
C GLU E 125 4.68 14.04 -57.05
N VAL E 126 6.00 14.07 -56.84
CA VAL E 126 6.92 14.43 -57.92
C VAL E 126 6.94 13.37 -59.01
N ALA E 127 7.07 12.10 -58.63
CA ALA E 127 7.29 11.03 -59.59
C ALA E 127 6.03 10.26 -59.96
N GLY E 128 5.01 10.25 -59.10
CA GLY E 128 3.82 9.48 -59.37
C GLY E 128 3.63 8.34 -58.40
N ASP E 129 4.72 7.70 -58.01
CA ASP E 129 4.69 6.60 -57.05
C ASP E 129 6.07 6.48 -56.41
N GLY E 130 6.21 5.49 -55.53
CA GLY E 130 7.44 5.24 -54.83
C GLY E 130 7.43 5.55 -53.34
N THR E 131 6.26 5.64 -52.71
CA THR E 131 6.20 5.93 -51.27
C THR E 131 6.72 4.77 -50.45
N THR E 132 6.26 3.55 -50.76
CA THR E 132 6.65 2.39 -49.96
C THR E 132 8.14 2.11 -50.08
N THR E 133 8.68 2.17 -51.30
CA THR E 133 10.11 1.92 -51.50
C THR E 133 10.95 2.97 -50.79
N ALA E 134 10.55 4.24 -50.89
CA ALA E 134 11.29 5.31 -50.23
C ALA E 134 11.26 5.13 -48.71
N THR E 135 10.10 4.77 -48.16
CA THR E 135 10.00 4.55 -46.72
C THR E 135 10.88 3.38 -46.27
N ILE E 136 10.86 2.29 -47.03
CA ILE E 136 11.65 1.11 -46.68
C ILE E 136 13.14 1.44 -46.71
N LEU E 137 13.58 2.13 -47.78
CA LEU E 137 14.99 2.49 -47.90
C LEU E 137 15.40 3.46 -46.79
N THR E 138 14.52 4.41 -46.46
CA THR E 138 14.80 5.32 -45.36
C THR E 138 15.00 4.56 -44.05
N ARG E 139 14.09 3.64 -43.76
CA ARG E 139 14.20 2.87 -42.52
C ARG E 139 15.51 2.08 -42.49
N ALA E 140 15.84 1.42 -43.59
CA ALA E 140 17.04 0.59 -43.63
C ALA E 140 18.30 1.44 -43.42
N ILE E 141 18.43 2.52 -44.19
CA ILE E 141 19.62 3.35 -44.10
C ILE E 141 19.73 3.99 -42.73
N PHE E 142 18.61 4.49 -42.19
CA PHE E 142 18.65 5.14 -40.88
C PHE E 142 19.04 4.15 -39.78
N ALA E 143 18.48 2.95 -39.80
CA ALA E 143 18.82 1.96 -38.78
C ALA E 143 20.28 1.56 -38.87
N GLU E 144 20.78 1.32 -40.09
CA GLU E 144 22.17 0.91 -40.23
C GLU E 144 23.12 2.03 -39.84
N GLY E 145 22.78 3.28 -40.18
CA GLY E 145 23.61 4.40 -39.77
C GLY E 145 23.62 4.59 -38.27
N VAL E 146 22.47 4.40 -37.62
CA VAL E 146 22.43 4.47 -36.15
C VAL E 146 23.33 3.39 -35.55
N LYS E 147 23.27 2.17 -36.07
CA LYS E 147 24.13 1.10 -35.57
C LYS E 147 25.60 1.44 -35.75
N ASN E 148 25.97 1.96 -36.93
CA ASN E 148 27.38 2.27 -37.19
C ASN E 148 27.87 3.42 -36.33
N VAL E 149 27.01 4.42 -36.09
CA VAL E 149 27.38 5.52 -35.21
C VAL E 149 27.57 5.02 -33.78
N ALA E 150 26.67 4.15 -33.32
CA ALA E 150 26.83 3.55 -32.00
C ALA E 150 28.12 2.74 -31.91
N ALA E 151 28.54 2.12 -33.01
CA ALA E 151 29.79 1.37 -33.03
C ALA E 151 31.02 2.26 -32.89
N GLY E 152 30.87 3.58 -33.00
CA GLY E 152 31.99 4.48 -32.82
C GLY E 152 32.56 5.01 -34.11
N CYS E 153 31.70 5.42 -35.03
CA CYS E 153 32.11 5.90 -36.35
C CYS E 153 31.73 7.37 -36.52
N ASN E 154 32.34 8.00 -37.51
CA ASN E 154 32.11 9.42 -37.78
C ASN E 154 30.91 9.57 -38.71
N PRO E 155 29.83 10.23 -38.27
CA PRO E 155 28.64 10.35 -39.14
C PRO E 155 28.90 11.12 -40.44
N MET E 156 29.81 12.09 -40.44
CA MET E 156 30.05 12.86 -41.66
C MET E 156 30.66 12.01 -42.76
N ASP E 157 31.62 11.14 -42.39
CA ASP E 157 32.21 10.24 -43.38
C ASP E 157 31.19 9.20 -43.84
N LEU E 158 30.31 8.76 -42.94
CA LEU E 158 29.20 7.91 -43.34
C LEU E 158 28.33 8.60 -44.40
N ARG E 159 28.02 9.88 -44.18
CA ARG E 159 27.24 10.64 -45.14
C ARG E 159 27.96 10.74 -46.48
N ARG E 160 29.27 11.01 -46.46
CA ARG E 160 30.02 11.09 -47.70
C ARG E 160 30.02 9.77 -48.45
N GLY E 161 30.22 8.66 -47.74
CA GLY E 161 30.19 7.36 -48.39
C GLY E 161 28.83 7.02 -48.96
N VAL E 162 27.76 7.36 -48.22
CA VAL E 162 26.41 7.13 -48.71
C VAL E 162 26.15 7.93 -49.98
N GLN E 163 26.57 9.20 -49.99
CA GLN E 163 26.40 10.02 -51.18
C GLN E 163 27.16 9.44 -52.37
N MET E 164 28.40 9.00 -52.15
CA MET E 164 29.18 8.43 -53.25
C MET E 164 28.53 7.17 -53.79
N ALA E 165 28.07 6.29 -52.89
CA ALA E 165 27.40 5.08 -53.32
C ALA E 165 26.12 5.37 -54.09
N VAL E 166 25.34 6.34 -53.62
CA VAL E 166 24.09 6.68 -54.30
C VAL E 166 24.37 7.24 -55.69
N ASP E 167 25.40 8.09 -55.81
CA ASP E 167 25.77 8.61 -57.12
C ASP E 167 26.19 7.49 -58.07
N SER E 168 26.99 6.53 -57.57
CA SER E 168 27.39 5.41 -58.40
C SER E 168 26.19 4.59 -58.85
N ILE E 169 25.26 4.33 -57.94
CA ILE E 169 24.06 3.55 -58.28
C ILE E 169 23.24 4.27 -59.33
N VAL E 170 23.06 5.59 -59.17
CA VAL E 170 22.27 6.35 -60.12
C VAL E 170 22.92 6.33 -61.50
N LYS E 171 24.25 6.47 -61.55
CA LYS E 171 24.95 6.41 -62.83
C LYS E 171 24.79 5.05 -63.49
N PHE E 172 24.91 3.97 -62.71
CA PHE E 172 24.74 2.63 -63.27
C PHE E 172 23.32 2.44 -63.81
N LEU E 173 22.32 2.88 -63.04
CA LEU E 173 20.93 2.71 -63.46
C LEU E 173 20.63 3.51 -64.72
N ARG E 174 21.15 4.74 -64.80
CA ARG E 174 20.97 5.53 -66.01
C ARG E 174 21.66 4.89 -67.20
N GLU E 175 22.82 4.26 -66.98
CA GLU E 175 23.50 3.55 -68.06
C GLU E 175 22.68 2.36 -68.56
N LYS E 176 22.04 1.64 -67.64
CA LYS E 176 21.33 0.41 -68.01
C LYS E 176 19.86 0.63 -68.35
N SER E 177 19.39 1.87 -68.41
CA SER E 177 17.99 2.13 -68.70
C SER E 177 17.68 1.89 -70.18
N ARG E 178 16.41 1.58 -70.45
CA ARG E 178 15.92 1.37 -71.81
C ARG E 178 15.00 2.52 -72.19
N VAL E 179 15.40 3.28 -73.21
CA VAL E 179 14.64 4.44 -73.66
C VAL E 179 13.59 3.98 -74.68
N ILE E 180 12.42 4.62 -74.63
CA ILE E 180 11.33 4.33 -75.54
C ILE E 180 11.01 5.60 -76.33
N THR E 181 11.02 5.50 -77.66
CA THR E 181 10.81 6.65 -78.53
C THR E 181 9.62 6.49 -79.46
N THR E 182 9.52 5.37 -80.18
CA THR E 182 8.49 5.25 -81.21
C THR E 182 7.14 4.91 -80.60
N SER E 183 6.10 5.03 -81.42
CA SER E 183 4.73 4.89 -80.93
C SER E 183 4.40 3.48 -80.47
N GLU E 184 5.00 2.45 -81.09
CA GLU E 184 4.70 1.08 -80.69
C GLU E 184 5.20 0.80 -79.28
N GLU E 185 6.39 1.29 -78.93
CA GLU E 185 6.90 1.10 -77.58
C GLU E 185 6.09 1.89 -76.56
N ILE E 186 5.63 3.08 -76.92
CA ILE E 186 4.76 3.85 -76.03
C ILE E 186 3.46 3.10 -75.80
N ALA E 187 2.89 2.52 -76.85
CA ALA E 187 1.66 1.75 -76.72
C ALA E 187 1.87 0.54 -75.84
N GLN E 188 3.00 -0.16 -76.01
CA GLN E 188 3.28 -1.33 -75.18
C GLN E 188 3.46 -0.94 -73.72
N VAL E 189 4.17 0.15 -73.46
CA VAL E 189 4.38 0.61 -72.09
C VAL E 189 3.06 0.99 -71.44
N ALA E 190 2.20 1.70 -72.19
CA ALA E 190 0.90 2.07 -71.65
C ALA E 190 0.01 0.87 -71.41
N THR E 191 0.09 -0.15 -72.28
CA THR E 191 -0.67 -1.37 -72.07
C THR E 191 -0.21 -2.10 -70.82
N ILE E 192 1.11 -2.18 -70.61
CA ILE E 192 1.64 -2.81 -69.41
C ILE E 192 1.20 -2.03 -68.17
N SER E 193 1.27 -0.70 -68.24
CA SER E 193 0.87 0.13 -67.10
C SER E 193 -0.62 0.08 -66.83
N ALA E 194 -1.41 -0.43 -67.78
CA ALA E 194 -2.86 -0.53 -67.62
C ALA E 194 -3.30 -1.96 -67.27
N ASN E 195 -2.41 -2.76 -66.70
CA ASN E 195 -2.70 -4.15 -66.33
C ASN E 195 -3.16 -4.96 -67.55
N GLY E 196 -2.43 -4.80 -68.65
CA GLY E 196 -2.71 -5.55 -69.86
C GLY E 196 -3.89 -5.07 -70.68
N ASP E 197 -4.36 -3.85 -70.44
CA ASP E 197 -5.48 -3.31 -71.20
C ASP E 197 -4.97 -2.72 -72.51
N THR E 198 -5.37 -3.34 -73.63
CA THR E 198 -4.92 -2.88 -74.93
C THR E 198 -5.60 -1.59 -75.37
N HIS E 199 -6.88 -1.42 -75.02
CA HIS E 199 -7.60 -0.21 -75.42
C HIS E 199 -6.98 1.04 -74.80
N VAL E 200 -6.65 0.96 -73.50
CA VAL E 200 -6.06 2.11 -72.82
C VAL E 200 -4.70 2.44 -73.42
N GLY E 201 -3.88 1.42 -73.69
CA GLY E 201 -2.58 1.64 -74.30
C GLY E 201 -2.68 2.24 -75.68
N LYS E 202 -3.64 1.79 -76.48
CA LYS E 202 -3.84 2.36 -77.81
C LYS E 202 -4.32 3.81 -77.72
N LEU E 203 -5.23 4.09 -76.80
CA LEU E 203 -5.73 5.47 -76.65
C LEU E 203 -4.64 6.41 -76.19
N ILE E 204 -3.81 5.99 -75.23
CA ILE E 204 -2.75 6.86 -74.72
C ILE E 204 -1.73 7.15 -75.82
N ALA E 205 -1.19 6.17 -76.46
CA ALA E 205 -0.20 6.34 -77.48
C ALA E 205 -0.59 7.23 -78.56
N ASN E 206 -1.86 7.61 -78.65
CA ASN E 206 -2.35 8.44 -79.73
C ASN E 206 -2.48 9.85 -79.28
N ALA E 207 -2.97 10.04 -78.10
CA ALA E 207 -3.03 11.39 -77.57
C ALA E 207 -1.66 12.03 -77.55
N MET E 208 -0.66 11.29 -77.07
CA MET E 208 0.71 11.79 -77.02
C MET E 208 1.39 11.72 -78.38
N GLU E 209 0.80 11.04 -79.36
CA GLU E 209 1.18 11.25 -80.74
C GLU E 209 0.70 12.61 -81.25
N LYS E 210 -0.54 12.96 -80.93
CA LYS E 210 -1.12 14.21 -81.41
C LYS E 210 -0.43 15.42 -80.78
N VAL E 211 -0.32 15.44 -79.45
CA VAL E 211 0.22 16.60 -78.76
C VAL E 211 1.72 16.50 -78.51
N GLY E 212 2.34 15.36 -78.80
CA GLY E 212 3.74 15.15 -78.49
C GLY E 212 3.93 14.54 -77.11
N LYS E 213 5.18 14.18 -76.83
CA LYS E 213 5.50 13.60 -75.52
C LYS E 213 5.32 14.63 -74.42
N GLU E 214 5.63 15.90 -74.70
CA GLU E 214 5.55 16.97 -73.72
C GLU E 214 4.21 17.69 -73.73
N GLY E 215 3.24 17.22 -74.50
CA GLY E 215 1.96 17.90 -74.61
C GLY E 215 1.12 17.72 -73.36
N VAL E 216 -0.06 18.33 -73.40
CA VAL E 216 -1.03 18.25 -72.30
C VAL E 216 -2.10 17.24 -72.66
N ILE E 217 -2.24 16.21 -71.83
CA ILE E 217 -3.27 15.20 -71.97
C ILE E 217 -4.06 15.14 -70.68
N THR E 218 -5.38 15.18 -70.78
CA THR E 218 -6.24 15.12 -69.60
C THR E 218 -7.36 14.12 -69.85
N VAL E 219 -7.94 13.63 -68.75
CA VAL E 219 -8.96 12.59 -68.79
C VAL E 219 -10.22 13.12 -68.14
N LYS E 220 -11.35 12.99 -68.84
CA LYS E 220 -12.63 13.46 -68.34
C LYS E 220 -13.68 12.39 -68.58
N GLU E 221 -14.83 12.55 -67.91
CA GLU E 221 -15.93 11.61 -68.07
C GLU E 221 -16.61 11.79 -69.43
N GLY E 222 -17.08 10.68 -69.99
CA GLY E 222 -17.73 10.71 -71.28
C GLY E 222 -19.24 10.64 -71.20
N LYS E 223 -19.87 10.90 -72.34
CA LYS E 223 -21.33 10.90 -72.45
C LYS E 223 -21.88 9.60 -73.03
N THR E 224 -21.03 8.68 -73.43
CA THR E 224 -21.45 7.53 -74.24
C THR E 224 -20.71 6.29 -73.74
N ILE E 225 -20.72 5.24 -74.57
CA ILE E 225 -20.05 4.00 -74.20
C ILE E 225 -18.64 3.95 -74.77
N GLU E 226 -18.45 4.34 -76.02
CA GLU E 226 -17.14 4.28 -76.65
C GLU E 226 -16.27 5.44 -76.19
N ASP E 227 -14.96 5.24 -76.30
CA ASP E 227 -13.97 6.17 -75.78
C ASP E 227 -13.58 7.19 -76.84
N GLU E 228 -13.47 8.45 -76.42
CA GLU E 228 -13.24 9.52 -77.38
C GLU E 228 -11.92 10.22 -77.08
N LEU E 229 -11.27 10.68 -78.15
CA LEU E 229 -10.05 11.47 -78.04
C LEU E 229 -10.22 12.71 -78.90
N GLU E 230 -10.21 13.89 -78.28
CA GLU E 230 -10.45 15.12 -79.02
C GLU E 230 -9.37 16.14 -78.69
N ILE E 231 -8.91 16.85 -79.71
CA ILE E 231 -7.95 17.94 -79.54
C ILE E 231 -8.70 19.25 -79.46
N THR E 232 -8.54 19.98 -78.36
CA THR E 232 -9.23 21.25 -78.16
C THR E 232 -8.20 22.34 -77.94
N GLU E 233 -8.71 23.55 -77.71
CA GLU E 233 -7.88 24.68 -77.32
C GLU E 233 -7.91 24.80 -75.81
N GLY E 234 -6.74 25.02 -75.22
CA GLY E 234 -6.64 25.16 -73.77
C GLY E 234 -5.19 25.32 -73.40
N MET E 235 -4.94 25.47 -72.10
CA MET E 235 -3.57 25.66 -71.66
C MET E 235 -3.48 25.50 -70.15
N ARG E 236 -2.25 25.27 -69.69
CA ARG E 236 -1.98 24.89 -68.30
C ARG E 236 -1.00 25.87 -67.67
N PHE E 237 -1.19 26.15 -66.39
CA PHE E 237 -0.19 26.86 -65.59
C PHE E 237 0.20 26.03 -64.38
N ASP E 238 1.35 26.38 -63.81
CA ASP E 238 1.91 25.73 -62.64
C ASP E 238 1.47 26.39 -61.34
N ARG E 239 0.32 27.07 -61.33
CA ARG E 239 -0.23 27.66 -60.12
C ARG E 239 -1.60 27.05 -59.82
N GLY E 240 -1.76 26.54 -58.59
CA GLY E 240 -2.98 25.91 -58.16
C GLY E 240 -3.86 26.84 -57.35
N TYR E 241 -4.82 26.24 -56.65
CA TYR E 241 -5.79 27.02 -55.89
C TYR E 241 -5.17 27.57 -54.62
N ILE E 242 -5.70 28.71 -54.15
CA ILE E 242 -5.12 29.38 -52.98
C ILE E 242 -5.36 28.57 -51.71
N SER E 243 -6.59 28.10 -51.50
CA SER E 243 -6.91 27.45 -50.25
C SER E 243 -7.45 26.04 -50.48
N PRO E 244 -6.96 25.05 -49.73
CA PRO E 244 -7.49 23.70 -49.84
C PRO E 244 -9.01 23.61 -49.76
N TYR E 245 -9.67 24.52 -49.03
CA TYR E 245 -11.12 24.46 -48.89
C TYR E 245 -11.86 24.58 -50.23
N PHE E 246 -11.22 25.12 -51.26
CA PHE E 246 -11.87 25.28 -52.56
C PHE E 246 -12.13 23.95 -53.25
N ILE E 247 -11.60 22.85 -52.74
CA ILE E 247 -11.76 21.55 -53.37
C ILE E 247 -13.25 21.19 -53.41
N THR E 248 -13.74 20.88 -54.61
CA THR E 248 -15.09 20.38 -54.78
C THR E 248 -15.15 18.88 -54.98
N ASP E 249 -14.08 18.29 -55.53
CA ASP E 249 -13.95 16.84 -55.70
C ASP E 249 -12.94 16.35 -54.67
N ALA E 250 -13.43 15.99 -53.48
CA ALA E 250 -12.55 15.54 -52.41
C ALA E 250 -11.91 14.20 -52.70
N LYS E 251 -12.40 13.46 -53.69
CA LYS E 251 -11.80 12.17 -54.01
C LYS E 251 -10.36 12.34 -54.49
N THR E 252 -10.11 13.33 -55.33
CA THR E 252 -8.79 13.57 -55.91
C THR E 252 -8.23 14.93 -55.49
N GLN E 253 -8.92 15.64 -54.59
CA GLN E 253 -8.47 16.92 -54.06
C GLN E 253 -8.29 17.95 -55.18
N LYS E 254 -9.30 18.09 -56.04
CA LYS E 254 -9.24 19.04 -57.14
C LYS E 254 -10.57 19.74 -57.28
N VAL E 255 -10.57 20.79 -58.11
CA VAL E 255 -11.73 21.63 -58.35
C VAL E 255 -12.05 21.58 -59.84
N GLU E 256 -13.31 21.32 -60.18
CA GLU E 256 -13.74 21.27 -61.58
C GLU E 256 -14.95 22.16 -61.78
N PHE E 257 -14.87 23.03 -62.79
CA PHE E 257 -15.98 23.90 -63.14
C PHE E 257 -16.29 23.79 -64.63
N GLU E 258 -17.58 23.76 -64.95
CA GLU E 258 -18.05 23.67 -66.32
C GLU E 258 -18.59 25.03 -66.75
N LYS E 259 -17.98 25.60 -67.79
CA LYS E 259 -18.38 26.89 -68.34
C LYS E 259 -18.41 27.98 -67.27
N PRO E 260 -17.28 28.33 -66.67
CA PRO E 260 -17.26 29.36 -65.63
C PRO E 260 -16.92 30.74 -66.17
N LEU E 261 -17.06 31.72 -65.29
CA LEU E 261 -16.66 33.10 -65.58
C LEU E 261 -15.28 33.37 -64.98
N ILE E 262 -14.40 33.95 -65.80
CA ILE E 262 -13.01 34.15 -65.45
C ILE E 262 -12.75 35.63 -65.25
N LEU E 263 -12.15 35.98 -64.12
CA LEU E 263 -11.79 37.37 -63.81
C LEU E 263 -10.27 37.46 -63.74
N LEU E 264 -9.67 38.09 -64.75
CA LEU E 264 -8.23 38.26 -64.83
C LEU E 264 -7.90 39.69 -64.41
N THR E 265 -7.11 39.84 -63.35
CA THR E 265 -6.70 41.15 -62.86
C THR E 265 -5.24 41.15 -62.46
N GLU E 266 -4.55 42.24 -62.77
CA GLU E 266 -3.14 42.42 -62.41
C GLU E 266 -3.10 43.27 -61.15
N LYS E 267 -3.67 42.73 -60.06
CA LYS E 267 -3.82 43.53 -58.85
C LYS E 267 -3.73 42.63 -57.64
N LYS E 268 -3.47 43.24 -56.49
CA LYS E 268 -3.55 42.61 -55.19
C LYS E 268 -4.91 42.96 -54.60
N ILE E 269 -5.75 41.95 -54.39
CA ILE E 269 -7.12 42.13 -53.95
C ILE E 269 -7.24 41.69 -52.50
N SER E 270 -7.69 42.60 -51.64
CA SER E 270 -7.95 42.27 -50.24
C SER E 270 -9.25 42.85 -49.70
N ILE E 271 -9.86 43.82 -50.39
CA ILE E 271 -11.11 44.40 -49.96
C ILE E 271 -12.24 43.87 -50.83
N LEU E 272 -13.38 43.63 -50.21
CA LEU E 272 -14.51 42.98 -50.88
C LEU E 272 -15.31 43.93 -51.75
N GLN E 273 -15.15 45.24 -51.59
CA GLN E 273 -15.93 46.18 -52.37
C GLN E 273 -15.62 46.05 -53.86
N ASP E 274 -14.36 45.77 -54.19
CA ASP E 274 -14.00 45.56 -55.58
C ASP E 274 -14.55 44.24 -56.12
N ILE E 275 -14.73 43.24 -55.25
CA ILE E 275 -15.23 41.94 -55.70
C ILE E 275 -16.75 41.91 -55.84
N LEU E 276 -17.46 42.77 -55.11
CA LEU E 276 -18.93 42.72 -55.09
C LEU E 276 -19.58 42.79 -56.46
N PRO E 277 -19.21 43.71 -57.37
CA PRO E 277 -19.85 43.70 -58.69
C PRO E 277 -19.62 42.41 -59.45
N ALA E 278 -18.41 41.87 -59.43
CA ALA E 278 -18.13 40.62 -60.12
C ALA E 278 -18.93 39.47 -59.53
N LEU E 279 -18.97 39.39 -58.20
CA LEU E 279 -19.70 38.32 -57.54
C LEU E 279 -21.20 38.41 -57.82
N GLU E 280 -21.74 39.63 -57.83
CA GLU E 280 -23.16 39.81 -58.12
C GLU E 280 -23.47 39.43 -59.57
N THR E 281 -22.62 39.84 -60.51
CA THR E 281 -22.83 39.46 -61.90
C THR E 281 -22.77 37.95 -62.07
N SER E 282 -21.86 37.29 -61.35
CA SER E 282 -21.81 35.84 -61.37
C SER E 282 -23.07 35.21 -60.78
N SER E 283 -23.58 35.75 -59.67
CA SER E 283 -24.78 35.22 -59.05
C SER E 283 -25.99 35.35 -59.96
N THR E 284 -26.10 36.48 -60.66
CA THR E 284 -27.19 36.67 -61.61
C THR E 284 -27.16 35.66 -62.75
N GLN E 285 -25.97 35.34 -63.27
CA GLN E 285 -25.85 34.38 -64.36
C GLN E 285 -25.85 32.94 -63.90
N ARG E 286 -25.84 32.71 -62.58
CA ARG E 286 -25.81 31.35 -62.01
C ARG E 286 -24.66 30.52 -62.56
N ARG E 287 -23.45 31.10 -62.60
CA ARG E 287 -22.28 30.41 -63.11
C ARG E 287 -21.15 30.50 -62.11
N PRO E 288 -20.31 29.47 -62.03
CA PRO E 288 -19.17 29.51 -61.10
C PRO E 288 -18.10 30.50 -61.57
N LEU E 289 -17.34 31.00 -60.61
CA LEU E 289 -16.38 32.06 -60.85
C LEU E 289 -14.97 31.60 -60.52
N LEU E 290 -14.01 31.96 -61.37
CA LEU E 290 -12.59 31.73 -61.12
C LEU E 290 -11.87 33.06 -61.28
N ILE E 291 -11.08 33.44 -60.28
CA ILE E 291 -10.35 34.70 -60.30
C ILE E 291 -8.86 34.39 -60.36
N ILE E 292 -8.20 34.90 -61.40
CA ILE E 292 -6.77 34.71 -61.63
C ILE E 292 -6.10 36.04 -61.38
N ALA E 293 -5.54 36.22 -60.18
CA ALA E 293 -5.02 37.52 -59.77
C ALA E 293 -3.55 37.40 -59.41
N GLU E 294 -2.95 38.55 -59.09
CA GLU E 294 -1.60 38.53 -58.55
C GLU E 294 -1.56 37.83 -57.20
N ASP E 295 -2.56 38.08 -56.35
CA ASP E 295 -2.69 37.40 -55.08
C ASP E 295 -4.05 37.73 -54.50
N ILE E 296 -4.63 36.78 -53.79
CA ILE E 296 -5.91 36.95 -53.10
C ILE E 296 -5.66 36.68 -51.62
N ASP E 297 -5.42 37.73 -50.85
CA ASP E 297 -5.12 37.61 -49.44
C ASP E 297 -6.00 38.57 -48.65
N GLY E 298 -5.90 38.47 -47.32
CA GLY E 298 -6.69 39.29 -46.42
C GLY E 298 -8.10 38.77 -46.23
N GLU E 299 -9.06 39.67 -46.00
CA GLU E 299 -10.44 39.27 -45.80
C GLU E 299 -11.06 38.75 -47.09
N ALA E 300 -10.44 39.08 -48.23
CA ALA E 300 -10.99 38.66 -49.53
C ALA E 300 -11.08 37.16 -49.63
N LEU E 301 -10.00 36.45 -49.29
CA LEU E 301 -10.03 35.00 -49.38
C LEU E 301 -11.08 34.42 -48.45
N ALA E 302 -11.18 34.96 -47.23
CA ALA E 302 -12.14 34.43 -46.26
C ALA E 302 -13.56 34.59 -46.76
N ALA E 303 -13.88 35.76 -47.33
CA ALA E 303 -15.20 35.95 -47.91
C ALA E 303 -15.44 34.94 -49.02
N CYS E 304 -14.45 34.73 -49.88
CA CYS E 304 -14.60 33.76 -50.96
C CYS E 304 -14.86 32.36 -50.42
N ILE E 305 -14.12 31.96 -49.39
CA ILE E 305 -14.27 30.63 -48.80
C ILE E 305 -15.66 30.41 -48.21
N LEU E 306 -16.13 31.33 -47.38
CA LEU E 306 -17.42 31.12 -46.74
C LEU E 306 -18.52 31.13 -47.78
N ASN E 307 -18.37 31.96 -48.81
CA ASN E 307 -19.35 31.99 -49.87
C ASN E 307 -19.36 30.64 -50.55
N LYS E 308 -18.17 30.07 -50.80
CA LYS E 308 -18.09 28.79 -51.49
C LYS E 308 -18.63 27.65 -50.63
N LEU E 309 -18.31 27.65 -49.34
CA LEU E 309 -18.76 26.59 -48.45
C LEU E 309 -20.27 26.56 -48.34
N ARG E 310 -20.90 27.74 -48.38
CA ARG E 310 -22.36 27.84 -48.42
C ARG E 310 -22.82 27.80 -49.87
N GLY E 311 -24.13 27.82 -50.07
CA GLY E 311 -24.69 27.73 -51.39
C GLY E 311 -24.85 29.02 -52.14
N ASN E 312 -24.33 30.13 -51.60
CA ASN E 312 -24.52 31.42 -52.26
C ASN E 312 -23.87 31.45 -53.64
N LEU E 313 -22.60 31.08 -53.71
CA LEU E 313 -21.88 31.02 -54.98
C LEU E 313 -20.63 30.17 -54.79
N GLN E 314 -20.27 29.41 -55.83
CA GLN E 314 -19.08 28.58 -55.83
C GLN E 314 -17.99 29.30 -56.62
N VAL E 315 -16.84 29.50 -55.98
CA VAL E 315 -15.77 30.34 -56.53
C VAL E 315 -14.43 29.67 -56.28
N ALA E 316 -13.43 30.06 -57.08
CA ALA E 316 -12.06 29.59 -56.94
C ALA E 316 -11.10 30.72 -57.27
N ALA E 317 -9.89 30.64 -56.70
CA ALA E 317 -8.90 31.69 -56.86
C ALA E 317 -7.53 31.09 -57.12
N VAL E 318 -6.82 31.63 -58.11
CA VAL E 318 -5.45 31.23 -58.42
C VAL E 318 -4.59 32.46 -58.65
N LYS E 319 -3.29 32.28 -58.51
CA LYS E 319 -2.33 33.35 -58.74
C LYS E 319 -1.90 33.39 -60.19
N ALA E 320 -1.59 34.60 -60.66
CA ALA E 320 -1.18 34.76 -62.05
C ALA E 320 0.17 34.08 -62.30
N PRO E 321 0.32 33.36 -63.41
CA PRO E 321 1.57 32.67 -63.68
C PRO E 321 2.69 33.64 -64.03
N GLY E 322 3.92 33.20 -63.75
CA GLY E 322 5.09 34.01 -64.06
C GLY E 322 5.24 35.18 -63.10
N PHE E 323 6.40 35.88 -63.31
CA PHE E 323 6.82 37.00 -62.47
C PHE E 323 7.45 38.09 -63.35
N GLY E 324 7.24 39.39 -63.04
CA GLY E 324 7.82 40.43 -63.87
C GLY E 324 6.91 40.77 -65.05
N ASP E 325 7.53 41.16 -66.16
CA ASP E 325 6.76 41.44 -67.37
C ASP E 325 6.23 40.17 -68.01
N ASN E 326 6.87 39.03 -67.71
CA ASN E 326 6.37 37.75 -68.21
C ASN E 326 4.98 37.48 -67.68
N ARG E 327 4.72 37.82 -66.41
CA ARG E 327 3.38 37.65 -65.85
C ARG E 327 2.34 38.47 -66.61
N LYS E 328 2.67 39.72 -66.92
CA LYS E 328 1.73 40.57 -67.66
C LYS E 328 1.49 40.01 -69.06
N SER E 329 2.54 39.55 -69.73
CA SER E 329 2.38 39.01 -71.08
C SER E 329 1.54 37.74 -71.07
N ILE E 330 1.76 36.87 -70.09
CA ILE E 330 0.96 35.65 -69.99
C ILE E 330 -0.48 35.97 -69.66
N LEU E 331 -0.73 36.94 -68.79
CA LEU E 331 -2.11 37.34 -68.51
C LEU E 331 -2.77 37.92 -69.74
N GLY E 332 -2.03 38.67 -70.56
CA GLY E 332 -2.60 39.15 -71.81
C GLY E 332 -2.95 38.04 -72.77
N ASP E 333 -2.05 37.07 -72.92
CA ASP E 333 -2.35 35.91 -73.77
C ASP E 333 -3.57 35.16 -73.28
N LEU E 334 -3.67 34.97 -71.96
CA LEU E 334 -4.79 34.24 -71.39
C LEU E 334 -6.09 35.01 -71.51
N ALA E 335 -6.04 36.33 -71.37
CA ALA E 335 -7.24 37.14 -71.58
C ALA E 335 -7.70 37.08 -73.03
N ILE E 336 -6.76 37.06 -73.98
CA ILE E 336 -7.13 36.86 -75.38
C ILE E 336 -7.77 35.50 -75.58
N LEU E 337 -7.18 34.46 -75.00
CA LEU E 337 -7.69 33.11 -75.19
C LEU E 337 -9.08 32.93 -74.58
N THR E 338 -9.28 33.45 -73.36
CA THR E 338 -10.53 33.25 -72.65
C THR E 338 -11.65 34.15 -73.12
N GLY E 339 -11.36 35.09 -74.03
CA GLY E 339 -12.39 35.96 -74.55
C GLY E 339 -12.71 37.16 -73.68
N GLY E 340 -12.00 37.33 -72.57
CA GLY E 340 -12.23 38.47 -71.70
C GLY E 340 -11.14 39.51 -71.83
N THR E 341 -11.07 40.43 -70.86
CA THR E 341 -10.06 41.47 -70.84
C THR E 341 -9.38 41.50 -69.47
N VAL E 342 -8.09 41.79 -69.47
CA VAL E 342 -7.33 41.85 -68.22
C VAL E 342 -7.49 43.24 -67.62
N PHE E 343 -7.47 43.30 -66.29
CA PHE E 343 -7.63 44.54 -65.54
C PHE E 343 -6.29 44.92 -64.93
N SER E 344 -5.78 46.09 -65.30
CA SER E 344 -4.46 46.54 -64.89
C SER E 344 -4.53 47.96 -64.37
N ASP E 345 -3.82 48.22 -63.27
CA ASP E 345 -3.74 49.58 -62.74
C ASP E 345 -2.98 50.50 -63.68
N GLU E 346 -2.03 49.95 -64.46
CA GLU E 346 -1.33 50.77 -65.43
C GLU E 346 -2.26 51.33 -66.49
N LEU E 347 -3.40 50.66 -66.72
CA LEU E 347 -4.44 51.19 -67.59
C LEU E 347 -5.47 52.00 -66.81
N ASP E 348 -5.34 52.09 -65.48
CA ASP E 348 -6.21 52.90 -64.64
C ASP E 348 -7.69 52.52 -64.79
N ILE E 349 -7.97 51.22 -64.89
CA ILE E 349 -9.33 50.71 -64.92
C ILE E 349 -9.62 50.01 -63.59
N LYS E 350 -10.77 50.32 -63.01
CA LYS E 350 -11.12 49.85 -61.67
C LYS E 350 -11.96 48.58 -61.75
N LEU E 351 -11.89 47.78 -60.68
CA LEU E 351 -12.63 46.53 -60.62
C LEU E 351 -14.13 46.73 -60.48
N GLU E 352 -14.55 47.89 -59.95
CA GLU E 352 -15.98 48.19 -59.86
C GLU E 352 -16.58 48.51 -61.23
N ARG E 353 -15.75 48.72 -62.24
CA ARG E 353 -16.19 48.95 -63.61
C ARG E 353 -16.47 47.64 -64.35
N ALA E 354 -16.25 46.51 -63.69
CA ALA E 354 -16.38 45.22 -64.36
C ALA E 354 -17.80 44.98 -64.87
N THR E 355 -17.89 44.50 -66.10
CA THR E 355 -19.13 44.12 -66.75
C THR E 355 -18.97 42.73 -67.35
N PRO E 356 -20.05 41.95 -67.44
CA PRO E 356 -19.93 40.58 -67.96
C PRO E 356 -19.34 40.50 -69.36
N ASP E 357 -19.31 41.60 -70.11
CA ASP E 357 -18.66 41.57 -71.43
C ASP E 357 -17.17 41.30 -71.30
N LEU E 358 -16.52 41.92 -70.31
CA LEU E 358 -15.08 41.76 -70.15
C LEU E 358 -14.71 40.48 -69.40
N PHE E 359 -15.69 39.77 -68.84
CA PHE E 359 -15.42 38.52 -68.15
C PHE E 359 -15.07 37.43 -69.16
N GLY E 360 -14.09 36.60 -68.79
CA GLY E 360 -13.70 35.50 -69.64
C GLY E 360 -14.56 34.26 -69.44
N SER E 361 -14.71 33.49 -70.51
CA SER E 361 -15.49 32.26 -70.48
C SER E 361 -14.71 31.16 -71.18
N THR E 362 -14.93 29.92 -70.73
CA THR E 362 -14.21 28.79 -71.28
C THR E 362 -15.06 27.53 -71.09
N GLY E 363 -14.68 26.47 -71.80
CA GLY E 363 -15.43 25.23 -71.71
C GLY E 363 -15.40 24.62 -70.32
N SER E 364 -14.22 24.55 -69.72
CA SER E 364 -14.10 24.02 -68.36
C SER E 364 -12.78 24.47 -67.76
N VAL E 365 -12.69 24.36 -66.44
CA VAL E 365 -11.46 24.63 -65.71
C VAL E 365 -11.25 23.52 -64.69
N THR E 366 -10.00 23.10 -64.52
CA THR E 366 -9.64 22.08 -63.55
C THR E 366 -8.42 22.57 -62.76
N ILE E 367 -8.54 22.58 -61.44
CA ILE E 367 -7.52 23.15 -60.56
C ILE E 367 -7.04 22.06 -59.61
N THR E 368 -5.72 21.89 -59.52
CA THR E 368 -5.11 20.95 -58.60
C THR E 368 -4.22 21.71 -57.62
N LYS E 369 -3.47 20.98 -56.80
CA LYS E 369 -2.54 21.60 -55.88
C LYS E 369 -1.45 22.37 -56.61
N GLU E 370 -0.89 21.79 -57.67
CA GLU E 370 0.23 22.42 -58.36
C GLU E 370 -0.21 23.11 -59.65
N ASP E 371 -0.94 22.41 -60.51
CA ASP E 371 -1.26 22.89 -61.84
C ASP E 371 -2.73 23.20 -61.96
N THR E 372 -3.06 24.11 -62.88
CA THR E 372 -4.44 24.36 -63.29
C THR E 372 -4.49 24.37 -64.81
N ILE E 373 -5.62 23.96 -65.36
CA ILE E 373 -5.79 23.81 -66.80
C ILE E 373 -7.13 24.38 -67.22
N LEU E 374 -7.10 25.26 -68.22
CA LEU E 374 -8.30 25.82 -68.84
C LEU E 374 -8.52 25.12 -70.17
N LEU E 375 -9.80 24.82 -70.47
CA LEU E 375 -10.18 23.98 -71.57
C LEU E 375 -11.28 24.64 -72.38
N ASN E 376 -11.11 24.63 -73.71
CA ASN E 376 -12.12 25.13 -74.65
C ASN E 376 -12.45 26.59 -74.37
N GLY E 377 -11.45 27.44 -74.55
CA GLY E 377 -11.65 28.86 -74.37
C GLY E 377 -12.60 29.43 -75.40
N GLU E 378 -13.28 30.52 -75.03
CA GLU E 378 -14.27 31.13 -75.89
C GLU E 378 -13.67 32.15 -76.86
N GLY E 379 -12.36 32.32 -76.87
CA GLY E 379 -11.76 33.27 -77.79
C GLY E 379 -11.90 32.81 -79.22
N SER E 380 -12.06 33.77 -80.12
CA SER E 380 -12.12 33.47 -81.55
C SER E 380 -10.77 32.95 -82.03
N LYS E 381 -10.81 32.10 -83.06
CA LYS E 381 -9.58 31.53 -83.59
C LYS E 381 -8.67 32.60 -84.17
N ASP E 382 -9.24 33.58 -84.89
CA ASP E 382 -8.43 34.52 -85.64
C ASP E 382 -7.53 35.36 -84.74
N MET E 383 -8.06 35.81 -83.59
CA MET E 383 -7.22 36.62 -82.72
C MET E 383 -6.17 35.78 -82.00
N ILE E 384 -6.48 34.54 -81.66
CA ILE E 384 -5.47 33.62 -81.16
C ILE E 384 -4.35 33.49 -82.18
N ASN E 385 -4.71 33.41 -83.46
CA ASN E 385 -3.70 33.31 -84.49
C ASN E 385 -2.86 34.58 -84.58
N GLN E 386 -3.49 35.74 -84.54
CA GLN E 386 -2.68 36.95 -84.71
C GLN E 386 -1.73 37.05 -83.54
N ARG E 387 -2.20 36.77 -82.36
CA ARG E 387 -1.35 36.78 -81.17
C ARG E 387 -0.18 35.82 -81.36
N CYS E 388 -0.43 34.66 -81.95
CA CYS E 388 0.66 33.76 -82.30
C CYS E 388 1.65 34.45 -83.24
N GLU E 389 1.14 35.24 -84.18
CA GLU E 389 2.02 35.97 -85.10
C GLU E 389 2.87 36.99 -84.35
N GLN E 390 2.28 37.73 -83.42
CA GLN E 390 3.10 38.65 -82.62
C GLN E 390 4.12 37.89 -81.78
N ILE E 391 3.76 36.70 -81.29
CA ILE E 391 4.71 35.92 -80.51
C ILE E 391 5.91 35.53 -81.35
N ARG E 392 5.67 35.05 -82.58
CA ARG E 392 6.80 34.67 -83.42
C ARG E 392 7.60 35.90 -83.87
N ALA E 393 6.91 37.02 -84.08
CA ALA E 393 7.62 38.26 -84.40
C ALA E 393 8.54 38.68 -83.25
N ALA E 394 8.05 38.58 -82.02
CA ALA E 394 8.87 38.89 -80.86
C ALA E 394 10.02 37.91 -80.71
N ILE E 395 9.80 36.64 -81.06
CA ILE E 395 10.89 35.67 -81.08
C ILE E 395 11.97 36.12 -82.04
N ASN E 396 11.55 36.57 -83.23
CA ASN E 396 12.51 37.06 -84.21
C ASN E 396 13.26 38.29 -83.71
N ASP E 397 12.54 39.23 -83.08
CA ASP E 397 13.15 40.49 -82.66
C ASP E 397 14.00 40.36 -81.40
N SER E 398 13.63 39.47 -80.49
CA SER E 398 14.27 39.41 -79.19
C SER E 398 15.76 39.11 -79.33
N SER E 399 16.58 39.81 -78.54
CA SER E 399 18.02 39.69 -78.61
C SER E 399 18.58 38.66 -77.63
N VAL E 400 17.91 38.45 -76.50
CA VAL E 400 18.41 37.50 -75.50
C VAL E 400 18.33 36.09 -76.09
N SER E 401 19.49 35.46 -76.24
CA SER E 401 19.56 34.17 -76.92
C SER E 401 18.85 33.09 -76.11
N ASP E 402 19.08 33.06 -74.80
CA ASP E 402 18.58 31.95 -73.99
C ASP E 402 17.28 32.29 -73.27
N TYR E 403 17.29 33.35 -72.47
CA TYR E 403 16.19 33.60 -71.55
C TYR E 403 14.92 34.01 -72.28
N GLU E 404 14.95 35.17 -72.94
CA GLU E 404 13.74 35.71 -73.56
C GLU E 404 13.26 34.82 -74.69
N ARG E 405 14.18 34.31 -75.51
CA ARG E 405 13.79 33.44 -76.62
C ARG E 405 13.10 32.19 -76.11
N GLU E 406 13.65 31.55 -75.08
CA GLU E 406 13.05 30.31 -74.59
C GLU E 406 11.71 30.60 -73.91
N LYS E 407 11.57 31.73 -73.23
CA LYS E 407 10.28 32.03 -72.61
C LYS E 407 9.22 32.32 -73.67
N LEU E 408 9.57 33.07 -74.71
CA LEU E 408 8.62 33.30 -75.80
C LEU E 408 8.27 32.00 -76.50
N GLN E 409 9.24 31.12 -76.71
CA GLN E 409 8.96 29.84 -77.33
C GLN E 409 8.03 29.01 -76.45
N GLU E 410 8.25 29.01 -75.14
CA GLU E 410 7.41 28.21 -74.25
C GLU E 410 5.98 28.73 -74.25
N ARG E 411 5.79 30.05 -74.26
CA ARG E 411 4.42 30.54 -74.25
C ARG E 411 3.76 30.41 -75.61
N LEU E 412 4.55 30.47 -76.70
CA LEU E 412 4.01 30.12 -78.01
C LEU E 412 3.52 28.69 -78.05
N ALA E 413 4.32 27.76 -77.52
CA ALA E 413 3.90 26.36 -77.46
C ALA E 413 2.67 26.19 -76.60
N LYS E 414 2.61 26.88 -75.46
CA LYS E 414 1.44 26.78 -74.59
C LYS E 414 0.18 27.28 -75.29
N LEU E 415 0.29 28.38 -76.05
CA LEU E 415 -0.90 28.94 -76.69
C LEU E 415 -1.30 28.15 -77.93
N SER E 416 -0.34 27.54 -78.62
CA SER E 416 -0.63 26.94 -79.92
C SER E 416 -0.84 25.43 -79.88
N GLY E 417 -0.29 24.75 -78.87
CA GLY E 417 -0.29 23.30 -78.89
C GLY E 417 -1.68 22.68 -78.77
N GLY E 418 -2.54 23.28 -77.97
CA GLY E 418 -3.82 22.69 -77.68
C GLY E 418 -3.71 21.65 -76.58
N VAL E 419 -4.85 20.99 -76.31
CA VAL E 419 -4.94 20.01 -75.23
C VAL E 419 -5.63 18.76 -75.76
N ALA E 420 -5.07 17.60 -75.49
CA ALA E 420 -5.74 16.35 -75.79
C ALA E 420 -6.62 15.95 -74.63
N VAL E 421 -7.88 15.64 -74.93
CA VAL E 421 -8.85 15.25 -73.92
C VAL E 421 -9.33 13.85 -74.25
N ILE E 422 -9.28 12.97 -73.25
CA ILE E 422 -9.76 11.60 -73.38
C ILE E 422 -11.05 11.50 -72.61
N LYS E 423 -12.15 11.34 -73.33
CA LYS E 423 -13.47 11.19 -72.74
C LYS E 423 -13.74 9.71 -72.53
N VAL E 424 -13.93 9.33 -71.27
CA VAL E 424 -14.06 7.93 -70.88
C VAL E 424 -15.52 7.52 -70.99
N GLY E 425 -15.79 6.57 -71.86
CA GLY E 425 -17.16 6.11 -72.05
C GLY E 425 -17.45 4.80 -71.33
N GLY E 426 -18.70 4.57 -70.98
CA GLY E 426 -19.08 3.35 -70.31
C GLY E 426 -20.58 3.22 -70.23
N SER E 427 -21.02 2.05 -69.74
CA SER E 427 -22.44 1.79 -69.63
C SER E 427 -23.02 2.42 -68.37
N SER E 428 -22.44 2.12 -67.21
CA SER E 428 -22.94 2.60 -65.93
C SER E 428 -22.05 3.72 -65.42
N GLU E 429 -22.49 4.38 -64.36
CA GLU E 429 -21.72 5.48 -63.78
C GLU E 429 -20.48 4.96 -63.05
N LEU E 430 -20.66 3.90 -62.25
CA LEU E 430 -19.53 3.36 -61.50
C LEU E 430 -18.46 2.80 -62.43
N GLU E 431 -18.89 2.14 -63.50
CA GLU E 431 -17.93 1.65 -64.50
C GLU E 431 -17.14 2.80 -65.09
N VAL E 432 -17.82 3.90 -65.43
CA VAL E 432 -17.14 5.06 -65.98
C VAL E 432 -16.13 5.61 -64.98
N GLY E 433 -16.52 5.72 -63.71
CA GLY E 433 -15.60 6.26 -62.71
C GLY E 433 -14.37 5.40 -62.51
N GLU E 434 -14.57 4.08 -62.38
CA GLU E 434 -13.43 3.20 -62.14
C GLU E 434 -12.51 3.14 -63.36
N LYS E 435 -13.09 3.11 -64.57
CA LYS E 435 -12.27 3.13 -65.76
C LYS E 435 -11.53 4.46 -65.90
N LYS E 436 -12.16 5.56 -65.48
CA LYS E 436 -11.49 6.86 -65.50
C LYS E 436 -10.28 6.85 -64.58
N ASP E 437 -10.42 6.29 -63.38
CA ASP E 437 -9.28 6.22 -62.47
C ASP E 437 -8.17 5.34 -63.04
N ARG E 438 -8.54 4.20 -63.64
CA ARG E 438 -7.54 3.33 -64.25
C ARG E 438 -6.82 4.05 -65.39
N PHE E 439 -7.56 4.81 -66.20
CA PHE E 439 -6.95 5.51 -67.31
C PHE E 439 -6.01 6.60 -66.82
N VAL E 440 -6.38 7.30 -65.76
CA VAL E 440 -5.50 8.32 -65.18
C VAL E 440 -4.21 7.68 -64.68
N ASP E 441 -4.31 6.55 -63.98
CA ASP E 441 -3.11 5.91 -63.46
C ASP E 441 -2.21 5.42 -64.60
N ALA E 442 -2.81 4.81 -65.64
CA ALA E 442 -2.02 4.33 -66.77
C ALA E 442 -1.40 5.48 -67.54
N LEU E 443 -2.04 6.65 -67.52
CA LEU E 443 -1.43 7.82 -68.15
C LEU E 443 -0.23 8.30 -67.35
N ASN E 444 -0.30 8.43 -66.06
CA ASN E 444 0.83 9.00 -65.35
C ASN E 444 2.08 8.20 -65.38
N ALA E 445 1.97 6.90 -65.64
CA ALA E 445 3.13 6.02 -65.66
C ALA E 445 3.83 6.04 -67.00
N THR E 446 3.07 6.18 -68.08
CA THR E 446 3.66 6.24 -69.41
C THR E 446 4.53 7.47 -69.55
N ARG E 447 4.08 8.59 -68.98
CA ARG E 447 4.86 9.82 -69.04
C ARG E 447 6.22 9.64 -68.38
N ALA E 448 6.24 9.08 -67.18
CA ALA E 448 7.51 8.87 -66.47
C ALA E 448 8.44 7.94 -67.24
N ALA E 449 7.88 6.92 -67.88
CA ALA E 449 8.69 5.99 -68.67
C ALA E 449 9.20 6.65 -69.94
N VAL E 450 8.42 7.57 -70.50
CA VAL E 450 8.83 8.28 -71.71
C VAL E 450 9.93 9.29 -71.38
N GLU E 451 9.96 9.74 -70.12
CA GLU E 451 10.95 10.72 -69.71
C GLU E 451 12.34 10.14 -69.54
N GLU E 452 12.47 9.03 -68.82
CA GLU E 452 13.79 8.48 -68.53
C GLU E 452 13.99 7.02 -68.95
N GLY E 453 12.94 6.21 -69.02
CA GLY E 453 13.07 4.84 -69.44
C GLY E 453 12.47 3.90 -68.43
N THR E 454 12.73 2.61 -68.61
CA THR E 454 12.21 1.57 -67.75
C THR E 454 13.33 0.60 -67.36
N VAL E 455 13.21 0.12 -66.13
CA VAL E 455 14.17 -0.83 -65.62
C VAL E 455 13.36 -2.05 -65.04
N PRO E 456 13.93 -3.31 -65.00
CA PRO E 456 13.17 -4.46 -64.50
C PRO E 456 12.60 -4.21 -63.12
N GLY E 457 11.37 -4.68 -62.91
CA GLY E 457 10.65 -4.45 -61.68
C GLY E 457 10.91 -5.51 -60.63
N GLY E 458 10.03 -5.56 -59.65
CA GLY E 458 10.17 -6.51 -58.57
C GLY E 458 11.26 -6.17 -57.57
N GLY E 459 11.83 -4.99 -57.65
CA GLY E 459 12.94 -4.61 -56.78
C GLY E 459 14.29 -5.14 -57.23
N VAL E 460 14.38 -5.74 -58.42
CA VAL E 460 15.64 -6.33 -58.86
C VAL E 460 16.59 -5.33 -59.50
N ALA E 461 16.11 -4.14 -59.88
CA ALA E 461 17.00 -3.13 -60.43
C ALA E 461 18.03 -2.68 -59.40
N LEU E 462 17.55 -2.31 -58.20
CA LEU E 462 18.47 -1.90 -57.14
C LEU E 462 19.34 -3.08 -56.69
N LEU E 463 18.74 -4.27 -56.62
CA LEU E 463 19.51 -5.46 -56.21
C LEU E 463 20.66 -5.73 -57.17
N LYS E 464 20.41 -5.61 -58.48
CA LYS E 464 21.48 -5.79 -59.45
C LYS E 464 22.47 -4.64 -59.42
N SER E 465 21.99 -3.42 -59.13
CA SER E 465 22.89 -2.27 -59.02
C SER E 465 23.82 -2.37 -57.82
N THR E 466 23.45 -3.15 -56.81
CA THR E 466 24.33 -3.34 -55.66
C THR E 466 25.67 -3.98 -56.02
N LYS E 467 25.78 -4.62 -57.19
CA LYS E 467 27.00 -5.30 -57.58
C LYS E 467 28.06 -4.37 -58.14
N CYS E 468 27.74 -3.09 -58.34
CA CYS E 468 28.71 -2.12 -58.80
C CYS E 468 29.37 -1.33 -57.69
N LEU E 469 28.92 -1.51 -56.44
CA LEU E 469 29.46 -0.76 -55.32
C LEU E 469 30.80 -1.30 -54.85
N ASP E 470 31.22 -2.47 -55.33
CA ASP E 470 32.47 -3.06 -54.90
C ASP E 470 33.63 -2.57 -55.75
N LYS E 471 33.41 -1.47 -56.48
CA LYS E 471 34.46 -0.85 -57.27
C LYS E 471 34.79 0.56 -56.81
N LEU E 472 34.20 1.04 -55.72
CA LEU E 472 34.43 2.38 -55.22
C LEU E 472 35.69 2.42 -54.37
N THR E 473 36.37 3.56 -54.39
CA THR E 473 37.60 3.74 -53.63
C THR E 473 37.44 4.88 -52.64
N PRO E 474 36.95 4.63 -51.44
CA PRO E 474 36.83 5.71 -50.44
C PRO E 474 38.19 6.10 -49.89
N GLY E 475 38.27 7.32 -49.37
CA GLY E 475 39.51 7.77 -48.75
C GLY E 475 39.48 7.39 -47.28
N ASN E 476 38.28 7.43 -46.70
CA ASN E 476 38.18 7.19 -45.28
C ASN E 476 37.61 5.86 -44.98
N PHE E 477 37.92 5.38 -43.79
CA PHE E 477 37.41 4.12 -43.36
C PHE E 477 35.90 4.18 -43.23
N ASP E 478 35.42 5.26 -42.63
CA ASP E 478 34.00 5.39 -42.38
C ASP E 478 33.21 5.59 -43.67
N GLN E 479 33.86 6.08 -44.72
CA GLN E 479 33.17 6.18 -46.01
C GLN E 479 32.90 4.79 -46.59
N GLN E 480 33.83 3.85 -46.39
CA GLN E 480 33.58 2.47 -46.80
C GLN E 480 32.42 1.87 -46.00
N LEU E 481 32.33 2.20 -44.71
CA LEU E 481 31.20 1.75 -43.91
C LEU E 481 29.89 2.31 -44.44
N GLY E 482 29.89 3.58 -44.87
CA GLY E 482 28.70 4.14 -45.48
C GLY E 482 28.31 3.47 -46.78
N ILE E 483 29.32 3.16 -47.61
CA ILE E 483 29.06 2.44 -48.85
C ILE E 483 28.46 1.08 -48.56
N ASN E 484 29.00 0.38 -47.55
CA ASN E 484 28.43 -0.90 -47.14
C ASN E 484 27.00 -0.74 -46.61
N ILE E 485 26.73 0.37 -45.92
CA ILE E 485 25.37 0.64 -45.45
C ILE E 485 24.41 0.71 -46.63
N ILE E 486 24.79 1.47 -47.67
CA ILE E 486 23.93 1.60 -48.84
C ILE E 486 23.78 0.25 -49.55
N LYS E 487 24.88 -0.50 -49.64
CA LYS E 487 24.85 -1.80 -50.32
C LYS E 487 23.91 -2.77 -49.61
N SER E 488 23.95 -2.80 -48.28
CA SER E 488 23.04 -3.65 -47.53
C SER E 488 21.60 -3.16 -47.63
N ALA E 489 21.40 -1.85 -47.59
CA ALA E 489 20.03 -1.31 -47.59
C ALA E 489 19.33 -1.51 -48.93
N LEU E 490 20.08 -1.51 -50.03
CA LEU E 490 19.45 -1.59 -51.35
C LEU E 490 18.95 -2.99 -51.70
N GLN E 491 18.94 -3.92 -50.75
CA GLN E 491 18.40 -5.25 -50.97
C GLN E 491 17.04 -5.46 -50.32
N LYS E 492 16.59 -4.53 -49.48
CA LYS E 492 15.35 -4.72 -48.74
C LYS E 492 14.10 -4.82 -49.61
N PRO E 493 13.90 -4.00 -50.66
CA PRO E 493 12.64 -4.11 -51.42
C PRO E 493 12.38 -5.49 -51.99
N ALA E 494 13.39 -6.16 -52.55
CA ALA E 494 13.20 -7.50 -53.08
C ALA E 494 12.89 -8.50 -51.97
N LYS E 495 13.58 -8.37 -50.83
CA LYS E 495 13.31 -9.24 -49.69
C LYS E 495 11.88 -9.09 -49.21
N ILE E 496 11.39 -7.86 -49.14
CA ILE E 496 10.03 -7.62 -48.66
C ILE E 496 9.01 -8.11 -49.67
N ILE E 497 9.28 -7.91 -50.97
CA ILE E 497 8.37 -8.42 -51.99
C ILE E 497 8.27 -9.94 -51.92
N ALA E 498 9.40 -10.62 -51.71
CA ALA E 498 9.37 -12.07 -51.58
C ALA E 498 8.68 -12.49 -50.29
N ASP E 499 8.88 -11.74 -49.21
CA ASP E 499 8.22 -12.06 -47.94
C ASP E 499 6.71 -11.95 -48.04
N ASN E 500 6.22 -10.92 -48.73
CA ASN E 500 4.78 -10.76 -48.91
C ASN E 500 4.18 -11.92 -49.69
N ALA E 501 4.95 -12.53 -50.58
CA ALA E 501 4.49 -13.69 -51.32
C ALA E 501 4.41 -14.95 -50.46
N GLY E 502 4.94 -14.91 -49.24
CA GLY E 502 4.94 -16.05 -48.35
C GLY E 502 6.24 -16.81 -48.28
N GLU E 503 7.25 -16.42 -49.05
CA GLU E 503 8.53 -17.10 -49.07
C GLU E 503 9.48 -16.45 -48.08
N GLU E 504 10.75 -16.83 -48.12
CA GLU E 504 11.79 -16.23 -47.31
C GLU E 504 12.62 -15.31 -48.21
N GLY E 505 12.55 -14.01 -47.95
CA GLY E 505 13.15 -13.05 -48.86
C GLY E 505 14.66 -13.19 -48.96
N ALA E 506 15.31 -13.53 -47.85
CA ALA E 506 16.76 -13.65 -47.86
C ALA E 506 17.23 -14.76 -48.79
N VAL E 507 16.55 -15.91 -48.78
CA VAL E 507 16.95 -17.02 -49.63
C VAL E 507 16.71 -16.70 -51.10
N ILE E 508 15.58 -16.05 -51.41
CA ILE E 508 15.31 -15.67 -52.79
C ILE E 508 16.35 -14.68 -53.29
N VAL E 509 16.69 -13.68 -52.46
CA VAL E 509 17.69 -12.69 -52.85
C VAL E 509 19.04 -13.36 -53.04
N GLY E 510 19.41 -14.28 -52.16
CA GLY E 510 20.65 -15.01 -52.33
C GLY E 510 20.69 -15.81 -53.61
N LYS E 511 19.58 -16.47 -53.95
CA LYS E 511 19.51 -17.22 -55.21
C LYS E 511 19.66 -16.30 -56.40
N ILE E 512 19.02 -15.13 -56.36
CA ILE E 512 19.14 -14.19 -57.47
C ILE E 512 20.55 -13.64 -57.57
N LEU E 513 21.20 -13.38 -56.43
CA LEU E 513 22.51 -12.74 -56.39
C LEU E 513 23.67 -13.72 -56.50
N ASP E 514 23.41 -15.03 -56.59
CA ASP E 514 24.47 -16.02 -56.64
C ASP E 514 24.71 -16.55 -58.05
N ASN E 515 23.67 -17.08 -58.70
CA ASN E 515 23.78 -17.61 -60.04
C ASN E 515 23.10 -16.68 -61.03
N HIS E 516 23.22 -16.98 -62.32
CA HIS E 516 22.69 -16.15 -63.39
C HIS E 516 23.22 -14.72 -63.26
N THR E 517 24.54 -14.61 -63.22
CA THR E 517 25.22 -13.35 -62.99
C THR E 517 25.41 -12.52 -64.26
N ASP E 518 25.00 -13.05 -65.41
CA ASP E 518 25.11 -12.35 -66.68
C ASP E 518 23.73 -12.00 -67.23
N ASP E 519 22.78 -11.73 -66.34
CA ASP E 519 21.41 -11.40 -66.73
C ASP E 519 20.91 -10.30 -65.81
N PHE E 520 20.89 -9.06 -66.31
CA PHE E 520 20.37 -7.94 -65.54
C PHE E 520 18.85 -8.01 -65.37
N ASN E 521 18.17 -8.78 -66.20
CA ASN E 521 16.71 -8.80 -66.21
C ASN E 521 16.16 -10.04 -65.52
N TYR E 522 17.02 -10.78 -64.80
CA TYR E 522 16.63 -12.05 -64.21
C TYR E 522 16.25 -11.82 -62.76
N GLY E 523 15.11 -12.37 -62.35
CA GLY E 523 14.64 -12.17 -61.01
C GLY E 523 13.48 -13.07 -60.67
N TYR E 524 12.80 -12.73 -59.58
CA TYR E 524 11.71 -13.52 -59.03
C TYR E 524 10.37 -12.91 -59.42
N ASP E 525 9.55 -13.69 -60.12
CA ASP E 525 8.16 -13.33 -60.39
C ASP E 525 7.34 -13.83 -59.21
N ALA E 526 6.96 -12.89 -58.32
CA ALA E 526 6.23 -13.28 -57.12
C ALA E 526 4.78 -13.64 -57.44
N ALA E 527 4.21 -13.07 -58.50
CA ALA E 527 2.83 -13.38 -58.86
C ALA E 527 2.69 -14.85 -59.24
N LYS E 528 3.62 -15.38 -60.03
CA LYS E 528 3.62 -16.78 -60.41
C LYS E 528 4.58 -17.62 -59.59
N SER E 529 5.28 -17.01 -58.63
CA SER E 529 6.24 -17.72 -57.77
C SER E 529 7.28 -18.47 -58.60
N GLU E 530 7.81 -17.80 -59.62
CA GLU E 530 8.74 -18.40 -60.56
C GLU E 530 10.01 -17.56 -60.64
N TYR E 531 11.00 -18.07 -61.36
CA TYR E 531 12.22 -17.33 -61.65
C TYR E 531 12.33 -17.13 -63.15
N GLY E 532 12.86 -15.98 -63.56
CA GLY E 532 13.09 -15.77 -64.98
C GLY E 532 13.26 -14.30 -65.31
N ASP E 533 13.23 -14.02 -66.61
CA ASP E 533 13.39 -12.66 -67.10
C ASP E 533 12.13 -11.86 -66.81
N LEU E 534 12.27 -10.82 -65.98
CA LEU E 534 11.11 -10.04 -65.57
C LEU E 534 10.62 -9.10 -66.66
N VAL E 535 11.52 -8.61 -67.51
CA VAL E 535 11.11 -7.71 -68.59
C VAL E 535 10.26 -8.47 -69.61
N SER E 536 10.61 -9.74 -69.87
CA SER E 536 9.80 -10.54 -70.79
C SER E 536 8.39 -10.76 -70.26
N ARG E 537 8.23 -10.80 -68.94
CA ARG E 537 6.92 -10.97 -68.33
C ARG E 537 6.20 -9.65 -68.08
N GLY E 538 6.80 -8.52 -68.47
CA GLY E 538 6.16 -7.23 -68.31
C GLY E 538 6.25 -6.63 -66.93
N ILE E 539 7.19 -7.09 -66.11
CA ILE E 539 7.39 -6.55 -64.77
C ILE E 539 8.52 -5.53 -64.87
N VAL E 540 8.15 -4.28 -65.19
CA VAL E 540 9.10 -3.19 -65.30
C VAL E 540 8.54 -1.97 -64.55
N ASP E 541 9.44 -1.09 -64.15
CA ASP E 541 9.07 0.16 -63.51
C ASP E 541 9.93 1.30 -64.07
N PRO E 542 9.41 2.52 -64.08
CA PRO E 542 10.18 3.64 -64.64
C PRO E 542 11.44 3.91 -63.84
N LEU E 543 12.48 4.36 -64.55
CA LEU E 543 13.72 4.76 -63.88
C LEU E 543 13.50 5.99 -63.01
N LYS E 544 12.57 6.86 -63.41
CA LYS E 544 12.34 8.11 -62.69
C LYS E 544 11.90 7.85 -61.25
N VAL E 545 10.95 6.93 -61.07
CA VAL E 545 10.40 6.70 -59.73
C VAL E 545 11.44 6.07 -58.82
N VAL E 546 12.21 5.10 -59.34
CA VAL E 546 13.20 4.44 -58.49
C VAL E 546 14.35 5.39 -58.16
N ARG E 547 14.75 6.22 -59.12
CA ARG E 547 15.80 7.20 -58.87
C ARG E 547 15.36 8.21 -57.83
N THR E 548 14.13 8.74 -57.97
CA THR E 548 13.64 9.72 -57.01
C THR E 548 13.51 9.11 -55.62
N ALA E 549 12.98 7.89 -55.54
CA ALA E 549 12.84 7.22 -54.25
C ALA E 549 14.20 7.02 -53.59
N LEU E 550 15.19 6.55 -54.37
CA LEU E 550 16.52 6.33 -53.82
C LEU E 550 17.13 7.63 -53.30
N VAL E 551 17.07 8.69 -54.12
CA VAL E 551 17.71 9.95 -53.74
C VAL E 551 17.05 10.53 -52.50
N ASP E 552 15.71 10.56 -52.48
CA ASP E 552 15.01 11.16 -51.35
C ASP E 552 15.20 10.35 -50.07
N ALA E 553 15.14 9.02 -50.17
CA ALA E 553 15.36 8.19 -49.00
C ALA E 553 16.77 8.38 -48.45
N SER E 554 17.77 8.40 -49.34
CA SER E 554 19.14 8.60 -48.90
C SER E 554 19.32 9.94 -48.21
N GLY E 555 18.75 11.00 -48.80
CA GLY E 555 18.90 12.33 -48.21
C GLY E 555 18.25 12.44 -46.85
N VAL E 556 17.00 11.95 -46.73
CA VAL E 556 16.30 12.06 -45.46
C VAL E 556 16.95 11.17 -44.41
N ALA E 557 17.46 10.00 -44.79
CA ALA E 557 18.13 9.14 -43.82
C ALA E 557 19.43 9.76 -43.33
N SER E 558 20.20 10.39 -44.24
CA SER E 558 21.41 11.08 -43.81
C SER E 558 21.08 12.24 -42.89
N LEU E 559 20.02 12.99 -43.20
CA LEU E 559 19.62 14.10 -42.35
C LEU E 559 19.20 13.61 -40.96
N LEU E 560 18.47 12.49 -40.90
CA LEU E 560 18.08 11.94 -39.61
C LEU E 560 19.28 11.44 -38.82
N THR E 561 20.25 10.82 -39.51
CA THR E 561 21.45 10.36 -38.83
C THR E 561 22.26 11.51 -38.27
N THR E 562 22.34 12.62 -39.01
CA THR E 562 23.14 13.76 -38.58
C THR E 562 22.51 14.50 -37.39
N THR E 563 21.20 14.35 -37.19
CA THR E 563 20.50 15.11 -36.15
C THR E 563 21.07 14.82 -34.77
N GLU E 564 21.31 15.89 -34.00
CA GLU E 564 21.91 15.78 -32.68
C GLU E 564 21.02 16.25 -31.54
N CYS E 565 19.97 17.02 -31.83
CA CYS E 565 19.05 17.49 -30.79
C CYS E 565 17.66 17.59 -31.38
N THR E 566 16.66 17.21 -30.58
CA THR E 566 15.26 17.30 -31.00
C THR E 566 14.45 17.96 -29.90
N ILE E 567 13.60 18.92 -30.29
CA ILE E 567 12.81 19.71 -29.36
C ILE E 567 11.34 19.53 -29.70
N THR E 568 10.54 19.15 -28.70
CA THR E 568 9.09 19.05 -28.86
C THR E 568 8.40 19.86 -27.78
N GLU E 569 7.07 19.76 -27.70
CA GLU E 569 6.29 20.47 -26.71
C GLU E 569 5.90 19.52 -25.58
N ALA E 570 5.94 20.03 -24.36
CA ALA E 570 5.57 19.23 -23.20
C ALA E 570 4.06 19.01 -23.20
N PRO E 571 3.58 17.77 -23.08
CA PRO E 571 2.14 17.45 -23.08
C PRO E 571 1.39 18.11 -21.92
N THR F 44 -5.12 13.67 -34.89
CA THR F 44 -5.58 12.43 -34.30
C THR F 44 -4.41 11.47 -34.06
N HIS F 45 -4.57 10.62 -33.05
CA HIS F 45 -3.56 9.65 -32.66
C HIS F 45 -4.10 8.24 -32.85
N LYS F 46 -3.27 7.35 -33.39
CA LYS F 46 -3.70 6.02 -33.78
C LYS F 46 -2.96 4.96 -32.98
N GLU F 47 -3.56 3.77 -32.96
CA GLU F 47 -2.97 2.58 -32.36
C GLU F 47 -2.87 1.50 -33.44
N LEU F 48 -1.74 0.81 -33.48
CA LEU F 48 -1.46 -0.15 -34.54
C LEU F 48 -1.18 -1.53 -33.94
N LYS F 49 -1.75 -2.56 -34.58
CA LYS F 49 -1.47 -3.93 -34.22
C LYS F 49 -1.02 -4.68 -35.47
N PHE F 50 -0.01 -5.54 -35.30
CA PHE F 50 0.62 -6.25 -36.40
C PHE F 50 0.54 -7.75 -36.17
N GLY F 51 0.29 -8.49 -37.25
CA GLY F 51 0.41 -9.94 -37.23
C GLY F 51 -0.56 -10.70 -36.36
N VAL F 52 -0.02 -11.48 -35.42
CA VAL F 52 -0.82 -12.45 -34.69
C VAL F 52 -1.77 -11.76 -33.72
N GLU F 53 -1.32 -10.68 -33.06
CA GLU F 53 -2.17 -10.04 -32.05
C GLU F 53 -3.38 -9.36 -32.67
N GLY F 54 -3.19 -8.67 -33.80
CA GLY F 54 -4.32 -8.04 -34.47
C GLY F 54 -5.33 -9.06 -34.95
N ARG F 55 -4.85 -10.16 -35.53
CA ARG F 55 -5.75 -11.22 -35.96
C ARG F 55 -6.45 -11.88 -34.78
N ALA F 56 -5.78 -11.97 -33.63
CA ALA F 56 -6.42 -12.51 -32.43
C ALA F 56 -7.54 -11.61 -31.96
N SER F 57 -7.34 -10.28 -31.97
CA SER F 57 -8.41 -9.37 -31.59
C SER F 57 -9.58 -9.44 -32.57
N LEU F 58 -9.28 -9.47 -33.86
CA LEU F 58 -10.34 -9.62 -34.86
C LEU F 58 -11.11 -10.92 -34.66
N LEU F 59 -10.40 -12.01 -34.35
CA LEU F 59 -11.05 -13.28 -34.11
C LEU F 59 -11.92 -13.23 -32.86
N LYS F 60 -11.48 -12.52 -31.82
CA LYS F 60 -12.32 -12.36 -30.64
C LYS F 60 -13.62 -11.64 -31.00
N GLY F 61 -13.53 -10.57 -31.78
CA GLY F 61 -14.74 -9.87 -32.18
C GLY F 61 -15.69 -10.72 -33.00
N VAL F 62 -15.14 -11.42 -33.99
CA VAL F 62 -15.96 -12.28 -34.84
C VAL F 62 -16.55 -13.43 -34.02
N ASP F 63 -15.79 -13.93 -33.05
CA ASP F 63 -16.27 -15.00 -32.18
C ASP F 63 -17.47 -14.53 -31.37
N ILE F 64 -17.38 -13.34 -30.78
CA ILE F 64 -18.50 -12.82 -30.00
C ILE F 64 -19.73 -12.65 -30.88
N LEU F 65 -19.54 -12.05 -32.07
CA LEU F 65 -20.68 -11.82 -32.95
C LEU F 65 -21.33 -13.14 -33.38
N ALA F 66 -20.52 -14.11 -33.79
CA ALA F 66 -21.05 -15.38 -34.26
C ALA F 66 -21.72 -16.16 -33.12
N LYS F 67 -21.13 -16.12 -31.93
CA LYS F 67 -21.74 -16.79 -30.78
C LYS F 67 -23.09 -16.19 -30.45
N ALA F 68 -23.21 -14.86 -30.52
CA ALA F 68 -24.51 -14.23 -30.27
C ALA F 68 -25.53 -14.58 -31.34
N VAL F 69 -25.10 -14.64 -32.60
CA VAL F 69 -26.07 -14.82 -33.69
C VAL F 69 -26.47 -16.29 -33.87
N ALA F 70 -25.58 -17.23 -33.54
CA ALA F 70 -25.82 -18.63 -33.87
C ALA F 70 -26.94 -19.27 -33.07
N VAL F 71 -27.27 -18.74 -31.90
CA VAL F 71 -28.30 -19.35 -31.06
C VAL F 71 -29.70 -19.24 -31.65
N THR F 72 -29.88 -18.43 -32.69
CA THR F 72 -31.19 -18.21 -33.29
C THR F 72 -31.38 -18.97 -34.60
N LEU F 73 -30.51 -19.92 -34.91
CA LEU F 73 -30.57 -20.62 -36.19
C LEU F 73 -31.31 -21.94 -36.03
N GLY F 74 -32.26 -22.19 -36.92
CA GLY F 74 -33.01 -23.42 -36.91
C GLY F 74 -34.41 -23.25 -36.38
N PRO F 75 -35.26 -24.27 -36.56
CA PRO F 75 -36.61 -24.20 -35.99
C PRO F 75 -36.62 -24.09 -34.47
N LYS F 76 -35.63 -24.69 -33.80
CA LYS F 76 -35.53 -24.67 -32.34
C LYS F 76 -34.53 -23.63 -31.85
N GLY F 77 -34.40 -22.50 -32.56
CA GLY F 77 -33.49 -21.47 -32.13
C GLY F 77 -33.91 -20.85 -30.80
N ARG F 78 -32.92 -20.47 -30.01
CA ARG F 78 -33.16 -19.92 -28.69
C ARG F 78 -33.51 -18.44 -28.78
N ASN F 79 -33.83 -17.85 -27.63
CA ASN F 79 -34.25 -16.46 -27.55
C ASN F 79 -33.07 -15.56 -27.17
N VAL F 80 -33.14 -14.32 -27.63
CA VAL F 80 -32.17 -13.30 -27.28
C VAL F 80 -32.91 -12.12 -26.66
N LEU F 81 -32.44 -11.67 -25.50
CA LEU F 81 -33.00 -10.51 -24.81
C LEU F 81 -32.14 -9.29 -25.12
N ILE F 82 -32.73 -8.28 -25.73
CA ILE F 82 -32.05 -7.03 -26.05
C ILE F 82 -32.68 -5.92 -25.23
N GLU F 83 -31.87 -5.19 -24.48
CA GLU F 83 -32.34 -4.16 -23.58
C GLU F 83 -32.32 -2.80 -24.26
N GLN F 84 -33.47 -2.10 -24.20
CA GLN F 84 -33.66 -0.74 -24.70
C GLN F 84 -33.36 0.28 -23.62
N PRO F 85 -32.90 1.48 -24.00
CA PRO F 85 -32.61 2.50 -22.97
C PRO F 85 -33.80 2.83 -22.10
N TYR F 86 -34.99 2.85 -22.72
CA TYR F 86 -36.22 3.10 -21.99
C TYR F 86 -37.30 2.23 -22.62
N GLY F 87 -37.95 1.39 -21.83
CA GLY F 87 -38.99 0.51 -22.35
C GLY F 87 -38.74 -0.94 -21.99
N SER F 88 -39.73 -1.77 -22.29
CA SER F 88 -39.65 -3.19 -21.98
C SER F 88 -38.60 -3.86 -22.85
N PRO F 89 -37.92 -4.88 -22.32
CA PRO F 89 -36.90 -5.58 -23.10
C PRO F 89 -37.52 -6.30 -24.31
N LYS F 90 -36.71 -6.43 -25.36
CA LYS F 90 -37.15 -7.04 -26.61
C LYS F 90 -36.68 -8.49 -26.65
N ILE F 91 -37.60 -9.39 -26.99
CA ILE F 91 -37.31 -10.82 -27.11
C ILE F 91 -37.30 -11.15 -28.59
N THR F 92 -36.16 -11.63 -29.10
CA THR F 92 -36.01 -11.84 -30.52
C THR F 92 -35.42 -13.21 -30.82
N LYS F 93 -35.92 -13.83 -31.89
CA LYS F 93 -35.37 -15.05 -32.46
C LYS F 93 -34.78 -14.81 -33.84
N ASP F 94 -34.58 -13.55 -34.21
CA ASP F 94 -34.19 -13.17 -35.57
C ASP F 94 -32.71 -12.84 -35.60
N GLY F 95 -31.98 -13.49 -36.52
CA GLY F 95 -30.53 -13.35 -36.55
C GLY F 95 -30.06 -11.97 -36.94
N VAL F 96 -30.71 -11.36 -37.94
CA VAL F 96 -30.27 -10.05 -38.40
C VAL F 96 -30.54 -8.98 -37.34
N THR F 97 -31.66 -9.10 -36.63
CA THR F 97 -31.94 -8.17 -35.55
C THR F 97 -30.89 -8.25 -34.45
N VAL F 98 -30.49 -9.47 -34.08
CA VAL F 98 -29.44 -9.64 -33.08
C VAL F 98 -28.11 -9.09 -33.60
N ALA F 99 -27.79 -9.33 -34.86
CA ALA F 99 -26.52 -8.89 -35.43
C ALA F 99 -26.43 -7.37 -35.49
N LYS F 100 -27.54 -6.70 -35.82
CA LYS F 100 -27.53 -5.25 -35.97
C LYS F 100 -27.41 -4.50 -34.66
N SER F 101 -27.53 -5.18 -33.52
CA SER F 101 -27.51 -4.54 -32.21
C SER F 101 -26.29 -4.89 -31.39
N ILE F 102 -25.18 -5.25 -32.03
CA ILE F 102 -23.95 -5.65 -31.32
C ILE F 102 -22.87 -4.63 -31.62
N SER F 103 -22.33 -4.04 -30.56
CA SER F 103 -21.18 -3.14 -30.65
C SER F 103 -20.24 -3.44 -29.49
N LEU F 104 -18.95 -3.51 -29.80
CA LEU F 104 -17.94 -3.88 -28.80
C LEU F 104 -17.14 -2.66 -28.39
N LYS F 105 -16.72 -2.69 -27.15
CA LYS F 105 -15.95 -1.62 -26.57
C LYS F 105 -14.56 -1.56 -27.04
N ASP F 106 -13.91 -2.69 -27.19
CA ASP F 106 -12.58 -2.79 -27.74
C ASP F 106 -12.60 -2.48 -29.23
N LYS F 107 -11.60 -1.73 -29.68
CA LYS F 107 -11.63 -1.18 -31.03
C LYS F 107 -11.37 -2.22 -32.11
N PHE F 108 -10.41 -3.12 -31.90
CA PHE F 108 -10.06 -4.08 -32.94
C PHE F 108 -11.11 -5.19 -33.05
N GLU F 109 -11.61 -5.66 -31.92
CA GLU F 109 -12.71 -6.62 -31.95
C GLU F 109 -13.95 -6.01 -32.59
N ASN F 110 -14.23 -4.74 -32.28
CA ASN F 110 -15.33 -4.05 -32.94
C ASN F 110 -15.07 -3.90 -34.43
N LEU F 111 -13.82 -3.73 -34.84
CA LEU F 111 -13.50 -3.62 -36.26
C LEU F 111 -13.82 -4.93 -36.99
N GLY F 112 -13.38 -6.05 -36.42
CA GLY F 112 -13.71 -7.34 -37.02
C GLY F 112 -15.20 -7.61 -37.05
N ALA F 113 -15.89 -7.33 -35.94
CA ALA F 113 -17.33 -7.52 -35.89
C ALA F 113 -18.04 -6.63 -36.90
N ARG F 114 -17.56 -5.41 -37.08
CA ARG F 114 -18.18 -4.50 -38.04
C ARG F 114 -18.00 -5.01 -39.45
N LEU F 115 -16.80 -5.48 -39.78
CA LEU F 115 -16.57 -6.02 -41.12
C LEU F 115 -17.52 -7.19 -41.41
N VAL F 116 -17.62 -8.13 -40.46
CA VAL F 116 -18.51 -9.26 -40.67
C VAL F 116 -19.97 -8.83 -40.72
N GLN F 117 -20.33 -7.83 -39.90
CA GLN F 117 -21.69 -7.31 -39.91
C GLN F 117 -22.03 -6.68 -41.26
N ASP F 118 -21.10 -5.91 -41.81
CA ASP F 118 -21.33 -5.31 -43.12
C ASP F 118 -21.52 -6.37 -44.19
N VAL F 119 -20.68 -7.40 -44.19
CA VAL F 119 -20.80 -8.44 -45.21
C VAL F 119 -22.12 -9.19 -45.05
N ALA F 120 -22.50 -9.52 -43.81
CA ALA F 120 -23.75 -10.22 -43.57
C ALA F 120 -24.96 -9.38 -43.96
N ASN F 121 -24.94 -8.08 -43.64
CA ASN F 121 -26.02 -7.21 -44.06
C ASN F 121 -26.11 -7.11 -45.58
N LYS F 122 -24.96 -7.04 -46.26
CA LYS F 122 -24.98 -6.98 -47.72
C LYS F 122 -25.55 -8.24 -48.33
N THR F 123 -25.16 -9.42 -47.83
CA THR F 123 -25.70 -10.65 -48.40
C THR F 123 -27.18 -10.80 -48.09
N ASN F 124 -27.61 -10.39 -46.89
CA ASN F 124 -29.03 -10.43 -46.56
C ASN F 124 -29.83 -9.51 -47.47
N GLU F 125 -29.31 -8.32 -47.76
CA GLU F 125 -30.00 -7.39 -48.65
C GLU F 125 -30.05 -7.94 -50.08
N VAL F 126 -28.95 -8.54 -50.54
CA VAL F 126 -28.89 -9.01 -51.92
C VAL F 126 -29.82 -10.22 -52.11
N ALA F 127 -29.75 -11.19 -51.22
CA ALA F 127 -30.46 -12.45 -51.41
C ALA F 127 -31.79 -12.54 -50.68
N GLY F 128 -31.98 -11.78 -49.61
CA GLY F 128 -33.20 -11.87 -48.84
C GLY F 128 -32.98 -12.41 -47.44
N ASP F 129 -32.07 -13.37 -47.32
CA ASP F 129 -31.72 -13.95 -46.03
C ASP F 129 -30.33 -14.57 -46.13
N GLY F 130 -29.88 -15.17 -45.04
CA GLY F 130 -28.59 -15.79 -44.96
C GLY F 130 -27.56 -15.10 -44.08
N THR F 131 -28.00 -14.24 -43.15
CA THR F 131 -27.05 -13.55 -42.27
C THR F 131 -26.41 -14.51 -41.28
N THR F 132 -27.22 -15.35 -40.63
CA THR F 132 -26.68 -16.26 -39.62
C THR F 132 -25.73 -17.28 -40.22
N THR F 133 -26.11 -17.86 -41.36
CA THR F 133 -25.25 -18.85 -42.00
C THR F 133 -23.94 -18.22 -42.46
N ALA F 134 -24.01 -17.01 -43.05
CA ALA F 134 -22.80 -16.33 -43.48
C ALA F 134 -21.89 -16.01 -42.31
N THR F 135 -22.46 -15.55 -41.20
CA THR F 135 -21.66 -15.26 -40.01
C THR F 135 -21.00 -16.51 -39.47
N ILE F 136 -21.75 -17.62 -39.39
CA ILE F 136 -21.20 -18.86 -38.86
C ILE F 136 -20.06 -19.36 -39.74
N LEU F 137 -20.27 -19.35 -41.06
CA LEU F 137 -19.23 -19.80 -41.97
C LEU F 137 -18.00 -18.91 -41.91
N THR F 138 -18.21 -17.59 -41.80
CA THR F 138 -17.09 -16.67 -41.65
C THR F 138 -16.28 -16.99 -40.39
N ARG F 139 -16.97 -17.19 -39.27
CA ARG F 139 -16.26 -17.51 -38.03
C ARG F 139 -15.46 -18.80 -38.16
N ALA F 140 -16.09 -19.84 -38.74
CA ALA F 140 -15.41 -21.12 -38.86
C ALA F 140 -14.18 -21.03 -39.74
N ILE F 141 -14.33 -20.45 -40.94
CA ILE F 141 -13.20 -20.35 -41.87
C ILE F 141 -12.10 -19.48 -41.29
N PHE F 142 -12.46 -18.35 -40.67
CA PHE F 142 -11.45 -17.46 -40.12
C PHE F 142 -10.67 -18.13 -38.99
N ALA F 143 -11.37 -18.82 -38.08
CA ALA F 143 -10.69 -19.48 -36.98
C ALA F 143 -9.76 -20.58 -37.48
N GLU F 144 -10.24 -21.39 -38.44
CA GLU F 144 -9.41 -22.47 -38.96
C GLU F 144 -8.20 -21.93 -39.71
N GLY F 145 -8.39 -20.85 -40.48
CA GLY F 145 -7.26 -20.25 -41.17
C GLY F 145 -6.24 -19.65 -40.22
N VAL F 146 -6.71 -19.03 -39.13
CA VAL F 146 -5.79 -18.52 -38.12
C VAL F 146 -4.98 -19.66 -37.52
N LYS F 147 -5.65 -20.78 -37.20
CA LYS F 147 -4.94 -21.93 -36.65
C LYS F 147 -3.90 -22.46 -37.63
N ASN F 148 -4.26 -22.58 -38.90
CA ASN F 148 -3.33 -23.13 -39.89
C ASN F 148 -2.16 -22.18 -40.13
N VAL F 149 -2.41 -20.87 -40.12
CA VAL F 149 -1.32 -19.91 -40.27
C VAL F 149 -0.38 -19.98 -39.07
N ALA F 150 -0.94 -20.10 -37.86
CA ALA F 150 -0.10 -20.27 -36.67
C ALA F 150 0.71 -21.56 -36.75
N ALA F 151 0.17 -22.60 -37.38
CA ALA F 151 0.90 -23.84 -37.56
C ALA F 151 2.09 -23.71 -38.49
N GLY F 152 2.21 -22.60 -39.23
CA GLY F 152 3.35 -22.39 -40.09
C GLY F 152 3.07 -22.64 -41.56
N CYS F 153 1.93 -22.14 -42.04
CA CYS F 153 1.50 -22.35 -43.42
C CYS F 153 1.44 -21.02 -44.16
N ASN F 154 1.39 -21.11 -45.49
CA ASN F 154 1.37 -19.93 -46.34
C ASN F 154 -0.06 -19.46 -46.55
N PRO F 155 -0.43 -18.26 -46.10
CA PRO F 155 -1.83 -17.81 -46.25
C PRO F 155 -2.30 -17.71 -47.69
N MET F 156 -1.42 -17.39 -48.64
CA MET F 156 -1.85 -17.25 -50.03
C MET F 156 -2.30 -18.58 -50.61
N ASP F 157 -1.57 -19.65 -50.33
CA ASP F 157 -1.97 -20.97 -50.80
C ASP F 157 -3.25 -21.44 -50.09
N LEU F 158 -3.41 -21.07 -48.82
CA LEU F 158 -4.67 -21.31 -48.14
C LEU F 158 -5.82 -20.63 -48.87
N ARG F 159 -5.63 -19.37 -49.26
CA ARG F 159 -6.65 -18.64 -50.01
C ARG F 159 -6.96 -19.33 -51.33
N ARG F 160 -5.93 -19.77 -52.05
CA ARG F 160 -6.15 -20.46 -53.32
C ARG F 160 -6.93 -21.74 -53.14
N GLY F 161 -6.59 -22.54 -52.11
CA GLY F 161 -7.31 -23.76 -51.85
C GLY F 161 -8.76 -23.51 -51.45
N VAL F 162 -8.99 -22.48 -50.64
CA VAL F 162 -10.34 -22.12 -50.23
C VAL F 162 -11.17 -21.71 -51.45
N GLN F 163 -10.58 -20.91 -52.35
CA GLN F 163 -11.27 -20.51 -53.56
C GLN F 163 -11.62 -21.72 -54.43
N MET F 164 -10.68 -22.63 -54.60
CA MET F 164 -10.93 -23.82 -55.42
C MET F 164 -12.05 -24.67 -54.81
N ALA F 165 -12.01 -24.87 -53.49
CA ALA F 165 -13.04 -25.65 -52.84
C ALA F 165 -14.41 -24.99 -52.96
N VAL F 166 -14.46 -23.67 -52.80
CA VAL F 166 -15.73 -22.96 -52.91
C VAL F 166 -16.30 -23.06 -54.31
N ASP F 167 -15.42 -22.94 -55.32
CA ASP F 167 -15.88 -23.09 -56.70
C ASP F 167 -16.43 -24.49 -56.95
N SER F 168 -15.75 -25.51 -56.44
CA SER F 168 -16.24 -26.87 -56.60
C SER F 168 -17.59 -27.06 -55.93
N ILE F 169 -17.75 -26.52 -54.71
CA ILE F 169 -19.02 -26.64 -53.99
C ILE F 169 -20.14 -25.96 -54.75
N VAL F 170 -19.86 -24.76 -55.28
CA VAL F 170 -20.88 -24.02 -56.02
C VAL F 170 -21.29 -24.78 -57.27
N LYS F 171 -20.32 -25.35 -57.98
CA LYS F 171 -20.64 -26.14 -59.17
C LYS F 171 -21.50 -27.35 -58.82
N PHE F 172 -21.15 -28.06 -57.74
CA PHE F 172 -21.93 -29.21 -57.33
C PHE F 172 -23.37 -28.81 -56.96
N LEU F 173 -23.51 -27.72 -56.21
CA LEU F 173 -24.83 -27.27 -55.78
C LEU F 173 -25.67 -26.84 -56.97
N ARG F 174 -25.07 -26.14 -57.93
CA ARG F 174 -25.80 -25.77 -59.14
C ARG F 174 -26.20 -26.99 -59.95
N GLU F 175 -25.36 -28.03 -59.97
CA GLU F 175 -25.71 -29.26 -60.65
C GLU F 175 -26.90 -29.95 -59.99
N LYS F 176 -26.95 -29.94 -58.66
CA LYS F 176 -27.98 -30.68 -57.92
C LYS F 176 -29.23 -29.85 -57.62
N SER F 177 -29.33 -28.63 -58.13
CA SER F 177 -30.49 -27.79 -57.84
C SER F 177 -31.71 -28.26 -58.61
N ARG F 178 -32.88 -27.95 -58.07
CA ARG F 178 -34.16 -28.27 -58.69
C ARG F 178 -34.82 -26.99 -59.17
N VAL F 179 -35.02 -26.87 -60.48
CA VAL F 179 -35.60 -25.69 -61.09
C VAL F 179 -37.12 -25.82 -61.09
N ILE F 180 -37.80 -24.70 -60.87
CA ILE F 180 -39.26 -24.65 -60.87
C ILE F 180 -39.71 -23.69 -61.97
N THR F 181 -40.57 -24.18 -62.85
CA THR F 181 -41.03 -23.39 -63.99
C THR F 181 -42.54 -23.20 -64.04
N THR F 182 -43.33 -24.26 -63.89
CA THR F 182 -44.76 -24.15 -64.08
C THR F 182 -45.44 -23.54 -62.85
N SER F 183 -46.72 -23.17 -63.03
CA SER F 183 -47.43 -22.43 -61.99
C SER F 183 -47.68 -23.27 -60.74
N GLU F 184 -47.87 -24.59 -60.90
CA GLU F 184 -48.14 -25.42 -59.74
C GLU F 184 -46.94 -25.49 -58.81
N GLU F 185 -45.73 -25.58 -59.37
CA GLU F 185 -44.54 -25.61 -58.54
C GLU F 185 -44.30 -24.26 -57.88
N ILE F 186 -44.60 -23.17 -58.58
CA ILE F 186 -44.49 -21.84 -57.98
C ILE F 186 -45.46 -21.71 -56.81
N ALA F 187 -46.68 -22.20 -56.99
CA ALA F 187 -47.68 -22.16 -55.92
C ALA F 187 -47.23 -22.98 -54.73
N GLN F 188 -46.68 -24.18 -54.98
CA GLN F 188 -46.20 -25.02 -53.89
C GLN F 188 -45.04 -24.36 -53.15
N VAL F 189 -44.11 -23.77 -53.89
CA VAL F 189 -42.97 -23.09 -53.25
C VAL F 189 -43.44 -21.92 -52.41
N ALA F 190 -44.38 -21.14 -52.93
CA ALA F 190 -44.90 -20.01 -52.17
C ALA F 190 -45.67 -20.46 -50.94
N THR F 191 -46.40 -21.58 -51.04
CA THR F 191 -47.10 -22.11 -49.88
C THR F 191 -46.12 -22.57 -48.80
N ILE F 192 -45.04 -23.24 -49.21
CA ILE F 192 -44.03 -23.66 -48.25
C ILE F 192 -43.37 -22.44 -47.61
N SER F 193 -43.06 -21.43 -48.41
CA SER F 193 -42.44 -20.21 -47.89
C SER F 193 -43.37 -19.41 -46.98
N ALA F 194 -44.67 -19.71 -47.02
CA ALA F 194 -45.66 -19.01 -46.20
C ALA F 194 -46.08 -19.83 -44.99
N ASN F 195 -45.24 -20.76 -44.55
CA ASN F 195 -45.53 -21.63 -43.40
C ASN F 195 -46.83 -22.41 -43.61
N GLY F 196 -46.97 -22.98 -44.81
CA GLY F 196 -48.12 -23.80 -45.11
C GLY F 196 -49.40 -23.05 -45.43
N ASP F 197 -49.31 -21.76 -45.71
CA ASP F 197 -50.50 -20.97 -46.03
C ASP F 197 -50.84 -21.15 -47.50
N THR F 198 -51.99 -21.77 -47.78
CA THR F 198 -52.39 -22.02 -49.16
C THR F 198 -52.87 -20.76 -49.86
N HIS F 199 -53.56 -19.87 -49.13
CA HIS F 199 -54.06 -18.64 -49.75
C HIS F 199 -52.93 -17.76 -50.26
N VAL F 200 -51.87 -17.61 -49.46
CA VAL F 200 -50.74 -16.78 -49.87
C VAL F 200 -50.05 -17.39 -51.10
N GLY F 201 -49.87 -18.71 -51.09
CA GLY F 201 -49.25 -19.37 -52.22
C GLY F 201 -50.07 -19.24 -53.49
N LYS F 202 -51.39 -19.36 -53.37
CA LYS F 202 -52.27 -19.18 -54.53
C LYS F 202 -52.23 -17.75 -55.05
N LEU F 203 -52.23 -16.77 -54.13
CA LEU F 203 -52.21 -15.37 -54.54
C LEU F 203 -50.89 -15.03 -55.24
N ILE F 204 -49.77 -15.51 -54.70
CA ILE F 204 -48.47 -15.19 -55.29
C ILE F 204 -48.35 -15.80 -56.69
N ALA F 205 -48.60 -17.06 -56.86
CA ALA F 205 -48.49 -17.73 -58.11
C ALA F 205 -49.28 -17.14 -59.18
N ASN F 206 -50.16 -16.20 -58.88
CA ASN F 206 -51.04 -15.61 -59.87
C ASN F 206 -50.52 -14.26 -60.26
N ALA F 207 -50.08 -13.52 -59.30
CA ALA F 207 -49.48 -12.23 -59.64
C ALA F 207 -48.32 -12.41 -60.60
N MET F 208 -47.44 -13.37 -60.31
CA MET F 208 -46.30 -13.66 -61.17
C MET F 208 -46.68 -14.47 -62.39
N GLU F 209 -47.90 -14.99 -62.45
CA GLU F 209 -48.46 -15.43 -63.72
C GLU F 209 -48.83 -14.25 -64.60
N LYS F 210 -49.46 -13.23 -64.00
CA LYS F 210 -49.91 -12.06 -64.75
C LYS F 210 -48.73 -11.25 -65.28
N VAL F 211 -47.79 -10.90 -64.40
CA VAL F 211 -46.69 -10.03 -64.79
C VAL F 211 -45.44 -10.80 -65.24
N GLY F 212 -45.43 -12.12 -65.10
CA GLY F 212 -44.26 -12.92 -65.40
C GLY F 212 -43.38 -13.09 -64.18
N LYS F 213 -42.36 -13.94 -64.35
CA LYS F 213 -41.42 -14.18 -63.26
C LYS F 213 -40.61 -12.93 -62.95
N GLU F 214 -40.28 -12.15 -63.98
CA GLU F 214 -39.46 -10.96 -63.83
C GLU F 214 -40.29 -9.69 -63.63
N GLY F 215 -41.60 -9.81 -63.49
CA GLY F 215 -42.45 -8.63 -63.35
C GLY F 215 -42.30 -7.98 -61.99
N VAL F 216 -43.06 -6.90 -61.81
CA VAL F 216 -43.07 -6.16 -60.56
C VAL F 216 -44.32 -6.53 -59.78
N ILE F 217 -44.12 -7.04 -58.57
CA ILE F 217 -45.20 -7.38 -57.65
C ILE F 217 -44.95 -6.64 -56.35
N THR F 218 -45.98 -5.96 -55.84
CA THR F 218 -45.87 -5.22 -54.59
C THR F 218 -47.07 -5.53 -53.72
N VAL F 219 -46.90 -5.31 -52.41
CA VAL F 219 -47.90 -5.65 -51.41
C VAL F 219 -48.30 -4.38 -50.67
N LYS F 220 -49.60 -4.12 -50.58
CA LYS F 220 -50.11 -2.94 -49.91
C LYS F 220 -51.28 -3.33 -49.02
N GLU F 221 -51.65 -2.43 -48.12
CA GLU F 221 -52.77 -2.67 -47.22
C GLU F 221 -54.10 -2.58 -47.97
N GLY F 222 -55.05 -3.40 -47.54
CA GLY F 222 -56.34 -3.43 -48.18
C GLY F 222 -57.42 -2.70 -47.41
N LYS F 223 -58.56 -2.50 -48.07
CA LYS F 223 -59.69 -1.80 -47.49
C LYS F 223 -60.76 -2.73 -46.93
N THR F 224 -60.62 -4.03 -47.11
CA THR F 224 -61.70 -4.98 -46.86
C THR F 224 -61.12 -6.22 -46.18
N ILE F 225 -61.89 -7.30 -46.18
CA ILE F 225 -61.44 -8.54 -45.55
C ILE F 225 -60.79 -9.47 -46.56
N GLU F 226 -61.37 -9.62 -47.73
CA GLU F 226 -60.83 -10.52 -48.74
C GLU F 226 -59.63 -9.88 -49.44
N ASP F 227 -58.79 -10.75 -50.01
CA ASP F 227 -57.51 -10.34 -50.59
C ASP F 227 -57.69 -10.04 -52.07
N GLU F 228 -57.05 -8.95 -52.51
CA GLU F 228 -57.26 -8.48 -53.87
C GLU F 228 -55.94 -8.50 -54.64
N LEU F 229 -56.04 -8.78 -55.94
CA LEU F 229 -54.90 -8.73 -56.85
C LEU F 229 -55.30 -7.90 -58.05
N GLU F 230 -54.63 -6.77 -58.25
CA GLU F 230 -55.00 -5.87 -59.34
C GLU F 230 -53.77 -5.49 -60.15
N ILE F 231 -53.92 -5.46 -61.47
CA ILE F 231 -52.87 -5.02 -62.38
C ILE F 231 -53.08 -3.56 -62.69
N THR F 232 -52.08 -2.72 -62.38
CA THR F 232 -52.17 -1.29 -62.63
C THR F 232 -51.02 -0.87 -63.52
N GLU F 233 -50.99 0.44 -63.79
CA GLU F 233 -49.87 1.05 -64.50
C GLU F 233 -48.88 1.60 -63.49
N GLY F 234 -47.60 1.37 -63.72
CA GLY F 234 -46.57 1.85 -62.83
C GLY F 234 -45.23 1.36 -63.30
N MET F 235 -44.18 1.74 -62.58
CA MET F 235 -42.85 1.32 -63.00
C MET F 235 -41.86 1.59 -61.88
N ARG F 236 -40.70 0.93 -61.98
CA ARG F 236 -39.71 0.89 -60.91
C ARG F 236 -38.36 1.36 -61.45
N PHE F 237 -37.61 2.06 -60.61
CA PHE F 237 -36.21 2.37 -60.88
C PHE F 237 -35.34 1.86 -59.75
N ASP F 238 -34.04 1.73 -60.06
CA ASP F 238 -33.02 1.26 -59.13
C ASP F 238 -32.37 2.41 -58.37
N ARG F 239 -33.05 3.53 -58.21
CA ARG F 239 -32.55 4.66 -57.43
C ARG F 239 -33.49 4.95 -56.28
N GLY F 240 -32.93 4.99 -55.06
CA GLY F 240 -33.69 5.24 -53.86
C GLY F 240 -33.61 6.67 -53.39
N TYR F 241 -33.99 6.88 -52.13
CA TYR F 241 -34.04 8.23 -51.58
C TYR F 241 -32.64 8.73 -51.26
N ILE F 242 -32.48 10.05 -51.31
CA ILE F 242 -31.15 10.65 -51.11
C ILE F 242 -30.69 10.50 -49.67
N SER F 243 -31.57 10.81 -48.71
CA SER F 243 -31.14 10.82 -47.32
C SER F 243 -32.00 9.88 -46.48
N PRO F 244 -31.38 9.06 -45.63
CA PRO F 244 -32.15 8.20 -44.72
C PRO F 244 -33.23 8.93 -43.94
N TYR F 245 -33.04 10.21 -43.62
CA TYR F 245 -34.03 10.94 -42.83
C TYR F 245 -35.39 11.03 -43.51
N PHE F 246 -35.47 10.82 -44.83
CA PHE F 246 -36.73 10.90 -45.54
C PHE F 246 -37.68 9.76 -45.18
N ILE F 247 -37.20 8.75 -44.46
CA ILE F 247 -38.03 7.59 -44.12
C ILE F 247 -39.22 8.04 -43.29
N THR F 248 -40.42 7.69 -43.75
CA THR F 248 -41.64 7.93 -42.98
C THR F 248 -42.15 6.67 -42.28
N ASP F 249 -41.85 5.50 -42.82
CA ASP F 249 -42.19 4.22 -42.21
C ASP F 249 -40.90 3.61 -41.68
N ALA F 250 -40.58 3.91 -40.42
CA ALA F 250 -39.35 3.42 -39.82
C ALA F 250 -39.36 1.93 -39.58
N LYS F 251 -40.53 1.28 -39.66
CA LYS F 251 -40.60 -0.16 -39.45
C LYS F 251 -39.81 -0.90 -40.53
N THR F 252 -39.94 -0.47 -41.79
CA THR F 252 -39.29 -1.11 -42.92
C THR F 252 -38.30 -0.18 -43.62
N GLN F 253 -38.07 1.01 -43.04
CA GLN F 253 -37.11 1.97 -43.58
C GLN F 253 -37.46 2.38 -45.02
N LYS F 254 -38.72 2.75 -45.25
CA LYS F 254 -39.17 3.16 -46.56
C LYS F 254 -40.08 4.37 -46.44
N VAL F 255 -40.38 4.96 -47.60
CA VAL F 255 -41.19 6.17 -47.70
C VAL F 255 -42.40 5.84 -48.58
N GLU F 256 -43.59 6.18 -48.11
CA GLU F 256 -44.81 5.94 -48.88
C GLU F 256 -45.62 7.21 -48.97
N PHE F 257 -46.03 7.58 -50.19
CA PHE F 257 -46.86 8.75 -50.39
C PHE F 257 -48.07 8.38 -51.25
N GLU F 258 -49.23 8.91 -50.87
CA GLU F 258 -50.48 8.67 -51.58
C GLU F 258 -50.83 9.92 -52.39
N LYS F 259 -50.93 9.75 -53.71
CA LYS F 259 -51.28 10.84 -54.62
C LYS F 259 -50.37 12.07 -54.44
N PRO F 260 -49.08 11.93 -54.73
CA PRO F 260 -48.16 13.07 -54.56
C PRO F 260 -47.95 13.85 -55.85
N LEU F 261 -47.26 14.98 -55.69
CA LEU F 261 -46.85 15.80 -56.83
C LEU F 261 -45.40 15.50 -57.18
N ILE F 262 -45.15 15.27 -58.46
CA ILE F 262 -43.86 14.82 -58.95
C ILE F 262 -43.21 15.95 -59.74
N LEU F 263 -41.95 16.27 -59.40
CA LEU F 263 -41.18 17.29 -60.10
C LEU F 263 -40.01 16.62 -60.79
N LEU F 264 -40.08 16.52 -62.11
CA LEU F 264 -39.03 15.90 -62.92
C LEU F 264 -38.19 17.01 -63.55
N THR F 265 -36.90 17.04 -63.24
CA THR F 265 -36.01 18.05 -63.79
C THR F 265 -34.66 17.41 -64.16
N GLU F 266 -34.11 17.85 -65.29
CA GLU F 266 -32.81 17.39 -65.76
C GLU F 266 -31.77 18.42 -65.36
N LYS F 267 -31.62 18.61 -64.05
CA LYS F 267 -30.77 19.68 -63.55
C LYS F 267 -30.13 19.27 -62.24
N LYS F 268 -29.06 19.97 -61.90
CA LYS F 268 -28.43 19.89 -60.58
C LYS F 268 -28.97 21.04 -59.75
N ILE F 269 -29.67 20.71 -58.67
CA ILE F 269 -30.36 21.69 -57.83
C ILE F 269 -29.61 21.81 -56.52
N SER F 270 -29.17 23.03 -56.19
CA SER F 270 -28.54 23.32 -54.91
C SER F 270 -29.03 24.61 -54.27
N ILE F 271 -29.69 25.50 -55.00
CA ILE F 271 -30.20 26.74 -54.45
C ILE F 271 -31.71 26.62 -54.26
N LEU F 272 -32.19 27.19 -53.17
CA LEU F 272 -33.59 27.05 -52.78
C LEU F 272 -34.53 27.97 -53.55
N GLN F 273 -34.01 28.98 -54.23
CA GLN F 273 -34.88 29.92 -54.94
C GLN F 273 -35.63 29.21 -56.06
N ASP F 274 -34.98 28.24 -56.71
CA ASP F 274 -35.66 27.47 -57.74
C ASP F 274 -36.71 26.53 -57.16
N ILE F 275 -36.52 26.08 -55.92
CA ILE F 275 -37.46 25.15 -55.31
C ILE F 275 -38.67 25.86 -54.71
N LEU F 276 -38.52 27.13 -54.32
CA LEU F 276 -39.59 27.84 -53.62
C LEU F 276 -40.93 27.82 -54.34
N PRO F 277 -41.04 28.11 -55.65
CA PRO F 277 -42.36 28.04 -56.28
C PRO F 277 -42.98 26.65 -56.22
N ALA F 278 -42.20 25.60 -56.46
CA ALA F 278 -42.72 24.24 -56.40
C ALA F 278 -43.18 23.90 -54.99
N LEU F 279 -42.37 24.25 -53.99
CA LEU F 279 -42.73 23.95 -52.61
C LEU F 279 -43.99 24.71 -52.18
N GLU F 280 -44.11 25.97 -52.59
CA GLU F 280 -45.31 26.74 -52.27
C GLU F 280 -46.55 26.17 -52.94
N THR F 281 -46.43 25.78 -54.22
CA THR F 281 -47.57 25.17 -54.89
C THR F 281 -47.97 23.87 -54.22
N SER F 282 -46.99 23.09 -53.76
CA SER F 282 -47.30 21.88 -53.01
C SER F 282 -47.98 22.20 -51.68
N SER F 283 -47.52 23.22 -50.96
CA SER F 283 -48.12 23.58 -49.69
C SER F 283 -49.56 24.04 -49.86
N THR F 284 -49.84 24.79 -50.92
CA THR F 284 -51.20 25.23 -51.20
C THR F 284 -52.14 24.06 -51.47
N GLN F 285 -51.69 23.04 -52.21
CA GLN F 285 -52.50 21.88 -52.51
C GLN F 285 -52.54 20.85 -51.40
N ARG F 286 -51.74 21.05 -50.35
CA ARG F 286 -51.65 20.11 -49.21
C ARG F 286 -51.35 18.69 -49.67
N ARG F 287 -50.36 18.53 -50.55
CA ARG F 287 -49.99 17.23 -51.07
C ARG F 287 -48.49 17.02 -50.92
N PRO F 288 -48.06 15.78 -50.69
CA PRO F 288 -46.62 15.50 -50.57
C PRO F 288 -45.93 15.63 -51.92
N LEU F 289 -44.63 15.92 -51.86
CA LEU F 289 -43.84 16.21 -53.05
C LEU F 289 -42.70 15.22 -53.20
N LEU F 290 -42.46 14.78 -54.42
CA LEU F 290 -41.32 13.94 -54.76
C LEU F 290 -40.59 14.61 -55.93
N ILE F 291 -39.29 14.80 -55.79
CA ILE F 291 -38.48 15.44 -56.82
C ILE F 291 -37.49 14.42 -57.37
N ILE F 292 -37.57 14.19 -58.67
CA ILE F 292 -36.71 13.24 -59.38
C ILE F 292 -35.75 14.05 -60.23
N ALA F 293 -34.53 14.26 -59.73
CA ALA F 293 -33.60 15.16 -60.38
C ALA F 293 -32.32 14.43 -60.73
N GLU F 294 -31.41 15.15 -61.40
CA GLU F 294 -30.07 14.60 -61.62
C GLU F 294 -29.35 14.41 -60.31
N ASP F 295 -29.47 15.38 -59.39
CA ASP F 295 -28.91 15.27 -58.06
C ASP F 295 -29.45 16.41 -57.21
N ILE F 296 -29.64 16.14 -55.93
CA ILE F 296 -30.08 17.14 -54.96
C ILE F 296 -29.02 17.22 -53.88
N ASP F 297 -28.11 18.19 -54.02
CA ASP F 297 -27.01 18.36 -53.09
C ASP F 297 -26.93 19.81 -52.65
N GLY F 298 -26.03 20.07 -51.71
CA GLY F 298 -25.85 21.40 -51.15
C GLY F 298 -26.88 21.76 -50.10
N GLU F 299 -27.21 23.04 -50.01
CA GLU F 299 -28.19 23.48 -49.02
C GLU F 299 -29.59 23.01 -49.38
N ALA F 300 -29.80 22.61 -50.63
CA ALA F 300 -31.12 22.17 -51.07
C ALA F 300 -31.60 20.97 -50.28
N LEU F 301 -30.75 19.94 -50.15
CA LEU F 301 -31.15 18.76 -49.41
C LEU F 301 -31.46 19.11 -47.97
N ALA F 302 -30.63 19.95 -47.35
CA ALA F 302 -30.82 20.29 -45.95
C ALA F 302 -32.16 21.01 -45.74
N ALA F 303 -32.49 21.94 -46.63
CA ALA F 303 -33.78 22.60 -46.55
C ALA F 303 -34.91 21.57 -46.68
N CYS F 304 -34.77 20.64 -47.62
CA CYS F 304 -35.80 19.61 -47.78
C CYS F 304 -35.96 18.78 -46.52
N ILE F 305 -34.85 18.39 -45.91
CA ILE F 305 -34.88 17.56 -44.70
C ILE F 305 -35.56 18.26 -43.54
N LEU F 306 -35.16 19.49 -43.24
CA LEU F 306 -35.75 20.17 -42.09
C LEU F 306 -37.22 20.44 -42.33
N ASN F 307 -37.58 20.72 -43.58
CA ASN F 307 -38.99 20.93 -43.90
C ASN F 307 -39.73 19.64 -43.64
N LYS F 308 -39.14 18.50 -44.04
CA LYS F 308 -39.83 17.23 -43.88
C LYS F 308 -39.93 16.84 -42.41
N LEU F 309 -38.86 17.05 -41.65
CA LEU F 309 -38.85 16.69 -40.23
C LEU F 309 -39.90 17.48 -39.45
N ARG F 310 -40.12 18.73 -39.83
CA ARG F 310 -41.18 19.54 -39.26
C ARG F 310 -42.46 19.32 -40.05
N GLY F 311 -43.54 19.94 -39.61
CA GLY F 311 -44.83 19.75 -40.24
C GLY F 311 -45.14 20.66 -41.41
N ASN F 312 -44.16 21.45 -41.86
CA ASN F 312 -44.42 22.40 -42.95
C ASN F 312 -44.83 21.68 -44.23
N LEU F 313 -44.03 20.71 -44.66
CA LEU F 313 -44.33 19.92 -45.84
C LEU F 313 -43.48 18.65 -45.81
N GLN F 314 -44.06 17.56 -46.29
CA GLN F 314 -43.37 16.27 -46.38
C GLN F 314 -42.93 16.07 -47.82
N VAL F 315 -41.62 15.83 -48.00
CA VAL F 315 -41.01 15.80 -49.33
C VAL F 315 -40.01 14.65 -49.39
N ALA F 316 -39.71 14.22 -50.62
CA ALA F 316 -38.72 13.18 -50.89
C ALA F 316 -37.97 13.51 -52.17
N ALA F 317 -36.74 13.00 -52.27
CA ALA F 317 -35.88 13.30 -53.41
C ALA F 317 -35.19 12.03 -53.88
N VAL F 318 -35.17 11.82 -55.19
CA VAL F 318 -34.46 10.71 -55.81
C VAL F 318 -33.71 11.20 -57.04
N LYS F 319 -32.70 10.42 -57.43
CA LYS F 319 -31.90 10.73 -58.61
C LYS F 319 -32.51 10.12 -59.85
N ALA F 320 -32.32 10.79 -60.99
CA ALA F 320 -32.87 10.30 -62.24
C ALA F 320 -32.20 8.99 -62.64
N PRO F 321 -32.97 8.01 -63.10
CA PRO F 321 -32.38 6.73 -63.49
C PRO F 321 -31.56 6.84 -64.77
N GLY F 322 -30.59 5.94 -64.90
CA GLY F 322 -29.74 5.91 -66.07
C GLY F 322 -28.75 7.06 -66.11
N PHE F 323 -27.88 6.97 -67.16
CA PHE F 323 -26.78 7.91 -67.36
C PHE F 323 -26.64 8.21 -68.87
N GLY F 324 -26.31 9.46 -69.26
CA GLY F 324 -26.18 9.76 -70.67
C GLY F 324 -27.51 10.15 -71.28
N ASP F 325 -27.69 9.82 -72.56
CA ASP F 325 -28.97 10.09 -73.22
C ASP F 325 -30.06 9.13 -72.73
N ASN F 326 -29.65 7.98 -72.20
CA ASN F 326 -30.63 7.05 -71.63
C ASN F 326 -31.37 7.70 -70.47
N ARG F 327 -30.66 8.48 -69.65
CA ARG F 327 -31.32 9.18 -68.55
C ARG F 327 -32.38 10.15 -69.07
N LYS F 328 -32.06 10.91 -70.12
CA LYS F 328 -33.03 11.85 -70.67
C LYS F 328 -34.24 11.12 -71.25
N SER F 329 -34.00 10.00 -71.95
CA SER F 329 -35.11 9.25 -72.54
C SER F 329 -36.00 8.66 -71.46
N ILE F 330 -35.41 8.13 -70.39
CA ILE F 330 -36.20 7.58 -69.30
C ILE F 330 -36.98 8.67 -68.59
N LEU F 331 -36.37 9.84 -68.39
CA LEU F 331 -37.12 10.95 -67.78
C LEU F 331 -38.27 11.40 -68.67
N GLY F 332 -38.08 11.37 -69.99
CA GLY F 332 -39.18 11.69 -70.88
C GLY F 332 -40.31 10.68 -70.79
N ASP F 333 -39.98 9.39 -70.77
CA ASP F 333 -40.99 8.36 -70.62
C ASP F 333 -41.74 8.52 -69.30
N LEU F 334 -41.01 8.81 -68.22
CA LEU F 334 -41.63 8.95 -66.92
C LEU F 334 -42.49 10.21 -66.84
N ALA F 335 -42.06 11.29 -67.48
CA ALA F 335 -42.89 12.49 -67.53
C ALA F 335 -44.17 12.24 -68.30
N ILE F 336 -44.10 11.47 -69.39
CA ILE F 336 -45.31 11.09 -70.11
C ILE F 336 -46.23 10.25 -69.22
N LEU F 337 -45.65 9.29 -68.50
CA LEU F 337 -46.47 8.39 -67.68
C LEU F 337 -47.12 9.14 -66.52
N THR F 338 -46.37 10.01 -65.85
CA THR F 338 -46.87 10.70 -64.67
C THR F 338 -47.78 11.86 -64.99
N GLY F 339 -47.95 12.20 -66.27
CA GLY F 339 -48.84 13.28 -66.65
C GLY F 339 -48.25 14.66 -66.55
N GLY F 340 -46.97 14.78 -66.16
CA GLY F 340 -46.33 16.07 -66.07
C GLY F 340 -45.37 16.32 -67.22
N THR F 341 -44.49 17.31 -67.07
CA THR F 341 -43.51 17.64 -68.08
C THR F 341 -42.13 17.73 -67.44
N VAL F 342 -41.11 17.31 -68.17
CA VAL F 342 -39.74 17.35 -67.68
C VAL F 342 -39.14 18.72 -67.93
N PHE F 343 -38.27 19.16 -67.03
CA PHE F 343 -37.64 20.46 -67.11
C PHE F 343 -36.18 20.27 -67.49
N SER F 344 -35.77 20.85 -68.62
CA SER F 344 -34.44 20.64 -69.17
C SER F 344 -33.83 21.98 -69.55
N ASP F 345 -32.55 22.17 -69.22
CA ASP F 345 -31.85 23.37 -69.62
C ASP F 345 -31.68 23.46 -71.14
N GLU F 346 -31.62 22.30 -71.82
CA GLU F 346 -31.53 22.31 -73.27
C GLU F 346 -32.77 22.92 -73.90
N LEU F 347 -33.90 22.89 -73.18
CA LEU F 347 -35.10 23.60 -73.61
C LEU F 347 -35.17 25.01 -73.04
N ASP F 348 -34.21 25.40 -72.20
CA ASP F 348 -34.12 26.75 -71.65
C ASP F 348 -35.39 27.15 -70.89
N ILE F 349 -35.95 26.22 -70.13
CA ILE F 349 -37.08 26.49 -69.25
C ILE F 349 -36.61 26.47 -67.81
N LYS F 350 -37.00 27.47 -67.04
CA LYS F 350 -36.50 27.66 -65.69
C LYS F 350 -37.44 27.05 -64.67
N LEU F 351 -36.89 26.69 -63.50
CA LEU F 351 -37.68 26.07 -62.46
C LEU F 351 -38.64 27.04 -61.79
N GLU F 352 -38.35 28.35 -61.85
CA GLU F 352 -39.28 29.34 -61.31
C GLU F 352 -40.52 29.49 -62.17
N ARG F 353 -40.50 28.95 -63.38
CA ARG F 353 -41.66 28.95 -64.28
C ARG F 353 -42.63 27.82 -63.95
N ALA F 354 -42.31 26.98 -62.96
CA ALA F 354 -43.13 25.81 -62.68
C ALA F 354 -44.54 26.20 -62.27
N THR F 355 -45.51 25.48 -62.84
CA THR F 355 -46.92 25.62 -62.53
C THR F 355 -47.50 24.24 -62.27
N PRO F 356 -48.54 24.14 -61.43
CA PRO F 356 -49.08 22.81 -61.10
C PRO F 356 -49.57 22.02 -62.31
N ASP F 357 -49.79 22.67 -63.45
CA ASP F 357 -50.16 21.93 -64.66
C ASP F 357 -49.04 21.00 -65.10
N LEU F 358 -47.80 21.45 -65.04
CA LEU F 358 -46.67 20.64 -65.48
C LEU F 358 -46.21 19.64 -64.43
N PHE F 359 -46.73 19.73 -63.20
CA PHE F 359 -46.37 18.78 -62.16
C PHE F 359 -47.00 17.43 -62.43
N GLY F 360 -46.25 16.36 -62.15
CA GLY F 360 -46.75 15.03 -62.34
C GLY F 360 -47.53 14.53 -61.14
N SER F 361 -48.50 13.67 -61.41
CA SER F 361 -49.33 13.07 -60.37
C SER F 361 -49.46 11.57 -60.62
N THR F 362 -49.61 10.82 -59.53
CA THR F 362 -49.70 9.38 -59.61
C THR F 362 -50.48 8.86 -58.41
N GLY F 363 -50.90 7.59 -58.50
CA GLY F 363 -51.67 7.00 -57.43
C GLY F 363 -50.89 6.90 -56.13
N SER F 364 -49.65 6.42 -56.20
CA SER F 364 -48.81 6.34 -55.01
C SER F 364 -47.37 6.20 -55.42
N VAL F 365 -46.48 6.47 -54.47
CA VAL F 365 -45.04 6.27 -54.65
C VAL F 365 -44.48 5.57 -53.42
N THR F 366 -43.55 4.65 -53.64
CA THR F 366 -42.89 3.93 -52.56
C THR F 366 -41.39 3.93 -52.82
N ILE F 367 -40.62 4.39 -51.85
CA ILE F 367 -39.17 4.59 -51.99
C ILE F 367 -38.47 3.75 -50.95
N THR F 368 -37.48 2.97 -51.39
CA THR F 368 -36.65 2.17 -50.51
C THR F 368 -35.19 2.62 -50.63
N LYS F 369 -34.30 1.88 -49.99
CA LYS F 369 -32.87 2.19 -50.10
C LYS F 369 -32.37 2.05 -51.53
N GLU F 370 -32.77 0.98 -52.21
CA GLU F 370 -32.26 0.71 -53.55
C GLU F 370 -33.25 1.11 -54.64
N ASP F 371 -34.49 0.66 -54.53
CA ASP F 371 -35.49 0.81 -55.59
C ASP F 371 -36.57 1.78 -55.18
N THR F 372 -37.19 2.40 -56.18
CA THR F 372 -38.40 3.20 -55.97
C THR F 372 -39.42 2.78 -57.03
N ILE F 373 -40.70 2.86 -56.68
CA ILE F 373 -41.77 2.39 -57.55
C ILE F 373 -42.89 3.42 -57.55
N LEU F 374 -43.32 3.82 -58.74
CA LEU F 374 -44.47 4.69 -58.94
C LEU F 374 -45.64 3.85 -59.40
N LEU F 375 -46.83 4.18 -58.87
CA LEU F 375 -48.02 3.35 -59.02
C LEU F 375 -49.19 4.22 -59.46
N ASN F 376 -49.92 3.73 -60.47
CA ASN F 376 -51.16 4.36 -60.95
C ASN F 376 -50.89 5.79 -61.40
N GLY F 377 -50.07 5.92 -62.44
CA GLY F 377 -49.79 7.22 -63.00
C GLY F 377 -51.02 7.85 -63.61
N GLU F 378 -51.03 9.19 -63.63
CA GLU F 378 -52.17 9.94 -64.12
C GLU F 378 -52.12 10.18 -65.63
N GLY F 379 -51.13 9.64 -66.31
CA GLY F 379 -51.07 9.83 -67.75
C GLY F 379 -52.20 9.10 -68.46
N SER F 380 -52.67 9.69 -69.55
CA SER F 380 -53.70 9.06 -70.36
C SER F 380 -53.14 7.81 -71.03
N LYS F 381 -54.02 6.84 -71.28
CA LYS F 381 -53.60 5.59 -71.90
C LYS F 381 -53.05 5.82 -73.30
N ASP F 382 -53.72 6.69 -74.08
CA ASP F 382 -53.39 6.81 -75.50
C ASP F 382 -51.97 7.30 -75.72
N MET F 383 -51.51 8.28 -74.92
CA MET F 383 -50.15 8.76 -75.12
C MET F 383 -49.11 7.76 -74.63
N ILE F 384 -49.41 7.02 -73.56
CA ILE F 384 -48.55 5.91 -73.18
C ILE F 384 -48.42 4.93 -74.34
N ASN F 385 -49.52 4.67 -75.03
CA ASN F 385 -49.46 3.77 -76.16
C ASN F 385 -48.62 4.35 -77.29
N GLN F 386 -48.79 5.62 -77.61
CA GLN F 386 -48.04 6.12 -78.76
C GLN F 386 -46.57 6.06 -78.42
N ARG F 387 -46.21 6.43 -77.22
CA ARG F 387 -44.82 6.35 -76.77
C ARG F 387 -44.31 4.93 -76.91
N CYS F 388 -45.13 3.95 -76.58
CA CYS F 388 -44.76 2.56 -76.83
C CYS F 388 -44.48 2.33 -78.32
N GLU F 389 -45.28 2.95 -79.18
CA GLU F 389 -45.07 2.82 -80.63
C GLU F 389 -43.72 3.43 -81.04
N GLN F 390 -43.40 4.61 -80.51
CA GLN F 390 -42.08 5.17 -80.82
C GLN F 390 -40.97 4.29 -80.28
N ILE F 391 -41.18 3.65 -79.13
CA ILE F 391 -40.15 2.77 -78.57
C ILE F 391 -39.91 1.59 -79.50
N ARG F 392 -40.98 0.97 -80.00
CA ARG F 392 -40.77 -0.16 -80.89
C ARG F 392 -40.22 0.29 -82.24
N ALA F 393 -40.59 1.48 -82.69
CA ALA F 393 -39.99 2.02 -83.92
C ALA F 393 -38.50 2.24 -83.75
N ALA F 394 -38.08 2.77 -82.60
CA ALA F 394 -36.66 2.95 -82.32
C ALA F 394 -35.95 1.61 -82.19
N ILE F 395 -36.63 0.60 -81.65
CA ILE F 395 -36.06 -0.75 -81.63
C ILE F 395 -35.79 -1.21 -83.05
N ASN F 396 -36.74 -0.99 -83.94
CA ASN F 396 -36.57 -1.38 -85.34
C ASN F 396 -35.41 -0.61 -85.99
N ASP F 397 -35.33 0.70 -85.73
CA ASP F 397 -34.33 1.53 -86.39
C ASP F 397 -32.93 1.37 -85.82
N SER F 398 -32.81 1.10 -84.52
CA SER F 398 -31.52 1.11 -83.86
C SER F 398 -30.59 0.07 -84.47
N SER F 399 -29.33 0.46 -84.67
CA SER F 399 -28.34 -0.41 -85.30
C SER F 399 -27.53 -1.22 -84.30
N VAL F 400 -27.34 -0.72 -83.08
CA VAL F 400 -26.56 -1.44 -82.09
C VAL F 400 -27.30 -2.71 -81.70
N SER F 401 -26.70 -3.87 -81.99
CA SER F 401 -27.37 -5.14 -81.80
C SER F 401 -27.62 -5.42 -80.32
N ASP F 402 -26.61 -5.17 -79.47
CA ASP F 402 -26.72 -5.58 -78.07
C ASP F 402 -27.12 -4.42 -77.16
N TYR F 403 -26.37 -3.33 -77.19
CA TYR F 403 -26.52 -2.29 -76.16
C TYR F 403 -27.83 -1.53 -76.33
N GLU F 404 -27.97 -0.81 -77.44
CA GLU F 404 -29.13 0.05 -77.63
C GLU F 404 -30.42 -0.75 -77.74
N ARG F 405 -30.37 -1.87 -78.44
CA ARG F 405 -31.57 -2.69 -78.57
C ARG F 405 -32.04 -3.22 -77.22
N GLU F 406 -31.11 -3.71 -76.40
CA GLU F 406 -31.51 -4.25 -75.10
C GLU F 406 -32.00 -3.15 -74.18
N LYS F 407 -31.40 -1.95 -74.26
CA LYS F 407 -31.88 -0.87 -73.40
C LYS F 407 -33.28 -0.41 -73.81
N LEU F 408 -33.51 -0.28 -75.12
CA LEU F 408 -34.85 0.06 -75.59
C LEU F 408 -35.86 -1.01 -75.21
N GLN F 409 -35.47 -2.28 -75.32
CA GLN F 409 -36.37 -3.36 -74.93
C GLN F 409 -36.69 -3.31 -73.44
N GLU F 410 -35.68 -3.02 -72.61
CA GLU F 410 -35.91 -2.97 -71.18
C GLU F 410 -36.83 -1.83 -70.80
N ARG F 411 -36.67 -0.66 -71.46
CA ARG F 411 -37.57 0.44 -71.10
C ARG F 411 -38.95 0.25 -71.69
N LEU F 412 -39.06 -0.42 -72.83
CA LEU F 412 -40.37 -0.82 -73.34
C LEU F 412 -41.08 -1.74 -72.37
N ALA F 413 -40.36 -2.74 -71.83
CA ALA F 413 -40.94 -3.64 -70.85
C ALA F 413 -41.34 -2.89 -69.59
N LYS F 414 -40.50 -1.96 -69.14
CA LYS F 414 -40.81 -1.19 -67.94
C LYS F 414 -42.07 -0.36 -68.13
N LEU F 415 -42.23 0.26 -69.31
CA LEU F 415 -43.39 1.12 -69.53
C LEU F 415 -44.66 0.32 -69.80
N SER F 416 -44.54 -0.87 -70.39
CA SER F 416 -45.72 -1.59 -70.86
C SER F 416 -46.18 -2.68 -69.91
N GLY F 417 -45.29 -3.22 -69.07
CA GLY F 417 -45.63 -4.40 -68.29
C GLY F 417 -46.71 -4.16 -67.26
N GLY F 418 -46.68 -2.99 -66.62
CA GLY F 418 -47.58 -2.74 -65.51
C GLY F 418 -47.03 -3.30 -64.21
N VAL F 419 -47.83 -3.18 -63.16
CA VAL F 419 -47.43 -3.61 -61.82
C VAL F 419 -48.56 -4.41 -61.20
N ALA F 420 -48.23 -5.57 -60.63
CA ALA F 420 -49.20 -6.32 -59.87
C ALA F 420 -49.19 -5.85 -58.42
N VAL F 421 -50.37 -5.54 -57.89
CA VAL F 421 -50.52 -5.07 -56.53
C VAL F 421 -51.40 -6.06 -55.79
N ILE F 422 -50.92 -6.50 -54.63
CA ILE F 422 -51.67 -7.40 -53.76
C ILE F 422 -52.14 -6.59 -52.57
N LYS F 423 -53.44 -6.37 -52.49
CA LYS F 423 -54.06 -5.64 -51.41
C LYS F 423 -54.46 -6.64 -50.32
N VAL F 424 -53.88 -6.48 -49.14
CA VAL F 424 -54.03 -7.43 -48.05
C VAL F 424 -55.27 -7.05 -47.25
N GLY F 425 -56.25 -7.94 -47.21
CA GLY F 425 -57.47 -7.68 -46.48
C GLY F 425 -57.51 -8.36 -45.13
N GLY F 426 -58.26 -7.80 -44.19
CA GLY F 426 -58.38 -8.40 -42.88
C GLY F 426 -59.46 -7.72 -42.07
N SER F 427 -59.73 -8.30 -40.90
CA SER F 427 -60.76 -7.74 -40.03
C SER F 427 -60.23 -6.56 -39.22
N SER F 428 -59.13 -6.76 -38.50
CA SER F 428 -58.56 -5.75 -37.64
C SER F 428 -57.33 -5.14 -38.29
N GLU F 429 -56.82 -4.07 -37.69
CA GLU F 429 -55.64 -3.41 -38.24
C GLU F 429 -54.39 -4.24 -37.99
N LEU F 430 -54.23 -4.76 -36.78
CA LEU F 430 -53.05 -5.55 -36.46
C LEU F 430 -52.99 -6.83 -37.29
N GLU F 431 -54.14 -7.46 -37.50
CA GLU F 431 -54.19 -8.64 -38.36
C GLU F 431 -53.73 -8.29 -39.77
N VAL F 432 -54.20 -7.16 -40.29
CA VAL F 432 -53.79 -6.72 -41.62
C VAL F 432 -52.28 -6.50 -41.68
N GLY F 433 -51.74 -5.84 -40.66
CA GLY F 433 -50.30 -5.57 -40.67
C GLY F 433 -49.46 -6.83 -40.61
N GLU F 434 -49.82 -7.76 -39.72
CA GLU F 434 -49.03 -8.98 -39.59
C GLU F 434 -49.16 -9.85 -40.82
N LYS F 435 -50.36 -9.95 -41.39
CA LYS F 435 -50.52 -10.70 -42.63
C LYS F 435 -49.77 -10.04 -43.78
N LYS F 436 -49.71 -8.71 -43.80
CA LYS F 436 -48.94 -8.01 -44.83
C LYS F 436 -47.46 -8.37 -44.73
N ASP F 437 -46.92 -8.38 -43.50
CA ASP F 437 -45.52 -8.76 -43.34
C ASP F 437 -45.27 -10.20 -43.76
N ARG F 438 -46.18 -11.10 -43.38
CA ARG F 438 -46.04 -12.50 -43.81
C ARG F 438 -46.09 -12.62 -45.33
N PHE F 439 -46.98 -11.87 -45.98
CA PHE F 439 -47.09 -11.95 -47.42
C PHE F 439 -45.83 -11.41 -48.09
N VAL F 440 -45.27 -10.33 -47.55
CA VAL F 440 -44.02 -9.79 -48.10
C VAL F 440 -42.90 -10.81 -47.99
N ASP F 441 -42.78 -11.46 -46.83
CA ASP F 441 -41.72 -12.45 -46.66
C ASP F 441 -41.90 -13.64 -47.60
N ALA F 442 -43.14 -14.13 -47.73
CA ALA F 442 -43.39 -15.25 -48.62
C ALA F 442 -43.18 -14.87 -50.08
N LEU F 443 -43.37 -13.59 -50.41
CA LEU F 443 -43.07 -13.14 -51.76
C LEU F 443 -41.56 -13.12 -52.01
N ASN F 444 -40.75 -12.60 -51.14
CA ASN F 444 -39.34 -12.51 -51.45
C ASN F 444 -38.63 -13.80 -51.60
N ALA F 445 -39.17 -14.87 -51.04
CA ALA F 445 -38.53 -16.18 -51.09
C ALA F 445 -38.87 -16.92 -52.37
N THR F 446 -40.09 -16.73 -52.86
CA THR F 446 -40.51 -17.38 -54.09
C THR F 446 -39.67 -16.87 -55.25
N ARG F 447 -39.39 -15.57 -55.27
CA ARG F 447 -38.58 -14.99 -56.32
C ARG F 447 -37.20 -15.63 -56.38
N ALA F 448 -36.53 -15.74 -55.23
CA ALA F 448 -35.20 -16.35 -55.19
C ALA F 448 -35.23 -17.80 -55.65
N ALA F 449 -36.28 -18.53 -55.30
CA ALA F 449 -36.40 -19.92 -55.72
C ALA F 449 -36.70 -20.03 -57.20
N VAL F 450 -37.41 -19.05 -57.75
CA VAL F 450 -37.73 -19.06 -59.18
C VAL F 450 -36.49 -18.70 -59.98
N GLU F 451 -35.55 -17.98 -59.36
CA GLU F 451 -34.34 -17.57 -60.05
C GLU F 451 -33.34 -18.70 -60.24
N GLU F 452 -33.05 -19.45 -59.19
CA GLU F 452 -32.02 -20.47 -59.28
C GLU F 452 -32.46 -21.87 -58.87
N GLY F 453 -33.46 -22.01 -58.00
CA GLY F 453 -33.95 -23.32 -57.62
C GLY F 453 -33.95 -23.48 -56.11
N THR F 454 -34.17 -24.70 -55.67
CA THR F 454 -34.22 -25.03 -54.24
C THR F 454 -33.38 -26.26 -53.95
N VAL F 455 -32.79 -26.22 -52.76
CA VAL F 455 -31.96 -27.32 -52.32
C VAL F 455 -32.46 -27.73 -50.89
N PRO F 456 -32.31 -29.03 -50.43
CA PRO F 456 -32.80 -29.43 -49.10
C PRO F 456 -32.27 -28.51 -48.00
N GLY F 457 -33.15 -28.20 -47.05
CA GLY F 457 -32.83 -27.28 -45.98
C GLY F 457 -32.21 -27.97 -44.78
N GLY F 458 -32.23 -27.26 -43.65
CA GLY F 458 -31.65 -27.79 -42.45
C GLY F 458 -30.14 -27.77 -42.41
N GLY F 459 -29.49 -27.13 -43.38
CA GLY F 459 -28.05 -27.14 -43.47
C GLY F 459 -27.46 -28.38 -44.10
N VAL F 460 -28.29 -29.27 -44.66
CA VAL F 460 -27.79 -30.52 -45.22
C VAL F 460 -27.28 -30.38 -46.64
N ALA F 461 -27.61 -29.29 -47.34
CA ALA F 461 -27.09 -29.09 -48.69
C ALA F 461 -25.57 -28.94 -48.67
N LEU F 462 -25.06 -28.05 -47.81
CA LEU F 462 -23.61 -27.87 -47.69
C LEU F 462 -22.95 -29.13 -47.13
N LEU F 463 -23.61 -29.77 -46.17
CA LEU F 463 -23.06 -30.99 -45.58
C LEU F 463 -22.90 -32.09 -46.62
N LYS F 464 -23.89 -32.25 -47.50
CA LYS F 464 -23.77 -33.23 -48.58
C LYS F 464 -22.76 -32.79 -49.63
N SER F 465 -22.65 -31.49 -49.88
CA SER F 465 -21.67 -30.98 -50.83
C SER F 465 -20.25 -31.17 -50.34
N THR F 466 -20.04 -31.31 -49.03
CA THR F 466 -18.70 -31.57 -48.52
C THR F 466 -18.09 -32.88 -49.03
N LYS F 467 -18.90 -33.80 -49.55
CA LYS F 467 -18.42 -35.09 -50.01
C LYS F 467 -17.79 -35.04 -51.40
N CYS F 468 -17.86 -33.90 -52.08
CA CYS F 468 -17.23 -33.75 -53.39
C CYS F 468 -15.85 -33.12 -53.32
N LEU F 469 -15.42 -32.66 -52.14
CA LEU F 469 -14.13 -32.00 -52.01
C LEU F 469 -12.97 -32.98 -51.99
N ASP F 470 -13.24 -34.28 -51.87
CA ASP F 470 -12.18 -35.28 -51.81
C ASP F 470 -11.76 -35.72 -53.21
N LYS F 471 -12.15 -34.93 -54.21
CA LYS F 471 -11.75 -35.20 -55.59
C LYS F 471 -10.89 -34.09 -56.18
N LEU F 472 -10.53 -33.08 -55.40
CA LEU F 472 -9.73 -31.97 -55.89
C LEU F 472 -8.25 -32.33 -55.88
N THR F 473 -7.50 -31.76 -56.81
CA THR F 473 -6.07 -32.02 -56.94
C THR F 473 -5.30 -30.72 -56.79
N PRO F 474 -4.93 -30.31 -55.58
CA PRO F 474 -4.14 -29.09 -55.41
C PRO F 474 -2.70 -29.30 -55.84
N GLY F 475 -2.07 -28.21 -56.28
CA GLY F 475 -0.70 -28.30 -56.73
C GLY F 475 0.21 -28.05 -55.54
N ASN F 476 -0.29 -27.26 -54.60
CA ASN F 476 0.49 -26.99 -53.41
C ASN F 476 -0.05 -27.70 -52.19
N PHE F 477 0.81 -27.91 -51.21
CA PHE F 477 0.40 -28.57 -49.99
C PHE F 477 -0.56 -27.71 -49.19
N ASP F 478 -0.26 -26.43 -49.08
CA ASP F 478 -1.09 -25.55 -48.29
C ASP F 478 -2.45 -25.36 -48.92
N GLN F 479 -2.56 -25.58 -50.22
CA GLN F 479 -3.87 -25.53 -50.88
C GLN F 479 -4.75 -26.68 -50.41
N GLN F 480 -4.16 -27.85 -50.17
CA GLN F 480 -4.92 -28.96 -49.60
C GLN F 480 -5.39 -28.63 -48.18
N LEU F 481 -4.55 -27.93 -47.41
CA LEU F 481 -4.97 -27.48 -46.09
C LEU F 481 -6.14 -26.52 -46.18
N GLY F 482 -6.13 -25.62 -47.17
CA GLY F 482 -7.28 -24.74 -47.37
C GLY F 482 -8.53 -25.47 -47.75
N ILE F 483 -8.40 -26.48 -48.62
CA ILE F 483 -9.55 -27.30 -48.99
C ILE F 483 -10.11 -28.01 -47.77
N ASN F 484 -9.22 -28.54 -46.91
CA ASN F 484 -9.67 -29.16 -45.67
C ASN F 484 -10.33 -28.15 -44.75
N ILE F 485 -9.84 -26.91 -44.74
CA ILE F 485 -10.48 -25.87 -43.94
C ILE F 485 -11.92 -25.68 -44.38
N ILE F 486 -12.14 -25.56 -45.69
CA ILE F 486 -13.49 -25.37 -46.21
C ILE F 486 -14.36 -26.59 -45.90
N LYS F 487 -13.79 -27.78 -46.05
CA LYS F 487 -14.53 -29.01 -45.81
C LYS F 487 -14.99 -29.11 -44.36
N SER F 488 -14.11 -28.76 -43.42
CA SER F 488 -14.48 -28.76 -42.01
C SER F 488 -15.49 -27.66 -41.70
N ALA F 489 -15.33 -26.49 -42.31
CA ALA F 489 -16.20 -25.36 -41.98
C ALA F 489 -17.61 -25.56 -42.50
N LEU F 490 -17.78 -26.26 -43.61
CA LEU F 490 -19.10 -26.40 -44.22
C LEU F 490 -20.00 -27.38 -43.48
N GLN F 491 -19.62 -27.85 -42.30
CA GLN F 491 -20.47 -28.71 -41.48
C GLN F 491 -21.08 -28.00 -40.29
N LYS F 492 -20.66 -26.77 -40.01
CA LYS F 492 -21.14 -26.06 -38.82
C LYS F 492 -22.63 -25.77 -38.82
N PRO F 493 -23.26 -25.32 -39.91
CA PRO F 493 -24.71 -24.99 -39.81
C PRO F 493 -25.58 -26.14 -39.35
N ALA F 494 -25.34 -27.36 -39.83
CA ALA F 494 -26.13 -28.50 -39.39
C ALA F 494 -25.86 -28.83 -37.93
N LYS F 495 -24.60 -28.74 -37.51
CA LYS F 495 -24.26 -28.97 -36.11
C LYS F 495 -24.97 -27.97 -35.20
N ILE F 496 -25.00 -26.71 -35.60
CA ILE F 496 -25.63 -25.68 -34.78
C ILE F 496 -27.14 -25.85 -34.76
N ILE F 497 -27.73 -26.21 -35.90
CA ILE F 497 -29.17 -26.46 -35.95
C ILE F 497 -29.54 -27.62 -35.02
N ALA F 498 -28.74 -28.69 -35.01
CA ALA F 498 -29.00 -29.80 -34.12
C ALA F 498 -28.77 -29.40 -32.66
N ASP F 499 -27.76 -28.58 -32.39
CA ASP F 499 -27.50 -28.13 -31.03
C ASP F 499 -28.65 -27.30 -30.48
N ASN F 500 -29.22 -26.43 -31.31
CA ASN F 500 -30.35 -25.61 -30.86
C ASN F 500 -31.55 -26.47 -30.51
N ALA F 501 -31.70 -27.63 -31.16
CA ALA F 501 -32.78 -28.55 -30.84
C ALA F 501 -32.56 -29.27 -29.52
N GLY F 502 -31.38 -29.15 -28.92
CA GLY F 502 -31.07 -29.80 -27.67
C GLY F 502 -30.24 -31.06 -27.79
N GLU F 503 -29.92 -31.49 -29.00
CA GLU F 503 -29.14 -32.70 -29.23
C GLU F 503 -27.66 -32.35 -29.30
N GLU F 504 -26.85 -33.33 -29.70
CA GLU F 504 -25.42 -33.13 -29.93
C GLU F 504 -25.19 -33.08 -31.44
N GLY F 505 -24.78 -31.91 -31.94
CA GLY F 505 -24.70 -31.71 -33.37
C GLY F 505 -23.69 -32.62 -34.05
N ALA F 506 -22.59 -32.90 -33.37
CA ALA F 506 -21.55 -33.74 -33.97
C ALA F 506 -22.06 -35.16 -34.24
N VAL F 507 -22.81 -35.72 -33.29
CA VAL F 507 -23.31 -37.08 -33.46
C VAL F 507 -24.36 -37.13 -34.57
N ILE F 508 -25.24 -36.13 -34.64
CA ILE F 508 -26.24 -36.09 -35.70
C ILE F 508 -25.58 -35.97 -37.06
N VAL F 509 -24.57 -35.10 -37.17
CA VAL F 509 -23.87 -34.92 -38.43
C VAL F 509 -23.16 -36.21 -38.82
N GLY F 510 -22.52 -36.87 -37.86
CA GLY F 510 -21.89 -38.15 -38.15
C GLY F 510 -22.87 -39.20 -38.63
N LYS F 511 -24.05 -39.26 -38.01
CA LYS F 511 -25.06 -40.20 -38.46
C LYS F 511 -25.52 -39.89 -39.88
N ILE F 512 -25.69 -38.60 -40.19
CA ILE F 512 -26.11 -38.23 -41.54
C ILE F 512 -25.01 -38.53 -42.56
N LEU F 513 -23.76 -38.32 -42.18
CA LEU F 513 -22.62 -38.46 -43.09
C LEU F 513 -22.07 -39.88 -43.15
N ASP F 514 -22.61 -40.82 -42.39
CA ASP F 514 -22.10 -42.18 -42.36
C ASP F 514 -22.94 -43.15 -43.18
N ASN F 515 -24.23 -43.24 -42.89
CA ASN F 515 -25.14 -44.13 -43.60
C ASN F 515 -26.06 -43.31 -44.49
N HIS F 516 -26.86 -44.01 -45.30
CA HIS F 516 -27.75 -43.38 -46.26
C HIS F 516 -26.97 -42.45 -47.19
N THR F 517 -25.94 -43.03 -47.82
CA THR F 517 -25.01 -42.29 -48.65
C THR F 517 -25.50 -42.11 -50.08
N ASP F 518 -26.66 -42.64 -50.42
CA ASP F 518 -27.24 -42.52 -51.76
C ASP F 518 -28.53 -41.70 -51.71
N ASP F 519 -28.59 -40.73 -50.80
CA ASP F 519 -29.76 -39.88 -50.64
C ASP F 519 -29.29 -38.46 -50.35
N PHE F 520 -29.35 -37.60 -51.37
CA PHE F 520 -28.98 -36.20 -51.20
C PHE F 520 -30.00 -35.44 -50.36
N ASN F 521 -31.21 -35.96 -50.21
CA ASN F 521 -32.28 -35.23 -49.55
C ASN F 521 -32.53 -35.76 -48.14
N TYR F 522 -31.60 -36.57 -47.63
CA TYR F 522 -31.79 -37.23 -46.34
C TYR F 522 -31.09 -36.42 -45.26
N GLY F 523 -31.79 -36.16 -44.16
CA GLY F 523 -31.22 -35.35 -43.10
C GLY F 523 -32.06 -35.40 -41.86
N TYR F 524 -31.78 -34.45 -40.96
CA TYR F 524 -32.40 -34.37 -39.65
C TYR F 524 -33.49 -33.31 -39.65
N ASP F 525 -34.72 -33.73 -39.36
CA ASP F 525 -35.84 -32.82 -39.11
C ASP F 525 -35.79 -32.45 -37.63
N ALA F 526 -35.28 -31.24 -37.35
CA ALA F 526 -35.13 -30.82 -35.96
C ALA F 526 -36.48 -30.48 -35.33
N ALA F 527 -37.45 -30.03 -36.14
CA ALA F 527 -38.76 -29.69 -35.59
C ALA F 527 -39.44 -30.91 -34.99
N LYS F 528 -39.38 -32.04 -35.69
CA LYS F 528 -39.95 -33.29 -35.19
C LYS F 528 -38.91 -34.21 -34.59
N SER F 529 -37.63 -33.80 -34.56
CA SER F 529 -36.55 -34.61 -34.00
C SER F 529 -36.49 -35.98 -34.65
N GLU F 530 -36.60 -36.02 -35.98
CA GLU F 530 -36.66 -37.25 -36.73
C GLU F 530 -35.60 -37.25 -37.82
N TYR F 531 -35.45 -38.38 -38.51
CA TYR F 531 -34.57 -38.49 -39.67
C TYR F 531 -35.41 -38.83 -40.88
N GLY F 532 -35.03 -38.29 -42.03
CA GLY F 532 -35.72 -38.66 -43.26
C GLY F 532 -35.47 -37.66 -44.36
N ASP F 533 -36.27 -37.79 -45.42
CA ASP F 533 -36.15 -36.93 -46.58
C ASP F 533 -36.72 -35.55 -46.24
N LEU F 534 -35.85 -34.53 -46.29
CA LEU F 534 -36.25 -33.20 -45.90
C LEU F 534 -37.10 -32.51 -46.96
N VAL F 535 -36.87 -32.82 -48.24
CA VAL F 535 -37.68 -32.22 -49.30
C VAL F 535 -39.12 -32.69 -49.22
N SER F 536 -39.32 -33.97 -48.87
CA SER F 536 -40.68 -34.48 -48.72
C SER F 536 -41.43 -33.78 -47.59
N ARG F 537 -40.70 -33.34 -46.56
CA ARG F 537 -41.30 -32.63 -45.45
C ARG F 537 -41.38 -31.12 -45.67
N GLY F 538 -40.93 -30.63 -46.82
CA GLY F 538 -41.01 -29.21 -47.11
C GLY F 538 -39.91 -28.37 -46.52
N ILE F 539 -38.80 -28.97 -46.11
CA ILE F 539 -37.67 -28.24 -45.55
C ILE F 539 -36.69 -28.02 -46.69
N VAL F 540 -36.87 -26.92 -47.43
CA VAL F 540 -36.01 -26.54 -48.52
C VAL F 540 -35.66 -25.07 -48.40
N ASP F 541 -34.55 -24.69 -49.01
CA ASP F 541 -34.12 -23.31 -49.07
C ASP F 541 -33.60 -22.99 -50.47
N PRO F 542 -33.71 -21.74 -50.91
CA PRO F 542 -33.25 -21.40 -52.26
C PRO F 542 -31.75 -21.58 -52.41
N LEU F 543 -31.35 -21.96 -53.63
CA LEU F 543 -29.92 -22.07 -53.94
C LEU F 543 -29.25 -20.70 -53.89
N LYS F 544 -29.98 -19.64 -54.24
CA LYS F 544 -29.40 -18.30 -54.29
C LYS F 544 -28.86 -17.87 -52.93
N VAL F 545 -29.64 -18.07 -51.88
CA VAL F 545 -29.24 -17.57 -50.56
C VAL F 545 -28.04 -18.35 -50.04
N VAL F 546 -28.02 -19.67 -50.22
CA VAL F 546 -26.91 -20.46 -49.72
C VAL F 546 -25.64 -20.19 -50.52
N ARG F 547 -25.77 -20.00 -51.84
CA ARG F 547 -24.62 -19.66 -52.66
C ARG F 547 -24.04 -18.31 -52.28
N THR F 548 -24.91 -17.31 -52.12
CA THR F 548 -24.45 -15.98 -51.74
C THR F 548 -23.79 -15.99 -50.37
N ALA F 549 -24.39 -16.69 -49.41
CA ALA F 549 -23.81 -16.77 -48.07
C ALA F 549 -22.44 -17.44 -48.12
N LEU F 550 -22.32 -18.55 -48.84
CA LEU F 550 -21.05 -19.24 -48.94
C LEU F 550 -19.98 -18.35 -49.57
N VAL F 551 -20.31 -17.71 -50.69
CA VAL F 551 -19.32 -16.90 -51.40
C VAL F 551 -18.87 -15.73 -50.54
N ASP F 552 -19.82 -15.01 -49.93
CA ASP F 552 -19.47 -13.83 -49.15
C ASP F 552 -18.69 -14.21 -47.89
N ALA F 553 -19.10 -15.28 -47.21
CA ALA F 553 -18.37 -15.71 -46.03
C ALA F 553 -16.95 -16.13 -46.38
N SER F 554 -16.79 -16.87 -47.48
CA SER F 554 -15.45 -17.28 -47.90
C SER F 554 -14.58 -16.08 -48.22
N GLY F 555 -15.13 -15.12 -48.95
CA GLY F 555 -14.35 -13.95 -49.32
C GLY F 555 -13.92 -13.12 -48.13
N VAL F 556 -14.86 -12.85 -47.22
CA VAL F 556 -14.54 -12.02 -46.06
C VAL F 556 -13.58 -12.76 -45.12
N ALA F 557 -13.73 -14.08 -44.99
CA ALA F 557 -12.81 -14.83 -44.14
C ALA F 557 -11.40 -14.84 -44.73
N SER F 558 -11.29 -15.00 -46.05
CA SER F 558 -9.97 -14.92 -46.67
C SER F 558 -9.35 -13.55 -46.51
N LEU F 559 -10.15 -12.49 -46.65
CA LEU F 559 -9.65 -11.14 -46.47
C LEU F 559 -9.17 -10.91 -45.04
N LEU F 560 -9.93 -11.43 -44.05
CA LEU F 560 -9.51 -11.29 -42.66
C LEU F 560 -8.24 -12.08 -42.38
N THR F 561 -8.10 -13.26 -42.97
CA THR F 561 -6.90 -14.06 -42.77
C THR F 561 -5.67 -13.37 -43.38
N THR F 562 -5.85 -12.74 -44.54
CA THR F 562 -4.73 -12.09 -45.22
C THR F 562 -4.26 -10.82 -44.49
N THR F 563 -5.12 -10.21 -43.67
CA THR F 563 -4.80 -8.94 -43.04
C THR F 563 -3.56 -9.05 -42.16
N GLU F 564 -2.65 -8.09 -42.31
CA GLU F 564 -1.38 -8.09 -41.59
C GLU F 564 -1.20 -6.91 -40.64
N CYS F 565 -1.97 -5.84 -40.78
CA CYS F 565 -1.87 -4.70 -39.90
C CYS F 565 -3.25 -4.08 -39.73
N THR F 566 -3.56 -3.63 -38.52
CA THR F 566 -4.83 -2.97 -38.22
C THR F 566 -4.57 -1.70 -37.43
N ILE F 567 -5.23 -0.61 -37.85
CA ILE F 567 -5.03 0.71 -37.27
C ILE F 567 -6.37 1.21 -36.74
N THR F 568 -6.39 1.61 -35.48
CA THR F 568 -7.58 2.21 -34.87
C THR F 568 -7.21 3.55 -34.24
N GLU F 569 -8.15 4.16 -33.53
CA GLU F 569 -7.92 5.43 -32.85
C GLU F 569 -7.70 5.21 -31.37
N ALA F 570 -6.76 5.96 -30.80
CA ALA F 570 -6.49 5.84 -29.38
C ALA F 570 -7.64 6.44 -28.57
N PRO F 571 -8.19 5.70 -27.60
CA PRO F 571 -9.31 6.18 -26.77
C PRO F 571 -8.97 7.43 -25.98
N THR G 44 -23.08 3.31 -29.79
CA THR G 44 -23.33 2.71 -28.48
C THR G 44 -22.52 1.41 -28.31
N HIS G 45 -22.19 1.11 -27.06
CA HIS G 45 -21.41 -0.08 -26.72
C HIS G 45 -22.26 -1.00 -25.84
N LYS G 46 -22.19 -2.29 -26.12
CA LYS G 46 -23.06 -3.26 -25.47
C LYS G 46 -22.25 -4.27 -24.66
N GLU G 47 -22.94 -4.91 -23.73
CA GLU G 47 -22.39 -6.00 -22.93
C GLU G 47 -23.26 -7.23 -23.14
N LEU G 48 -22.61 -8.38 -23.32
CA LEU G 48 -23.30 -9.62 -23.67
C LEU G 48 -23.02 -10.69 -22.63
N LYS G 49 -24.08 -11.42 -22.25
CA LYS G 49 -23.96 -12.57 -21.38
C LYS G 49 -24.60 -13.79 -22.05
N PHE G 50 -23.95 -14.93 -21.92
CA PHE G 50 -24.36 -16.16 -22.59
C PHE G 50 -24.60 -17.26 -21.58
N GLY G 51 -25.64 -18.05 -21.83
CA GLY G 51 -25.87 -19.28 -21.09
C GLY G 51 -26.20 -19.14 -19.62
N VAL G 52 -25.38 -19.77 -18.78
CA VAL G 52 -25.70 -19.93 -17.36
C VAL G 52 -25.63 -18.59 -16.63
N GLU G 53 -24.63 -17.75 -16.94
CA GLU G 53 -24.45 -16.52 -16.20
C GLU G 53 -25.58 -15.52 -16.47
N GLY G 54 -26.02 -15.40 -17.73
CA GLY G 54 -27.13 -14.53 -18.02
C GLY G 54 -28.41 -14.97 -17.35
N ARG G 55 -28.68 -16.27 -17.39
CA ARG G 55 -29.85 -16.80 -16.70
C ARG G 55 -29.76 -16.62 -15.20
N ALA G 56 -28.55 -16.69 -14.63
CA ALA G 56 -28.37 -16.44 -13.21
C ALA G 56 -28.68 -15.00 -12.85
N SER G 57 -28.24 -14.05 -13.68
CA SER G 57 -28.57 -12.66 -13.43
C SER G 57 -30.08 -12.40 -13.55
N LEU G 58 -30.70 -12.97 -14.58
CA LEU G 58 -32.16 -12.84 -14.72
C LEU G 58 -32.88 -13.43 -13.52
N LEU G 59 -32.40 -14.58 -13.04
CA LEU G 59 -33.01 -15.22 -11.88
C LEU G 59 -32.84 -14.36 -10.64
N LYS G 60 -31.69 -13.71 -10.49
CA LYS G 60 -31.50 -12.79 -9.36
C LYS G 60 -32.52 -11.66 -9.41
N GLY G 61 -32.72 -11.07 -10.59
CA GLY G 61 -33.70 -10.00 -10.70
C GLY G 61 -35.12 -10.45 -10.39
N VAL G 62 -35.52 -11.60 -10.97
CA VAL G 62 -36.86 -12.12 -10.72
C VAL G 62 -37.01 -12.50 -9.25
N ASP G 63 -35.94 -13.01 -8.63
CA ASP G 63 -35.98 -13.37 -7.22
C ASP G 63 -36.23 -12.14 -6.36
N ILE G 64 -35.53 -11.05 -6.63
CA ILE G 64 -35.72 -9.82 -5.86
C ILE G 64 -37.15 -9.32 -6.02
N LEU G 65 -37.64 -9.29 -7.27
CA LEU G 65 -39.00 -8.79 -7.50
C LEU G 65 -40.04 -9.65 -6.79
N ALA G 66 -39.93 -10.97 -6.92
CA ALA G 66 -40.91 -11.86 -6.32
C ALA G 66 -40.85 -11.81 -4.79
N LYS G 67 -39.64 -11.72 -4.23
CA LYS G 67 -39.50 -11.62 -2.78
C LYS G 67 -40.14 -10.34 -2.26
N ALA G 68 -39.97 -9.23 -2.99
CA ALA G 68 -40.61 -7.98 -2.57
C ALA G 68 -42.13 -8.07 -2.67
N VAL G 69 -42.64 -8.71 -3.73
CA VAL G 69 -44.09 -8.68 -3.95
C VAL G 69 -44.82 -9.71 -3.09
N ALA G 70 -44.18 -10.83 -2.75
CA ALA G 70 -44.88 -11.94 -2.12
C ALA G 70 -45.33 -11.66 -0.70
N VAL G 71 -44.70 -10.71 -0.01
CA VAL G 71 -45.05 -10.43 1.38
C VAL G 71 -46.43 -9.80 1.53
N THR G 72 -47.05 -9.36 0.44
CA THR G 72 -48.34 -8.70 0.48
C THR G 72 -49.50 -9.60 0.05
N LEU G 73 -49.28 -10.91 -0.04
CA LEU G 73 -50.30 -11.82 -0.53
C LEU G 73 -51.04 -12.46 0.63
N GLY G 74 -52.35 -12.44 0.58
CA GLY G 74 -53.19 -13.05 1.59
C GLY G 74 -53.83 -12.04 2.51
N PRO G 75 -54.80 -12.48 3.31
CA PRO G 75 -55.40 -11.57 4.30
C PRO G 75 -54.41 -11.04 5.31
N LYS G 76 -53.39 -11.82 5.67
CA LYS G 76 -52.37 -11.42 6.63
C LYS G 76 -51.10 -10.94 5.97
N GLY G 77 -51.20 -10.31 4.80
CA GLY G 77 -50.02 -9.81 4.12
C GLY G 77 -49.33 -8.71 4.91
N ARG G 78 -48.02 -8.67 4.81
CA ARG G 78 -47.23 -7.71 5.57
C ARG G 78 -47.20 -6.36 4.85
N ASN G 79 -46.56 -5.38 5.48
CA ASN G 79 -46.50 -4.02 4.97
C ASN G 79 -45.20 -3.78 4.22
N VAL G 80 -45.26 -2.88 3.25
CA VAL G 80 -44.09 -2.44 2.51
C VAL G 80 -43.97 -0.93 2.64
N LEU G 81 -42.78 -0.46 2.99
CA LEU G 81 -42.49 0.96 3.10
C LEU G 81 -41.77 1.42 1.84
N ILE G 82 -42.38 2.35 1.12
CA ILE G 82 -41.79 2.91 -0.09
C ILE G 82 -41.49 4.38 0.17
N GLU G 83 -40.25 4.78 -0.07
CA GLU G 83 -39.77 6.13 0.23
C GLU G 83 -39.90 7.01 -1.01
N GLN G 84 -40.53 8.18 -0.83
CA GLN G 84 -40.70 9.22 -1.83
C GLN G 84 -39.54 10.21 -1.76
N PRO G 85 -39.18 10.83 -2.89
CA PRO G 85 -38.08 11.82 -2.85
C PRO G 85 -38.33 12.95 -1.88
N TYR G 86 -39.58 13.38 -1.78
CA TYR G 86 -39.96 14.43 -0.85
C TYR G 86 -41.35 14.09 -0.34
N GLY G 87 -41.51 13.98 0.97
CA GLY G 87 -42.80 13.64 1.56
C GLY G 87 -42.70 12.45 2.49
N SER G 88 -43.82 12.20 3.18
CA SER G 88 -43.89 11.11 4.12
C SER G 88 -43.82 9.76 3.40
N PRO G 89 -43.22 8.75 4.03
CA PRO G 89 -43.14 7.43 3.40
C PRO G 89 -44.51 6.82 3.21
N LYS G 90 -44.64 6.00 2.17
CA LYS G 90 -45.90 5.34 1.83
C LYS G 90 -45.91 3.92 2.37
N ILE G 91 -47.00 3.57 3.04
CA ILE G 91 -47.19 2.23 3.59
C ILE G 91 -48.21 1.51 2.73
N THR G 92 -47.81 0.41 2.11
CA THR G 92 -48.67 -0.27 1.15
C THR G 92 -48.73 -1.77 1.43
N LYS G 93 -49.92 -2.33 1.24
CA LYS G 93 -50.16 -3.77 1.24
C LYS G 93 -50.57 -4.29 -0.13
N ASP G 94 -50.37 -3.48 -1.17
CA ASP G 94 -50.86 -3.77 -2.51
C ASP G 94 -49.73 -4.27 -3.38
N GLY G 95 -49.94 -5.44 -4.01
CA GLY G 95 -48.86 -6.07 -4.75
C GLY G 95 -48.45 -5.31 -6.00
N VAL G 96 -49.43 -4.78 -6.74
CA VAL G 96 -49.12 -4.09 -7.98
C VAL G 96 -48.39 -2.77 -7.70
N THR G 97 -48.78 -2.08 -6.61
CA THR G 97 -48.08 -0.86 -6.23
C THR G 97 -46.62 -1.14 -5.89
N VAL G 98 -46.36 -2.22 -5.15
CA VAL G 98 -44.99 -2.61 -4.83
C VAL G 98 -44.23 -2.99 -6.08
N ALA G 99 -44.87 -3.73 -6.99
CA ALA G 99 -44.20 -4.18 -8.20
C ALA G 99 -43.83 -3.01 -9.12
N LYS G 100 -44.70 -2.00 -9.22
CA LYS G 100 -44.46 -0.89 -10.12
C LYS G 100 -43.36 0.05 -9.65
N SER G 101 -42.87 -0.11 -8.42
CA SER G 101 -41.88 0.79 -7.85
C SER G 101 -40.52 0.14 -7.64
N ILE G 102 -40.21 -0.91 -8.39
CA ILE G 102 -38.95 -1.65 -8.22
C ILE G 102 -38.12 -1.46 -9.48
N SER G 103 -36.90 -0.95 -9.30
CA SER G 103 -35.92 -0.84 -10.37
C SER G 103 -34.55 -1.21 -9.82
N LEU G 104 -33.82 -2.02 -10.57
CA LEU G 104 -32.53 -2.54 -10.13
C LEU G 104 -31.40 -1.84 -10.87
N LYS G 105 -30.30 -1.71 -10.16
CA LYS G 105 -29.11 -1.06 -10.68
C LYS G 105 -28.40 -1.87 -11.68
N ASP G 106 -28.27 -3.14 -11.44
CA ASP G 106 -27.67 -4.07 -12.39
C ASP G 106 -28.57 -4.25 -13.61
N LYS G 107 -27.96 -4.29 -14.79
CA LYS G 107 -28.73 -4.23 -16.03
C LYS G 107 -29.47 -5.52 -16.34
N PHE G 108 -28.83 -6.68 -16.14
CA PHE G 108 -29.45 -7.94 -16.50
C PHE G 108 -30.55 -8.34 -15.51
N GLU G 109 -30.30 -8.12 -14.23
CA GLU G 109 -31.33 -8.34 -13.22
C GLU G 109 -32.52 -7.41 -13.45
N ASN G 110 -32.23 -6.15 -13.80
CA ASN G 110 -33.31 -5.23 -14.14
C ASN G 110 -34.05 -5.68 -15.39
N LEU G 111 -33.35 -6.31 -16.35
CA LEU G 111 -34.01 -6.80 -17.55
C LEU G 111 -35.00 -7.90 -17.20
N GLY G 112 -34.57 -8.87 -16.39
CA GLY G 112 -35.48 -9.92 -15.96
C GLY G 112 -36.66 -9.39 -15.17
N ALA G 113 -36.39 -8.49 -14.22
CA ALA G 113 -37.46 -7.89 -13.44
C ALA G 113 -38.43 -7.10 -14.30
N ARG G 114 -37.91 -6.42 -15.32
CA ARG G 114 -38.77 -5.65 -16.21
C ARG G 114 -39.67 -6.58 -17.02
N LEU G 115 -39.11 -7.67 -17.53
CA LEU G 115 -39.93 -8.61 -18.28
C LEU G 115 -41.06 -9.15 -17.43
N VAL G 116 -40.74 -9.59 -16.21
CA VAL G 116 -41.78 -10.11 -15.33
C VAL G 116 -42.78 -9.03 -14.94
N GLN G 117 -42.31 -7.80 -14.74
CA GLN G 117 -43.19 -6.69 -14.41
C GLN G 117 -44.15 -6.40 -15.56
N ASP G 118 -43.66 -6.42 -16.79
CA ASP G 118 -44.53 -6.20 -17.94
C ASP G 118 -45.60 -7.28 -18.03
N VAL G 119 -45.21 -8.55 -17.85
CA VAL G 119 -46.19 -9.62 -17.94
C VAL G 119 -47.22 -9.52 -16.82
N ALA G 120 -46.77 -9.22 -15.60
CA ALA G 120 -47.70 -9.08 -14.48
C ALA G 120 -48.65 -7.90 -14.67
N ASN G 121 -48.14 -6.77 -15.16
CA ASN G 121 -49.00 -5.63 -15.45
C ASN G 121 -50.01 -5.96 -16.53
N LYS G 122 -49.59 -6.69 -17.56
CA LYS G 122 -50.52 -7.06 -18.62
C LYS G 122 -51.63 -7.97 -18.11
N THR G 123 -51.29 -8.97 -17.29
CA THR G 123 -52.33 -9.87 -16.79
C THR G 123 -53.25 -9.14 -15.81
N ASN G 124 -52.70 -8.23 -15.00
CA ASN G 124 -53.53 -7.44 -14.11
C ASN G 124 -54.50 -6.56 -14.88
N GLU G 125 -54.03 -5.94 -15.97
CA GLU G 125 -54.90 -5.11 -16.79
C GLU G 125 -55.97 -5.95 -17.48
N VAL G 126 -55.60 -7.13 -17.98
CA VAL G 126 -56.55 -7.97 -18.72
C VAL G 126 -57.63 -8.52 -17.79
N ALA G 127 -57.22 -9.07 -16.65
CA ALA G 127 -58.15 -9.79 -15.78
C ALA G 127 -58.68 -8.97 -14.62
N GLY G 128 -57.96 -7.94 -14.19
CA GLY G 128 -58.38 -7.16 -13.04
C GLY G 128 -57.44 -7.29 -11.87
N ASP G 129 -56.91 -8.50 -11.66
CA ASP G 129 -55.97 -8.76 -10.59
C ASP G 129 -55.15 -9.99 -10.96
N GLY G 130 -54.25 -10.39 -10.06
CA GLY G 130 -53.39 -11.53 -10.25
C GLY G 130 -51.92 -11.23 -10.47
N THR G 131 -51.45 -10.04 -10.08
CA THR G 131 -50.04 -9.70 -10.26
C THR G 131 -49.15 -10.51 -9.33
N THR G 132 -49.51 -10.59 -8.06
CA THR G 132 -48.67 -11.28 -7.08
C THR G 132 -48.59 -12.78 -7.39
N THR G 133 -49.74 -13.39 -7.70
CA THR G 133 -49.74 -14.82 -8.01
C THR G 133 -48.93 -15.11 -9.26
N ALA G 134 -49.09 -14.28 -10.30
CA ALA G 134 -48.33 -14.48 -11.52
C ALA G 134 -46.84 -14.33 -11.28
N THR G 135 -46.44 -13.33 -10.49
CA THR G 135 -45.02 -13.15 -10.18
C THR G 135 -44.46 -14.34 -9.40
N ILE G 136 -45.21 -14.83 -8.42
CA ILE G 136 -44.76 -15.95 -7.61
C ILE G 136 -44.60 -17.21 -8.47
N LEU G 137 -45.60 -17.48 -9.32
CA LEU G 137 -45.53 -18.65 -10.19
C LEU G 137 -44.39 -18.53 -11.18
N THR G 138 -44.18 -17.33 -11.73
CA THR G 138 -43.05 -17.11 -12.63
C THR G 138 -41.73 -17.41 -11.93
N ARG G 139 -41.55 -16.89 -10.72
CA ARG G 139 -40.31 -17.14 -9.99
C ARG G 139 -40.10 -18.63 -9.74
N ALA G 140 -41.16 -19.31 -9.31
CA ALA G 140 -41.03 -20.74 -8.99
C ALA G 140 -40.67 -21.55 -10.24
N ILE G 141 -41.42 -21.36 -11.33
CA ILE G 141 -41.17 -22.12 -12.54
C ILE G 141 -39.79 -21.81 -13.10
N PHE G 142 -39.41 -20.53 -13.12
CA PHE G 142 -38.11 -20.16 -13.67
C PHE G 142 -36.97 -20.77 -12.86
N ALA G 143 -37.05 -20.69 -11.53
CA ALA G 143 -36.00 -21.25 -10.70
C ALA G 143 -35.89 -22.76 -10.87
N GLU G 144 -37.04 -23.46 -10.89
CA GLU G 144 -36.99 -24.91 -11.04
C GLU G 144 -36.48 -25.31 -12.42
N GLY G 145 -36.86 -24.58 -13.46
CA GLY G 145 -36.35 -24.86 -14.79
C GLY G 145 -34.86 -24.62 -14.90
N VAL G 146 -34.37 -23.55 -14.26
CA VAL G 146 -32.92 -23.32 -14.24
C VAL G 146 -32.20 -24.48 -13.56
N LYS G 147 -32.73 -24.93 -12.42
CA LYS G 147 -32.12 -26.07 -11.73
C LYS G 147 -32.10 -27.32 -12.60
N ASN G 148 -33.23 -27.60 -13.27
CA ASN G 148 -33.30 -28.81 -14.10
C ASN G 148 -32.38 -28.72 -15.31
N VAL G 149 -32.27 -27.53 -15.90
CA VAL G 149 -31.34 -27.35 -17.02
C VAL G 149 -29.90 -27.54 -16.56
N ALA G 150 -29.56 -26.98 -15.39
CA ALA G 150 -28.22 -27.20 -14.84
C ALA G 150 -27.96 -28.67 -14.56
N ALA G 151 -29.01 -29.42 -14.20
CA ALA G 151 -28.85 -30.86 -13.97
C ALA G 151 -28.56 -31.63 -15.24
N GLY G 152 -28.69 -31.02 -16.42
CA GLY G 152 -28.37 -31.68 -17.67
C GLY G 152 -29.58 -32.17 -18.44
N CYS G 153 -30.60 -31.34 -18.53
CA CYS G 153 -31.85 -31.69 -19.19
C CYS G 153 -32.07 -30.80 -20.42
N ASN G 154 -32.97 -31.25 -21.29
CA ASN G 154 -33.28 -30.54 -22.52
C ASN G 154 -34.36 -29.49 -22.26
N PRO G 155 -34.07 -28.20 -22.45
CA PRO G 155 -35.09 -27.17 -22.16
C PRO G 155 -36.34 -27.28 -23.02
N MET G 156 -36.23 -27.74 -24.26
CA MET G 156 -37.40 -27.83 -25.13
C MET G 156 -38.40 -28.85 -24.61
N ASP G 157 -37.93 -30.00 -24.15
CA ASP G 157 -38.83 -31.00 -23.58
C ASP G 157 -39.40 -30.53 -22.26
N LEU G 158 -38.63 -29.76 -21.49
CA LEU G 158 -39.18 -29.11 -20.30
C LEU G 158 -40.33 -28.18 -20.67
N ARG G 159 -40.16 -27.39 -21.73
CA ARG G 159 -41.22 -26.50 -22.19
C ARG G 159 -42.46 -27.29 -22.61
N ARG G 160 -42.26 -28.38 -23.34
CA ARG G 160 -43.39 -29.20 -23.77
C ARG G 160 -44.13 -29.78 -22.58
N GLY G 161 -43.40 -30.30 -21.59
CA GLY G 161 -44.05 -30.84 -20.41
C GLY G 161 -44.78 -29.79 -19.60
N VAL G 162 -44.19 -28.60 -19.49
CA VAL G 162 -44.85 -27.50 -18.78
C VAL G 162 -46.14 -27.10 -19.50
N GLN G 163 -46.10 -27.03 -20.83
CA GLN G 163 -47.31 -26.70 -21.59
C GLN G 163 -48.39 -27.75 -21.39
N MET G 164 -48.01 -29.03 -21.43
CA MET G 164 -49.00 -30.10 -21.26
C MET G 164 -49.62 -30.05 -19.86
N ALA G 165 -48.78 -29.84 -18.84
CA ALA G 165 -49.30 -29.75 -17.47
C ALA G 165 -50.23 -28.55 -17.31
N VAL G 166 -49.86 -27.41 -17.89
CA VAL G 166 -50.70 -26.22 -17.78
C VAL G 166 -52.04 -26.43 -18.46
N ASP G 167 -52.03 -27.07 -19.64
CA ASP G 167 -53.28 -27.38 -20.32
C ASP G 167 -54.16 -28.29 -19.48
N SER G 168 -53.57 -29.33 -18.88
CA SER G 168 -54.34 -30.23 -18.02
C SER G 168 -54.94 -29.49 -16.83
N ILE G 169 -54.15 -28.61 -16.20
CA ILE G 169 -54.63 -27.85 -15.05
C ILE G 169 -55.79 -26.94 -15.46
N VAL G 170 -55.66 -26.27 -16.61
CA VAL G 170 -56.71 -25.37 -17.07
C VAL G 170 -57.99 -26.15 -17.35
N LYS G 171 -57.86 -27.32 -17.99
CA LYS G 171 -59.04 -28.14 -18.25
C LYS G 171 -59.72 -28.58 -16.96
N PHE G 172 -58.93 -29.01 -15.97
CA PHE G 172 -59.51 -29.42 -14.69
C PHE G 172 -60.22 -28.25 -14.01
N LEU G 173 -59.59 -27.08 -14.00
CA LEU G 173 -60.18 -25.92 -13.35
C LEU G 173 -61.48 -25.50 -14.05
N ARG G 174 -61.49 -25.52 -15.38
CA ARG G 174 -62.72 -25.21 -16.11
C ARG G 174 -63.81 -26.24 -15.82
N GLU G 175 -63.43 -27.51 -15.66
CA GLU G 175 -64.42 -28.52 -15.31
C GLU G 175 -65.01 -28.29 -13.93
N LYS G 176 -64.19 -27.85 -12.97
CA LYS G 176 -64.64 -27.70 -11.59
C LYS G 176 -65.17 -26.32 -11.26
N SER G 177 -65.29 -25.43 -12.24
CA SER G 177 -65.76 -24.08 -11.96
C SER G 177 -67.27 -24.07 -11.70
N ARG G 178 -67.71 -23.05 -10.95
CA ARG G 178 -69.11 -22.84 -10.63
C ARG G 178 -69.62 -21.60 -11.38
N VAL G 179 -70.58 -21.81 -12.27
CA VAL G 179 -71.13 -20.73 -13.09
C VAL G 179 -72.27 -20.06 -12.33
N ILE G 180 -72.38 -18.75 -12.48
CA ILE G 180 -73.43 -17.96 -11.85
C ILE G 180 -74.25 -17.29 -12.94
N THR G 181 -75.57 -17.50 -12.92
CA THR G 181 -76.46 -16.97 -13.94
C THR G 181 -77.54 -16.06 -13.40
N THR G 182 -78.26 -16.47 -12.36
CA THR G 182 -79.41 -15.70 -11.90
C THR G 182 -78.99 -14.51 -11.06
N SER G 183 -79.94 -13.62 -10.81
CA SER G 183 -79.64 -12.34 -10.16
C SER G 183 -79.21 -12.53 -8.71
N GLU G 184 -79.75 -13.53 -8.01
CA GLU G 184 -79.38 -13.72 -6.61
C GLU G 184 -77.92 -14.12 -6.46
N GLU G 185 -77.42 -14.98 -7.35
CA GLU G 185 -76.01 -15.36 -7.29
C GLU G 185 -75.10 -14.20 -7.67
N ILE G 186 -75.53 -13.37 -8.64
CA ILE G 186 -74.76 -12.18 -8.97
C ILE G 186 -74.70 -11.23 -7.77
N ALA G 187 -75.82 -11.05 -7.09
CA ALA G 187 -75.85 -10.19 -5.90
C ALA G 187 -74.94 -10.74 -4.81
N GLN G 188 -74.98 -12.06 -4.59
CA GLN G 188 -74.12 -12.66 -3.58
C GLN G 188 -72.64 -12.49 -3.94
N VAL G 189 -72.29 -12.70 -5.20
CA VAL G 189 -70.90 -12.56 -5.64
C VAL G 189 -70.44 -11.12 -5.47
N ALA G 190 -71.29 -10.16 -5.83
CA ALA G 190 -70.92 -8.76 -5.68
C ALA G 190 -70.80 -8.37 -4.21
N THR G 191 -71.65 -8.93 -3.35
CA THR G 191 -71.54 -8.66 -1.92
C THR G 191 -70.23 -9.22 -1.36
N ILE G 192 -69.86 -10.43 -1.76
CA ILE G 192 -68.59 -11.00 -1.32
C ILE G 192 -67.43 -10.16 -1.83
N SER G 193 -67.48 -9.73 -3.08
CA SER G 193 -66.41 -8.91 -3.65
C SER G 193 -66.35 -7.52 -3.03
N ALA G 194 -67.38 -7.10 -2.30
CA ALA G 194 -67.41 -5.80 -1.66
C ALA G 194 -67.13 -5.88 -0.17
N ASN G 195 -66.44 -6.94 0.28
CA ASN G 195 -66.12 -7.15 1.68
C ASN G 195 -67.38 -7.18 2.55
N GLY G 196 -68.37 -7.92 2.08
CA GLY G 196 -69.60 -8.09 2.83
C GLY G 196 -70.58 -6.93 2.77
N ASP G 197 -70.40 -6.01 1.83
CA ASP G 197 -71.30 -4.86 1.72
C ASP G 197 -72.53 -5.28 0.92
N THR G 198 -73.69 -5.27 1.59
CA THR G 198 -74.93 -5.68 0.93
C THR G 198 -75.44 -4.62 -0.03
N HIS G 199 -75.27 -3.33 0.31
CA HIS G 199 -75.77 -2.28 -0.57
C HIS G 199 -75.07 -2.29 -1.92
N VAL G 200 -73.74 -2.47 -1.92
CA VAL G 200 -73.00 -2.51 -3.17
C VAL G 200 -73.42 -3.71 -4.01
N GLY G 201 -73.57 -4.87 -3.37
CA GLY G 201 -74.00 -6.04 -4.10
C GLY G 201 -75.39 -5.90 -4.69
N LYS G 202 -76.30 -5.28 -3.95
CA LYS G 202 -77.64 -5.05 -4.47
C LYS G 202 -77.63 -4.06 -5.63
N LEU G 203 -76.83 -2.99 -5.50
CA LEU G 203 -76.75 -2.00 -6.58
C LEU G 203 -76.16 -2.59 -7.84
N ILE G 204 -75.10 -3.39 -7.71
CA ILE G 204 -74.46 -3.97 -8.89
C ILE G 204 -75.41 -4.94 -9.60
N ALA G 205 -75.97 -5.88 -8.92
CA ALA G 205 -76.85 -6.85 -9.50
C ALA G 205 -77.98 -6.29 -10.21
N ASN G 206 -78.23 -4.99 -10.12
CA ASN G 206 -79.37 -4.36 -10.74
C ASN G 206 -78.94 -3.66 -11.97
N ALA G 207 -77.83 -2.99 -11.91
CA ALA G 207 -77.31 -2.35 -13.12
C ALA G 207 -77.12 -3.39 -14.22
N MET G 208 -76.51 -4.52 -13.89
CA MET G 208 -76.29 -5.58 -14.86
C MET G 208 -77.54 -6.41 -15.12
N GLU G 209 -78.59 -6.22 -14.32
CA GLU G 209 -79.92 -6.68 -14.72
C GLU G 209 -80.48 -5.78 -15.82
N LYS G 210 -80.33 -4.46 -15.66
CA LYS G 210 -80.88 -3.52 -16.63
C LYS G 210 -80.17 -3.62 -17.98
N VAL G 211 -78.84 -3.55 -17.98
CA VAL G 211 -78.08 -3.53 -19.23
C VAL G 211 -77.64 -4.92 -19.68
N GLY G 212 -77.85 -5.95 -18.87
CA GLY G 212 -77.35 -7.27 -19.17
C GLY G 212 -75.96 -7.51 -18.62
N LYS G 213 -75.52 -8.77 -18.73
CA LYS G 213 -74.19 -9.11 -18.26
C LYS G 213 -73.10 -8.43 -19.09
N GLU G 214 -73.35 -8.26 -20.39
CA GLU G 214 -72.39 -7.67 -21.31
C GLU G 214 -72.57 -6.17 -21.48
N GLY G 215 -73.48 -5.55 -20.72
CA GLY G 215 -73.74 -4.14 -20.88
C GLY G 215 -72.61 -3.28 -20.34
N VAL G 216 -72.81 -1.97 -20.46
CA VAL G 216 -71.85 -0.99 -19.97
C VAL G 216 -72.34 -0.42 -18.66
N ILE G 217 -71.53 -0.58 -17.60
CA ILE G 217 -71.81 -0.03 -16.29
C ILE G 217 -70.62 0.83 -15.89
N THR G 218 -70.90 2.05 -15.43
CA THR G 218 -69.85 2.96 -15.00
C THR G 218 -70.24 3.59 -13.67
N VAL G 219 -69.22 4.06 -12.95
CA VAL G 219 -69.38 4.59 -11.60
C VAL G 219 -68.91 6.04 -11.58
N LYS G 220 -69.76 6.94 -11.08
CA LYS G 220 -69.43 8.36 -11.02
C LYS G 220 -69.81 8.89 -9.65
N GLU G 221 -69.29 10.08 -9.33
CA GLU G 221 -69.59 10.73 -8.05
C GLU G 221 -71.01 11.25 -8.04
N GLY G 222 -71.63 11.19 -6.85
CA GLY G 222 -73.00 11.64 -6.70
C GLY G 222 -73.12 13.02 -6.07
N LYS G 223 -74.34 13.55 -6.13
CA LYS G 223 -74.63 14.88 -5.59
C LYS G 223 -75.27 14.83 -4.21
N THR G 224 -75.57 13.65 -3.69
CA THR G 224 -76.41 13.51 -2.51
C THR G 224 -75.83 12.42 -1.62
N ILE G 225 -76.65 11.94 -0.67
CA ILE G 225 -76.19 10.90 0.24
C ILE G 225 -76.57 9.51 -0.27
N GLU G 226 -77.79 9.33 -0.76
CA GLU G 226 -78.24 8.03 -1.22
C GLU G 226 -77.67 7.73 -2.60
N ASP G 227 -77.61 6.44 -2.91
CA ASP G 227 -76.96 5.94 -4.12
C ASP G 227 -77.97 5.84 -5.26
N GLU G 228 -77.54 6.26 -6.44
CA GLU G 228 -78.46 6.34 -7.57
C GLU G 228 -78.00 5.42 -8.70
N LEU G 229 -78.97 4.87 -9.41
CA LEU G 229 -78.71 4.06 -10.60
C LEU G 229 -79.59 4.57 -11.72
N GLU G 230 -78.97 5.09 -12.78
CA GLU G 230 -79.73 5.67 -13.87
C GLU G 230 -79.27 5.12 -15.21
N ILE G 231 -80.22 4.84 -16.09
CA ILE G 231 -79.93 4.38 -17.44
C ILE G 231 -79.95 5.58 -18.37
N THR G 232 -78.84 5.83 -19.05
CA THR G 232 -78.73 6.96 -19.96
C THR G 232 -78.38 6.46 -21.35
N GLU G 233 -78.23 7.42 -22.27
CA GLU G 233 -77.73 7.13 -23.60
C GLU G 233 -76.23 7.37 -23.64
N GLY G 234 -75.49 6.46 -24.25
CA GLY G 234 -74.05 6.60 -24.35
C GLY G 234 -73.50 5.37 -25.03
N MET G 235 -72.18 5.36 -25.19
CA MET G 235 -71.56 4.22 -25.86
C MET G 235 -70.05 4.26 -25.68
N ARG G 236 -69.42 3.11 -25.90
CA ARG G 236 -68.02 2.88 -25.58
C ARG G 236 -67.27 2.43 -26.82
N PHE G 237 -66.01 2.85 -26.95
CA PHE G 237 -65.10 2.31 -27.95
C PHE G 237 -63.85 1.78 -27.27
N ASP G 238 -63.14 0.93 -28.00
CA ASP G 238 -61.90 0.31 -27.54
C ASP G 238 -60.67 1.13 -27.93
N ARG G 239 -60.80 2.43 -28.12
CA ARG G 239 -59.68 3.32 -28.41
C ARG G 239 -59.56 4.37 -27.32
N GLY G 240 -58.37 4.48 -26.73
CA GLY G 240 -58.09 5.42 -25.67
C GLY G 240 -57.41 6.67 -26.16
N TYR G 241 -56.84 7.41 -25.21
CA TYR G 241 -56.21 8.69 -25.54
C TYR G 241 -54.87 8.48 -26.22
N ILE G 242 -54.48 9.45 -27.05
CA ILE G 242 -53.25 9.31 -27.83
C ILE G 242 -52.02 9.39 -26.93
N SER G 243 -51.97 10.37 -26.03
CA SER G 243 -50.77 10.57 -25.25
C SER G 243 -51.07 10.50 -23.75
N PRO G 244 -50.25 9.77 -22.99
CA PRO G 244 -50.42 9.74 -21.54
C PRO G 244 -50.55 11.11 -20.88
N TYR G 245 -49.92 12.15 -21.44
CA TYR G 245 -49.97 13.48 -20.84
C TYR G 245 -51.38 14.04 -20.74
N PHE G 246 -52.33 13.52 -21.53
CA PHE G 246 -53.70 14.02 -21.50
C PHE G 246 -54.42 13.68 -20.20
N ILE G 247 -53.84 12.84 -19.36
CA ILE G 247 -54.48 12.42 -18.11
C ILE G 247 -54.72 13.64 -17.24
N THR G 248 -55.97 13.84 -16.82
CA THR G 248 -56.33 14.87 -15.86
C THR G 248 -56.53 14.32 -14.46
N ASP G 249 -56.92 13.07 -14.33
CA ASP G 249 -57.07 12.39 -13.04
C ASP G 249 -55.92 11.39 -12.93
N ALA G 250 -54.80 11.85 -12.34
CA ALA G 250 -53.63 11.00 -12.22
C ALA G 250 -53.83 9.87 -11.22
N LYS G 251 -54.87 9.92 -10.40
CA LYS G 251 -55.12 8.85 -9.44
C LYS G 251 -55.40 7.54 -10.15
N THR G 252 -56.21 7.58 -11.22
CA THR G 252 -56.60 6.39 -11.96
C THR G 252 -56.12 6.43 -13.41
N GLN G 253 -55.31 7.44 -13.76
CA GLN G 253 -54.73 7.58 -15.09
C GLN G 253 -55.82 7.65 -16.18
N LYS G 254 -56.81 8.52 -15.97
CA LYS G 254 -57.89 8.70 -16.92
C LYS G 254 -58.21 10.17 -17.08
N VAL G 255 -59.03 10.47 -18.08
CA VAL G 255 -59.42 11.83 -18.44
C VAL G 255 -60.94 11.91 -18.35
N GLU G 256 -61.45 12.93 -17.66
CA GLU G 256 -62.88 13.13 -17.52
C GLU G 256 -63.24 14.55 -17.90
N PHE G 257 -64.23 14.69 -18.78
CA PHE G 257 -64.72 16.00 -19.18
C PHE G 257 -66.24 16.06 -19.05
N GLU G 258 -66.73 17.19 -18.55
CA GLU G 258 -68.15 17.42 -18.36
C GLU G 258 -68.65 18.38 -19.43
N LYS G 259 -69.60 17.91 -20.23
CA LYS G 259 -70.21 18.69 -21.31
C LYS G 259 -69.15 19.27 -22.26
N PRO G 260 -68.41 18.42 -22.98
CA PRO G 260 -67.38 18.92 -23.89
C PRO G 260 -67.87 19.06 -25.32
N LEU G 261 -67.02 19.67 -26.14
CA LEU G 261 -67.25 19.78 -27.57
C LEU G 261 -66.48 18.69 -28.31
N ILE G 262 -67.18 18.01 -29.22
CA ILE G 262 -66.65 16.84 -29.90
C ILE G 262 -66.42 17.19 -31.36
N LEU G 263 -65.22 16.90 -31.86
CA LEU G 263 -64.86 17.13 -33.26
C LEU G 263 -64.60 15.79 -33.92
N LEU G 264 -65.53 15.35 -34.76
CA LEU G 264 -65.42 14.07 -35.47
C LEU G 264 -64.96 14.35 -36.91
N THR G 265 -63.81 13.82 -37.28
CA THR G 265 -63.27 14.01 -38.61
C THR G 265 -62.68 12.70 -39.15
N GLU G 266 -62.91 12.44 -40.42
CA GLU G 266 -62.36 11.27 -41.10
C GLU G 266 -61.10 11.70 -41.85
N LYS G 267 -60.11 12.15 -41.09
CA LYS G 267 -58.93 12.73 -41.71
C LYS G 267 -57.70 12.46 -40.85
N LYS G 268 -56.54 12.59 -41.47
CA LYS G 268 -55.26 12.58 -40.79
C LYS G 268 -54.85 14.04 -40.57
N ILE G 269 -54.75 14.46 -39.31
CA ILE G 269 -54.49 15.84 -38.95
C ILE G 269 -53.06 15.95 -38.43
N SER G 270 -52.27 16.82 -39.06
CA SER G 270 -50.92 17.10 -38.59
C SER G 270 -50.56 18.57 -38.62
N ILE G 271 -51.33 19.42 -39.31
CA ILE G 271 -51.06 20.85 -39.38
C ILE G 271 -52.07 21.57 -38.50
N LEU G 272 -51.60 22.61 -37.81
CA LEU G 272 -52.41 23.31 -36.84
C LEU G 272 -53.38 24.31 -37.45
N GLN G 273 -53.20 24.66 -38.73
CA GLN G 273 -54.09 25.65 -39.35
C GLN G 273 -55.51 25.13 -39.41
N ASP G 274 -55.68 23.83 -39.62
CA ASP G 274 -57.02 23.24 -39.63
C ASP G 274 -57.62 23.19 -38.23
N ILE G 275 -56.77 23.09 -37.19
CA ILE G 275 -57.29 23.00 -35.83
C ILE G 275 -57.62 24.37 -35.24
N LEU G 276 -56.99 25.44 -35.73
CA LEU G 276 -57.16 26.76 -35.14
C LEU G 276 -58.61 27.22 -35.03
N PRO G 277 -59.46 27.12 -36.06
CA PRO G 277 -60.85 27.54 -35.88
C PRO G 277 -61.58 26.75 -34.80
N ALA G 278 -61.40 25.44 -34.75
CA ALA G 278 -62.05 24.62 -33.74
C ALA G 278 -61.56 25.00 -32.34
N LEU G 279 -60.24 25.18 -32.19
CA LEU G 279 -59.68 25.52 -30.89
C LEU G 279 -60.16 26.90 -30.43
N GLU G 280 -60.24 27.86 -31.35
CA GLU G 280 -60.72 29.18 -31.01
C GLU G 280 -62.19 29.16 -30.61
N THR G 281 -63.02 28.41 -31.35
CA THR G 281 -64.42 28.29 -30.98
C THR G 281 -64.57 27.65 -29.62
N SER G 282 -63.74 26.65 -29.31
CA SER G 282 -63.75 26.06 -27.98
C SER G 282 -63.34 27.05 -26.90
N SER G 283 -62.30 27.86 -27.16
CA SER G 283 -61.84 28.84 -26.19
C SER G 283 -62.89 29.89 -25.91
N THR G 284 -63.61 30.33 -26.94
CA THR G 284 -64.69 31.29 -26.77
C THR G 284 -65.82 30.74 -25.89
N GLN G 285 -66.18 29.47 -26.07
CA GLN G 285 -67.25 28.85 -25.28
C GLN G 285 -66.78 28.37 -23.92
N ARG G 286 -65.48 28.44 -23.65
CA ARG G 286 -64.91 27.97 -22.36
C ARG G 286 -65.30 26.53 -22.06
N ARG G 287 -65.18 25.63 -23.04
CA ARG G 287 -65.53 24.24 -22.86
C ARG G 287 -64.38 23.35 -23.33
N PRO G 288 -64.20 22.20 -22.68
CA PRO G 288 -63.13 21.28 -23.10
C PRO G 288 -63.47 20.63 -24.43
N LEU G 289 -62.41 20.22 -25.14
CA LEU G 289 -62.53 19.70 -26.49
C LEU G 289 -62.00 18.28 -26.58
N LEU G 290 -62.73 17.44 -27.30
CA LEU G 290 -62.30 16.07 -27.61
C LEU G 290 -62.36 15.89 -29.12
N ILE G 291 -61.27 15.43 -29.72
CA ILE G 291 -61.19 15.22 -31.16
C ILE G 291 -61.06 13.74 -31.44
N ILE G 292 -62.00 13.21 -32.20
CA ILE G 292 -62.05 11.80 -32.57
C ILE G 292 -61.70 11.71 -34.05
N ALA G 293 -60.45 11.40 -34.36
CA ALA G 293 -59.98 11.47 -35.74
C ALA G 293 -59.43 10.11 -36.16
N GLU G 294 -59.03 10.04 -37.44
CA GLU G 294 -58.32 8.85 -37.90
C GLU G 294 -56.98 8.72 -37.20
N ASP G 295 -56.27 9.82 -37.02
CA ASP G 295 -55.02 9.86 -36.27
C ASP G 295 -54.62 11.29 -36.05
N ILE G 296 -54.00 11.56 -34.91
CA ILE G 296 -53.48 12.87 -34.56
C ILE G 296 -51.98 12.73 -34.33
N ASP G 297 -51.19 13.00 -35.36
CA ASP G 297 -49.75 12.85 -35.30
C ASP G 297 -49.08 14.11 -35.81
N GLY G 298 -47.75 14.14 -35.70
CA GLY G 298 -46.97 15.29 -36.11
C GLY G 298 -46.95 16.41 -35.10
N GLU G 299 -46.86 17.65 -35.57
CA GLU G 299 -46.84 18.80 -34.67
C GLU G 299 -48.20 19.03 -34.03
N ALA G 300 -49.25 18.44 -34.60
CA ALA G 300 -50.60 18.62 -34.09
C ALA G 300 -50.71 18.13 -32.65
N LEU G 301 -50.23 16.91 -32.39
CA LEU G 301 -50.33 16.38 -31.03
C LEU G 301 -49.55 17.24 -30.07
N ALA G 302 -48.35 17.68 -30.47
CA ALA G 302 -47.51 18.48 -29.57
C ALA G 302 -48.19 19.79 -29.22
N ALA G 303 -48.80 20.45 -30.21
CA ALA G 303 -49.56 21.66 -29.92
C ALA G 303 -50.67 21.37 -28.94
N CYS G 304 -51.40 20.27 -29.17
CA CYS G 304 -52.49 19.91 -28.26
C CYS G 304 -51.98 19.70 -26.84
N ILE G 305 -50.86 19.00 -26.69
CA ILE G 305 -50.30 18.70 -25.38
C ILE G 305 -49.90 19.96 -24.62
N LEU G 306 -49.14 20.84 -25.27
CA LEU G 306 -48.67 22.03 -24.56
C LEU G 306 -49.85 22.92 -24.21
N ASN G 307 -50.85 22.96 -25.08
CA ASN G 307 -52.03 23.75 -24.80
C ASN G 307 -52.70 23.16 -23.57
N LYS G 308 -52.79 21.83 -23.49
CA LYS G 308 -53.47 21.20 -22.37
C LYS G 308 -52.69 21.37 -21.07
N LEU G 309 -51.37 21.23 -21.14
CA LEU G 309 -50.53 21.34 -19.95
C LEU G 309 -50.62 22.74 -19.35
N ARG G 310 -50.74 23.76 -20.19
CA ARG G 310 -50.97 25.12 -19.75
C ARG G 310 -52.47 25.35 -19.63
N GLY G 311 -52.83 26.55 -19.16
CA GLY G 311 -54.22 26.87 -18.91
C GLY G 311 -54.99 27.41 -20.10
N ASN G 312 -54.41 27.42 -21.29
CA ASN G 312 -55.07 27.99 -22.45
C ASN G 312 -56.35 27.24 -22.78
N LEU G 313 -56.26 25.92 -22.92
CA LEU G 313 -57.42 25.08 -23.19
C LEU G 313 -57.07 23.63 -22.86
N GLN G 314 -58.05 22.90 -22.35
CA GLN G 314 -57.89 21.48 -22.02
C GLN G 314 -58.53 20.67 -23.14
N VAL G 315 -57.75 19.76 -23.72
CA VAL G 315 -58.15 19.04 -24.92
C VAL G 315 -57.74 17.57 -24.79
N ALA G 316 -58.39 16.71 -25.56
CA ALA G 316 -58.07 15.29 -25.63
C ALA G 316 -58.28 14.79 -27.05
N ALA G 317 -57.56 13.72 -27.40
CA ALA G 317 -57.59 13.19 -28.76
C ALA G 317 -57.67 11.67 -28.72
N VAL G 318 -58.55 11.10 -29.53
CA VAL G 318 -58.68 9.66 -29.68
C VAL G 318 -58.80 9.30 -31.16
N LYS G 319 -58.50 8.05 -31.47
CA LYS G 319 -58.60 7.55 -32.83
C LYS G 319 -59.98 6.99 -33.11
N ALA G 320 -60.42 7.10 -34.35
CA ALA G 320 -61.74 6.62 -34.73
C ALA G 320 -61.80 5.10 -34.61
N PRO G 321 -62.88 4.56 -34.05
CA PRO G 321 -62.98 3.11 -33.88
C PRO G 321 -63.18 2.40 -35.22
N GLY G 322 -62.75 1.14 -35.26
CA GLY G 322 -62.90 0.33 -36.46
C GLY G 322 -61.94 0.75 -37.56
N PHE G 323 -62.00 -0.07 -38.65
CA PHE G 323 -61.10 0.07 -39.80
C PHE G 323 -61.90 -0.21 -41.09
N GLY G 324 -61.63 0.51 -42.20
CA GLY G 324 -62.37 0.27 -43.42
C GLY G 324 -63.65 1.09 -43.46
N ASP G 325 -64.68 0.53 -44.10
CA ASP G 325 -65.98 1.20 -44.13
C ASP G 325 -66.67 1.12 -42.78
N ASN G 326 -66.31 0.14 -41.96
CA ASN G 326 -66.85 0.06 -40.61
C ASN G 326 -66.52 1.31 -39.81
N ARG G 327 -65.30 1.83 -39.97
CA ARG G 327 -64.91 3.06 -39.28
C ARG G 327 -65.81 4.22 -39.69
N LYS G 328 -66.07 4.36 -40.99
CA LYS G 328 -66.93 5.45 -41.45
C LYS G 328 -68.34 5.29 -40.92
N SER G 329 -68.88 4.07 -40.92
CA SER G 329 -70.23 3.85 -40.42
C SER G 329 -70.33 4.15 -38.93
N ILE G 330 -69.31 3.73 -38.16
CA ILE G 330 -69.32 4.02 -36.72
C ILE G 330 -69.20 5.51 -36.47
N LEU G 331 -68.36 6.21 -37.24
CA LEU G 331 -68.26 7.65 -37.07
C LEU G 331 -69.57 8.34 -37.43
N GLY G 332 -70.29 7.84 -38.44
CA GLY G 332 -71.60 8.39 -38.73
C GLY G 332 -72.60 8.18 -37.61
N ASP G 333 -72.63 6.97 -37.05
CA ASP G 333 -73.51 6.70 -35.92
C ASP G 333 -73.17 7.60 -34.74
N LEU G 334 -71.88 7.78 -34.46
CA LEU G 334 -71.47 8.60 -33.33
C LEU G 334 -71.75 10.07 -33.57
N ALA G 335 -71.61 10.54 -34.81
CA ALA G 335 -71.98 11.92 -35.13
C ALA G 335 -73.47 12.13 -34.95
N ILE G 336 -74.29 11.15 -35.34
CA ILE G 336 -75.73 11.25 -35.10
C ILE G 336 -76.01 11.31 -33.60
N LEU G 337 -75.34 10.44 -32.82
CA LEU G 337 -75.62 10.38 -31.39
C LEU G 337 -75.19 11.66 -30.68
N THR G 338 -74.01 12.19 -31.03
CA THR G 338 -73.46 13.34 -30.34
C THR G 338 -74.07 14.66 -30.78
N GLY G 339 -74.94 14.64 -31.80
CA GLY G 339 -75.59 15.85 -32.25
C GLY G 339 -74.77 16.70 -33.20
N GLY G 340 -73.58 16.24 -33.56
CA GLY G 340 -72.76 16.99 -34.49
C GLY G 340 -72.73 16.37 -35.87
N THR G 341 -71.77 16.77 -36.70
CA THR G 341 -71.62 16.23 -38.05
C THR G 341 -70.17 15.79 -38.26
N VAL G 342 -70.01 14.71 -39.01
CA VAL G 342 -68.67 14.19 -39.29
C VAL G 342 -68.08 14.93 -40.50
N PHE G 343 -66.77 15.10 -40.49
CA PHE G 343 -66.05 15.80 -41.54
C PHE G 343 -65.27 14.79 -42.37
N SER G 344 -65.58 14.72 -43.67
CA SER G 344 -65.00 13.72 -44.55
C SER G 344 -64.50 14.38 -45.82
N ASP G 345 -63.31 13.97 -46.27
CA ASP G 345 -62.78 14.47 -47.53
C ASP G 345 -63.62 14.00 -48.71
N GLU G 346 -64.26 12.83 -48.59
CA GLU G 346 -65.13 12.37 -49.67
C GLU G 346 -66.31 13.31 -49.87
N LEU G 347 -66.68 14.07 -48.85
CA LEU G 347 -67.68 15.12 -48.99
C LEU G 347 -67.04 16.47 -49.33
N ASP G 348 -65.71 16.55 -49.38
CA ASP G 348 -64.98 17.76 -49.77
C ASP G 348 -65.33 18.95 -48.88
N ILE G 349 -65.46 18.71 -47.58
CA ILE G 349 -65.67 19.76 -46.59
C ILE G 349 -64.39 19.92 -45.77
N LYS G 350 -63.96 21.17 -45.60
CA LYS G 350 -62.68 21.48 -44.97
C LYS G 350 -62.87 21.75 -43.49
N LEU G 351 -61.79 21.53 -42.73
CA LEU G 351 -61.84 21.74 -41.29
C LEU G 351 -61.89 23.21 -40.91
N GLU G 352 -61.43 24.10 -41.80
CA GLU G 352 -61.52 25.53 -41.54
C GLU G 352 -62.96 26.04 -41.67
N ARG G 353 -63.85 25.23 -42.23
CA ARG G 353 -65.27 25.55 -42.35
C ARG G 353 -66.03 25.23 -41.06
N ALA G 354 -65.35 24.69 -40.05
CA ALA G 354 -66.02 24.24 -38.85
C ALA G 354 -66.72 25.39 -38.13
N THR G 355 -67.95 25.14 -37.70
CA THR G 355 -68.74 26.06 -36.92
C THR G 355 -69.32 25.32 -35.72
N PRO G 356 -69.55 26.01 -34.60
CA PRO G 356 -70.06 25.31 -33.40
C PRO G 356 -71.36 24.57 -33.61
N ASP G 357 -72.11 24.86 -34.68
CA ASP G 357 -73.32 24.11 -34.95
C ASP G 357 -73.00 22.64 -35.27
N LEU G 358 -71.94 22.39 -36.03
CA LEU G 358 -71.59 21.03 -36.40
C LEU G 358 -70.80 20.31 -35.32
N PHE G 359 -70.37 21.01 -34.28
CA PHE G 359 -69.65 20.37 -33.19
C PHE G 359 -70.59 19.52 -32.35
N GLY G 360 -70.11 18.35 -31.92
CA GLY G 360 -70.89 17.48 -31.10
C GLY G 360 -70.80 17.82 -29.62
N SER G 361 -71.89 17.54 -28.90
CA SER G 361 -71.96 17.80 -27.47
C SER G 361 -72.55 16.58 -26.77
N THR G 362 -72.12 16.37 -25.53
CA THR G 362 -72.58 15.22 -24.76
C THR G 362 -72.50 15.55 -23.27
N GLY G 363 -73.15 14.71 -22.47
CA GLY G 363 -73.16 14.95 -21.03
C GLY G 363 -71.77 14.86 -20.42
N SER G 364 -71.02 13.82 -20.76
CA SER G 364 -69.66 13.68 -20.25
C SER G 364 -68.89 12.71 -21.13
N VAL G 365 -67.57 12.75 -21.00
CA VAL G 365 -66.69 11.80 -21.68
C VAL G 365 -65.64 11.32 -20.67
N THR G 366 -65.32 10.04 -20.75
CA THR G 366 -64.29 9.44 -19.89
C THR G 366 -63.37 8.60 -20.76
N ILE G 367 -62.07 8.87 -20.67
CA ILE G 367 -61.06 8.26 -21.52
C ILE G 367 -60.06 7.52 -20.65
N THR G 368 -59.80 6.26 -20.98
CA THR G 368 -58.80 5.45 -20.30
C THR G 368 -57.72 5.04 -21.29
N LYS G 369 -56.81 4.17 -20.85
CA LYS G 369 -55.77 3.66 -21.74
C LYS G 369 -56.35 2.87 -22.89
N GLU G 370 -57.33 2.01 -22.61
CA GLU G 370 -57.87 1.14 -23.65
C GLU G 370 -59.21 1.63 -24.18
N ASP G 371 -60.15 1.93 -23.30
CA ASP G 371 -61.52 2.25 -23.69
C ASP G 371 -61.84 3.71 -23.43
N THR G 372 -62.80 4.23 -24.19
CA THR G 372 -63.37 5.55 -23.93
C THR G 372 -64.88 5.41 -23.99
N ILE G 373 -65.58 6.24 -23.21
CA ILE G 373 -67.03 6.14 -23.08
C ILE G 373 -67.63 7.55 -23.13
N LEU G 374 -68.61 7.73 -24.01
CA LEU G 374 -69.38 8.97 -24.10
C LEU G 374 -70.72 8.75 -23.44
N LEU G 375 -71.17 9.77 -22.70
CA LEU G 375 -72.33 9.67 -21.82
C LEU G 375 -73.28 10.83 -22.07
N ASN G 376 -74.57 10.52 -22.19
CA ASN G 376 -75.64 11.50 -22.31
C ASN G 376 -75.41 12.40 -23.54
N GLY G 377 -75.46 11.78 -24.71
CA GLY G 377 -75.31 12.52 -25.94
C GLY G 377 -76.46 13.48 -26.16
N GLU G 378 -76.18 14.55 -26.89
CA GLU G 378 -77.16 15.59 -27.14
C GLU G 378 -78.04 15.31 -28.35
N GLY G 379 -77.88 14.16 -28.99
CA GLY G 379 -78.72 13.86 -30.14
C GLY G 379 -80.16 13.65 -29.73
N SER G 380 -81.07 14.05 -30.61
CA SER G 380 -82.49 13.81 -30.38
C SER G 380 -82.79 12.32 -30.42
N LYS G 381 -83.82 11.91 -29.67
CA LYS G 381 -84.19 10.50 -29.62
C LYS G 381 -84.63 10.00 -30.99
N ASP G 382 -85.43 10.79 -31.70
CA ASP G 382 -86.07 10.32 -32.93
C ASP G 382 -85.05 9.92 -33.98
N MET G 383 -83.99 10.72 -34.16
CA MET G 383 -83.02 10.35 -35.18
C MET G 383 -82.16 9.16 -34.76
N ILE G 384 -81.86 9.03 -33.46
CA ILE G 384 -81.23 7.80 -32.98
C ILE G 384 -82.11 6.61 -33.32
N ASN G 385 -83.42 6.76 -33.17
CA ASN G 385 -84.31 5.66 -33.52
C ASN G 385 -84.28 5.35 -35.01
N GLN G 386 -84.33 6.38 -35.85
CA GLN G 386 -84.40 6.07 -37.26
C GLN G 386 -83.11 5.38 -37.67
N ARG G 387 -82.01 5.84 -37.17
CA ARG G 387 -80.72 5.21 -37.44
C ARG G 387 -80.74 3.76 -37.01
N CYS G 388 -81.36 3.48 -35.85
CA CYS G 388 -81.57 2.08 -35.45
C CYS G 388 -82.37 1.32 -36.50
N GLU G 389 -83.37 1.98 -37.09
CA GLU G 389 -84.16 1.33 -38.13
C GLU G 389 -83.32 1.02 -39.37
N GLN G 390 -82.46 1.96 -39.79
CA GLN G 390 -81.58 1.66 -40.90
C GLN G 390 -80.61 0.53 -40.54
N ILE G 391 -80.18 0.48 -39.28
CA ILE G 391 -79.27 -0.60 -38.88
C ILE G 391 -79.95 -1.95 -39.01
N ARG G 392 -81.19 -2.07 -38.53
CA ARG G 392 -81.88 -3.34 -38.64
C ARG G 392 -82.22 -3.67 -40.09
N ALA G 393 -82.53 -2.64 -40.90
CA ALA G 393 -82.75 -2.87 -42.32
C ALA G 393 -81.50 -3.41 -43.00
N ALA G 394 -80.34 -2.84 -42.66
CA ALA G 394 -79.07 -3.34 -43.20
C ALA G 394 -78.78 -4.75 -42.71
N ILE G 395 -79.15 -5.06 -41.46
CA ILE G 395 -79.03 -6.43 -40.97
C ILE G 395 -79.84 -7.37 -41.84
N ASN G 396 -81.07 -6.97 -42.17
CA ASN G 396 -81.92 -7.78 -43.03
C ASN G 396 -81.32 -7.94 -44.42
N ASP G 397 -80.79 -6.85 -44.98
CA ASP G 397 -80.30 -6.88 -46.37
C ASP G 397 -78.95 -7.56 -46.50
N SER G 398 -78.08 -7.44 -45.49
CA SER G 398 -76.71 -7.91 -45.62
C SER G 398 -76.65 -9.41 -45.90
N SER G 399 -75.77 -9.79 -46.82
CA SER G 399 -75.65 -11.18 -47.24
C SER G 399 -74.60 -11.95 -46.46
N VAL G 400 -73.57 -11.28 -45.95
CA VAL G 400 -72.52 -11.97 -45.21
C VAL G 400 -73.10 -12.50 -43.91
N SER G 401 -73.10 -13.83 -43.76
CA SER G 401 -73.76 -14.46 -42.62
C SER G 401 -73.05 -14.12 -41.32
N ASP G 402 -71.73 -14.17 -41.32
CA ASP G 402 -70.99 -14.05 -40.06
C ASP G 402 -70.45 -12.63 -39.86
N TYR G 403 -69.65 -12.14 -40.81
CA TYR G 403 -68.88 -10.92 -40.58
C TYR G 403 -69.76 -9.69 -40.52
N GLU G 404 -70.43 -9.36 -41.64
CA GLU G 404 -71.19 -8.13 -41.72
C GLU G 404 -72.38 -8.15 -40.77
N ARG G 405 -73.07 -9.29 -40.68
CA ARG G 405 -74.22 -9.39 -39.79
C ARG G 405 -73.81 -9.18 -38.34
N GLU G 406 -72.70 -9.80 -37.90
CA GLU G 406 -72.30 -9.64 -36.52
C GLU G 406 -71.80 -8.23 -36.24
N LYS G 407 -71.15 -7.59 -37.21
CA LYS G 407 -70.71 -6.22 -36.98
C LYS G 407 -71.89 -5.26 -36.89
N LEU G 408 -72.88 -5.42 -37.78
CA LEU G 408 -74.08 -4.60 -37.69
C LEU G 408 -74.82 -4.85 -36.39
N GLN G 409 -74.89 -6.11 -35.95
CA GLN G 409 -75.54 -6.41 -34.68
C GLN G 409 -74.80 -5.76 -33.52
N GLU G 410 -73.46 -5.80 -33.54
CA GLU G 410 -72.70 -5.22 -32.44
C GLU G 410 -72.88 -3.71 -32.40
N ARG G 411 -72.92 -3.04 -33.55
CA ARG G 411 -73.09 -1.59 -33.49
C ARG G 411 -74.53 -1.20 -33.18
N LEU G 412 -75.50 -2.03 -33.59
CA LEU G 412 -76.87 -1.83 -33.12
C LEU G 412 -76.97 -1.93 -31.61
N ALA G 413 -76.33 -2.94 -31.03
CA ALA G 413 -76.33 -3.08 -29.58
C ALA G 413 -75.64 -1.91 -28.91
N LYS G 414 -74.52 -1.45 -29.48
CA LYS G 414 -73.81 -0.31 -28.91
C LYS G 414 -74.67 0.94 -28.93
N LEU G 415 -75.40 1.17 -30.03
CA LEU G 415 -76.20 2.39 -30.13
C LEU G 415 -77.49 2.31 -29.31
N SER G 416 -78.04 1.12 -29.14
CA SER G 416 -79.36 1.00 -28.55
C SER G 416 -79.35 0.63 -27.06
N GLY G 417 -78.28 0.00 -26.58
CA GLY G 417 -78.29 -0.56 -25.24
C GLY G 417 -78.36 0.50 -24.15
N GLY G 418 -77.68 1.61 -24.35
CA GLY G 418 -77.55 2.60 -23.30
C GLY G 418 -76.44 2.25 -22.32
N VAL G 419 -76.32 3.07 -21.28
CA VAL G 419 -75.27 2.92 -20.29
C VAL G 419 -75.89 3.02 -18.89
N ALA G 420 -75.54 2.09 -18.01
CA ALA G 420 -75.92 2.21 -16.62
C ALA G 420 -74.88 3.02 -15.87
N VAL G 421 -75.34 4.02 -15.12
CA VAL G 421 -74.46 4.88 -14.35
C VAL G 421 -74.86 4.73 -12.89
N ILE G 422 -73.87 4.49 -12.04
CA ILE G 422 -74.05 4.40 -10.60
C ILE G 422 -73.45 5.65 -9.99
N LYS G 423 -74.31 6.51 -9.46
CA LYS G 423 -73.90 7.74 -8.81
C LYS G 423 -73.72 7.46 -7.33
N VAL G 424 -72.50 7.63 -6.85
CA VAL G 424 -72.12 7.28 -5.48
C VAL G 424 -72.43 8.45 -4.56
N GLY G 425 -73.33 8.24 -3.61
CA GLY G 425 -73.68 9.29 -2.68
C GLY G 425 -73.01 9.16 -1.34
N GLY G 426 -72.82 10.27 -0.64
CA GLY G 426 -72.20 10.24 0.66
C GLY G 426 -72.33 11.58 1.36
N SER G 427 -71.90 11.60 2.62
CA SER G 427 -71.97 12.82 3.40
C SER G 427 -70.79 13.74 3.09
N SER G 428 -69.56 13.24 3.21
CA SER G 428 -68.36 14.02 3.00
C SER G 428 -67.75 13.69 1.65
N GLU G 429 -66.75 14.48 1.27
CA GLU G 429 -66.09 14.24 -0.01
C GLU G 429 -65.20 13.01 0.04
N LEU G 430 -64.42 12.87 1.12
CA LEU G 430 -63.53 11.73 1.25
C LEU G 430 -64.31 10.42 1.32
N GLU G 431 -65.43 10.43 2.04
CA GLU G 431 -66.29 9.24 2.08
C GLU G 431 -66.78 8.88 0.70
N VAL G 432 -67.19 9.88 -0.08
CA VAL G 432 -67.66 9.63 -1.44
C VAL G 432 -66.54 9.02 -2.27
N GLY G 433 -65.33 9.58 -2.17
CA GLY G 433 -64.23 9.06 -2.96
C GLY G 433 -63.87 7.63 -2.62
N GLU G 434 -63.76 7.33 -1.32
CA GLU G 434 -63.37 5.98 -0.92
C GLU G 434 -64.46 4.97 -1.26
N LYS G 435 -65.73 5.34 -1.07
CA LYS G 435 -66.81 4.45 -1.46
C LYS G 435 -66.85 4.25 -2.97
N LYS G 436 -66.52 5.30 -3.74
CA LYS G 436 -66.45 5.17 -5.19
C LYS G 436 -65.39 4.16 -5.59
N ASP G 437 -64.21 4.23 -4.96
CA ASP G 437 -63.16 3.27 -5.28
C ASP G 437 -63.58 1.84 -4.90
N ARG G 438 -64.21 1.69 -3.74
CA ARG G 438 -64.69 0.36 -3.34
C ARG G 438 -65.72 -0.16 -4.33
N PHE G 439 -66.63 0.71 -4.79
CA PHE G 439 -67.66 0.28 -5.72
C PHE G 439 -67.04 -0.13 -7.06
N VAL G 440 -66.03 0.61 -7.52
CA VAL G 440 -65.36 0.26 -8.76
C VAL G 440 -64.69 -1.10 -8.64
N ASP G 441 -64.01 -1.35 -7.51
CA ASP G 441 -63.34 -2.64 -7.34
C ASP G 441 -64.35 -3.78 -7.27
N ALA G 442 -65.45 -3.59 -6.54
CA ALA G 442 -66.47 -4.63 -6.43
C ALA G 442 -67.16 -4.86 -7.77
N LEU G 443 -67.23 -3.84 -8.62
CA LEU G 443 -67.77 -4.03 -9.96
C LEU G 443 -66.82 -4.85 -10.82
N ASN G 444 -65.54 -4.58 -10.86
CA ASN G 444 -64.69 -5.32 -11.77
C ASN G 444 -64.55 -6.78 -11.49
N ALA G 445 -64.84 -7.19 -10.26
CA ALA G 445 -64.69 -8.59 -9.88
C ALA G 445 -65.94 -9.40 -10.23
N THR G 446 -67.11 -8.77 -10.11
CA THR G 446 -68.34 -9.46 -10.45
C THR G 446 -68.37 -9.80 -11.93
N ARG G 447 -67.88 -8.90 -12.77
CA ARG G 447 -67.83 -9.17 -14.21
C ARG G 447 -67.00 -10.39 -14.52
N ALA G 448 -65.80 -10.48 -13.95
CA ALA G 448 -64.93 -11.64 -14.18
C ALA G 448 -65.58 -12.93 -13.71
N ALA G 449 -66.29 -12.89 -12.59
CA ALA G 449 -66.96 -14.07 -12.07
C ALA G 449 -68.16 -14.45 -12.93
N VAL G 450 -68.81 -13.45 -13.52
CA VAL G 450 -69.96 -13.71 -14.38
C VAL G 450 -69.49 -14.30 -15.72
N GLU G 451 -68.25 -14.01 -16.09
CA GLU G 451 -67.70 -14.50 -17.35
C GLU G 451 -67.36 -15.98 -17.32
N GLU G 452 -66.62 -16.42 -16.30
CA GLU G 452 -66.16 -17.80 -16.27
C GLU G 452 -66.54 -18.59 -15.02
N GLY G 453 -66.75 -17.93 -13.88
CA GLY G 453 -67.15 -18.63 -12.68
C GLY G 453 -66.22 -18.31 -11.54
N THR G 454 -66.37 -19.06 -10.45
CA THR G 454 -65.57 -18.87 -9.24
C THR G 454 -65.05 -20.21 -8.74
N VAL G 455 -63.84 -20.13 -8.20
CA VAL G 455 -63.20 -21.30 -7.66
C VAL G 455 -62.74 -20.96 -6.19
N PRO G 456 -62.62 -21.94 -5.22
CA PRO G 456 -62.22 -21.62 -3.85
C PRO G 456 -60.92 -20.83 -3.81
N GLY G 457 -60.88 -19.86 -2.91
CA GLY G 457 -59.75 -18.95 -2.80
C GLY G 457 -58.68 -19.47 -1.87
N GLY G 458 -57.82 -18.55 -1.45
CA GLY G 458 -56.73 -18.92 -0.56
C GLY G 458 -55.60 -19.66 -1.23
N GLY G 459 -55.61 -19.76 -2.56
CA GLY G 459 -54.61 -20.52 -3.26
C GLY G 459 -54.86 -22.01 -3.30
N VAL G 460 -56.03 -22.48 -2.84
CA VAL G 460 -56.31 -23.91 -2.79
C VAL G 460 -56.82 -24.48 -4.09
N ALA G 461 -57.25 -23.63 -5.04
CA ALA G 461 -57.69 -24.15 -6.33
C ALA G 461 -56.53 -24.78 -7.08
N LEU G 462 -55.41 -24.07 -7.19
CA LEU G 462 -54.24 -24.62 -7.85
C LEU G 462 -53.67 -25.81 -7.07
N LEU G 463 -53.68 -25.72 -5.75
CA LEU G 463 -53.18 -26.80 -4.91
C LEU G 463 -53.98 -28.08 -5.13
N LYS G 464 -55.30 -27.97 -5.21
CA LYS G 464 -56.12 -29.14 -5.49
C LYS G 464 -55.96 -29.60 -6.93
N SER G 465 -55.75 -28.68 -7.87
CA SER G 465 -55.53 -29.06 -9.25
C SER G 465 -54.22 -29.80 -9.45
N THR G 466 -53.26 -29.63 -8.54
CA THR G 466 -52.00 -30.37 -8.65
C THR G 466 -52.18 -31.88 -8.57
N LYS G 467 -53.33 -32.37 -8.07
CA LYS G 467 -53.56 -33.80 -7.91
C LYS G 467 -53.96 -34.49 -9.21
N CYS G 468 -54.20 -33.74 -10.28
CA CYS G 468 -54.56 -34.32 -11.56
C CYS G 468 -53.35 -34.48 -12.49
N LEU G 469 -52.18 -33.99 -12.09
CA LEU G 469 -51.00 -34.07 -12.95
C LEU G 469 -50.35 -35.46 -12.92
N ASP G 470 -50.78 -36.32 -12.00
CA ASP G 470 -50.19 -37.66 -11.90
C ASP G 470 -50.87 -38.63 -12.84
N LYS G 471 -51.63 -38.11 -13.81
CA LYS G 471 -52.27 -38.93 -14.81
C LYS G 471 -51.79 -38.65 -16.22
N LEU G 472 -50.78 -37.80 -16.38
CA LEU G 472 -50.26 -37.44 -17.70
C LEU G 472 -49.25 -38.48 -18.15
N THR G 473 -49.18 -38.67 -19.47
CA THR G 473 -48.27 -39.66 -20.06
C THR G 473 -47.31 -38.95 -21.02
N PRO G 474 -46.19 -38.45 -20.54
CA PRO G 474 -45.22 -37.81 -21.45
C PRO G 474 -44.48 -38.86 -22.29
N GLY G 475 -44.00 -38.39 -23.44
CA GLY G 475 -43.21 -39.21 -24.33
C GLY G 475 -41.73 -39.25 -24.03
N ASN G 476 -41.31 -38.33 -23.17
CA ASN G 476 -39.90 -38.20 -22.93
C ASN G 476 -39.65 -38.06 -21.48
N PHE G 477 -38.39 -38.19 -21.12
CA PHE G 477 -38.02 -38.06 -19.76
C PHE G 477 -38.12 -36.63 -19.30
N ASP G 478 -37.60 -35.72 -20.11
CA ASP G 478 -37.59 -34.33 -19.72
C ASP G 478 -38.97 -33.70 -19.67
N GLN G 479 -39.93 -34.24 -20.41
CA GLN G 479 -41.30 -33.74 -20.30
C GLN G 479 -41.90 -34.07 -18.95
N GLN G 480 -41.59 -35.26 -18.41
CA GLN G 480 -42.01 -35.59 -17.06
C GLN G 480 -41.38 -34.67 -16.04
N LEU G 481 -40.11 -34.30 -16.25
CA LEU G 481 -39.46 -33.34 -15.36
C LEU G 481 -40.17 -31.99 -15.42
N GLY G 482 -40.59 -31.57 -16.61
CA GLY G 482 -41.35 -30.32 -16.72
C GLY G 482 -42.69 -30.39 -16.02
N ILE G 483 -43.38 -31.53 -16.15
CA ILE G 483 -44.65 -31.72 -15.45
C ILE G 483 -44.43 -31.65 -13.93
N ASN G 484 -43.35 -32.27 -13.45
CA ASN G 484 -43.02 -32.18 -12.03
C ASN G 484 -42.68 -30.75 -11.62
N ILE G 485 -42.04 -29.99 -12.51
CA ILE G 485 -41.76 -28.58 -12.23
C ILE G 485 -43.05 -27.83 -12.00
N ILE G 486 -44.03 -28.01 -12.89
CA ILE G 486 -45.30 -27.32 -12.74
C ILE G 486 -46.02 -27.77 -11.48
N LYS G 487 -45.97 -29.08 -11.20
CA LYS G 487 -46.64 -29.62 -10.02
C LYS G 487 -46.05 -29.04 -8.73
N SER G 488 -44.73 -28.92 -8.66
CA SER G 488 -44.10 -28.32 -7.48
C SER G 488 -44.39 -26.82 -7.41
N ALA G 489 -44.40 -26.14 -8.55
CA ALA G 489 -44.56 -24.68 -8.53
C ALA G 489 -45.98 -24.28 -8.16
N LEU G 490 -46.98 -25.09 -8.49
CA LEU G 490 -48.36 -24.71 -8.24
C LEU G 490 -48.77 -24.82 -6.77
N GLN G 491 -47.84 -25.04 -5.86
CA GLN G 491 -48.13 -25.07 -4.44
C GLN G 491 -47.64 -23.83 -3.70
N LYS G 492 -46.88 -22.97 -4.36
CA LYS G 492 -46.31 -21.80 -3.69
C LYS G 492 -47.34 -20.80 -3.17
N PRO G 493 -48.41 -20.43 -3.90
CA PRO G 493 -49.32 -19.41 -3.37
C PRO G 493 -49.92 -19.76 -2.01
N ALA G 494 -50.33 -21.01 -1.80
CA ALA G 494 -50.89 -21.39 -0.52
C ALA G 494 -49.82 -21.36 0.59
N LYS G 495 -48.61 -21.81 0.26
CA LYS G 495 -47.52 -21.75 1.22
C LYS G 495 -47.22 -20.32 1.64
N ILE G 496 -47.21 -19.39 0.68
CA ILE G 496 -46.92 -18.00 0.99
C ILE G 496 -48.05 -17.36 1.78
N ILE G 497 -49.31 -17.70 1.44
CA ILE G 497 -50.43 -17.18 2.20
C ILE G 497 -50.37 -17.65 3.64
N ALA G 498 -50.03 -18.92 3.86
CA ALA G 498 -49.90 -19.42 5.22
C ALA G 498 -48.71 -18.78 5.94
N ASP G 499 -47.60 -18.55 5.21
CA ASP G 499 -46.43 -17.92 5.82
C ASP G 499 -46.74 -16.51 6.27
N ASN G 500 -47.49 -15.75 5.47
CA ASN G 500 -47.85 -14.38 5.85
C ASN G 500 -48.70 -14.36 7.11
N ALA G 501 -49.48 -15.42 7.35
CA ALA G 501 -50.27 -15.51 8.56
C ALA G 501 -49.42 -15.81 9.80
N GLY G 502 -48.14 -16.14 9.62
CA GLY G 502 -47.27 -16.45 10.72
C GLY G 502 -47.02 -17.93 10.94
N GLU G 503 -47.66 -18.80 10.17
CA GLU G 503 -47.51 -20.24 10.32
C GLU G 503 -46.40 -20.74 9.41
N GLU G 504 -46.27 -22.06 9.29
CA GLU G 504 -45.34 -22.69 8.37
C GLU G 504 -46.13 -23.21 7.18
N GLY G 505 -45.88 -22.62 6.00
CA GLY G 505 -46.70 -22.94 4.84
C GLY G 505 -46.60 -24.38 4.41
N ALA G 506 -45.42 -24.97 4.54
CA ALA G 506 -45.23 -26.36 4.10
C ALA G 506 -46.10 -27.31 4.91
N VAL G 507 -46.17 -27.11 6.23
CA VAL G 507 -46.96 -28.00 7.08
C VAL G 507 -48.45 -27.84 6.79
N ILE G 508 -48.91 -26.60 6.61
CA ILE G 508 -50.31 -26.37 6.28
C ILE G 508 -50.67 -27.01 4.95
N VAL G 509 -49.81 -26.86 3.95
CA VAL G 509 -50.07 -27.45 2.64
C VAL G 509 -50.09 -28.97 2.74
N GLY G 510 -49.16 -29.54 3.50
CA GLY G 510 -49.16 -30.98 3.69
C GLY G 510 -50.43 -31.47 4.37
N LYS G 511 -50.91 -30.73 5.38
CA LYS G 511 -52.15 -31.11 6.03
C LYS G 511 -53.33 -31.04 5.07
N ILE G 512 -53.37 -30.01 4.22
CA ILE G 512 -54.46 -29.90 3.25
C ILE G 512 -54.37 -31.02 2.21
N LEU G 513 -53.16 -31.36 1.79
CA LEU G 513 -52.95 -32.32 0.71
C LEU G 513 -52.90 -33.77 1.19
N ASP G 514 -53.03 -34.03 2.48
CA ASP G 514 -52.94 -35.39 3.01
C ASP G 514 -54.30 -35.98 3.34
N ASN G 515 -55.07 -35.30 4.19
CA ASN G 515 -56.40 -35.78 4.57
C ASN G 515 -57.46 -34.90 3.92
N HIS G 516 -58.72 -35.30 4.09
CA HIS G 516 -59.86 -34.62 3.46
C HIS G 516 -59.67 -34.55 1.94
N THR G 517 -59.44 -35.73 1.36
CA THR G 517 -59.13 -35.85 -0.06
C THR G 517 -60.36 -35.87 -0.95
N ASP G 518 -61.56 -35.82 -0.36
CA ASP G 518 -62.81 -35.81 -1.12
C ASP G 518 -63.54 -34.48 -0.95
N ASP G 519 -62.77 -33.41 -0.79
CA ASP G 519 -63.34 -32.07 -0.62
C ASP G 519 -62.49 -31.08 -1.40
N PHE G 520 -63.00 -30.66 -2.57
CA PHE G 520 -62.30 -29.66 -3.38
C PHE G 520 -62.34 -28.28 -2.74
N ASN G 521 -63.24 -28.05 -1.80
CA ASN G 521 -63.45 -26.71 -1.25
C ASN G 521 -62.83 -26.59 0.15
N TYR G 522 -62.01 -27.57 0.54
CA TYR G 522 -61.46 -27.62 1.89
C TYR G 522 -60.08 -27.01 1.89
N GLY G 523 -59.82 -26.12 2.85
CA GLY G 523 -58.54 -25.45 2.89
C GLY G 523 -58.37 -24.68 4.19
N TYR G 524 -57.38 -23.79 4.17
CA TYR G 524 -56.97 -23.02 5.34
C TYR G 524 -57.53 -21.61 5.25
N ASP G 525 -58.34 -21.23 6.25
CA ASP G 525 -58.79 -19.86 6.42
C ASP G 525 -57.72 -19.14 7.24
N ALA G 526 -56.90 -18.35 6.57
CA ALA G 526 -55.80 -17.66 7.25
C ALA G 526 -56.31 -16.51 8.12
N ALA G 527 -57.43 -15.90 7.74
CA ALA G 527 -57.96 -14.79 8.53
C ALA G 527 -58.36 -15.26 9.93
N LYS G 528 -59.01 -16.41 10.03
CA LYS G 528 -59.39 -16.98 11.31
C LYS G 528 -58.45 -18.09 11.78
N SER G 529 -57.41 -18.39 10.99
CA SER G 529 -56.44 -19.42 11.33
C SER G 529 -57.12 -20.76 11.60
N GLU G 530 -58.06 -21.12 10.72
CA GLU G 530 -58.88 -22.32 10.90
C GLU G 530 -58.78 -23.17 9.64
N TYR G 531 -59.38 -24.36 9.70
CA TYR G 531 -59.50 -25.24 8.56
C TYR G 531 -60.97 -25.46 8.25
N GLY G 532 -61.31 -25.55 6.98
CA GLY G 532 -62.68 -25.86 6.62
C GLY G 532 -62.99 -25.51 5.19
N ASP G 533 -64.28 -25.52 4.87
CA ASP G 533 -64.76 -25.22 3.53
C ASP G 533 -64.63 -23.73 3.27
N LEU G 534 -63.79 -23.37 2.29
CA LEU G 534 -63.54 -21.96 2.03
C LEU G 534 -64.68 -21.29 1.28
N VAL G 535 -65.42 -22.04 0.44
CA VAL G 535 -66.54 -21.45 -0.27
C VAL G 535 -67.66 -21.09 0.70
N SER G 536 -67.88 -21.91 1.73
CA SER G 536 -68.89 -21.58 2.73
C SER G 536 -68.55 -20.30 3.47
N ARG G 537 -67.26 -20.00 3.64
CA ARG G 537 -66.81 -18.79 4.31
C ARG G 537 -66.68 -17.61 3.37
N GLY G 538 -66.99 -17.78 2.09
CA GLY G 538 -66.91 -16.68 1.15
C GLY G 538 -65.53 -16.38 0.61
N ILE G 539 -64.59 -17.31 0.73
CA ILE G 539 -63.24 -17.12 0.22
C ILE G 539 -63.20 -17.79 -1.16
N VAL G 540 -63.56 -17.02 -2.19
CA VAL G 540 -63.55 -17.49 -3.57
C VAL G 540 -62.89 -16.44 -4.43
N ASP G 541 -62.37 -16.89 -5.58
CA ASP G 541 -61.78 -15.99 -6.57
C ASP G 541 -62.23 -16.43 -7.95
N PRO G 542 -62.31 -15.48 -8.90
CA PRO G 542 -62.77 -15.84 -10.25
C PRO G 542 -61.81 -16.80 -10.94
N LEU G 543 -62.38 -17.68 -11.77
CA LEU G 543 -61.55 -18.57 -12.58
C LEU G 543 -60.72 -17.80 -13.60
N LYS G 544 -61.24 -16.67 -14.09
CA LYS G 544 -60.55 -15.91 -15.12
C LYS G 544 -59.18 -15.43 -14.63
N VAL G 545 -59.12 -14.87 -13.42
CA VAL G 545 -57.87 -14.30 -12.95
C VAL G 545 -56.83 -15.38 -12.70
N VAL G 546 -57.24 -16.50 -12.11
CA VAL G 546 -56.28 -17.57 -11.82
C VAL G 546 -55.80 -18.22 -13.12
N ARG G 547 -56.70 -18.39 -14.10
CA ARG G 547 -56.31 -18.97 -15.37
C ARG G 547 -55.34 -18.05 -16.11
N THR G 548 -55.64 -16.74 -16.14
CA THR G 548 -54.76 -15.80 -16.81
C THR G 548 -53.40 -15.74 -16.13
N ALA G 549 -53.38 -15.70 -14.80
CA ALA G 549 -52.12 -15.67 -14.08
C ALA G 549 -51.29 -16.92 -14.37
N LEU G 550 -51.93 -18.10 -14.33
CA LEU G 550 -51.20 -19.34 -14.59
C LEU G 550 -50.63 -19.34 -16.01
N VAL G 551 -51.44 -18.98 -17.00
CA VAL G 551 -50.99 -19.05 -18.39
C VAL G 551 -49.85 -18.08 -18.63
N ASP G 552 -50.00 -16.83 -18.16
CA ASP G 552 -48.97 -15.83 -18.40
C ASP G 552 -47.68 -16.16 -17.66
N ALA G 553 -47.78 -16.61 -16.41
CA ALA G 553 -46.57 -16.99 -15.67
C ALA G 553 -45.86 -18.14 -16.33
N SER G 554 -46.61 -19.16 -16.78
CA SER G 554 -45.99 -20.30 -17.45
C SER G 554 -45.29 -19.86 -18.72
N GLY G 555 -45.95 -19.01 -19.52
CA GLY G 555 -45.35 -18.58 -20.78
C GLY G 555 -44.09 -17.78 -20.57
N VAL G 556 -44.13 -16.81 -19.66
CA VAL G 556 -42.96 -15.97 -19.43
C VAL G 556 -41.82 -16.76 -18.80
N ALA G 557 -42.14 -17.72 -17.93
CA ALA G 557 -41.10 -18.54 -17.33
C ALA G 557 -40.45 -19.44 -18.37
N SER G 558 -41.24 -20.02 -19.28
CA SER G 558 -40.66 -20.82 -20.35
C SER G 558 -39.79 -19.97 -21.26
N LEU G 559 -40.24 -18.76 -21.58
CA LEU G 559 -39.45 -17.86 -22.41
C LEU G 559 -38.13 -17.49 -21.74
N LEU G 560 -38.16 -17.24 -20.43
CA LEU G 560 -36.93 -16.93 -19.71
C LEU G 560 -35.99 -18.13 -19.65
N THR G 561 -36.54 -19.33 -19.48
CA THR G 561 -35.72 -20.52 -19.45
C THR G 561 -35.06 -20.77 -20.81
N THR G 562 -35.78 -20.52 -21.90
CA THR G 562 -35.25 -20.76 -23.23
C THR G 562 -34.16 -19.76 -23.62
N THR G 563 -34.13 -18.59 -22.98
CA THR G 563 -33.19 -17.54 -23.38
C THR G 563 -31.75 -18.00 -23.26
N GLU G 564 -30.96 -17.73 -24.30
CA GLU G 564 -29.57 -18.16 -24.37
C GLU G 564 -28.55 -17.03 -24.41
N CYS G 565 -28.98 -15.81 -24.75
CA CYS G 565 -28.07 -14.67 -24.79
C CYS G 565 -28.84 -13.41 -24.39
N THR G 566 -28.17 -12.54 -23.63
CA THR G 566 -28.77 -11.27 -23.21
C THR G 566 -27.79 -10.14 -23.46
N ILE G 567 -28.29 -9.06 -24.06
CA ILE G 567 -27.48 -7.91 -24.45
C ILE G 567 -28.00 -6.67 -23.75
N THR G 568 -27.12 -5.96 -23.06
CA THR G 568 -27.46 -4.69 -22.43
C THR G 568 -26.47 -3.61 -22.86
N GLU G 569 -26.58 -2.43 -22.27
CA GLU G 569 -25.69 -1.32 -22.59
C GLU G 569 -24.63 -1.17 -21.52
N ALA G 570 -23.40 -0.88 -21.95
CA ALA G 570 -22.31 -0.69 -21.01
C ALA G 570 -22.50 0.62 -20.25
N PRO G 571 -22.44 0.60 -18.90
CA PRO G 571 -22.63 1.80 -18.07
C PRO G 571 -21.58 2.87 -18.35
N THR H 44 4.09 -37.59 0.47
CA THR H 44 4.54 -36.62 -0.51
C THR H 44 3.36 -36.01 -1.28
N HIS H 45 3.54 -34.78 -1.73
CA HIS H 45 2.51 -34.05 -2.47
C HIS H 45 3.01 -33.75 -3.87
N LYS H 46 2.13 -33.92 -4.85
CA LYS H 46 2.50 -33.84 -6.25
C LYS H 46 1.76 -32.70 -6.94
N GLU H 47 2.33 -32.28 -8.07
CA GLU H 47 1.73 -31.30 -8.96
C GLU H 47 1.56 -31.92 -10.33
N LEU H 48 0.41 -31.69 -10.95
CA LEU H 48 0.05 -32.34 -12.21
C LEU H 48 -0.24 -31.29 -13.28
N LYS H 49 0.27 -31.54 -14.48
CA LYS H 49 -0.04 -30.72 -15.64
C LYS H 49 -0.55 -31.61 -16.76
N PHE H 50 -1.58 -31.13 -17.46
CA PHE H 50 -2.27 -31.89 -18.49
C PHE H 50 -2.23 -31.16 -19.82
N GLY H 51 -2.04 -31.91 -20.89
CA GLY H 51 -2.21 -31.39 -22.23
C GLY H 51 -1.23 -30.34 -22.68
N VAL H 52 -1.76 -29.18 -23.07
CA VAL H 52 -0.94 -28.17 -23.75
C VAL H 52 0.06 -27.53 -22.81
N GLU H 53 -0.33 -27.28 -21.56
CA GLU H 53 0.58 -26.58 -20.64
C GLU H 53 1.78 -27.43 -20.26
N GLY H 54 1.57 -28.72 -20.00
CA GLY H 54 2.68 -29.60 -19.70
C GLY H 54 3.65 -29.72 -20.86
N ARG H 55 3.11 -29.87 -22.08
CA ARG H 55 3.97 -29.93 -23.26
C ARG H 55 4.69 -28.62 -23.48
N ALA H 56 4.06 -27.49 -23.15
CA ALA H 56 4.74 -26.20 -23.25
C ALA H 56 5.91 -26.10 -22.30
N SER H 57 5.74 -26.57 -21.06
CA SER H 57 6.84 -26.55 -20.10
C SER H 57 7.98 -27.48 -20.55
N LEU H 58 7.62 -28.68 -21.03
CA LEU H 58 8.64 -29.59 -21.56
C LEU H 58 9.38 -28.97 -22.73
N LEU H 59 8.65 -28.29 -23.62
CA LEU H 59 9.27 -27.63 -24.76
C LEU H 59 10.19 -26.51 -24.31
N LYS H 60 9.82 -25.77 -23.27
CA LYS H 60 10.70 -24.74 -22.73
C LYS H 60 12.01 -25.36 -22.25
N GLY H 61 11.93 -26.46 -21.51
CA GLY H 61 13.14 -27.11 -21.03
C GLY H 61 14.02 -27.61 -22.16
N VAL H 62 13.42 -28.29 -23.14
CA VAL H 62 14.17 -28.81 -24.27
C VAL H 62 14.76 -27.65 -25.09
N ASP H 63 14.03 -26.54 -25.19
CA ASP H 63 14.51 -25.38 -25.91
C ASP H 63 15.76 -24.81 -25.24
N ILE H 64 15.73 -24.67 -23.91
CA ILE H 64 16.90 -24.16 -23.20
C ILE H 64 18.09 -25.07 -23.41
N LEU H 65 17.88 -26.39 -23.25
CA LEU H 65 18.98 -27.34 -23.39
C LEU H 65 19.57 -27.29 -24.79
N ALA H 66 18.72 -27.31 -25.82
CA ALA H 66 19.20 -27.33 -27.19
C ALA H 66 19.89 -26.01 -27.55
N LYS H 67 19.35 -24.89 -27.07
CA LYS H 67 19.99 -23.60 -27.33
C LYS H 67 21.37 -23.54 -26.71
N ALA H 68 21.52 -24.07 -25.49
CA ALA H 68 22.83 -24.09 -24.86
C ALA H 68 23.80 -25.00 -25.61
N VAL H 69 23.33 -26.16 -26.08
CA VAL H 69 24.25 -27.13 -26.67
C VAL H 69 24.59 -26.80 -28.13
N ALA H 70 23.69 -26.13 -28.86
CA ALA H 70 23.87 -25.97 -30.30
C ALA H 70 25.00 -25.02 -30.67
N VAL H 71 25.41 -24.12 -29.77
CA VAL H 71 26.45 -23.15 -30.09
C VAL H 71 27.82 -23.78 -30.25
N THR H 72 27.98 -25.05 -29.87
CA THR H 72 29.27 -25.72 -29.92
C THR H 72 29.39 -26.69 -31.09
N LEU H 73 28.48 -26.62 -32.05
CA LEU H 73 28.45 -27.57 -33.16
C LEU H 73 29.17 -26.98 -34.37
N GLY H 74 30.08 -27.76 -34.96
CA GLY H 74 30.80 -27.36 -36.14
C GLY H 74 32.22 -26.95 -35.84
N PRO H 75 33.03 -26.80 -36.90
CA PRO H 75 34.41 -26.32 -36.69
C PRO H 75 34.48 -24.93 -36.08
N LYS H 76 33.50 -24.07 -36.35
CA LYS H 76 33.46 -22.71 -35.82
C LYS H 76 32.52 -22.58 -34.63
N GLY H 77 32.39 -23.64 -33.82
CA GLY H 77 31.53 -23.56 -32.66
C GLY H 77 32.01 -22.54 -31.65
N ARG H 78 31.06 -21.91 -30.97
CA ARG H 78 31.39 -20.87 -30.01
C ARG H 78 31.77 -21.49 -28.66
N ASN H 79 32.16 -20.62 -27.73
CA ASN H 79 32.62 -21.04 -26.41
C ASN H 79 31.49 -20.97 -25.39
N VAL H 80 31.57 -21.83 -24.39
CA VAL H 80 30.65 -21.83 -23.26
C VAL H 80 31.45 -21.68 -21.98
N LEU H 81 31.03 -20.74 -21.14
CA LEU H 81 31.65 -20.51 -19.84
C LEU H 81 30.81 -21.19 -18.77
N ILE H 82 31.41 -22.14 -18.06
CA ILE H 82 30.76 -22.86 -16.97
C ILE H 82 31.46 -22.49 -15.67
N GLU H 83 30.69 -22.02 -14.70
CA GLU H 83 31.23 -21.54 -13.43
C GLU H 83 31.23 -22.67 -12.40
N GLN H 84 32.40 -22.89 -11.76
CA GLN H 84 32.60 -23.83 -10.68
C GLN H 84 32.37 -23.16 -9.33
N PRO H 85 31.94 -23.93 -8.32
CA PRO H 85 31.71 -23.31 -7.00
C PRO H 85 32.95 -22.65 -6.43
N TYR H 86 34.11 -23.26 -6.68
CA TYR H 86 35.38 -22.70 -6.24
C TYR H 86 36.41 -23.02 -7.32
N GLY H 87 37.07 -22.01 -7.86
CA GLY H 87 38.06 -22.21 -8.91
C GLY H 87 37.77 -21.36 -10.13
N SER H 88 38.73 -21.39 -11.05
CA SER H 88 38.63 -20.61 -12.26
C SER H 88 37.51 -21.15 -13.16
N PRO H 89 36.83 -20.28 -13.91
CA PRO H 89 35.77 -20.75 -14.79
C PRO H 89 36.30 -21.64 -15.90
N LYS H 90 35.46 -22.56 -16.35
CA LYS H 90 35.82 -23.52 -17.38
C LYS H 90 35.31 -23.05 -18.74
N ILE H 91 36.19 -23.07 -19.73
CA ILE H 91 35.86 -22.69 -21.10
C ILE H 91 35.78 -23.96 -21.93
N THR H 92 34.61 -24.23 -22.50
CA THR H 92 34.39 -25.49 -23.19
C THR H 92 33.75 -25.27 -24.56
N LYS H 93 34.19 -26.07 -25.53
CA LYS H 93 33.57 -26.16 -26.85
C LYS H 93 32.94 -27.53 -27.08
N ASP H 94 32.75 -28.30 -26.02
CA ASP H 94 32.33 -29.69 -26.11
C ASP H 94 30.85 -29.80 -25.76
N GLY H 95 30.07 -30.41 -26.65
CA GLY H 95 28.63 -30.45 -26.48
C GLY H 95 28.18 -31.28 -25.29
N VAL H 96 28.80 -32.45 -25.10
CA VAL H 96 28.38 -33.33 -24.02
C VAL H 96 28.73 -32.72 -22.66
N THR H 97 29.87 -32.04 -22.56
CA THR H 97 30.23 -31.36 -21.32
C THR H 97 29.22 -30.27 -20.97
N VAL H 98 28.79 -29.49 -21.98
CA VAL H 98 27.78 -28.46 -21.75
C VAL H 98 26.45 -29.09 -21.35
N ALA H 99 26.08 -30.20 -22.02
CA ALA H 99 24.80 -30.83 -21.74
C ALA H 99 24.75 -31.43 -20.33
N LYS H 100 25.86 -32.00 -19.86
CA LYS H 100 25.88 -32.65 -18.56
C LYS H 100 25.84 -31.67 -17.39
N SER H 101 25.97 -30.37 -17.65
CA SER H 101 26.05 -29.38 -16.59
C SER H 101 24.84 -28.44 -16.58
N ILE H 102 23.69 -28.88 -17.09
CA ILE H 102 22.50 -28.05 -17.18
C ILE H 102 21.43 -28.65 -16.28
N SER H 103 20.94 -27.85 -15.33
CA SER H 103 19.82 -28.22 -14.48
C SER H 103 18.93 -27.00 -14.31
N LEU H 104 17.62 -27.21 -14.43
CA LEU H 104 16.65 -26.13 -14.39
C LEU H 104 15.89 -26.15 -13.07
N LYS H 105 15.52 -24.97 -12.65
CA LYS H 105 14.80 -24.76 -11.42
C LYS H 105 13.40 -25.19 -11.47
N ASP H 106 12.73 -24.91 -12.54
CA ASP H 106 11.36 -25.35 -12.79
C ASP H 106 11.33 -26.86 -13.00
N LYS H 107 10.33 -27.53 -12.42
CA LYS H 107 10.33 -28.98 -12.37
C LYS H 107 9.99 -29.63 -13.71
N PHE H 108 9.01 -29.08 -14.44
CA PHE H 108 8.58 -29.71 -15.69
C PHE H 108 9.60 -29.46 -16.81
N GLU H 109 10.14 -28.25 -16.87
CA GLU H 109 11.21 -27.97 -17.83
C GLU H 109 12.43 -28.83 -17.53
N ASN H 110 12.77 -28.99 -16.25
CA ASN H 110 13.86 -29.87 -15.88
C ASN H 110 13.55 -31.31 -16.25
N LEU H 111 12.28 -31.72 -16.17
CA LEU H 111 11.91 -33.08 -16.56
C LEU H 111 12.16 -33.32 -18.04
N GLY H 112 11.71 -32.38 -18.88
CA GLY H 112 11.98 -32.50 -20.32
C GLY H 112 13.46 -32.49 -20.64
N ALA H 113 14.19 -31.56 -20.01
CA ALA H 113 15.64 -31.49 -20.23
C ALA H 113 16.34 -32.77 -19.79
N ARG H 114 15.88 -33.34 -18.68
CA ARG H 114 16.48 -34.58 -18.18
C ARG H 114 16.23 -35.72 -19.15
N LEU H 115 15.01 -35.83 -19.66
CA LEU H 115 14.71 -36.89 -20.62
C LEU H 115 15.61 -36.77 -21.84
N VAL H 116 15.72 -35.57 -22.40
CA VAL H 116 16.56 -35.40 -23.58
C VAL H 116 18.03 -35.63 -23.24
N GLN H 117 18.46 -35.22 -22.05
CA GLN H 117 19.83 -35.45 -21.62
C GLN H 117 20.13 -36.94 -21.50
N ASP H 118 19.20 -37.71 -20.94
CA ASP H 118 19.40 -39.15 -20.84
C ASP H 118 19.51 -39.79 -22.21
N VAL H 119 18.64 -39.40 -23.14
CA VAL H 119 18.70 -40.00 -24.48
C VAL H 119 20.00 -39.62 -25.19
N ALA H 120 20.42 -38.36 -25.07
CA ALA H 120 21.66 -37.92 -25.70
C ALA H 120 22.87 -38.62 -25.10
N ASN H 121 22.90 -38.78 -23.77
CA ASN H 121 23.99 -39.50 -23.14
C ASN H 121 24.02 -40.96 -23.58
N LYS H 122 22.84 -41.59 -23.71
CA LYS H 122 22.80 -42.97 -24.14
C LYS H 122 23.31 -43.12 -25.57
N THR H 123 22.91 -42.23 -26.48
CA THR H 123 23.38 -42.36 -27.86
C THR H 123 24.88 -42.05 -27.96
N ASN H 124 25.36 -41.09 -27.16
CA ASN H 124 26.79 -40.81 -27.14
C ASN H 124 27.58 -42.00 -26.64
N GLU H 125 27.08 -42.67 -25.59
CA GLU H 125 27.77 -43.85 -25.07
C GLU H 125 27.74 -44.99 -26.08
N VAL H 126 26.61 -45.19 -26.75
CA VAL H 126 26.47 -46.31 -27.68
C VAL H 126 27.35 -46.11 -28.91
N ALA H 127 27.30 -44.92 -29.51
CA ALA H 127 27.96 -44.68 -30.79
C ALA H 127 29.32 -44.01 -30.67
N GLY H 128 29.58 -43.27 -29.60
CA GLY H 128 30.82 -42.56 -29.46
C GLY H 128 30.64 -41.06 -29.47
N ASP H 129 29.72 -40.58 -30.30
CA ASP H 129 29.41 -39.16 -30.38
C ASP H 129 28.00 -39.00 -30.93
N GLY H 130 27.58 -37.74 -31.10
CA GLY H 130 26.27 -37.43 -31.60
C GLY H 130 25.30 -36.80 -30.60
N THR H 131 25.80 -36.25 -29.49
CA THR H 131 24.91 -35.64 -28.51
C THR H 131 24.28 -34.36 -29.03
N THR H 132 25.09 -33.48 -29.63
CA THR H 132 24.57 -32.20 -30.10
C THR H 132 23.57 -32.39 -31.24
N THR H 133 23.89 -33.26 -32.19
CA THR H 133 22.96 -33.50 -33.31
C THR H 133 21.66 -34.10 -32.81
N ALA H 134 21.74 -35.08 -31.89
CA ALA H 134 20.53 -35.69 -31.35
C ALA H 134 19.68 -34.66 -30.61
N THR H 135 20.32 -33.80 -29.82
CA THR H 135 19.57 -32.77 -29.09
C THR H 135 18.90 -31.81 -30.05
N ILE H 136 19.61 -31.37 -31.09
CA ILE H 136 19.05 -30.43 -32.05
C ILE H 136 17.86 -31.05 -32.78
N LEU H 137 18.02 -32.29 -33.23
CA LEU H 137 16.93 -32.96 -33.94
C LEU H 137 15.73 -33.18 -33.02
N THR H 138 15.99 -33.53 -31.76
CA THR H 138 14.89 -33.68 -30.80
C THR H 138 14.13 -32.38 -30.64
N ARG H 139 14.86 -31.27 -30.46
CA ARG H 139 14.20 -29.98 -30.29
C ARG H 139 13.35 -29.64 -31.52
N ALA H 140 13.92 -29.83 -32.71
CA ALA H 140 13.20 -29.47 -33.93
C ALA H 140 11.93 -30.30 -34.09
N ILE H 141 12.06 -31.62 -33.97
CA ILE H 141 10.90 -32.49 -34.16
C ILE H 141 9.84 -32.23 -33.10
N PHE H 142 10.26 -32.05 -31.84
CA PHE H 142 9.30 -31.82 -30.77
C PHE H 142 8.56 -30.50 -30.98
N ALA H 143 9.27 -29.43 -31.33
CA ALA H 143 8.62 -28.15 -31.55
C ALA H 143 7.64 -28.21 -32.71
N GLU H 144 8.05 -28.84 -33.82
CA GLU H 144 7.17 -28.92 -34.98
C GLU H 144 5.94 -29.78 -34.69
N GLY H 145 6.13 -30.88 -33.95
CA GLY H 145 5.00 -31.71 -33.58
C GLY H 145 4.03 -31.00 -32.65
N VAL H 146 4.56 -30.21 -31.70
CA VAL H 146 3.70 -29.41 -30.84
C VAL H 146 2.89 -28.43 -31.66
N LYS H 147 3.53 -27.75 -32.63
CA LYS H 147 2.80 -26.83 -33.48
C LYS H 147 1.71 -27.53 -34.28
N ASN H 148 2.02 -28.69 -34.85
CA ASN H 148 1.05 -29.40 -35.67
C ASN H 148 -0.11 -29.92 -34.82
N VAL H 149 0.17 -30.37 -33.60
CA VAL H 149 -0.89 -30.81 -32.70
C VAL H 149 -1.78 -29.63 -32.32
N ALA H 150 -1.18 -28.48 -32.02
CA ALA H 150 -1.98 -27.28 -31.74
C ALA H 150 -2.83 -26.89 -32.94
N ALA H 151 -2.34 -27.14 -34.16
CA ALA H 151 -3.11 -26.84 -35.35
C ALA H 151 -4.34 -27.73 -35.51
N GLY H 152 -4.46 -28.80 -34.71
CA GLY H 152 -5.63 -29.65 -34.77
C GLY H 152 -5.40 -30.94 -35.52
N CYS H 153 -4.27 -31.61 -35.27
CA CYS H 153 -3.91 -32.83 -35.96
C CYS H 153 -3.84 -33.99 -34.97
N ASN H 154 -3.85 -35.21 -35.53
CA ASN H 154 -3.83 -36.42 -34.72
C ASN H 154 -2.39 -36.81 -34.42
N PRO H 155 -1.97 -36.83 -33.15
CA PRO H 155 -0.57 -37.17 -32.84
C PRO H 155 -0.15 -38.56 -33.26
N MET H 156 -1.06 -39.54 -33.25
CA MET H 156 -0.68 -40.90 -33.62
C MET H 156 -0.30 -40.99 -35.09
N ASP H 157 -1.05 -40.33 -35.97
CA ASP H 157 -0.71 -40.33 -37.38
C ASP H 157 0.58 -39.53 -37.62
N LEU H 158 0.81 -38.48 -36.84
CA LEU H 158 2.10 -37.80 -36.89
C LEU H 158 3.23 -38.76 -36.55
N ARG H 159 3.05 -39.56 -35.51
CA ARG H 159 4.06 -40.53 -35.12
C ARG H 159 4.30 -41.55 -36.23
N ARG H 160 3.22 -42.03 -36.86
CA ARG H 160 3.38 -42.99 -37.95
C ARG H 160 4.13 -42.39 -39.12
N GLY H 161 3.81 -41.15 -39.49
CA GLY H 161 4.52 -40.49 -40.58
C GLY H 161 5.97 -40.25 -40.26
N VAL H 162 6.26 -39.85 -39.02
CA VAL H 162 7.65 -39.64 -38.61
C VAL H 162 8.42 -40.94 -38.67
N GLN H 163 7.82 -42.04 -38.21
CA GLN H 163 8.48 -43.34 -38.29
C GLN H 163 8.77 -43.74 -39.73
N MET H 164 7.78 -43.56 -40.62
CA MET H 164 7.97 -43.92 -42.02
C MET H 164 9.08 -43.09 -42.66
N ALA H 165 9.09 -41.78 -42.39
CA ALA H 165 10.13 -40.92 -42.93
C ALA H 165 11.51 -41.31 -42.41
N VAL H 166 11.61 -41.62 -41.11
CA VAL H 166 12.89 -42.00 -40.53
C VAL H 166 13.39 -43.30 -41.15
N ASP H 167 12.49 -44.27 -41.34
CA ASP H 167 12.88 -45.52 -41.99
C ASP H 167 13.39 -45.28 -43.41
N SER H 168 12.69 -44.42 -44.16
CA SER H 168 13.13 -44.11 -45.52
C SER H 168 14.51 -43.45 -45.52
N ILE H 169 14.74 -42.51 -44.59
CA ILE H 169 16.02 -41.83 -44.51
C ILE H 169 17.14 -42.82 -44.17
N VAL H 170 16.86 -43.71 -43.22
CA VAL H 170 17.88 -44.69 -42.82
C VAL H 170 18.21 -45.61 -43.99
N LYS H 171 17.19 -46.05 -44.73
CA LYS H 171 17.45 -46.90 -45.89
C LYS H 171 18.28 -46.18 -46.94
N PHE H 172 17.96 -44.91 -47.21
CA PHE H 172 18.74 -44.15 -48.19
C PHE H 172 20.18 -43.98 -47.75
N LEU H 173 20.38 -43.65 -46.47
CA LEU H 173 21.74 -43.45 -45.96
C LEU H 173 22.54 -44.74 -46.01
N ARG H 174 21.92 -45.88 -45.65
CA ARG H 174 22.61 -47.16 -45.75
C ARG H 174 22.95 -47.49 -47.20
N GLU H 175 22.06 -47.12 -48.14
CA GLU H 175 22.36 -47.35 -49.54
C GLU H 175 23.55 -46.52 -50.02
N LYS H 176 23.66 -45.28 -49.54
CA LYS H 176 24.69 -44.37 -50.02
C LYS H 176 25.98 -44.40 -49.20
N SER H 177 26.09 -45.31 -48.23
CA SER H 177 27.28 -45.36 -47.39
C SER H 177 28.46 -45.95 -48.16
N ARG H 178 29.67 -45.59 -47.72
CA ARG H 178 30.91 -46.09 -48.29
C ARG H 178 31.59 -47.01 -47.29
N VAL H 179 31.73 -48.28 -47.64
CA VAL H 179 32.32 -49.28 -46.77
C VAL H 179 33.84 -49.29 -46.95
N ILE H 180 34.56 -49.50 -45.85
CA ILE H 180 36.02 -49.54 -45.86
C ILE H 180 36.45 -50.92 -45.37
N THR H 181 37.26 -51.61 -46.17
CA THR H 181 37.70 -52.97 -45.85
C THR H 181 39.20 -53.12 -45.73
N THR H 182 39.96 -52.64 -46.71
CA THR H 182 41.40 -52.90 -46.74
C THR H 182 42.13 -51.97 -45.77
N SER H 183 43.41 -52.30 -45.54
CA SER H 183 44.19 -51.61 -44.52
C SER H 183 44.47 -50.16 -44.88
N GLU H 184 44.62 -49.85 -46.17
CA GLU H 184 44.91 -48.47 -46.56
C GLU H 184 43.74 -47.54 -46.25
N GLU H 185 42.51 -48.00 -46.50
CA GLU H 185 41.35 -47.18 -46.17
C GLU H 185 41.18 -47.03 -44.66
N ILE H 186 41.48 -48.08 -43.90
CA ILE H 186 41.44 -47.97 -42.44
C ILE H 186 42.46 -46.94 -41.96
N ALA H 187 43.67 -46.98 -42.53
CA ALA H 187 44.70 -46.01 -42.16
C ALA H 187 44.27 -44.60 -42.50
N GLN H 188 43.68 -44.41 -43.68
CA GLN H 188 43.22 -43.08 -44.08
C GLN H 188 42.12 -42.58 -43.15
N VAL H 189 41.16 -43.45 -42.81
CA VAL H 189 40.08 -43.06 -41.92
C VAL H 189 40.62 -42.69 -40.54
N ALA H 190 41.55 -43.48 -40.03
CA ALA H 190 42.13 -43.18 -38.72
C ALA H 190 42.95 -41.89 -38.76
N THR H 191 43.64 -41.62 -39.87
CA THR H 191 44.37 -40.36 -39.99
C THR H 191 43.42 -39.17 -40.01
N ILE H 192 42.31 -39.28 -40.74
CA ILE H 192 41.32 -38.21 -40.76
C ILE H 192 40.73 -38.01 -39.37
N SER H 193 40.42 -39.10 -38.67
CA SER H 193 39.86 -39.02 -37.33
C SER H 193 40.85 -38.49 -36.31
N ALA H 194 42.14 -38.45 -36.64
CA ALA H 194 43.17 -37.95 -35.75
C ALA H 194 43.62 -36.54 -36.11
N ASN H 195 42.77 -35.78 -36.81
CA ASN H 195 43.08 -34.41 -37.22
C ASN H 195 44.35 -34.37 -38.08
N GLY H 196 44.42 -35.30 -39.04
CA GLY H 196 45.54 -35.34 -39.96
C GLY H 196 46.82 -35.93 -39.43
N ASP H 197 46.76 -36.64 -38.30
CA ASP H 197 47.96 -37.25 -37.73
C ASP H 197 48.23 -38.58 -38.42
N THR H 198 49.35 -38.65 -39.15
CA THR H 198 49.69 -39.87 -39.88
C THR H 198 50.18 -40.97 -38.95
N HIS H 199 50.91 -40.62 -37.90
CA HIS H 199 51.43 -41.64 -36.98
C HIS H 199 50.30 -42.39 -36.29
N VAL H 200 49.28 -41.67 -35.83
CA VAL H 200 48.16 -42.32 -35.15
C VAL H 200 47.41 -43.23 -36.12
N GLY H 201 47.19 -42.75 -37.34
CA GLY H 201 46.50 -43.58 -38.33
C GLY H 201 47.27 -44.83 -38.68
N LYS H 202 48.60 -44.71 -38.80
CA LYS H 202 49.42 -45.89 -39.08
C LYS H 202 49.40 -46.87 -37.91
N LEU H 203 49.48 -46.35 -36.68
CA LEU H 203 49.47 -47.23 -35.51
C LEU H 203 48.14 -47.96 -35.37
N ILE H 204 47.03 -47.26 -35.59
CA ILE H 204 45.72 -47.88 -35.45
C ILE H 204 45.52 -48.98 -36.50
N ALA H 205 45.73 -48.70 -37.75
CA ALA H 205 45.54 -49.64 -38.80
C ALA H 205 46.30 -50.87 -38.65
N ASN H 206 47.23 -50.94 -37.71
CA ASN H 206 48.08 -52.10 -37.53
C ASN H 206 47.59 -52.92 -36.38
N ALA H 207 47.21 -52.27 -35.33
CA ALA H 207 46.63 -53.02 -34.22
C ALA H 207 45.42 -53.81 -34.67
N MET H 208 44.54 -53.18 -35.44
CA MET H 208 43.35 -53.86 -35.95
C MET H 208 43.66 -54.74 -37.16
N GLU H 209 44.86 -54.63 -37.71
CA GLU H 209 45.35 -55.69 -38.60
C GLU H 209 45.72 -56.94 -37.80
N LYS H 210 46.41 -56.75 -36.67
CA LYS H 210 46.85 -57.88 -35.86
C LYS H 210 45.68 -58.61 -35.23
N VAL H 211 44.78 -57.89 -34.56
CA VAL H 211 43.69 -58.53 -33.84
C VAL H 211 42.41 -58.64 -34.67
N GLY H 212 42.36 -58.05 -35.85
CA GLY H 212 41.17 -58.02 -36.64
C GLY H 212 40.32 -56.79 -36.36
N LYS H 213 39.28 -56.62 -37.17
CA LYS H 213 38.38 -55.50 -36.97
C LYS H 213 37.61 -55.63 -35.67
N GLU H 214 37.27 -56.84 -35.27
CA GLU H 214 36.49 -57.10 -34.07
C GLU H 214 37.36 -57.38 -32.84
N GLY H 215 38.67 -57.24 -32.96
CA GLY H 215 39.56 -57.54 -31.86
C GLY H 215 39.49 -56.50 -30.76
N VAL H 216 40.28 -56.72 -29.72
CA VAL H 216 40.37 -55.82 -28.58
C VAL H 216 41.63 -54.99 -28.72
N ILE H 217 41.47 -53.67 -28.77
CA ILE H 217 42.58 -52.72 -28.81
C ILE H 217 42.41 -51.74 -27.65
N THR H 218 43.47 -51.54 -26.89
CA THR H 218 43.43 -50.63 -25.76
C THR H 218 44.67 -49.73 -25.79
N VAL H 219 44.55 -48.58 -25.12
CA VAL H 219 45.57 -47.55 -25.13
C VAL H 219 46.04 -47.31 -23.71
N LYS H 220 47.36 -47.36 -23.49
CA LYS H 220 47.93 -47.16 -22.16
C LYS H 220 49.12 -46.22 -22.28
N GLU H 221 49.55 -45.69 -21.14
CA GLU H 221 50.71 -44.80 -21.08
C GLU H 221 52.00 -45.57 -21.32
N GLY H 222 52.95 -44.91 -21.98
CA GLY H 222 54.22 -45.55 -22.29
C GLY H 222 55.34 -45.11 -21.37
N LYS H 223 56.46 -45.83 -21.47
CA LYS H 223 57.63 -45.55 -20.66
C LYS H 223 58.70 -44.75 -21.37
N THR H 224 58.50 -44.44 -22.66
CA THR H 224 59.56 -43.91 -23.50
C THR H 224 58.98 -42.83 -24.39
N ILE H 225 59.73 -42.47 -25.44
CA ILE H 225 59.26 -41.44 -26.37
C ILE H 225 58.54 -42.04 -27.56
N GLU H 226 59.07 -43.12 -28.14
CA GLU H 226 58.46 -43.73 -29.30
C GLU H 226 57.25 -44.57 -28.91
N ASP H 227 56.36 -44.77 -29.88
CA ASP H 227 55.09 -45.42 -29.65
C ASP H 227 55.20 -46.93 -29.87
N GLU H 228 54.58 -47.69 -28.99
CA GLU H 228 54.74 -49.15 -29.04
C GLU H 228 53.40 -49.82 -29.26
N LEU H 229 53.44 -50.94 -29.98
CA LEU H 229 52.26 -51.77 -30.20
C LEU H 229 52.63 -53.20 -29.86
N GLU H 230 51.99 -53.77 -28.84
CA GLU H 230 52.34 -55.11 -28.39
C GLU H 230 51.09 -55.96 -28.26
N ILE H 231 51.19 -57.22 -28.69
CA ILE H 231 50.11 -58.19 -28.57
C ILE H 231 50.35 -59.00 -27.30
N THR H 232 49.39 -58.97 -26.38
CA THR H 232 49.50 -59.70 -25.13
C THR H 232 48.34 -60.66 -24.99
N GLU H 233 48.33 -61.37 -23.86
CA GLU H 233 47.21 -62.20 -23.49
C GLU H 233 46.28 -61.43 -22.57
N GLY H 234 44.98 -61.52 -22.82
CA GLY H 234 44.00 -60.82 -22.02
C GLY H 234 42.63 -61.07 -22.60
N MET H 235 41.62 -60.48 -21.94
CA MET H 235 40.26 -60.69 -22.41
C MET H 235 39.32 -59.71 -21.74
N ARG H 236 38.15 -59.54 -22.35
CA ARG H 236 37.20 -58.50 -21.98
C ARG H 236 35.84 -59.13 -21.66
N PHE H 237 35.15 -58.56 -20.68
CA PHE H 237 33.75 -58.88 -20.42
C PHE H 237 32.90 -57.62 -20.47
N ASP H 238 31.60 -57.84 -20.66
CA ASP H 238 30.61 -56.76 -20.72
C ASP H 238 30.01 -56.43 -19.36
N ARG H 239 30.73 -56.70 -18.27
CA ARG H 239 30.30 -56.34 -16.94
C ARG H 239 31.29 -55.39 -16.29
N GLY H 240 30.79 -54.25 -15.82
CA GLY H 240 31.60 -53.23 -15.20
C GLY H 240 31.57 -53.29 -13.69
N TYR H 241 32.02 -52.20 -13.07
CA TYR H 241 32.13 -52.16 -11.63
C TYR H 241 30.76 -51.98 -10.98
N ILE H 242 30.63 -52.49 -9.74
CA ILE H 242 29.33 -52.47 -9.07
C ILE H 242 28.93 -51.05 -8.68
N SER H 243 29.84 -50.28 -8.10
CA SER H 243 29.48 -48.98 -7.59
C SER H 243 30.35 -47.89 -8.21
N PRO H 244 29.74 -46.79 -8.67
CA PRO H 244 30.52 -45.66 -9.19
C PRO H 244 31.65 -45.21 -8.27
N TYR H 245 31.52 -45.36 -6.96
CA TYR H 245 32.56 -44.90 -6.04
C TYR H 245 33.90 -45.60 -6.25
N PHE H 246 33.91 -46.77 -6.90
CA PHE H 246 35.15 -47.50 -7.12
C PHE H 246 36.08 -46.80 -8.12
N ILE H 247 35.60 -45.75 -8.79
CA ILE H 247 36.40 -45.06 -9.79
C ILE H 247 37.64 -44.47 -9.13
N THR H 248 38.81 -44.79 -9.67
CA THR H 248 40.07 -44.20 -9.23
C THR H 248 40.57 -43.13 -10.18
N ASP H 249 40.22 -43.22 -11.46
CA ASP H 249 40.54 -42.21 -12.46
C ASP H 249 39.26 -41.46 -12.79
N ALA H 250 39.00 -40.38 -12.06
CA ALA H 250 37.78 -39.61 -12.25
C ALA H 250 37.76 -38.86 -13.58
N LYS H 251 38.90 -38.74 -14.25
CA LYS H 251 38.93 -38.05 -15.54
C LYS H 251 38.08 -38.78 -16.57
N THR H 252 38.18 -40.12 -16.61
CA THR H 252 37.45 -40.93 -17.58
C THR H 252 36.48 -41.88 -16.90
N GLN H 253 36.30 -41.76 -15.59
CA GLN H 253 35.34 -42.57 -14.83
C GLN H 253 35.64 -44.06 -14.96
N LYS H 254 36.90 -44.44 -14.75
CA LYS H 254 37.31 -45.82 -14.84
C LYS H 254 38.26 -46.17 -13.70
N VAL H 255 38.53 -47.47 -13.56
CA VAL H 255 39.38 -48.00 -12.49
C VAL H 255 40.53 -48.75 -13.15
N GLU H 256 41.75 -48.47 -12.73
CA GLU H 256 42.94 -49.13 -13.27
C GLU H 256 43.78 -49.68 -12.14
N PHE H 257 44.14 -50.96 -12.24
CA PHE H 257 45.01 -51.59 -11.25
C PHE H 257 46.15 -52.29 -11.95
N GLU H 258 47.35 -52.17 -11.36
CA GLU H 258 48.56 -52.78 -11.88
C GLU H 258 48.92 -53.98 -11.02
N LYS H 259 48.96 -55.16 -11.62
CA LYS H 259 49.30 -56.40 -10.94
C LYS H 259 48.43 -56.63 -9.70
N PRO H 260 47.13 -56.81 -9.86
CA PRO H 260 46.25 -57.02 -8.71
C PRO H 260 46.01 -58.51 -8.41
N LEU H 261 45.36 -58.74 -7.26
CA LEU H 261 44.93 -60.07 -6.88
C LEU H 261 43.45 -60.25 -7.22
N ILE H 262 43.15 -61.38 -7.87
CA ILE H 262 41.82 -61.64 -8.41
C ILE H 262 41.17 -62.75 -7.59
N LEU H 263 39.95 -62.51 -7.13
CA LEU H 263 39.17 -63.50 -6.38
C LEU H 263 37.95 -63.87 -7.20
N LEU H 264 37.96 -65.08 -7.76
CA LEU H 264 36.87 -65.59 -8.58
C LEU H 264 36.04 -66.55 -7.72
N THR H 265 34.77 -66.23 -7.53
CA THR H 265 33.87 -67.07 -6.74
C THR H 265 32.51 -67.16 -7.41
N GLU H 266 31.92 -68.36 -7.37
CA GLU H 266 30.59 -68.60 -7.91
C GLU H 266 29.60 -68.54 -6.76
N LYS H 267 29.50 -67.38 -6.13
CA LYS H 267 28.70 -67.26 -4.91
C LYS H 267 28.10 -65.87 -4.82
N LYS H 268 27.07 -65.77 -4.00
CA LYS H 268 26.49 -64.49 -3.60
C LYS H 268 27.10 -64.13 -2.24
N ILE H 269 27.84 -63.02 -2.21
CA ILE H 269 28.58 -62.59 -1.03
C ILE H 269 27.89 -61.38 -0.42
N SER H 270 27.50 -61.50 0.86
CA SER H 270 26.95 -60.37 1.59
C SER H 270 27.49 -60.23 3.01
N ILE H 271 28.15 -61.25 3.55
CA ILE H 271 28.72 -61.18 4.89
C ILE H 271 30.22 -61.01 4.77
N LEU H 272 30.77 -60.19 5.67
CA LEU H 272 32.18 -59.82 5.61
C LEU H 272 33.10 -60.89 6.16
N GLN H 273 32.59 -61.87 6.91
CA GLN H 273 33.45 -62.88 7.50
C GLN H 273 34.14 -63.70 6.42
N ASP H 274 33.45 -63.95 5.31
CA ASP H 274 34.05 -64.68 4.20
C ASP H 274 35.10 -63.83 3.49
N ILE H 275 34.94 -62.50 3.49
CA ILE H 275 35.88 -61.63 2.79
C ILE H 275 37.13 -61.35 3.62
N LEU H 276 37.04 -61.43 4.95
CA LEU H 276 38.16 -61.05 5.82
C LEU H 276 39.47 -61.76 5.49
N PRO H 277 39.52 -63.08 5.30
CA PRO H 277 40.83 -63.69 4.96
C PRO H 277 41.40 -63.17 3.66
N ALA H 278 40.58 -63.01 2.62
CA ALA H 278 41.06 -62.49 1.35
C ALA H 278 41.58 -61.07 1.50
N LEU H 279 40.83 -60.22 2.21
CA LEU H 279 41.23 -58.84 2.39
C LEU H 279 42.52 -58.74 3.20
N GLU H 280 42.66 -59.57 4.23
CA GLU H 280 43.89 -59.57 5.03
C GLU H 280 45.09 -60.03 4.21
N THR H 281 44.91 -61.09 3.40
CA THR H 281 45.99 -61.55 2.55
C THR H 281 46.39 -60.47 1.55
N SER H 282 45.40 -59.75 1.01
CA SER H 282 45.71 -58.63 0.14
C SER H 282 46.46 -57.51 0.86
N SER H 283 46.05 -57.19 2.09
CA SER H 283 46.71 -56.13 2.84
C SER H 283 48.16 -56.49 3.16
N THR H 284 48.42 -57.76 3.48
CA THR H 284 49.77 -58.21 3.73
C THR H 284 50.67 -58.08 2.49
N GLN H 285 50.15 -58.40 1.32
CA GLN H 285 50.93 -58.31 0.08
C GLN H 285 50.97 -56.90 -0.50
N ARG H 286 50.23 -55.96 0.09
CA ARG H 286 50.18 -54.58 -0.41
C ARG H 286 49.82 -54.52 -1.89
N ARG H 287 48.77 -55.24 -2.28
CA ARG H 287 48.33 -55.27 -3.67
C ARG H 287 46.84 -55.00 -3.76
N PRO H 288 46.39 -54.34 -4.82
CA PRO H 288 44.95 -54.11 -4.98
C PRO H 288 44.20 -55.38 -5.30
N LEU H 289 42.92 -55.40 -4.96
CA LEU H 289 42.09 -56.59 -5.05
C LEU H 289 40.91 -56.35 -5.98
N LEU H 290 40.62 -57.34 -6.82
CA LEU H 290 39.43 -57.34 -7.67
C LEU H 290 38.68 -58.63 -7.42
N ILE H 291 37.39 -58.53 -7.14
CA ILE H 291 36.55 -59.69 -6.86
C ILE H 291 35.52 -59.83 -7.97
N ILE H 292 35.53 -60.97 -8.65
CA ILE H 292 34.63 -61.27 -9.74
C ILE H 292 33.65 -62.34 -9.24
N ALA H 293 32.46 -61.91 -8.82
CA ALA H 293 31.53 -62.80 -8.16
C ALA H 293 30.22 -62.85 -8.92
N GLU H 294 29.29 -63.69 -8.44
CA GLU H 294 27.94 -63.67 -8.97
C GLU H 294 27.26 -62.35 -8.66
N ASP H 295 27.45 -61.83 -7.45
CA ASP H 295 26.94 -60.53 -7.06
C ASP H 295 27.55 -60.16 -5.71
N ILE H 296 27.79 -58.85 -5.54
CA ILE H 296 28.30 -58.31 -4.28
C ILE H 296 27.28 -57.29 -3.78
N ASP H 297 26.40 -57.74 -2.88
CA ASP H 297 25.34 -56.89 -2.37
C ASP H 297 25.32 -56.99 -0.85
N GLY H 298 24.47 -56.17 -0.24
CA GLY H 298 24.35 -56.11 1.21
C GLY H 298 25.42 -55.27 1.86
N GLU H 299 25.80 -55.64 3.09
CA GLU H 299 26.84 -54.89 3.80
C GLU H 299 28.21 -55.10 3.18
N ALA H 300 28.35 -56.15 2.36
CA ALA H 300 29.64 -56.45 1.74
C ALA H 300 30.11 -55.30 0.86
N LEU H 301 29.24 -54.80 -0.01
CA LEU H 301 29.64 -53.71 -0.88
C LEU H 301 30.02 -52.48 -0.06
N ALA H 302 29.24 -52.17 0.97
CA ALA H 302 29.50 -50.99 1.78
C ALA H 302 30.86 -51.08 2.45
N ALA H 303 31.18 -52.25 3.01
CA ALA H 303 32.49 -52.44 3.60
C ALA H 303 33.59 -52.23 2.55
N CYS H 304 33.38 -52.78 1.35
CA CYS H 304 34.37 -52.61 0.29
C CYS H 304 34.57 -51.14 -0.06
N ILE H 305 33.46 -50.40 -0.16
CA ILE H 305 33.52 -48.99 -0.52
C ILE H 305 34.27 -48.16 0.51
N LEU H 306 33.92 -48.30 1.79
CA LEU H 306 34.58 -47.47 2.80
C LEU H 306 36.05 -47.83 2.90
N ASN H 307 36.36 -49.11 2.72
CA ASN H 307 37.74 -49.53 2.74
C ASN H 307 38.47 -48.85 1.60
N LYS H 308 37.84 -48.81 0.42
CA LYS H 308 38.49 -48.23 -0.76
C LYS H 308 38.64 -46.72 -0.61
N LEU H 309 37.61 -46.05 -0.10
CA LEU H 309 37.64 -44.61 0.05
C LEU H 309 38.74 -44.18 1.01
N ARG H 310 38.99 -44.98 2.05
CA ARG H 310 40.09 -44.74 2.96
C ARG H 310 41.33 -45.47 2.42
N GLY H 311 42.46 -45.29 3.12
CA GLY H 311 43.71 -45.85 2.67
C GLY H 311 43.99 -47.27 3.10
N ASN H 312 43.03 -47.95 3.72
CA ASN H 312 43.27 -49.30 4.23
C ASN H 312 43.61 -50.26 3.09
N LEU H 313 42.75 -50.30 2.06
CA LEU H 313 42.98 -51.14 0.90
C LEU H 313 42.11 -50.65 -0.24
N GLN H 314 42.62 -50.74 -1.46
CA GLN H 314 41.90 -50.35 -2.67
C GLN H 314 41.38 -51.61 -3.34
N VAL H 315 40.07 -51.67 -3.57
CA VAL H 315 39.40 -52.88 -4.02
C VAL H 315 38.38 -52.51 -5.09
N ALA H 316 38.01 -53.50 -5.91
CA ALA H 316 36.98 -53.36 -6.92
C ALA H 316 36.19 -54.66 -7.04
N ALA H 317 34.94 -54.54 -7.50
CA ALA H 317 34.05 -55.69 -7.59
C ALA H 317 33.30 -55.66 -8.91
N VAL H 318 33.22 -56.82 -9.56
CA VAL H 318 32.45 -56.98 -10.78
C VAL H 318 31.66 -58.29 -10.72
N LYS H 319 30.61 -58.36 -11.54
CA LYS H 319 29.78 -59.54 -11.62
C LYS H 319 30.32 -60.52 -12.67
N ALA H 320 30.10 -61.80 -12.42
CA ALA H 320 30.59 -62.82 -13.33
C ALA H 320 29.87 -62.73 -14.67
N PRO H 321 30.59 -62.84 -15.78
CA PRO H 321 29.94 -62.74 -17.09
C PRO H 321 29.08 -63.95 -17.40
N GLY H 322 28.07 -63.73 -18.24
CA GLY H 322 27.17 -64.79 -18.65
C GLY H 322 26.21 -65.20 -17.54
N PHE H 323 25.31 -66.14 -17.95
CA PHE H 323 24.22 -66.61 -17.09
C PHE H 323 24.03 -68.13 -17.33
N GLY H 324 23.72 -68.93 -16.28
CA GLY H 324 23.54 -70.35 -16.49
C GLY H 324 24.86 -71.09 -16.38
N ASP H 325 24.97 -72.18 -17.15
CA ASP H 325 26.23 -72.92 -17.18
C ASP H 325 27.30 -72.17 -17.95
N ASN H 326 26.89 -71.26 -18.83
CA ASN H 326 27.86 -70.43 -19.55
C ASN H 326 28.67 -69.59 -18.56
N ARG H 327 28.03 -69.07 -17.51
CA ARG H 327 28.75 -68.31 -16.50
C ARG H 327 29.81 -69.16 -15.82
N LYS H 328 29.47 -70.40 -15.46
CA LYS H 328 30.45 -71.26 -14.82
C LYS H 328 31.60 -71.59 -15.75
N SER H 329 31.31 -71.86 -17.03
CA SER H 329 32.36 -72.17 -17.98
C SER H 329 33.28 -70.97 -18.20
N ILE H 330 32.71 -69.78 -18.30
CA ILE H 330 33.54 -68.58 -18.47
C ILE H 330 34.39 -68.33 -17.22
N LEU H 331 33.82 -68.53 -16.04
CA LEU H 331 34.62 -68.36 -14.83
C LEU H 331 35.75 -69.39 -14.76
N GLY H 332 35.50 -70.60 -15.23
CA GLY H 332 36.58 -71.59 -15.29
C GLY H 332 37.68 -71.18 -16.25
N ASP H 333 37.30 -70.71 -17.44
CA ASP H 333 38.30 -70.23 -18.40
C ASP H 333 39.10 -69.07 -17.82
N LEU H 334 38.42 -68.14 -17.14
CA LEU H 334 39.10 -66.99 -16.59
C LEU H 334 40.00 -67.37 -15.41
N ALA H 335 39.57 -68.34 -14.60
CA ALA H 335 40.44 -68.83 -13.54
C ALA H 335 41.68 -69.51 -14.09
N ILE H 336 41.54 -70.25 -15.18
CA ILE H 336 42.71 -70.83 -15.84
C ILE H 336 43.63 -69.73 -16.35
N LEU H 337 43.06 -68.71 -16.99
CA LEU H 337 43.87 -67.64 -17.57
C LEU H 337 44.60 -66.83 -16.50
N THR H 338 43.90 -66.50 -15.41
CA THR H 338 44.48 -65.64 -14.37
C THR H 338 45.41 -66.38 -13.43
N GLY H 339 45.54 -67.70 -13.57
CA GLY H 339 46.43 -68.45 -12.72
C GLY H 339 45.88 -68.83 -11.37
N GLY H 340 44.63 -68.46 -11.09
CA GLY H 340 44.03 -68.82 -9.82
C GLY H 340 43.03 -69.95 -9.94
N THR H 341 42.20 -70.12 -8.93
CA THR H 341 41.17 -71.16 -8.92
C THR H 341 39.83 -70.55 -8.56
N VAL H 342 38.77 -71.07 -9.17
CA VAL H 342 37.43 -70.57 -8.90
C VAL H 342 36.86 -71.27 -7.68
N PHE H 343 36.04 -70.55 -6.92
CA PHE H 343 35.43 -71.06 -5.70
C PHE H 343 33.95 -71.32 -5.95
N SER H 344 33.52 -72.56 -5.78
CA SER H 344 32.16 -72.97 -6.11
C SER H 344 31.58 -73.77 -4.96
N ASP H 345 30.31 -73.49 -4.63
CA ASP H 345 29.64 -74.28 -3.60
C ASP H 345 29.41 -75.71 -4.05
N GLU H 346 29.28 -75.95 -5.36
CA GLU H 346 29.13 -77.31 -5.86
C GLU H 346 30.38 -78.15 -5.55
N LEU H 347 31.53 -77.49 -5.38
CA LEU H 347 32.72 -78.17 -4.91
C LEU H 347 32.87 -78.14 -3.39
N ASP H 348 31.95 -77.46 -2.69
CA ASP H 348 31.92 -77.41 -1.24
C ASP H 348 33.23 -76.87 -0.65
N ILE H 349 33.79 -75.85 -1.29
CA ILE H 349 34.97 -75.16 -0.77
C ILE H 349 34.55 -73.79 -0.27
N LYS H 350 35.00 -73.42 0.92
CA LYS H 350 34.57 -72.20 1.60
C LYS H 350 35.53 -71.07 1.33
N LEU H 351 35.02 -69.83 1.41
CA LEU H 351 35.84 -68.66 1.17
C LEU H 351 36.85 -68.40 2.27
N GLU H 352 36.60 -68.91 3.48
CA GLU H 352 37.57 -68.77 4.57
C GLU H 352 38.78 -69.67 4.36
N ARG H 353 38.70 -70.61 3.43
CA ARG H 353 39.81 -71.48 3.07
C ARG H 353 40.77 -70.82 2.08
N ALA H 354 40.46 -69.59 1.65
CA ALA H 354 41.25 -68.94 0.62
C ALA H 354 42.70 -68.73 1.07
N THR H 355 43.62 -69.04 0.17
CA THR H 355 45.05 -68.84 0.35
C THR H 355 45.60 -68.13 -0.89
N PRO H 356 46.65 -67.33 -0.74
CA PRO H 356 47.18 -66.58 -1.89
C PRO H 356 47.60 -67.46 -3.06
N ASP H 357 47.78 -68.77 -2.87
CA ASP H 357 48.09 -69.64 -3.99
C ASP H 357 46.92 -69.70 -4.97
N LEU H 358 45.69 -69.76 -4.47
CA LEU H 358 44.53 -69.86 -5.34
C LEU H 358 44.09 -68.50 -5.89
N PHE H 359 44.66 -67.41 -5.40
CA PHE H 359 44.31 -66.09 -5.91
C PHE H 359 44.89 -65.90 -7.30
N GLY H 360 44.11 -65.25 -8.17
CA GLY H 360 44.58 -64.96 -9.51
C GLY H 360 45.39 -63.68 -9.60
N SER H 361 46.33 -63.67 -10.54
CA SER H 361 47.18 -62.51 -10.76
C SER H 361 47.26 -62.22 -12.25
N THR H 362 47.43 -60.94 -12.59
CA THR H 362 47.47 -60.52 -13.98
C THR H 362 48.29 -59.24 -14.08
N GLY H 363 48.66 -58.90 -15.31
CA GLY H 363 49.46 -57.70 -15.54
C GLY H 363 48.74 -56.44 -15.14
N SER H 364 47.48 -56.30 -15.55
CA SER H 364 46.70 -55.12 -15.19
C SER H 364 45.22 -55.42 -15.40
N VAL H 365 44.38 -54.60 -14.78
CA VAL H 365 42.94 -54.67 -14.98
C VAL H 365 42.40 -53.25 -15.18
N THR H 366 41.44 -53.11 -16.08
CA THR H 366 40.80 -51.83 -16.35
C THR H 366 39.30 -52.03 -16.38
N ILE H 367 38.58 -51.25 -15.58
CA ILE H 367 37.14 -51.41 -15.38
C ILE H 367 36.46 -50.13 -15.79
N THR H 368 35.43 -50.23 -16.62
CA THR H 368 34.61 -49.11 -17.03
C THR H 368 33.17 -49.34 -16.59
N LYS H 369 32.27 -48.46 -17.02
CA LYS H 369 30.85 -48.62 -16.71
C LYS H 369 30.29 -49.90 -17.32
N GLU H 370 30.63 -50.19 -18.57
CA GLU H 370 30.05 -51.33 -19.27
C GLU H 370 31.01 -52.52 -19.32
N ASP H 371 32.24 -52.29 -19.75
CA ASP H 371 33.19 -53.37 -20.02
C ASP H 371 34.33 -53.36 -19.01
N THR H 372 34.92 -54.52 -18.80
CA THR H 372 36.16 -54.64 -18.04
C THR H 372 37.12 -55.51 -18.84
N ILE H 373 38.42 -55.25 -18.70
CA ILE H 373 39.44 -55.93 -19.48
C ILE H 373 40.59 -56.32 -18.57
N LEU H 374 40.97 -57.60 -18.62
CA LEU H 374 42.14 -58.11 -17.92
C LEU H 374 43.27 -58.28 -18.91
N LEU H 375 44.48 -57.93 -18.48
CA LEU H 375 45.65 -57.82 -19.35
C LEU H 375 46.82 -58.57 -18.75
N ASN H 376 47.50 -59.37 -19.58
CA ASN H 376 48.72 -60.06 -19.20
C ASN H 376 48.49 -60.98 -18.00
N GLY H 377 47.64 -61.98 -18.22
CA GLY H 377 47.36 -62.94 -17.17
C GLY H 377 48.58 -63.77 -16.84
N GLU H 378 48.63 -64.26 -15.61
CA GLU H 378 49.77 -65.01 -15.12
C GLU H 378 49.68 -66.50 -15.42
N GLY H 379 48.63 -66.94 -16.12
CA GLY H 379 48.52 -68.35 -16.44
C GLY H 379 49.60 -68.79 -17.41
N SER H 380 50.04 -70.03 -17.26
CA SER H 380 51.02 -70.60 -18.18
C SER H 380 50.39 -70.77 -19.55
N LYS H 381 51.24 -70.70 -20.59
CA LYS H 381 50.75 -70.83 -21.96
C LYS H 381 50.16 -72.22 -22.20
N ASP H 382 50.81 -73.26 -21.69
CA ASP H 382 50.43 -74.63 -22.04
C ASP H 382 49.01 -74.95 -21.61
N MET H 383 48.62 -74.53 -20.40
CA MET H 383 47.27 -74.85 -19.96
C MET H 383 46.22 -74.02 -20.69
N ILE H 384 46.54 -72.76 -21.03
CA ILE H 384 45.66 -71.99 -21.90
C ILE H 384 45.46 -72.73 -23.21
N ASN H 385 46.53 -73.33 -23.73
CA ASN H 385 46.40 -74.08 -24.97
C ASN H 385 45.51 -75.31 -24.79
N GLN H 386 45.72 -76.06 -23.72
CA GLN H 386 44.94 -77.27 -23.61
C GLN H 386 43.47 -76.90 -23.49
N ARG H 387 43.18 -75.89 -22.71
CA ARG H 387 41.82 -75.41 -22.57
C ARG H 387 41.25 -75.03 -23.92
N CYS H 388 42.06 -74.39 -24.77
CA CYS H 388 41.63 -74.14 -26.14
C CYS H 388 41.29 -75.44 -26.86
N GLU H 389 42.08 -76.50 -26.61
CA GLU H 389 41.79 -77.79 -27.22
C GLU H 389 40.46 -78.36 -26.74
N GLN H 390 40.18 -78.27 -25.44
CA GLN H 390 38.87 -78.71 -24.96
C GLN H 390 37.75 -77.86 -25.56
N ILE H 391 37.99 -76.56 -25.76
CA ILE H 391 36.98 -75.71 -26.35
C ILE H 391 36.65 -76.17 -27.77
N ARG H 392 37.68 -76.44 -28.57
CA ARG H 392 37.41 -76.89 -29.94
C ARG H 392 36.80 -78.29 -29.96
N ALA H 393 37.20 -79.14 -29.01
CA ALA H 393 36.57 -80.46 -28.91
C ALA H 393 35.08 -80.33 -28.58
N ALA H 394 34.74 -79.43 -27.67
CA ALA H 394 33.33 -79.19 -27.34
C ALA H 394 32.59 -78.59 -28.53
N ILE H 395 33.26 -77.73 -29.32
CA ILE H 395 32.65 -77.23 -30.54
C ILE H 395 32.31 -78.39 -31.47
N ASN H 396 33.24 -79.34 -31.61
CA ASN H 396 32.99 -80.51 -32.45
C ASN H 396 31.83 -81.35 -31.90
N ASP H 397 31.79 -81.55 -30.59
CA ASP H 397 30.79 -82.45 -29.99
C ASP H 397 29.41 -81.81 -29.88
N SER H 398 29.35 -80.49 -29.68
CA SER H 398 28.07 -79.84 -29.40
C SER H 398 27.09 -80.02 -30.54
N SER H 399 25.84 -80.30 -30.19
CA SER H 399 24.80 -80.57 -31.18
C SER H 399 24.02 -79.33 -31.57
N VAL H 400 23.90 -78.35 -30.66
CA VAL H 400 23.12 -77.15 -30.97
C VAL H 400 23.85 -76.36 -32.05
N SER H 401 23.20 -76.22 -33.20
CA SER H 401 23.84 -75.61 -34.36
C SER H 401 24.14 -74.13 -34.12
N ASP H 402 23.18 -73.41 -33.55
CA ASP H 402 23.32 -71.96 -33.45
C ASP H 402 23.81 -71.52 -32.07
N TYR H 403 23.08 -71.89 -31.02
CA TYR H 403 23.30 -71.30 -29.70
C TYR H 403 24.63 -71.76 -29.09
N GLU H 404 24.74 -73.06 -28.82
CA GLU H 404 25.92 -73.56 -28.12
C GLU H 404 27.17 -73.42 -28.96
N ARG H 405 27.07 -73.70 -30.26
CA ARG H 405 28.23 -73.57 -31.12
C ARG H 405 28.74 -72.13 -31.16
N GLU H 406 27.83 -71.16 -31.30
CA GLU H 406 28.28 -69.78 -31.38
C GLU H 406 28.83 -69.30 -30.03
N LYS H 407 28.27 -69.78 -28.92
CA LYS H 407 28.82 -69.36 -27.62
C LYS H 407 30.21 -69.95 -27.40
N LEU H 408 30.39 -71.23 -27.74
CA LEU H 408 31.72 -71.82 -27.64
C LEU H 408 32.71 -71.13 -28.55
N GLN H 409 32.28 -70.78 -29.77
CA GLN H 409 33.16 -70.05 -30.69
C GLN H 409 33.54 -68.69 -30.13
N GLU H 410 32.57 -67.99 -29.53
CA GLU H 410 32.87 -66.66 -29.00
C GLU H 410 33.84 -66.74 -27.83
N ARG H 411 33.69 -67.75 -26.96
CA ARG H 411 34.62 -67.82 -25.84
C ARG H 411 35.98 -68.35 -26.28
N LEU H 412 36.02 -69.19 -27.31
CA LEU H 412 37.30 -69.57 -27.91
C LEU H 412 38.01 -68.34 -28.46
N ALA H 413 37.29 -67.48 -29.18
CA ALA H 413 37.89 -66.27 -29.71
C ALA H 413 38.36 -65.35 -28.59
N LYS H 414 37.57 -65.23 -27.53
CA LYS H 414 37.95 -64.40 -26.40
C LYS H 414 39.23 -64.90 -25.75
N LEU H 415 39.36 -66.21 -25.59
CA LEU H 415 40.52 -66.76 -24.90
C LEU H 415 41.75 -66.77 -25.79
N SER H 416 41.57 -66.90 -27.10
CA SER H 416 42.71 -67.13 -28.00
C SER H 416 43.19 -65.87 -28.71
N GLY H 417 42.32 -64.87 -28.87
CA GLY H 417 42.66 -63.75 -29.73
C GLY H 417 43.78 -62.88 -29.19
N GLY H 418 43.82 -62.70 -27.88
CA GLY H 418 44.76 -61.77 -27.29
C GLY H 418 44.25 -60.34 -27.35
N VAL H 419 45.09 -59.42 -26.90
CA VAL H 419 44.74 -58.01 -26.81
C VAL H 419 45.87 -57.18 -27.41
N ALA H 420 45.54 -56.23 -28.27
CA ALA H 420 46.52 -55.27 -28.75
C ALA H 420 46.58 -54.09 -27.81
N VAL H 421 47.78 -53.74 -27.38
CA VAL H 421 48.01 -52.63 -26.48
C VAL H 421 48.88 -51.61 -27.18
N ILE H 422 48.45 -50.36 -27.18
CA ILE H 422 49.20 -49.25 -27.74
C ILE H 422 49.74 -48.43 -26.60
N LYS H 423 51.05 -48.48 -26.42
CA LYS H 423 51.74 -47.73 -25.38
C LYS H 423 52.15 -46.38 -25.97
N VAL H 424 51.62 -45.31 -25.37
CA VAL H 424 51.80 -43.96 -25.89
C VAL H 424 53.07 -43.37 -25.30
N GLY H 425 54.03 -43.06 -26.16
CA GLY H 425 55.29 -42.50 -25.72
C GLY H 425 55.36 -41.00 -25.90
N GLY H 426 56.16 -40.34 -25.07
CA GLY H 426 56.32 -38.89 -25.19
C GLY H 426 57.45 -38.41 -24.32
N SER H 427 57.75 -37.12 -24.46
CA SER H 427 58.84 -36.53 -23.68
C SER H 427 58.37 -36.16 -22.27
N SER H 428 57.30 -35.38 -22.17
CA SER H 428 56.79 -34.91 -20.89
C SER H 428 55.55 -35.70 -20.50
N GLU H 429 55.10 -35.51 -19.26
CA GLU H 429 53.91 -36.22 -18.78
C GLU H 429 52.65 -35.65 -19.42
N LEU H 430 52.54 -34.32 -19.49
CA LEU H 430 51.34 -33.72 -20.07
C LEU H 430 51.21 -34.05 -21.55
N GLU H 431 52.34 -34.07 -22.26
CA GLU H 431 52.31 -34.46 -23.67
C GLU H 431 51.81 -35.90 -23.81
N VAL H 432 52.29 -36.79 -22.94
CA VAL H 432 51.84 -38.18 -22.99
C VAL H 432 50.34 -38.26 -22.73
N GLY H 433 49.84 -37.52 -21.74
CA GLY H 433 48.42 -37.58 -21.43
C GLY H 433 47.54 -37.07 -22.56
N GLU H 434 47.92 -35.92 -23.13
CA GLU H 434 47.10 -35.35 -24.20
C GLU H 434 47.15 -36.20 -25.46
N LYS H 435 48.33 -36.74 -25.79
CA LYS H 435 48.42 -37.65 -26.93
C LYS H 435 47.64 -38.93 -26.68
N LYS H 436 47.62 -39.41 -25.44
CA LYS H 436 46.82 -40.59 -25.10
C LYS H 436 45.34 -40.33 -25.34
N ASP H 437 44.86 -39.17 -24.92
CA ASP H 437 43.45 -38.84 -25.14
C ASP H 437 43.14 -38.73 -26.63
N ARG H 438 44.04 -38.09 -27.39
CA ARG H 438 43.84 -37.99 -28.83
C ARG H 438 43.82 -39.37 -29.48
N PHE H 439 44.70 -40.26 -29.04
CA PHE H 439 44.76 -41.60 -29.62
C PHE H 439 43.48 -42.38 -29.29
N VAL H 440 42.97 -42.23 -28.07
CA VAL H 440 41.73 -42.90 -27.70
C VAL H 440 40.58 -42.41 -28.57
N ASP H 441 40.49 -41.08 -28.78
CA ASP H 441 39.41 -40.56 -29.60
C ASP H 441 39.51 -41.03 -31.05
N ALA H 442 40.73 -41.01 -31.60
CA ALA H 442 40.92 -41.46 -32.98
C ALA H 442 40.66 -42.95 -33.11
N LEU H 443 40.87 -43.72 -32.05
CA LEU H 443 40.52 -45.13 -32.07
C LEU H 443 39.01 -45.33 -32.09
N ASN H 444 38.25 -44.67 -31.25
CA ASN H 444 36.83 -44.95 -31.22
C ASN H 444 36.08 -44.63 -32.45
N ALA H 445 36.61 -43.74 -33.28
CA ALA H 445 35.93 -43.32 -34.50
C ALA H 445 36.20 -44.27 -35.65
N THR H 446 37.41 -44.82 -35.70
CA THR H 446 37.75 -45.77 -36.76
C THR H 446 36.89 -47.01 -36.64
N ARG H 447 36.63 -47.46 -35.42
CA ARG H 447 35.80 -48.64 -35.21
C ARG H 447 34.40 -48.42 -35.77
N ALA H 448 33.78 -47.30 -35.45
CA ALA H 448 32.44 -47.00 -35.95
C ALA H 448 32.39 -46.93 -37.47
N ALA H 449 33.44 -46.37 -38.07
CA ALA H 449 33.51 -46.28 -39.53
C ALA H 449 33.75 -47.65 -40.16
N VAL H 450 34.46 -48.52 -39.46
CA VAL H 450 34.72 -49.87 -39.97
C VAL H 450 33.45 -50.71 -39.86
N GLU H 451 32.56 -50.35 -38.93
CA GLU H 451 31.34 -51.11 -38.73
C GLU H 451 30.31 -50.87 -39.82
N GLU H 452 30.03 -49.60 -40.15
CA GLU H 452 28.96 -49.30 -41.10
C GLU H 452 29.39 -48.44 -42.28
N GLY H 453 30.42 -47.61 -42.16
CA GLY H 453 30.88 -46.81 -43.26
C GLY H 453 30.93 -45.34 -42.89
N THR H 454 31.14 -44.51 -43.90
CA THR H 454 31.25 -43.07 -43.71
C THR H 454 30.38 -42.34 -44.73
N VAL H 455 29.84 -41.22 -44.25
CA VAL H 455 29.01 -40.40 -45.10
C VAL H 455 29.55 -38.93 -45.00
N PRO H 456 29.38 -38.03 -46.05
CA PRO H 456 29.92 -36.68 -45.99
C PRO H 456 29.46 -35.94 -44.73
N GLY H 457 30.38 -35.19 -44.15
CA GLY H 457 30.13 -34.50 -42.90
C GLY H 457 29.54 -33.12 -43.10
N GLY H 458 29.63 -32.31 -42.04
CA GLY H 458 29.08 -30.98 -42.09
C GLY H 458 27.57 -30.90 -42.00
N GLY H 459 26.91 -32.01 -41.71
CA GLY H 459 25.46 -32.05 -41.69
C GLY H 459 24.81 -32.20 -43.04
N VAL H 460 25.60 -32.44 -44.11
CA VAL H 460 25.03 -32.51 -45.45
C VAL H 460 24.48 -33.88 -45.79
N ALA H 461 24.80 -34.92 -45.03
CA ALA H 461 24.23 -36.24 -45.30
C ALA H 461 22.72 -36.22 -45.08
N LEU H 462 22.27 -35.72 -43.93
CA LEU H 462 20.84 -35.63 -43.66
C LEU H 462 20.17 -34.65 -44.61
N LEU H 463 20.84 -33.54 -44.91
CA LEU H 463 20.29 -32.55 -45.82
C LEU H 463 20.04 -33.14 -47.21
N LYS H 464 20.99 -33.93 -47.71
CA LYS H 464 20.80 -34.60 -48.99
C LYS H 464 19.76 -35.70 -48.90
N SER H 465 19.69 -36.39 -47.75
CA SER H 465 18.69 -37.43 -47.58
C SER H 465 17.27 -36.86 -47.53
N THR H 466 17.11 -35.59 -47.20
CA THR H 466 15.78 -34.97 -47.21
C THR H 466 15.13 -34.98 -48.59
N LYS H 467 15.89 -35.18 -49.66
CA LYS H 467 15.34 -35.14 -51.02
C LYS H 467 14.66 -36.43 -51.42
N CYS H 468 14.74 -37.48 -50.60
CA CYS H 468 14.06 -38.74 -50.88
C CYS H 468 12.70 -38.86 -50.20
N LEU H 469 12.34 -37.89 -49.35
CA LEU H 469 11.07 -37.97 -48.63
C LEU H 469 9.88 -37.57 -49.50
N ASP H 470 10.12 -37.01 -50.69
CA ASP H 470 9.04 -36.58 -51.55
C ASP H 470 8.55 -37.73 -52.43
N LYS H 471 8.92 -38.96 -52.07
CA LYS H 471 8.45 -40.14 -52.78
C LYS H 471 7.61 -41.06 -51.90
N LEU H 472 7.29 -40.66 -50.68
CA LEU H 472 6.52 -41.49 -49.77
C LEU H 472 5.03 -41.31 -50.04
N THR H 473 4.26 -42.37 -49.80
CA THR H 473 2.82 -42.35 -50.03
C THR H 473 2.09 -42.64 -48.73
N PRO H 474 1.79 -41.64 -47.91
CA PRO H 474 1.04 -41.88 -46.67
C PRO H 474 -0.43 -42.17 -46.97
N GLY H 475 -1.05 -42.88 -46.03
CA GLY H 475 -2.46 -43.18 -46.10
C GLY H 475 -3.36 -42.13 -45.52
N ASN H 476 -2.81 -41.03 -45.02
CA ASN H 476 -3.59 -39.96 -44.41
C ASN H 476 -2.78 -38.68 -44.54
N PHE H 477 -3.44 -37.53 -44.47
CA PHE H 477 -2.77 -36.25 -44.50
C PHE H 477 -1.95 -35.95 -43.26
N ASP H 478 -2.36 -36.46 -42.09
CA ASP H 478 -1.57 -36.26 -40.88
C ASP H 478 -0.25 -37.01 -40.91
N GLN H 479 -0.22 -38.20 -41.52
CA GLN H 479 1.05 -38.86 -41.76
C GLN H 479 1.93 -38.05 -42.71
N GLN H 480 1.31 -37.40 -43.70
CA GLN H 480 2.06 -36.50 -44.57
C GLN H 480 2.59 -35.31 -43.79
N LEU H 481 1.81 -34.81 -42.82
CA LEU H 481 2.29 -33.73 -41.97
C LEU H 481 3.50 -34.18 -41.15
N GLY H 482 3.46 -35.42 -40.65
CA GLY H 482 4.62 -35.95 -39.93
C GLY H 482 5.85 -36.10 -40.81
N ILE H 483 5.65 -36.55 -42.05
CA ILE H 483 6.75 -36.65 -43.00
C ILE H 483 7.34 -35.27 -43.26
N ASN H 484 6.48 -34.26 -43.43
CA ASN H 484 6.96 -32.89 -43.60
C ASN H 484 7.69 -32.40 -42.36
N ILE H 485 7.23 -32.80 -41.17
CA ILE H 485 7.93 -32.44 -39.94
C ILE H 485 9.36 -32.96 -39.96
N ILE H 486 9.52 -34.24 -40.32
CA ILE H 486 10.87 -34.82 -40.37
C ILE H 486 11.70 -34.13 -41.45
N LYS H 487 11.09 -33.85 -42.60
CA LYS H 487 11.81 -33.22 -43.70
C LYS H 487 12.32 -31.83 -43.31
N SER H 488 11.49 -31.06 -42.61
CA SER H 488 11.93 -29.74 -42.15
C SER H 488 12.97 -29.86 -41.05
N ALA H 489 12.82 -30.83 -40.15
CA ALA H 489 13.73 -30.94 -39.02
C ALA H 489 15.12 -31.40 -39.44
N LEU H 490 15.22 -32.20 -40.50
CA LEU H 490 16.51 -32.76 -40.89
C LEU H 490 17.42 -31.76 -41.58
N GLN H 491 17.07 -30.47 -41.60
CA GLN H 491 17.93 -29.43 -42.16
C GLN H 491 18.61 -28.58 -41.10
N LYS H 492 18.23 -28.73 -39.83
CA LYS H 492 18.78 -27.88 -38.78
C LYS H 492 20.28 -28.02 -38.56
N PRO H 493 20.89 -29.21 -38.55
CA PRO H 493 22.34 -29.29 -38.27
C PRO H 493 23.19 -28.47 -39.22
N ALA H 494 22.90 -28.50 -40.52
CA ALA H 494 23.67 -27.71 -41.47
C ALA H 494 23.46 -26.21 -41.25
N LYS H 495 22.22 -25.81 -40.98
CA LYS H 495 21.93 -24.41 -40.69
C LYS H 495 22.71 -23.93 -39.48
N ILE H 496 22.75 -24.74 -38.42
CA ILE H 496 23.45 -24.36 -37.20
C ILE H 496 24.95 -24.33 -37.42
N ILE H 497 25.48 -25.28 -38.19
CA ILE H 497 26.92 -25.27 -38.49
C ILE H 497 27.29 -24.01 -39.27
N ALA H 498 26.45 -23.62 -40.23
CA ALA H 498 26.72 -22.40 -40.97
C ALA H 498 26.56 -21.16 -40.10
N ASP H 499 25.59 -21.17 -39.18
CA ASP H 499 25.39 -20.04 -38.29
C ASP H 499 26.59 -19.85 -37.36
N ASN H 500 27.15 -20.95 -36.85
CA ASN H 500 28.32 -20.84 -35.98
C ASN H 500 29.52 -20.26 -36.71
N ALA H 501 29.60 -20.46 -38.03
CA ALA H 501 30.66 -19.86 -38.82
C ALA H 501 30.48 -18.38 -39.03
N GLY H 502 29.33 -17.82 -38.65
CA GLY H 502 29.05 -16.41 -38.83
C GLY H 502 28.19 -16.06 -40.01
N GLU H 503 27.80 -17.05 -40.82
CA GLU H 503 26.98 -16.81 -41.99
C GLU H 503 25.51 -16.96 -41.64
N GLU H 504 24.65 -16.97 -42.66
CA GLU H 504 23.22 -17.21 -42.50
C GLU H 504 22.94 -18.63 -42.96
N GLY H 505 22.54 -19.49 -42.02
CA GLY H 505 22.41 -20.91 -42.33
C GLY H 505 21.35 -21.19 -43.38
N ALA H 506 20.25 -20.43 -43.36
CA ALA H 506 19.17 -20.67 -44.31
C ALA H 506 19.63 -20.44 -45.74
N VAL H 507 20.41 -19.38 -45.99
CA VAL H 507 20.87 -19.08 -47.34
C VAL H 507 21.86 -20.13 -47.81
N ILE H 508 22.76 -20.56 -46.93
CA ILE H 508 23.72 -21.61 -47.31
C ILE H 508 23.00 -22.91 -47.63
N VAL H 509 22.02 -23.28 -46.81
CA VAL H 509 21.27 -24.51 -47.05
C VAL H 509 20.51 -24.41 -48.37
N GLY H 510 19.90 -23.25 -48.64
CA GLY H 510 19.21 -23.06 -49.90
C GLY H 510 20.14 -23.17 -51.09
N LYS H 511 21.34 -22.61 -50.98
CA LYS H 511 22.31 -22.73 -52.06
C LYS H 511 22.72 -24.18 -52.28
N ILE H 512 22.92 -24.93 -51.20
CA ILE H 512 23.28 -26.34 -51.34
C ILE H 512 22.14 -27.14 -51.92
N LEU H 513 20.90 -26.83 -51.54
CA LEU H 513 19.74 -27.60 -51.94
C LEU H 513 19.14 -27.16 -53.27
N ASP H 514 19.68 -26.12 -53.91
CA ASP H 514 19.13 -25.61 -55.16
C ASP H 514 19.91 -26.05 -56.38
N ASN H 515 21.21 -25.79 -56.42
CA ASN H 515 22.06 -26.17 -57.53
C ASN H 515 22.96 -27.32 -57.11
N HIS H 516 23.72 -27.86 -58.08
CA HIS H 516 24.58 -29.01 -57.86
C HIS H 516 23.78 -30.18 -57.29
N THR H 517 22.72 -30.53 -58.00
CA THR H 517 21.78 -31.55 -57.56
C THR H 517 22.22 -32.97 -57.90
N ASP H 518 23.35 -33.13 -58.57
CA ASP H 518 23.87 -34.44 -58.94
C ASP H 518 25.18 -34.72 -58.20
N ASP H 519 25.31 -34.20 -56.99
CA ASP H 519 26.51 -34.37 -56.19
C ASP H 519 26.10 -34.59 -54.74
N PHE H 520 26.14 -35.84 -54.29
CA PHE H 520 25.81 -36.17 -52.91
C PHE H 520 26.88 -35.68 -51.93
N ASN H 521 28.09 -35.39 -52.43
CA ASN H 521 29.21 -35.05 -51.56
C ASN H 521 29.49 -33.56 -51.57
N TYR H 522 28.57 -32.76 -52.12
CA TYR H 522 28.79 -31.34 -52.30
C TYR H 522 28.16 -30.59 -51.13
N GLY H 523 28.91 -29.67 -50.54
CA GLY H 523 28.40 -28.95 -49.40
C GLY H 523 29.30 -27.79 -49.03
N TYR H 524 29.08 -27.27 -47.83
CA TYR H 524 29.76 -26.08 -47.32
C TYR H 524 30.88 -26.49 -46.37
N ASP H 525 32.11 -26.10 -46.71
CA ASP H 525 33.26 -26.21 -45.82
C ASP H 525 33.28 -24.96 -44.96
N ALA H 526 32.82 -25.10 -43.71
CA ALA H 526 32.75 -23.94 -42.83
C ALA H 526 34.12 -23.51 -42.34
N ALA H 527 35.07 -24.45 -42.24
CA ALA H 527 36.41 -24.10 -41.78
C ALA H 527 37.09 -23.13 -42.75
N LYS H 528 36.96 -23.39 -44.05
CA LYS H 528 37.51 -22.50 -45.07
C LYS H 528 36.47 -21.58 -45.69
N SER H 529 35.22 -21.66 -45.24
CA SER H 529 34.13 -20.83 -45.75
C SER H 529 34.00 -20.96 -47.27
N GLU H 530 34.06 -22.19 -47.76
CA GLU H 530 34.06 -22.47 -49.19
C GLU H 530 32.94 -23.45 -49.51
N TYR H 531 32.74 -23.70 -50.80
CA TYR H 531 31.81 -24.72 -51.27
C TYR H 531 32.58 -25.77 -52.06
N GLY H 532 32.17 -27.02 -51.93
CA GLY H 532 32.80 -28.06 -52.72
C GLY H 532 32.54 -29.44 -52.16
N ASP H 533 33.28 -30.41 -52.69
CA ASP H 533 33.15 -31.79 -52.28
C ASP H 533 33.75 -31.97 -50.89
N LEU H 534 32.92 -32.35 -49.93
CA LEU H 534 33.38 -32.46 -48.55
C LEU H 534 34.21 -33.72 -48.31
N VAL H 535 33.92 -34.80 -49.04
CA VAL H 535 34.69 -36.03 -48.87
C VAL H 535 36.12 -35.83 -49.35
N SER H 536 36.30 -35.06 -50.43
CA SER H 536 37.65 -34.78 -50.92
C SER H 536 38.46 -33.99 -49.90
N ARG H 537 37.80 -33.16 -49.10
CA ARG H 537 38.46 -32.37 -48.06
C ARG H 537 38.57 -33.11 -46.73
N GLY H 538 38.10 -34.35 -46.66
CA GLY H 538 38.20 -35.12 -45.44
C GLY H 538 37.15 -34.82 -44.39
N ILE H 539 36.05 -34.20 -44.77
CA ILE H 539 34.96 -33.89 -43.84
C ILE H 539 33.93 -35.01 -43.99
N VAL H 540 34.13 -36.09 -43.22
CA VAL H 540 33.22 -37.23 -43.22
C VAL H 540 32.92 -37.62 -41.78
N ASP H 541 31.79 -38.29 -41.59
CA ASP H 541 31.40 -38.82 -40.30
C ASP H 541 30.84 -40.22 -40.46
N PRO H 542 30.97 -41.07 -39.45
CA PRO H 542 30.46 -42.44 -39.58
C PRO H 542 28.95 -42.48 -39.74
N LEU H 543 28.49 -43.48 -40.50
CA LEU H 543 27.06 -43.69 -40.64
C LEU H 543 26.42 -44.11 -39.33
N LYS H 544 27.17 -44.81 -38.48
CA LYS H 544 26.61 -45.31 -37.22
C LYS H 544 26.15 -44.18 -36.32
N VAL H 545 26.97 -43.14 -36.18
CA VAL H 545 26.63 -42.07 -35.24
C VAL H 545 25.44 -41.28 -35.74
N VAL H 546 25.38 -40.98 -37.04
CA VAL H 546 24.26 -40.20 -37.56
C VAL H 546 22.98 -41.02 -37.52
N ARG H 547 23.06 -42.32 -37.81
CA ARG H 547 21.88 -43.17 -37.74
C ARG H 547 21.36 -43.28 -36.31
N THR H 548 22.26 -43.49 -35.35
CA THR H 548 21.85 -43.59 -33.95
C THR H 548 21.24 -42.29 -33.47
N ALA H 549 21.87 -41.15 -33.81
CA ALA H 549 21.33 -39.86 -33.40
C ALA H 549 19.95 -39.63 -33.99
N LEU H 550 19.78 -39.92 -35.27
CA LEU H 550 18.47 -39.74 -35.90
C LEU H 550 17.41 -40.60 -35.23
N VAL H 551 17.71 -41.88 -35.04
CA VAL H 551 16.70 -42.80 -34.49
C VAL H 551 16.33 -42.40 -33.07
N ASP H 552 17.33 -42.10 -32.23
CA ASP H 552 17.05 -41.77 -30.84
C ASP H 552 16.31 -40.44 -30.73
N ALA H 553 16.72 -39.43 -31.51
CA ALA H 553 16.02 -38.16 -31.47
C ALA H 553 14.58 -38.31 -31.92
N SER H 554 14.35 -39.06 -33.00
CA SER H 554 12.98 -39.28 -33.47
C SER H 554 12.14 -39.97 -32.42
N GLY H 555 12.68 -41.02 -31.79
CA GLY H 555 11.92 -41.75 -30.80
C GLY H 555 11.58 -40.90 -29.59
N VAL H 556 12.55 -40.17 -29.06
CA VAL H 556 12.30 -39.36 -27.87
C VAL H 556 11.36 -38.20 -28.19
N ALA H 557 11.47 -37.62 -29.39
CA ALA H 557 10.57 -36.54 -29.76
C ALA H 557 9.14 -37.04 -29.92
N SER H 558 8.96 -38.22 -30.52
CA SER H 558 7.62 -38.80 -30.61
C SER H 558 7.05 -39.10 -29.23
N LEU H 559 7.89 -39.64 -28.34
CA LEU H 559 7.43 -39.92 -26.97
C LEU H 559 7.02 -38.64 -26.26
N LEU H 560 7.79 -37.56 -26.43
CA LEU H 560 7.44 -36.29 -25.79
C LEU H 560 6.16 -35.73 -26.38
N THR H 561 5.97 -35.85 -27.69
CA THR H 561 4.74 -35.36 -28.33
C THR H 561 3.52 -36.13 -27.84
N THR H 562 3.65 -37.44 -27.65
CA THR H 562 2.53 -38.27 -27.23
C THR H 562 2.13 -38.02 -25.77
N THR H 563 3.04 -37.49 -24.95
CA THR H 563 2.79 -37.33 -23.53
C THR H 563 1.58 -36.44 -23.28
N GLU H 564 0.69 -36.88 -22.39
CA GLU H 564 -0.55 -36.17 -22.09
C GLU H 564 -0.65 -35.69 -20.65
N CYS H 565 0.15 -36.21 -19.73
CA CYS H 565 0.12 -35.78 -18.33
C CYS H 565 1.51 -35.88 -17.76
N THR H 566 1.89 -34.91 -16.93
CA THR H 566 3.18 -34.90 -16.27
C THR H 566 3.00 -34.59 -14.79
N ILE H 567 3.66 -35.39 -13.94
CA ILE H 567 3.53 -35.29 -12.49
C ILE H 567 4.90 -35.02 -11.89
N THR H 568 4.99 -33.97 -11.09
CA THR H 568 6.21 -33.65 -10.35
C THR H 568 5.91 -33.50 -8.87
N GLU H 569 6.90 -33.08 -8.09
CA GLU H 569 6.73 -32.89 -6.66
C GLU H 569 6.57 -31.40 -6.35
N ALA H 570 5.68 -31.11 -5.42
CA ALA H 570 5.45 -29.73 -5.01
C ALA H 570 6.65 -29.22 -4.22
N PRO H 571 7.23 -28.06 -4.58
CA PRO H 571 8.40 -27.49 -3.91
C PRO H 571 8.12 -27.17 -2.44
N THR I 44 21.92 -29.71 -8.18
CA THR I 44 22.20 -28.28 -8.31
C THR I 44 21.37 -27.64 -9.41
N HIS I 45 21.08 -26.36 -9.26
CA HIS I 45 20.29 -25.61 -10.22
C HIS I 45 21.13 -24.49 -10.81
N LYS I 46 21.02 -24.28 -12.11
CA LYS I 46 21.88 -23.37 -12.85
C LYS I 46 21.08 -22.23 -13.47
N GLU I 47 21.79 -21.16 -13.78
CA GLU I 47 21.25 -20.01 -14.50
C GLU I 47 22.06 -19.81 -15.77
N LEU I 48 21.38 -19.56 -16.87
CA LEU I 48 22.02 -19.48 -18.18
C LEU I 48 21.76 -18.12 -18.81
N LYS I 49 22.80 -17.54 -19.40
CA LYS I 49 22.69 -16.31 -20.18
C LYS I 49 23.27 -16.54 -21.57
N PHE I 50 22.59 -16.00 -22.58
CA PHE I 50 22.94 -16.22 -23.97
C PHE I 50 23.19 -14.90 -24.67
N GLY I 51 24.20 -14.88 -25.54
CA GLY I 51 24.42 -13.76 -26.43
C GLY I 51 24.81 -12.43 -25.81
N VAL I 52 24.00 -11.40 -26.07
CA VAL I 52 24.39 -10.04 -25.74
C VAL I 52 24.38 -9.82 -24.23
N GLU I 53 23.40 -10.38 -23.52
CA GLU I 53 23.28 -10.11 -22.09
C GLU I 53 24.43 -10.73 -21.30
N GLY I 54 24.81 -11.96 -21.64
CA GLY I 54 25.94 -12.58 -20.97
C GLY I 54 27.24 -11.84 -21.21
N ARG I 55 27.47 -11.42 -22.45
CA ARG I 55 28.65 -10.63 -22.76
C ARG I 55 28.62 -9.28 -22.05
N ALA I 56 27.43 -8.70 -21.88
CA ALA I 56 27.32 -7.44 -21.15
C ALA I 56 27.70 -7.62 -19.69
N SER I 57 27.24 -8.71 -19.07
CA SER I 57 27.62 -8.97 -17.68
C SER I 57 29.12 -9.22 -17.55
N LEU I 58 29.70 -10.00 -18.46
CA LEU I 58 31.14 -10.23 -18.45
C LEU I 58 31.90 -8.92 -18.62
N LEU I 59 31.41 -8.05 -19.52
CA LEU I 59 32.05 -6.76 -19.73
C LEU I 59 31.95 -5.88 -18.49
N LYS I 60 30.83 -5.94 -17.77
CA LYS I 60 30.72 -5.20 -16.52
C LYS I 60 31.77 -5.66 -15.52
N GLY I 61 31.93 -6.98 -15.38
CA GLY I 61 32.93 -7.50 -14.45
C GLY I 61 34.34 -7.08 -14.83
N VAL I 62 34.69 -7.23 -16.11
CA VAL I 62 36.02 -6.86 -16.58
C VAL I 62 36.23 -5.36 -16.44
N ASP I 63 35.18 -4.57 -16.65
CA ASP I 63 35.26 -3.13 -16.50
C ASP I 63 35.59 -2.75 -15.06
N ILE I 64 34.89 -3.37 -14.10
CA ILE I 64 35.16 -3.08 -12.70
C ILE I 64 36.60 -3.44 -12.34
N LEU I 65 37.04 -4.63 -12.75
CA LEU I 65 38.39 -5.07 -12.43
C LEU I 65 39.44 -4.13 -13.03
N ALA I 66 39.28 -3.79 -14.31
CA ALA I 66 40.27 -2.94 -14.98
C ALA I 66 40.26 -1.53 -14.40
N LYS I 67 39.08 -1.00 -14.06
CA LYS I 67 39.01 0.32 -13.46
C LYS I 67 39.71 0.35 -12.11
N ALA I 68 39.55 -0.71 -11.32
CA ALA I 68 40.22 -0.77 -10.03
C ALA I 68 41.74 -0.88 -10.21
N VAL I 69 42.19 -1.67 -11.19
CA VAL I 69 43.63 -1.93 -11.30
C VAL I 69 44.37 -0.79 -12.01
N ALA I 70 43.71 -0.06 -12.91
CA ALA I 70 44.40 0.90 -13.76
C ALA I 70 44.91 2.12 -13.01
N VAL I 71 44.34 2.45 -11.86
CA VAL I 71 44.76 3.65 -11.13
C VAL I 71 46.16 3.54 -10.55
N THR I 72 46.75 2.34 -10.55
CA THR I 72 48.06 2.11 -9.95
C THR I 72 49.17 2.00 -10.99
N LEU I 73 48.90 2.36 -12.25
CA LEU I 73 49.87 2.19 -13.31
C LEU I 73 50.64 3.49 -13.54
N GLY I 74 51.97 3.39 -13.60
CA GLY I 74 52.82 4.52 -13.85
C GLY I 74 53.53 5.01 -12.60
N PRO I 75 54.51 5.90 -12.78
CA PRO I 75 55.18 6.48 -11.61
C PRO I 75 54.25 7.27 -10.71
N LYS I 76 53.23 7.91 -11.29
CA LYS I 76 52.27 8.70 -10.54
C LYS I 76 50.96 7.94 -10.27
N GLY I 77 51.05 6.63 -10.08
CA GLY I 77 49.85 5.86 -9.80
C GLY I 77 49.23 6.24 -8.47
N ARG I 78 47.91 6.16 -8.41
CA ARG I 78 47.18 6.55 -7.22
C ARG I 78 47.16 5.42 -6.20
N ASN I 79 46.58 5.69 -5.04
CA ASN I 79 46.54 4.74 -3.94
C ASN I 79 45.21 3.99 -3.92
N VAL I 80 45.26 2.77 -3.41
CA VAL I 80 44.07 1.94 -3.22
C VAL I 80 44.01 1.55 -1.75
N LEU I 81 42.84 1.75 -1.14
CA LEU I 81 42.59 1.37 0.25
C LEU I 81 41.83 0.05 0.26
N ILE I 82 42.44 -0.98 0.87
CA ILE I 82 41.82 -2.29 1.00
C ILE I 82 41.57 -2.55 2.48
N GLU I 83 40.33 -2.87 2.81
CA GLU I 83 39.91 -3.05 4.20
C GLU I 83 40.01 -4.51 4.59
N GLN I 84 40.69 -4.78 5.71
CA GLN I 84 40.84 -6.09 6.34
C GLN I 84 39.71 -6.33 7.34
N PRO I 85 39.32 -7.59 7.55
CA PRO I 85 38.25 -7.88 8.52
C PRO I 85 38.56 -7.36 9.92
N TYR I 86 39.84 -7.46 10.30
CA TYR I 86 40.29 -6.96 11.60
C TYR I 86 41.69 -6.41 11.40
N GLY I 87 41.91 -5.14 11.74
CA GLY I 87 43.21 -4.51 11.58
C GLY I 87 43.11 -3.23 10.79
N SER I 88 44.25 -2.53 10.74
CA SER I 88 44.32 -1.25 10.05
C SER I 88 44.19 -1.46 8.54
N PRO I 89 43.58 -0.50 7.84
CA PRO I 89 43.44 -0.64 6.38
C PRO I 89 44.79 -0.63 5.69
N LYS I 90 44.84 -1.32 4.55
CA LYS I 90 46.06 -1.46 3.77
C LYS I 90 46.07 -0.46 2.62
N ILE I 91 47.18 0.27 2.47
CA ILE I 91 47.35 1.25 1.41
C ILE I 91 48.31 0.65 0.39
N THR I 92 47.85 0.49 -0.84
CA THR I 92 48.64 -0.21 -1.85
C THR I 92 48.68 0.57 -3.15
N LYS I 93 49.85 0.55 -3.79
CA LYS I 93 50.05 1.05 -5.15
C LYS I 93 50.38 -0.06 -6.13
N ASP I 94 50.16 -1.32 -5.72
CA ASP I 94 50.59 -2.48 -6.48
C ASP I 94 49.41 -3.09 -7.21
N GLY I 95 49.55 -3.28 -8.52
CA GLY I 95 48.44 -3.72 -9.33
C GLY I 95 48.00 -5.14 -9.03
N VAL I 96 48.96 -6.05 -8.85
CA VAL I 96 48.60 -7.45 -8.61
C VAL I 96 47.94 -7.62 -7.25
N THR I 97 48.38 -6.86 -6.25
CA THR I 97 47.75 -6.90 -4.94
C THR I 97 46.29 -6.44 -5.02
N VAL I 98 46.04 -5.37 -5.76
CA VAL I 98 44.67 -4.89 -5.95
C VAL I 98 43.84 -5.91 -6.72
N ALA I 99 44.42 -6.53 -7.75
CA ALA I 99 43.68 -7.49 -8.57
C ALA I 99 43.32 -8.74 -7.78
N LYS I 100 44.21 -9.21 -6.90
CA LYS I 100 43.97 -10.44 -6.16
C LYS I 100 42.92 -10.28 -5.07
N SER I 101 42.47 -9.07 -4.78
CA SER I 101 41.53 -8.82 -3.69
C SER I 101 40.17 -8.35 -4.18
N ILE I 102 39.79 -8.68 -5.41
CA ILE I 102 38.52 -8.24 -5.99
C ILE I 102 37.64 -9.45 -6.22
N SER I 103 36.44 -9.43 -5.63
CA SER I 103 35.43 -10.44 -5.85
C SER I 103 34.07 -9.76 -5.96
N LEU I 104 33.28 -10.15 -6.94
CA LEU I 104 32.01 -9.52 -7.22
C LEU I 104 30.87 -10.43 -6.78
N LYS I 105 29.79 -9.78 -6.36
CA LYS I 105 28.62 -10.46 -5.89
C LYS I 105 27.83 -11.08 -6.96
N ASP I 106 27.68 -10.43 -8.07
CA ASP I 106 27.01 -10.96 -9.25
C ASP I 106 27.86 -12.07 -9.87
N LYS I 107 27.20 -13.14 -10.30
CA LYS I 107 27.91 -14.36 -10.70
C LYS I 107 28.60 -14.21 -12.06
N PHE I 108 27.94 -13.61 -13.03
CA PHE I 108 28.51 -13.52 -14.37
C PHE I 108 29.63 -12.49 -14.44
N GLU I 109 29.44 -11.35 -13.78
CA GLU I 109 30.51 -10.37 -13.69
C GLU I 109 31.71 -10.95 -12.94
N ASN I 110 31.46 -11.69 -11.87
CA ASN I 110 32.53 -12.37 -11.17
C ASN I 110 33.21 -13.40 -12.06
N LEU I 111 32.46 -14.06 -12.94
CA LEU I 111 33.06 -15.03 -13.85
C LEU I 111 34.03 -14.35 -14.81
N GLY I 112 33.60 -13.24 -15.41
CA GLY I 112 34.50 -12.50 -16.30
C GLY I 112 35.73 -11.98 -15.56
N ALA I 113 35.51 -11.40 -14.37
CA ALA I 113 36.63 -10.90 -13.58
C ALA I 113 37.59 -12.02 -13.19
N ARG I 114 37.05 -13.19 -12.88
CA ARG I 114 37.89 -14.31 -12.51
C ARG I 114 38.74 -14.77 -13.69
N LEU I 115 38.12 -14.87 -14.87
CA LEU I 115 38.87 -15.25 -16.05
C LEU I 115 40.03 -14.29 -16.31
N VAL I 116 39.75 -12.99 -16.27
CA VAL I 116 40.81 -12.02 -16.51
C VAL I 116 41.85 -12.07 -15.40
N GLN I 117 41.43 -12.29 -14.16
CA GLN I 117 42.36 -12.40 -13.04
C GLN I 117 43.27 -13.59 -13.21
N ASP I 118 42.73 -14.74 -13.64
CA ASP I 118 43.56 -15.91 -13.86
C ASP I 118 44.59 -15.65 -14.95
N VAL I 119 44.17 -15.03 -16.05
CA VAL I 119 45.12 -14.77 -17.14
C VAL I 119 46.20 -13.78 -16.69
N ALA I 120 45.81 -12.72 -15.97
CA ALA I 120 46.78 -11.76 -15.49
C ALA I 120 47.76 -12.37 -14.49
N ASN I 121 47.27 -13.21 -13.57
CA ASN I 121 48.14 -13.90 -12.64
C ASN I 121 49.11 -14.82 -13.37
N LYS I 122 48.62 -15.53 -14.40
CA LYS I 122 49.49 -16.43 -15.15
C LYS I 122 50.59 -15.66 -15.87
N THR I 123 50.25 -14.54 -16.52
CA THR I 123 51.29 -13.78 -17.21
C THR I 123 52.27 -13.14 -16.23
N ASN I 124 51.78 -12.69 -15.08
CA ASN I 124 52.67 -12.15 -14.06
C ASN I 124 53.64 -13.21 -13.55
N GLU I 125 53.13 -14.43 -13.33
CA GLU I 125 54.01 -15.51 -12.87
C GLU I 125 55.02 -15.90 -13.94
N VAL I 126 54.59 -15.95 -15.21
CA VAL I 126 55.48 -16.37 -16.28
C VAL I 126 56.58 -15.34 -16.52
N ALA I 127 56.21 -14.06 -16.63
CA ALA I 127 57.15 -13.03 -17.04
C ALA I 127 57.75 -12.24 -15.88
N GLY I 128 57.08 -12.17 -14.73
CA GLY I 128 57.57 -11.38 -13.63
C GLY I 128 56.67 -10.21 -13.31
N ASP I 129 56.11 -9.58 -14.35
CA ASP I 129 55.21 -8.46 -14.18
C ASP I 129 54.35 -8.35 -15.43
N GLY I 130 53.47 -7.35 -15.44
CA GLY I 130 52.58 -7.11 -16.55
C GLY I 130 51.11 -7.36 -16.27
N THR I 131 50.68 -7.41 -15.00
CA THR I 131 49.28 -7.66 -14.70
C THR I 131 48.40 -6.48 -15.10
N THR I 132 48.82 -5.26 -14.74
CA THR I 132 48.00 -4.08 -15.02
C THR I 132 47.87 -3.85 -16.52
N THR I 133 48.98 -3.95 -17.25
CA THR I 133 48.93 -3.75 -18.70
C THR I 133 48.06 -4.81 -19.38
N ALA I 134 48.19 -6.06 -18.96
CA ALA I 134 47.38 -7.12 -19.54
C ALA I 134 45.90 -6.90 -19.26
N THR I 135 45.57 -6.50 -18.03
CA THR I 135 44.17 -6.23 -17.70
C THR I 135 43.61 -5.07 -18.52
N ILE I 136 44.39 -4.00 -18.67
CA ILE I 136 43.94 -2.84 -19.42
C ILE I 136 43.70 -3.20 -20.88
N LEU I 137 44.66 -3.93 -21.47
CA LEU I 137 44.52 -4.33 -22.87
C LEU I 137 43.34 -5.28 -23.05
N THR I 138 43.14 -6.20 -22.11
CA THR I 138 41.98 -7.09 -22.17
C THR I 138 40.68 -6.29 -22.16
N ARG I 139 40.57 -5.34 -21.24
CA ARG I 139 39.36 -4.53 -21.17
C ARG I 139 39.12 -3.77 -22.47
N ALA I 140 40.18 -3.15 -23.01
CA ALA I 140 40.03 -2.36 -24.23
C ALA I 140 39.58 -3.23 -25.40
N ILE I 141 40.29 -4.34 -25.63
CA ILE I 141 39.98 -5.20 -26.76
C ILE I 141 38.58 -5.80 -26.62
N PHE I 142 38.24 -6.25 -25.40
CA PHE I 142 36.93 -6.86 -25.19
C PHE I 142 35.80 -5.86 -25.43
N ALA I 143 35.94 -4.63 -24.90
CA ALA I 143 34.91 -3.63 -25.09
C ALA I 143 34.75 -3.27 -26.57
N GLU I 144 35.87 -3.07 -27.27
CA GLU I 144 35.78 -2.70 -28.68
C GLU I 144 35.20 -3.84 -29.51
N GLY I 145 35.56 -5.08 -29.21
CA GLY I 145 34.99 -6.21 -29.91
C GLY I 145 33.50 -6.36 -29.66
N VAL I 146 33.06 -6.11 -28.43
CA VAL I 146 31.63 -6.14 -28.13
C VAL I 146 30.90 -5.07 -28.95
N LYS I 147 31.47 -3.87 -29.01
CA LYS I 147 30.85 -2.81 -29.81
C LYS I 147 30.77 -3.19 -31.27
N ASN I 148 31.85 -3.75 -31.83
CA ASN I 148 31.86 -4.10 -33.25
C ASN I 148 30.90 -5.24 -33.55
N VAL I 149 30.78 -6.21 -32.63
CA VAL I 149 29.82 -7.29 -32.81
C VAL I 149 28.39 -6.75 -32.76
N ALA I 150 28.12 -5.85 -31.83
CA ALA I 150 26.80 -5.22 -31.78
C ALA I 150 26.51 -4.43 -33.05
N ALA I 151 27.55 -3.86 -33.68
CA ALA I 151 27.37 -3.14 -34.94
C ALA I 151 26.99 -4.05 -36.09
N GLY I 152 27.10 -5.37 -35.93
CA GLY I 152 26.70 -6.31 -36.97
C GLY I 152 27.86 -6.89 -37.74
N CYS I 153 28.91 -7.30 -37.04
CA CYS I 153 30.11 -7.83 -37.65
C CYS I 153 30.31 -9.29 -37.25
N ASN I 154 31.16 -9.98 -38.01
CA ASN I 154 31.44 -11.39 -37.78
C ASN I 154 32.56 -11.54 -36.77
N PRO I 155 32.29 -12.15 -35.61
CA PRO I 155 33.35 -12.28 -34.58
C PRO I 155 34.56 -13.08 -35.03
N MET I 156 34.39 -14.08 -35.90
CA MET I 156 35.52 -14.89 -36.32
C MET I 156 36.52 -14.08 -37.15
N ASP I 157 36.02 -13.24 -38.04
CA ASP I 157 36.92 -12.39 -38.82
C ASP I 157 37.57 -11.32 -37.93
N LEU I 158 36.85 -10.85 -36.92
CA LEU I 158 37.46 -9.98 -35.92
C LEU I 158 38.63 -10.68 -35.23
N ARG I 159 38.43 -11.95 -34.84
CA ARG I 159 39.50 -12.72 -34.22
C ARG I 159 40.69 -12.87 -35.15
N ARG I 160 40.42 -13.16 -36.42
CA ARG I 160 41.52 -13.32 -37.38
C ARG I 160 42.31 -12.01 -37.55
N GLY I 161 41.60 -10.89 -37.66
CA GLY I 161 42.27 -9.61 -37.77
C GLY I 161 43.07 -9.25 -36.54
N VAL I 162 42.52 -9.54 -35.36
CA VAL I 162 43.24 -9.28 -34.12
C VAL I 162 44.51 -10.12 -34.05
N GLN I 163 44.42 -11.40 -34.44
CA GLN I 163 45.60 -12.26 -34.45
C GLN I 163 46.65 -11.73 -35.41
N MET I 164 46.24 -11.32 -36.61
CA MET I 164 47.20 -10.80 -37.58
C MET I 164 47.88 -9.54 -37.08
N ALA I 165 47.10 -8.62 -36.49
CA ALA I 165 47.67 -7.40 -35.95
C ALA I 165 48.64 -7.69 -34.81
N VAL I 166 48.28 -8.62 -33.93
CA VAL I 166 49.16 -8.96 -32.81
C VAL I 166 50.46 -9.56 -33.31
N ASP I 167 50.38 -10.44 -34.31
CA ASP I 167 51.59 -11.01 -34.88
C ASP I 167 52.49 -9.93 -35.49
N SER I 168 51.88 -8.98 -36.22
CA SER I 168 52.66 -7.89 -36.80
C SER I 168 53.33 -7.05 -35.72
N ILE I 169 52.60 -6.74 -34.65
CA ILE I 169 53.16 -5.94 -33.56
C ILE I 169 54.32 -6.68 -32.90
N VAL I 170 54.16 -7.98 -32.66
CA VAL I 170 55.21 -8.76 -32.02
C VAL I 170 56.45 -8.80 -32.90
N LYS I 171 56.27 -8.97 -34.20
CA LYS I 171 57.41 -8.97 -35.12
C LYS I 171 58.13 -7.62 -35.11
N PHE I 172 57.37 -6.53 -35.14
CA PHE I 172 57.98 -5.20 -35.10
C PHE I 172 58.77 -4.99 -33.81
N LEU I 173 58.17 -5.37 -32.68
CA LEU I 173 58.82 -5.18 -31.39
C LEU I 173 60.09 -6.02 -31.28
N ARG I 174 60.05 -7.26 -31.77
CA ARG I 174 61.26 -8.09 -31.78
C ARG I 174 62.33 -7.49 -32.69
N GLU I 175 61.93 -6.89 -33.80
CA GLU I 175 62.89 -6.24 -34.68
C GLU I 175 63.55 -5.04 -34.00
N LYS I 176 62.78 -4.27 -33.23
CA LYS I 176 63.29 -3.04 -32.63
C LYS I 176 63.88 -3.23 -31.23
N SER I 177 63.98 -4.47 -30.74
CA SER I 177 64.50 -4.69 -29.41
C SER I 177 66.01 -4.49 -29.36
N ARG I 178 66.52 -4.16 -28.16
CA ARG I 178 67.94 -3.97 -27.92
C ARG I 178 68.45 -5.11 -27.04
N VAL I 179 69.37 -5.91 -27.59
CA VAL I 179 69.92 -7.07 -26.89
C VAL I 179 71.10 -6.62 -26.04
N ILE I 180 71.24 -7.22 -24.86
CA ILE I 180 72.34 -6.93 -23.95
C ILE I 180 73.13 -8.22 -23.73
N THR I 181 74.44 -8.15 -23.98
CA THR I 181 75.30 -9.32 -23.88
C THR I 181 76.43 -9.17 -22.88
N THR I 182 77.18 -8.07 -22.93
CA THR I 182 78.38 -7.95 -22.10
C THR I 182 78.01 -7.56 -20.67
N SER I 183 79.01 -7.66 -19.78
CA SER I 183 78.77 -7.48 -18.35
C SER I 183 78.39 -6.05 -18.00
N GLU I 184 78.93 -5.06 -18.73
CA GLU I 184 78.62 -3.67 -18.40
C GLU I 184 77.15 -3.36 -18.66
N GLU I 185 76.60 -3.88 -19.76
CA GLU I 185 75.18 -3.65 -20.03
C GLU I 185 74.29 -4.38 -19.04
N ILE I 186 74.70 -5.58 -18.62
CA ILE I 186 73.95 -6.30 -17.58
C ILE I 186 73.97 -5.50 -16.28
N ALA I 187 75.13 -4.94 -15.93
CA ALA I 187 75.22 -4.14 -14.71
C ALA I 187 74.35 -2.90 -14.80
N GLN I 188 74.35 -2.24 -15.96
CA GLN I 188 73.51 -1.05 -16.13
C GLN I 188 72.03 -1.40 -16.04
N VAL I 189 71.63 -2.50 -16.67
CA VAL I 189 70.23 -2.92 -16.63
C VAL I 189 69.81 -3.26 -15.21
N ALA I 190 70.67 -3.96 -14.47
CA ALA I 190 70.35 -4.29 -13.09
C ALA I 190 70.30 -3.05 -12.21
N THR I 191 71.17 -2.07 -12.46
CA THR I 191 71.12 -0.82 -11.71
C THR I 191 69.83 -0.06 -11.98
N ILE I 192 69.40 -0.01 -13.24
CA ILE I 192 68.14 0.64 -13.57
C ILE I 192 66.98 -0.09 -12.90
N SER I 193 67.00 -1.42 -12.94
CA SER I 193 65.93 -2.21 -12.34
C SER I 193 65.92 -2.11 -10.81
N ALA I 194 67.00 -1.60 -10.21
CA ALA I 194 67.10 -1.46 -8.77
C ALA I 194 66.87 -0.02 -8.32
N ASN I 195 66.17 0.78 -9.13
CA ASN I 195 65.90 2.19 -8.82
C ASN I 195 67.19 2.97 -8.60
N GLY I 196 68.15 2.76 -9.50
CA GLY I 196 69.40 3.49 -9.44
C GLY I 196 70.40 3.00 -8.42
N ASP I 197 70.22 1.81 -7.88
CA ASP I 197 71.14 1.27 -6.88
C ASP I 197 72.33 0.63 -7.60
N THR I 198 73.52 1.23 -7.41
CA THR I 198 74.71 0.72 -8.07
C THR I 198 75.22 -0.57 -7.43
N HIS I 199 75.10 -0.71 -6.10
CA HIS I 199 75.58 -1.90 -5.43
C HIS I 199 74.84 -3.14 -5.89
N VAL I 200 73.50 -3.04 -6.00
CA VAL I 200 72.71 -4.19 -6.44
C VAL I 200 73.05 -4.57 -7.87
N GLY I 201 73.21 -3.57 -8.74
CA GLY I 201 73.56 -3.85 -10.12
C GLY I 201 74.94 -4.49 -10.25
N LYS I 202 75.90 -4.04 -9.44
CA LYS I 202 77.23 -4.64 -9.46
C LYS I 202 77.18 -6.07 -8.93
N LEU I 203 76.43 -6.31 -7.86
CA LEU I 203 76.33 -7.66 -7.30
C LEU I 203 75.66 -8.62 -8.28
N ILE I 204 74.59 -8.19 -8.94
CA ILE I 204 73.88 -9.07 -9.86
C ILE I 204 74.78 -9.43 -11.05
N ALA I 205 75.34 -8.47 -11.72
CA ALA I 205 76.17 -8.70 -12.86
C ALA I 205 77.29 -9.61 -12.64
N ASN I 206 77.57 -9.97 -11.40
CA ASN I 206 78.71 -10.81 -11.07
C ASN I 206 78.25 -12.20 -10.82
N ALA I 207 77.16 -12.34 -10.12
CA ALA I 207 76.61 -13.68 -9.93
C ALA I 207 76.33 -14.35 -11.27
N MET I 208 75.72 -13.62 -12.19
CA MET I 208 75.43 -14.15 -13.52
C MET I 208 76.63 -14.14 -14.43
N GLU I 209 77.73 -13.48 -14.02
CA GLU I 209 79.02 -13.74 -14.65
C GLU I 209 79.57 -15.10 -14.21
N LYS I 210 79.46 -15.41 -12.92
CA LYS I 210 80.00 -16.66 -12.39
C LYS I 210 79.22 -17.87 -12.92
N VAL I 211 77.90 -17.85 -12.81
CA VAL I 211 77.10 -19.00 -13.18
C VAL I 211 76.59 -18.94 -14.63
N GLY I 212 76.80 -17.83 -15.32
CA GLY I 212 76.26 -17.63 -16.64
C GLY I 212 74.89 -17.00 -16.62
N LYS I 213 74.41 -16.65 -17.81
CA LYS I 213 73.07 -16.04 -17.92
C LYS I 213 71.99 -17.03 -17.52
N GLU I 214 72.18 -18.31 -17.83
CA GLU I 214 71.21 -19.35 -17.56
C GLU I 214 71.42 -20.04 -16.22
N GLY I 215 72.38 -19.57 -15.41
CA GLY I 215 72.66 -20.22 -14.15
C GLY I 215 71.59 -19.98 -13.11
N VAL I 216 71.82 -20.56 -11.93
CA VAL I 216 70.90 -20.42 -10.81
C VAL I 216 71.47 -19.39 -9.84
N ILE I 217 70.70 -18.33 -9.59
CA ILE I 217 71.05 -17.30 -8.63
C ILE I 217 69.90 -17.18 -7.63
N THR I 218 70.23 -17.19 -6.34
CA THR I 218 69.23 -17.08 -5.30
C THR I 218 69.69 -16.06 -4.27
N VAL I 219 68.72 -15.52 -3.53
CA VAL I 219 68.95 -14.45 -2.57
C VAL I 219 68.52 -14.92 -1.19
N LYS I 220 69.41 -14.79 -0.21
CA LYS I 220 69.13 -15.22 1.16
C LYS I 220 69.59 -14.13 2.13
N GLU I 221 69.11 -14.23 3.37
CA GLU I 221 69.47 -13.28 4.40
C GLU I 221 70.92 -13.48 4.84
N GLY I 222 71.58 -12.37 5.18
CA GLY I 222 72.97 -12.42 5.58
C GLY I 222 73.16 -12.31 7.09
N LYS I 223 74.38 -12.60 7.52
CA LYS I 223 74.74 -12.56 8.93
C LYS I 223 75.43 -11.26 9.35
N THR I 224 75.72 -10.37 8.41
CA THR I 224 76.60 -9.24 8.65
C THR I 224 76.03 -8.00 7.96
N ILE I 225 76.86 -6.98 7.81
CA ILE I 225 76.42 -5.76 7.17
C ILE I 225 76.74 -5.75 5.68
N GLU I 226 77.93 -6.18 5.29
CA GLU I 226 78.32 -6.18 3.89
C GLU I 226 77.69 -7.35 3.15
N ASP I 227 77.58 -7.19 1.84
CA ASP I 227 76.87 -8.12 0.98
C ASP I 227 77.82 -9.19 0.45
N GLU I 228 77.36 -10.43 0.45
CA GLU I 228 78.23 -11.54 0.09
C GLU I 228 77.70 -12.27 -1.13
N LEU I 229 78.62 -12.77 -1.95
CA LEU I 229 78.29 -13.59 -3.10
C LEU I 229 79.14 -14.85 -3.05
N GLU I 230 78.48 -16.01 -2.91
CA GLU I 230 79.23 -17.25 -2.76
C GLU I 230 78.69 -18.30 -3.74
N ILE I 231 79.59 -19.05 -4.35
CA ILE I 231 79.23 -20.15 -5.24
C ILE I 231 79.25 -21.44 -4.43
N THR I 232 78.12 -22.14 -4.38
CA THR I 232 78.01 -23.38 -3.64
C THR I 232 77.58 -24.49 -4.58
N GLU I 233 77.42 -25.68 -3.99
CA GLU I 233 76.87 -26.82 -4.71
C GLU I 233 75.37 -26.89 -4.43
N GLY I 234 74.58 -27.13 -5.46
CA GLY I 234 73.15 -27.23 -5.32
C GLY I 234 72.52 -27.42 -6.67
N MET I 235 71.20 -27.52 -6.69
CA MET I 235 70.52 -27.74 -7.96
C MET I 235 69.03 -27.54 -7.80
N ARG I 236 68.36 -27.33 -8.93
CA ARG I 236 66.96 -26.91 -8.96
C ARG I 236 66.15 -27.90 -9.80
N PHE I 237 64.91 -28.12 -9.40
CA PHE I 237 63.94 -28.84 -10.21
C PHE I 237 62.69 -27.99 -10.41
N ASP I 238 61.93 -28.35 -11.44
CA ASP I 238 60.70 -27.67 -11.80
C ASP I 238 59.47 -28.29 -11.13
N ARG I 239 59.64 -28.93 -9.98
CA ARG I 239 58.53 -29.47 -9.20
C ARG I 239 58.49 -28.81 -7.83
N GLY I 240 57.32 -28.27 -7.48
CA GLY I 240 57.12 -27.60 -6.23
C GLY I 240 56.45 -28.47 -5.19
N TYR I 241 55.94 -27.82 -4.13
CA TYR I 241 55.34 -28.56 -3.03
C TYR I 241 53.96 -29.09 -3.41
N ILE I 242 53.56 -30.19 -2.78
CA ILE I 242 52.30 -30.84 -3.12
C ILE I 242 51.11 -29.99 -2.69
N SER I 243 51.12 -29.49 -1.46
CA SER I 243 49.97 -28.78 -0.94
C SER I 243 50.32 -27.37 -0.50
N PRO I 244 49.52 -26.37 -0.89
CA PRO I 244 49.76 -25.00 -0.42
C PRO I 244 49.94 -24.88 1.09
N TYR I 245 49.33 -25.75 1.89
CA TYR I 245 49.44 -25.64 3.34
C TYR I 245 50.87 -25.79 3.84
N PHE I 246 51.76 -26.38 3.06
CA PHE I 246 53.15 -26.57 3.46
C PHE I 246 53.91 -25.25 3.57
N ILE I 247 53.34 -24.15 3.10
CA ILE I 247 54.02 -22.86 3.12
C ILE I 247 54.34 -22.46 4.55
N THR I 248 55.61 -22.17 4.83
CA THR I 248 56.03 -21.64 6.12
C THR I 248 56.27 -20.15 6.09
N ASP I 249 56.64 -19.60 4.93
CA ASP I 249 56.82 -18.17 4.73
C ASP I 249 55.64 -17.68 3.90
N ALA I 250 54.57 -17.26 4.57
CA ALA I 250 53.37 -16.81 3.87
C ALA I 250 53.58 -15.49 3.15
N LYS I 251 54.66 -14.77 3.44
CA LYS I 251 54.91 -13.50 2.76
C LYS I 251 55.13 -13.72 1.26
N THR I 252 55.90 -14.75 0.90
CA THR I 252 56.22 -15.05 -0.48
C THR I 252 55.68 -16.40 -0.92
N GLN I 253 54.89 -17.06 -0.07
CA GLN I 253 54.26 -18.34 -0.39
C GLN I 253 55.30 -19.40 -0.73
N LYS I 254 56.32 -19.54 0.11
CA LYS I 254 57.37 -20.53 -0.10
C LYS I 254 57.73 -21.21 1.21
N VAL I 255 58.51 -22.28 1.10
CA VAL I 255 58.93 -23.10 2.24
C VAL I 255 60.45 -23.08 2.29
N GLU I 256 61.01 -22.81 3.46
CA GLU I 256 62.46 -22.78 3.65
C GLU I 256 62.84 -23.66 4.82
N PHE I 257 63.80 -24.55 4.60
CA PHE I 257 64.31 -25.39 5.68
C PHE I 257 65.83 -25.33 5.71
N GLU I 258 66.37 -25.27 6.93
CA GLU I 258 67.82 -25.21 7.15
C GLU I 258 68.29 -26.57 7.65
N LYS I 259 69.19 -27.18 6.90
CA LYS I 259 69.77 -28.48 7.22
C LYS I 259 68.69 -29.55 7.48
N PRO I 260 67.91 -29.90 6.47
CA PRO I 260 66.85 -30.90 6.66
C PRO I 260 67.28 -32.31 6.28
N LEU I 261 66.42 -33.26 6.60
CA LEU I 261 66.59 -34.64 6.19
C LEU I 261 65.76 -34.94 4.95
N ILE I 262 66.41 -35.56 3.97
CA ILE I 262 65.82 -35.78 2.65
C ILE I 262 65.53 -37.27 2.49
N LEU I 263 64.31 -37.60 2.09
CA LEU I 263 63.91 -38.98 1.84
C LEU I 263 63.57 -39.12 0.36
N LEU I 264 64.45 -39.79 -0.39
CA LEU I 264 64.27 -40.01 -1.82
C LEU I 264 63.77 -41.43 -2.03
N THR I 265 62.59 -41.57 -2.63
CA THR I 265 62.00 -42.86 -2.89
C THR I 265 61.35 -42.89 -4.26
N GLU I 266 61.51 -44.01 -4.97
CA GLU I 266 60.90 -44.21 -6.28
C GLU I 266 59.63 -45.02 -6.09
N LYS I 267 58.68 -44.44 -5.36
CA LYS I 267 57.50 -45.19 -4.97
C LYS I 267 56.30 -44.25 -4.88
N LYS I 268 55.12 -44.85 -4.93
CA LYS I 268 53.87 -44.17 -4.64
C LYS I 268 53.52 -44.47 -3.19
N ILE I 269 53.47 -43.43 -2.36
CA ILE I 269 53.27 -43.56 -0.92
C ILE I 269 51.87 -43.07 -0.57
N SER I 270 51.07 -43.94 0.05
CA SER I 270 49.75 -43.57 0.53
C SER I 270 49.43 -44.10 1.92
N ILE I 271 50.20 -45.06 2.44
CA ILE I 271 49.96 -45.61 3.76
C ILE I 271 51.04 -45.07 4.70
N LEU I 272 50.63 -44.78 5.93
CA LEU I 272 51.48 -44.12 6.90
C LEU I 272 52.45 -45.08 7.58
N GLN I 273 52.24 -46.40 7.48
CA GLN I 273 53.13 -47.34 8.15
C GLN I 273 54.53 -47.25 7.58
N ASP I 274 54.65 -47.01 6.27
CA ASP I 274 55.97 -46.86 5.67
C ASP I 274 56.63 -45.55 6.08
N ILE I 275 55.83 -44.52 6.38
CA ILE I 275 56.40 -43.22 6.75
C ILE I 275 56.79 -43.16 8.22
N LEU I 276 56.17 -43.97 9.08
CA LEU I 276 56.40 -43.89 10.52
C LEU I 276 57.87 -43.98 10.93
N PRO I 277 58.66 -44.93 10.44
CA PRO I 277 60.09 -44.95 10.84
C PRO I 277 60.83 -43.68 10.46
N ALA I 278 60.61 -43.18 9.25
CA ALA I 278 61.28 -41.96 8.81
C ALA I 278 60.86 -40.77 9.67
N LEU I 279 59.56 -40.65 9.94
CA LEU I 279 59.07 -39.54 10.74
C LEU I 279 59.60 -39.61 12.16
N GLU I 280 59.66 -40.81 12.74
CA GLU I 280 60.20 -40.96 14.09
C GLU I 280 61.69 -40.61 14.13
N THR I 281 62.45 -41.08 13.14
CA THR I 281 63.87 -40.73 13.10
C THR I 281 64.06 -39.23 12.97
N SER I 282 63.22 -38.57 12.17
CA SER I 282 63.27 -37.12 12.08
C SER I 282 62.92 -36.45 13.40
N SER I 283 61.90 -36.94 14.10
CA SER I 283 61.51 -36.35 15.38
C SER I 283 62.60 -36.49 16.42
N THR I 284 63.29 -37.63 16.44
CA THR I 284 64.41 -37.83 17.36
C THR I 284 65.55 -36.86 17.10
N GLN I 285 65.87 -36.58 15.84
CA GLN I 285 66.94 -35.66 15.49
C GLN I 285 66.53 -34.20 15.53
N ARG I 286 65.24 -33.94 15.74
CA ARG I 286 64.70 -32.56 15.77
C ARG I 286 65.06 -31.78 14.52
N ARG I 287 64.87 -32.38 13.35
CA ARG I 287 65.20 -31.74 12.08
C ARG I 287 64.01 -31.83 11.14
N PRO I 288 63.82 -30.82 10.30
CA PRO I 288 62.71 -30.86 9.32
C PRO I 288 62.97 -31.88 8.23
N LEU I 289 61.88 -32.38 7.65
CA LEU I 289 61.92 -33.48 6.69
C LEU I 289 61.36 -33.04 5.36
N LEU I 290 62.02 -33.45 4.28
CA LEU I 290 61.54 -33.25 2.92
C LEU I 290 61.54 -34.60 2.22
N ILE I 291 60.41 -34.97 1.63
CA ILE I 291 60.27 -36.24 0.94
C ILE I 291 60.08 -35.98 -0.55
N ILE I 292 60.98 -36.54 -1.36
CA ILE I 292 60.97 -36.39 -2.81
C ILE I 292 60.56 -37.74 -3.39
N ALA I 293 59.28 -37.89 -3.73
CA ALA I 293 58.76 -39.18 -4.12
C ALA I 293 58.16 -39.10 -5.52
N GLU I 294 57.70 -40.24 -6.02
CA GLU I 294 56.94 -40.25 -7.26
C GLU I 294 55.62 -39.50 -7.09
N ASP I 295 54.96 -39.70 -5.96
CA ASP I 295 53.73 -38.98 -5.63
C ASP I 295 53.39 -39.27 -4.17
N ILE I 296 52.82 -38.27 -3.50
CA ILE I 296 52.36 -38.39 -2.13
C ILE I 296 50.87 -38.08 -2.13
N ASP I 297 50.04 -39.12 -2.21
CA ASP I 297 48.60 -38.96 -2.26
C ASP I 297 47.95 -39.87 -1.23
N GLY I 298 46.62 -39.73 -1.11
CA GLY I 298 45.85 -40.50 -0.14
C GLY I 298 45.92 -39.93 1.27
N GLU I 299 45.83 -40.82 2.27
CA GLU I 299 45.89 -40.37 3.66
C GLU I 299 47.28 -39.88 4.03
N ALA I 300 48.29 -40.24 3.23
CA ALA I 300 49.67 -39.87 3.53
C ALA I 300 49.83 -38.35 3.56
N LEU I 301 49.32 -37.66 2.53
CA LEU I 301 49.46 -36.22 2.50
C LEU I 301 48.74 -35.59 3.69
N ALA I 302 47.54 -36.08 4.00
CA ALA I 302 46.76 -35.51 5.09
C ALA I 302 47.49 -35.64 6.42
N ALA I 303 48.08 -36.82 6.67
CA ALA I 303 48.87 -36.99 7.87
C ALA I 303 50.03 -36.01 7.89
N CYS I 304 50.71 -35.85 6.75
CA CYS I 304 51.83 -34.91 6.69
C CYS I 304 51.38 -33.49 7.00
N ILE I 305 50.24 -33.08 6.44
CA ILE I 305 49.73 -31.73 6.64
C ILE I 305 49.39 -31.45 8.11
N LEU I 306 48.63 -32.34 8.74
CA LEU I 306 48.23 -32.07 10.12
C LEU I 306 49.44 -32.09 11.02
N ASN I 307 50.41 -32.95 10.72
CA ASN I 307 51.63 -32.99 11.51
C ASN I 307 52.32 -31.66 11.36
N LYS I 308 52.37 -31.12 10.14
CA LYS I 308 53.08 -29.87 9.89
C LYS I 308 52.36 -28.69 10.54
N LEU I 309 51.03 -28.67 10.44
CA LEU I 309 50.26 -27.57 11.00
C LEU I 309 50.41 -27.51 12.51
N ARG I 310 50.52 -28.65 13.16
CA ARG I 310 50.80 -28.72 14.59
C ARG I 310 52.33 -28.72 14.79
N GLY I 311 52.74 -28.71 16.05
CA GLY I 311 54.15 -28.64 16.38
C GLY I 311 54.88 -29.95 16.44
N ASN I 312 54.23 -31.06 16.06
CA ASN I 312 54.87 -32.37 16.17
C ASN I 312 56.12 -32.45 15.29
N LEU I 313 55.98 -32.12 14.02
CA LEU I 313 57.11 -32.12 13.09
C LEU I 313 56.73 -31.29 11.86
N GLN I 314 57.71 -30.58 11.31
CA GLN I 314 57.52 -29.77 10.12
C GLN I 314 58.09 -30.55 8.93
N VAL I 315 57.26 -30.76 7.91
CA VAL I 315 57.60 -31.64 6.79
C VAL I 315 57.14 -31.00 5.49
N ALA I 316 57.75 -31.43 4.38
CA ALA I 316 57.38 -31.00 3.04
C ALA I 316 57.51 -32.17 2.07
N ALA I 317 56.75 -32.10 0.98
CA ALA I 317 56.71 -33.17 0.00
C ALA I 317 56.75 -32.61 -1.40
N VAL I 318 57.59 -33.21 -2.26
CA VAL I 318 57.65 -32.85 -3.67
C VAL I 318 57.71 -34.11 -4.52
N LYS I 319 57.35 -33.96 -5.78
CA LYS I 319 57.38 -35.07 -6.73
C LYS I 319 58.74 -35.16 -7.41
N ALA I 320 59.13 -36.39 -7.76
CA ALA I 320 60.41 -36.60 -8.39
C ALA I 320 60.44 -35.96 -9.78
N PRO I 321 61.54 -35.27 -10.13
CA PRO I 321 61.59 -34.62 -11.44
C PRO I 321 61.72 -35.63 -12.58
N GLY I 322 61.25 -35.22 -13.75
CA GLY I 322 61.32 -36.07 -14.93
C GLY I 322 60.34 -37.22 -14.89
N PHE I 323 60.33 -37.95 -16.04
CA PHE I 323 59.39 -39.05 -16.26
C PHE I 323 60.13 -40.19 -17.01
N GLY I 324 59.83 -41.47 -16.70
CA GLY I 324 60.51 -42.54 -17.39
C GLY I 324 61.81 -42.90 -16.68
N ASP I 325 62.80 -43.34 -17.47
CA ASP I 325 64.11 -43.64 -16.92
C ASP I 325 64.86 -42.37 -16.54
N ASN I 326 64.49 -41.25 -17.16
CA ASN I 326 65.10 -39.97 -16.79
C ASN I 326 64.83 -39.65 -15.33
N ARG I 327 63.62 -39.94 -14.85
CA ARG I 327 63.30 -39.72 -13.45
C ARG I 327 64.21 -40.53 -12.53
N LYS I 328 64.42 -41.81 -12.86
CA LYS I 328 65.29 -42.65 -12.04
C LYS I 328 66.72 -42.13 -12.06
N SER I 329 67.22 -41.72 -13.23
CA SER I 329 68.58 -41.22 -13.31
C SER I 329 68.75 -39.92 -12.51
N ILE I 330 67.76 -39.02 -12.60
CA ILE I 330 67.84 -37.78 -11.83
C ILE I 330 67.77 -38.06 -10.35
N LEU I 331 66.92 -39.00 -9.92
CA LEU I 331 66.86 -39.35 -8.51
C LEU I 331 68.18 -39.95 -8.04
N GLY I 332 68.84 -40.74 -8.89
CA GLY I 332 70.15 -41.26 -8.54
C GLY I 332 71.19 -40.15 -8.37
N ASP I 333 71.20 -39.21 -9.32
CA ASP I 333 72.13 -38.08 -9.22
C ASP I 333 71.87 -37.27 -7.95
N LEU I 334 70.60 -37.05 -7.63
CA LEU I 334 70.25 -36.27 -6.45
C LEU I 334 70.56 -37.01 -5.17
N ALA I 335 70.38 -38.33 -5.15
CA ALA I 335 70.78 -39.12 -3.99
C ALA I 335 72.28 -39.08 -3.79
N ILE I 336 73.06 -39.12 -4.87
CA ILE I 336 74.50 -38.96 -4.75
C ILE I 336 74.85 -37.59 -4.19
N LEU I 337 74.20 -36.54 -4.71
CA LEU I 337 74.53 -35.18 -4.28
C LEU I 337 74.16 -34.95 -2.82
N THR I 338 72.99 -35.43 -2.39
CA THR I 338 72.49 -35.17 -1.05
C THR I 338 73.13 -36.07 0.00
N GLY I 339 73.96 -37.03 -0.40
CA GLY I 339 74.62 -37.90 0.54
C GLY I 339 73.79 -39.06 1.04
N GLY I 340 72.56 -39.21 0.55
CA GLY I 340 71.72 -40.32 0.95
C GLY I 340 71.63 -41.39 -0.11
N THR I 341 70.65 -42.27 0.01
CA THR I 341 70.43 -43.35 -0.95
C THR I 341 68.96 -43.35 -1.38
N VAL I 342 68.73 -43.67 -2.64
CA VAL I 342 67.36 -43.72 -3.17
C VAL I 342 66.76 -45.08 -2.87
N PHE I 343 65.45 -45.09 -2.66
CA PHE I 343 64.71 -46.32 -2.34
C PHE I 343 63.87 -46.71 -3.53
N SER I 344 64.11 -47.91 -4.07
CA SER I 344 63.47 -48.37 -5.29
C SER I 344 62.93 -49.77 -5.09
N ASP I 345 61.72 -50.02 -5.58
CA ASP I 345 61.15 -51.36 -5.53
C ASP I 345 61.92 -52.32 -6.42
N GLU I 346 62.54 -51.83 -7.49
CA GLU I 346 63.35 -52.70 -8.34
C GLU I 346 64.54 -53.26 -7.57
N LEU I 347 64.98 -52.57 -6.52
CA LEU I 347 66.00 -53.10 -5.62
C LEU I 347 65.39 -53.87 -4.45
N ASP I 348 64.06 -53.91 -4.35
CA ASP I 348 63.36 -54.67 -3.32
C ASP I 348 63.78 -54.26 -1.91
N ILE I 349 63.95 -52.96 -1.69
CA ILE I 349 64.23 -52.41 -0.37
C ILE I 349 63.00 -51.67 0.12
N LYS I 350 62.60 -51.92 1.37
CA LYS I 350 61.36 -51.41 1.92
C LYS I 350 61.61 -50.12 2.70
N LEU I 351 60.56 -49.29 2.79
CA LEU I 351 60.67 -48.01 3.49
C LEU I 351 60.79 -48.18 4.99
N GLU I 352 60.32 -49.31 5.54
CA GLU I 352 60.46 -49.57 6.96
C GLU I 352 61.90 -49.91 7.34
N ARG I 353 62.75 -50.18 6.35
CA ARG I 353 64.17 -50.44 6.55
C ARG I 353 64.98 -49.15 6.67
N ALA I 354 64.33 -48.00 6.53
CA ALA I 354 65.03 -46.72 6.50
C ALA I 354 65.78 -46.47 7.80
N THR I 355 67.03 -46.03 7.67
CA THR I 355 67.88 -45.63 8.77
C THR I 355 68.48 -44.27 8.46
N PRO I 356 68.78 -43.47 9.49
CA PRO I 356 69.31 -42.12 9.24
C PRO I 356 70.59 -42.09 8.42
N ASP I 357 71.30 -43.21 8.29
CA ASP I 357 72.48 -43.24 7.42
C ASP I 357 72.11 -43.01 5.97
N LEU I 358 71.00 -43.61 5.52
CA LEU I 358 70.60 -43.48 4.12
C LEU I 358 69.83 -42.19 3.85
N PHE I 359 69.47 -41.44 4.89
CA PHE I 359 68.77 -40.18 4.70
C PHE I 359 69.73 -39.13 4.15
N GLY I 360 69.23 -38.31 3.23
CA GLY I 360 70.02 -37.25 2.66
C GLY I 360 70.00 -35.98 3.51
N SER I 361 71.11 -35.24 3.45
CA SER I 361 71.24 -34.00 4.18
C SER I 361 71.83 -32.93 3.26
N THR I 362 71.45 -31.68 3.51
CA THR I 362 71.90 -30.57 2.69
C THR I 362 71.90 -29.30 3.51
N GLY I 363 72.55 -28.26 2.98
CA GLY I 363 72.63 -27.00 3.71
C GLY I 363 71.26 -26.36 3.89
N SER I 364 70.47 -26.30 2.82
CA SER I 364 69.13 -25.73 2.93
C SER I 364 68.30 -26.19 1.74
N VAL I 365 66.98 -26.05 1.89
CA VAL I 365 66.05 -26.32 0.80
C VAL I 365 65.03 -25.19 0.74
N THR I 366 64.67 -24.80 -0.48
CA THR I 366 63.66 -23.77 -0.71
C THR I 366 62.68 -24.25 -1.75
N ILE I 367 61.39 -24.22 -1.41
CA ILE I 367 60.33 -24.78 -2.24
C ILE I 367 59.36 -23.68 -2.58
N THR I 368 59.05 -23.54 -3.88
CA THR I 368 58.05 -22.60 -4.35
C THR I 368 56.92 -23.34 -5.04
N LYS I 369 56.00 -22.60 -5.65
CA LYS I 369 54.91 -23.23 -6.40
C LYS I 369 55.42 -24.05 -7.57
N GLU I 370 56.38 -23.52 -8.32
CA GLU I 370 56.86 -24.20 -9.52
C GLU I 370 58.18 -24.91 -9.30
N ASP I 371 59.17 -24.22 -8.74
CA ASP I 371 60.53 -24.73 -8.64
C ASP I 371 60.90 -25.01 -7.20
N THR I 372 61.83 -25.93 -7.01
CA THR I 372 62.46 -26.16 -5.71
C THR I 372 63.97 -26.21 -5.92
N ILE I 373 64.71 -25.80 -4.91
CA ILE I 373 66.17 -25.67 -5.01
C ILE I 373 66.80 -26.23 -3.73
N LEU I 374 67.76 -27.14 -3.91
CA LEU I 374 68.55 -27.69 -2.82
C LEU I 374 69.92 -27.02 -2.84
N LEU I 375 70.43 -26.70 -1.65
CA LEU I 375 71.62 -25.88 -1.49
C LEU I 375 72.59 -26.55 -0.53
N ASN I 376 73.87 -26.58 -0.91
CA ASN I 376 74.95 -27.07 -0.07
C ASN I 376 74.70 -28.52 0.35
N GLY I 377 74.68 -29.41 -0.64
CA GLY I 377 74.50 -30.82 -0.36
C GLY I 377 75.67 -31.39 0.40
N GLU I 378 75.39 -32.45 1.16
CA GLU I 378 76.39 -33.06 2.02
C GLU I 378 77.22 -34.12 1.30
N GLY I 379 76.99 -34.33 0.01
CA GLY I 379 77.77 -35.32 -0.71
C GLY I 379 79.22 -34.90 -0.83
N SER I 380 80.11 -35.89 -0.81
CA SER I 380 81.53 -35.63 -1.00
C SER I 380 81.78 -35.16 -2.42
N LYS I 381 82.83 -34.34 -2.59
CA LYS I 381 83.16 -33.82 -3.91
C LYS I 381 83.54 -34.93 -4.87
N ASP I 382 84.32 -35.91 -4.39
CA ASP I 382 84.89 -36.90 -5.30
C ASP I 382 83.83 -37.73 -6.00
N MET I 383 82.78 -38.14 -5.27
CA MET I 383 81.75 -38.94 -5.92
C MET I 383 80.89 -38.10 -6.86
N ILE I 384 80.64 -36.84 -6.52
CA ILE I 384 79.99 -35.93 -7.48
C ILE I 384 80.82 -35.86 -8.75
N ASN I 385 82.14 -35.82 -8.61
CA ASN I 385 82.99 -35.78 -9.79
C ASN I 385 82.88 -37.07 -10.60
N GLN I 386 82.93 -38.21 -9.93
CA GLN I 386 82.93 -39.43 -10.73
C GLN I 386 81.62 -39.53 -11.46
N ARG I 387 80.54 -39.20 -10.80
CA ARG I 387 79.22 -39.20 -11.44
C ARG I 387 79.22 -38.28 -12.65
N CYS I 388 79.88 -37.12 -12.54
CA CYS I 388 80.07 -36.27 -13.70
C CYS I 388 80.80 -37.02 -14.82
N GLU I 389 81.79 -37.82 -14.45
CA GLU I 389 82.53 -38.60 -15.45
C GLU I 389 81.62 -39.61 -16.13
N GLN I 390 80.78 -40.32 -15.37
CA GLN I 390 79.84 -41.23 -16.01
C GLN I 390 78.85 -40.47 -16.89
N ILE I 391 78.47 -39.25 -16.49
CA ILE I 391 77.54 -38.48 -17.31
C ILE I 391 78.18 -38.15 -18.66
N ARG I 392 79.44 -37.70 -18.65
CA ARG I 392 80.09 -37.37 -19.92
C ARG I 392 80.36 -38.63 -20.73
N ALA I 393 80.66 -39.75 -20.07
CA ALA I 393 80.82 -41.01 -20.78
C ALA I 393 79.53 -41.42 -21.47
N ALA I 394 78.39 -41.26 -20.77
CA ALA I 394 77.10 -41.57 -21.38
C ALA I 394 76.78 -40.60 -22.51
N ILE I 395 77.20 -39.34 -22.39
CA ILE I 395 77.05 -38.40 -23.50
C ILE I 395 77.80 -38.91 -24.72
N ASN I 396 79.04 -39.39 -24.50
CA ASN I 396 79.83 -39.93 -25.60
C ASN I 396 79.16 -41.17 -26.21
N ASP I 397 78.64 -42.06 -25.37
CA ASP I 397 78.10 -43.33 -25.85
C ASP I 397 76.71 -43.18 -26.47
N SER I 398 75.90 -42.25 -25.98
CA SER I 398 74.50 -42.16 -26.40
C SER I 398 74.40 -41.91 -27.90
N SER I 399 73.47 -42.61 -28.54
CA SER I 399 73.29 -42.52 -29.98
C SER I 399 72.26 -41.48 -30.39
N VAL I 400 71.26 -41.21 -29.54
CA VAL I 400 70.22 -40.25 -29.90
C VAL I 400 70.84 -38.87 -29.97
N SER I 401 70.81 -38.26 -31.16
CA SER I 401 71.49 -36.99 -31.37
C SER I 401 70.85 -35.87 -30.58
N ASP I 402 69.53 -35.81 -30.57
CA ASP I 402 68.85 -34.66 -29.98
C ASP I 402 68.35 -34.95 -28.57
N TYR I 403 67.53 -35.99 -28.40
CA TYR I 403 66.80 -36.17 -27.16
C TYR I 403 67.73 -36.57 -26.01
N GLU I 404 68.35 -37.76 -26.13
CA GLU I 404 69.15 -38.28 -25.03
C GLU I 404 70.38 -37.42 -24.77
N ARG I 405 71.04 -36.96 -25.84
CA ARG I 405 72.22 -36.12 -25.66
C ARG I 405 71.87 -34.82 -24.94
N GLU I 406 70.77 -34.16 -25.33
CA GLU I 406 70.43 -32.91 -24.69
C GLU I 406 69.99 -33.12 -23.25
N LYS I 407 69.31 -34.25 -22.95
CA LYS I 407 68.91 -34.49 -21.57
C LYS I 407 70.13 -34.78 -20.69
N LEU I 408 71.07 -35.58 -21.19
CA LEU I 408 72.30 -35.82 -20.44
C LEU I 408 73.08 -34.53 -20.25
N GLN I 409 73.15 -33.69 -21.28
CA GLN I 409 73.83 -32.41 -21.15
C GLN I 409 73.16 -31.53 -20.10
N GLU I 410 71.82 -31.49 -20.09
CA GLU I 410 71.12 -30.65 -19.14
C GLU I 410 71.34 -31.13 -17.71
N ARG I 411 71.36 -32.45 -17.49
CA ARG I 411 71.57 -32.91 -16.12
C ARG I 411 73.04 -32.79 -15.72
N LEU I 412 73.96 -32.91 -16.67
CA LEU I 412 75.36 -32.59 -16.38
C LEU I 412 75.51 -31.14 -15.95
N ALA I 413 74.87 -30.22 -16.66
CA ALA I 413 74.93 -28.82 -16.30
C ALA I 413 74.30 -28.58 -14.93
N LYS I 414 73.17 -29.24 -14.66
CA LYS I 414 72.52 -29.08 -13.36
C LYS I 414 73.41 -29.56 -12.23
N LEU I 415 74.11 -30.69 -12.43
CA LEU I 415 74.93 -31.24 -11.35
C LEU I 415 76.24 -30.48 -11.19
N SER I 416 76.77 -29.91 -12.27
CA SER I 416 78.12 -29.35 -12.23
C SER I 416 78.15 -27.84 -12.06
N GLY I 417 77.08 -27.14 -12.45
CA GLY I 417 77.14 -25.68 -12.50
C GLY I 417 77.28 -25.03 -11.14
N GLY I 418 76.62 -25.58 -10.12
CA GLY I 418 76.57 -24.94 -8.83
C GLY I 418 75.50 -23.87 -8.78
N VAL I 419 75.44 -23.19 -7.64
CA VAL I 419 74.43 -22.17 -7.40
C VAL I 419 75.10 -20.93 -6.85
N ALA I 420 74.76 -19.76 -7.39
CA ALA I 420 75.21 -18.50 -6.81
C ALA I 420 74.22 -18.05 -5.75
N VAL I 421 74.74 -17.72 -4.57
CA VAL I 421 73.92 -17.27 -3.46
C VAL I 421 74.37 -15.86 -3.10
N ILE I 422 73.41 -14.96 -3.00
CA ILE I 422 73.65 -13.58 -2.59
C ILE I 422 73.11 -13.42 -1.19
N LYS I 423 74.02 -13.26 -0.24
CA LYS I 423 73.67 -13.06 1.16
C LYS I 423 73.54 -11.57 1.42
N VAL I 424 72.34 -11.14 1.81
CA VAL I 424 72.02 -9.73 1.96
C VAL I 424 72.39 -9.29 3.36
N GLY I 425 73.32 -8.35 3.45
CA GLY I 425 73.75 -7.87 4.76
C GLY I 425 73.13 -6.53 5.12
N GLY I 426 73.00 -6.26 6.41
CA GLY I 426 72.43 -5.01 6.86
C GLY I 426 72.63 -4.83 8.35
N SER I 427 72.25 -3.64 8.83
CA SER I 427 72.38 -3.35 10.24
C SER I 427 71.22 -3.92 11.05
N SER I 428 70.00 -3.59 10.67
CA SER I 428 68.81 -4.02 11.39
C SER I 428 68.13 -5.15 10.62
N GLU I 429 67.13 -5.77 11.27
CA GLU I 429 66.41 -6.87 10.63
C GLU I 429 65.49 -6.35 9.54
N LEU I 430 64.75 -5.28 9.81
CA LEU I 430 63.84 -4.73 8.82
C LEU I 430 64.58 -4.23 7.59
N GLU I 431 65.74 -3.59 7.80
CA GLU I 431 66.56 -3.16 6.68
C GLU I 431 66.98 -4.35 5.83
N VAL I 432 67.40 -5.43 6.48
CA VAL I 432 67.79 -6.63 5.75
C VAL I 432 66.62 -7.17 4.94
N GLY I 433 65.43 -7.24 5.55
CA GLY I 433 64.28 -7.77 4.83
C GLY I 433 63.89 -6.94 3.63
N GLU I 434 63.83 -5.61 3.80
CA GLU I 434 63.43 -4.76 2.68
C GLU I 434 64.47 -4.76 1.58
N LYS I 435 65.75 -4.74 1.94
CA LYS I 435 66.79 -4.82 0.92
C LYS I 435 66.77 -6.17 0.22
N LYS I 436 66.44 -7.25 0.94
CA LYS I 436 66.30 -8.56 0.32
C LYS I 436 65.20 -8.56 -0.72
N ASP I 437 64.05 -7.96 -0.39
CA ASP I 437 62.96 -7.88 -1.35
C ASP I 437 63.35 -7.05 -2.58
N ARG I 438 64.03 -5.92 -2.35
CA ARG I 438 64.49 -5.10 -3.47
C ARG I 438 65.46 -5.87 -4.34
N PHE I 439 66.37 -6.63 -3.73
CA PHE I 439 67.34 -7.39 -4.50
C PHE I 439 66.67 -8.48 -5.32
N VAL I 440 65.66 -9.14 -4.74
CA VAL I 440 64.92 -10.16 -5.48
C VAL I 440 64.23 -9.55 -6.68
N ASP I 441 63.58 -8.39 -6.49
CA ASP I 441 62.89 -7.76 -7.61
C ASP I 441 63.86 -7.33 -8.71
N ALA I 442 65.00 -6.74 -8.31
CA ALA I 442 65.99 -6.31 -9.29
C ALA I 442 66.62 -7.50 -10.00
N LEU I 443 66.68 -8.65 -9.34
CA LEU I 443 67.16 -9.86 -10.01
C LEU I 443 66.16 -10.35 -11.04
N ASN I 444 64.89 -10.45 -10.75
CA ASN I 444 63.98 -11.01 -11.72
C ASN I 444 63.81 -10.24 -12.98
N ALA I 445 64.13 -8.95 -12.96
CA ALA I 445 63.97 -8.10 -14.13
C ALA I 445 65.17 -8.19 -15.05
N THR I 446 66.36 -8.33 -14.47
CA THR I 446 67.57 -8.45 -15.29
C THR I 446 67.51 -9.71 -16.13
N ARG I 447 67.01 -10.80 -15.55
CA ARG I 447 66.90 -12.05 -16.29
C ARG I 447 66.02 -11.88 -17.53
N ALA I 448 64.85 -11.29 -17.36
CA ALA I 448 63.94 -11.08 -18.48
C ALA I 448 64.56 -10.20 -19.57
N ALA I 449 65.32 -9.19 -19.16
CA ALA I 449 65.98 -8.31 -20.12
C ALA I 449 67.13 -9.02 -20.82
N VAL I 450 67.78 -9.94 -20.12
CA VAL I 450 68.89 -10.69 -20.71
C VAL I 450 68.34 -11.72 -21.70
N GLU I 451 67.09 -12.14 -21.51
CA GLU I 451 66.49 -13.13 -22.39
C GLU I 451 66.10 -12.57 -23.75
N GLU I 452 65.40 -11.44 -23.78
CA GLU I 452 64.90 -10.92 -25.04
C GLU I 452 65.31 -9.49 -25.36
N GLY I 453 65.58 -8.66 -24.36
CA GLY I 453 66.02 -7.30 -24.60
C GLY I 453 65.14 -6.31 -23.87
N THR I 454 65.31 -5.03 -24.20
CA THR I 454 64.57 -3.94 -23.57
C THR I 454 64.02 -3.00 -24.63
N VAL I 455 62.85 -2.48 -24.31
CA VAL I 455 62.20 -1.54 -25.20
C VAL I 455 61.81 -0.28 -24.34
N PRO I 456 61.70 0.97 -24.93
CA PRO I 456 61.37 2.16 -24.14
C PRO I 456 60.10 1.96 -23.33
N GLY I 457 60.12 2.45 -22.11
CA GLY I 457 59.03 2.29 -21.17
C GLY I 457 57.97 3.37 -21.29
N GLY I 458 57.16 3.47 -20.24
CA GLY I 458 56.10 4.45 -20.23
C GLY I 458 54.92 4.12 -21.12
N GLY I 459 54.87 2.91 -21.67
CA GLY I 459 53.82 2.55 -22.59
C GLY I 459 54.03 3.02 -24.02
N VAL I 460 55.20 3.58 -24.33
CA VAL I 460 55.44 4.13 -25.66
C VAL I 460 55.88 3.09 -26.68
N ALA I 461 56.31 1.90 -26.23
CA ALA I 461 56.67 0.86 -27.18
C ALA I 461 55.47 0.40 -27.99
N LEU I 462 54.37 0.08 -27.32
CA LEU I 462 53.14 -0.32 -28.01
C LEU I 462 52.57 0.84 -28.83
N LEU I 463 52.65 2.05 -28.28
CA LEU I 463 52.15 3.23 -28.99
C LEU I 463 52.90 3.45 -30.30
N LYS I 464 54.22 3.29 -30.28
CA LYS I 464 55.01 3.42 -31.50
C LYS I 464 54.76 2.24 -32.43
N SER I 465 54.54 1.05 -31.88
CA SER I 465 54.25 -0.12 -32.71
C SER I 465 52.91 -0.01 -33.41
N THR I 466 51.99 0.82 -32.90
CA THR I 466 50.71 1.01 -33.58
C THR I 466 50.86 1.61 -34.98
N LYS I 467 52.00 2.21 -35.31
CA LYS I 467 52.19 2.85 -36.60
C LYS I 467 52.54 1.87 -37.72
N CYS I 468 52.75 0.60 -37.39
CA CYS I 468 53.03 -0.42 -38.39
C CYS I 468 51.79 -1.19 -38.82
N LEU I 469 50.64 -0.96 -38.17
CA LEU I 469 49.43 -1.69 -38.49
C LEU I 469 48.75 -1.16 -39.76
N ASP I 470 49.18 -0.03 -40.28
CA ASP I 470 48.56 0.56 -41.46
C ASP I 470 49.18 -0.01 -42.73
N LYS I 471 49.91 -1.11 -42.61
CA LYS I 471 50.49 -1.78 -43.75
C LYS I 471 49.95 -3.19 -43.96
N LEU I 472 48.96 -3.61 -43.17
CA LEU I 472 48.39 -4.95 -43.27
C LEU I 472 47.34 -4.99 -44.37
N THR I 473 47.21 -6.16 -45.01
CA THR I 473 46.25 -6.34 -46.09
C THR I 473 45.28 -7.45 -45.73
N PRO I 474 44.18 -7.15 -45.04
CA PRO I 474 43.20 -8.19 -44.72
C PRO I 474 42.39 -8.59 -45.96
N GLY I 475 41.89 -9.82 -45.91
CA GLY I 475 41.04 -10.35 -46.96
C GLY I 475 39.58 -10.01 -46.82
N ASN I 476 39.22 -9.38 -45.69
CA ASN I 476 37.83 -9.07 -45.41
C ASN I 476 37.79 -7.76 -44.66
N PHE I 477 36.63 -7.13 -44.63
CA PHE I 477 36.50 -5.86 -43.93
C PHE I 477 36.39 -6.06 -42.43
N ASP I 478 35.88 -7.22 -42.01
CA ASP I 478 35.77 -7.49 -40.59
C ASP I 478 37.16 -7.73 -40.01
N GLN I 479 38.06 -8.31 -40.80
CA GLN I 479 39.45 -8.43 -40.34
C GLN I 479 40.10 -7.06 -40.22
N GLN I 480 39.77 -6.13 -41.12
CA GLN I 480 40.24 -4.77 -40.99
C GLN I 480 39.67 -4.10 -39.73
N LEU I 481 38.41 -4.40 -39.41
CA LEU I 481 37.83 -3.89 -38.18
C LEU I 481 38.57 -4.43 -36.96
N GLY I 482 38.95 -5.71 -37.00
CA GLY I 482 39.74 -6.26 -35.90
C GLY I 482 41.11 -5.63 -35.78
N ILE I 483 41.76 -5.37 -36.92
CA ILE I 483 43.05 -4.68 -36.90
C ILE I 483 42.90 -3.28 -36.30
N ASN I 484 41.83 -2.58 -36.67
CA ASN I 484 41.55 -1.27 -36.08
C ASN I 484 41.27 -1.38 -34.59
N ILE I 485 40.62 -2.46 -34.16
CA ILE I 485 40.39 -2.68 -32.74
C ILE I 485 41.71 -2.76 -32.00
N ILE I 486 42.64 -3.56 -32.51
CA ILE I 486 43.94 -3.70 -31.87
C ILE I 486 44.69 -2.37 -31.88
N LYS I 487 44.62 -1.65 -33.01
CA LYS I 487 45.32 -0.38 -33.13
C LYS I 487 44.81 0.65 -32.11
N SER I 488 43.50 0.70 -31.93
CA SER I 488 42.93 1.61 -30.93
C SER I 488 43.27 1.15 -29.51
N ALA I 489 43.24 -0.16 -29.27
CA ALA I 489 43.46 -0.66 -27.91
C ALA I 489 44.89 -0.49 -27.45
N LEU I 490 45.85 -0.54 -28.37
CA LEU I 490 47.26 -0.47 -27.99
C LEU I 490 47.73 0.92 -27.60
N GLN I 491 46.83 1.88 -27.45
CA GLN I 491 47.17 3.21 -27.00
C GLN I 491 46.76 3.48 -25.55
N LYS I 492 45.99 2.59 -24.95
CA LYS I 492 45.48 2.83 -23.59
C LYS I 492 46.56 2.94 -22.52
N PRO I 493 47.60 2.09 -22.47
CA PRO I 493 48.57 2.21 -21.36
C PRO I 493 49.22 3.58 -21.25
N ALA I 494 49.59 4.21 -22.37
CA ALA I 494 50.20 5.54 -22.30
C ALA I 494 49.18 6.57 -21.84
N LYS I 495 47.94 6.46 -22.33
CA LYS I 495 46.89 7.38 -21.89
C LYS I 495 46.66 7.28 -20.39
N ILE I 496 46.63 6.06 -19.86
CA ILE I 496 46.39 5.86 -18.44
C ILE I 496 47.58 6.35 -17.62
N ILE I 497 48.80 6.11 -18.10
CA ILE I 497 49.98 6.61 -17.39
C ILE I 497 49.96 8.13 -17.32
N ALA I 498 49.59 8.79 -18.43
CA ALA I 498 49.49 10.24 -18.42
C ALA I 498 48.36 10.73 -17.53
N ASP I 499 47.23 10.00 -17.52
CA ASP I 499 46.10 10.38 -16.66
C ASP I 499 46.47 10.30 -15.19
N ASN I 500 47.21 9.26 -14.79
CA ASN I 500 47.62 9.14 -13.39
C ASN I 500 48.52 10.28 -12.97
N ALA I 501 49.28 10.85 -13.91
CA ALA I 501 50.12 12.00 -13.61
C ALA I 501 49.32 13.29 -13.43
N GLY I 502 48.02 13.27 -13.74
CA GLY I 502 47.18 14.43 -13.62
C GLY I 502 46.90 15.16 -14.92
N GLU I 503 47.49 14.73 -16.02
CA GLU I 503 47.31 15.37 -17.32
C GLU I 503 46.14 14.72 -18.06
N GLU I 504 45.98 15.08 -19.33
CA GLU I 504 44.98 14.47 -20.20
C GLU I 504 45.70 13.51 -21.13
N GLY I 505 45.42 12.21 -20.98
CA GLY I 505 46.19 11.21 -21.70
C GLY I 505 46.04 11.31 -23.21
N ALA I 506 44.84 11.67 -23.67
CA ALA I 506 44.59 11.75 -25.11
C ALA I 506 45.47 12.82 -25.76
N VAL I 507 45.60 13.98 -25.12
CA VAL I 507 46.39 15.06 -25.69
C VAL I 507 47.88 14.69 -25.70
N ILE I 508 48.36 14.07 -24.63
CA ILE I 508 49.76 13.65 -24.58
C ILE I 508 50.04 12.61 -25.66
N VAL I 509 49.14 11.64 -25.82
CA VAL I 509 49.33 10.61 -26.84
C VAL I 509 49.31 11.24 -28.23
N GLY I 510 48.40 12.18 -28.46
CA GLY I 510 48.37 12.87 -29.75
C GLY I 510 49.65 13.63 -30.03
N LYS I 511 50.18 14.30 -29.00
CA LYS I 511 51.45 15.01 -29.19
C LYS I 511 52.58 14.06 -29.50
N ILE I 512 52.62 12.90 -28.83
CA ILE I 512 53.67 11.92 -29.11
C ILE I 512 53.51 11.33 -30.51
N LEU I 513 52.27 11.10 -30.93
CA LEU I 513 51.99 10.43 -32.20
C LEU I 513 51.92 11.38 -33.39
N ASP I 514 52.08 12.68 -33.19
CA ASP I 514 51.99 13.66 -34.27
C ASP I 514 53.35 14.14 -34.76
N ASN I 515 54.17 14.66 -33.87
CA ASN I 515 55.49 15.15 -34.23
C ASN I 515 56.55 14.21 -33.68
N HIS I 516 57.81 14.47 -34.05
CA HIS I 516 58.94 13.61 -33.68
C HIS I 516 58.69 12.17 -34.14
N THR I 517 58.41 12.03 -35.43
CA THR I 517 58.03 10.76 -36.02
C THR I 517 59.23 9.91 -36.41
N ASP I 518 60.45 10.39 -36.20
CA ASP I 518 61.66 9.65 -36.50
C ASP I 518 62.44 9.32 -35.24
N ASP I 519 61.71 9.11 -34.13
CA ASP I 519 62.32 8.80 -32.85
C ASP I 519 61.47 7.74 -32.16
N PHE I 520 61.94 6.49 -32.19
CA PHE I 520 61.24 5.41 -31.51
C PHE I 520 61.34 5.51 -30.00
N ASN I 521 62.29 6.29 -29.48
CA ASN I 521 62.55 6.34 -28.05
C ASN I 521 62.01 7.62 -27.43
N TYR I 522 61.17 8.35 -28.17
CA TYR I 522 60.68 9.65 -27.73
C TYR I 522 59.31 9.48 -27.10
N GLY I 523 59.13 10.07 -25.93
CA GLY I 523 57.87 9.92 -25.23
C GLY I 523 57.77 10.86 -24.05
N TYR I 524 56.80 10.56 -23.19
CA TYR I 524 56.46 11.40 -22.04
C TYR I 524 57.07 10.82 -20.77
N ASP I 525 57.92 11.59 -20.11
CA ASP I 525 58.42 11.27 -18.78
C ASP I 525 57.41 11.82 -17.77
N ALA I 526 56.58 10.92 -17.23
CA ALA I 526 55.53 11.36 -16.31
C ALA I 526 56.10 11.76 -14.95
N ALA I 527 57.22 11.16 -14.55
CA ALA I 527 57.82 11.50 -13.27
C ALA I 527 58.26 12.95 -13.23
N LYS I 528 58.89 13.44 -14.30
CA LYS I 528 59.30 14.82 -14.41
C LYS I 528 58.35 15.67 -15.23
N SER I 529 57.27 15.08 -15.75
CA SER I 529 56.28 15.78 -16.57
C SER I 529 56.94 16.48 -17.75
N GLU I 530 57.82 15.76 -18.44
CA GLU I 530 58.61 16.31 -19.53
C GLU I 530 58.45 15.44 -20.77
N TYR I 531 59.01 15.90 -21.88
CA TYR I 531 59.06 15.12 -23.11
C TYR I 531 60.52 14.87 -23.47
N GLY I 532 60.80 13.70 -24.03
CA GLY I 532 62.14 13.43 -24.49
C GLY I 532 62.40 11.96 -24.66
N ASP I 533 63.68 11.63 -24.85
CA ASP I 533 64.10 10.26 -25.06
C ASP I 533 64.01 9.49 -23.75
N LEU I 534 63.15 8.48 -23.70
CA LEU I 534 62.92 7.74 -22.47
C LEU I 534 64.06 6.79 -22.15
N VAL I 535 64.73 6.24 -23.16
CA VAL I 535 65.84 5.33 -22.92
C VAL I 535 67.01 6.07 -22.28
N SER I 536 67.24 7.32 -22.70
CA SER I 536 68.30 8.12 -22.09
C SER I 536 68.03 8.38 -20.62
N ARG I 537 66.75 8.47 -20.23
CA ARG I 537 66.38 8.69 -18.84
C ARG I 537 66.23 7.40 -18.05
N GLY I 538 66.48 6.25 -18.66
CA GLY I 538 66.40 4.99 -17.97
C GLY I 538 65.01 4.42 -17.81
N ILE I 539 64.05 4.87 -18.61
CA ILE I 539 62.68 4.37 -18.56
C ILE I 539 62.57 3.32 -19.66
N VAL I 540 62.91 2.07 -19.31
CA VAL I 540 62.82 0.95 -20.23
C VAL I 540 62.16 -0.21 -19.51
N ASP I 541 61.58 -1.12 -20.31
CA ASP I 541 60.98 -2.33 -19.79
C ASP I 541 61.35 -3.50 -20.70
N PRO I 542 61.43 -4.72 -20.15
CA PRO I 542 61.81 -5.87 -20.97
C PRO I 542 60.80 -6.15 -22.07
N LEU I 543 61.31 -6.65 -23.20
CA LEU I 543 60.43 -7.06 -24.28
C LEU I 543 59.58 -8.26 -23.89
N LYS I 544 60.11 -9.13 -23.02
CA LYS I 544 59.40 -10.34 -22.63
C LYS I 544 58.06 -10.01 -21.96
N VAL I 545 58.07 -9.07 -21.02
CA VAL I 545 56.86 -8.80 -20.26
C VAL I 545 55.79 -8.15 -21.14
N VAL I 546 56.20 -7.22 -22.02
CA VAL I 546 55.22 -6.55 -22.87
C VAL I 546 54.68 -7.53 -23.91
N ARG I 547 55.53 -8.40 -24.45
CA ARG I 547 55.07 -9.39 -25.42
C ARG I 547 54.09 -10.37 -24.76
N THR I 548 54.43 -10.87 -23.57
CA THR I 548 53.55 -11.80 -22.88
C THR I 548 52.22 -11.14 -22.53
N ALA I 549 52.26 -9.91 -22.04
CA ALA I 549 51.03 -9.20 -21.71
C ALA I 549 50.16 -9.02 -22.94
N LEU I 550 50.75 -8.59 -24.06
CA LEU I 550 49.99 -8.39 -25.28
C LEU I 550 49.35 -9.69 -25.75
N VAL I 551 50.14 -10.77 -25.79
CA VAL I 551 49.62 -12.04 -26.32
C VAL I 551 48.50 -12.56 -25.44
N ASP I 552 48.70 -12.55 -24.12
CA ASP I 552 47.70 -13.11 -23.22
C ASP I 552 46.43 -12.27 -23.22
N ALA I 553 46.56 -10.94 -23.21
CA ALA I 553 45.39 -10.07 -23.25
C ALA I 553 44.61 -10.28 -24.54
N SER I 554 45.31 -10.36 -25.68
CA SER I 554 44.64 -10.57 -26.95
C SER I 554 43.90 -11.91 -26.96
N GLY I 555 44.55 -12.96 -26.48
CA GLY I 555 43.91 -14.27 -26.48
C GLY I 555 42.68 -14.33 -25.59
N VAL I 556 42.79 -13.81 -24.37
CA VAL I 556 41.66 -13.85 -23.46
C VAL I 556 40.52 -12.96 -23.94
N ALA I 557 40.86 -11.81 -24.55
CA ALA I 557 39.80 -10.94 -25.07
C ALA I 557 39.09 -11.58 -26.24
N SER I 558 39.81 -12.25 -27.13
CA SER I 558 39.18 -12.95 -28.23
C SER I 558 38.29 -14.09 -27.72
N LEU I 559 38.77 -14.81 -26.70
CA LEU I 559 37.97 -15.88 -26.12
C LEU I 559 36.69 -15.35 -25.50
N LEU I 560 36.78 -14.21 -24.80
CA LEU I 560 35.59 -13.60 -24.20
C LEU I 560 34.62 -13.11 -25.28
N THR I 561 35.14 -12.54 -26.37
CA THR I 561 34.28 -12.07 -27.44
C THR I 561 33.56 -13.24 -28.12
N THR I 562 34.25 -14.37 -28.28
CA THR I 562 33.65 -15.52 -28.96
C THR I 562 32.58 -16.21 -28.11
N THR I 563 32.61 -16.02 -26.79
CA THR I 563 31.69 -16.73 -25.90
C THR I 563 30.23 -16.41 -26.23
N GLU I 564 29.41 -17.45 -26.31
CA GLU I 564 28.01 -17.32 -26.68
C GLU I 564 27.03 -17.74 -25.60
N CYS I 565 27.47 -18.49 -24.58
CA CYS I 565 26.59 -18.90 -23.49
C CYS I 565 27.42 -18.98 -22.21
N THR I 566 26.81 -18.56 -21.10
CA THR I 566 27.45 -18.62 -19.80
C THR I 566 26.50 -19.23 -18.78
N ILE I 567 27.01 -20.17 -18.00
CA ILE I 567 26.20 -20.92 -17.03
C ILE I 567 26.80 -20.71 -15.63
N THR I 568 25.96 -20.28 -14.70
CA THR I 568 26.37 -20.15 -13.30
C THR I 568 25.40 -20.91 -12.41
N GLU I 569 25.56 -20.77 -11.09
CA GLU I 569 24.69 -21.43 -10.12
C GLU I 569 23.67 -20.44 -9.57
N ALA I 570 22.44 -20.91 -9.40
CA ALA I 570 21.40 -20.06 -8.85
C ALA I 570 21.66 -19.81 -7.37
N PRO I 571 21.66 -18.55 -6.91
CA PRO I 571 21.91 -18.19 -5.52
C PRO I 571 20.88 -18.80 -4.56
N THR J 44 34.88 -14.59 -0.51
CA THR J 44 34.41 -13.32 0.01
C THR J 44 33.99 -12.38 -1.13
N HIS J 45 33.05 -11.50 -0.83
CA HIS J 45 32.52 -10.53 -1.79
C HIS J 45 32.83 -9.12 -1.32
N LYS J 46 33.25 -8.28 -2.26
CA LYS J 46 33.74 -6.95 -1.95
C LYS J 46 32.85 -5.87 -2.57
N GLU J 47 32.96 -4.67 -2.01
CA GLU J 47 32.31 -3.48 -2.53
C GLU J 47 33.38 -2.44 -2.84
N LEU J 48 33.25 -1.78 -3.99
CA LEU J 48 34.26 -0.86 -4.48
C LEU J 48 33.66 0.52 -4.69
N LYS J 49 34.41 1.55 -4.27
CA LYS J 49 34.05 2.93 -4.53
C LYS J 49 35.22 3.63 -5.20
N PHE J 50 34.90 4.46 -6.19
CA PHE J 50 35.90 5.13 -7.02
C PHE J 50 35.72 6.64 -6.95
N GLY J 51 36.84 7.35 -6.90
CA GLY J 51 36.85 8.79 -7.08
C GLY J 51 36.18 9.61 -5.99
N VAL J 52 35.18 10.40 -6.39
CA VAL J 52 34.61 11.41 -5.50
C VAL J 52 33.82 10.77 -4.37
N GLU J 53 33.06 9.71 -4.67
CA GLU J 53 32.19 9.12 -3.65
C GLU J 53 32.99 8.45 -2.55
N GLY J 54 34.05 7.72 -2.91
CA GLY J 54 34.89 7.10 -1.89
C GLY J 54 35.57 8.13 -1.00
N ARG J 55 36.08 9.20 -1.61
CA ARG J 55 36.69 10.27 -0.82
C ARG J 55 35.66 10.97 0.05
N ALA J 56 34.42 11.09 -0.42
CA ALA J 56 33.36 11.67 0.39
C ALA J 56 33.07 10.82 1.62
N SER J 57 33.01 9.50 1.45
CA SER J 57 32.79 8.62 2.59
C SER J 57 33.96 8.69 3.57
N LEU J 58 35.19 8.68 3.06
CA LEU J 58 36.35 8.82 3.94
C LEU J 58 36.32 10.14 4.68
N LEU J 59 35.93 11.22 4.01
CA LEU J 59 35.83 12.52 4.64
C LEU J 59 34.75 12.53 5.71
N LYS J 60 33.64 11.84 5.49
CA LYS J 60 32.61 11.73 6.52
C LYS J 60 33.16 11.05 7.76
N GLY J 61 33.89 9.95 7.57
CA GLY J 61 34.48 9.25 8.72
C GLY J 61 35.47 10.11 9.48
N VAL J 62 36.37 10.76 8.75
CA VAL J 62 37.37 11.62 9.38
C VAL J 62 36.69 12.81 10.07
N ASP J 63 35.62 13.32 9.47
CA ASP J 63 34.87 14.42 10.07
C ASP J 63 34.27 14.02 11.40
N ILE J 64 33.65 12.83 11.45
CA ILE J 64 33.04 12.37 12.70
C ILE J 64 34.14 12.21 13.77
N LEU J 65 35.25 11.57 13.39
CA LEU J 65 36.31 11.35 14.38
C LEU J 65 36.88 12.67 14.90
N ALA J 66 37.17 13.60 14.00
CA ALA J 66 37.75 14.88 14.41
C ALA J 66 36.77 15.70 15.23
N LYS J 67 35.48 15.68 14.86
CA LYS J 67 34.48 16.41 15.64
C LYS J 67 34.37 15.84 17.05
N ALA J 68 34.43 14.51 17.19
CA ALA J 68 34.39 13.93 18.52
C ALA J 68 35.64 14.28 19.34
N VAL J 69 36.80 14.27 18.70
CA VAL J 69 38.04 14.45 19.46
C VAL J 69 38.32 15.92 19.78
N ALA J 70 37.86 16.86 18.93
CA ALA J 70 38.28 18.25 19.06
C ALA J 70 37.69 18.95 20.28
N VAL J 71 36.58 18.45 20.83
CA VAL J 71 35.95 19.12 21.97
C VAL J 71 36.77 19.03 23.24
N THR J 72 37.81 18.19 23.27
CA THR J 72 38.62 17.98 24.47
C THR J 72 39.95 18.70 24.41
N LEU J 73 40.14 19.62 23.47
CA LEU J 73 41.43 20.29 23.28
C LEU J 73 41.43 21.63 24.01
N GLY J 74 42.48 21.88 24.77
CA GLY J 74 42.64 23.12 25.48
C GLY J 74 42.35 23.00 26.97
N PRO J 75 42.70 24.04 27.73
CA PRO J 75 42.36 24.03 29.17
C PRO J 75 40.87 23.97 29.43
N LYS J 76 40.05 24.56 28.56
CA LYS J 76 38.61 24.57 28.71
C LYS J 76 37.92 23.52 27.84
N GLY J 77 38.56 22.38 27.63
CA GLY J 77 37.95 21.33 26.83
C GLY J 77 36.70 20.77 27.49
N ARG J 78 35.75 20.38 26.66
CA ARG J 78 34.47 19.89 27.15
C ARG J 78 34.58 18.41 27.52
N ASN J 79 33.48 17.86 28.05
CA ASN J 79 33.44 16.49 28.52
C ASN J 79 32.85 15.58 27.45
N VAL J 80 33.28 14.32 27.48
CA VAL J 80 32.73 13.28 26.61
C VAL J 80 32.22 12.15 27.49
N LEU J 81 30.99 11.72 27.24
CA LEU J 81 30.38 10.60 27.93
C LEU J 81 30.49 9.35 27.07
N ILE J 82 31.18 8.34 27.58
CA ILE J 82 31.34 7.05 26.89
C ILE J 82 30.63 5.99 27.70
N GLU J 83 29.72 5.27 27.04
CA GLU J 83 28.87 4.27 27.69
C GLU J 83 29.53 2.90 27.61
N GLN J 84 29.64 2.22 28.77
CA GLN J 84 30.13 0.87 28.91
C GLN J 84 28.98 -0.13 28.82
N PRO J 85 29.25 -1.36 28.35
CA PRO J 85 28.16 -2.35 28.26
C PRO J 85 27.50 -2.63 29.60
N TYR J 86 28.31 -2.63 30.66
CA TYR J 86 27.80 -2.83 32.01
C TYR J 86 28.64 -1.96 32.94
N GLY J 87 28.00 -1.07 33.69
CA GLY J 87 28.70 -0.19 34.60
C GLY J 87 28.33 1.27 34.35
N SER J 88 28.83 2.11 35.26
CA SER J 88 28.55 3.53 35.19
C SER J 88 29.24 4.16 33.98
N PRO J 89 28.63 5.18 33.39
CA PRO J 89 29.25 5.83 32.22
C PRO J 89 30.55 6.51 32.60
N LYS J 90 31.45 6.59 31.63
CA LYS J 90 32.77 7.18 31.82
C LYS J 90 32.77 8.62 31.31
N ILE J 91 33.28 9.54 32.13
CA ILE J 91 33.40 10.94 31.78
C ILE J 91 34.86 11.23 31.51
N THR J 92 35.17 11.66 30.29
CA THR J 92 36.56 11.82 29.88
C THR J 92 36.78 13.17 29.21
N LYS J 93 37.94 13.77 29.50
CA LYS J 93 38.44 14.96 28.82
C LYS J 93 39.69 14.67 28.02
N ASP J 94 39.98 13.39 27.78
CA ASP J 94 41.24 12.95 27.18
C ASP J 94 41.01 12.59 25.73
N GLY J 95 41.81 13.19 24.85
CA GLY J 95 41.58 13.01 23.42
C GLY J 95 41.85 11.60 22.93
N VAL J 96 42.94 10.99 23.40
CA VAL J 96 43.28 9.65 22.93
C VAL J 96 42.26 8.63 23.41
N THR J 97 41.75 8.79 24.64
CA THR J 97 40.71 7.90 25.14
C THR J 97 39.45 7.98 24.28
N VAL J 98 39.04 9.20 23.91
CA VAL J 98 37.89 9.38 23.04
C VAL J 98 38.15 8.79 21.66
N ALA J 99 39.36 8.98 21.12
CA ALA J 99 39.68 8.49 19.79
C ALA J 99 39.69 6.96 19.74
N LYS J 100 40.19 6.30 20.79
CA LYS J 100 40.30 4.86 20.80
C LYS J 100 38.96 4.15 20.94
N SER J 101 37.88 4.87 21.21
CA SER J 101 36.57 4.27 21.44
C SER J 101 35.55 4.60 20.37
N ILE J 102 36.00 4.92 19.16
CA ILE J 102 35.11 5.31 18.07
C ILE J 102 35.18 4.25 16.97
N SER J 103 34.03 3.68 16.63
CA SER J 103 33.90 2.76 15.53
C SER J 103 32.61 3.06 14.79
N LEU J 104 32.69 3.09 13.46
CA LEU J 104 31.55 3.47 12.63
C LEU J 104 30.97 2.24 11.94
N LYS J 105 29.67 2.30 11.74
CA LYS J 105 28.94 1.22 11.11
C LYS J 105 29.17 1.12 9.67
N ASP J 106 29.23 2.23 8.98
CA ASP J 106 29.54 2.28 7.57
C ASP J 106 31.01 1.91 7.34
N LYS J 107 31.26 1.13 6.29
CA LYS J 107 32.58 0.53 6.11
C LYS J 107 33.63 1.54 5.64
N PHE J 108 33.28 2.42 4.70
CA PHE J 108 34.27 3.34 4.14
C PHE J 108 34.59 4.47 5.12
N GLU J 109 33.57 4.99 5.81
CA GLU J 109 33.81 5.97 6.86
C GLU J 109 34.64 5.37 7.98
N ASN J 110 34.35 4.12 8.35
CA ASN J 110 35.18 3.44 9.34
C ASN J 110 36.59 3.24 8.84
N LEU J 111 36.78 3.03 7.54
CA LEU J 111 38.12 2.88 6.99
C LEU J 111 38.92 4.16 7.14
N GLY J 112 38.31 5.29 6.76
CA GLY J 112 38.99 6.56 6.95
C GLY J 112 39.29 6.87 8.40
N ALA J 113 38.31 6.63 9.27
CA ALA J 113 38.51 6.87 10.70
C ALA J 113 39.61 5.97 11.26
N ARG J 114 39.67 4.73 10.79
CA ARG J 114 40.69 3.80 11.25
C ARG J 114 42.08 4.26 10.82
N LEU J 115 42.20 4.69 9.58
CA LEU J 115 43.50 5.20 9.11
C LEU J 115 43.97 6.37 9.95
N VAL J 116 43.08 7.34 10.18
CA VAL J 116 43.47 8.50 10.98
C VAL J 116 43.75 8.09 12.43
N GLN J 117 42.99 7.14 12.97
CA GLN J 117 43.22 6.64 14.31
C GLN J 117 44.59 5.99 14.44
N ASP J 118 44.96 5.17 13.45
CA ASP J 118 46.27 4.53 13.47
C ASP J 118 47.38 5.57 13.44
N VAL J 119 47.26 6.58 12.58
CA VAL J 119 48.31 7.59 12.50
C VAL J 119 48.40 8.39 13.80
N ALA J 120 47.25 8.76 14.37
CA ALA J 120 47.25 9.50 15.63
C ALA J 120 47.82 8.67 16.77
N ASN J 121 47.48 7.39 16.85
CA ASN J 121 48.05 6.52 17.87
C ASN J 121 49.55 6.39 17.70
N LYS J 122 50.03 6.28 16.46
CA LYS J 122 51.46 6.16 16.21
C LYS J 122 52.20 7.41 16.64
N THR J 123 51.66 8.59 16.31
CA THR J 123 52.36 9.82 16.70
C THR J 123 52.31 10.03 18.22
N ASN J 124 51.19 9.65 18.85
CA ASN J 124 51.11 9.74 20.30
C ASN J 124 52.12 8.82 20.97
N GLU J 125 52.28 7.60 20.44
CA GLU J 125 53.26 6.67 21.00
C GLU J 125 54.69 7.17 20.78
N VAL J 126 54.97 7.73 19.60
CA VAL J 126 56.32 8.17 19.29
C VAL J 126 56.71 9.38 20.13
N ALA J 127 55.83 10.39 20.20
CA ALA J 127 56.19 11.65 20.82
C ALA J 127 55.70 11.79 22.25
N GLY J 128 54.66 11.07 22.64
CA GLY J 128 54.11 11.22 23.98
C GLY J 128 52.71 11.79 23.98
N ASP J 129 52.45 12.74 23.07
CA ASP J 129 51.15 13.36 22.95
C ASP J 129 51.02 13.92 21.54
N GLY J 130 49.89 14.55 21.26
CA GLY J 130 49.60 15.14 19.98
C GLY J 130 48.53 14.45 19.14
N THR J 131 47.67 13.64 19.75
CA THR J 131 46.63 12.95 19.00
C THR J 131 45.56 13.93 18.50
N THR J 132 45.09 14.80 19.39
CA THR J 132 44.02 15.72 19.01
C THR J 132 44.48 16.70 17.93
N THR J 133 45.68 17.26 18.10
CA THR J 133 46.20 18.20 17.10
C THR J 133 46.40 17.52 15.76
N ALA J 134 46.96 16.31 15.76
CA ALA J 134 47.16 15.58 14.51
C ALA J 134 45.83 15.28 13.83
N THR J 135 44.83 14.86 14.61
CA THR J 135 43.52 14.57 14.02
C THR J 135 42.89 15.83 13.43
N ILE J 136 42.99 16.96 14.14
CA ILE J 136 42.40 18.21 13.65
C ILE J 136 43.08 18.66 12.37
N LEU J 137 44.42 18.60 12.35
CA LEU J 137 45.16 19.01 11.15
C LEU J 137 44.86 18.08 9.99
N THR J 138 44.74 16.77 10.25
CA THR J 138 44.38 15.83 9.20
C THR J 138 43.02 16.17 8.61
N ARG J 139 42.03 16.43 9.47
CA ARG J 139 40.69 16.76 8.98
C ARG J 139 40.73 18.02 8.14
N ALA J 140 41.43 19.06 8.61
CA ALA J 140 41.46 20.32 7.89
C ALA J 140 42.12 20.16 6.52
N ILE J 141 43.30 19.54 6.48
CA ILE J 141 44.02 19.39 5.23
C ILE J 141 43.25 18.52 4.26
N PHE J 142 42.67 17.42 4.76
CA PHE J 142 41.93 16.52 3.88
C PHE J 142 40.70 17.20 3.29
N ALA J 143 39.94 17.93 4.12
CA ALA J 143 38.75 18.62 3.61
C ALA J 143 39.13 19.67 2.58
N GLU J 144 40.17 20.46 2.87
CA GLU J 144 40.56 21.51 1.92
C GLU J 144 41.09 20.92 0.62
N GLY J 145 41.84 19.82 0.70
CA GLY J 145 42.32 19.17 -0.50
C GLY J 145 41.18 18.57 -1.33
N VAL J 146 40.18 18.00 -0.66
CA VAL J 146 39.01 17.50 -1.38
C VAL J 146 38.31 18.64 -2.11
N LYS J 147 38.13 19.77 -1.43
CA LYS J 147 37.50 20.92 -2.08
C LYS J 147 38.30 21.40 -3.29
N ASN J 148 39.62 21.49 -3.14
CA ASN J 148 40.45 21.98 -4.24
C ASN J 148 40.46 21.00 -5.41
N VAL J 149 40.46 19.69 -5.13
CA VAL J 149 40.39 18.70 -6.19
C VAL J 149 39.05 18.79 -6.92
N ALA J 150 37.95 18.96 -6.17
CA ALA J 150 36.66 19.14 -6.79
C ALA J 150 36.63 20.40 -7.65
N ALA J 151 37.37 21.43 -7.25
CA ALA J 151 37.44 22.66 -8.04
C ALA J 151 38.16 22.47 -9.37
N GLY J 152 38.83 21.33 -9.58
CA GLY J 152 39.48 21.06 -10.84
C GLY J 152 40.97 21.28 -10.82
N CYS J 153 41.63 20.79 -9.76
CA CYS J 153 43.07 20.97 -9.59
C CYS J 153 43.78 19.62 -9.60
N ASN J 154 45.09 19.67 -9.80
CA ASN J 154 45.91 18.47 -9.88
C ASN J 154 46.34 18.03 -8.49
N PRO J 155 45.94 16.85 -8.02
CA PRO J 155 46.31 16.43 -6.65
C PRO J 155 47.81 16.31 -6.43
N MET J 156 48.59 15.93 -7.45
CA MET J 156 50.02 15.76 -7.26
C MET J 156 50.71 17.09 -6.96
N ASP J 157 50.33 18.15 -7.66
CA ASP J 157 50.90 19.46 -7.39
C ASP J 157 50.43 19.98 -6.03
N LEU J 158 49.21 19.65 -5.63
CA LEU J 158 48.76 19.95 -4.28
C LEU J 158 49.66 19.27 -3.25
N ARG J 159 49.98 17.99 -3.48
CA ARG J 159 50.88 17.27 -2.58
C ARG J 159 52.25 17.92 -2.52
N ARG J 160 52.78 18.33 -3.67
CA ARG J 160 54.10 18.97 -3.69
C ARG J 160 54.07 20.28 -2.92
N GLY J 161 53.04 21.10 -3.12
CA GLY J 161 52.93 22.35 -2.39
C GLY J 161 52.77 22.14 -0.89
N VAL J 162 51.99 21.14 -0.50
CA VAL J 162 51.82 20.83 0.92
C VAL J 162 53.15 20.40 1.53
N GLN J 163 53.91 19.57 0.82
CA GLN J 163 55.21 19.14 1.31
C GLN J 163 56.15 20.33 1.47
N MET J 164 56.18 21.23 0.48
CA MET J 164 57.06 22.39 0.56
C MET J 164 56.68 23.29 1.73
N ALA J 165 55.38 23.53 1.91
CA ALA J 165 54.93 24.36 3.02
C ALA J 165 55.27 23.72 4.36
N VAL J 166 55.09 22.41 4.48
CA VAL J 166 55.39 21.73 5.74
C VAL J 166 56.88 21.80 6.04
N ASP J 167 57.73 21.62 5.02
CA ASP J 167 59.17 21.74 5.23
C ASP J 167 59.54 23.15 5.69
N SER J 168 58.94 24.17 5.07
CA SER J 168 59.22 25.54 5.49
C SER J 168 58.80 25.79 6.93
N ILE J 169 57.62 25.29 7.31
CA ILE J 169 57.13 25.46 8.68
C ILE J 169 58.05 24.78 9.67
N VAL J 170 58.49 23.56 9.35
CA VAL J 170 59.37 22.82 10.24
C VAL J 170 60.70 23.56 10.41
N LYS J 171 61.25 24.08 9.32
CA LYS J 171 62.49 24.84 9.40
C LYS J 171 62.32 26.08 10.27
N PHE J 172 61.23 26.81 10.09
CA PHE J 172 60.98 28.00 10.91
C PHE J 172 60.86 27.64 12.38
N LEU J 173 60.11 26.59 12.69
CA LEU J 173 59.90 26.18 14.07
C LEU J 173 61.22 25.74 14.72
N ARG J 174 62.03 24.99 13.98
CA ARG J 174 63.34 24.60 14.50
C ARG J 174 64.23 25.81 14.73
N GLU J 175 64.13 26.82 13.86
CA GLU J 175 64.91 28.04 14.05
C GLU J 175 64.48 28.79 15.31
N LYS J 176 63.18 28.81 15.59
CA LYS J 176 62.64 29.60 16.70
C LYS J 176 62.54 28.82 18.01
N SER J 177 63.03 27.58 18.06
CA SER J 177 62.92 26.79 19.27
C SER J 177 63.91 27.27 20.33
N ARG J 178 63.57 27.00 21.60
CA ARG J 178 64.40 27.33 22.74
C ARG J 178 64.95 26.06 23.35
N VAL J 179 66.28 25.91 23.31
CA VAL J 179 66.95 24.72 23.82
C VAL J 179 67.21 24.88 25.32
N ILE J 180 67.09 23.79 26.06
CA ILE J 180 67.33 23.78 27.50
C ILE J 180 68.47 22.80 27.78
N THR J 181 69.50 23.28 28.46
CA THR J 181 70.69 22.47 28.74
C THR J 181 70.99 22.30 30.22
N THR J 182 71.00 23.39 31.00
CA THR J 182 71.44 23.31 32.38
C THR J 182 70.32 22.77 33.27
N SER J 183 70.70 22.42 34.51
CA SER J 183 69.79 21.73 35.41
C SER J 183 68.63 22.62 35.85
N GLU J 184 68.84 23.92 35.98
CA GLU J 184 67.77 24.81 36.42
C GLU J 184 66.64 24.88 35.38
N GLU J 185 67.00 24.92 34.09
CA GLU J 185 65.97 24.94 33.06
C GLU J 185 65.25 23.61 32.98
N ILE J 186 65.97 22.49 33.18
CA ILE J 186 65.31 21.19 33.22
C ILE J 186 64.33 21.13 34.38
N ALA J 187 64.73 21.64 35.55
CA ALA J 187 63.85 21.65 36.71
C ALA J 187 62.61 22.51 36.44
N GLN J 188 62.80 23.68 35.82
CA GLN J 188 61.66 24.54 35.51
C GLN J 188 60.72 23.88 34.52
N VAL J 189 61.26 23.23 33.49
CA VAL J 189 60.43 22.55 32.49
C VAL J 189 59.65 21.41 33.14
N ALA J 190 60.30 20.64 34.00
CA ALA J 190 59.61 19.55 34.67
C ALA J 190 58.55 20.06 35.64
N THR J 191 58.80 21.19 36.31
CA THR J 191 57.80 21.78 37.18
C THR J 191 56.58 22.24 36.38
N ILE J 192 56.82 22.87 35.23
CA ILE J 192 55.70 23.30 34.37
C ILE J 192 54.93 22.09 33.88
N SER J 193 55.63 21.03 33.47
CA SER J 193 54.98 19.82 32.99
C SER J 193 54.24 19.08 34.09
N ALA J 194 54.49 19.40 35.35
CA ALA J 194 53.84 18.76 36.48
C ALA J 194 52.73 19.62 37.08
N ASN J 195 52.19 20.55 36.29
CA ASN J 195 51.13 21.45 36.75
C ASN J 195 51.58 22.26 37.97
N GLY J 196 52.79 22.80 37.89
CA GLY J 196 53.32 23.64 38.95
C GLY J 196 53.83 22.91 40.17
N ASP J 197 54.06 21.60 40.08
CA ASP J 197 54.56 20.85 41.22
C ASP J 197 56.08 20.98 41.29
N THR J 198 56.56 21.63 42.36
CA THR J 198 57.99 21.85 42.51
C THR J 198 58.73 20.57 42.91
N HIS J 199 58.11 19.72 43.73
CA HIS J 199 58.77 18.50 44.16
C HIS J 199 59.06 17.57 42.98
N VAL J 200 58.09 17.41 42.08
CA VAL J 200 58.28 16.55 40.92
C VAL J 200 59.37 17.10 40.03
N GLY J 201 59.37 18.42 39.79
CA GLY J 201 60.41 19.02 38.97
C GLY J 201 61.79 18.88 39.57
N LYS J 202 61.90 19.02 40.89
CA LYS J 202 63.19 18.84 41.54
C LYS J 202 63.65 17.39 41.48
N LEU J 203 62.73 16.44 41.67
CA LEU J 203 63.09 15.03 41.60
C LEU J 203 63.54 14.63 40.21
N ILE J 204 62.83 15.10 39.18
CA ILE J 204 63.19 14.73 37.81
C ILE J 204 64.55 15.29 37.43
N ALA J 205 64.79 16.55 37.62
CA ALA J 205 66.02 17.17 37.27
C ALA J 205 67.20 16.58 37.87
N ASN J 206 67.03 15.67 38.83
CA ASN J 206 68.14 15.08 39.54
C ASN J 206 68.40 13.71 39.01
N ALA J 207 67.37 12.97 38.76
CA ALA J 207 67.56 11.67 38.14
C ALA J 207 68.31 11.79 36.84
N MET J 208 67.90 12.74 35.99
CA MET J 208 68.54 12.96 34.71
C MET J 208 69.85 13.74 34.85
N GLU J 209 70.12 14.30 36.03
CA GLU J 209 71.48 14.71 36.35
C GLU J 209 72.37 13.51 36.60
N LYS J 210 71.87 12.53 37.35
CA LYS J 210 72.66 11.35 37.69
C LYS J 210 72.95 10.49 36.47
N VAL J 211 71.92 10.15 35.70
CA VAL J 211 72.10 9.24 34.58
C VAL J 211 72.33 9.96 33.26
N GLY J 212 72.24 11.28 33.23
CA GLY J 212 72.35 12.04 32.00
C GLY J 212 71.00 12.23 31.33
N LYS J 213 71.01 13.05 30.28
CA LYS J 213 69.78 13.30 29.53
C LYS J 213 69.32 12.04 28.82
N GLU J 214 70.25 11.22 28.34
CA GLU J 214 69.93 10.00 27.60
C GLU J 214 69.84 8.77 28.49
N GLY J 215 69.93 8.93 29.80
CA GLY J 215 69.91 7.78 30.69
C GLY J 215 68.52 7.16 30.81
N VAL J 216 68.45 6.11 31.62
CA VAL J 216 67.21 5.39 31.86
C VAL J 216 66.66 5.84 33.22
N ILE J 217 65.45 6.37 33.21
CA ILE J 217 64.74 6.77 34.42
C ILE J 217 63.39 6.06 34.42
N THR J 218 63.05 5.43 35.54
CA THR J 218 61.79 4.73 35.67
C THR J 218 61.13 5.09 37.00
N VAL J 219 59.82 4.90 37.05
CA VAL J 219 59.01 5.30 38.20
C VAL J 219 58.31 4.06 38.76
N LYS J 220 58.45 3.85 40.07
CA LYS J 220 57.85 2.70 40.72
C LYS J 220 57.19 3.15 42.02
N GLU J 221 56.34 2.28 42.56
CA GLU J 221 55.64 2.58 43.81
C GLU J 221 56.61 2.50 44.99
N GLY J 222 56.37 3.35 45.98
CA GLY J 222 57.23 3.40 47.14
C GLY J 222 56.63 2.72 48.35
N LYS J 223 57.47 2.53 49.37
CA LYS J 223 57.08 1.88 50.61
C LYS J 223 56.74 2.85 51.72
N THR J 224 56.92 4.15 51.51
CA THR J 224 56.89 5.13 52.58
C THR J 224 56.15 6.36 52.10
N ILE J 225 56.31 7.48 52.83
CA ILE J 225 55.65 8.72 52.45
C ILE J 225 56.55 9.60 51.61
N GLU J 226 57.82 9.72 51.98
CA GLU J 226 58.73 10.58 51.23
C GLU J 226 59.20 9.90 49.95
N ASP J 227 59.63 10.72 49.01
CA ASP J 227 59.98 10.27 47.66
C ASP J 227 61.46 9.91 47.59
N GLU J 228 61.76 8.80 46.92
CA GLU J 228 63.12 8.30 46.91
C GLU J 228 63.65 8.25 45.48
N LEU J 229 64.95 8.50 45.35
CA LEU J 229 65.65 8.40 44.08
C LEU J 229 66.89 7.54 44.29
N GLU J 230 66.94 6.38 43.62
CA GLU J 230 68.05 5.46 43.83
C GLU J 230 68.63 5.03 42.48
N ILE J 231 69.95 4.95 42.42
CA ILE J 231 70.65 4.47 41.23
C ILE J 231 70.95 2.99 41.43
N THR J 232 70.46 2.15 40.53
CA THR J 232 70.68 0.71 40.62
C THR J 232 71.35 0.23 39.35
N GLU J 233 71.58 -1.09 39.30
CA GLU J 233 72.07 -1.74 38.10
C GLU J 233 70.89 -2.30 37.33
N GLY J 234 70.90 -2.10 36.02
CA GLY J 234 69.83 -2.58 35.17
C GLY J 234 70.09 -2.13 33.75
N MET J 235 69.18 -2.51 32.86
CA MET J 235 69.37 -2.15 31.46
C MET J 235 68.09 -2.41 30.68
N ARG J 236 68.01 -1.77 29.51
CA ARG J 236 66.79 -1.73 28.71
C ARG J 236 67.08 -2.26 27.30
N PHE J 237 66.10 -2.95 26.71
CA PHE J 237 66.12 -3.30 25.31
C PHE J 237 64.87 -2.78 24.63
N ASP J 238 64.96 -2.68 23.30
CA ASP J 238 63.87 -2.22 22.44
C ASP J 238 62.98 -3.36 21.96
N ARG J 239 62.92 -4.46 22.69
CA ARG J 239 62.03 -5.58 22.37
C ARG J 239 61.04 -5.80 23.50
N GLY J 240 59.75 -5.82 23.16
CA GLY J 240 58.69 -6.01 24.12
C GLY J 240 58.18 -7.43 24.16
N TYR J 241 57.00 -7.60 24.77
CA TYR J 241 56.44 -8.92 24.95
C TYR J 241 55.86 -9.45 23.63
N ILE J 242 55.84 -10.78 23.50
CA ILE J 242 55.41 -11.40 22.26
C ILE J 242 53.91 -11.21 22.04
N SER J 243 53.11 -11.48 23.08
CA SER J 243 51.67 -11.46 22.90
C SER J 243 51.02 -10.47 23.86
N PRO J 244 50.10 -9.64 23.37
CA PRO J 244 49.35 -8.74 24.26
C PRO J 244 48.75 -9.41 25.48
N TYR J 245 48.37 -10.69 25.39
CA TYR J 245 47.75 -11.37 26.52
C TYR J 245 48.64 -11.44 27.74
N PHE J 246 49.95 -11.27 27.59
CA PHE J 246 50.87 -11.34 28.72
C PHE J 246 50.73 -10.16 29.67
N ILE J 247 49.94 -9.14 29.30
CA ILE J 247 49.79 -7.96 30.13
C ILE J 247 49.17 -8.36 31.46
N THR J 248 49.82 -7.98 32.56
CA THR J 248 49.28 -8.16 33.90
C THR J 248 48.71 -6.88 34.48
N ASP J 249 49.23 -5.73 34.06
CA ASP J 249 48.71 -4.42 34.46
C ASP J 249 47.99 -3.83 33.26
N ALA J 250 46.68 -4.11 33.16
CA ALA J 250 45.89 -3.63 32.04
C ALA J 250 45.69 -2.12 32.04
N LYS J 251 45.98 -1.45 33.17
CA LYS J 251 45.84 0.01 33.22
C LYS J 251 46.79 0.69 32.24
N THR J 252 48.04 0.22 32.17
CA THR J 252 49.04 0.82 31.31
C THR J 252 49.54 -0.17 30.25
N GLN J 253 48.91 -1.34 30.16
CA GLN J 253 49.25 -2.35 29.14
C GLN J 253 50.71 -2.79 29.26
N LYS J 254 51.14 -3.13 30.46
CA LYS J 254 52.50 -3.57 30.70
C LYS J 254 52.52 -4.76 31.66
N VAL J 255 53.69 -5.38 31.77
CA VAL J 255 53.90 -6.57 32.59
C VAL J 255 54.98 -6.24 33.61
N GLU J 256 54.72 -6.53 34.88
CA GLU J 256 55.68 -6.28 35.95
C GLU J 256 55.88 -7.53 36.77
N PHE J 257 57.13 -7.93 36.97
CA PHE J 257 57.46 -9.08 37.80
C PHE J 257 58.51 -8.70 38.82
N GLU J 258 58.34 -9.20 40.04
CA GLU J 258 59.26 -8.95 41.15
C GLU J 258 60.08 -10.20 41.41
N LYS J 259 61.39 -10.09 41.27
CA LYS J 259 62.32 -11.18 41.49
C LYS J 259 61.96 -12.42 40.65
N PRO J 260 62.02 -12.34 39.33
CA PRO J 260 61.67 -13.48 38.49
C PRO J 260 62.88 -14.32 38.09
N LEU J 261 62.58 -15.46 37.48
CA LEU J 261 63.60 -16.32 36.89
C LEU J 261 63.71 -16.07 35.39
N ILE J 262 64.94 -15.90 34.92
CA ILE J 262 65.21 -15.49 33.55
C ILE J 262 65.85 -16.66 32.82
N LEU J 263 65.29 -17.00 31.65
CA LEU J 263 65.81 -18.05 30.80
C LEU J 263 66.31 -17.44 29.50
N LEU J 264 67.63 -17.37 29.34
CA LEU J 264 68.26 -16.82 28.14
C LEU J 264 68.71 -17.96 27.26
N THR J 265 68.18 -18.02 26.04
CA THR J 265 68.54 -19.05 25.09
C THR J 265 68.69 -18.47 23.69
N GLU J 266 69.70 -18.95 22.97
CA GLU J 266 69.95 -18.55 21.59
C GLU J 266 69.35 -19.59 20.66
N LYS J 267 68.03 -19.74 20.74
CA LYS J 267 67.36 -20.82 20.03
C LYS J 267 65.97 -20.38 19.61
N LYS J 268 65.43 -21.10 18.63
CA LYS J 268 64.04 -21.00 18.24
C LYS J 268 63.27 -22.11 18.95
N ILE J 269 62.34 -21.73 19.81
CA ILE J 269 61.60 -22.67 20.66
C ILE J 269 60.17 -22.76 20.16
N SER J 270 59.75 -23.99 19.82
CA SER J 270 58.37 -24.25 19.43
C SER J 270 57.79 -25.50 20.05
N ILE J 271 58.60 -26.39 20.61
CA ILE J 271 58.12 -27.61 21.24
C ILE J 271 58.20 -27.45 22.75
N LEU J 272 57.18 -27.97 23.43
CA LEU J 272 57.05 -27.77 24.88
C LEU J 272 57.95 -28.69 25.69
N GLN J 273 58.50 -29.74 25.09
CA GLN J 273 59.33 -30.68 25.86
C GLN J 273 60.57 -29.98 26.39
N ASP J 274 61.12 -29.05 25.61
CA ASP J 274 62.28 -28.29 26.07
C ASP J 274 61.91 -27.32 27.19
N ILE J 275 60.67 -26.83 27.19
CA ILE J 275 60.25 -25.86 28.19
C ILE J 275 59.84 -26.52 29.51
N LEU J 276 59.41 -27.77 29.47
CA LEU J 276 58.88 -28.44 30.66
C LEU J 276 59.83 -28.40 31.86
N PRO J 277 61.12 -28.73 31.75
CA PRO J 277 61.97 -28.65 32.94
C PRO J 277 62.07 -27.24 33.52
N ALA J 278 62.19 -26.23 32.67
CA ALA J 278 62.25 -24.85 33.16
C ALA J 278 60.96 -24.45 33.85
N LEU J 279 59.83 -24.80 33.24
CA LEU J 279 58.53 -24.44 33.82
C LEU J 279 58.31 -25.16 35.14
N GLU J 280 58.71 -26.42 35.23
CA GLU J 280 58.57 -27.16 36.49
C GLU J 280 59.46 -26.58 37.57
N THR J 281 60.70 -26.24 37.24
CA THR J 281 61.59 -25.61 38.22
C THR J 281 61.02 -24.28 38.69
N SER J 282 60.42 -23.50 37.78
CA SER J 282 59.76 -22.27 38.17
C SER J 282 58.57 -22.53 39.09
N SER J 283 57.76 -23.54 38.78
CA SER J 283 56.59 -23.85 39.60
C SER J 283 56.99 -24.28 41.01
N THR J 284 58.07 -25.06 41.13
CA THR J 284 58.57 -25.46 42.43
C THR J 284 59.03 -24.27 43.27
N GLN J 285 59.70 -23.29 42.66
CA GLN J 285 60.17 -22.13 43.39
C GLN J 285 59.10 -21.05 43.57
N ARG J 286 57.93 -21.25 42.98
CA ARG J 286 56.82 -20.27 43.06
C ARG J 286 57.26 -18.88 42.64
N ARG J 287 57.96 -18.77 41.51
CA ARG J 287 58.44 -17.49 41.02
C ARG J 287 58.04 -17.31 39.55
N PRO J 288 57.76 -16.08 39.14
CA PRO J 288 57.42 -15.84 37.73
C PRO J 288 58.62 -16.01 36.82
N LEU J 289 58.34 -16.35 35.56
CA LEU J 289 59.37 -16.70 34.59
C LEU J 289 59.33 -15.74 33.40
N LEU J 290 60.52 -15.34 32.95
CA LEU J 290 60.67 -14.55 31.74
C LEU J 290 61.68 -15.27 30.85
N ILE J 291 61.30 -15.49 29.59
CA ILE J 291 62.16 -16.18 28.64
C ILE J 291 62.57 -15.20 27.54
N ILE J 292 63.87 -15.01 27.38
CA ILE J 292 64.44 -14.10 26.40
C ILE J 292 65.09 -14.96 25.33
N ALA J 293 64.39 -15.19 24.22
CA ALA J 293 64.85 -16.14 23.22
C ALA J 293 64.99 -15.45 21.87
N GLU J 294 65.47 -16.20 20.88
CA GLU J 294 65.47 -15.71 19.52
C GLU J 294 64.05 -15.49 19.01
N ASP J 295 63.15 -16.42 19.34
CA ASP J 295 61.74 -16.29 18.99
C ASP J 295 60.98 -17.40 19.71
N ILE J 296 59.75 -17.07 20.11
CA ILE J 296 58.85 -18.03 20.74
C ILE J 296 57.60 -18.12 19.88
N ASP J 297 57.56 -19.10 19.00
CA ASP J 297 56.45 -19.26 18.07
C ASP J 297 55.97 -20.72 18.11
N GLY J 298 54.87 -20.97 17.40
CA GLY J 298 54.26 -22.28 17.35
C GLY J 298 53.39 -22.58 18.56
N GLU J 299 53.32 -23.85 18.94
CA GLU J 299 52.50 -24.24 20.10
C GLU J 299 53.11 -23.73 21.40
N ALA J 300 54.39 -23.36 21.38
CA ALA J 300 55.07 -22.92 22.59
C ALA J 300 54.40 -21.67 23.16
N LEU J 301 54.15 -20.67 22.31
CA LEU J 301 53.52 -19.45 22.80
C LEU J 301 52.15 -19.75 23.36
N ALA J 302 51.38 -20.59 22.67
CA ALA J 302 50.02 -20.89 23.11
C ALA J 302 50.02 -21.56 24.48
N ALA J 303 50.94 -22.52 24.67
CA ALA J 303 51.07 -23.13 25.99
C ALA J 303 51.41 -22.08 27.04
N CYS J 304 52.33 -21.18 26.72
CA CYS J 304 52.71 -20.14 27.68
C CYS J 304 51.51 -19.27 28.03
N ILE J 305 50.73 -18.88 27.01
CA ILE J 305 49.56 -18.01 27.23
C ILE J 305 48.51 -18.66 28.13
N LEU J 306 48.11 -19.90 27.83
CA LEU J 306 47.07 -20.53 28.63
C LEU J 306 47.56 -20.76 30.04
N ASN J 307 48.85 -21.07 30.19
CA ASN J 307 49.39 -21.25 31.51
C ASN J 307 49.30 -19.93 32.26
N LYS J 308 49.62 -18.83 31.58
CA LYS J 308 49.61 -17.52 32.24
C LYS J 308 48.19 -17.09 32.58
N LEU J 309 47.25 -17.32 31.66
CA LEU J 309 45.87 -16.91 31.88
C LEU J 309 45.26 -17.64 33.07
N ARG J 310 45.63 -18.90 33.26
CA ARG J 310 45.23 -19.66 34.43
C ARG J 310 46.25 -19.43 35.55
N GLY J 311 45.98 -20.02 36.72
CA GLY J 311 46.82 -19.81 37.87
C GLY J 311 48.00 -20.75 37.99
N ASN J 312 48.26 -21.58 36.99
CA ASN J 312 49.35 -22.55 37.09
C ASN J 312 50.70 -21.86 37.25
N LEU J 313 51.00 -20.92 36.35
CA LEU J 313 52.24 -20.17 36.42
C LEU J 313 52.11 -18.93 35.55
N GLN J 314 52.72 -17.82 36.01
CA GLN J 314 52.71 -16.56 35.27
C GLN J 314 54.05 -16.41 34.58
N VAL J 315 54.02 -16.22 33.26
CA VAL J 315 55.21 -16.25 32.42
C VAL J 315 55.15 -15.12 31.41
N ALA J 316 56.30 -14.74 30.88
CA ALA J 316 56.42 -13.74 29.83
C ALA J 316 57.56 -14.12 28.88
N ALA J 317 57.46 -13.64 27.65
CA ALA J 317 58.42 -13.99 26.60
C ALA J 317 58.80 -12.76 25.80
N VAL J 318 60.10 -12.59 25.56
CA VAL J 318 60.60 -11.52 24.71
C VAL J 318 61.67 -12.07 23.77
N LYS J 319 61.91 -11.33 22.69
CA LYS J 319 62.92 -11.71 21.72
C LYS J 319 64.27 -11.11 22.08
N ALA J 320 65.33 -11.81 21.71
CA ALA J 320 66.67 -11.35 22.03
C ALA J 320 66.99 -10.08 21.27
N PRO J 321 67.60 -9.09 21.91
CA PRO J 321 67.91 -7.83 21.23
C PRO J 321 69.03 -8.00 20.20
N GLY J 322 69.01 -7.14 19.19
CA GLY J 322 70.03 -7.16 18.16
C GLY J 322 69.87 -8.34 17.21
N PHE J 323 70.75 -8.31 16.18
CA PHE J 323 70.73 -9.29 15.09
C PHE J 323 72.18 -9.63 14.70
N GLY J 324 72.48 -10.90 14.34
CA GLY J 324 73.84 -11.24 13.98
C GLY J 324 74.65 -11.63 15.20
N ASP J 325 75.95 -11.32 15.15
CA ASP J 325 76.82 -11.57 16.30
C ASP J 325 76.54 -10.58 17.42
N ASN J 326 75.99 -9.42 17.08
CA ASN J 326 75.61 -8.45 18.11
C ASN J 326 74.59 -9.05 19.07
N ARG J 327 73.64 -9.82 18.54
CA ARG J 327 72.66 -10.47 19.39
C ARG J 327 73.32 -11.42 20.38
N LYS J 328 74.28 -12.22 19.91
CA LYS J 328 74.97 -13.15 20.80
C LYS J 328 75.76 -12.40 21.86
N SER J 329 76.44 -11.33 21.47
CA SER J 329 77.23 -10.56 22.44
C SER J 329 76.33 -9.91 23.49
N ILE J 330 75.18 -9.37 23.07
CA ILE J 330 74.27 -8.76 24.02
C ILE J 330 73.68 -9.82 24.95
N LEU J 331 73.34 -11.00 24.42
CA LEU J 331 72.84 -12.06 25.28
C LEU J 331 73.90 -12.50 26.28
N GLY J 332 75.17 -12.53 25.87
CA GLY J 332 76.23 -12.85 26.81
C GLY J 332 76.36 -11.81 27.91
N ASP J 333 76.32 -10.52 27.53
CA ASP J 333 76.37 -9.46 28.54
C ASP J 333 75.20 -9.56 29.50
N LEU J 334 74.01 -9.84 28.98
CA LEU J 334 72.83 -9.93 29.82
C LEU J 334 72.85 -11.15 30.71
N ALA J 335 73.39 -12.27 30.21
CA ALA J 335 73.55 -13.45 31.06
C ALA J 335 74.54 -13.19 32.19
N ILE J 336 75.61 -12.45 31.91
CA ILE J 336 76.54 -12.06 32.96
C ILE J 336 75.85 -11.18 33.99
N LEU J 337 75.07 -10.20 33.51
CA LEU J 337 74.42 -9.27 34.43
C LEU J 337 73.37 -9.96 35.30
N THR J 338 72.57 -10.83 34.70
CA THR J 338 71.47 -11.47 35.41
C THR J 338 71.91 -12.62 36.30
N GLY J 339 73.19 -12.99 36.26
CA GLY J 339 73.69 -14.06 37.09
C GLY J 339 73.45 -15.46 36.56
N GLY J 340 72.85 -15.58 35.38
CA GLY J 340 72.62 -16.89 34.80
C GLY J 340 73.57 -17.20 33.68
N THR J 341 73.25 -18.21 32.87
CA THR J 341 74.07 -18.60 31.72
C THR J 341 73.19 -18.70 30.48
N VAL J 342 73.76 -18.32 29.34
CA VAL J 342 73.03 -18.38 28.08
C VAL J 342 73.14 -19.79 27.49
N PHE J 343 72.09 -20.21 26.80
CA PHE J 343 72.03 -21.53 26.20
C PHE J 343 72.15 -21.39 24.69
N SER J 344 73.18 -22.01 24.12
CA SER J 344 73.50 -21.86 22.71
C SER J 344 73.73 -23.23 22.08
N ASP J 345 73.19 -23.44 20.88
CA ASP J 345 73.43 -24.68 20.16
C ASP J 345 74.89 -24.80 19.74
N GLU J 346 75.58 -23.67 19.52
CA GLU J 346 76.99 -23.72 19.19
C GLU J 346 77.81 -24.33 20.33
N LEU J 347 77.30 -24.25 21.56
CA LEU J 347 77.91 -24.93 22.70
C LEU J 347 77.33 -26.33 22.90
N ASP J 348 76.33 -26.72 22.10
CA ASP J 348 75.73 -28.05 22.15
C ASP J 348 75.19 -28.39 23.54
N ILE J 349 74.55 -27.42 24.19
CA ILE J 349 73.89 -27.64 25.48
C ILE J 349 72.38 -27.58 25.25
N LYS J 350 71.66 -28.55 25.79
CA LYS J 350 70.23 -28.72 25.54
C LYS J 350 69.42 -28.04 26.64
N LEU J 351 68.19 -27.67 26.27
CA LEU J 351 67.30 -26.99 27.21
C LEU J 351 66.79 -27.92 28.31
N GLU J 352 66.77 -29.23 28.05
CA GLU J 352 66.37 -30.18 29.08
C GLU J 352 67.42 -30.33 30.16
N ARG J 353 68.63 -29.82 29.92
CA ARG J 353 69.71 -29.82 30.91
C ARG J 353 69.59 -28.67 31.88
N ALA J 354 68.59 -27.80 31.72
CA ALA J 354 68.47 -26.60 32.53
C ALA J 354 68.30 -26.93 34.00
N THR J 355 69.05 -26.22 34.84
CA THR J 355 68.98 -26.31 36.28
C THR J 355 68.85 -24.90 36.86
N PRO J 356 68.21 -24.75 38.02
CA PRO J 356 68.02 -23.40 38.58
C PRO J 356 69.31 -22.65 38.82
N ASP J 357 70.46 -23.32 38.85
CA ASP J 357 71.73 -22.61 39.00
C ASP J 357 72.00 -21.72 37.80
N LEU J 358 71.70 -22.20 36.58
CA LEU J 358 71.97 -21.43 35.39
C LEU J 358 70.88 -20.42 35.08
N PHE J 359 69.77 -20.46 35.80
CA PHE J 359 68.70 -19.48 35.60
C PHE J 359 69.11 -18.12 36.14
N GLY J 360 68.73 -17.07 35.40
CA GLY J 360 69.04 -15.72 35.83
C GLY J 360 68.00 -15.17 36.79
N SER J 361 68.45 -14.29 37.67
CA SER J 361 67.59 -13.64 38.65
C SER J 361 67.89 -12.16 38.69
N THR J 362 66.86 -11.37 38.99
CA THR J 362 67.01 -9.92 39.03
C THR J 362 65.98 -9.34 39.99
N GLY J 363 66.17 -8.07 40.34
CA GLY J 363 65.26 -7.43 41.27
C GLY J 363 63.85 -7.31 40.72
N SER J 364 63.71 -6.87 39.47
CA SER J 364 62.40 -6.76 38.86
C SER J 364 62.56 -6.68 37.35
N VAL J 365 61.46 -6.94 36.64
CA VAL J 365 61.41 -6.78 35.20
C VAL J 365 60.11 -6.06 34.83
N THR J 366 60.20 -5.17 33.85
CA THR J 366 59.03 -4.43 33.36
C THR J 366 59.03 -4.48 31.84
N ILE J 367 57.93 -4.93 31.27
CA ILE J 367 57.81 -5.18 29.83
C ILE J 367 56.70 -4.31 29.28
N THR J 368 56.97 -3.58 28.21
CA THR J 368 55.98 -2.77 27.52
C THR J 368 55.84 -3.27 26.08
N LYS J 369 55.07 -2.53 25.27
CA LYS J 369 54.93 -2.88 23.87
C LYS J 369 56.25 -2.79 23.12
N GLU J 370 57.02 -1.73 23.37
CA GLU J 370 58.26 -1.53 22.63
C GLU J 370 59.50 -1.92 23.43
N ASP J 371 59.61 -1.44 24.65
CA ASP J 371 60.83 -1.60 25.45
C ASP J 371 60.58 -2.53 26.63
N THR J 372 61.65 -3.17 27.09
CA THR J 372 61.64 -3.92 28.34
C THR J 372 62.86 -3.51 29.14
N ILE J 373 62.74 -3.55 30.46
CA ILE J 373 63.79 -3.07 31.36
C ILE J 373 63.96 -4.07 32.51
N LEU J 374 65.20 -4.50 32.73
CA LEU J 374 65.57 -5.35 33.84
C LEU J 374 66.24 -4.49 34.90
N LEU J 375 65.92 -4.76 36.17
CA LEU J 375 66.29 -3.93 37.29
C LEU J 375 66.91 -4.77 38.39
N ASN J 376 68.04 -4.29 38.93
CA ASN J 376 68.70 -4.90 40.08
C ASN J 376 69.06 -6.36 39.79
N GLY J 377 69.94 -6.54 38.81
CA GLY J 377 70.41 -7.87 38.47
C GLY J 377 71.21 -8.49 39.60
N GLU J 378 71.20 -9.82 39.64
CA GLU J 378 71.86 -10.55 40.70
C GLU J 378 73.33 -10.84 40.41
N GLY J 379 73.85 -10.35 39.29
CA GLY J 379 75.25 -10.59 39.00
C GLY J 379 76.16 -9.85 39.97
N SER J 380 77.29 -10.46 40.27
CA SER J 380 78.29 -9.83 41.12
C SER J 380 78.88 -8.61 40.41
N LYS J 381 79.31 -7.64 41.21
CA LYS J 381 79.88 -6.41 40.64
C LYS J 381 81.16 -6.70 39.87
N ASP J 382 82.02 -7.58 40.42
CA ASP J 382 83.35 -7.75 39.87
C ASP J 382 83.31 -8.29 38.44
N MET J 383 82.42 -9.24 38.16
CA MET J 383 82.37 -9.77 36.80
C MET J 383 81.74 -8.77 35.83
N ILE J 384 80.76 -8.00 36.28
CA ILE J 384 80.26 -6.90 35.46
C ILE J 384 81.40 -5.96 35.11
N ASN J 385 82.28 -5.69 36.07
CA ASN J 385 83.42 -4.83 35.79
C ASN J 385 84.37 -5.46 34.78
N GLN J 386 84.67 -6.73 34.93
CA GLN J 386 85.66 -7.29 34.02
C GLN J 386 85.07 -7.27 32.62
N ARG J 387 83.82 -7.61 32.49
CA ARG J 387 83.14 -7.55 31.20
C ARG J 387 83.23 -6.15 30.61
N CYS J 388 83.07 -5.13 31.46
CA CYS J 388 83.30 -3.76 31.00
C CYS J 388 84.72 -3.59 30.47
N GLU J 389 85.68 -4.21 31.13
CA GLU J 389 87.07 -4.13 30.67
C GLU J 389 87.23 -4.79 29.29
N GLN J 390 86.62 -5.96 29.09
CA GLN J 390 86.69 -6.57 27.76
C GLN J 390 85.98 -5.70 26.73
N ILE J 391 84.90 -5.02 27.12
CA ILE J 391 84.21 -4.15 26.18
C ILE J 391 85.11 -3.00 25.74
N ARG J 392 85.80 -2.37 26.69
CA ARG J 392 86.68 -1.26 26.31
C ARG J 392 87.89 -1.78 25.53
N ALA J 393 88.37 -2.98 25.86
CA ALA J 393 89.46 -3.57 25.08
C ALA J 393 89.03 -3.82 23.65
N ALA J 394 87.82 -4.32 23.45
CA ALA J 394 87.30 -4.53 22.10
C ALA J 394 87.08 -3.21 21.39
N ILE J 395 86.68 -2.16 22.11
CA ILE J 395 86.60 -0.82 21.52
C ILE J 395 87.97 -0.41 20.99
N ASN J 396 89.01 -0.64 21.79
CA ASN J 396 90.36 -0.30 21.36
C ASN J 396 90.78 -1.12 20.13
N ASP J 397 90.48 -2.42 20.13
CA ASP J 397 90.94 -3.30 19.06
C ASP J 397 90.14 -3.15 17.78
N SER J 398 88.84 -2.85 17.88
CA SER J 398 87.97 -2.87 16.72
C SER J 398 88.44 -1.88 15.66
N SER J 399 88.40 -2.30 14.39
CA SER J 399 88.88 -1.48 13.30
C SER J 399 87.78 -0.65 12.65
N VAL J 400 86.53 -1.12 12.69
CA VAL J 400 85.44 -0.39 12.06
C VAL J 400 85.22 0.91 12.82
N SER J 401 85.43 2.03 12.14
CA SER J 401 85.38 3.33 12.80
C SER J 401 83.98 3.66 13.29
N ASP J 402 82.97 3.41 12.45
CA ASP J 402 81.62 3.86 12.77
C ASP J 402 80.77 2.75 13.37
N TYR J 403 80.62 1.64 12.65
CA TYR J 403 79.62 0.64 13.01
C TYR J 403 79.99 -0.09 14.30
N GLU J 404 81.09 -0.85 14.26
CA GLU J 404 81.44 -1.69 15.40
C GLU J 404 81.79 -0.85 16.63
N ARG J 405 82.52 0.25 16.43
CA ARG J 405 82.88 1.10 17.55
C ARG J 405 81.63 1.68 18.23
N GLU J 406 80.67 2.16 17.44
CA GLU J 406 79.49 2.75 18.05
C GLU J 406 78.63 1.69 18.72
N LYS J 407 78.57 0.48 18.16
CA LYS J 407 77.78 -0.56 18.81
C LYS J 407 78.42 -1.00 20.12
N LEU J 408 79.74 -1.16 20.15
CA LEU J 408 80.42 -1.49 21.39
C LEU J 408 80.25 -0.37 22.41
N GLN J 409 80.34 0.88 21.97
CA GLN J 409 80.13 2.00 22.89
C GLN J 409 78.72 1.99 23.45
N GLU J 410 77.72 1.71 22.62
CA GLU J 410 76.34 1.73 23.09
C GLU J 410 76.10 0.60 24.10
N ARG J 411 76.69 -0.58 23.87
CA ARG J 411 76.46 -1.64 24.83
C ARG J 411 77.28 -1.44 26.10
N LEU J 412 78.45 -0.81 25.99
CA LEU J 412 79.19 -0.39 27.17
C LEU J 412 78.36 0.57 28.02
N ALA J 413 77.75 1.56 27.37
CA ALA J 413 76.91 2.52 28.09
C ALA J 413 75.71 1.82 28.71
N LYS J 414 75.09 0.88 27.98
CA LYS J 414 73.95 0.16 28.53
C LYS J 414 74.34 -0.65 29.76
N LEU J 415 75.51 -1.29 29.74
CA LEU J 415 75.90 -2.14 30.86
C LEU J 415 76.41 -1.31 32.04
N SER J 416 77.00 -0.14 31.78
CA SER J 416 77.68 0.59 32.84
C SER J 416 76.86 1.73 33.44
N GLY J 417 75.89 2.26 32.68
CA GLY J 417 75.21 3.48 33.11
C GLY J 417 74.36 3.29 34.36
N GLY J 418 73.71 2.15 34.48
CA GLY J 418 72.76 1.95 35.55
C GLY J 418 71.41 2.54 35.22
N VAL J 419 70.50 2.47 36.19
CA VAL J 419 69.13 2.93 36.02
C VAL J 419 68.74 3.78 37.21
N ALA J 420 68.15 4.95 36.95
CA ALA J 420 67.58 5.75 38.02
C ALA J 420 66.14 5.31 38.27
N VAL J 421 65.82 5.06 39.53
CA VAL J 421 64.49 4.63 39.92
C VAL J 421 63.94 5.67 40.89
N ILE J 422 62.72 6.13 40.60
CA ILE J 422 62.02 7.08 41.45
C ILE J 422 60.90 6.31 42.14
N LYS J 423 61.05 6.14 43.46
CA LYS J 423 60.06 5.45 44.27
C LYS J 423 59.10 6.49 44.82
N VAL J 424 57.83 6.36 44.45
CA VAL J 424 56.80 7.34 44.76
C VAL J 424 56.21 7.01 46.13
N GLY J 425 56.37 7.93 47.07
CA GLY J 425 55.86 7.72 48.41
C GLY J 425 54.55 8.45 48.66
N GLY J 426 53.74 7.94 49.57
CA GLY J 426 52.49 8.59 49.90
C GLY J 426 51.86 7.96 51.12
N SER J 427 50.76 8.57 51.57
CA SER J 427 50.07 8.08 52.75
C SER J 427 49.15 6.91 52.40
N SER J 428 48.26 7.10 51.44
CA SER J 428 47.29 6.10 51.05
C SER J 428 47.70 5.44 49.75
N GLU J 429 47.00 4.37 49.38
CA GLU J 429 47.32 3.67 48.15
C GLU J 429 46.87 4.47 46.93
N LEU J 430 45.66 5.03 46.98
CA LEU J 430 45.16 5.80 45.84
C LEU J 430 46.01 7.04 45.60
N GLU J 431 46.44 7.71 46.67
CA GLU J 431 47.32 8.85 46.54
C GLU J 431 48.62 8.45 45.86
N VAL J 432 49.19 7.31 46.26
CA VAL J 432 50.42 6.83 45.64
C VAL J 432 50.20 6.57 44.16
N GLY J 433 49.09 5.92 43.82
CA GLY J 433 48.84 5.61 42.41
C GLY J 433 48.68 6.86 41.55
N GLU J 434 47.88 7.82 42.03
CA GLU J 434 47.65 9.02 41.23
C GLU J 434 48.92 9.87 41.13
N LYS J 435 49.69 9.97 42.21
CA LYS J 435 50.95 10.69 42.13
C LYS J 435 51.94 9.98 41.22
N LYS J 436 51.91 8.64 41.19
CA LYS J 436 52.77 7.89 40.29
C LYS J 436 52.42 8.21 38.84
N ASP J 437 51.13 8.25 38.51
CA ASP J 437 50.73 8.59 37.15
C ASP J 437 51.15 10.02 36.79
N ARG J 438 50.95 10.96 37.72
CA ARG J 438 51.38 12.33 37.46
C ARG J 438 52.89 12.41 37.25
N PHE J 439 53.67 11.67 38.04
CA PHE J 439 55.11 11.70 37.90
C PHE J 439 55.54 11.10 36.56
N VAL J 440 54.88 10.03 36.12
CA VAL J 440 55.19 9.44 34.82
C VAL J 440 54.92 10.43 33.70
N ASP J 441 53.77 11.12 33.77
CA ASP J 441 53.44 12.08 32.72
C ASP J 441 54.44 13.24 32.70
N ALA J 442 54.78 13.76 33.88
CA ALA J 442 55.73 14.87 33.95
C ALA J 442 57.13 14.44 33.51
N LEU J 443 57.45 13.15 33.66
CA LEU J 443 58.72 12.65 33.15
C LEU J 443 58.71 12.58 31.63
N ASN J 444 57.68 12.07 31.00
CA ASN J 444 57.76 11.94 29.55
C ASN J 444 57.82 13.20 28.79
N ALA J 445 57.38 14.30 29.38
CA ALA J 445 57.35 15.59 28.71
C ALA J 445 58.70 16.30 28.80
N THR J 446 59.38 16.14 29.93
CA THR J 446 60.68 16.75 30.10
C THR J 446 61.68 16.19 29.10
N ARG J 447 61.60 14.88 28.86
CA ARG J 447 62.49 14.24 27.90
C ARG J 447 62.32 14.85 26.51
N ALA J 448 61.08 14.98 26.04
CA ALA J 448 60.83 15.56 24.73
C ALA J 448 61.32 16.99 24.63
N ALA J 449 61.17 17.76 25.70
CA ALA J 449 61.64 19.14 25.71
C ALA J 449 63.16 19.20 25.75
N VAL J 450 63.80 18.23 26.38
CA VAL J 450 65.25 18.20 26.46
C VAL J 450 65.83 17.79 25.10
N GLU J 451 65.04 17.06 24.30
CA GLU J 451 65.49 16.59 23.01
C GLU J 451 65.54 17.69 21.95
N GLU J 452 64.47 18.47 21.82
CA GLU J 452 64.40 19.46 20.76
C GLU J 452 64.12 20.89 21.23
N GLY J 453 63.44 21.08 22.35
CA GLY J 453 63.17 22.41 22.86
C GLY J 453 61.70 22.61 23.11
N THR J 454 61.33 23.86 23.37
CA THR J 454 59.96 24.22 23.66
C THR J 454 59.55 25.45 22.83
N VAL J 455 58.28 25.43 22.45
CA VAL J 455 57.73 26.52 21.69
C VAL J 455 56.41 26.99 22.42
N PRO J 456 55.97 28.29 22.31
CA PRO J 456 54.76 28.74 23.01
C PRO J 456 53.56 27.85 22.71
N GLY J 457 52.76 27.60 23.74
CA GLY J 457 51.63 26.70 23.64
C GLY J 457 50.37 27.40 23.20
N GLY J 458 49.24 26.73 23.44
CA GLY J 458 47.96 27.28 23.06
C GLY J 458 47.66 27.23 21.57
N GLY J 459 48.49 26.54 20.79
CA GLY J 459 48.33 26.51 19.35
C GLY J 459 48.88 27.72 18.63
N VAL J 460 49.60 28.61 19.33
CA VAL J 460 50.09 29.82 18.70
C VAL J 460 51.41 29.64 17.97
N ALA J 461 52.12 28.53 18.19
CA ALA J 461 53.36 28.28 17.46
C ALA J 461 53.07 28.09 15.97
N LEU J 462 52.12 27.21 15.65
CA LEU J 462 51.75 27.00 14.25
C LEU J 462 51.10 28.25 13.66
N LEU J 463 50.30 28.95 14.45
CA LEU J 463 49.65 30.17 13.97
C LEU J 463 50.68 31.22 13.59
N LYS J 464 51.72 31.39 14.42
CA LYS J 464 52.78 32.33 14.08
C LYS J 464 53.63 31.83 12.92
N SER J 465 53.82 30.52 12.82
CA SER J 465 54.58 29.96 11.70
C SER J 465 53.86 30.13 10.37
N THR J 466 52.54 30.31 10.40
CA THR J 466 51.81 30.55 9.15
C THR J 466 52.24 31.83 8.43
N LYS J 467 52.92 32.75 9.10
CA LYS J 467 53.32 34.01 8.51
C LYS J 467 54.58 33.90 7.65
N CYS J 468 55.23 32.74 7.65
CA CYS J 468 56.41 32.54 6.81
C CYS J 468 56.09 31.87 5.48
N LEU J 469 54.84 31.45 5.28
CA LEU J 469 54.47 30.75 4.04
C LEU J 469 54.27 31.70 2.88
N ASP J 470 54.24 33.02 3.13
CA ASP J 470 54.03 33.98 2.06
C ASP J 470 55.34 34.37 1.39
N LYS J 471 56.39 33.57 1.62
CA LYS J 471 57.67 33.78 0.98
C LYS J 471 58.08 32.63 0.07
N LEU J 472 57.22 31.63 -0.12
CA LEU J 472 57.53 30.48 -0.96
C LEU J 472 57.28 30.81 -2.42
N THR J 473 58.06 30.19 -3.30
CA THR J 473 57.94 30.41 -4.74
C THR J 473 57.63 29.09 -5.43
N PRO J 474 56.36 28.72 -5.57
CA PRO J 474 56.03 27.48 -6.28
C PRO J 474 56.20 27.65 -7.79
N GLY J 475 56.40 26.52 -8.47
CA GLY J 475 56.53 26.56 -9.92
C GLY J 475 55.16 26.39 -10.53
N ASN J 476 54.28 25.74 -9.79
CA ASN J 476 52.99 25.44 -10.36
C ASN J 476 51.88 26.17 -9.68
N PHE J 477 50.81 26.35 -10.42
CA PHE J 477 49.68 27.02 -9.87
C PHE J 477 49.11 26.21 -8.73
N ASP J 478 48.98 24.92 -8.95
CA ASP J 478 48.37 24.07 -7.93
C ASP J 478 49.25 23.90 -6.71
N GLN J 479 50.56 24.09 -6.84
CA GLN J 479 51.42 24.06 -5.67
C GLN J 479 51.14 25.24 -4.75
N GLN J 480 50.84 26.41 -5.33
CA GLN J 480 50.43 27.55 -4.53
C GLN J 480 49.12 27.28 -3.81
N LEU J 481 48.19 26.58 -4.48
CA LEU J 481 46.95 26.19 -3.83
C LEU J 481 47.21 25.25 -2.66
N GLY J 482 48.16 24.32 -2.82
CA GLY J 482 48.53 23.46 -1.70
C GLY J 482 49.15 24.22 -0.54
N ILE J 483 50.01 25.20 -0.85
CA ILE J 483 50.59 26.03 0.19
C ILE J 483 49.50 26.80 0.93
N ASN J 484 48.52 27.33 0.19
CA ASN J 484 47.40 28.00 0.82
C ASN J 484 46.56 27.04 1.66
N ILE J 485 46.44 25.78 1.23
CA ILE J 485 45.74 24.77 2.02
C ILE J 485 46.41 24.61 3.37
N ILE J 486 47.75 24.46 3.36
CA ILE J 486 48.48 24.29 4.61
C ILE J 486 48.35 25.53 5.48
N LYS J 487 48.44 26.71 4.85
CA LYS J 487 48.37 27.96 5.59
C LYS J 487 47.01 28.11 6.28
N SER J 488 45.92 27.77 5.59
CA SER J 488 44.60 27.84 6.20
C SER J 488 44.44 26.77 7.28
N ALA J 489 44.98 25.57 7.05
CA ALA J 489 44.78 24.48 7.99
C ALA J 489 45.53 24.69 9.29
N LEU J 490 46.68 25.36 9.24
CA LEU J 490 47.51 25.53 10.44
C LEU J 490 46.96 26.55 11.43
N GLN J 491 45.74 27.04 11.24
CA GLN J 491 45.11 27.95 12.19
C GLN J 491 44.02 27.29 13.02
N LYS J 492 43.63 26.05 12.69
CA LYS J 492 42.53 25.40 13.38
C LYS J 492 42.78 25.15 14.87
N PRO J 493 43.95 24.67 15.31
CA PRO J 493 44.11 24.39 16.76
C PRO J 493 43.82 25.58 17.66
N ALA J 494 44.30 26.78 17.30
CA ALA J 494 44.03 27.95 18.13
C ALA J 494 42.55 28.31 18.10
N LYS J 495 41.91 28.20 16.93
CA LYS J 495 40.48 28.47 16.84
C LYS J 495 39.68 27.52 17.72
N ILE J 496 40.04 26.24 17.72
CA ILE J 496 39.32 25.25 18.51
C ILE J 496 39.57 25.47 19.99
N ILE J 497 40.80 25.81 20.38
CA ILE J 497 41.10 26.10 21.78
C ILE J 497 40.27 27.29 22.26
N ALA J 498 40.17 28.34 21.43
CA ALA J 498 39.36 29.49 21.82
C ALA J 498 37.87 29.13 21.85
N ASP J 499 37.42 28.29 20.93
CA ASP J 499 36.02 27.88 20.92
C ASP J 499 35.65 27.09 22.17
N ASN J 500 36.54 26.21 22.62
CA ASN J 500 36.28 25.43 23.83
C ASN J 500 36.17 26.33 25.05
N ALA J 501 36.85 27.47 25.04
CA ALA J 501 36.75 28.43 26.14
C ALA J 501 35.42 29.19 26.12
N GLY J 502 34.63 29.05 25.07
CA GLY J 502 33.36 29.74 24.96
C GLY J 502 33.37 30.97 24.08
N GLU J 503 34.53 31.35 23.55
CA GLU J 503 34.65 32.54 22.71
C GLU J 503 34.45 32.15 21.24
N GLU J 504 34.73 33.09 20.34
CA GLU J 504 34.70 32.84 18.91
C GLU J 504 36.15 32.74 18.42
N GLY J 505 36.53 31.55 17.98
CA GLY J 505 37.93 31.31 17.66
C GLY J 505 38.45 32.17 16.52
N ALA J 506 37.59 32.44 15.54
CA ALA J 506 38.03 33.23 14.38
C ALA J 506 38.41 34.65 14.80
N VAL J 507 37.63 35.27 15.68
CA VAL J 507 37.92 36.64 16.11
C VAL J 507 39.20 36.68 16.94
N ILE J 508 39.39 35.70 17.83
CA ILE J 508 40.60 35.65 18.64
C ILE J 508 41.83 35.47 17.75
N VAL J 509 41.73 34.57 16.77
CA VAL J 509 42.86 34.33 15.86
C VAL J 509 43.15 35.59 15.06
N GLY J 510 42.11 36.27 14.58
CA GLY J 510 42.32 37.51 13.86
C GLY J 510 42.99 38.58 14.71
N LYS J 511 42.58 38.69 15.99
CA LYS J 511 43.23 39.64 16.88
C LYS J 511 44.69 39.30 17.10
N ILE J 512 45.01 38.00 17.25
CA ILE J 512 46.39 37.61 17.44
C ILE J 512 47.21 37.85 16.18
N LEU J 513 46.61 37.61 15.01
CA LEU J 513 47.32 37.70 13.74
C LEU J 513 47.33 39.09 13.13
N ASP J 514 46.69 40.07 13.77
CA ASP J 514 46.61 41.43 13.23
C ASP J 514 47.58 42.39 13.89
N ASN J 515 47.52 42.52 15.21
CA ASN J 515 48.40 43.41 15.95
C ASN J 515 49.41 42.59 16.73
N HIS J 516 50.37 43.28 17.36
CA HIS J 516 51.46 42.65 18.09
C HIS J 516 52.21 41.67 17.18
N THR J 517 52.66 42.20 16.05
CA THR J 517 53.31 41.41 15.02
C THR J 517 54.79 41.19 15.27
N ASP J 518 55.35 41.75 16.33
CA ASP J 518 56.75 41.60 16.67
C ASP J 518 56.91 40.81 17.98
N ASP J 519 55.99 39.89 18.23
CA ASP J 519 56.01 39.07 19.43
C ASP J 519 55.61 37.64 19.06
N PHE J 520 56.61 36.76 18.97
CA PHE J 520 56.34 35.36 18.67
C PHE J 520 55.66 34.64 19.84
N ASN J 521 55.75 35.20 21.05
CA ASN J 521 55.26 34.52 22.24
C ASN J 521 53.92 35.09 22.70
N TYR J 522 53.28 35.90 21.85
CA TYR J 522 52.06 36.60 22.24
C TYR J 522 50.86 35.81 21.76
N GLY J 523 49.89 35.60 22.65
CA GLY J 523 48.73 34.82 22.29
C GLY J 523 47.65 34.92 23.34
N TYR J 524 46.70 33.99 23.24
CA TYR J 524 45.51 33.97 24.07
C TYR J 524 45.68 32.93 25.19
N ASP J 525 45.61 33.40 26.43
CA ASP J 525 45.53 32.53 27.60
C ASP J 525 44.06 32.19 27.82
N ALA J 526 43.66 30.99 27.41
CA ALA J 526 42.25 30.59 27.51
C ALA J 526 41.85 30.31 28.96
N ALA J 527 42.80 29.86 29.78
CA ALA J 527 42.48 29.58 31.18
C ALA J 527 42.05 30.82 31.92
N LYS J 528 42.75 31.94 31.71
CA LYS J 528 42.39 33.22 32.30
C LYS J 528 41.64 34.13 31.35
N SER J 529 41.38 33.69 30.13
CA SER J 529 40.67 34.49 29.13
C SER J 529 41.33 35.84 28.91
N GLU J 530 42.65 35.83 28.79
CA GLU J 530 43.44 37.05 28.69
C GLU J 530 44.33 36.98 27.44
N TYR J 531 45.02 38.08 27.16
CA TYR J 531 46.00 38.14 26.09
C TYR J 531 47.36 38.46 26.69
N GLY J 532 48.40 37.88 26.14
CA GLY J 532 49.74 38.23 26.60
C GLY J 532 50.76 37.19 26.20
N ASP J 533 51.94 37.31 26.80
CA ASP J 533 53.05 36.40 26.52
C ASP J 533 52.78 35.05 27.16
N LEU J 534 52.64 34.02 26.33
CA LEU J 534 52.29 32.70 26.83
C LEU J 534 53.47 32.00 27.52
N VAL J 535 54.69 32.27 27.06
CA VAL J 535 55.85 31.65 27.68
C VAL J 535 56.05 32.17 29.10
N SER J 536 55.78 33.45 29.33
CA SER J 536 55.86 34.01 30.67
C SER J 536 54.86 33.36 31.62
N ARG J 537 53.72 32.93 31.10
CA ARG J 537 52.70 32.27 31.90
C ARG J 537 52.89 30.76 31.98
N GLY J 538 53.94 30.23 31.37
CA GLY J 538 54.20 28.81 31.44
C GLY J 538 53.41 27.96 30.48
N ILE J 539 52.83 28.54 29.44
CA ILE J 539 52.06 27.79 28.45
C ILE J 539 53.02 27.51 27.29
N VAL J 540 53.74 26.40 27.38
CA VAL J 540 54.66 25.97 26.35
C VAL J 540 54.45 24.49 26.07
N ASP J 541 54.85 24.07 24.88
CA ASP J 541 54.80 22.67 24.49
C ASP J 541 56.07 22.29 23.75
N PRO J 542 56.49 21.03 23.83
CA PRO J 542 57.73 20.64 23.15
C PRO J 542 57.64 20.78 21.64
N LEU J 543 58.78 21.11 21.02
CA LEU J 543 58.83 21.17 19.56
C LEU J 543 58.63 19.78 18.94
N LYS J 544 59.07 18.74 19.65
CA LYS J 544 58.99 17.38 19.11
C LYS J 544 57.56 16.98 18.82
N VAL J 545 56.65 17.23 19.77
CA VAL J 545 55.27 16.77 19.61
C VAL J 545 54.57 17.53 18.49
N VAL J 546 54.78 18.84 18.41
CA VAL J 546 54.12 19.62 17.37
C VAL J 546 54.69 19.29 15.99
N ARG J 547 56.00 19.06 15.90
CA ARG J 547 56.60 18.68 14.64
C ARG J 547 56.10 17.32 14.17
N THR J 548 56.05 16.34 15.09
CA THR J 548 55.57 15.02 14.73
C THR J 548 54.10 15.06 14.32
N ALA J 549 53.28 15.80 15.06
CA ALA J 549 51.87 15.90 14.71
C ALA J 549 51.69 16.53 13.33
N LEU J 550 52.42 17.62 13.06
CA LEU J 550 52.31 18.28 11.76
C LEU J 550 52.72 17.34 10.64
N VAL J 551 53.87 16.66 10.78
CA VAL J 551 54.37 15.81 9.71
C VAL J 551 53.42 14.65 9.46
N ASP J 552 52.96 13.99 10.52
CA ASP J 552 52.10 12.82 10.35
C ASP J 552 50.75 13.22 9.78
N ALA J 553 50.17 14.32 10.27
CA ALA J 553 48.89 14.77 9.73
C ALA J 553 49.00 15.13 8.27
N SER J 554 50.07 15.85 7.90
CA SER J 554 50.27 16.21 6.49
C SER J 554 50.40 14.98 5.62
N GLY J 555 51.20 14.00 6.07
CA GLY J 555 51.40 12.80 5.27
C GLY J 555 50.13 12.00 5.08
N VAL J 556 49.39 11.78 6.18
CA VAL J 556 48.17 10.99 6.07
C VAL J 556 47.10 11.72 5.27
N ALA J 557 47.03 13.04 5.39
CA ALA J 557 46.06 13.81 4.62
C ALA J 557 46.38 13.75 3.13
N SER J 558 47.67 13.88 2.77
CA SER J 558 48.06 13.75 1.37
C SER J 558 47.75 12.35 0.84
N LEU J 559 48.01 11.32 1.64
CA LEU J 559 47.70 9.96 1.22
C LEU J 559 46.21 9.77 1.00
N LEU J 560 45.39 10.33 1.89
CA LEU J 560 43.93 10.23 1.73
C LEU J 560 43.46 10.98 0.49
N THR J 561 44.05 12.16 0.23
CA THR J 561 43.67 12.93 -0.96
C THR J 561 44.04 12.19 -2.24
N THR J 562 45.19 11.52 -2.24
CA THR J 562 45.64 10.82 -3.45
C THR J 562 44.82 9.57 -3.74
N THR J 563 44.14 9.01 -2.74
CA THR J 563 43.44 7.74 -2.90
C THR J 563 42.37 7.85 -3.98
N GLU J 564 42.32 6.86 -4.88
CA GLU J 564 41.39 6.85 -6.00
C GLU J 564 40.40 5.70 -5.98
N CYS J 565 40.64 4.65 -5.20
CA CYS J 565 39.72 3.53 -5.12
C CYS J 565 39.78 2.95 -3.71
N THR J 566 38.63 2.55 -3.19
CA THR J 566 38.55 1.94 -1.87
C THR J 566 37.69 0.68 -1.95
N ILE J 567 38.18 -0.40 -1.35
CA ILE J 567 37.55 -1.72 -1.40
C ILE J 567 37.25 -2.16 0.02
N THR J 568 35.99 -2.52 0.28
CA THR J 568 35.58 -3.08 1.56
C THR J 568 34.85 -4.40 1.35
N GLU J 569 34.31 -4.96 2.42
CA GLU J 569 33.57 -6.22 2.34
C GLU J 569 32.08 -5.95 2.39
N ALA J 570 31.34 -6.71 1.58
CA ALA J 570 29.89 -6.56 1.55
C ALA J 570 29.28 -7.10 2.84
N PRO J 571 28.43 -6.32 3.52
CA PRO J 571 27.80 -6.74 4.78
C PRO J 571 26.93 -7.98 4.62
N THR K 44 33.20 -3.64 17.72
CA THR K 44 31.97 -2.99 18.18
C THR K 44 31.69 -1.72 17.37
N HIS K 45 30.41 -1.38 17.25
CA HIS K 45 29.97 -0.20 16.51
C HIS K 45 29.27 0.76 17.46
N LYS K 46 29.57 2.05 17.31
CA LYS K 46 29.12 3.07 18.25
C LYS K 46 28.20 4.07 17.55
N GLU K 47 27.42 4.76 18.37
CA GLU K 47 26.56 5.86 17.95
C GLU K 47 26.96 7.11 18.72
N LEU K 48 27.04 8.24 18.02
CA LEU K 48 27.54 9.48 18.60
C LEU K 48 26.49 10.58 18.47
N LYS K 49 26.33 11.35 19.55
CA LYS K 49 25.48 12.52 19.55
C LYS K 49 26.28 13.72 20.03
N PHE K 50 26.07 14.86 19.38
CA PHE K 50 26.84 16.07 19.62
C PHE K 50 25.91 17.21 20.00
N GLY K 51 26.36 18.02 20.97
CA GLY K 51 25.69 19.27 21.28
C GLY K 51 24.30 19.19 21.86
N VAL K 52 23.34 19.83 21.17
CA VAL K 52 22.02 20.03 21.73
C VAL K 52 21.24 18.71 21.83
N GLU K 53 21.37 17.85 20.82
CA GLU K 53 20.57 16.62 20.80
C GLU K 53 20.99 15.66 21.90
N GLY K 54 22.31 15.51 22.12
CA GLY K 54 22.77 14.65 23.19
C GLY K 54 22.34 15.15 24.56
N ARG K 55 22.45 16.46 24.77
CA ARG K 55 22.00 17.03 26.03
C ARG K 55 20.50 16.89 26.20
N ALA K 56 19.74 16.96 25.10
CA ALA K 56 18.29 16.76 25.18
C ALA K 56 17.96 15.33 25.60
N SER K 57 18.67 14.34 25.04
CA SER K 57 18.44 12.96 25.46
C SER K 57 18.81 12.74 26.92
N LEU K 58 19.95 13.30 27.34
CA LEU K 58 20.35 13.19 28.75
C LEU K 58 19.31 13.84 29.65
N LEU K 59 18.78 15.00 29.24
CA LEU K 59 17.75 15.69 30.01
C LEU K 59 16.47 14.87 30.08
N LYS K 60 16.12 14.18 28.99
CA LYS K 60 14.95 13.29 29.04
C LYS K 60 15.14 12.20 30.07
N GLY K 61 16.32 11.58 30.08
CA GLY K 61 16.58 10.52 31.06
C GLY K 61 16.53 11.03 32.49
N VAL K 62 17.20 12.16 32.75
CA VAL K 62 17.19 12.73 34.09
C VAL K 62 15.79 13.16 34.49
N ASP K 63 15.01 13.65 33.52
CA ASP K 63 13.63 14.05 33.80
C ASP K 63 12.80 12.87 34.24
N ILE K 64 12.92 11.75 33.52
CA ILE K 64 12.16 10.55 33.88
C ILE K 64 12.54 10.08 35.28
N LEU K 65 13.85 10.02 35.55
CA LEU K 65 14.31 9.54 36.86
C LEU K 65 13.81 10.46 37.98
N ALA K 66 13.96 11.77 37.81
CA ALA K 66 13.55 12.71 38.86
C ALA K 66 12.04 12.70 39.05
N LYS K 67 11.28 12.60 37.96
CA LYS K 67 9.82 12.53 38.08
C LYS K 67 9.39 11.29 38.84
N ALA K 68 10.05 10.15 38.58
CA ALA K 68 9.72 8.94 39.32
C ALA K 68 10.08 9.07 40.79
N VAL K 69 11.22 9.68 41.10
CA VAL K 69 11.69 9.68 42.48
C VAL K 69 11.00 10.76 43.32
N ALA K 70 10.58 11.87 42.71
CA ALA K 70 10.11 13.02 43.47
C ALA K 70 8.78 12.79 44.18
N VAL K 71 7.97 11.83 43.71
CA VAL K 71 6.66 11.61 44.30
C VAL K 71 6.72 11.03 45.70
N THR K 72 7.89 10.58 46.14
CA THR K 72 8.05 9.95 47.44
C THR K 72 8.70 10.85 48.47
N LEU K 73 8.79 12.15 48.20
CA LEU K 73 9.47 13.08 49.08
C LEU K 73 8.47 13.78 49.99
N GLY K 74 8.76 13.79 51.29
CA GLY K 74 7.92 14.45 52.26
C GLY K 74 7.10 13.48 53.09
N PRO K 75 6.49 13.98 54.17
CA PRO K 75 5.60 13.11 54.96
C PRO K 75 4.41 12.59 54.17
N LYS K 76 3.91 13.35 53.20
CA LYS K 76 2.77 12.96 52.38
C LYS K 76 3.20 12.43 51.02
N GLY K 77 4.35 11.76 50.95
CA GLY K 77 4.79 11.21 49.68
C GLY K 77 3.86 10.12 49.18
N ARG K 78 3.74 10.04 47.85
CA ARG K 78 2.84 9.08 47.23
C ARG K 78 3.51 7.71 47.14
N ASN K 79 2.74 6.73 46.65
CA ASN K 79 3.19 5.36 46.53
C ASN K 79 3.70 5.07 45.14
N VAL K 80 4.65 4.13 45.05
CA VAL K 80 5.17 3.64 43.78
C VAL K 80 4.98 2.13 43.74
N LEU K 81 4.42 1.65 42.64
CA LEU K 81 4.21 0.22 42.41
C LEU K 81 5.33 -0.29 41.51
N ILE K 82 6.12 -1.23 42.00
CA ILE K 82 7.19 -1.85 41.24
C ILE K 82 6.84 -3.31 41.03
N GLU K 83 6.85 -3.75 39.78
CA GLU K 83 6.45 -5.10 39.40
C GLU K 83 7.66 -6.01 39.35
N GLN K 84 7.56 -7.16 40.04
CA GLN K 84 8.55 -8.23 40.06
C GLN K 84 8.26 -9.24 38.96
N PRO K 85 9.29 -9.92 38.43
CA PRO K 85 9.04 -10.92 37.38
C PRO K 85 8.09 -12.02 37.82
N TYR K 86 8.20 -12.42 39.09
CA TYR K 86 7.32 -13.43 39.65
C TYR K 86 7.07 -13.03 41.10
N GLY K 87 5.81 -12.87 41.49
CA GLY K 87 5.46 -12.49 42.84
C GLY K 87 4.57 -11.27 42.87
N SER K 88 4.09 -10.97 44.08
CA SER K 88 3.19 -9.85 44.27
C SER K 88 3.92 -8.53 44.04
N PRO K 89 3.23 -7.51 43.53
CA PRO K 89 3.88 -6.22 43.30
C PRO K 89 4.31 -5.57 44.61
N LYS K 90 5.38 -4.78 44.52
CA LYS K 90 5.95 -4.11 45.68
C LYS K 90 5.45 -2.67 45.75
N ILE K 91 4.99 -2.26 46.93
CA ILE K 91 4.51 -0.91 47.17
C ILE K 91 5.56 -0.20 48.01
N THR K 92 6.12 0.89 47.47
CA THR K 92 7.24 1.55 48.12
C THR K 92 7.02 3.06 48.19
N LYS K 93 7.43 3.65 49.32
CA LYS K 93 7.49 5.09 49.50
C LYS K 93 8.93 5.57 49.66
N ASP K 94 9.90 4.73 49.30
CA ASP K 94 11.30 4.98 49.56
C ASP K 94 11.98 5.44 48.27
N GLY K 95 12.67 6.59 48.33
CA GLY K 95 13.23 7.17 47.12
C GLY K 95 14.37 6.36 46.53
N VAL K 96 15.26 5.84 47.39
CA VAL K 96 16.41 5.10 46.88
C VAL K 96 15.97 3.78 46.26
N THR K 97 14.95 3.13 46.84
CA THR K 97 14.42 1.90 46.26
C THR K 97 13.84 2.15 44.87
N VAL K 98 13.10 3.25 44.72
CA VAL K 98 12.55 3.61 43.41
C VAL K 98 13.67 3.92 42.43
N ALA K 99 14.69 4.65 42.88
CA ALA K 99 15.78 5.05 41.99
C ALA K 99 16.58 3.85 41.52
N LYS K 100 16.82 2.87 42.39
CA LYS K 100 17.63 1.71 42.04
C LYS K 100 16.95 0.76 41.06
N SER K 101 15.66 0.95 40.78
CA SER K 101 14.91 0.04 39.93
C SER K 101 14.48 0.67 38.61
N ILE K 102 15.19 1.69 38.13
CA ILE K 102 14.83 2.39 36.91
C ILE K 102 15.92 2.14 35.87
N SER K 103 15.51 1.61 34.73
CA SER K 103 16.40 1.43 33.58
C SER K 103 15.63 1.79 32.31
N LEU K 104 16.26 2.56 31.44
CA LEU K 104 15.62 3.05 30.23
C LEU K 104 16.14 2.31 29.01
N LYS K 105 15.25 2.16 28.05
CA LYS K 105 15.54 1.48 26.82
C LYS K 105 16.41 2.23 25.91
N ASP K 106 16.20 3.51 25.79
CA ASP K 106 17.04 4.40 25.01
C ASP K 106 18.40 4.55 25.68
N LYS K 107 19.47 4.55 24.87
CA LYS K 107 20.82 4.46 25.42
C LYS K 107 21.28 5.77 26.06
N PHE K 108 21.00 6.92 25.42
CA PHE K 108 21.51 8.18 25.94
C PHE K 108 20.73 8.63 27.18
N GLU K 109 19.41 8.46 27.15
CA GLU K 109 18.61 8.73 28.35
C GLU K 109 19.02 7.82 29.49
N ASN K 110 19.26 6.55 29.20
CA ASN K 110 19.78 5.64 30.22
C ASN K 110 21.14 6.07 30.72
N LEU K 111 21.97 6.65 29.85
CA LEU K 111 23.29 7.13 30.28
C LEU K 111 23.15 8.26 31.29
N GLY K 112 22.30 9.24 30.97
CA GLY K 112 22.07 10.33 31.91
C GLY K 112 21.47 9.85 33.23
N ALA K 113 20.47 8.97 33.15
CA ALA K 113 19.86 8.42 34.35
C ALA K 113 20.87 7.64 35.18
N ARG K 114 21.76 6.92 34.52
CA ARG K 114 22.76 6.14 35.23
C ARG K 114 23.74 7.06 35.96
N LEU K 115 24.18 8.12 35.28
CA LEU K 115 25.08 9.07 35.92
C LEU K 115 24.45 9.66 37.17
N VAL K 116 23.20 10.13 37.05
CA VAL K 116 22.53 10.71 38.22
C VAL K 116 22.30 9.66 39.30
N GLN K 117 21.98 8.43 38.91
CA GLN K 117 21.79 7.35 39.86
C GLN K 117 23.07 7.06 40.63
N ASP K 118 24.21 7.02 39.92
CA ASP K 118 25.48 6.78 40.59
C ASP K 118 25.78 7.89 41.59
N VAL K 119 25.57 9.15 41.20
CA VAL K 119 25.85 10.24 42.12
C VAL K 119 24.92 10.20 43.34
N ALA K 120 23.64 9.94 43.11
CA ALA K 120 22.69 9.85 44.22
C ALA K 120 23.01 8.69 45.16
N ASN K 121 23.38 7.53 44.61
CA ASN K 121 23.77 6.41 45.44
C ASN K 121 25.03 6.73 46.24
N LYS K 122 25.98 7.42 45.63
CA LYS K 122 27.21 7.78 46.35
C LYS K 122 26.92 8.73 47.50
N THR K 123 26.08 9.75 47.27
CA THR K 123 25.79 10.68 48.36
C THR K 123 24.96 10.01 49.45
N ASN K 124 24.04 9.11 49.07
CA ASN K 124 23.28 8.37 50.08
C ASN K 124 24.19 7.49 50.92
N GLU K 125 25.17 6.83 50.29
CA GLU K 125 26.11 6.00 51.04
C GLU K 125 26.99 6.85 51.95
N VAL K 126 27.45 8.00 51.46
CA VAL K 126 28.36 8.84 52.24
C VAL K 126 27.65 9.44 53.44
N ALA K 127 26.47 10.02 53.23
CA ALA K 127 25.79 10.78 54.26
C ALA K 127 24.71 10.01 55.01
N GLY K 128 24.15 8.98 54.40
CA GLY K 128 23.07 8.25 55.05
C GLY K 128 21.75 8.39 54.31
N ASP K 129 21.49 9.59 53.79
CA ASP K 129 20.28 9.87 53.03
C ASP K 129 20.53 11.06 52.13
N GLY K 130 19.50 11.46 51.39
CA GLY K 130 19.58 12.56 50.48
C GLY K 130 19.52 12.22 49.00
N THR K 131 19.03 11.04 48.64
CA THR K 131 18.95 10.66 47.22
C THR K 131 17.91 11.47 46.48
N THR K 132 16.71 11.59 47.06
CA THR K 132 15.63 12.31 46.38
C THR K 132 15.95 13.79 46.21
N THR K 133 16.47 14.42 47.26
CA THR K 133 16.82 15.83 47.18
C THR K 133 17.93 16.07 46.14
N ALA K 134 18.95 15.20 46.14
CA ALA K 134 20.03 15.34 45.19
C ALA K 134 19.53 15.17 43.76
N THR K 135 18.65 14.18 43.53
CA THR K 135 18.10 13.98 42.19
C THR K 135 17.27 15.18 41.74
N ILE K 136 16.44 15.72 42.64
CA ILE K 136 15.60 16.86 42.29
C ILE K 136 16.45 18.07 41.96
N LEU K 137 17.46 18.34 42.78
CA LEU K 137 18.34 19.49 42.53
C LEU K 137 19.12 19.30 41.23
N THR K 138 19.58 18.08 40.96
CA THR K 138 20.27 17.81 39.71
C THR K 138 19.37 18.10 38.52
N ARG K 139 18.13 17.61 38.57
CA ARG K 139 17.21 17.85 37.46
C ARG K 139 16.96 19.33 37.26
N ALA K 140 16.73 20.06 38.35
CA ALA K 140 16.44 21.50 38.24
C ALA K 140 17.62 22.25 37.64
N ILE K 141 18.82 22.05 38.20
CA ILE K 141 19.99 22.78 37.73
C ILE K 141 20.30 22.41 36.28
N PHE K 142 20.22 21.12 35.94
CA PHE K 142 20.53 20.70 34.58
C PHE K 142 19.54 21.30 33.57
N ALA K 143 18.25 21.27 33.89
CA ALA K 143 17.26 21.83 32.98
C ALA K 143 17.45 23.33 32.79
N GLU K 144 17.69 24.05 33.90
CA GLU K 144 17.87 25.50 33.79
C GLU K 144 19.15 25.84 33.03
N GLY K 145 20.22 25.09 33.25
CA GLY K 145 21.44 25.31 32.51
C GLY K 145 21.29 25.03 31.03
N VAL K 146 20.54 23.98 30.68
CA VAL K 146 20.27 23.70 29.27
C VAL K 146 19.50 24.86 28.65
N LYS K 147 18.49 25.37 29.36
CA LYS K 147 17.74 26.51 28.83
C LYS K 147 18.62 27.73 28.63
N ASN K 148 19.49 28.03 29.60
CA ASN K 148 20.34 29.20 29.50
C ASN K 148 21.38 29.05 28.39
N VAL K 149 21.91 27.84 28.21
CA VAL K 149 22.83 27.60 27.12
C VAL K 149 22.14 27.77 25.78
N ALA K 150 20.92 27.25 25.65
CA ALA K 150 20.15 27.44 24.43
C ALA K 150 19.87 28.91 24.18
N ALA K 151 19.71 29.70 25.24
CA ALA K 151 19.50 31.14 25.09
C ALA K 151 20.72 31.87 24.55
N GLY K 152 21.89 31.21 24.49
CA GLY K 152 23.07 31.84 23.95
C GLY K 152 24.05 32.33 24.99
N CYS K 153 24.31 31.52 26.01
CA CYS K 153 25.18 31.88 27.11
C CYS K 153 26.40 30.96 27.15
N ASN K 154 27.43 31.41 27.88
CA ASN K 154 28.67 30.67 27.98
C ASN K 154 28.58 29.66 29.12
N PRO K 155 28.67 28.36 28.85
CA PRO K 155 28.54 27.37 29.92
C PRO K 155 29.61 27.48 31.01
N MET K 156 30.82 27.90 30.67
CA MET K 156 31.88 27.98 31.68
C MET K 156 31.57 29.05 32.73
N ASP K 157 31.07 30.20 32.29
CA ASP K 157 30.69 31.24 33.24
C ASP K 157 29.48 30.82 34.06
N LEU K 158 28.56 30.06 33.46
CA LEU K 158 27.48 29.46 34.21
C LEU K 158 28.01 28.56 35.32
N ARG K 159 29.00 27.73 34.99
CA ARG K 159 29.61 26.85 35.97
C ARG K 159 30.26 27.65 37.10
N ARG K 160 30.96 28.73 36.74
CA ARG K 160 31.61 29.55 37.76
C ARG K 160 30.58 30.20 38.69
N GLY K 161 29.49 30.72 38.12
CA GLY K 161 28.45 31.31 38.93
C GLY K 161 27.76 30.30 39.84
N VAL K 162 27.52 29.11 39.31
CA VAL K 162 26.91 28.04 40.11
C VAL K 162 27.83 27.66 41.28
N GLN K 163 29.14 27.54 41.01
CA GLN K 163 30.08 27.23 42.08
C GLN K 163 30.09 28.31 43.15
N MET K 164 30.11 29.58 42.72
CA MET K 164 30.13 30.68 43.69
C MET K 164 28.87 30.68 44.54
N ALA K 165 27.70 30.49 43.91
CA ALA K 165 26.44 30.45 44.64
C ALA K 165 26.42 29.28 45.62
N VAL K 166 26.89 28.11 45.20
CA VAL K 166 26.90 26.95 46.08
C VAL K 166 27.81 27.18 47.28
N ASP K 167 28.98 27.78 47.05
CA ASP K 167 29.89 28.09 48.15
C ASP K 167 29.23 29.06 49.13
N SER K 168 28.55 30.09 48.61
CA SER K 168 27.88 31.04 49.50
C SER K 168 26.78 30.35 50.32
N ILE K 169 26.00 29.47 49.68
CA ILE K 169 24.94 28.76 50.38
C ILE K 169 25.52 27.88 51.47
N VAL K 170 26.60 27.16 51.17
CA VAL K 170 27.22 26.28 52.15
C VAL K 170 27.74 27.08 53.34
N LYS K 171 28.37 28.23 53.07
CA LYS K 171 28.85 29.07 54.15
C LYS K 171 27.71 29.56 55.04
N PHE K 172 26.61 30.01 54.41
CA PHE K 172 25.47 30.47 55.19
C PHE K 172 24.89 29.35 56.04
N LEU K 173 24.74 28.16 55.46
CA LEU K 173 24.17 27.03 56.19
C LEU K 173 25.06 26.62 57.35
N ARG K 174 26.38 26.61 57.15
CA ARG K 174 27.29 26.30 58.23
C ARG K 174 27.23 27.36 59.33
N GLU K 175 27.04 28.63 58.94
CA GLU K 175 26.90 29.68 59.94
C GLU K 175 25.64 29.50 60.77
N LYS K 176 24.54 29.07 60.15
CA LYS K 176 23.25 28.98 60.82
C LYS K 176 22.98 27.62 61.45
N SER K 177 23.94 26.70 61.43
CA SER K 177 23.73 25.38 61.98
C SER K 177 23.72 25.41 63.51
N ARG K 178 23.03 24.42 64.10
CA ARG K 178 22.95 24.26 65.54
C ARG K 178 23.74 23.02 65.96
N VAL K 179 24.79 23.22 66.74
CA VAL K 179 25.66 22.14 67.18
C VAL K 179 25.10 21.52 68.44
N ILE K 180 25.23 20.20 68.57
CA ILE K 180 24.77 19.46 69.74
C ILE K 180 25.96 18.78 70.38
N THR K 181 26.18 19.02 71.66
CA THR K 181 27.32 18.48 72.38
C THR K 181 26.95 17.62 73.58
N THR K 182 26.07 18.08 74.45
CA THR K 182 25.80 17.36 75.69
C THR K 182 24.86 16.18 75.45
N SER K 183 24.76 15.32 76.45
CA SER K 183 24.03 14.06 76.31
C SER K 183 22.53 14.28 76.13
N GLU K 184 21.96 15.31 76.75
CA GLU K 184 20.53 15.55 76.63
C GLU K 184 20.14 15.91 75.20
N GLU K 185 20.95 16.73 74.52
CA GLU K 185 20.66 17.08 73.14
C GLU K 185 20.85 15.87 72.21
N ILE K 186 21.85 15.03 72.50
CA ILE K 186 22.01 13.80 71.72
C ILE K 186 20.80 12.89 71.89
N ALA K 187 20.31 12.77 73.13
CA ALA K 187 19.13 11.95 73.38
C ALA K 187 17.91 12.50 72.66
N GLN K 188 17.74 13.83 72.68
CA GLN K 188 16.61 14.44 71.99
C GLN K 188 16.69 14.22 70.49
N VAL K 189 17.89 14.40 69.91
CA VAL K 189 18.07 14.20 68.48
C VAL K 189 17.79 12.76 68.09
N ALA K 190 18.28 11.79 68.89
CA ALA K 190 18.03 10.40 68.61
C ALA K 190 16.55 10.05 68.75
N THR K 191 15.86 10.65 69.72
CA THR K 191 14.42 10.43 69.87
C THR K 191 13.66 10.96 68.66
N ILE K 192 14.03 12.16 68.19
CA ILE K 192 13.38 12.71 67.00
C ILE K 192 13.65 11.83 65.78
N SER K 193 14.89 11.35 65.64
CA SER K 193 15.25 10.50 64.52
C SER K 193 14.59 9.12 64.59
N ALA K 194 14.05 8.75 65.75
CA ALA K 194 13.38 7.46 65.94
C ALA K 194 11.86 7.60 65.91
N ASN K 195 11.34 8.65 65.27
CA ASN K 195 9.90 8.89 65.19
C ASN K 195 9.27 8.98 66.58
N GLY K 196 9.93 9.73 67.46
CA GLY K 196 9.40 9.95 68.79
C GLY K 196 9.59 8.83 69.77
N ASP K 197 10.46 7.87 69.47
CA ASP K 197 10.71 6.74 70.36
C ASP K 197 11.71 7.16 71.43
N THR K 198 11.25 7.21 72.69
CA THR K 198 12.12 7.63 73.78
C THR K 198 13.13 6.55 74.15
N HIS K 199 12.74 5.28 74.08
CA HIS K 199 13.66 4.20 74.46
C HIS K 199 14.87 4.16 73.54
N VAL K 200 14.64 4.30 72.23
CA VAL K 200 15.75 4.28 71.27
C VAL K 200 16.68 5.46 71.50
N GLY K 201 16.12 6.64 71.73
CA GLY K 201 16.93 7.81 71.99
C GLY K 201 17.75 7.68 73.26
N LYS K 202 17.15 7.11 74.31
CA LYS K 202 17.89 6.90 75.55
C LYS K 202 19.00 5.87 75.36
N LEU K 203 18.72 4.79 74.63
CA LEU K 203 19.74 3.76 74.40
C LEU K 203 20.90 4.30 73.58
N ILE K 204 20.61 5.08 72.54
CA ILE K 204 21.67 5.60 71.68
C ILE K 204 22.56 6.57 72.47
N ALA K 205 22.01 7.55 73.11
CA ALA K 205 22.76 8.52 73.85
C ALA K 205 23.65 7.98 74.85
N ASN K 206 23.55 6.68 75.15
CA ASN K 206 24.35 6.06 76.20
C ASN K 206 25.48 5.31 75.57
N ALA K 207 25.20 4.62 74.51
CA ALA K 207 26.29 3.93 73.83
C ALA K 207 27.37 4.92 73.40
N MET K 208 26.96 6.05 72.83
CA MET K 208 27.90 7.08 72.41
C MET K 208 28.40 7.92 73.57
N GLU K 209 27.79 7.79 74.75
CA GLU K 209 28.42 8.27 75.97
C GLU K 209 29.58 7.35 76.37
N LYS K 210 29.37 6.04 76.29
CA LYS K 210 30.39 5.08 76.70
C LYS K 210 31.59 5.12 75.76
N VAL K 211 31.36 5.03 74.45
CA VAL K 211 32.46 4.95 73.50
C VAL K 211 32.87 6.30 72.94
N GLY K 212 32.13 7.36 73.24
CA GLY K 212 32.39 8.67 72.67
C GLY K 212 31.60 8.89 71.38
N LYS K 213 31.67 10.12 70.89
CA LYS K 213 30.98 10.44 69.65
C LYS K 213 31.60 9.71 68.47
N GLU K 214 32.91 9.51 68.48
CA GLU K 214 33.63 8.87 67.40
C GLU K 214 33.80 7.36 67.61
N GLY K 215 33.19 6.80 68.64
CA GLY K 215 33.35 5.38 68.91
C GLY K 215 32.61 4.51 67.92
N VAL K 216 32.72 3.21 68.14
CA VAL K 216 32.06 2.21 67.30
C VAL K 216 30.83 1.71 68.04
N ILE K 217 29.66 1.87 67.41
CA ILE K 217 28.40 1.37 67.92
C ILE K 217 27.77 0.49 66.86
N THR K 218 27.34 -0.70 67.24
CA THR K 218 26.71 -1.62 66.31
C THR K 218 25.45 -2.20 66.93
N VAL K 219 24.55 -2.69 66.08
CA VAL K 219 23.24 -3.17 66.49
C VAL K 219 23.11 -4.63 66.06
N LYS K 220 22.73 -5.48 67.01
CA LYS K 220 22.58 -6.91 66.75
C LYS K 220 21.28 -7.39 67.37
N GLU K 221 20.84 -8.58 66.95
CA GLU K 221 19.63 -9.19 67.48
C GLU K 221 19.85 -9.67 68.90
N GLY K 222 18.79 -9.56 69.72
CA GLY K 222 18.87 -9.97 71.11
C GLY K 222 18.22 -11.32 71.37
N LYS K 223 18.48 -11.83 72.58
CA LYS K 223 17.97 -13.13 73.00
C LYS K 223 16.72 -13.02 73.86
N THR K 224 16.29 -11.81 74.22
CA THR K 224 15.28 -11.61 75.24
C THR K 224 14.32 -10.51 74.79
N ILE K 225 13.55 -9.98 75.74
CA ILE K 225 12.60 -8.93 75.41
C ILE K 225 13.19 -7.55 75.66
N GLU K 226 13.89 -7.36 76.77
CA GLU K 226 14.46 -6.06 77.09
C GLU K 226 15.73 -5.80 76.28
N ASP K 227 16.06 -4.53 76.13
CA ASP K 227 17.14 -4.09 75.28
C ASP K 227 18.45 -4.00 76.07
N GLU K 228 19.53 -4.46 75.45
CA GLU K 228 20.80 -4.55 76.18
C GLU K 228 21.84 -3.69 75.49
N LEU K 229 22.73 -3.13 76.31
CA LEU K 229 23.87 -2.36 75.82
C LEU K 229 25.12 -2.89 76.50
N GLU K 230 26.05 -3.45 75.73
CA GLU K 230 27.24 -4.06 76.31
C GLU K 230 28.49 -3.55 75.61
N ILE K 231 29.53 -3.27 76.39
CA ILE K 231 30.82 -2.86 75.86
C ILE K 231 31.71 -4.09 75.76
N THR K 232 32.18 -4.39 74.55
CA THR K 232 33.03 -5.55 74.33
C THR K 232 34.35 -5.11 73.72
N GLU K 233 35.20 -6.08 73.44
CA GLU K 233 36.43 -5.85 72.71
C GLU K 233 36.21 -6.14 71.24
N GLY K 234 36.71 -5.27 70.38
CA GLY K 234 36.55 -5.44 68.95
C GLY K 234 37.15 -4.25 68.25
N MET K 235 37.09 -4.29 66.92
CA MET K 235 37.67 -3.18 66.16
C MET K 235 37.22 -3.26 64.71
N ARG K 236 37.36 -2.12 64.02
CA ARG K 236 36.81 -1.93 62.69
C ARG K 236 37.92 -1.52 61.72
N PHE K 237 37.82 -1.98 60.47
CA PHE K 237 38.65 -1.50 59.39
C PHE K 237 37.78 -0.99 58.26
N ASP K 238 38.40 -0.17 57.41
CA ASP K 238 37.76 0.43 56.24
C ASP K 238 37.90 -0.43 54.99
N ARG K 239 38.09 -1.74 55.13
CA ARG K 239 38.15 -2.66 54.00
C ARG K 239 37.03 -3.69 54.10
N GLY K 240 36.24 -3.81 53.04
CA GLY K 240 35.13 -4.71 52.98
C GLY K 240 35.46 -6.01 52.25
N TYR K 241 34.41 -6.73 51.88
CA TYR K 241 34.59 -8.03 51.25
C TYR K 241 35.03 -7.88 49.80
N ILE K 242 35.75 -8.88 49.30
CA ILE K 242 36.32 -8.80 47.96
C ILE K 242 35.22 -8.88 46.90
N SER K 243 34.30 -9.83 47.03
CA SER K 243 33.31 -10.05 45.99
C SER K 243 31.90 -9.92 46.55
N PRO K 244 31.02 -9.19 45.85
CA PRO K 244 29.62 -9.11 46.27
C PRO K 244 28.97 -10.45 46.54
N TYR K 245 29.38 -11.52 45.86
CA TYR K 245 28.77 -12.82 46.05
C TYR K 245 28.90 -13.35 47.48
N PHE K 246 29.85 -12.84 48.26
CA PHE K 246 30.04 -13.29 49.63
C PHE K 246 28.90 -12.90 50.56
N ILE K 247 27.98 -12.05 50.10
CA ILE K 247 26.88 -11.58 50.93
C ILE K 247 26.03 -12.76 51.36
N THR K 248 25.83 -12.91 52.67
CA THR K 248 24.91 -13.91 53.20
C THR K 248 23.58 -13.31 53.63
N ASP K 249 23.57 -12.04 54.01
CA ASP K 249 22.34 -11.32 54.35
C ASP K 249 22.05 -10.35 53.21
N ALA K 250 21.28 -10.82 52.22
CA ALA K 250 20.96 -9.99 51.06
C ALA K 250 20.05 -8.83 51.39
N LYS K 251 19.42 -8.83 52.57
CA LYS K 251 18.54 -7.72 52.93
C LYS K 251 19.33 -6.42 53.05
N THR K 252 20.52 -6.48 53.67
CA THR K 252 21.34 -5.30 53.89
C THR K 252 22.69 -5.41 53.17
N GLN K 253 22.87 -6.44 52.34
CA GLN K 253 24.08 -6.63 51.55
C GLN K 253 25.32 -6.72 52.44
N LYS K 254 25.27 -7.55 53.47
CA LYS K 254 26.39 -7.73 54.38
C LYS K 254 26.57 -9.20 54.71
N VAL K 255 27.68 -9.50 55.36
CA VAL K 255 28.07 -10.86 55.72
C VAL K 255 28.24 -10.90 57.23
N GLU K 256 27.62 -11.89 57.89
CA GLU K 256 27.72 -12.05 59.33
C GLU K 256 28.13 -13.47 59.66
N PHE K 257 29.16 -13.62 60.49
CA PHE K 257 29.61 -14.92 60.94
C PHE K 257 29.73 -14.93 62.46
N GLU K 258 29.30 -16.03 63.06
CA GLU K 258 29.35 -16.22 64.51
C GLU K 258 30.47 -17.19 64.84
N LYS K 259 31.44 -16.72 65.63
CA LYS K 259 32.58 -17.53 66.06
C LYS K 259 33.32 -18.16 64.87
N PRO K 260 33.92 -17.35 63.99
CA PRO K 260 34.62 -17.91 62.83
C PRO K 260 36.12 -18.08 63.08
N LEU K 261 36.76 -18.74 62.11
CA LEU K 261 38.20 -18.89 62.11
C LEU K 261 38.84 -17.85 61.19
N ILE K 262 39.86 -17.17 61.69
CA ILE K 262 40.48 -16.03 61.02
C ILE K 262 41.87 -16.43 60.56
N LEU K 263 42.16 -16.19 59.29
CA LEU K 263 43.47 -16.48 58.70
C LEU K 263 44.10 -15.16 58.28
N LEU K 264 45.10 -14.73 59.04
CA LEU K 264 45.82 -13.47 58.77
C LEU K 264 47.14 -13.82 58.09
N THR K 265 47.33 -13.32 56.86
CA THR K 265 48.54 -13.56 56.12
C THR K 265 49.00 -12.29 55.41
N GLU K 266 50.31 -12.06 55.40
CA GLU K 266 50.91 -10.92 54.70
C GLU K 266 51.41 -11.41 53.35
N LYS K 267 50.48 -11.87 52.51
CA LYS K 267 50.87 -12.50 51.27
C LYS K 267 49.82 -12.22 50.20
N LYS K 268 50.23 -12.40 48.96
CA LYS K 268 49.33 -12.42 47.81
C LYS K 268 49.03 -13.87 47.49
N ILE K 269 47.75 -14.25 47.62
CA ILE K 269 47.31 -15.63 47.47
C ILE K 269 46.54 -15.76 46.16
N SER K 270 47.00 -16.66 45.29
CA SER K 270 46.31 -16.97 44.05
C SER K 270 46.24 -18.46 43.74
N ILE K 271 47.04 -19.29 44.39
CA ILE K 271 47.02 -20.74 44.16
C ILE K 271 46.31 -21.41 45.34
N LEU K 272 45.52 -22.43 45.02
CA LEU K 272 44.67 -23.08 46.00
C LEU K 272 45.43 -24.07 46.89
N GLN K 273 46.64 -24.47 46.50
CA GLN K 273 47.38 -25.45 47.30
C GLN K 273 47.69 -24.89 48.68
N ASP K 274 47.98 -23.59 48.76
CA ASP K 274 48.23 -22.98 50.06
C ASP K 274 46.95 -22.87 50.90
N ILE K 275 45.79 -22.76 50.25
CA ILE K 275 44.54 -22.62 50.98
C ILE K 275 43.99 -23.96 51.44
N LEU K 276 44.33 -25.06 50.77
CA LEU K 276 43.74 -26.36 51.08
C LEU K 276 43.87 -26.77 52.54
N PRO K 277 45.04 -26.68 53.19
CA PRO K 277 45.08 -27.06 54.61
C PRO K 277 44.17 -26.23 55.49
N ALA K 278 44.12 -24.92 55.28
CA ALA K 278 43.25 -24.06 56.07
C ALA K 278 41.79 -24.40 55.85
N LEU K 279 41.40 -24.61 54.58
CA LEU K 279 40.02 -24.92 54.27
C LEU K 279 39.62 -26.28 54.85
N GLU K 280 40.52 -27.25 54.80
CA GLU K 280 40.22 -28.56 55.37
C GLU K 280 40.08 -28.49 56.88
N THR K 281 40.98 -27.74 57.55
CA THR K 281 40.86 -27.57 58.99
C THR K 281 39.56 -26.88 59.36
N SER K 282 39.14 -25.90 58.56
CA SER K 282 37.85 -25.27 58.79
C SER K 282 36.69 -26.23 58.58
N SER K 283 36.75 -27.07 57.55
CA SER K 283 35.68 -28.03 57.29
C SER K 283 35.57 -29.05 58.42
N THR K 284 36.69 -29.50 58.95
CA THR K 284 36.68 -30.42 60.09
C THR K 284 36.03 -29.82 61.32
N GLN K 285 36.29 -28.55 61.61
CA GLN K 285 35.71 -27.89 62.77
C GLN K 285 34.31 -27.37 62.53
N ARG K 286 33.81 -27.46 61.30
CA ARG K 286 32.46 -26.97 60.94
C ARG K 286 32.26 -25.52 61.33
N ARG K 287 33.23 -24.65 61.02
CA ARG K 287 33.16 -23.24 61.35
C ARG K 287 33.43 -22.40 60.12
N PRO K 288 32.80 -21.23 60.01
CA PRO K 288 33.06 -20.35 58.87
C PRO K 288 34.44 -19.73 58.94
N LEU K 289 34.97 -19.38 57.77
CA LEU K 289 36.34 -18.90 57.64
C LEU K 289 36.36 -17.49 57.07
N LEU K 290 37.23 -16.65 57.63
CA LEU K 290 37.49 -15.31 57.11
C LEU K 290 38.99 -15.18 56.91
N ILE K 291 39.40 -14.76 55.72
CA ILE K 291 40.81 -14.61 55.38
C ILE K 291 41.10 -13.13 55.16
N ILE K 292 42.03 -12.60 55.94
CA ILE K 292 42.44 -11.20 55.87
C ILE K 292 43.84 -11.16 55.29
N ALA K 293 43.94 -10.90 53.99
CA ALA K 293 45.20 -11.03 53.29
C ALA K 293 45.56 -9.70 52.64
N GLU K 294 46.75 -9.66 52.02
CA GLU K 294 47.12 -8.51 51.21
C GLU K 294 46.19 -8.39 50.00
N ASP K 295 45.87 -9.52 49.37
CA ASP K 295 44.92 -9.55 48.26
C ASP K 295 44.60 -11.00 47.96
N ILE K 296 43.35 -11.24 47.54
CA ILE K 296 42.90 -12.56 47.13
C ILE K 296 42.41 -12.44 45.70
N ASP K 297 43.28 -12.77 44.75
CA ASP K 297 42.97 -12.65 43.33
C ASP K 297 43.34 -13.95 42.62
N GLY K 298 42.99 -14.01 41.34
CA GLY K 298 43.24 -15.18 40.52
C GLY K 298 42.21 -16.28 40.73
N GLU K 299 42.62 -17.54 40.58
CA GLU K 299 41.69 -18.65 40.76
C GLU K 299 41.30 -18.82 42.21
N ALA K 300 42.06 -18.22 43.13
CA ALA K 300 41.78 -18.36 44.55
C ALA K 300 40.40 -17.82 44.90
N LEU K 301 40.09 -16.60 44.44
CA LEU K 301 38.79 -16.03 44.75
C LEU K 301 37.68 -16.88 44.17
N ALA K 302 37.85 -17.37 42.94
CA ALA K 302 36.81 -18.15 42.29
C ALA K 302 36.54 -19.43 43.06
N ALA K 303 37.61 -20.10 43.51
CA ALA K 303 37.41 -21.30 44.33
C ALA K 303 36.66 -20.95 45.61
N CYS K 304 37.02 -19.83 46.24
CA CYS K 304 36.33 -19.43 47.46
C CYS K 304 34.86 -19.18 47.20
N ILE K 305 34.54 -18.50 46.10
CA ILE K 305 33.15 -18.17 45.76
C ILE K 305 32.31 -19.42 45.53
N LEU K 306 32.78 -20.35 44.70
CA LEU K 306 31.98 -21.53 44.39
C LEU K 306 31.81 -22.38 45.64
N ASN K 307 32.85 -22.42 46.48
CA ASN K 307 32.75 -23.16 47.72
C ASN K 307 31.67 -22.52 48.56
N LYS K 308 31.64 -21.19 48.62
CA LYS K 308 30.67 -20.50 49.47
C LYS K 308 29.25 -20.65 48.92
N LEU K 309 29.09 -20.54 47.61
CA LEU K 309 27.78 -20.64 47.00
C LEU K 309 27.18 -22.02 47.23
N ARG K 310 28.00 -23.06 47.24
CA ARG K 310 27.56 -24.41 47.58
C ARG K 310 27.68 -24.60 49.09
N GLY K 311 27.26 -25.76 49.57
CA GLY K 311 27.26 -26.04 50.99
C GLY K 311 28.54 -26.60 51.55
N ASN K 312 29.61 -26.65 50.76
CA ASN K 312 30.86 -27.25 51.23
C ASN K 312 31.42 -26.47 52.43
N LEU K 313 31.57 -25.16 52.27
CA LEU K 313 32.07 -24.31 53.34
C LEU K 313 31.71 -22.86 53.00
N GLN K 314 31.40 -22.09 54.03
CA GLN K 314 31.08 -20.67 53.89
C GLN K 314 32.31 -19.86 54.31
N VAL K 315 32.78 -19.00 53.41
CA VAL K 315 34.05 -18.30 53.58
C VAL K 315 33.88 -16.85 53.15
N ALA K 316 34.78 -15.98 53.63
CA ALA K 316 34.83 -14.58 53.27
C ALA K 316 36.28 -14.12 53.21
N ALA K 317 36.53 -13.08 52.41
CA ALA K 317 37.88 -12.58 52.19
C ALA K 317 37.89 -11.06 52.23
N VAL K 318 38.87 -10.50 52.94
CA VAL K 318 39.07 -9.05 52.99
C VAL K 318 40.56 -8.74 52.85
N LYS K 319 40.84 -7.52 52.46
CA LYS K 319 42.22 -7.05 52.31
C LYS K 319 42.73 -6.47 53.61
N ALA K 320 44.03 -6.60 53.82
CA ALA K 320 44.64 -6.10 55.04
C ALA K 320 44.57 -4.58 55.08
N PRO K 321 44.22 -3.99 56.23
CA PRO K 321 44.12 -2.53 56.31
C PRO K 321 45.49 -1.86 56.25
N GLY K 322 45.49 -0.61 55.78
CA GLY K 322 46.71 0.15 55.70
C GLY K 322 47.62 -0.31 54.57
N PHE K 323 48.72 0.47 54.43
CA PHE K 323 49.69 0.28 53.35
C PHE K 323 51.12 0.53 53.91
N GLY K 324 52.14 -0.23 53.47
CA GLY K 324 53.48 -0.01 53.98
C GLY K 324 53.72 -0.79 55.26
N ASP K 325 54.54 -0.23 56.14
CA ASP K 325 54.77 -0.87 57.44
C ASP K 325 53.56 -0.73 58.36
N ASN K 326 52.72 0.26 58.10
CA ASN K 326 51.49 0.41 58.87
C ASN K 326 50.61 -0.83 58.72
N ARG K 327 50.54 -1.38 57.50
CA ARG K 327 49.77 -2.60 57.28
C ARG K 327 50.29 -3.76 58.13
N LYS K 328 51.62 -3.92 58.16
CA LYS K 328 52.20 -5.00 58.96
C LYS K 328 51.91 -4.80 60.44
N SER K 329 52.04 -3.56 60.93
CA SER K 329 51.79 -3.29 62.34
C SER K 329 50.33 -3.54 62.70
N ILE K 330 49.40 -3.13 61.83
CA ILE K 330 47.99 -3.36 62.09
C ILE K 330 47.67 -4.85 62.06
N LEU K 331 48.27 -5.59 61.12
CA LEU K 331 48.05 -7.04 61.10
C LEU K 331 48.60 -7.70 62.35
N GLY K 332 49.74 -7.21 62.86
CA GLY K 332 50.24 -7.74 64.12
C GLY K 332 49.31 -7.47 65.29
N ASP K 333 48.80 -6.24 65.38
CA ASP K 333 47.84 -5.91 66.44
C ASP K 333 46.60 -6.79 66.33
N LEU K 334 46.10 -6.99 65.11
CA LEU K 334 44.90 -7.79 64.93
C LEU K 334 45.15 -9.26 65.21
N ALA K 335 46.33 -9.77 64.87
CA ALA K 335 46.67 -11.14 65.23
C ALA K 335 46.75 -11.33 66.73
N ILE K 336 47.30 -10.33 67.44
CA ILE K 336 47.29 -10.38 68.90
C ILE K 336 45.87 -10.38 69.44
N LEU K 337 45.02 -9.52 68.89
CA LEU K 337 43.65 -9.40 69.40
C LEU K 337 42.85 -10.67 69.13
N THR K 338 42.97 -11.24 67.93
CA THR K 338 42.17 -12.38 67.54
C THR K 338 42.68 -13.69 68.11
N GLY K 339 43.82 -13.68 68.80
CA GLY K 339 44.36 -14.89 69.39
C GLY K 339 45.13 -15.78 68.45
N GLY K 340 45.29 -15.38 67.19
CA GLY K 340 46.05 -16.17 66.25
C GLY K 340 47.41 -15.59 65.97
N THR K 341 48.05 -16.04 64.89
CA THR K 341 49.37 -15.55 64.50
C THR K 341 49.34 -15.15 63.03
N VAL K 342 50.08 -14.11 62.70
CA VAL K 342 50.14 -13.63 61.32
C VAL K 342 51.21 -14.42 60.56
N PHE K 343 50.96 -14.61 59.27
CA PHE K 343 51.87 -15.37 58.41
C PHE K 343 52.56 -14.41 57.46
N SER K 344 53.90 -14.37 57.54
CA SER K 344 54.69 -13.41 56.78
C SER K 344 55.83 -14.13 56.09
N ASP K 345 56.09 -13.76 54.84
CA ASP K 345 57.23 -14.31 54.11
C ASP K 345 58.55 -13.86 54.71
N GLU K 346 58.58 -12.67 55.33
CA GLU K 346 59.79 -12.21 56.00
C GLU K 346 60.18 -13.14 57.15
N LEU K 347 59.21 -13.85 57.71
CA LEU K 347 59.50 -14.89 58.70
C LEU K 347 59.68 -16.26 58.07
N ASP K 348 59.51 -16.37 56.74
CA ASP K 348 59.72 -17.61 55.99
C ASP K 348 58.87 -18.76 56.52
N ILE K 349 57.62 -18.47 56.87
CA ILE K 349 56.66 -19.50 57.28
C ILE K 349 55.64 -19.66 56.17
N LYS K 350 55.35 -20.91 55.80
CA LYS K 350 54.51 -21.23 54.66
C LYS K 350 53.07 -21.46 55.11
N LEU K 351 52.14 -21.24 54.18
CA LEU K 351 50.73 -21.40 54.48
C LEU K 351 50.33 -22.87 54.64
N GLU K 352 51.10 -23.79 54.06
CA GLU K 352 50.83 -25.21 54.24
C GLU K 352 51.19 -25.69 55.64
N ARG K 353 51.92 -24.87 56.41
CA ARG K 353 52.26 -25.16 57.79
C ARG K 353 51.14 -24.79 58.75
N ALA K 354 50.05 -24.22 58.24
CA ALA K 354 48.97 -23.71 59.10
C ALA K 354 48.36 -24.83 59.93
N THR K 355 48.16 -24.54 61.22
CA THR K 355 47.51 -25.41 62.17
C THR K 355 46.44 -24.61 62.91
N PRO K 356 45.36 -25.27 63.35
CA PRO K 356 44.29 -24.53 64.03
C PRO K 356 44.74 -23.75 65.26
N ASP K 357 45.91 -24.06 65.83
CA ASP K 357 46.41 -23.28 66.95
C ASP K 357 46.70 -21.84 66.53
N LEU K 358 47.28 -21.65 65.35
CA LEU K 358 47.62 -20.30 64.90
C LEU K 358 46.44 -19.56 64.28
N PHE K 359 45.32 -20.24 64.07
CA PHE K 359 44.13 -19.59 63.52
C PHE K 359 43.50 -18.69 64.57
N GLY K 360 43.02 -17.52 64.13
CA GLY K 360 42.36 -16.60 65.02
C GLY K 360 40.89 -16.90 65.19
N SER K 361 40.38 -16.57 66.37
CA SER K 361 38.98 -16.77 66.70
C SER K 361 38.42 -15.53 67.37
N THR K 362 37.13 -15.28 67.16
CA THR K 362 36.47 -14.11 67.69
C THR K 362 34.99 -14.40 67.88
N GLY K 363 34.33 -13.52 68.64
CA GLY K 363 32.91 -13.71 68.90
C GLY K 363 32.07 -13.64 67.64
N SER K 364 32.31 -12.63 66.80
CA SER K 364 31.57 -12.51 65.55
C SER K 364 32.33 -11.58 64.62
N VAL K 365 31.97 -11.65 63.34
CA VAL K 365 32.51 -10.75 62.32
C VAL K 365 31.36 -10.27 61.45
N THR K 366 31.41 -8.99 61.07
CA THR K 366 30.41 -8.40 60.19
C THR K 366 31.11 -7.61 59.11
N ILE K 367 30.80 -7.91 57.86
CA ILE K 367 31.49 -7.35 56.70
C ILE K 367 30.47 -6.61 55.85
N THR K 368 30.79 -5.36 55.49
CA THR K 368 29.96 -4.57 54.60
C THR K 368 30.76 -4.21 53.35
N LYS K 369 30.19 -3.36 52.50
CA LYS K 369 30.89 -2.91 51.30
C LYS K 369 32.16 -2.13 51.66
N GLU K 370 32.07 -1.23 52.64
CA GLU K 370 33.21 -0.38 52.97
C GLU K 370 33.95 -0.86 54.21
N ASP K 371 33.24 -1.10 55.30
CA ASP K 371 33.85 -1.40 56.59
C ASP K 371 33.61 -2.85 56.99
N THR K 372 34.51 -3.36 57.82
CA THR K 372 34.32 -4.66 58.47
C THR K 372 34.64 -4.49 59.95
N ILE K 373 33.98 -5.27 60.80
CA ILE K 373 34.10 -5.13 62.24
C ILE K 373 34.22 -6.52 62.86
N LEU K 374 35.24 -6.71 63.69
CA LEU K 374 35.44 -7.92 64.46
C LEU K 374 35.02 -7.66 65.90
N LEU K 375 34.35 -8.64 66.51
CA LEU K 375 33.69 -8.48 67.79
C LEU K 375 34.07 -9.63 68.71
N ASN K 376 34.41 -9.27 69.96
CA ASN K 376 34.70 -10.25 71.01
C ASN K 376 35.84 -11.18 70.61
N GLY K 377 37.01 -10.59 70.43
CA GLY K 377 38.18 -11.38 70.09
C GLY K 377 38.57 -12.31 71.22
N GLU K 378 39.22 -13.41 70.85
CA GLU K 378 39.60 -14.43 71.81
C GLU K 378 40.94 -14.18 72.46
N GLY K 379 41.60 -13.05 72.15
CA GLY K 379 42.87 -12.76 72.77
C GLY K 379 42.72 -12.49 74.26
N SER K 380 43.73 -12.90 75.02
CA SER K 380 43.75 -12.62 76.44
C SER K 380 43.89 -11.12 76.68
N LYS K 381 43.34 -10.67 77.81
CA LYS K 381 43.39 -9.25 78.15
C LYS K 381 44.82 -8.78 78.34
N ASP K 382 45.65 -9.58 79.01
CA ASP K 382 46.97 -9.13 79.43
C ASP K 382 47.85 -8.78 78.24
N MET K 383 47.82 -9.60 77.18
CA MET K 383 48.66 -9.30 76.03
C MET K 383 48.13 -8.11 75.24
N ILE K 384 46.81 -7.95 75.15
CA ILE K 384 46.25 -6.73 74.58
C ILE K 384 46.77 -5.52 75.35
N ASN K 385 46.86 -5.64 76.67
CA ASN K 385 47.37 -4.53 77.45
C ASN K 385 48.84 -4.26 77.16
N GLN K 386 49.65 -5.31 77.09
CA GLN K 386 51.06 -5.05 76.91
C GLN K 386 51.25 -4.40 75.56
N ARG K 387 50.57 -4.88 74.55
CA ARG K 387 50.63 -4.29 73.23
C ARG K 387 50.24 -2.82 73.28
N CYS K 388 49.22 -2.49 74.08
CA CYS K 388 48.90 -1.08 74.31
C CYS K 388 50.09 -0.34 74.89
N GLU K 389 50.82 -0.98 75.80
CA GLU K 389 52.00 -0.35 76.38
C GLU K 389 53.08 -0.09 75.33
N GLN K 390 53.32 -1.07 74.45
CA GLN K 390 54.28 -0.82 73.37
C GLN K 390 53.78 0.29 72.44
N ILE K 391 52.46 0.37 72.23
CA ILE K 391 51.94 1.43 71.37
C ILE K 391 52.22 2.80 71.97
N ARG K 392 51.97 2.96 73.28
CA ARG K 392 52.23 4.25 73.90
C ARG K 392 53.73 4.54 73.98
N ALA K 393 54.54 3.50 74.17
CA ALA K 393 55.99 3.69 74.14
C ALA K 393 56.46 4.18 72.78
N ALA K 394 55.91 3.59 71.71
CA ALA K 394 56.24 4.04 70.35
C ALA K 394 55.73 5.45 70.11
N ILE K 395 54.58 5.81 70.68
CA ILE K 395 54.11 7.19 70.59
C ILE K 395 55.13 8.13 71.22
N ASN K 396 55.66 7.75 72.39
CA ASN K 396 56.68 8.56 73.05
C ASN K 396 57.95 8.66 72.22
N ASP K 397 58.38 7.54 71.63
CA ASP K 397 59.65 7.51 70.92
C ASP K 397 59.57 8.15 69.54
N SER K 398 58.42 8.04 68.86
CA SER K 398 58.33 8.47 67.47
C SER K 398 58.63 9.95 67.33
N SER K 399 59.40 10.29 66.28
CA SER K 399 59.83 11.66 66.05
C SER K 399 58.89 12.43 65.13
N VAL K 400 58.20 11.74 64.23
CA VAL K 400 57.31 12.43 63.29
C VAL K 400 56.14 13.02 64.07
N SER K 401 56.03 14.35 64.06
CA SER K 401 55.04 15.03 64.88
C SER K 401 53.62 14.71 64.42
N ASP K 402 53.39 14.73 63.11
CA ASP K 402 52.03 14.61 62.61
C ASP K 402 51.70 13.20 62.15
N TYR K 403 52.48 12.66 61.22
CA TYR K 403 52.09 11.43 60.53
C TYR K 403 52.16 10.23 61.46
N GLU K 404 53.36 9.88 61.92
CA GLU K 404 53.53 8.67 62.71
C GLU K 404 52.81 8.75 64.04
N ARG K 405 52.88 9.91 64.69
CA ARG K 405 52.19 10.06 65.98
C ARG K 405 50.69 9.89 65.82
N GLU K 406 50.09 10.49 64.80
CA GLU K 406 48.65 10.37 64.64
C GLU K 406 48.25 8.95 64.24
N LYS K 407 49.08 8.26 63.45
CA LYS K 407 48.74 6.89 63.10
C LYS K 407 48.84 5.97 64.30
N LEU K 408 49.88 6.12 65.12
CA LEU K 408 49.98 5.34 66.34
C LEU K 408 48.83 5.65 67.29
N GLN K 409 48.45 6.91 67.40
CA GLN K 409 47.31 7.28 68.24
C GLN K 409 46.03 6.64 67.73
N GLU K 410 45.83 6.64 66.42
CA GLU K 410 44.59 6.08 65.87
C GLU K 410 44.53 4.58 66.10
N ARG K 411 45.66 3.87 65.97
CA ARG K 411 45.59 2.43 66.18
C ARG K 411 45.53 2.10 67.67
N LEU K 412 46.11 2.94 68.53
CA LEU K 412 45.90 2.79 69.96
C LEU K 412 44.43 2.93 70.32
N ALA K 413 43.77 3.95 69.76
CA ALA K 413 42.34 4.13 70.00
C ALA K 413 41.53 2.95 69.47
N LYS K 414 41.89 2.46 68.28
CA LYS K 414 41.18 1.32 67.72
C LYS K 414 41.31 0.08 68.60
N LEU K 415 42.51 -0.15 69.15
CA LEU K 415 42.72 -1.36 69.94
C LEU K 415 42.14 -1.23 71.34
N SER K 416 42.10 -0.01 71.89
CA SER K 416 41.74 0.16 73.29
C SER K 416 40.29 0.57 73.51
N GLY K 417 39.64 1.19 72.52
CA GLY K 417 38.34 1.78 72.76
C GLY K 417 37.25 0.78 73.04
N GLY K 418 37.29 -0.37 72.37
CA GLY K 418 36.23 -1.33 72.45
C GLY K 418 35.08 -0.98 71.52
N VAL K 419 34.01 -1.76 71.60
CA VAL K 419 32.85 -1.61 70.73
C VAL K 419 31.59 -1.66 71.59
N ALA K 420 30.68 -0.71 71.36
CA ALA K 420 29.37 -0.78 71.99
C ALA K 420 28.43 -1.59 71.12
N VAL K 421 27.76 -2.55 71.73
CA VAL K 421 26.82 -3.41 71.03
C VAL K 421 25.45 -3.21 71.66
N ILE K 422 24.46 -2.96 70.82
CA ILE K 422 23.07 -2.82 71.24
C ILE K 422 22.32 -4.07 70.79
N LYS K 423 21.94 -4.90 71.76
CA LYS K 423 21.20 -6.11 71.50
C LYS K 423 19.71 -5.78 71.57
N VAL K 424 19.02 -5.98 70.46
CA VAL K 424 17.62 -5.59 70.31
C VAL K 424 16.73 -6.73 70.80
N GLY K 425 15.97 -6.46 71.85
CA GLY K 425 15.08 -7.48 72.39
C GLY K 425 13.65 -7.32 71.95
N GLY K 426 12.90 -8.41 71.93
CA GLY K 426 11.50 -8.36 71.54
C GLY K 426 10.81 -9.67 71.82
N SER K 427 9.50 -9.66 71.61
CA SER K 427 8.71 -10.86 71.85
C SER K 427 8.78 -11.83 70.68
N SER K 428 8.47 -11.35 69.47
CA SER K 428 8.44 -12.17 68.28
C SER K 428 9.67 -11.88 67.43
N GLU K 429 9.86 -12.72 66.41
CA GLU K 429 11.02 -12.54 65.52
C GLU K 429 10.83 -11.33 64.62
N LEU K 430 9.64 -11.18 64.04
CA LEU K 430 9.40 -10.05 63.14
C LEU K 430 9.49 -8.73 63.89
N GLU K 431 8.98 -8.68 65.12
CA GLU K 431 9.11 -7.48 65.93
C GLU K 431 10.57 -7.14 66.16
N VAL K 432 11.38 -8.15 66.47
CA VAL K 432 12.81 -7.93 66.69
C VAL K 432 13.46 -7.38 65.42
N GLY K 433 13.13 -7.96 64.26
CA GLY K 433 13.74 -7.50 63.03
C GLY K 433 13.36 -6.06 62.68
N GLU K 434 12.08 -5.73 62.80
CA GLU K 434 11.66 -4.38 62.44
C GLU K 434 12.20 -3.35 63.42
N LYS K 435 12.22 -3.69 64.72
CA LYS K 435 12.82 -2.78 65.69
C LYS K 435 14.31 -2.64 65.46
N LYS K 436 14.99 -3.70 65.03
CA LYS K 436 16.41 -3.62 64.71
C LYS K 436 16.65 -2.65 63.56
N ASP K 437 15.83 -2.74 62.52
CA ASP K 437 15.98 -1.80 61.40
C ASP K 437 15.72 -0.37 61.83
N ARG K 438 14.69 -0.16 62.65
CA ARG K 438 14.41 1.18 63.15
C ARG K 438 15.57 1.72 63.98
N PHE K 439 16.16 0.86 64.82
CA PHE K 439 17.27 1.28 65.66
C PHE K 439 18.49 1.63 64.81
N VAL K 440 18.74 0.85 63.77
CA VAL K 440 19.86 1.14 62.88
C VAL K 440 19.66 2.50 62.19
N ASP K 441 18.44 2.76 61.72
CA ASP K 441 18.19 4.03 61.05
C ASP K 441 18.33 5.20 62.02
N ALA K 442 17.79 5.06 63.23
CA ALA K 442 17.90 6.13 64.22
C ALA K 442 19.33 6.35 64.66
N LEU K 443 20.15 5.30 64.61
CA LEU K 443 21.57 5.45 64.91
C LEU K 443 22.28 6.22 63.81
N ASN K 444 22.09 5.92 62.56
CA ASN K 444 22.85 6.62 61.53
C ASN K 444 22.60 8.07 61.40
N ALA K 445 21.45 8.54 61.87
CA ALA K 445 21.08 9.94 61.76
C ALA K 445 21.66 10.77 62.90
N THR K 446 21.72 10.17 64.09
CA THR K 446 22.30 10.88 65.23
C THR K 446 23.77 11.18 64.99
N ARG K 447 24.48 10.23 64.39
CA ARG K 447 25.89 10.46 64.08
C ARG K 447 26.09 11.66 63.17
N ALA K 448 25.32 11.73 62.09
CA ALA K 448 25.44 12.86 61.16
C ALA K 448 25.12 14.18 61.84
N ALA K 449 24.14 14.18 62.73
CA ALA K 449 23.77 15.40 63.45
C ALA K 449 24.83 15.79 64.47
N VAL K 450 25.51 14.79 65.04
CA VAL K 450 26.56 15.05 66.02
C VAL K 450 27.80 15.59 65.29
N GLU K 451 27.94 15.25 64.01
CA GLU K 451 29.11 15.69 63.26
C GLU K 451 29.06 17.16 62.87
N GLU K 452 27.93 17.62 62.31
CA GLU K 452 27.86 18.99 61.82
C GLU K 452 26.72 19.82 62.39
N GLY K 453 25.61 19.21 62.80
CA GLY K 453 24.52 19.94 63.39
C GLY K 453 23.22 19.64 62.67
N THR K 454 22.20 20.43 63.00
CA THR K 454 20.87 20.25 62.42
C THR K 454 20.33 21.59 61.95
N VAL K 455 19.57 21.50 60.85
CA VAL K 455 18.95 22.67 60.28
C VAL K 455 17.43 22.35 60.08
N PRO K 456 16.49 23.37 60.11
CA PRO K 456 15.05 23.08 59.96
C PRO K 456 14.77 22.25 58.72
N GLY K 457 13.85 21.31 58.85
CA GLY K 457 13.52 20.38 57.79
C GLY K 457 12.43 20.90 56.89
N GLY K 458 11.84 19.98 56.12
CA GLY K 458 10.80 20.34 55.20
C GLY K 458 11.27 21.03 53.95
N GLY K 459 12.58 21.09 53.73
CA GLY K 459 13.13 21.80 52.60
C GLY K 459 13.26 23.30 52.80
N VAL K 460 13.02 23.80 54.02
CA VAL K 460 13.04 25.24 54.24
C VAL K 460 14.43 25.78 54.51
N ALA K 461 15.41 24.93 54.80
CA ALA K 461 16.78 25.41 55.00
C ALA K 461 17.33 26.00 53.71
N LEU K 462 17.23 25.25 52.60
CA LEU K 462 17.70 25.76 51.31
C LEU K 462 16.86 26.94 50.86
N LEU K 463 15.55 26.89 51.10
CA LEU K 463 14.67 27.99 50.71
C LEU K 463 15.06 29.29 51.43
N LYS K 464 15.36 29.20 52.72
CA LYS K 464 15.81 30.38 53.45
C LYS K 464 17.21 30.81 53.03
N SER K 465 18.08 29.84 52.68
CA SER K 465 19.42 30.17 52.22
C SER K 465 19.40 30.87 50.86
N THR K 466 18.33 30.70 50.08
CA THR K 466 18.24 31.41 48.80
C THR K 466 18.24 32.92 48.95
N LYS K 467 17.96 33.46 50.14
CA LYS K 467 17.87 34.90 50.35
C LYS K 467 19.23 35.56 50.52
N CYS K 468 20.31 34.78 50.60
CA CYS K 468 21.65 35.33 50.69
C CYS K 468 22.35 35.44 49.35
N LEU K 469 21.75 34.93 48.28
CA LEU K 469 22.39 34.95 46.97
C LEU K 469 22.29 36.31 46.29
N ASP K 470 21.48 37.23 46.84
CA ASP K 470 21.33 38.55 46.24
C ASP K 470 22.39 39.51 46.72
N LYS K 471 23.45 38.97 47.32
CA LYS K 471 24.57 39.79 47.76
C LYS K 471 25.87 39.44 47.03
N LEU K 472 25.83 38.56 46.05
CA LEU K 472 27.03 38.15 45.32
C LEU K 472 27.34 39.15 44.22
N THR K 473 28.63 39.30 43.91
CA THR K 473 29.08 40.25 42.88
C THR K 473 29.83 39.48 41.80
N PRO K 474 29.16 38.97 40.79
CA PRO K 474 29.87 38.28 39.70
C PRO K 474 30.59 39.27 38.79
N GLY K 475 31.64 38.77 38.14
CA GLY K 475 32.40 39.54 37.19
C GLY K 475 31.84 39.54 35.78
N ASN K 476 30.73 38.86 35.54
CA ASN K 476 30.13 38.77 34.23
C ASN K 476 28.64 38.51 34.42
N PHE K 477 27.83 38.81 33.42
CA PHE K 477 26.40 38.54 33.47
C PHE K 477 26.06 37.05 33.39
N ASP K 478 26.88 36.26 32.69
CA ASP K 478 26.64 34.82 32.65
C ASP K 478 26.86 34.15 33.99
N GLN K 479 27.84 34.61 34.79
CA GLN K 479 27.96 34.15 36.15
C GLN K 479 26.74 34.54 36.98
N GLN K 480 26.19 35.73 36.72
CA GLN K 480 24.94 36.11 37.36
C GLN K 480 23.79 35.21 36.94
N LEU K 481 23.77 34.80 35.67
CA LEU K 481 22.77 33.85 35.22
C LEU K 481 22.91 32.51 35.94
N GLY K 482 24.14 32.06 36.16
CA GLY K 482 24.34 30.84 36.93
C GLY K 482 23.90 30.96 38.37
N ILE K 483 24.17 32.12 38.99
CA ILE K 483 23.70 32.36 40.35
C ILE K 483 22.18 32.33 40.40
N ASN K 484 21.52 32.94 39.41
CA ASN K 484 20.07 32.88 39.33
C ASN K 484 19.56 31.46 39.11
N ILE K 485 20.32 30.65 38.34
CA ILE K 485 19.96 29.25 38.15
C ILE K 485 19.92 28.54 39.49
N ILE K 486 20.98 28.72 40.30
CA ILE K 486 21.04 28.06 41.60
C ILE K 486 19.92 28.57 42.50
N LYS K 487 19.67 29.88 42.47
CA LYS K 487 18.64 30.47 43.31
C LYS K 487 17.26 29.92 42.98
N SER K 488 16.95 29.77 41.69
CA SER K 488 15.68 29.19 41.30
C SER K 488 15.61 27.71 41.63
N ALA K 489 16.72 26.99 41.46
CA ALA K 489 16.70 25.54 41.67
C ALA K 489 16.56 25.18 43.15
N LEU K 490 17.08 26.01 44.04
CA LEU K 490 17.07 25.67 45.47
C LEU K 490 15.70 25.84 46.12
N GLN K 491 14.64 26.07 45.35
CA GLN K 491 13.29 26.15 45.88
C GLN K 491 12.45 24.91 45.57
N LYS K 492 12.95 24.01 44.72
CA LYS K 492 12.16 22.86 44.32
C LYS K 492 11.79 21.89 45.45
N PRO K 493 12.69 21.54 46.38
CA PRO K 493 12.29 20.55 47.41
C PRO K 493 11.08 20.96 48.23
N ALA K 494 10.97 22.23 48.62
CA ALA K 494 9.80 22.67 49.38
C ALA K 494 8.54 22.64 48.52
N LYS K 495 8.66 23.04 47.25
CA LYS K 495 7.52 22.99 46.34
C LYS K 495 7.02 21.56 46.18
N ILE K 496 7.94 20.60 46.03
CA ILE K 496 7.56 19.22 45.83
C ILE K 496 6.96 18.63 47.11
N ILE K 497 7.51 18.99 48.27
CA ILE K 497 6.95 18.52 49.53
C ILE K 497 5.53 19.04 49.70
N ALA K 498 5.29 20.31 49.36
CA ALA K 498 3.94 20.85 49.44
C ALA K 498 3.01 20.20 48.42
N ASP K 499 3.52 19.92 47.21
CA ASP K 499 2.71 19.28 46.19
C ASP K 499 2.28 17.88 46.61
N ASN K 500 3.18 17.11 47.23
CA ASN K 500 2.84 15.78 47.69
C ASN K 500 1.74 15.81 48.75
N ALA K 501 1.67 16.89 49.53
CA ALA K 501 0.61 17.05 50.51
C ALA K 501 -0.74 17.36 49.88
N GLY K 502 -0.78 17.65 48.59
CA GLY K 502 -2.01 17.98 47.89
C GLY K 502 -2.22 19.46 47.65
N GLU K 503 -1.33 20.32 48.12
CA GLU K 503 -1.47 21.75 47.95
C GLU K 503 -0.75 22.20 46.68
N GLU K 504 -0.62 23.51 46.50
CA GLU K 504 0.13 24.09 45.40
C GLU K 504 1.46 24.60 45.96
N GLY K 505 2.56 23.96 45.53
CA GLY K 505 3.85 24.25 46.13
C GLY K 505 4.30 25.69 45.92
N ALA K 506 3.98 26.26 44.75
CA ALA K 506 4.41 27.61 44.45
C ALA K 506 3.80 28.62 45.42
N VAL K 507 2.51 28.46 45.72
CA VAL K 507 1.83 29.40 46.61
C VAL K 507 2.36 29.27 48.03
N ILE K 508 2.59 28.04 48.50
CA ILE K 508 3.14 27.83 49.83
C ILE K 508 4.53 28.45 49.94
N VAL K 509 5.37 28.22 48.92
CA VAL K 509 6.72 28.78 48.93
C VAL K 509 6.67 30.31 48.92
N GLY K 510 5.76 30.88 48.11
CA GLY K 510 5.61 32.32 48.11
C GLY K 510 5.18 32.87 49.46
N LYS K 511 4.25 32.19 50.12
CA LYS K 511 3.83 32.61 51.46
C LYS K 511 4.98 32.54 52.45
N ILE K 512 5.80 31.49 52.38
CA ILE K 512 6.93 31.37 53.28
C ILE K 512 7.97 32.45 52.98
N LEU K 513 8.18 32.75 51.70
CA LEU K 513 9.24 33.67 51.29
C LEU K 513 8.81 35.13 51.28
N ASP K 514 7.55 35.44 51.61
CA ASP K 514 7.06 36.80 51.57
C ASP K 514 6.98 37.44 52.95
N ASN K 515 6.26 36.82 53.89
CA ASN K 515 6.12 37.34 55.23
C ASN K 515 6.93 36.47 56.20
N HIS K 516 6.99 36.90 57.46
CA HIS K 516 7.78 36.23 58.49
C HIS K 516 9.24 36.12 58.04
N THR K 517 9.81 37.26 57.68
CA THR K 517 11.15 37.34 57.14
C THR K 517 12.24 37.36 58.20
N ASP K 518 11.88 37.36 59.48
CA ASP K 518 12.83 37.36 60.58
C ASP K 518 12.76 36.06 61.36
N ASP K 519 12.45 34.96 60.67
CA ASP K 519 12.33 33.65 61.30
C ASP K 519 12.94 32.62 60.35
N PHE K 520 14.16 32.16 60.67
CA PHE K 520 14.80 31.13 59.88
C PHE K 520 14.14 29.77 60.06
N ASN K 521 13.38 29.58 61.12
CA ASN K 521 12.83 28.28 61.45
C ASN K 521 11.35 28.19 61.09
N TYR K 522 10.85 29.15 60.32
CA TYR K 522 9.43 29.24 60.02
C TYR K 522 9.17 28.58 58.67
N GLY K 523 8.16 27.72 58.61
CA GLY K 523 7.87 27.02 57.38
C GLY K 523 6.55 26.28 57.45
N TYR K 524 6.38 25.37 56.51
CA TYR K 524 5.14 24.62 56.32
C TYR K 524 5.28 23.22 56.91
N ASP K 525 4.43 22.91 57.88
CA ASP K 525 4.30 21.54 58.40
C ASP K 525 3.29 20.82 57.51
N ALA K 526 3.79 19.99 56.60
CA ALA K 526 2.92 19.30 55.67
C ALA K 526 2.12 18.19 56.35
N ALA K 527 2.67 17.59 57.41
CA ALA K 527 1.95 16.53 58.10
C ALA K 527 0.65 17.04 58.72
N LYS K 528 0.71 18.22 59.34
CA LYS K 528 -0.48 18.84 59.92
C LYS K 528 -1.07 19.92 59.03
N SER K 529 -0.47 20.18 57.87
CA SER K 529 -0.95 21.20 56.94
C SER K 529 -1.06 22.56 57.62
N GLU K 530 -0.03 22.92 58.38
CA GLU K 530 -0.02 24.14 59.17
C GLU K 530 1.22 24.96 58.84
N TYR K 531 1.29 26.16 59.40
CA TYR K 531 2.47 27.01 59.30
C TYR K 531 3.01 27.25 60.69
N GLY K 532 4.34 27.32 60.81
CA GLY K 532 4.93 27.65 62.08
C GLY K 532 6.38 27.26 62.15
N ASP K 533 6.93 27.30 63.37
CA ASP K 533 8.32 26.98 63.61
C ASP K 533 8.51 25.47 63.49
N LEU K 534 9.32 25.06 62.52
CA LEU K 534 9.50 23.63 62.26
C LEU K 534 10.41 22.97 63.28
N VAL K 535 11.38 23.71 63.83
CA VAL K 535 12.27 23.13 64.84
C VAL K 535 11.50 22.83 66.11
N SER K 536 10.55 23.68 66.47
CA SER K 536 9.73 23.42 67.66
C SER K 536 8.90 22.15 67.49
N ARG K 537 8.50 21.82 66.26
CA ARG K 537 7.73 20.63 65.98
C ARG K 537 8.60 19.40 65.71
N GLY K 538 9.93 19.54 65.79
CA GLY K 538 10.81 18.42 65.58
C GLY K 538 11.09 18.06 64.15
N ILE K 539 10.84 18.98 63.21
CA ILE K 539 11.11 18.74 61.80
C ILE K 539 12.47 19.36 61.50
N VAL K 540 13.53 18.56 61.71
CA VAL K 540 14.89 18.99 61.44
C VAL K 540 15.61 17.90 60.67
N ASP K 541 16.65 18.30 59.95
CA ASP K 541 17.51 17.37 59.23
C ASP K 541 18.97 17.76 59.42
N PRO K 542 19.88 16.80 59.36
CA PRO K 542 21.29 17.12 59.57
C PRO K 542 21.84 18.04 58.49
N LEU K 543 22.78 18.89 58.87
CA LEU K 543 23.46 19.74 57.90
C LEU K 543 24.30 18.92 56.93
N LYS K 544 24.83 17.80 57.39
CA LYS K 544 25.71 16.98 56.55
C LYS K 544 24.99 16.48 55.31
N VAL K 545 23.77 15.97 55.47
CA VAL K 545 23.07 15.37 54.34
C VAL K 545 22.68 16.43 53.32
N VAL K 546 22.20 17.59 53.79
CA VAL K 546 21.78 18.63 52.86
C VAL K 546 22.98 19.23 52.15
N ARG K 547 24.11 19.40 52.88
CA ARG K 547 25.31 19.92 52.25
C ARG K 547 25.84 18.95 51.19
N THR K 548 25.89 17.66 51.52
CA THR K 548 26.38 16.67 50.56
C THR K 548 25.47 16.60 49.34
N ALA K 549 24.16 16.61 49.56
CA ALA K 549 23.23 16.57 48.43
C ALA K 549 23.40 17.78 47.53
N LEU K 550 23.50 18.97 48.12
CA LEU K 550 23.68 20.18 47.34
C LEU K 550 24.96 20.13 46.53
N VAL K 551 26.08 19.76 47.17
CA VAL K 551 27.37 19.78 46.48
C VAL K 551 27.37 18.76 45.35
N ASP K 552 26.91 17.54 45.61
CA ASP K 552 26.94 16.51 44.59
C ASP K 552 26.00 16.82 43.43
N ALA K 553 24.79 17.31 43.74
CA ALA K 553 23.86 17.68 42.66
C ALA K 553 24.43 18.80 41.81
N SER K 554 25.02 19.82 42.45
CA SER K 554 25.61 20.92 41.69
C SER K 554 26.74 20.42 40.79
N GLY K 555 27.62 19.58 41.33
CA GLY K 555 28.73 19.09 40.54
C GLY K 555 28.29 18.26 39.36
N VAL K 556 27.37 17.32 39.58
CA VAL K 556 26.92 16.46 38.49
C VAL K 556 26.13 17.24 37.46
N ALA K 557 25.35 18.23 37.89
CA ALA K 557 24.60 19.04 36.94
C ALA K 557 25.54 19.89 36.09
N SER K 558 26.58 20.47 36.70
CA SER K 558 27.56 21.22 35.92
C SER K 558 28.29 20.31 34.94
N LEU K 559 28.64 19.10 35.36
CA LEU K 559 29.30 18.16 34.46
C LEU K 559 28.40 17.78 33.29
N LEU K 560 27.11 17.57 33.56
CA LEU K 560 26.17 17.25 32.48
C LEU K 560 26.00 18.43 31.53
N THR K 561 25.95 19.65 32.07
CA THR K 561 25.81 20.83 31.21
C THR K 561 27.04 21.01 30.32
N THR K 562 28.23 20.74 30.85
CA THR K 562 29.46 20.94 30.10
C THR K 562 29.64 19.89 28.99
N THR K 563 28.96 18.74 29.10
CA THR K 563 29.17 17.65 28.15
C THR K 563 28.81 18.07 26.73
N GLU K 564 29.69 17.75 25.78
CA GLU K 564 29.53 18.15 24.38
C GLU K 564 29.37 16.98 23.42
N CYS K 565 29.74 15.77 23.81
CA CYS K 565 29.60 14.61 22.95
C CYS K 565 29.30 13.39 23.81
N THR K 566 28.42 12.52 23.32
CA THR K 566 28.08 11.29 24.01
C THR K 566 28.12 10.13 23.04
N ILE K 567 28.77 9.03 23.46
CA ILE K 567 28.99 7.86 22.63
C ILE K 567 28.36 6.65 23.30
N THR K 568 27.51 5.94 22.58
CA THR K 568 26.90 4.70 23.06
C THR K 568 27.14 3.58 22.05
N GLU K 569 26.55 2.42 22.28
CA GLU K 569 26.68 1.28 21.39
C GLU K 569 25.43 1.13 20.53
N ALA K 570 25.64 0.80 19.27
CA ALA K 570 24.52 0.61 18.36
C ALA K 570 23.77 -0.67 18.72
N PRO K 571 22.43 -0.60 18.89
CA PRO K 571 21.62 -1.77 19.25
C PRO K 571 21.68 -2.88 18.21
N THR L 44 18.15 -5.07 32.78
CA THR L 44 16.72 -5.07 32.50
C THR L 44 16.23 -3.67 32.14
N HIS L 45 15.18 -3.61 31.32
CA HIS L 45 14.59 -2.36 30.87
C HIS L 45 13.16 -2.26 31.38
N LYS L 46 12.78 -1.07 31.84
CA LYS L 46 11.52 -0.85 32.51
C LYS L 46 10.64 0.12 31.73
N GLU L 47 9.34 0.06 32.02
CA GLU L 47 8.35 0.99 31.49
C GLU L 47 7.66 1.67 32.66
N LEU L 48 7.47 2.98 32.55
CA LEU L 48 6.93 3.77 33.65
C LEU L 48 5.67 4.49 33.21
N LYS L 49 4.67 4.48 34.10
CA LYS L 49 3.44 5.25 33.89
C LYS L 49 3.20 6.14 35.11
N PHE L 50 2.77 7.36 34.85
CA PHE L 50 2.60 8.38 35.87
C PHE L 50 1.17 8.89 35.89
N GLY L 51 0.64 9.12 37.09
CA GLY L 51 -0.61 9.81 37.26
C GLY L 51 -1.86 9.11 36.74
N VAL L 52 -2.57 9.78 35.83
CA VAL L 52 -3.91 9.35 35.44
C VAL L 52 -3.84 8.06 34.61
N GLU L 53 -2.85 7.93 33.73
CA GLU L 53 -2.81 6.77 32.84
C GLU L 53 -2.49 5.49 33.61
N GLY L 54 -1.55 5.55 34.56
CA GLY L 54 -1.27 4.38 35.36
C GLY L 54 -2.46 3.94 36.20
N ARG L 55 -3.14 4.90 36.82
CA ARG L 55 -4.33 4.58 37.58
C ARG L 55 -5.44 4.03 36.68
N ALA L 56 -5.53 4.51 35.44
CA ALA L 56 -6.51 3.98 34.51
C ALA L 56 -6.22 2.53 34.16
N SER L 57 -4.95 2.19 33.95
CA SER L 57 -4.60 0.79 33.68
C SER L 57 -4.88 -0.10 34.89
N LEU L 58 -4.52 0.38 36.09
CA LEU L 58 -4.82 -0.38 37.29
C LEU L 58 -6.32 -0.58 37.46
N LEU L 59 -7.10 0.45 37.17
CA LEU L 59 -8.56 0.36 37.26
C LEU L 59 -9.11 -0.63 36.25
N LYS L 60 -8.53 -0.67 35.04
CA LYS L 60 -8.95 -1.68 34.07
C LYS L 60 -8.71 -3.08 34.59
N GLY L 61 -7.54 -3.32 35.17
CA GLY L 61 -7.25 -4.64 35.71
C GLY L 61 -8.19 -5.03 36.84
N VAL L 62 -8.41 -4.10 37.79
CA VAL L 62 -9.30 -4.37 38.91
C VAL L 62 -10.72 -4.56 38.41
N ASP L 63 -11.11 -3.81 37.38
CA ASP L 63 -12.45 -3.95 36.81
C ASP L 63 -12.65 -5.33 36.22
N ILE L 64 -11.66 -5.82 35.46
CA ILE L 64 -11.78 -7.15 34.88
C ILE L 64 -11.90 -8.21 35.98
N LEU L 65 -11.03 -8.11 36.99
CA LEU L 65 -11.04 -9.10 38.07
C LEU L 65 -12.37 -9.09 38.81
N ALA L 66 -12.86 -7.91 39.18
CA ALA L 66 -14.11 -7.81 39.92
C ALA L 66 -15.31 -8.25 39.09
N LYS L 67 -15.32 -7.92 37.80
CA LYS L 67 -16.40 -8.36 36.93
C LYS L 67 -16.43 -9.88 36.82
N ALA L 68 -15.25 -10.51 36.73
CA ALA L 68 -15.21 -11.97 36.67
C ALA L 68 -15.67 -12.59 37.99
N VAL L 69 -15.29 -12.00 39.12
CA VAL L 69 -15.57 -12.65 40.40
C VAL L 69 -17.00 -12.39 40.88
N ALA L 70 -17.60 -11.26 40.50
CA ALA L 70 -18.88 -10.85 41.08
C ALA L 70 -20.05 -11.72 40.65
N VAL L 71 -19.94 -12.40 39.51
CA VAL L 71 -21.06 -13.21 39.02
C VAL L 71 -21.34 -14.43 39.88
N THR L 72 -20.46 -14.77 40.81
CA THR L 72 -20.61 -15.95 41.64
C THR L 72 -21.06 -15.63 43.06
N LEU L 73 -21.54 -14.41 43.31
CA LEU L 73 -21.91 -13.99 44.65
C LEU L 73 -23.42 -14.15 44.86
N GLY L 74 -23.80 -14.79 45.96
CA GLY L 74 -25.18 -14.96 46.30
C GLY L 74 -25.66 -16.38 46.07
N PRO L 75 -26.85 -16.71 46.59
CA PRO L 75 -27.42 -18.04 46.32
C PRO L 75 -27.67 -18.31 44.85
N LYS L 76 -27.98 -17.27 44.06
CA LYS L 76 -28.25 -17.41 42.64
C LYS L 76 -27.04 -16.99 41.79
N GLY L 77 -25.83 -17.23 42.28
CA GLY L 77 -24.66 -16.88 41.50
C GLY L 77 -24.56 -17.70 40.23
N ARG L 78 -24.00 -17.08 39.20
CA ARG L 78 -23.89 -17.71 37.89
C ARG L 78 -22.66 -18.61 37.84
N ASN L 79 -22.50 -19.31 36.72
CA ASN L 79 -21.42 -20.26 36.52
C ASN L 79 -20.27 -19.62 35.78
N VAL L 80 -19.06 -20.11 36.05
CA VAL L 80 -17.85 -19.70 35.35
C VAL L 80 -17.21 -20.94 34.74
N LEU L 81 -16.88 -20.87 33.45
CA LEU L 81 -16.19 -21.94 32.75
C LEU L 81 -14.71 -21.60 32.67
N ILE L 82 -13.88 -22.46 33.25
CA ILE L 82 -12.43 -22.30 33.21
C ILE L 82 -11.84 -23.45 32.41
N GLU L 83 -11.05 -23.12 31.41
CA GLU L 83 -10.49 -24.09 30.47
C GLU L 83 -9.11 -24.53 30.94
N GLN L 84 -8.91 -25.86 31.04
CA GLN L 84 -7.65 -26.51 31.36
C GLN L 84 -6.85 -26.80 30.10
N PRO L 85 -5.52 -26.81 30.19
CA PRO L 85 -4.71 -27.11 28.98
C PRO L 85 -5.04 -28.45 28.36
N TYR L 86 -5.33 -29.44 29.21
CA TYR L 86 -5.72 -30.76 28.75
C TYR L 86 -6.76 -31.29 29.73
N GLY L 87 -7.94 -31.66 29.23
CA GLY L 87 -9.00 -32.16 30.09
C GLY L 87 -10.30 -31.40 29.90
N SER L 88 -11.34 -31.92 30.53
CA SER L 88 -12.65 -31.32 30.42
C SER L 88 -12.69 -29.97 31.12
N PRO L 89 -13.48 -29.02 30.61
CA PRO L 89 -13.56 -27.70 31.24
C PRO L 89 -14.17 -27.80 32.64
N LYS L 90 -13.75 -26.87 33.50
CA LYS L 90 -14.20 -26.83 34.89
C LYS L 90 -15.32 -25.81 35.04
N ILE L 91 -16.40 -26.23 35.70
CA ILE L 91 -17.55 -25.38 35.96
C ILE L 91 -17.52 -25.02 37.44
N THR L 92 -17.42 -23.72 37.74
CA THR L 92 -17.24 -23.29 39.12
C THR L 92 -18.20 -22.16 39.47
N LYS L 93 -18.70 -22.21 40.70
CA LYS L 93 -19.47 -21.13 41.30
C LYS L 93 -18.74 -20.49 42.49
N ASP L 94 -17.44 -20.76 42.61
CA ASP L 94 -16.66 -20.37 43.76
C ASP L 94 -15.81 -19.16 43.42
N GLY L 95 -15.93 -18.11 44.25
CA GLY L 95 -15.26 -16.86 43.93
C GLY L 95 -13.75 -16.93 44.00
N VAL L 96 -13.22 -17.61 45.02
CA VAL L 96 -11.77 -17.68 45.18
C VAL L 96 -11.13 -18.51 44.07
N THR L 97 -11.81 -19.58 43.63
CA THR L 97 -11.32 -20.37 42.52
C THR L 97 -11.24 -19.54 41.24
N VAL L 98 -12.27 -18.74 40.98
CA VAL L 98 -12.27 -17.86 39.81
C VAL L 98 -11.18 -16.82 39.93
N ALA L 99 -10.99 -16.25 41.13
CA ALA L 99 -10.00 -15.20 41.31
C ALA L 99 -8.58 -15.73 41.14
N LYS L 100 -8.30 -16.94 41.61
CA LYS L 100 -6.96 -17.50 41.53
C LYS L 100 -6.54 -17.89 40.13
N SER L 101 -7.44 -17.87 39.15
CA SER L 101 -7.15 -18.32 37.80
C SER L 101 -7.19 -17.19 36.78
N ILE L 102 -6.97 -15.95 37.21
CA ILE L 102 -7.04 -14.79 36.32
C ILE L 102 -5.65 -14.18 36.21
N SER L 103 -5.15 -14.07 34.99
CA SER L 103 -3.90 -13.40 34.69
C SER L 103 -4.07 -12.60 33.41
N LEU L 104 -3.60 -11.36 33.42
CA LEU L 104 -3.78 -10.44 32.31
C LEU L 104 -2.47 -10.26 31.55
N LYS L 105 -2.61 -10.06 30.25
CA LYS L 105 -1.49 -9.87 29.37
C LYS L 105 -0.82 -8.58 29.51
N ASP L 106 -1.58 -7.53 29.68
CA ASP L 106 -1.06 -6.19 29.93
C ASP L 106 -0.45 -6.12 31.32
N LYS L 107 0.69 -5.45 31.44
CA LYS L 107 1.48 -5.51 32.66
C LYS L 107 0.88 -4.70 33.80
N PHE L 108 0.37 -3.49 33.51
CA PHE L 108 -0.14 -2.64 34.58
C PHE L 108 -1.50 -3.12 35.08
N GLU L 109 -2.36 -3.55 34.16
CA GLU L 109 -3.63 -4.15 34.57
C GLU L 109 -3.39 -5.42 35.38
N ASN L 110 -2.42 -6.24 34.96
CA ASN L 110 -2.05 -7.41 35.74
C ASN L 110 -1.49 -7.03 37.10
N LEU L 111 -0.79 -5.90 37.19
CA LEU L 111 -0.26 -5.45 38.47
C LEU L 111 -1.40 -5.10 39.43
N GLY L 112 -2.37 -4.33 38.95
CA GLY L 112 -3.53 -4.03 39.79
C GLY L 112 -4.31 -5.25 40.19
N ALA L 113 -4.56 -6.16 39.24
CA ALA L 113 -5.28 -7.39 39.53
C ALA L 113 -4.52 -8.24 40.53
N ARG L 114 -3.19 -8.27 40.42
CA ARG L 114 -2.38 -9.05 41.35
C ARG L 114 -2.47 -8.48 42.75
N LEU L 115 -2.37 -7.16 42.87
CA LEU L 115 -2.49 -6.54 44.19
C LEU L 115 -3.82 -6.89 44.84
N VAL L 116 -4.92 -6.74 44.09
CA VAL L 116 -6.23 -7.04 44.66
C VAL L 116 -6.35 -8.53 44.96
N GLN L 117 -5.78 -9.39 44.10
CA GLN L 117 -5.80 -10.83 44.35
C GLN L 117 -5.06 -11.19 45.62
N ASP L 118 -3.89 -10.58 45.85
CA ASP L 118 -3.14 -10.84 47.07
C ASP L 118 -3.94 -10.43 48.30
N VAL L 119 -4.56 -9.25 48.25
CA VAL L 119 -5.32 -8.79 49.42
C VAL L 119 -6.54 -9.70 49.67
N ALA L 120 -7.23 -10.08 48.60
CA ALA L 120 -8.39 -10.97 48.74
C ALA L 120 -7.98 -12.35 49.27
N ASN L 121 -6.88 -12.89 48.77
CA ASN L 121 -6.39 -14.17 49.29
C ASN L 121 -6.01 -14.06 50.75
N LYS L 122 -5.36 -12.95 51.14
CA LYS L 122 -4.98 -12.78 52.54
C LYS L 122 -6.20 -12.70 53.45
N THR L 123 -7.23 -11.95 53.05
CA THR L 123 -8.41 -11.85 53.90
C THR L 123 -9.17 -13.17 53.95
N ASN L 124 -9.21 -13.91 52.82
CA ASN L 124 -9.84 -15.22 52.83
C ASN L 124 -9.12 -16.18 53.75
N GLU L 125 -7.78 -16.15 53.73
CA GLU L 125 -7.02 -17.01 54.62
C GLU L 125 -7.21 -16.63 56.08
N VAL L 126 -7.23 -15.33 56.37
CA VAL L 126 -7.34 -14.87 57.75
C VAL L 126 -8.72 -15.20 58.33
N ALA L 127 -9.78 -14.87 57.58
CA ALA L 127 -11.14 -14.97 58.12
C ALA L 127 -11.86 -16.25 57.73
N GLY L 128 -11.48 -16.89 56.62
CA GLY L 128 -12.19 -18.06 56.16
C GLY L 128 -12.89 -17.85 54.84
N ASP L 129 -13.46 -16.65 54.66
CA ASP L 129 -14.14 -16.30 53.43
C ASP L 129 -14.17 -14.78 53.31
N GLY L 130 -14.79 -14.29 52.24
CA GLY L 130 -14.88 -12.88 51.97
C GLY L 130 -14.08 -12.37 50.79
N THR L 131 -13.68 -13.24 49.86
CA THR L 131 -12.90 -12.80 48.71
C THR L 131 -13.74 -11.96 47.75
N THR L 132 -14.94 -12.45 47.43
CA THR L 132 -15.79 -11.76 46.46
C THR L 132 -16.23 -10.40 46.99
N THR L 133 -16.64 -10.34 48.26
CA THR L 133 -17.07 -9.06 48.83
C THR L 133 -15.91 -8.07 48.89
N ALA L 134 -14.73 -8.53 49.29
CA ALA L 134 -13.57 -7.65 49.34
C ALA L 134 -13.20 -7.13 47.96
N THR L 135 -13.24 -8.00 46.95
CA THR L 135 -12.94 -7.57 45.59
C THR L 135 -13.95 -6.54 45.10
N ILE L 136 -15.24 -6.78 45.36
CA ILE L 136 -16.28 -5.86 44.90
C ILE L 136 -16.12 -4.50 45.57
N LEU L 137 -15.89 -4.51 46.89
CA LEU L 137 -15.71 -3.24 47.61
C LEU L 137 -14.47 -2.51 47.15
N THR L 138 -13.39 -3.25 46.88
CA THR L 138 -12.17 -2.63 46.36
C THR L 138 -12.45 -1.95 45.03
N ARG L 139 -13.13 -2.65 44.12
CA ARG L 139 -13.42 -2.07 42.81
C ARG L 139 -14.27 -0.80 42.96
N ALA L 140 -15.30 -0.86 43.80
CA ALA L 140 -16.19 0.28 43.96
C ALA L 140 -15.45 1.48 44.52
N ILE L 141 -14.72 1.28 45.62
CA ILE L 141 -14.01 2.40 46.25
C ILE L 141 -12.95 2.96 45.33
N PHE L 142 -12.20 2.09 44.65
CA PHE L 142 -11.15 2.56 43.75
C PHE L 142 -11.71 3.37 42.60
N ALA L 143 -12.79 2.88 41.97
CA ALA L 143 -13.39 3.60 40.85
C ALA L 143 -13.92 4.95 41.30
N GLU L 144 -14.62 4.99 42.44
CA GLU L 144 -15.18 6.26 42.91
C GLU L 144 -14.08 7.24 43.29
N GLY L 145 -13.00 6.75 43.93
CA GLY L 145 -11.88 7.62 44.26
C GLY L 145 -11.19 8.16 43.02
N VAL L 146 -11.03 7.33 41.99
CA VAL L 146 -10.46 7.81 40.73
C VAL L 146 -11.32 8.91 40.14
N LYS L 147 -12.65 8.72 40.14
CA LYS L 147 -13.55 9.74 39.62
C LYS L 147 -13.42 11.04 40.42
N ASN L 148 -13.39 10.95 41.75
CA ASN L 148 -13.32 12.15 42.57
C ASN L 148 -11.98 12.86 42.41
N VAL L 149 -10.89 12.11 42.26
CA VAL L 149 -9.59 12.72 42.02
C VAL L 149 -9.58 13.43 40.67
N ALA L 150 -10.15 12.79 39.64
CA ALA L 150 -10.26 13.44 38.34
C ALA L 150 -11.10 14.71 38.42
N ALA L 151 -12.11 14.73 39.30
CA ALA L 151 -12.92 15.93 39.48
C ALA L 151 -12.15 17.08 40.11
N GLY L 152 -10.95 16.85 40.62
CA GLY L 152 -10.14 17.92 41.18
C GLY L 152 -10.15 17.97 42.70
N CYS L 153 -10.02 16.82 43.34
CA CYS L 153 -10.05 16.71 44.79
C CYS L 153 -8.72 16.22 45.32
N ASN L 154 -8.52 16.42 46.62
CA ASN L 154 -7.27 16.05 47.28
C ASN L 154 -7.34 14.59 47.72
N PRO L 155 -6.48 13.70 47.21
CA PRO L 155 -6.57 12.29 47.60
C PRO L 155 -6.33 12.02 49.08
N MET L 156 -5.50 12.83 49.75
CA MET L 156 -5.23 12.59 51.16
C MET L 156 -6.46 12.81 52.02
N ASP L 157 -7.23 13.86 51.73
CA ASP L 157 -8.46 14.10 52.46
C ASP L 157 -9.51 13.03 52.14
N LEU L 158 -9.52 12.55 50.89
CA LEU L 158 -10.36 11.41 50.56
C LEU L 158 -10.00 10.19 51.41
N ARG L 159 -8.70 9.93 51.57
CA ARG L 159 -8.26 8.82 52.41
C ARG L 159 -8.70 9.01 53.85
N ARG L 160 -8.56 10.22 54.38
CA ARG L 160 -8.98 10.48 55.75
C ARG L 160 -10.47 10.27 55.93
N GLY L 161 -11.28 10.76 54.99
CA GLY L 161 -12.72 10.55 55.08
C GLY L 161 -13.11 9.09 54.97
N VAL L 162 -12.44 8.35 54.08
CA VAL L 162 -12.71 6.92 53.95
C VAL L 162 -12.37 6.19 55.24
N GLN L 163 -11.24 6.53 55.86
CA GLN L 163 -10.87 5.91 57.13
C GLN L 163 -11.89 6.21 58.21
N MET L 164 -12.33 7.46 58.30
CA MET L 164 -13.31 7.82 59.32
C MET L 164 -14.63 7.09 59.11
N ALA L 165 -15.09 7.01 57.86
CA ALA L 165 -16.32 6.29 57.57
C ALA L 165 -16.20 4.81 57.89
N VAL L 166 -15.06 4.20 57.56
CA VAL L 166 -14.86 2.78 57.83
C VAL L 166 -14.85 2.52 59.33
N ASP L 167 -14.19 3.40 60.10
CA ASP L 167 -14.20 3.26 61.55
C ASP L 167 -15.61 3.35 62.11
N SER L 168 -16.39 4.31 61.62
CA SER L 168 -17.78 4.45 62.08
C SER L 168 -18.60 3.20 61.76
N ILE L 169 -18.42 2.66 60.54
CA ILE L 169 -19.17 1.47 60.15
C ILE L 169 -18.78 0.28 61.02
N VAL L 170 -17.49 0.12 61.30
CA VAL L 170 -17.03 -0.98 62.13
C VAL L 170 -17.60 -0.86 63.54
N LYS L 171 -17.59 0.35 64.09
CA LYS L 171 -18.16 0.55 65.43
C LYS L 171 -19.64 0.21 65.45
N PHE L 172 -20.40 0.66 64.44
CA PHE L 172 -21.82 0.35 64.39
C PHE L 172 -22.06 -1.15 64.29
N LEU L 173 -21.30 -1.83 63.43
CA LEU L 173 -21.47 -3.27 63.25
C LEU L 173 -21.13 -4.03 64.52
N ARG L 174 -20.06 -3.63 65.22
CA ARG L 174 -19.73 -4.27 66.48
C ARG L 174 -20.81 -4.02 67.53
N GLU L 175 -21.43 -2.84 67.51
CA GLU L 175 -22.52 -2.55 68.43
C GLU L 175 -23.73 -3.44 68.16
N LYS L 176 -24.03 -3.68 66.88
CA LYS L 176 -25.23 -4.42 66.50
C LYS L 176 -25.02 -5.93 66.37
N SER L 177 -23.84 -6.44 66.71
CA SER L 177 -23.57 -7.86 66.57
C SER L 177 -24.28 -8.67 67.64
N ARG L 178 -24.55 -9.94 67.33
CA ARG L 178 -25.18 -10.87 68.25
C ARG L 178 -24.15 -11.91 68.68
N VAL L 179 -23.83 -11.94 69.97
CA VAL L 179 -22.85 -12.86 70.52
C VAL L 179 -23.52 -14.18 70.87
N ILE L 180 -22.81 -15.29 70.65
CA ILE L 180 -23.31 -16.62 70.96
C ILE L 180 -22.36 -17.25 71.98
N THR L 181 -22.92 -17.70 73.10
CA THR L 181 -22.13 -18.27 74.19
C THR L 181 -22.50 -19.71 74.54
N THR L 182 -23.77 -20.01 74.72
CA THR L 182 -24.16 -21.32 75.21
C THR L 182 -24.14 -22.36 74.08
N SER L 183 -24.24 -23.63 74.48
CA SER L 183 -24.06 -24.73 73.53
C SER L 183 -25.19 -24.80 72.50
N GLU L 184 -26.41 -24.42 72.89
CA GLU L 184 -27.52 -24.49 71.94
C GLU L 184 -27.34 -23.52 70.79
N GLU L 185 -26.87 -22.30 71.08
CA GLU L 185 -26.63 -21.33 70.02
C GLU L 185 -25.47 -21.76 69.14
N ILE L 186 -24.43 -22.37 69.72
CA ILE L 186 -23.33 -22.89 68.92
C ILE L 186 -23.83 -24.00 67.99
N ALA L 187 -24.69 -24.88 68.51
CA ALA L 187 -25.25 -25.95 67.69
C ALA L 187 -26.09 -25.38 66.55
N GLN L 188 -26.91 -24.36 66.86
CA GLN L 188 -27.74 -23.75 65.81
C GLN L 188 -26.88 -23.08 64.75
N VAL L 189 -25.83 -22.36 65.16
CA VAL L 189 -24.95 -21.70 64.21
C VAL L 189 -24.25 -22.73 63.33
N ALA L 190 -23.77 -23.82 63.93
CA ALA L 190 -23.11 -24.86 63.14
C ALA L 190 -24.08 -25.55 62.19
N THR L 191 -25.33 -25.75 62.62
CA THR L 191 -26.33 -26.32 61.73
C THR L 191 -26.62 -25.41 60.54
N ILE L 192 -26.74 -24.11 60.80
CA ILE L 192 -26.95 -23.16 59.71
C ILE L 192 -25.76 -23.15 58.77
N SER L 193 -24.55 -23.17 59.32
CA SER L 193 -23.34 -23.17 58.49
C SER L 193 -23.16 -24.47 57.72
N ALA L 194 -23.89 -25.53 58.08
CA ALA L 194 -23.81 -26.81 57.40
C ALA L 194 -24.97 -27.05 56.45
N ASN L 195 -25.60 -25.96 55.97
CA ASN L 195 -26.74 -26.05 55.06
C ASN L 195 -27.88 -26.87 55.67
N GLY L 196 -28.18 -26.60 56.93
CA GLY L 196 -29.28 -27.26 57.61
C GLY L 196 -29.01 -28.66 58.08
N ASP L 197 -27.74 -29.07 58.14
CA ASP L 197 -27.40 -30.42 58.60
C ASP L 197 -27.37 -30.44 60.13
N THR L 198 -28.29 -31.18 60.73
CA THR L 198 -28.36 -31.24 62.19
C THR L 198 -27.24 -32.09 62.79
N HIS L 199 -26.85 -33.17 62.10
CA HIS L 199 -25.80 -34.04 62.63
C HIS L 199 -24.47 -33.29 62.75
N VAL L 200 -24.11 -32.51 61.72
CA VAL L 200 -22.86 -31.76 61.75
C VAL L 200 -22.89 -30.72 62.86
N GLY L 201 -24.02 -30.02 63.01
CA GLY L 201 -24.12 -29.03 64.07
C GLY L 201 -24.03 -29.64 65.45
N LYS L 202 -24.65 -30.81 65.64
CA LYS L 202 -24.56 -31.49 66.92
C LYS L 202 -23.14 -31.97 67.20
N LEU L 203 -22.47 -32.51 66.19
CA LEU L 203 -21.09 -32.98 66.38
C LEU L 203 -20.15 -31.84 66.70
N ILE L 204 -20.28 -30.70 66.01
CA ILE L 204 -19.39 -29.58 66.24
C ILE L 204 -19.58 -29.02 67.65
N ALA L 205 -20.78 -28.70 68.05
CA ALA L 205 -21.05 -28.15 69.33
C ALA L 205 -20.58 -28.94 70.44
N ASN L 206 -20.13 -30.16 70.22
CA ASN L 206 -19.70 -31.05 71.29
C ASN L 206 -18.21 -31.08 71.34
N ALA L 207 -17.58 -31.12 70.22
CA ALA L 207 -16.13 -31.05 70.22
C ALA L 207 -15.65 -29.78 70.91
N MET L 208 -16.26 -28.65 70.58
CA MET L 208 -15.91 -27.37 71.20
C MET L 208 -16.50 -27.21 72.59
N GLU L 209 -17.41 -28.10 72.98
CA GLU L 209 -17.74 -28.23 74.40
C GLU L 209 -16.61 -28.92 75.15
N LYS L 210 -16.05 -30.00 74.57
CA LYS L 210 -15.00 -30.75 75.24
C LYS L 210 -13.72 -29.95 75.35
N VAL L 211 -13.25 -29.36 74.25
CA VAL L 211 -11.97 -28.66 74.26
C VAL L 211 -12.12 -27.16 74.52
N GLY L 212 -13.33 -26.64 74.58
CA GLY L 212 -13.55 -25.22 74.72
C GLY L 212 -13.65 -24.52 73.38
N LYS L 213 -14.01 -23.24 73.44
CA LYS L 213 -14.12 -22.45 72.21
C LYS L 213 -12.75 -22.27 71.56
N GLU L 214 -11.70 -22.14 72.36
CA GLU L 214 -10.35 -21.91 71.87
C GLU L 214 -9.56 -23.19 71.66
N GLY L 215 -10.18 -24.35 71.84
CA GLY L 215 -9.47 -25.61 71.72
C GLY L 215 -9.13 -25.94 70.29
N VAL L 216 -8.47 -27.09 70.12
CA VAL L 216 -8.07 -27.59 68.82
C VAL L 216 -9.05 -28.67 68.39
N ILE L 217 -9.70 -28.47 67.25
CA ILE L 217 -10.61 -29.43 66.66
C ILE L 217 -10.13 -29.71 65.23
N THR L 218 -10.02 -30.97 64.87
CA THR L 218 -9.58 -31.35 63.54
C THR L 218 -10.50 -32.45 63.00
N VAL L 219 -10.52 -32.57 61.67
CA VAL L 219 -11.42 -33.48 60.97
C VAL L 219 -10.58 -34.46 60.16
N LYS L 220 -10.85 -35.75 60.33
CA LYS L 220 -10.12 -36.80 59.63
C LYS L 220 -11.10 -37.82 59.09
N GLU L 221 -10.63 -38.65 58.16
CA GLU L 221 -11.45 -39.69 57.57
C GLU L 221 -11.69 -40.81 58.58
N GLY L 222 -12.88 -41.41 58.50
CA GLY L 222 -13.25 -42.48 59.41
C GLY L 222 -13.15 -43.86 58.80
N LYS L 223 -13.24 -44.87 59.66
CA LYS L 223 -13.15 -46.26 59.24
C LYS L 223 -14.51 -46.93 59.08
N THR L 224 -15.60 -46.25 59.41
CA THR L 224 -16.90 -46.87 59.54
C THR L 224 -17.96 -45.95 58.93
N ILE L 225 -19.23 -46.21 59.26
CA ILE L 225 -20.31 -45.39 58.73
C ILE L 225 -20.70 -44.28 59.70
N GLU L 226 -20.78 -44.57 60.99
CA GLU L 226 -21.17 -43.57 61.97
C GLU L 226 -20.01 -42.63 62.29
N ASP L 227 -20.35 -41.46 62.78
CA ASP L 227 -19.39 -40.38 63.01
C ASP L 227 -18.84 -40.45 64.42
N GLU L 228 -17.53 -40.25 64.54
CA GLU L 228 -16.89 -40.43 65.84
C GLU L 228 -16.25 -39.12 66.29
N LEU L 229 -16.25 -38.91 67.60
CA LEU L 229 -15.59 -37.76 68.22
C LEU L 229 -14.71 -38.29 69.35
N GLU L 230 -13.40 -38.11 69.23
CA GLU L 230 -12.49 -38.65 70.23
C GLU L 230 -11.51 -37.57 70.68
N ILE L 231 -11.24 -37.52 71.98
CA ILE L 231 -10.27 -36.61 72.56
C ILE L 231 -8.95 -37.35 72.69
N THR L 232 -7.90 -36.84 72.06
CA THR L 232 -6.58 -37.46 72.11
C THR L 232 -5.57 -36.47 72.66
N GLU L 233 -4.33 -36.92 72.72
CA GLU L 233 -3.21 -36.06 73.06
C GLU L 233 -2.56 -35.54 71.79
N GLY L 234 -2.25 -34.25 71.76
CA GLY L 234 -1.63 -33.64 70.60
C GLY L 234 -1.49 -32.17 70.84
N MET L 235 -0.91 -31.49 69.85
CA MET L 235 -0.70 -30.05 70.01
C MET L 235 -0.33 -29.42 68.68
N ARG L 236 -0.50 -28.11 68.62
CA ARG L 236 -0.40 -27.34 67.39
C ARG L 236 0.64 -26.24 67.53
N PHE L 237 1.37 -25.96 66.45
CA PHE L 237 2.23 -24.79 66.36
C PHE L 237 1.83 -23.95 65.15
N ASP L 238 2.25 -22.68 65.19
CA ASP L 238 2.01 -21.72 64.13
C ASP L 238 3.12 -21.69 63.08
N ARG L 239 3.86 -22.79 62.92
CA ARG L 239 4.88 -22.90 61.88
C ARG L 239 4.53 -24.04 60.94
N GLY L 240 4.51 -23.74 59.64
CA GLY L 240 4.18 -24.69 58.61
C GLY L 240 5.41 -25.26 57.94
N TYR L 241 5.18 -25.88 56.78
CA TYR L 241 6.26 -26.55 56.06
C TYR L 241 7.15 -25.53 55.37
N ILE L 242 8.43 -25.91 55.18
CA ILE L 242 9.40 -24.98 54.61
C ILE L 242 9.12 -24.72 53.14
N SER L 243 8.87 -25.78 52.36
CA SER L 243 8.72 -25.60 50.93
C SER L 243 7.38 -26.12 50.45
N PRO L 244 6.67 -25.35 49.61
CA PRO L 244 5.42 -25.84 49.03
C PRO L 244 5.50 -27.22 48.41
N TYR L 245 6.66 -27.61 47.88
CA TYR L 245 6.78 -28.92 47.23
C TYR L 245 6.50 -30.08 48.16
N PHE L 246 6.58 -29.87 49.47
CA PHE L 246 6.33 -30.94 50.44
C PHE L 246 4.88 -31.39 50.47
N ILE L 247 3.98 -30.66 49.81
CA ILE L 247 2.57 -30.98 49.84
C ILE L 247 2.35 -32.37 49.24
N THR L 248 1.68 -33.24 49.98
CA THR L 248 1.28 -34.55 49.48
C THR L 248 -0.19 -34.61 49.11
N ASP L 249 -1.02 -33.77 49.74
CA ASP L 249 -2.44 -33.66 49.41
C ASP L 249 -2.63 -32.32 48.70
N ALA L 250 -2.52 -32.34 47.37
CA ALA L 250 -2.63 -31.11 46.59
C ALA L 250 -4.04 -30.56 46.59
N LYS L 251 -5.05 -31.34 47.00
CA LYS L 251 -6.41 -30.84 47.04
C LYS L 251 -6.55 -29.68 48.01
N THR L 252 -5.93 -29.79 49.19
CA THR L 252 -6.02 -28.77 50.22
C THR L 252 -4.67 -28.16 50.54
N GLN L 253 -3.63 -28.51 49.78
CA GLN L 253 -2.29 -27.96 49.93
C GLN L 253 -1.74 -28.22 51.34
N LYS L 254 -1.82 -29.48 51.78
CA LYS L 254 -1.33 -29.86 53.09
C LYS L 254 -0.59 -31.19 53.00
N VAL L 255 0.10 -31.53 54.10
CA VAL L 255 0.90 -32.75 54.20
C VAL L 255 0.36 -33.57 55.36
N GLU L 256 0.12 -34.85 55.13
CA GLU L 256 -0.38 -35.75 56.16
C GLU L 256 0.50 -36.98 56.25
N PHE L 257 0.95 -37.31 57.45
CA PHE L 257 1.74 -38.52 57.67
C PHE L 257 1.15 -39.33 58.82
N GLU L 258 1.11 -40.64 58.64
CA GLU L 258 0.60 -41.57 59.64
C GLU L 258 1.77 -42.28 60.30
N LYS L 259 1.88 -42.11 61.62
CA LYS L 259 2.93 -42.74 62.42
C LYS L 259 4.33 -42.43 61.87
N PRO L 260 4.76 -41.17 61.88
CA PRO L 260 6.08 -40.83 61.34
C PRO L 260 7.15 -40.77 62.42
N LEU L 261 8.39 -40.62 61.96
CA LEU L 261 9.52 -40.41 62.84
C LEU L 261 9.88 -38.92 62.90
N ILE L 262 10.04 -38.43 64.13
CA ILE L 262 10.22 -37.01 64.38
C ILE L 262 11.65 -36.77 64.82
N LEU L 263 12.33 -35.81 64.18
CA LEU L 263 13.68 -35.42 64.52
C LEU L 263 13.67 -33.98 65.03
N LEU L 264 13.84 -33.81 66.34
CA LEU L 264 13.86 -32.50 66.97
C LEU L 264 15.31 -32.11 67.24
N THR L 265 15.74 -31.01 66.65
CA THR L 265 17.10 -30.51 66.84
C THR L 265 17.09 -29.00 66.99
N GLU L 266 17.94 -28.50 67.89
CA GLU L 266 18.11 -27.08 68.13
C GLU L 266 19.35 -26.62 67.35
N LYS L 267 19.27 -26.74 66.03
CA LYS L 267 20.45 -26.48 65.21
C LYS L 267 20.02 -25.93 63.87
N LYS L 268 20.98 -25.29 63.19
CA LYS L 268 20.84 -24.89 61.80
C LYS L 268 21.50 -25.96 60.94
N ILE L 269 20.70 -26.62 60.11
CA ILE L 269 21.15 -27.75 59.31
C ILE L 269 21.25 -27.33 57.85
N SER L 270 22.44 -27.47 57.27
CA SER L 270 22.65 -27.21 55.85
C SER L 270 23.49 -28.25 55.14
N ILE L 271 24.21 -29.11 55.87
CA ILE L 271 25.02 -30.15 55.27
C ILE L 271 24.32 -31.49 55.45
N LEU L 272 24.41 -32.32 54.42
CA LEU L 272 23.68 -33.58 54.38
C LEU L 272 24.34 -34.69 55.19
N GLN L 273 25.60 -34.52 55.58
CA GLN L 273 26.28 -35.58 56.32
C GLN L 273 25.61 -35.82 57.67
N ASP L 274 25.11 -34.75 58.29
CA ASP L 274 24.40 -34.89 59.56
C ASP L 274 23.03 -35.55 59.36
N ILE L 275 22.42 -35.37 58.19
CA ILE L 275 21.10 -35.94 57.94
C ILE L 275 21.16 -37.40 57.52
N LEU L 276 22.27 -37.84 56.94
CA LEU L 276 22.37 -39.19 56.39
C LEU L 276 22.01 -40.30 57.38
N PRO L 277 22.53 -40.31 58.62
CA PRO L 277 22.11 -41.39 59.54
C PRO L 277 20.62 -41.40 59.83
N ALA L 278 20.01 -40.22 60.03
CA ALA L 278 18.58 -40.16 60.28
C ALA L 278 17.79 -40.64 59.08
N LEU L 279 18.18 -40.21 57.89
CA LEU L 279 17.47 -40.61 56.68
C LEU L 279 17.60 -42.11 56.44
N GLU L 280 18.78 -42.67 56.68
CA GLU L 280 18.98 -44.11 56.51
C GLU L 280 18.15 -44.90 57.52
N THR L 281 18.13 -44.45 58.78
CA THR L 281 17.30 -45.13 59.78
C THR L 281 15.82 -45.07 59.40
N SER L 282 15.38 -43.93 58.86
CA SER L 282 14.01 -43.84 58.37
C SER L 282 13.75 -44.77 57.20
N SER L 283 14.69 -44.87 56.26
CA SER L 283 14.51 -45.74 55.10
C SER L 283 14.43 -47.21 55.52
N THR L 284 15.25 -47.61 56.50
CA THR L 284 15.20 -48.98 57.02
C THR L 284 13.85 -49.31 57.64
N GLN L 285 13.27 -48.37 58.40
CA GLN L 285 11.99 -48.61 59.04
C GLN L 285 10.80 -48.38 58.13
N ARG L 286 11.04 -47.90 56.90
CA ARG L 286 9.97 -47.60 55.93
C ARG L 286 8.90 -46.69 56.51
N ARG L 287 9.31 -45.61 57.17
CA ARG L 287 8.39 -44.66 57.78
C ARG L 287 8.72 -43.25 57.34
N PRO L 288 7.70 -42.39 57.18
CA PRO L 288 7.97 -40.99 56.81
C PRO L 288 8.63 -40.22 57.93
N LEU L 289 9.36 -39.19 57.55
CA LEU L 289 10.18 -38.41 58.48
C LEU L 289 9.74 -36.96 58.50
N LEU L 290 9.69 -36.38 59.70
CA LEU L 290 9.44 -34.97 59.91
C LEU L 290 10.56 -34.42 60.77
N ILE L 291 11.18 -33.33 60.31
CA ILE L 291 12.29 -32.71 61.03
C ILE L 291 11.86 -31.33 61.50
N ILE L 292 11.91 -31.11 62.81
CA ILE L 292 11.52 -29.86 63.44
C ILE L 292 12.80 -29.19 63.92
N ALA L 293 13.32 -28.25 63.14
CA ALA L 293 14.63 -27.68 63.43
C ALA L 293 14.51 -26.17 63.60
N GLU L 294 15.64 -25.54 63.94
CA GLU L 294 15.69 -24.08 63.94
C GLU L 294 15.50 -23.54 62.53
N ASP L 295 16.12 -24.17 61.54
CA ASP L 295 15.94 -23.82 60.15
C ASP L 295 16.58 -24.89 59.28
N ILE L 296 15.98 -25.14 58.13
CA ILE L 296 16.50 -26.09 57.14
C ILE L 296 16.74 -25.32 55.85
N ASP L 297 17.97 -24.87 55.65
CA ASP L 297 18.32 -24.08 54.48
C ASP L 297 19.57 -24.66 53.83
N GLY L 298 19.92 -24.09 52.68
CA GLY L 298 21.07 -24.55 51.92
C GLY L 298 20.78 -25.77 51.07
N GLU L 299 21.80 -26.61 50.87
CA GLU L 299 21.62 -27.81 50.07
C GLU L 299 20.75 -28.84 50.79
N ALA L 300 20.59 -28.67 52.11
CA ALA L 300 19.81 -29.63 52.88
C ALA L 300 18.37 -29.68 52.41
N LEU L 301 17.73 -28.52 52.25
CA LEU L 301 16.34 -28.52 51.79
C LEU L 301 16.23 -29.15 50.41
N ALA L 302 17.16 -28.82 49.51
CA ALA L 302 17.09 -29.35 48.15
C ALA L 302 17.20 -30.87 48.15
N ALA L 303 18.12 -31.41 48.94
CA ALA L 303 18.21 -32.86 49.06
C ALA L 303 16.90 -33.44 49.57
N CYS L 304 16.32 -32.80 50.59
CA CYS L 304 15.05 -33.30 51.13
C CYS L 304 13.96 -33.30 50.07
N ILE L 305 13.88 -32.21 49.28
CA ILE L 305 12.85 -32.08 48.25
C ILE L 305 12.98 -33.15 47.17
N LEU L 306 14.17 -33.34 46.61
CA LEU L 306 14.32 -34.31 45.54
C LEU L 306 14.07 -35.71 46.07
N ASN L 307 14.47 -35.97 47.31
CA ASN L 307 14.20 -37.26 47.90
C ASN L 307 12.71 -37.46 48.00
N LYS L 308 11.99 -36.41 48.42
CA LYS L 308 10.54 -36.54 48.59
C LYS L 308 9.82 -36.69 47.26
N LEU L 309 10.25 -35.92 46.25
CA LEU L 309 9.62 -35.97 44.95
C LEU L 309 9.77 -37.34 44.31
N ARG L 310 10.90 -37.99 44.53
CA ARG L 310 11.11 -39.36 44.10
C ARG L 310 10.62 -40.32 45.19
N GLY L 311 10.69 -41.61 44.91
CA GLY L 311 10.19 -42.61 45.83
C GLY L 311 11.14 -43.08 46.88
N ASN L 312 12.32 -42.45 47.00
CA ASN L 312 13.32 -42.92 47.96
C ASN L 312 12.80 -42.81 49.39
N LEU L 313 12.31 -41.62 49.76
CA LEU L 313 11.75 -41.40 51.09
C LEU L 313 10.91 -40.14 51.06
N GLN L 314 9.81 -40.15 51.81
CA GLN L 314 8.93 -38.99 51.93
C GLN L 314 9.23 -38.29 53.25
N VAL L 315 9.53 -36.99 53.17
CA VAL L 315 10.03 -36.23 54.32
C VAL L 315 9.37 -34.86 54.34
N ALA L 316 9.37 -34.24 55.51
CA ALA L 316 8.86 -32.88 55.70
C ALA L 316 9.70 -32.16 56.73
N ALA L 317 9.73 -30.82 56.63
CA ALA L 317 10.55 -30.00 57.48
C ALA L 317 9.77 -28.78 57.98
N VAL L 318 9.88 -28.50 59.28
CA VAL L 318 9.27 -27.31 59.87
C VAL L 318 10.27 -26.65 60.81
N LYS L 319 10.02 -25.37 61.08
CA LYS L 319 10.86 -24.61 61.99
C LYS L 319 10.36 -24.72 63.42
N ALA L 320 11.28 -24.66 64.37
CA ALA L 320 10.91 -24.78 65.77
C ALA L 320 10.07 -23.59 66.21
N PRO L 321 9.00 -23.82 66.97
CA PRO L 321 8.15 -22.71 67.39
C PRO L 321 8.82 -21.83 68.43
N GLY L 322 8.42 -20.56 68.46
CA GLY L 322 8.94 -19.62 69.42
C GLY L 322 10.36 -19.18 69.07
N PHE L 323 10.83 -18.21 69.90
CA PHE L 323 12.13 -17.57 69.72
C PHE L 323 12.79 -17.34 71.09
N GLY L 324 14.13 -17.49 71.22
CA GLY L 324 14.75 -17.28 72.51
C GLY L 324 14.76 -18.56 73.33
N ASP L 325 14.67 -18.41 74.65
CA ASP L 325 14.59 -19.56 75.53
C ASP L 325 13.22 -20.23 75.44
N ASN L 326 12.20 -19.47 75.01
CA ASN L 326 10.89 -20.07 74.81
C ASN L 326 10.93 -21.17 73.76
N ARG L 327 11.72 -20.97 72.70
CA ARG L 327 11.87 -22.00 71.68
C ARG L 327 12.47 -23.28 72.27
N LYS L 328 13.50 -23.14 73.10
CA LYS L 328 14.11 -24.32 73.72
C LYS L 328 13.13 -25.03 74.65
N SER L 329 12.38 -24.26 75.44
CA SER L 329 11.42 -24.88 76.35
C SER L 329 10.31 -25.59 75.59
N ILE L 330 9.82 -25.00 74.51
CA ILE L 330 8.79 -25.65 73.71
C ILE L 330 9.33 -26.91 73.04
N LEU L 331 10.57 -26.87 72.55
CA LEU L 331 11.15 -28.07 71.96
C LEU L 331 11.33 -29.16 73.01
N GLY L 332 11.67 -28.79 74.24
CA GLY L 332 11.75 -29.78 75.30
C GLY L 332 10.40 -30.41 75.61
N ASP L 333 9.35 -29.58 75.71
CA ASP L 333 8.02 -30.11 75.93
C ASP L 333 7.59 -31.04 74.81
N LEU L 334 7.89 -30.65 73.57
CA LEU L 334 7.50 -31.46 72.42
C LEU L 334 8.29 -32.75 72.34
N ALA L 335 9.58 -32.72 72.71
CA ALA L 335 10.36 -33.94 72.77
C ALA L 335 9.83 -34.88 73.83
N ILE L 336 9.40 -34.34 74.98
CA ILE L 336 8.78 -35.18 76.00
C ILE L 336 7.49 -35.80 75.47
N LEU L 337 6.67 -34.99 74.79
CA LEU L 337 5.38 -35.49 74.30
C LEU L 337 5.56 -36.55 73.22
N THR L 338 6.48 -36.33 72.29
CA THR L 338 6.65 -37.23 71.15
C THR L 338 7.44 -38.48 71.50
N GLY L 339 7.97 -38.58 72.72
CA GLY L 339 8.70 -39.76 73.13
C GLY L 339 10.14 -39.79 72.69
N GLY L 340 10.62 -38.74 72.03
CA GLY L 340 12.00 -38.70 71.60
C GLY L 340 12.84 -37.77 72.47
N THR L 341 14.03 -37.40 71.99
CA THR L 341 14.92 -36.49 72.68
C THR L 341 15.35 -35.39 71.75
N VAL L 342 15.51 -34.18 72.30
CA VAL L 342 15.94 -33.04 71.51
C VAL L 342 17.46 -33.02 71.42
N PHE L 343 17.98 -32.54 70.29
CA PHE L 343 19.41 -32.47 70.05
C PHE L 343 19.86 -31.03 70.12
N SER L 344 20.77 -30.73 71.03
CA SER L 344 21.20 -29.37 71.30
C SER L 344 22.73 -29.31 71.33
N ASP L 345 23.29 -28.26 70.71
CA ASP L 345 24.73 -28.06 70.77
C ASP L 345 25.20 -27.73 72.18
N GLU L 346 24.33 -27.10 72.98
CA GLU L 346 24.69 -26.82 74.37
C GLU L 346 24.92 -28.10 75.15
N LEU L 347 24.32 -29.21 74.72
CA LEU L 347 24.61 -30.51 75.29
C LEU L 347 25.74 -31.23 74.55
N ASP L 348 26.25 -30.64 73.48
CA ASP L 348 27.39 -31.19 72.73
C ASP L 348 27.11 -32.60 72.22
N ILE L 349 25.90 -32.84 71.74
CA ILE L 349 25.53 -34.11 71.11
C ILE L 349 25.36 -33.87 69.61
N LYS L 350 25.96 -34.75 68.81
CA LYS L 350 26.01 -34.57 67.37
C LYS L 350 24.89 -35.33 66.68
N LEU L 351 24.51 -34.85 65.49
CA LEU L 351 23.43 -35.47 64.75
C LEU L 351 23.81 -36.83 64.17
N GLU L 352 25.10 -37.08 63.98
CA GLU L 352 25.54 -38.40 63.52
C GLU L 352 25.42 -39.45 64.60
N ARG L 353 25.19 -39.04 65.85
CA ARG L 353 24.96 -39.96 66.96
C ARG L 353 23.51 -40.42 67.03
N ALA L 354 22.65 -39.94 66.13
CA ALA L 354 21.24 -40.24 66.21
C ALA L 354 20.97 -41.73 66.07
N THR L 355 20.10 -42.24 66.93
CA THR L 355 19.64 -43.61 66.92
C THR L 355 18.11 -43.62 67.00
N PRO L 356 17.46 -44.63 66.43
CA PRO L 356 15.98 -44.64 66.44
C PRO L 356 15.36 -44.59 67.82
N ASP L 357 16.12 -44.87 68.88
CA ASP L 357 15.57 -44.74 70.23
C ASP L 357 15.24 -43.29 70.56
N LEU L 358 16.10 -42.35 70.14
CA LEU L 358 15.87 -40.94 70.44
C LEU L 358 14.91 -40.28 69.46
N PHE L 359 14.54 -40.97 68.39
CA PHE L 359 13.59 -40.41 67.44
C PHE L 359 12.19 -40.40 68.04
N GLY L 360 11.45 -39.32 67.76
CA GLY L 360 10.09 -39.21 68.25
C GLY L 360 9.09 -39.88 67.33
N SER L 361 8.01 -40.37 67.94
CA SER L 361 6.94 -41.04 67.20
C SER L 361 5.59 -40.51 67.69
N THR L 362 4.62 -40.50 66.78
CA THR L 362 3.30 -39.99 67.09
C THR L 362 2.28 -40.65 66.18
N GLY L 363 1.00 -40.50 66.56
CA GLY L 363 -0.06 -41.12 65.77
C GLY L 363 -0.15 -40.57 64.36
N SER L 364 -0.10 -39.24 64.22
CA SER L 364 -0.14 -38.63 62.91
C SER L 364 0.36 -37.20 63.00
N VAL L 365 0.72 -36.65 61.85
CA VAL L 365 1.11 -35.25 61.75
C VAL L 365 0.42 -34.64 60.53
N THR L 366 -0.03 -33.39 60.67
CA THR L 366 -0.66 -32.66 59.59
C THR L 366 -0.05 -31.27 59.51
N ILE L 367 0.44 -30.90 58.33
CA ILE L 367 1.17 -29.66 58.12
C ILE L 367 0.44 -28.83 57.09
N THR L 368 0.20 -27.56 57.41
CA THR L 368 -0.41 -26.62 56.49
C THR L 368 0.55 -25.47 56.22
N LYS L 369 0.08 -24.44 55.51
CA LYS L 369 0.91 -23.27 55.25
C LYS L 369 1.28 -22.55 56.54
N GLU L 370 0.32 -22.39 57.44
CA GLU L 370 0.56 -21.61 58.66
C GLU L 370 0.79 -22.52 59.87
N ASP L 371 -0.10 -23.47 60.11
CA ASP L 371 -0.08 -24.27 61.33
C ASP L 371 0.30 -25.71 61.02
N THR L 372 0.85 -26.37 62.04
CA THR L 372 1.08 -27.82 61.99
C THR L 372 0.56 -28.40 63.29
N ILE L 373 0.09 -29.65 63.23
CA ILE L 373 -0.55 -30.30 64.36
C ILE L 373 -0.04 -31.74 64.48
N LEU L 374 0.43 -32.10 65.66
CA LEU L 374 0.85 -33.46 65.98
C LEU L 374 -0.25 -34.12 66.80
N LEU L 375 -0.51 -35.39 66.51
CA LEU L 375 -1.66 -36.12 67.04
C LEU L 375 -1.21 -37.45 67.60
N ASN L 376 -1.70 -37.78 68.80
CA ASN L 376 -1.48 -39.07 69.44
C ASN L 376 0.02 -39.35 69.60
N GLY L 377 0.66 -38.51 70.41
CA GLY L 377 2.07 -38.70 70.69
C GLY L 377 2.32 -39.97 71.46
N GLU L 378 3.52 -40.52 71.30
CA GLU L 378 3.89 -41.79 71.90
C GLU L 378 4.45 -41.62 73.32
N GLY L 379 4.48 -40.40 73.84
CA GLY L 379 5.00 -40.21 75.19
C GLY L 379 4.08 -40.84 76.22
N SER L 380 4.68 -41.35 77.29
CA SER L 380 3.90 -41.90 78.40
C SER L 380 3.14 -40.79 79.10
N LYS L 381 1.99 -41.16 79.68
CA LYS L 381 1.16 -40.18 80.35
C LYS L 381 1.87 -39.58 81.56
N ASP L 382 2.58 -40.42 82.33
CA ASP L 382 3.13 -39.97 83.60
C ASP L 382 4.14 -38.84 83.43
N MET L 383 5.01 -38.95 82.42
CA MET L 383 6.00 -37.88 82.24
C MET L 383 5.36 -36.61 81.69
N ILE L 384 4.36 -36.73 80.83
CA ILE L 384 3.59 -35.56 80.43
C ILE L 384 3.01 -34.88 81.66
N ASN L 385 2.52 -35.67 82.61
CA ASN L 385 1.98 -35.09 83.82
C ASN L 385 3.06 -34.38 84.64
N GLN L 386 4.21 -35.02 84.80
CA GLN L 386 5.19 -34.37 85.66
C GLN L 386 5.62 -33.07 85.02
N ARG L 387 5.82 -33.08 83.73
CA ARG L 387 6.15 -31.86 83.01
C ARG L 387 5.09 -30.80 83.23
N CYS L 388 3.82 -31.19 83.24
CA CYS L 388 2.77 -30.26 83.61
C CYS L 388 2.99 -29.70 85.01
N GLU L 389 3.45 -30.55 85.93
CA GLU L 389 3.73 -30.09 87.29
C GLU L 389 4.87 -29.06 87.31
N GLN L 390 5.94 -29.32 86.55
CA GLN L 390 7.00 -28.31 86.48
C GLN L 390 6.49 -27.02 85.83
N ILE L 391 5.58 -27.13 84.86
CA ILE L 391 5.05 -25.93 84.23
C ILE L 391 4.28 -25.10 85.25
N ARG L 392 3.42 -25.73 86.05
CA ARG L 392 2.67 -24.97 87.04
C ARG L 392 3.59 -24.44 88.14
N ALA L 393 4.63 -25.20 88.49
CA ALA L 393 5.61 -24.70 89.46
C ALA L 393 6.32 -23.46 88.94
N ALA L 394 6.70 -23.47 87.66
CA ALA L 394 7.32 -22.31 87.05
C ALA L 394 6.34 -21.14 86.97
N ILE L 395 5.05 -21.42 86.73
CA ILE L 395 4.04 -20.37 86.79
C ILE L 395 4.04 -19.72 88.16
N ASN L 396 4.09 -20.55 89.21
CA ASN L 396 4.11 -20.02 90.57
C ASN L 396 5.38 -19.20 90.83
N ASP L 397 6.53 -19.69 90.36
CA ASP L 397 7.79 -19.03 90.67
C ASP L 397 8.03 -17.78 89.83
N SER L 398 7.56 -17.76 88.58
CA SER L 398 7.89 -16.68 87.66
C SER L 398 7.43 -15.34 88.20
N SER L 399 8.29 -14.33 88.05
CA SER L 399 8.01 -12.99 88.57
C SER L 399 7.35 -12.09 87.54
N VAL L 400 7.60 -12.30 86.25
CA VAL L 400 7.02 -11.44 85.23
C VAL L 400 5.51 -11.66 85.21
N SER L 401 4.77 -10.59 85.52
CA SER L 401 3.32 -10.72 85.67
C SER L 401 2.65 -11.05 84.34
N ASP L 402 3.06 -10.36 83.27
CA ASP L 402 2.35 -10.49 82.00
C ASP L 402 3.04 -11.46 81.04
N TYR L 403 4.31 -11.21 80.74
CA TYR L 403 4.95 -11.92 79.64
C TYR L 403 5.20 -13.39 79.98
N GLU L 404 6.04 -13.64 80.97
CA GLU L 404 6.44 -15.01 81.28
C GLU L 404 5.27 -15.83 81.78
N ARG L 405 4.42 -15.23 82.62
CA ARG L 405 3.27 -15.96 83.13
C ARG L 405 2.32 -16.37 82.01
N GLU L 406 2.05 -15.45 81.08
CA GLU L 406 1.12 -15.80 80.01
C GLU L 406 1.73 -16.81 79.05
N LYS L 407 3.05 -16.76 78.83
CA LYS L 407 3.66 -17.75 77.95
C LYS L 407 3.66 -19.13 78.59
N LEU L 408 3.97 -19.21 79.89
CA LEU L 408 3.89 -20.49 80.58
C LEU L 408 2.46 -21.01 80.60
N GLN L 409 1.48 -20.13 80.80
CA GLN L 409 0.09 -20.56 80.78
C GLN L 409 -0.30 -21.09 79.41
N GLU L 410 0.14 -20.41 78.34
CA GLU L 410 -0.23 -20.85 77.01
C GLU L 410 0.40 -22.20 76.68
N ARG L 411 1.64 -22.43 77.10
CA ARG L 411 2.23 -23.73 76.79
C ARG L 411 1.68 -24.83 77.70
N LEU L 412 1.29 -24.49 78.92
CA LEU L 412 0.56 -25.44 79.76
C LEU L 412 -0.75 -25.84 79.10
N ALA L 413 -1.50 -24.87 78.59
CA ALA L 413 -2.74 -25.18 77.90
C ALA L 413 -2.50 -26.03 76.66
N LYS L 414 -1.45 -25.70 75.90
CA LYS L 414 -1.13 -26.47 74.70
C LYS L 414 -0.80 -27.92 75.05
N LEU L 415 -0.05 -28.14 76.13
CA LEU L 415 0.36 -29.50 76.47
C LEU L 415 -0.77 -30.28 77.13
N SER L 416 -1.67 -29.60 77.85
CA SER L 416 -2.65 -30.31 78.66
C SER L 416 -4.02 -30.43 78.01
N GLY L 417 -4.36 -29.53 77.07
CA GLY L 417 -5.72 -29.47 76.58
C GLY L 417 -6.13 -30.70 75.77
N GLY L 418 -5.21 -31.24 74.99
CA GLY L 418 -5.55 -32.30 74.08
C GLY L 418 -6.15 -31.77 72.79
N VAL L 419 -6.56 -32.70 71.93
CA VAL L 419 -7.10 -32.36 70.62
C VAL L 419 -8.38 -33.15 70.39
N ALA L 420 -9.43 -32.47 69.93
CA ALA L 420 -10.65 -33.15 69.52
C ALA L 420 -10.53 -33.54 68.05
N VAL L 421 -10.79 -34.81 67.77
CA VAL L 421 -10.73 -35.33 66.41
C VAL L 421 -12.11 -35.83 66.04
N ILE L 422 -12.60 -35.40 64.87
CA ILE L 422 -13.87 -35.82 64.33
C ILE L 422 -13.58 -36.75 63.16
N LYS L 423 -13.88 -38.03 63.36
CA LYS L 423 -13.70 -39.05 62.33
C LYS L 423 -14.98 -39.16 61.53
N VAL L 424 -14.88 -38.87 60.24
CA VAL L 424 -16.03 -38.79 59.35
C VAL L 424 -16.33 -40.17 58.79
N GLY L 425 -17.49 -40.71 59.12
CA GLY L 425 -17.87 -42.02 58.63
C GLY L 425 -18.81 -41.98 57.45
N GLY L 426 -18.78 -43.02 56.62
CA GLY L 426 -19.66 -43.07 55.46
C GLY L 426 -19.62 -44.44 54.84
N SER L 427 -20.49 -44.63 53.84
CA SER L 427 -20.57 -45.90 53.16
C SER L 427 -19.49 -46.02 52.09
N SER L 428 -19.42 -45.05 51.17
CA SER L 428 -18.48 -45.08 50.06
C SER L 428 -17.34 -44.11 50.34
N GLU L 429 -16.31 -44.17 49.49
CA GLU L 429 -15.16 -43.30 49.66
C GLU L 429 -15.50 -41.86 49.27
N LEU L 430 -16.19 -41.69 48.14
CA LEU L 430 -16.54 -40.34 47.68
C LEU L 430 -17.48 -39.66 48.65
N GLU L 431 -18.43 -40.41 49.21
CA GLU L 431 -19.32 -39.85 50.22
C GLU L 431 -18.52 -39.38 51.43
N VAL L 432 -17.55 -40.18 51.87
CA VAL L 432 -16.72 -39.79 53.01
C VAL L 432 -15.96 -38.52 52.69
N GLY L 433 -15.38 -38.43 51.49
CA GLY L 433 -14.61 -37.24 51.14
C GLY L 433 -15.45 -35.98 51.08
N GLU L 434 -16.61 -36.06 50.44
CA GLU L 434 -17.45 -34.88 50.31
C GLU L 434 -18.02 -34.45 51.66
N LYS L 435 -18.41 -35.42 52.49
CA LYS L 435 -18.89 -35.09 53.83
C LYS L 435 -17.76 -34.51 54.68
N LYS L 436 -16.53 -34.99 54.49
CA LYS L 436 -15.39 -34.42 55.20
C LYS L 436 -15.19 -32.96 54.83
N ASP L 437 -15.28 -32.64 53.54
CA ASP L 437 -15.13 -31.25 53.12
C ASP L 437 -16.25 -30.39 53.69
N ARG L 438 -17.48 -30.90 53.66
CA ARG L 438 -18.60 -30.14 54.24
C ARG L 438 -18.40 -29.91 55.72
N PHE L 439 -17.91 -30.93 56.44
CA PHE L 439 -17.68 -30.79 57.88
C PHE L 439 -16.59 -29.77 58.16
N VAL L 440 -15.53 -29.77 57.35
CA VAL L 440 -14.46 -28.79 57.53
C VAL L 440 -14.99 -27.38 57.32
N ASP L 441 -15.79 -27.18 56.28
CA ASP L 441 -16.33 -25.85 56.02
C ASP L 441 -17.26 -25.39 57.15
N ALA L 442 -18.14 -26.28 57.61
CA ALA L 442 -19.05 -25.94 58.69
C ALA L 442 -18.30 -25.68 59.99
N LEU L 443 -17.14 -26.32 60.17
CA LEU L 443 -16.32 -26.04 61.34
C LEU L 443 -15.70 -24.65 61.25
N ASN L 444 -15.12 -24.26 60.14
CA ASN L 444 -14.45 -22.97 60.13
C ASN L 444 -15.32 -21.78 60.31
N ALA L 445 -16.61 -21.92 60.02
CA ALA L 445 -17.54 -20.81 60.13
C ALA L 445 -18.06 -20.63 61.55
N THR L 446 -18.23 -21.74 62.26
CA THR L 446 -18.70 -21.67 63.65
C THR L 446 -17.67 -20.95 64.51
N ARG L 447 -16.40 -21.23 64.26
CA ARG L 447 -15.33 -20.57 65.02
C ARG L 447 -15.40 -19.05 64.86
N ALA L 448 -15.50 -18.58 63.62
CA ALA L 448 -15.57 -17.14 63.37
C ALA L 448 -16.79 -16.51 64.04
N ALA L 449 -17.91 -17.22 64.03
CA ALA L 449 -19.12 -16.70 64.67
C ALA L 449 -18.99 -16.71 66.19
N VAL L 450 -18.26 -17.67 66.73
CA VAL L 450 -18.07 -17.75 68.18
C VAL L 450 -17.10 -16.65 68.62
N GLU L 451 -16.24 -16.19 67.72
CA GLU L 451 -15.27 -15.16 68.05
C GLU L 451 -15.89 -13.77 68.18
N GLU L 452 -16.68 -13.35 67.20
CA GLU L 452 -17.21 -12.00 67.21
C GLU L 452 -18.73 -11.89 67.12
N GLY L 453 -19.42 -12.86 66.53
CA GLY L 453 -20.86 -12.83 66.46
C GLY L 453 -21.33 -12.98 65.02
N THR L 454 -22.63 -12.76 64.83
CA THR L 454 -23.24 -12.88 63.52
C THR L 454 -24.12 -11.67 63.22
N VAL L 455 -24.12 -11.32 61.94
CA VAL L 455 -24.91 -10.19 61.49
C VAL L 455 -25.78 -10.69 60.28
N PRO L 456 -27.00 -10.10 60.00
CA PRO L 456 -27.83 -10.58 58.88
C PRO L 456 -27.06 -10.63 57.58
N GLY L 457 -27.31 -11.67 56.81
CA GLY L 457 -26.61 -11.92 55.57
C GLY L 457 -27.25 -11.25 54.38
N GLY L 458 -26.87 -11.72 53.19
CA GLY L 458 -27.40 -11.16 51.97
C GLY L 458 -26.84 -9.81 51.60
N GLY L 459 -25.81 -9.35 52.30
CA GLY L 459 -25.26 -8.02 52.07
C GLY L 459 -26.02 -6.90 52.72
N VAL L 460 -27.01 -7.21 53.58
CA VAL L 460 -27.83 -6.17 54.19
C VAL L 460 -27.21 -5.56 55.44
N ALA L 461 -26.19 -6.19 56.02
CA ALA L 461 -25.52 -5.60 57.17
C ALA L 461 -24.82 -4.30 56.79
N LEU L 462 -24.02 -4.32 55.73
CA LEU L 462 -23.35 -3.11 55.27
C LEU L 462 -24.37 -2.09 54.76
N LEU L 463 -25.41 -2.56 54.07
CA LEU L 463 -26.44 -1.66 53.56
C LEU L 463 -27.13 -0.91 54.69
N LYS L 464 -27.46 -1.61 55.78
CA LYS L 464 -28.05 -0.96 56.93
C LYS L 464 -27.05 -0.07 57.65
N SER L 465 -25.78 -0.46 57.68
CA SER L 465 -24.76 0.36 58.31
C SER L 465 -24.51 1.66 57.56
N THR L 466 -24.86 1.71 56.27
CA THR L 466 -24.71 2.95 55.52
C THR L 466 -25.55 4.10 56.06
N LYS L 467 -26.56 3.81 56.88
CA LYS L 467 -27.45 4.84 57.41
C LYS L 467 -26.87 5.60 58.59
N CYS L 468 -25.72 5.17 59.10
CA CYS L 468 -25.06 5.86 60.21
C CYS L 468 -23.98 6.84 59.74
N LEU L 469 -23.68 6.87 58.44
CA LEU L 469 -22.64 7.75 57.94
C LEU L 469 -23.10 9.19 57.79
N ASP L 470 -24.40 9.45 57.94
CA ASP L 470 -24.92 10.81 57.79
C ASP L 470 -24.85 11.57 59.11
N LYS L 471 -24.06 11.05 60.06
CA LYS L 471 -23.86 11.72 61.33
C LYS L 471 -22.40 12.13 61.55
N LEU L 472 -21.54 11.94 60.56
CA LEU L 472 -20.13 12.28 60.69
C LEU L 472 -19.91 13.76 60.41
N THR L 473 -18.91 14.33 61.07
CA THR L 473 -18.60 15.75 60.91
C THR L 473 -17.16 15.90 60.41
N PRO L 474 -16.94 15.89 59.10
CA PRO L 474 -15.58 16.09 58.59
C PRO L 474 -15.14 17.54 58.71
N GLY L 475 -13.83 17.73 58.77
CA GLY L 475 -13.23 19.03 58.82
C GLY L 475 -13.00 19.68 57.47
N ASN L 476 -13.35 19.00 56.38
CA ASN L 476 -13.15 19.51 55.03
C ASN L 476 -14.19 18.86 54.14
N PHE L 477 -14.52 19.46 53.00
CA PHE L 477 -15.45 18.86 52.04
C PHE L 477 -14.88 17.65 51.30
N ASP L 478 -13.56 17.58 51.12
CA ASP L 478 -12.98 16.40 50.52
C ASP L 478 -13.09 15.16 51.40
N GLN L 479 -12.97 15.34 52.71
CA GLN L 479 -13.26 14.24 53.63
C GLN L 479 -14.73 13.84 53.54
N GLN L 480 -15.62 14.81 53.35
CA GLN L 480 -17.02 14.50 53.12
C GLN L 480 -17.21 13.73 51.82
N LEU L 481 -16.43 14.08 50.79
CA LEU L 481 -16.48 13.34 49.55
C LEU L 481 -16.03 11.89 49.75
N GLY L 482 -15.00 11.69 50.57
CA GLY L 482 -14.57 10.33 50.88
C GLY L 482 -15.62 9.54 51.65
N ILE L 483 -16.29 10.20 52.60
CA ILE L 483 -17.37 9.55 53.33
C ILE L 483 -18.49 9.15 52.38
N ASN L 484 -18.84 10.04 51.44
CA ASN L 484 -19.83 9.71 50.42
C ASN L 484 -19.37 8.57 49.53
N ILE L 485 -18.07 8.51 49.24
CA ILE L 485 -17.53 7.39 48.46
C ILE L 485 -17.79 6.08 49.17
N ILE L 486 -17.48 6.03 50.46
CA ILE L 486 -17.69 4.80 51.23
C ILE L 486 -19.17 4.46 51.30
N LYS L 487 -20.01 5.49 51.51
CA LYS L 487 -21.45 5.27 51.61
C LYS L 487 -22.04 4.70 50.33
N SER L 488 -21.59 5.21 49.18
CA SER L 488 -22.06 4.67 47.90
C SER L 488 -21.51 3.27 47.66
N ALA L 489 -20.24 3.02 48.04
CA ALA L 489 -19.62 1.74 47.75
C ALA L 489 -20.20 0.62 48.60
N LEU L 490 -20.65 0.91 49.80
CA LEU L 490 -21.13 -0.13 50.70
C LEU L 490 -22.52 -0.67 50.33
N GLN L 491 -23.05 -0.30 49.17
CA GLN L 491 -24.33 -0.84 48.70
C GLN L 491 -24.17 -1.85 47.59
N LYS L 492 -22.97 -2.00 47.04
CA LYS L 492 -22.77 -2.90 45.90
C LYS L 492 -23.06 -4.37 46.18
N PRO L 493 -22.64 -4.96 47.31
CA PRO L 493 -22.89 -6.41 47.49
C PRO L 493 -24.36 -6.79 47.40
N ALA L 494 -25.26 -6.02 47.99
CA ALA L 494 -26.69 -6.34 47.92
C ALA L 494 -27.21 -6.18 46.49
N LYS L 495 -26.75 -5.13 45.79
CA LYS L 495 -27.15 -4.94 44.39
C LYS L 495 -26.71 -6.12 43.53
N ILE L 496 -25.49 -6.59 43.74
CA ILE L 496 -24.97 -7.70 42.94
C ILE L 496 -25.69 -8.99 43.28
N ILE L 497 -25.98 -9.21 44.57
CA ILE L 497 -26.73 -10.41 44.96
C ILE L 497 -28.12 -10.41 44.32
N ALA L 498 -28.77 -9.25 44.30
CA ALA L 498 -30.08 -9.17 43.65
C ALA L 498 -29.97 -9.34 42.14
N ASP L 499 -28.91 -8.80 41.53
CA ASP L 499 -28.71 -8.94 40.10
C ASP L 499 -28.51 -10.40 39.70
N ASN L 500 -27.73 -11.15 40.50
CA ASN L 500 -27.51 -12.55 40.20
C ASN L 500 -28.81 -13.34 40.25
N ALA L 501 -29.78 -12.91 41.08
CA ALA L 501 -31.07 -13.57 41.14
C ALA L 501 -31.93 -13.27 39.92
N GLY L 502 -31.51 -12.35 39.06
CA GLY L 502 -32.27 -11.98 37.88
C GLY L 502 -33.07 -10.71 38.01
N GLU L 503 -33.08 -10.07 39.17
CA GLU L 503 -33.83 -8.85 39.39
C GLU L 503 -32.96 -7.63 39.08
N GLU L 504 -33.45 -6.44 39.43
CA GLU L 504 -32.69 -5.20 39.30
C GLU L 504 -32.23 -4.80 40.70
N GLY L 505 -30.92 -4.83 40.91
CA GLY L 505 -30.39 -4.63 42.26
C GLY L 505 -30.69 -3.26 42.82
N ALA L 506 -30.69 -2.23 41.96
CA ALA L 506 -30.93 -0.87 42.43
C ALA L 506 -32.33 -0.73 43.02
N VAL L 507 -33.33 -1.30 42.35
CA VAL L 507 -34.71 -1.19 42.82
C VAL L 507 -34.89 -1.95 44.13
N ILE L 508 -34.30 -3.14 44.24
CA ILE L 508 -34.40 -3.91 45.48
C ILE L 508 -33.74 -3.16 46.63
N VAL L 509 -32.56 -2.59 46.38
CA VAL L 509 -31.86 -1.84 47.42
C VAL L 509 -32.67 -0.61 47.83
N GLY L 510 -33.26 0.08 46.85
CA GLY L 510 -34.10 1.22 47.18
C GLY L 510 -35.31 0.82 48.01
N LYS L 511 -35.94 -0.31 47.68
CA LYS L 511 -37.06 -0.78 48.48
C LYS L 511 -36.63 -1.12 49.90
N ILE L 512 -35.46 -1.75 50.06
CA ILE L 512 -34.99 -2.07 51.40
C ILE L 512 -34.64 -0.81 52.18
N LEU L 513 -34.06 0.18 51.50
CA LEU L 513 -33.57 1.40 52.16
C LEU L 513 -34.63 2.47 52.30
N ASP L 514 -35.85 2.25 51.82
CA ASP L 514 -36.90 3.27 51.88
C ASP L 514 -37.91 3.02 52.99
N ASN L 515 -38.52 1.84 53.01
CA ASN L 515 -39.51 1.50 54.03
C ASN L 515 -38.90 0.46 54.98
N HIS L 516 -39.65 0.13 56.03
CA HIS L 516 -39.20 -0.79 57.06
C HIS L 516 -37.87 -0.31 57.65
N THR L 517 -37.87 0.94 58.11
CA THR L 517 -36.68 1.60 58.60
C THR L 517 -36.37 1.29 60.06
N ASP L 518 -37.21 0.50 60.73
CA ASP L 518 -37.02 0.13 62.12
C ASP L 518 -36.76 -1.37 62.24
N ASP L 519 -36.12 -1.95 61.23
CA ASP L 519 -35.82 -3.38 61.21
C ASP L 519 -34.43 -3.57 60.63
N PHE L 520 -33.45 -3.82 61.50
CA PHE L 520 -32.08 -4.07 61.05
C PHE L 520 -31.95 -5.42 60.35
N ASN L 521 -32.90 -6.33 60.55
CA ASN L 521 -32.79 -7.69 60.04
C ASN L 521 -33.66 -7.90 58.82
N TYR L 522 -34.17 -6.82 58.24
CA TYR L 522 -35.12 -6.91 57.13
C TYR L 522 -34.37 -6.76 55.82
N GLY L 523 -34.64 -7.65 54.88
CA GLY L 523 -33.94 -7.61 53.62
C GLY L 523 -34.55 -8.54 52.60
N TYR L 524 -33.78 -8.81 51.54
CA TYR L 524 -34.24 -9.58 50.40
C TYR L 524 -33.68 -11.00 50.49
N ASP L 525 -34.59 -11.99 50.53
CA ASP L 525 -34.23 -13.39 50.41
C ASP L 525 -34.19 -13.72 48.92
N ALA L 526 -32.99 -13.79 48.36
CA ALA L 526 -32.86 -14.03 46.93
C ALA L 526 -33.18 -15.47 46.57
N ALA L 527 -32.96 -16.42 47.49
CA ALA L 527 -33.25 -17.82 47.21
C ALA L 527 -34.74 -18.03 46.97
N LYS L 528 -35.59 -17.42 47.79
CA LYS L 528 -37.03 -17.49 47.61
C LYS L 528 -37.62 -16.26 46.93
N SER L 529 -36.78 -15.29 46.56
CA SER L 529 -37.23 -14.06 45.91
C SER L 529 -38.31 -13.35 46.72
N GLU L 530 -38.08 -13.25 48.03
CA GLU L 530 -39.06 -12.70 48.95
C GLU L 530 -38.42 -11.57 49.76
N TYR L 531 -39.23 -10.89 50.56
CA TYR L 531 -38.75 -9.88 51.49
C TYR L 531 -39.10 -10.32 52.90
N GLY L 532 -38.22 -10.03 53.86
CA GLY L 532 -38.53 -10.33 55.24
C GLY L 532 -37.30 -10.35 56.10
N ASP L 533 -37.48 -10.86 57.31
CA ASP L 533 -36.40 -10.94 58.29
C ASP L 533 -35.43 -12.04 57.88
N LEU L 534 -34.20 -11.66 57.59
CA LEU L 534 -33.22 -12.63 57.11
C LEU L 534 -32.68 -13.52 58.21
N VAL L 535 -32.60 -13.00 59.44
CA VAL L 535 -32.10 -13.82 60.55
C VAL L 535 -33.09 -14.93 60.87
N SER L 536 -34.39 -14.66 60.77
CA SER L 536 -35.38 -15.70 61.00
C SER L 536 -35.28 -16.82 59.97
N ARG L 537 -34.84 -16.50 58.76
CA ARG L 537 -34.66 -17.48 57.71
C ARG L 537 -33.29 -18.14 57.71
N GLY L 538 -32.43 -17.76 58.65
CA GLY L 538 -31.12 -18.36 58.75
C GLY L 538 -30.07 -17.79 57.81
N ILE L 539 -30.30 -16.61 57.26
CA ILE L 539 -29.34 -15.97 56.36
C ILE L 539 -28.53 -15.00 57.21
N VAL L 540 -27.45 -15.51 57.80
CA VAL L 540 -26.54 -14.71 58.61
C VAL L 540 -25.11 -15.02 58.21
N ASP L 541 -24.22 -14.07 58.49
CA ASP L 541 -22.80 -14.24 58.25
C ASP L 541 -22.02 -13.69 59.44
N PRO L 542 -20.84 -14.24 59.71
CA PRO L 542 -20.06 -13.77 60.86
C PRO L 542 -19.63 -12.31 60.70
N LEU L 543 -19.55 -11.62 61.84
CA LEU L 543 -19.06 -10.24 61.84
C LEU L 543 -17.59 -10.19 61.44
N LYS L 544 -16.83 -11.23 61.78
CA LYS L 544 -15.38 -11.24 61.51
C LYS L 544 -15.10 -11.12 60.02
N VAL L 545 -15.80 -11.91 59.20
CA VAL L 545 -15.50 -11.94 57.77
C VAL L 545 -15.87 -10.61 57.12
N VAL L 546 -17.01 -10.04 57.49
CA VAL L 546 -17.44 -8.78 56.87
C VAL L 546 -16.54 -7.64 57.32
N ARG L 547 -16.13 -7.64 58.60
CA ARG L 547 -15.22 -6.61 59.08
C ARG L 547 -13.86 -6.69 58.39
N THR L 548 -13.32 -7.91 58.28
CA THR L 548 -12.03 -8.08 57.62
C THR L 548 -12.10 -7.68 56.15
N ALA L 549 -13.17 -8.08 55.47
CA ALA L 549 -13.32 -7.72 54.06
C ALA L 549 -13.41 -6.21 53.90
N LEU L 550 -14.21 -5.54 54.74
CA LEU L 550 -14.34 -4.09 54.64
C LEU L 550 -13.00 -3.40 54.89
N VAL L 551 -12.29 -3.79 55.94
CA VAL L 551 -11.04 -3.12 56.30
C VAL L 551 -10.00 -3.32 55.20
N ASP L 552 -9.86 -4.56 54.72
CA ASP L 552 -8.83 -4.83 53.71
C ASP L 552 -9.16 -4.16 52.38
N ALA L 553 -10.43 -4.20 51.96
CA ALA L 553 -10.82 -3.53 50.73
C ALA L 553 -10.58 -2.03 50.82
N SER L 554 -10.96 -1.42 51.95
CA SER L 554 -10.75 0.01 52.12
C SER L 554 -9.26 0.35 52.06
N GLY L 555 -8.43 -0.43 52.75
CA GLY L 555 -7.01 -0.13 52.76
C GLY L 555 -6.36 -0.26 51.40
N VAL L 556 -6.68 -1.35 50.69
CA VAL L 556 -6.07 -1.56 49.38
C VAL L 556 -6.58 -0.54 48.37
N ALA L 557 -7.86 -0.15 48.47
CA ALA L 557 -8.38 0.86 47.55
C ALA L 557 -7.75 2.22 47.81
N SER L 558 -7.54 2.58 49.07
CA SER L 558 -6.86 3.83 49.38
C SER L 558 -5.43 3.80 48.88
N LEU L 559 -4.74 2.68 49.05
CA LEU L 559 -3.37 2.55 48.56
C LEU L 559 -3.31 2.68 47.04
N LEU L 560 -4.27 2.07 46.33
CA LEU L 560 -4.30 2.19 44.88
C LEU L 560 -4.61 3.62 44.44
N THR L 561 -5.49 4.30 45.16
CA THR L 561 -5.81 5.68 44.81
C THR L 561 -4.61 6.59 45.03
N THR L 562 -3.84 6.36 46.09
CA THR L 562 -2.69 7.20 46.40
C THR L 562 -1.53 7.00 45.42
N THR L 563 -1.48 5.86 44.73
CA THR L 563 -0.36 5.54 43.86
C THR L 563 -0.19 6.58 42.75
N GLU L 564 1.04 7.04 42.56
CA GLU L 564 1.36 8.08 41.59
C GLU L 564 2.27 7.63 40.45
N CYS L 565 2.98 6.51 40.61
CA CYS L 565 3.87 6.01 39.56
C CYS L 565 3.88 4.49 39.62
N THR L 566 3.90 3.86 38.45
CA THR L 566 3.96 2.41 38.35
C THR L 566 5.03 2.00 37.35
N ILE L 567 5.86 1.05 37.74
CA ILE L 567 7.00 0.60 36.94
C ILE L 567 6.85 -0.89 36.66
N THR L 568 6.91 -1.25 35.39
CA THR L 568 6.89 -2.66 34.97
C THR L 568 8.09 -2.96 34.08
N GLU L 569 8.14 -4.16 33.53
CA GLU L 569 9.22 -4.57 32.64
C GLU L 569 8.77 -4.49 31.19
N ALA L 570 9.66 -4.03 30.32
CA ALA L 570 9.34 -3.94 28.90
C ALA L 570 9.29 -5.33 28.30
N PRO L 571 8.20 -5.69 27.58
CA PRO L 571 8.04 -7.01 26.97
C PRO L 571 9.12 -7.33 25.94
N THR M 44 1.06 -17.84 33.33
CA THR M 44 0.13 -18.00 32.22
C THR M 44 -0.77 -16.79 32.06
N HIS M 45 -1.21 -16.53 30.83
CA HIS M 45 -2.07 -15.41 30.50
C HIS M 45 -3.39 -15.93 29.97
N LYS M 46 -4.48 -15.31 30.41
CA LYS M 46 -5.83 -15.78 30.13
C LYS M 46 -6.61 -14.76 29.30
N GLU M 47 -7.65 -15.26 28.65
CA GLU M 47 -8.62 -14.45 27.92
C GLU M 47 -10.00 -14.69 28.50
N LEU M 48 -10.76 -13.63 28.70
CA LEU M 48 -12.05 -13.70 29.36
C LEU M 48 -13.15 -13.17 28.46
N LYS M 49 -14.28 -13.88 28.43
CA LYS M 49 -15.47 -13.43 27.72
C LYS M 49 -16.65 -13.42 28.70
N PHE M 50 -17.47 -12.39 28.60
CA PHE M 50 -18.57 -12.16 29.52
C PHE M 50 -19.89 -12.08 28.76
N GLY M 51 -20.94 -12.68 29.33
CA GLY M 51 -22.29 -12.49 28.85
C GLY M 51 -22.61 -13.05 27.48
N VAL M 52 -23.06 -12.17 26.58
CA VAL M 52 -23.64 -12.62 25.31
C VAL M 52 -22.56 -13.20 24.39
N GLU M 53 -21.38 -12.59 24.36
CA GLU M 53 -20.35 -13.04 23.42
C GLU M 53 -19.81 -14.42 23.78
N GLY M 54 -19.59 -14.67 25.07
CA GLY M 54 -19.13 -15.99 25.48
C GLY M 54 -20.17 -17.07 25.18
N ARG M 55 -21.43 -16.78 25.46
CA ARG M 55 -22.49 -17.73 25.14
C ARG M 55 -22.62 -17.94 23.63
N ALA M 56 -22.37 -16.89 22.85
CA ALA M 56 -22.40 -17.03 21.39
C ALA M 56 -21.28 -17.96 20.91
N SER M 57 -20.08 -17.82 21.47
CA SER M 57 -19.00 -18.72 21.09
C SER M 57 -19.29 -20.16 21.50
N LEU M 58 -19.81 -20.35 22.72
CA LEU M 58 -20.19 -21.69 23.16
C LEU M 58 -21.27 -22.28 22.26
N LEU M 59 -22.24 -21.46 21.85
CA LEU M 59 -23.29 -21.92 20.96
C LEU M 59 -22.73 -22.28 19.59
N LYS M 60 -21.74 -21.54 19.10
CA LYS M 60 -21.10 -21.91 17.83
C LYS M 60 -20.44 -23.28 17.94
N GLY M 61 -19.72 -23.53 19.04
CA GLY M 61 -19.09 -24.83 19.21
C GLY M 61 -20.10 -25.96 19.29
N VAL M 62 -21.14 -25.78 20.10
CA VAL M 62 -22.17 -26.81 20.23
C VAL M 62 -22.90 -27.01 18.91
N ASP M 63 -23.10 -25.93 18.15
CA ASP M 63 -23.74 -26.03 16.85
C ASP M 63 -22.92 -26.88 15.90
N ILE M 64 -21.61 -26.64 15.85
CA ILE M 64 -20.75 -27.42 14.97
C ILE M 64 -20.80 -28.90 15.36
N LEU M 65 -20.66 -29.18 16.66
CA LEU M 65 -20.65 -30.56 17.12
C LEU M 65 -21.98 -31.26 16.78
N ALA M 66 -23.10 -30.61 17.08
CA ALA M 66 -24.40 -31.23 16.84
C ALA M 66 -24.66 -31.40 15.35
N LYS M 67 -24.26 -30.43 14.54
CA LYS M 67 -24.44 -30.56 13.10
C LYS M 67 -23.64 -31.73 12.54
N ALA M 68 -22.41 -31.92 13.05
CA ALA M 68 -21.62 -33.06 12.60
C ALA M 68 -22.23 -34.38 13.05
N VAL M 69 -22.76 -34.44 14.27
CA VAL M 69 -23.23 -35.72 14.81
C VAL M 69 -24.62 -36.09 14.30
N ALA M 70 -25.46 -35.11 13.98
CA ALA M 70 -26.87 -35.38 13.69
C ALA M 70 -27.08 -36.11 12.38
N VAL M 71 -26.14 -36.02 11.43
CA VAL M 71 -26.33 -36.66 10.13
C VAL M 71 -26.31 -38.17 10.19
N THR M 72 -25.90 -38.76 11.32
CA THR M 72 -25.79 -40.20 11.47
C THR M 72 -26.93 -40.81 12.26
N LEU M 73 -28.01 -40.07 12.49
CA LEU M 73 -29.11 -40.55 13.33
C LEU M 73 -30.21 -41.13 12.46
N GLY M 74 -30.67 -42.33 12.80
CA GLY M 74 -31.75 -42.97 12.11
C GLY M 74 -31.28 -44.10 11.22
N PRO M 75 -32.21 -44.91 10.72
CA PRO M 75 -31.83 -45.97 9.76
C PRO M 75 -31.20 -45.45 8.49
N LYS M 76 -31.61 -44.25 8.04
CA LYS M 76 -31.09 -43.63 6.82
C LYS M 76 -30.04 -42.57 7.12
N GLY M 77 -29.25 -42.76 8.17
CA GLY M 77 -28.22 -41.79 8.49
C GLY M 77 -27.15 -41.74 7.41
N ARG M 78 -26.59 -40.54 7.22
CA ARG M 78 -25.60 -40.33 6.18
C ARG M 78 -24.22 -40.75 6.66
N ASN M 79 -23.24 -40.66 5.77
CA ASN M 79 -21.88 -41.08 6.05
C ASN M 79 -21.02 -39.90 6.44
N VAL M 80 -20.01 -40.17 7.27
CA VAL M 80 -19.02 -39.18 7.67
C VAL M 80 -17.64 -39.71 7.29
N LEU M 81 -16.86 -38.87 6.61
CA LEU M 81 -15.48 -39.20 6.24
C LEU M 81 -14.54 -38.55 7.24
N ILE M 82 -13.75 -39.37 7.93
CA ILE M 82 -12.76 -38.90 8.89
C ILE M 82 -11.37 -39.26 8.35
N GLU M 83 -10.51 -38.26 8.25
CA GLU M 83 -9.19 -38.41 7.66
C GLU M 83 -8.17 -38.71 8.75
N GLN M 84 -7.38 -39.78 8.55
CA GLN M 84 -6.28 -40.21 9.40
C GLN M 84 -4.97 -39.58 8.94
N PRO M 85 -4.03 -39.33 9.85
CA PRO M 85 -2.74 -38.74 9.43
C PRO M 85 -2.02 -39.56 8.38
N TYR M 86 -2.12 -40.88 8.51
CA TYR M 86 -1.51 -41.79 7.53
C TYR M 86 -2.45 -42.98 7.40
N GLY M 87 -2.91 -43.28 6.18
CA GLY M 87 -3.80 -44.38 5.95
C GLY M 87 -5.06 -43.96 5.21
N SER M 88 -5.84 -44.96 4.83
CA SER M 88 -7.07 -44.71 4.08
C SER M 88 -8.10 -44.00 4.96
N PRO M 89 -8.92 -43.14 4.37
CA PRO M 89 -9.94 -42.44 5.16
C PRO M 89 -10.97 -43.42 5.73
N LYS M 90 -11.53 -43.04 6.87
CA LYS M 90 -12.50 -43.86 7.59
C LYS M 90 -13.91 -43.38 7.27
N ILE M 91 -14.78 -44.32 6.92
CA ILE M 91 -16.18 -44.03 6.61
C ILE M 91 -17.01 -44.54 7.79
N THR M 92 -17.73 -43.63 8.44
CA THR M 92 -18.45 -43.99 9.67
C THR M 92 -19.89 -43.49 9.63
N LYS M 93 -20.79 -44.31 10.17
CA LYS M 93 -22.17 -43.94 10.42
C LYS M 93 -22.49 -43.90 11.91
N ASP M 94 -21.45 -43.90 12.75
CA ASP M 94 -21.61 -44.04 14.18
C ASP M 94 -21.45 -42.68 14.86
N GLY M 95 -22.44 -42.30 15.67
CA GLY M 95 -22.46 -40.97 16.25
C GLY M 95 -21.34 -40.73 17.25
N VAL M 96 -21.06 -41.71 18.11
CA VAL M 96 -20.04 -41.53 19.13
C VAL M 96 -18.65 -41.45 18.50
N THR M 97 -18.41 -42.23 17.45
CA THR M 97 -17.13 -42.15 16.74
C THR M 97 -16.92 -40.77 16.13
N VAL M 98 -17.97 -40.22 15.52
CA VAL M 98 -17.88 -38.87 14.96
C VAL M 98 -17.66 -37.84 16.05
N ALA M 99 -18.36 -37.98 17.18
CA ALA M 99 -18.26 -37.02 18.27
C ALA M 99 -16.86 -37.02 18.90
N LYS M 100 -16.26 -38.20 19.05
CA LYS M 100 -14.96 -38.31 19.70
C LYS M 100 -13.81 -37.77 18.86
N SER M 101 -14.04 -37.44 17.60
CA SER M 101 -12.99 -36.99 16.70
C SER M 101 -13.14 -35.53 16.29
N ILE M 102 -13.80 -34.70 17.09
CA ILE M 102 -14.03 -33.30 16.76
C ILE M 102 -13.28 -32.44 17.77
N SER M 103 -12.42 -31.58 17.25
CA SER M 103 -11.71 -30.58 18.05
C SER M 103 -11.67 -29.27 17.27
N LEU M 104 -11.96 -28.17 17.94
CA LEU M 104 -12.06 -26.87 17.31
C LEU M 104 -10.84 -26.02 17.67
N LYS M 105 -10.46 -25.19 16.73
CA LYS M 105 -9.34 -24.30 16.88
C LYS M 105 -9.58 -23.18 17.79
N ASP M 106 -10.74 -22.59 17.73
CA ASP M 106 -11.15 -21.52 18.65
C ASP M 106 -11.37 -22.10 20.04
N LYS M 107 -10.93 -21.35 21.05
CA LYS M 107 -10.87 -21.89 22.41
C LYS M 107 -12.25 -21.98 23.06
N PHE M 108 -13.10 -20.98 22.90
CA PHE M 108 -14.39 -20.98 23.57
C PHE M 108 -15.37 -21.95 22.92
N GLU M 109 -15.36 -22.00 21.58
CA GLU M 109 -16.17 -22.99 20.89
C GLU M 109 -15.71 -24.40 21.24
N ASN M 110 -14.39 -24.61 21.31
CA ASN M 110 -13.88 -25.90 21.75
C ASN M 110 -14.28 -26.20 23.18
N LEU M 111 -14.38 -25.18 24.04
CA LEU M 111 -14.81 -25.40 25.41
C LEU M 111 -16.25 -25.90 25.46
N GLY M 112 -17.14 -25.24 24.73
CA GLY M 112 -18.52 -25.70 24.67
C GLY M 112 -18.65 -27.10 24.09
N ALA M 113 -17.93 -27.35 22.98
CA ALA M 113 -17.96 -28.67 22.36
C ALA M 113 -17.43 -29.74 23.31
N ARG M 114 -16.40 -29.40 24.08
CA ARG M 114 -15.82 -30.35 25.01
C ARG M 114 -16.81 -30.68 26.12
N LEU M 115 -17.47 -29.65 26.66
CA LEU M 115 -18.47 -29.89 27.70
C LEU M 115 -19.57 -30.83 27.19
N VAL M 116 -20.10 -30.55 26.02
CA VAL M 116 -21.16 -31.40 25.48
C VAL M 116 -20.63 -32.80 25.17
N GLN M 117 -19.39 -32.89 24.69
CA GLN M 117 -18.78 -34.19 24.40
C GLN M 117 -18.63 -35.01 25.67
N ASP M 118 -18.19 -34.37 26.76
CA ASP M 118 -18.06 -35.08 28.03
C ASP M 118 -19.41 -35.60 28.51
N VAL M 119 -20.45 -34.76 28.44
CA VAL M 119 -21.76 -35.20 28.90
C VAL M 119 -22.30 -36.33 28.03
N ALA M 120 -22.13 -36.23 26.71
CA ALA M 120 -22.59 -37.28 25.81
C ALA M 120 -21.83 -38.59 26.04
N ASN M 121 -20.51 -38.52 26.23
CA ASN M 121 -19.74 -39.71 26.52
C ASN M 121 -20.18 -40.34 27.84
N LYS M 122 -20.46 -39.51 28.86
CA LYS M 122 -20.90 -40.05 30.14
C LYS M 122 -22.24 -40.75 30.02
N THR M 123 -23.20 -40.15 29.31
CA THR M 123 -24.49 -40.81 29.18
C THR M 123 -24.40 -42.08 28.33
N ASN M 124 -23.55 -42.06 27.29
CA ASN M 124 -23.35 -43.27 26.50
C ASN M 124 -22.73 -44.38 27.34
N GLU M 125 -21.77 -44.05 28.19
CA GLU M 125 -21.16 -45.06 29.05
C GLU M 125 -22.16 -45.59 30.08
N VAL M 126 -22.98 -44.70 30.65
CA VAL M 126 -23.91 -45.10 31.69
C VAL M 126 -25.01 -46.00 31.11
N ALA M 127 -25.62 -45.57 30.00
CA ALA M 127 -26.80 -46.25 29.48
C ALA M 127 -26.51 -47.22 28.35
N GLY M 128 -25.40 -47.05 27.63
CA GLY M 128 -25.11 -47.91 26.50
C GLY M 128 -25.15 -47.18 25.18
N ASP M 129 -26.09 -46.24 25.04
CA ASP M 129 -26.21 -45.44 23.84
C ASP M 129 -26.94 -44.15 24.20
N GLY M 130 -27.17 -43.32 23.18
CA GLY M 130 -27.84 -42.05 23.35
C GLY M 130 -26.97 -40.81 23.19
N THR M 131 -25.81 -40.92 22.54
CA THR M 131 -24.95 -39.76 22.35
C THR M 131 -25.56 -38.77 21.38
N THR M 132 -26.03 -39.24 20.23
CA THR M 132 -26.58 -38.35 19.21
C THR M 132 -27.83 -37.63 19.70
N THR M 133 -28.74 -38.37 20.35
CA THR M 133 -29.96 -37.75 20.86
C THR M 133 -29.64 -36.72 21.93
N ALA M 134 -28.73 -37.04 22.84
CA ALA M 134 -28.35 -36.10 23.89
C ALA M 134 -27.71 -34.85 23.30
N THR M 135 -26.84 -35.01 22.30
CA THR M 135 -26.23 -33.85 21.66
C THR M 135 -27.27 -32.97 20.96
N ILE M 136 -28.21 -33.60 20.26
CA ILE M 136 -29.23 -32.85 19.54
C ILE M 136 -30.11 -32.07 20.51
N LEU M 137 -30.54 -32.74 21.60
CA LEU M 137 -31.38 -32.08 22.59
C LEU M 137 -30.63 -30.96 23.27
N THR M 138 -29.34 -31.17 23.58
CA THR M 138 -28.53 -30.11 24.16
C THR M 138 -28.48 -28.89 23.25
N ARG M 139 -28.20 -29.12 21.97
CA ARG M 139 -28.12 -28.00 21.02
C ARG M 139 -29.46 -27.26 20.96
N ALA M 140 -30.57 -27.99 20.87
CA ALA M 140 -31.87 -27.35 20.75
C ALA M 140 -32.19 -26.51 21.98
N ILE M 141 -32.06 -27.11 23.17
CA ILE M 141 -32.39 -26.40 24.39
C ILE M 141 -31.48 -25.20 24.59
N PHE M 142 -30.17 -25.36 24.34
CA PHE M 142 -29.24 -24.26 24.53
C PHE M 142 -29.54 -23.10 23.58
N ALA M 143 -29.80 -23.40 22.30
CA ALA M 143 -30.10 -22.35 21.35
C ALA M 143 -31.39 -21.61 21.72
N GLU M 144 -32.43 -22.36 22.09
CA GLU M 144 -33.70 -21.72 22.43
C GLU M 144 -33.57 -20.89 23.71
N GLY M 145 -32.81 -21.38 24.69
CA GLY M 145 -32.59 -20.61 25.90
C GLY M 145 -31.79 -19.34 25.65
N VAL M 146 -30.80 -19.42 24.76
CA VAL M 146 -30.05 -18.22 24.39
C VAL M 146 -30.97 -17.20 23.74
N LYS M 147 -31.84 -17.66 22.83
CA LYS M 147 -32.79 -16.74 22.20
C LYS M 147 -33.72 -16.10 23.22
N ASN M 148 -34.25 -16.89 24.15
CA ASN M 148 -35.18 -16.36 25.14
C ASN M 148 -34.50 -15.39 26.09
N VAL M 149 -33.24 -15.67 26.47
CA VAL M 149 -32.49 -14.76 27.32
C VAL M 149 -32.23 -13.44 26.57
N ALA M 150 -31.86 -13.53 25.29
CA ALA M 150 -31.69 -12.32 24.50
C ALA M 150 -32.99 -11.53 24.39
N ALA M 151 -34.13 -12.22 24.37
CA ALA M 151 -35.42 -11.54 24.33
C ALA M 151 -35.73 -10.77 25.61
N GLY M 152 -34.96 -10.97 26.68
CA GLY M 152 -35.16 -10.23 27.91
C GLY M 152 -35.88 -11.01 28.99
N CYS M 153 -35.49 -12.26 29.19
CA CYS M 153 -36.12 -13.14 30.15
C CYS M 153 -35.13 -13.52 31.25
N ASN M 154 -35.68 -14.04 32.35
CA ASN M 154 -34.87 -14.41 33.50
C ASN M 154 -34.38 -15.84 33.34
N PRO M 155 -33.07 -16.09 33.27
CA PRO M 155 -32.58 -17.46 33.07
C PRO M 155 -32.95 -18.42 34.18
N MET M 156 -33.05 -17.95 35.43
CA MET M 156 -33.36 -18.85 36.53
C MET M 156 -34.78 -19.42 36.41
N ASP M 157 -35.74 -18.59 36.02
CA ASP M 157 -37.10 -19.08 35.82
C ASP M 157 -37.18 -19.99 34.60
N LEU M 158 -36.37 -19.72 33.58
CA LEU M 158 -36.24 -20.64 32.46
C LEU M 158 -35.75 -22.00 32.93
N ARG M 159 -34.74 -22.01 33.80
CA ARG M 159 -34.23 -23.27 34.35
C ARG M 159 -35.30 -24.00 35.14
N ARG M 160 -36.06 -23.27 35.97
CA ARG M 160 -37.12 -23.90 36.75
C ARG M 160 -38.18 -24.51 35.85
N GLY M 161 -38.60 -23.79 34.80
CA GLY M 161 -39.58 -24.32 33.89
C GLY M 161 -39.08 -25.53 33.12
N VAL M 162 -37.81 -25.51 32.71
CA VAL M 162 -37.21 -26.64 32.02
C VAL M 162 -37.19 -27.86 32.93
N GLN M 163 -36.81 -27.66 34.20
CA GLN M 163 -36.79 -28.76 35.15
C GLN M 163 -38.18 -29.35 35.34
N MET M 164 -39.19 -28.48 35.50
CA MET M 164 -40.55 -28.96 35.69
C MET M 164 -41.04 -29.75 34.48
N ALA M 165 -40.78 -29.23 33.27
CA ALA M 165 -41.18 -29.93 32.06
C ALA M 165 -40.48 -31.27 31.94
N VAL M 166 -39.18 -31.33 32.24
CA VAL M 166 -38.45 -32.59 32.14
C VAL M 166 -38.98 -33.60 33.14
N ASP M 167 -39.30 -33.16 34.36
CA ASP M 167 -39.88 -34.08 35.35
C ASP M 167 -41.22 -34.62 34.87
N SER M 168 -42.07 -33.75 34.30
CA SER M 168 -43.35 -34.20 33.77
C SER M 168 -43.16 -35.22 32.66
N ILE M 169 -42.22 -34.96 31.74
CA ILE M 169 -41.97 -35.87 30.63
C ILE M 169 -41.49 -37.23 31.14
N VAL M 170 -40.58 -37.21 32.13
CA VAL M 170 -40.05 -38.45 32.68
C VAL M 170 -41.16 -39.25 33.35
N LYS M 171 -42.04 -38.58 34.10
CA LYS M 171 -43.15 -39.26 34.73
C LYS M 171 -44.08 -39.89 33.69
N PHE M 172 -44.41 -39.15 32.63
CA PHE M 172 -45.26 -39.68 31.58
C PHE M 172 -44.63 -40.90 30.92
N LEU M 173 -43.34 -40.81 30.60
CA LEU M 173 -42.65 -41.92 29.93
C LEU M 173 -42.59 -43.14 30.82
N ARG M 174 -42.32 -42.95 32.12
CA ARG M 174 -42.34 -44.08 33.05
C ARG M 174 -43.72 -44.70 33.15
N GLU M 175 -44.77 -43.87 33.10
CA GLU M 175 -46.13 -44.39 33.14
C GLU M 175 -46.44 -45.23 31.90
N LYS M 176 -45.96 -44.80 30.73
CA LYS M 176 -46.29 -45.46 29.47
C LYS M 176 -45.31 -46.56 29.07
N SER M 177 -44.34 -46.89 29.92
CA SER M 177 -43.34 -47.90 29.56
C SER M 177 -43.95 -49.30 29.63
N ARG M 178 -43.36 -50.21 28.87
CA ARG M 178 -43.76 -51.62 28.83
C ARG M 178 -42.67 -52.46 29.48
N VAL M 179 -43.01 -53.11 30.59
CA VAL M 179 -42.07 -53.93 31.34
C VAL M 179 -42.05 -55.34 30.76
N ILE M 180 -40.86 -55.95 30.73
CA ILE M 180 -40.68 -57.31 30.24
C ILE M 180 -40.13 -58.16 31.38
N THR M 181 -40.82 -59.27 31.68
CA THR M 181 -40.44 -60.13 32.78
C THR M 181 -40.14 -61.56 32.37
N THR M 182 -41.01 -62.20 31.59
CA THR M 182 -40.83 -63.62 31.30
C THR M 182 -39.79 -63.83 30.21
N SER M 183 -39.39 -65.09 30.04
CA SER M 183 -38.27 -65.43 29.16
C SER M 183 -38.60 -65.18 27.70
N GLU M 184 -39.86 -65.36 27.29
CA GLU M 184 -40.21 -65.16 25.89
C GLU M 184 -40.06 -63.70 25.49
N GLU M 185 -40.45 -62.77 26.36
CA GLU M 185 -40.29 -61.36 26.05
C GLU M 185 -38.83 -60.95 26.04
N ILE M 186 -38.02 -61.53 26.94
CA ILE M 186 -36.58 -61.27 26.93
C ILE M 186 -35.97 -61.77 25.62
N ALA M 187 -36.38 -62.96 25.17
CA ALA M 187 -35.87 -63.50 23.91
C ALA M 187 -36.27 -62.62 22.74
N GLN M 188 -37.52 -62.14 22.73
CA GLN M 188 -37.97 -61.27 21.65
C GLN M 188 -37.20 -59.96 21.64
N VAL M 189 -36.99 -59.37 22.82
CA VAL M 189 -36.24 -58.11 22.91
C VAL M 189 -34.81 -58.30 22.43
N ALA M 190 -34.18 -59.40 22.84
CA ALA M 190 -32.81 -59.66 22.40
C ALA M 190 -32.74 -59.93 20.90
N THR M 191 -33.75 -60.59 20.34
CA THR M 191 -33.78 -60.80 18.90
C THR M 191 -33.92 -59.49 18.14
N ILE M 192 -34.79 -58.60 18.63
CA ILE M 192 -34.94 -57.29 18.01
C ILE M 192 -33.63 -56.50 18.11
N SER M 193 -32.99 -56.55 19.28
CA SER M 193 -31.74 -55.83 19.48
C SER M 193 -30.59 -56.41 18.65
N ALA M 194 -30.76 -57.63 18.13
CA ALA M 194 -29.73 -58.28 17.32
C ALA M 194 -30.04 -58.20 15.83
N ASN M 195 -30.83 -57.22 15.41
CA ASN M 195 -31.21 -57.04 14.00
C ASN M 195 -31.90 -58.30 13.45
N GLY M 196 -32.83 -58.83 14.24
CA GLY M 196 -33.60 -59.98 13.81
C GLY M 196 -32.90 -61.32 13.91
N ASP M 197 -31.80 -61.40 14.64
CA ASP M 197 -31.07 -62.65 14.79
C ASP M 197 -31.72 -63.49 15.88
N THR M 198 -32.30 -64.63 15.50
CA THR M 198 -32.97 -65.49 16.46
C THR M 198 -31.99 -66.24 17.35
N HIS M 199 -30.85 -66.66 16.80
CA HIS M 199 -29.87 -67.40 17.60
C HIS M 199 -29.33 -66.57 18.75
N VAL M 200 -29.00 -65.30 18.48
CA VAL M 200 -28.48 -64.43 19.54
C VAL M 200 -29.53 -64.20 20.61
N GLY M 201 -30.78 -63.97 20.19
CA GLY M 201 -31.85 -63.77 21.16
C GLY M 201 -32.10 -64.99 22.03
N LYS M 202 -32.03 -66.18 21.41
CA LYS M 202 -32.21 -67.41 22.19
C LYS M 202 -31.05 -67.63 23.15
N LEU M 203 -29.82 -67.35 22.70
CA LEU M 203 -28.66 -67.53 23.57
C LEU M 203 -28.70 -66.57 24.75
N ILE M 204 -29.06 -65.31 24.51
CA ILE M 204 -29.09 -64.32 25.58
C ILE M 204 -30.15 -64.69 26.62
N ALA M 205 -31.37 -64.91 26.23
CA ALA M 205 -32.43 -65.23 27.11
C ALA M 205 -32.18 -66.38 27.98
N ASN M 206 -31.12 -67.14 27.74
CA ASN M 206 -30.84 -68.33 28.51
C ASN M 206 -29.77 -68.05 29.51
N ALA M 207 -28.77 -67.33 29.10
CA ALA M 207 -27.75 -66.94 30.06
C ALA M 207 -28.36 -66.19 31.23
N MET M 208 -29.23 -65.23 30.94
CA MET M 208 -29.90 -64.46 31.98
C MET M 208 -31.05 -65.22 32.62
N GLU M 209 -31.44 -66.35 32.05
CA GLU M 209 -32.25 -67.30 32.80
C GLU M 209 -31.41 -68.02 33.86
N LYS M 210 -30.20 -68.44 33.49
CA LYS M 210 -29.34 -69.18 34.41
C LYS M 210 -28.87 -68.30 35.56
N VAL M 211 -28.32 -67.12 35.25
CA VAL M 211 -27.75 -66.28 36.28
C VAL M 211 -28.73 -65.24 36.82
N GLY M 212 -29.92 -65.13 36.24
CA GLY M 212 -30.87 -64.11 36.62
C GLY M 212 -30.68 -62.83 35.82
N LYS M 213 -31.63 -61.91 36.01
CA LYS M 213 -31.56 -60.63 35.30
C LYS M 213 -30.36 -59.82 35.77
N GLU M 214 -30.01 -59.91 37.05
CA GLU M 214 -28.92 -59.16 37.64
C GLU M 214 -27.60 -59.90 37.63
N GLY M 215 -27.54 -61.08 37.01
CA GLY M 215 -26.32 -61.87 37.01
C GLY M 215 -25.25 -61.27 36.12
N VAL M 216 -24.11 -61.97 36.08
CA VAL M 216 -22.98 -61.56 35.26
C VAL M 216 -22.95 -62.43 34.01
N ILE M 217 -23.02 -61.78 32.85
CA ILE M 217 -22.91 -62.46 31.56
C ILE M 217 -21.79 -61.79 30.78
N THR M 218 -20.90 -62.60 30.23
CA THR M 218 -19.78 -62.08 29.45
C THR M 218 -19.65 -62.87 28.16
N VAL M 219 -19.00 -62.26 27.17
CA VAL M 219 -18.89 -62.81 25.82
C VAL M 219 -17.40 -62.96 25.50
N LYS M 220 -17.01 -64.17 25.07
CA LYS M 220 -15.63 -64.46 24.73
C LYS M 220 -15.58 -65.22 23.41
N GLU M 221 -14.39 -65.28 22.82
CA GLU M 221 -14.20 -65.99 21.57
C GLU M 221 -14.26 -67.51 21.78
N GLY M 222 -14.79 -68.21 20.79
CA GLY M 222 -14.93 -69.64 20.88
C GLY M 222 -13.88 -70.40 20.10
N LYS M 223 -13.82 -71.70 20.35
CA LYS M 223 -12.86 -72.59 19.70
C LYS M 223 -13.44 -73.35 18.51
N THR M 224 -14.73 -73.21 18.25
CA THR M 224 -15.43 -74.09 17.31
C THR M 224 -16.40 -73.25 16.48
N ILE M 225 -17.34 -73.93 15.83
CA ILE M 225 -18.31 -73.23 15.00
C ILE M 225 -19.60 -72.94 15.77
N GLU M 226 -20.10 -73.89 16.54
CA GLU M 226 -21.34 -73.71 17.27
C GLU M 226 -21.09 -72.87 18.52
N ASP M 227 -22.17 -72.24 19.00
CA ASP M 227 -22.11 -71.29 20.09
C ASP M 227 -22.32 -71.99 21.43
N GLU M 228 -21.53 -71.60 22.41
CA GLU M 228 -21.55 -72.30 23.70
C GLU M 228 -21.95 -71.35 24.81
N LEU M 229 -22.65 -71.90 25.79
CA LEU M 229 -23.03 -71.16 27.00
C LEU M 229 -22.63 -71.99 28.20
N GLU M 230 -21.71 -71.49 29.02
CA GLU M 230 -21.21 -72.27 30.15
C GLU M 230 -21.26 -71.42 31.41
N ILE M 231 -21.67 -72.04 32.52
CA ILE M 231 -21.67 -71.40 33.82
C ILE M 231 -20.40 -71.77 34.55
N THR M 232 -19.60 -70.76 34.92
CA THR M 232 -18.35 -71.00 35.61
C THR M 232 -18.36 -70.27 36.95
N GLU M 233 -17.24 -70.38 37.66
CA GLU M 233 -17.02 -69.63 38.88
C GLU M 233 -16.24 -68.37 38.54
N GLY M 234 -16.65 -67.24 39.11
CA GLY M 234 -15.98 -65.98 38.87
C GLY M 234 -16.73 -64.88 39.57
N MET M 235 -16.22 -63.66 39.44
CA MET M 235 -16.87 -62.55 40.12
C MET M 235 -16.32 -61.24 39.59
N ARG M 236 -17.08 -60.17 39.84
CA ARG M 236 -16.83 -58.86 39.26
C ARG M 236 -16.70 -57.81 40.36
N PHE M 237 -15.83 -56.83 40.14
CA PHE M 237 -15.75 -55.64 40.98
C PHE M 237 -15.91 -54.40 40.12
N ASP M 238 -16.27 -53.30 40.79
CA ASP M 238 -16.46 -52.00 40.17
C ASP M 238 -15.19 -51.16 40.15
N ARG M 239 -14.02 -51.79 40.18
CA ARG M 239 -12.74 -51.09 40.08
C ARG M 239 -11.99 -51.56 38.85
N GLY M 240 -11.58 -50.62 38.01
CA GLY M 240 -10.87 -50.90 36.79
C GLY M 240 -9.37 -50.72 36.93
N TYR M 241 -8.69 -50.65 35.78
CA TYR M 241 -7.25 -50.55 35.77
C TYR M 241 -6.78 -49.15 36.16
N ILE M 242 -5.58 -49.06 36.73
CA ILE M 242 -5.08 -47.79 37.23
C ILE M 242 -4.76 -46.84 36.09
N SER M 243 -4.05 -47.32 35.06
CA SER M 243 -3.60 -46.44 34.01
C SER M 243 -4.11 -46.89 32.65
N PRO M 244 -4.63 -45.98 31.83
CA PRO M 244 -5.05 -46.34 30.48
C PRO M 244 -4.00 -47.09 29.68
N TYR M 245 -2.71 -46.86 29.93
CA TYR M 245 -1.66 -47.53 29.16
C TYR M 245 -1.70 -49.05 29.30
N PHE M 246 -2.33 -49.58 30.34
CA PHE M 246 -2.39 -51.02 30.55
C PHE M 246 -3.26 -51.73 29.50
N ILE M 247 -3.99 -50.98 28.68
CA ILE M 247 -4.87 -51.58 27.68
C ILE M 247 -4.06 -52.42 26.71
N THR M 248 -4.43 -53.68 26.55
CA THR M 248 -3.84 -54.56 25.55
C THR M 248 -4.72 -54.73 24.33
N ASP M 249 -6.03 -54.59 24.48
CA ASP M 249 -6.99 -54.63 23.38
C ASP M 249 -7.48 -53.21 23.15
N ALA M 250 -6.79 -52.48 22.28
CA ALA M 250 -7.15 -51.09 22.01
C ALA M 250 -8.46 -50.95 21.27
N LYS M 251 -8.98 -52.04 20.69
CA LYS M 251 -10.25 -51.97 19.98
C LYS M 251 -11.39 -51.59 20.92
N THR M 252 -11.41 -52.18 22.11
CA THR M 252 -12.47 -51.94 23.10
C THR M 252 -11.93 -51.31 24.38
N GLN M 253 -10.64 -50.94 24.39
CA GLN M 253 -10.02 -50.28 25.53
C GLN M 253 -10.11 -51.13 26.80
N LYS M 254 -9.73 -52.40 26.69
CA LYS M 254 -9.76 -53.32 27.82
C LYS M 254 -8.51 -54.18 27.83
N VAL M 255 -8.33 -54.90 28.94
CA VAL M 255 -7.17 -55.75 29.18
C VAL M 255 -7.67 -57.17 29.40
N GLU M 256 -7.08 -58.13 28.70
CA GLU M 256 -7.47 -59.54 28.85
C GLU M 256 -6.23 -60.38 29.11
N PHE M 257 -6.28 -61.20 30.15
CA PHE M 257 -5.19 -62.11 30.45
C PHE M 257 -5.72 -63.53 30.64
N GLU M 258 -4.99 -64.50 30.10
CA GLU M 258 -5.35 -65.91 30.21
C GLU M 258 -4.44 -66.58 31.22
N LYS M 259 -5.04 -67.13 32.27
CA LYS M 259 -4.32 -67.83 33.32
C LYS M 259 -3.19 -66.98 33.92
N PRO M 260 -3.53 -65.87 34.58
CA PRO M 260 -2.50 -65.00 35.16
C PRO M 260 -2.23 -65.30 36.62
N LEU M 261 -1.19 -64.65 37.14
CA LEU M 261 -0.86 -64.71 38.55
C LEU M 261 -1.39 -63.46 39.25
N ILE M 262 -2.07 -63.68 40.37
CA ILE M 262 -2.78 -62.63 41.10
C ILE M 262 -2.06 -62.36 42.40
N LEU M 263 -1.76 -61.08 42.66
CA LEU M 263 -1.11 -60.66 43.90
C LEU M 263 -2.08 -59.77 44.67
N LEU M 264 -2.64 -60.31 45.75
CA LEU M 264 -3.59 -59.58 46.59
C LEU M 264 -2.85 -59.09 47.83
N THR M 265 -2.83 -57.77 48.03
CA THR M 265 -2.16 -57.16 49.17
C THR M 265 -3.01 -56.03 49.73
N GLU M 266 -3.04 -55.94 51.06
CA GLU M 266 -3.75 -54.87 51.76
C GLU M 266 -2.74 -53.79 52.14
N LYS M 267 -2.13 -53.20 51.12
CA LYS M 267 -1.02 -52.27 51.38
C LYS M 267 -1.02 -51.19 50.31
N LYS M 268 -0.33 -50.10 50.64
CA LYS M 268 -0.01 -49.05 49.69
C LYS M 268 1.40 -49.30 49.19
N ILE M 269 1.54 -49.55 47.89
CA ILE M 269 2.81 -49.93 47.27
C ILE M 269 3.32 -48.77 46.44
N SER M 270 4.53 -48.30 46.76
CA SER M 270 5.18 -47.27 45.97
C SER M 270 6.65 -47.54 45.70
N ILE M 271 7.28 -48.47 46.42
CA ILE M 271 8.69 -48.79 46.20
C ILE M 271 8.77 -50.13 45.48
N LEU M 272 9.73 -50.23 44.56
CA LEU M 272 9.85 -51.38 43.69
C LEU M 272 10.52 -52.57 44.35
N GLN M 273 11.20 -52.37 45.50
CA GLN M 273 11.90 -53.48 46.14
C GLN M 273 10.91 -54.55 46.59
N ASP M 274 9.72 -54.13 47.03
CA ASP M 274 8.71 -55.11 47.42
C ASP M 274 8.13 -55.83 46.21
N ILE M 275 8.12 -55.18 45.04
CA ILE M 275 7.55 -55.81 43.85
C ILE M 275 8.53 -56.75 43.15
N LEU M 276 9.84 -56.54 43.34
CA LEU M 276 10.84 -57.31 42.61
C LEU M 276 10.70 -58.82 42.76
N PRO M 277 10.51 -59.39 43.95
CA PRO M 277 10.35 -60.86 44.02
C PRO M 277 9.13 -61.35 43.25
N ALA M 278 7.99 -60.66 43.36
CA ALA M 278 6.80 -61.07 42.64
C ALA M 278 7.01 -60.99 41.14
N LEU M 279 7.62 -59.89 40.67
CA LEU M 279 7.84 -59.72 39.24
C LEU M 279 8.82 -60.77 38.71
N GLU M 280 9.86 -61.09 39.47
CA GLU M 280 10.81 -62.11 39.05
C GLU M 280 10.15 -63.49 38.99
N THR M 281 9.34 -63.81 40.01
CA THR M 281 8.63 -65.09 39.98
C THR M 281 7.69 -65.17 38.79
N SER M 282 7.03 -64.06 38.45
CA SER M 282 6.19 -64.03 37.26
C SER M 282 7.01 -64.21 35.98
N SER M 283 8.17 -63.56 35.89
CA SER M 283 9.01 -63.68 34.70
C SER M 283 9.50 -65.11 34.52
N THR M 284 9.87 -65.77 35.61
CA THR M 284 10.30 -67.17 35.53
C THR M 284 9.19 -68.09 35.02
N GLN M 285 7.95 -67.87 35.45
CA GLN M 285 6.83 -68.70 35.02
C GLN M 285 6.26 -68.29 33.67
N ARG M 286 6.75 -67.17 33.11
CA ARG M 286 6.25 -66.65 31.82
C ARG M 286 4.74 -66.48 31.82
N ARG M 287 4.19 -65.86 32.87
CA ARG M 287 2.76 -65.64 32.98
C ARG M 287 2.48 -64.18 33.30
N PRO M 288 1.38 -63.64 32.80
CA PRO M 288 1.03 -62.24 33.11
C PRO M 288 0.60 -62.08 34.56
N LEU M 289 0.79 -60.87 35.07
CA LEU M 289 0.58 -60.56 36.48
C LEU M 289 -0.50 -59.50 36.65
N LEU M 290 -1.36 -59.71 37.63
CA LEU M 290 -2.37 -58.73 38.03
C LEU M 290 -2.22 -58.49 39.53
N ILE M 291 -2.11 -57.24 39.93
CA ILE M 291 -1.94 -56.87 41.33
C ILE M 291 -3.17 -56.11 41.79
N ILE M 292 -3.84 -56.64 42.81
CA ILE M 292 -5.05 -56.05 43.38
C ILE M 292 -4.67 -55.49 44.75
N ALA M 293 -4.42 -54.19 44.81
CA ALA M 293 -3.88 -53.59 46.03
C ALA M 293 -4.80 -52.49 46.51
N GLU M 294 -4.44 -51.91 47.67
CA GLU M 294 -5.16 -50.72 48.13
C GLU M 294 -4.94 -49.55 47.17
N ASP M 295 -3.71 -49.39 46.68
CA ASP M 295 -3.39 -48.37 45.68
C ASP M 295 -1.98 -48.63 45.17
N ILE M 296 -1.77 -48.34 43.90
CA ILE M 296 -0.46 -48.46 43.26
C ILE M 296 -0.10 -47.08 42.72
N ASP M 297 0.66 -46.32 43.51
CA ASP M 297 1.05 -44.97 43.15
C ASP M 297 2.55 -44.81 43.31
N GLY M 298 3.05 -43.63 42.90
CA GLY M 298 4.46 -43.33 42.96
C GLY M 298 5.25 -43.93 41.82
N GLU M 299 6.52 -44.27 42.07
CA GLU M 299 7.36 -44.84 41.04
C GLU M 299 6.91 -46.26 40.68
N ALA M 300 6.12 -46.88 41.55
CA ALA M 300 5.68 -48.25 41.33
C ALA M 300 4.87 -48.36 40.04
N LEU M 301 3.89 -47.47 39.86
CA LEU M 301 3.08 -47.54 38.65
C LEU M 301 3.94 -47.33 37.42
N ALA M 302 4.86 -46.37 37.48
CA ALA M 302 5.69 -46.07 36.31
C ALA M 302 6.54 -47.26 35.93
N ALA M 303 7.14 -47.93 36.92
CA ALA M 303 7.89 -49.14 36.63
C ALA M 303 6.99 -50.19 35.99
N CYS M 304 5.78 -50.35 36.51
CA CYS M 304 4.86 -51.33 35.93
C CYS M 304 4.54 -51.00 34.48
N ILE M 305 4.29 -49.72 34.20
CA ILE M 305 3.94 -49.28 32.85
C ILE M 305 5.06 -49.54 31.85
N LEU M 306 6.28 -49.11 32.17
CA LEU M 306 7.36 -49.28 31.22
C LEU M 306 7.66 -50.75 31.01
N ASN M 307 7.52 -51.54 32.06
CA ASN M 307 7.73 -52.97 31.93
C ASN M 307 6.68 -53.52 30.98
N LYS M 308 5.43 -53.07 31.13
CA LYS M 308 4.36 -53.59 30.29
C LYS M 308 4.51 -53.14 28.84
N LEU M 309 4.88 -51.88 28.63
CA LEU M 309 5.04 -51.35 27.28
C LEU M 309 6.14 -52.08 26.52
N ARG M 310 7.20 -52.48 27.22
CA ARG M 310 8.25 -53.30 26.64
C ARG M 310 7.88 -54.77 26.81
N GLY M 311 8.72 -55.65 26.27
CA GLY M 311 8.43 -57.07 26.30
C GLY M 311 8.90 -57.81 27.52
N ASN M 312 9.40 -57.10 28.54
CA ASN M 312 9.92 -57.77 29.73
C ASN M 312 8.85 -58.57 30.44
N LEU M 313 7.71 -57.94 30.74
CA LEU M 313 6.59 -58.61 31.39
C LEU M 313 5.34 -57.75 31.20
N GLN M 314 4.20 -58.42 31.03
CA GLN M 314 2.91 -57.75 30.88
C GLN M 314 2.18 -57.84 32.21
N VAL M 315 1.78 -56.68 32.74
CA VAL M 315 1.24 -56.57 34.10
C VAL M 315 0.05 -55.62 34.09
N ALA M 316 -0.81 -55.76 35.10
CA ALA M 316 -1.95 -54.89 35.30
C ALA M 316 -2.17 -54.66 36.80
N ALA M 317 -2.79 -53.53 37.13
CA ALA M 317 -2.99 -53.14 38.52
C ALA M 317 -4.40 -52.61 38.72
N VAL M 318 -5.05 -53.05 39.79
CA VAL M 318 -6.37 -52.56 40.17
C VAL M 318 -6.41 -52.32 41.67
N LYS M 319 -7.36 -51.49 42.09
CA LYS M 319 -7.54 -51.17 43.50
C LYS M 319 -8.50 -52.16 44.14
N ALA M 320 -8.28 -52.41 45.43
CA ALA M 320 -9.13 -53.36 46.15
C ALA M 320 -10.55 -52.83 46.26
N PRO M 321 -11.56 -53.66 46.05
CA PRO M 321 -12.94 -53.19 46.12
C PRO M 321 -13.37 -52.89 47.56
N GLY M 322 -14.33 -51.98 47.69
CA GLY M 322 -14.85 -51.62 48.99
C GLY M 322 -13.87 -50.76 49.78
N PHE M 323 -14.40 -50.32 50.96
CA PHE M 323 -13.69 -49.41 51.86
C PHE M 323 -13.95 -49.82 53.32
N GLY M 324 -12.95 -49.70 54.23
CA GLY M 324 -13.17 -50.10 55.60
C GLY M 324 -12.90 -51.58 55.80
N ASP M 325 -13.64 -52.19 56.72
CA ASP M 325 -13.51 -53.63 56.95
C ASP M 325 -14.13 -54.42 55.81
N ASN M 326 -15.06 -53.81 55.07
CA ASN M 326 -15.63 -54.47 53.91
C ASN M 326 -14.56 -54.79 52.88
N ARG M 327 -13.61 -53.87 52.70
CA ARG M 327 -12.51 -54.12 51.76
C ARG M 327 -11.69 -55.34 52.19
N LYS M 328 -11.38 -55.45 53.48
CA LYS M 328 -10.61 -56.59 53.95
C LYS M 328 -11.39 -57.89 53.77
N SER M 329 -12.69 -57.87 54.07
CA SER M 329 -13.50 -59.07 53.92
C SER M 329 -13.60 -59.50 52.46
N ILE M 330 -13.77 -58.53 51.55
CA ILE M 330 -13.83 -58.86 50.13
C ILE M 330 -12.49 -59.39 49.64
N LEU M 331 -11.39 -58.81 50.10
CA LEU M 331 -10.08 -59.33 49.70
C LEU M 331 -9.87 -60.74 50.23
N GLY M 332 -10.36 -61.03 51.43
CA GLY M 332 -10.28 -62.40 51.93
C GLY M 332 -11.09 -63.38 51.10
N ASP M 333 -12.31 -62.99 50.74
CA ASP M 333 -13.14 -63.85 49.89
C ASP M 333 -12.46 -64.08 48.54
N LEU M 334 -11.88 -63.03 47.97
CA LEU M 334 -11.23 -63.15 46.67
C LEU M 334 -9.96 -63.96 46.74
N ALA M 335 -9.21 -63.85 47.84
CA ALA M 335 -8.03 -64.69 48.03
C ALA M 335 -8.42 -66.16 48.16
N ILE M 336 -9.52 -66.44 48.86
CA ILE M 336 -10.02 -67.81 48.92
C ILE M 336 -10.40 -68.31 47.53
N LEU M 337 -11.11 -67.47 46.76
CA LEU M 337 -11.58 -67.90 45.44
C LEU M 337 -10.42 -68.13 44.48
N THR M 338 -9.44 -67.24 44.47
CA THR M 338 -8.34 -67.30 43.52
C THR M 338 -7.28 -68.32 43.90
N GLY M 339 -7.41 -68.95 45.07
CA GLY M 339 -6.45 -69.97 45.47
C GLY M 339 -5.17 -69.43 46.09
N GLY M 340 -5.05 -68.11 46.24
CA GLY M 340 -3.87 -67.54 46.85
C GLY M 340 -4.13 -67.07 48.26
N THR M 341 -3.23 -66.23 48.79
CA THR M 341 -3.35 -65.69 50.13
C THR M 341 -3.18 -64.17 50.08
N VAL M 342 -3.92 -63.48 50.92
CA VAL M 342 -3.84 -62.02 50.98
C VAL M 342 -2.69 -61.62 51.91
N PHE M 343 -2.06 -60.49 51.58
CA PHE M 343 -0.92 -59.98 52.34
C PHE M 343 -1.36 -58.75 53.11
N SER M 344 -1.26 -58.80 54.44
CA SER M 344 -1.75 -57.75 55.31
C SER M 344 -0.69 -57.37 56.32
N ASP M 345 -0.52 -56.07 56.55
CA ASP M 345 0.41 -55.61 57.58
C ASP M 345 -0.07 -56.00 58.98
N GLU M 346 -1.38 -56.13 59.18
CA GLU M 346 -1.89 -56.58 60.47
C GLU M 346 -1.42 -57.98 60.80
N LEU M 347 -1.10 -58.78 59.78
CA LEU M 347 -0.48 -60.08 59.97
C LEU M 347 1.04 -60.01 59.97
N ASP M 348 1.61 -58.82 59.72
CA ASP M 348 3.06 -58.60 59.75
C ASP M 348 3.80 -59.53 58.79
N ILE M 349 3.25 -59.74 57.60
CA ILE M 349 3.91 -60.50 56.55
C ILE M 349 4.34 -59.53 55.45
N LYS M 350 5.59 -59.66 55.00
CA LYS M 350 6.19 -58.73 54.08
C LYS M 350 6.06 -59.23 52.65
N LEU M 351 6.08 -58.28 51.70
CA LEU M 351 5.93 -58.61 50.29
C LEU M 351 7.16 -59.31 49.73
N GLU M 352 8.33 -59.12 50.35
CA GLU M 352 9.53 -59.83 49.91
C GLU M 352 9.50 -61.30 50.29
N ARG M 353 8.56 -61.70 51.15
CA ARG M 353 8.34 -63.09 51.51
C ARG M 353 7.50 -63.84 50.49
N ALA M 354 7.03 -63.16 49.45
CA ALA M 354 6.11 -63.75 48.50
C ALA M 354 6.74 -64.95 47.79
N THR M 355 5.96 -66.03 47.70
CA THR M 355 6.32 -67.24 46.97
C THR M 355 5.17 -67.62 46.06
N PRO M 356 5.47 -68.27 44.94
CA PRO M 356 4.39 -68.62 43.99
C PRO M 356 3.29 -69.47 44.58
N ASP M 357 3.51 -70.12 45.74
CA ASP M 357 2.43 -70.85 46.37
C ASP M 357 1.31 -69.93 46.82
N LEU M 358 1.65 -68.77 47.36
CA LEU M 358 0.62 -67.84 47.84
C LEU M 358 0.02 -66.99 46.73
N PHE M 359 0.58 -67.04 45.53
CA PHE M 359 0.03 -66.29 44.41
C PHE M 359 -1.27 -66.92 43.94
N GLY M 360 -2.23 -66.07 43.58
CA GLY M 360 -3.51 -66.55 43.09
C GLY M 360 -3.49 -66.82 41.60
N SER M 361 -4.29 -67.79 41.18
CA SER M 361 -4.41 -68.16 39.78
C SER M 361 -5.88 -68.31 39.42
N THR M 362 -6.19 -68.02 38.15
CA THR M 362 -7.56 -68.08 37.68
C THR M 362 -7.56 -68.36 36.18
N GLY M 363 -8.74 -68.73 35.66
CA GLY M 363 -8.84 -69.04 34.25
C GLY M 363 -8.54 -67.84 33.36
N SER M 364 -9.13 -66.69 33.68
CA SER M 364 -8.88 -65.48 32.91
C SER M 364 -9.27 -64.27 33.72
N VAL M 365 -8.77 -63.11 33.30
CA VAL M 365 -9.15 -61.83 33.90
C VAL M 365 -9.42 -60.83 32.78
N THR M 366 -10.44 -60.01 32.96
CA THR M 366 -10.80 -58.97 32.00
C THR M 366 -11.02 -57.67 32.75
N ILE M 367 -10.31 -56.62 32.33
CA ILE M 367 -10.31 -55.33 33.03
C ILE M 367 -10.80 -54.26 32.08
N THR M 368 -11.77 -53.47 32.52
CA THR M 368 -12.28 -52.34 31.76
C THR M 368 -12.04 -51.05 32.54
N LYS M 369 -12.58 -49.94 32.03
CA LYS M 369 -12.46 -48.67 32.73
C LYS M 369 -13.14 -48.70 34.09
N GLU M 370 -14.34 -49.28 34.16
CA GLU M 370 -15.10 -49.26 35.41
C GLU M 370 -15.03 -50.60 36.15
N ASP M 371 -15.29 -51.70 35.46
CA ASP M 371 -15.43 -53.00 36.09
C ASP M 371 -14.28 -53.92 35.70
N THR M 372 -14.00 -54.88 36.57
CA THR M 372 -13.07 -55.97 36.26
C THR M 372 -13.74 -57.27 36.66
N ILE M 373 -13.43 -58.35 35.95
CA ILE M 373 -14.08 -59.64 36.16
C ILE M 373 -13.02 -60.74 36.14
N LEU M 374 -13.02 -61.58 37.16
CA LEU M 374 -12.17 -62.76 37.25
C LEU M 374 -13.01 -63.98 36.93
N LEU M 375 -12.42 -64.91 36.18
CA LEU M 375 -13.13 -66.04 35.60
C LEU M 375 -12.37 -67.33 35.89
N ASN M 376 -13.11 -68.35 36.33
CA ASN M 376 -12.58 -69.69 36.53
C ASN M 376 -11.42 -69.67 37.53
N GLY M 377 -11.74 -69.29 38.76
CA GLY M 377 -10.74 -69.28 39.81
C GLY M 377 -10.25 -70.67 40.14
N GLU M 378 -9.02 -70.75 40.63
CA GLU M 378 -8.38 -72.02 40.93
C GLU M 378 -8.70 -72.53 42.33
N GLY M 379 -9.53 -71.81 43.09
CA GLY M 379 -9.86 -72.28 44.43
C GLY M 379 -10.67 -73.56 44.37
N SER M 380 -10.47 -74.42 45.37
CA SER M 380 -11.25 -75.64 45.49
C SER M 380 -12.70 -75.31 45.81
N LYS M 381 -13.61 -76.17 45.38
CA LYS M 381 -15.03 -75.94 45.62
C LYS M 381 -15.35 -75.95 47.11
N ASP M 382 -14.75 -76.88 47.85
CA ASP M 382 -15.16 -77.09 49.24
C ASP M 382 -14.91 -75.85 50.10
N MET M 383 -13.76 -75.19 49.92
CA MET M 383 -13.50 -74.02 50.74
C MET M 383 -14.37 -72.83 50.32
N ILE M 384 -14.65 -72.69 49.02
CA ILE M 384 -15.63 -71.70 48.60
C ILE M 384 -16.96 -71.96 49.29
N ASN M 385 -17.34 -73.22 49.42
CA ASN M 385 -18.59 -73.53 50.10
C ASN M 385 -18.53 -73.16 51.58
N GLN M 386 -17.43 -73.50 52.25
CA GLN M 386 -17.43 -73.23 53.68
C GLN M 386 -17.49 -71.74 53.88
N ARG M 387 -16.76 -70.99 53.10
CA ARG M 387 -16.80 -69.53 53.16
C ARG M 387 -18.22 -69.03 52.96
N CYS M 388 -18.96 -69.64 52.03
CA CYS M 388 -20.37 -69.33 51.89
C CYS M 388 -21.13 -69.59 53.19
N GLU M 389 -20.77 -70.67 53.88
CA GLU M 389 -21.41 -70.98 55.16
C GLU M 389 -21.12 -69.91 56.20
N GLN M 390 -19.86 -69.45 56.29
CA GLN M 390 -19.57 -68.37 57.21
C GLN M 390 -20.30 -67.08 56.81
N ILE M 391 -20.47 -66.86 55.51
CA ILE M 391 -21.19 -65.66 55.07
C ILE M 391 -22.64 -65.72 55.54
N ARG M 392 -23.30 -66.86 55.38
CA ARG M 392 -24.69 -66.95 55.82
C ARG M 392 -24.78 -66.91 57.34
N ALA M 393 -23.79 -67.49 58.03
CA ALA M 393 -23.77 -67.39 59.50
C ALA M 393 -23.64 -65.94 59.95
N ALA M 394 -22.78 -65.17 59.29
CA ALA M 394 -22.65 -63.75 59.60
C ALA M 394 -23.91 -62.98 59.26
N ILE M 395 -24.60 -63.37 58.19
CA ILE M 395 -25.91 -62.78 57.89
C ILE M 395 -26.87 -63.01 59.05
N ASN M 396 -26.88 -64.24 59.57
CA ASN M 396 -27.74 -64.55 60.71
C ASN M 396 -27.35 -63.74 61.94
N ASP M 397 -26.05 -63.62 62.21
CA ASP M 397 -25.60 -62.97 63.44
C ASP M 397 -25.68 -61.45 63.37
N SER M 398 -25.48 -60.86 62.19
CA SER M 398 -25.36 -59.41 62.07
C SER M 398 -26.63 -58.72 62.55
N SER M 399 -26.44 -57.63 63.30
CA SER M 399 -27.56 -56.90 63.88
C SER M 399 -28.05 -55.76 63.00
N VAL M 400 -27.17 -55.17 62.20
CA VAL M 400 -27.57 -54.05 61.35
C VAL M 400 -28.56 -54.55 60.30
N SER M 401 -29.78 -54.04 60.36
CA SER M 401 -30.85 -54.54 59.49
C SER M 401 -30.58 -54.23 58.03
N ASP M 402 -30.13 -53.01 57.74
CA ASP M 402 -30.02 -52.59 56.34
C ASP M 402 -28.58 -52.69 55.83
N TYR M 403 -27.64 -52.03 56.50
CA TYR M 403 -26.30 -51.86 55.93
C TYR M 403 -25.54 -53.17 55.88
N GLU M 404 -25.23 -53.73 57.06
CA GLU M 404 -24.38 -54.92 57.13
C GLU M 404 -25.06 -56.11 56.48
N ARG M 405 -26.36 -56.29 56.71
CA ARG M 405 -27.06 -57.42 56.11
C ARG M 405 -27.04 -57.34 54.59
N GLU M 406 -27.29 -56.15 54.03
CA GLU M 406 -27.31 -56.06 52.57
C GLU M 406 -25.91 -56.23 51.99
N LYS M 407 -24.88 -55.75 52.70
CA LYS M 407 -23.53 -55.94 52.17
C LYS M 407 -23.12 -57.41 52.21
N LEU M 408 -23.43 -58.10 53.30
CA LEU M 408 -23.15 -59.53 53.37
C LEU M 408 -23.94 -60.29 52.30
N GLN M 409 -25.20 -59.92 52.08
CA GLN M 409 -25.99 -60.56 51.04
C GLN M 409 -25.38 -60.33 49.67
N GLU M 410 -24.92 -59.10 49.40
CA GLU M 410 -24.37 -58.80 48.09
C GLU M 410 -23.07 -59.58 47.86
N ARG M 411 -22.23 -59.72 48.89
CA ARG M 411 -21.00 -60.46 48.66
C ARG M 411 -21.25 -61.97 48.63
N LEU M 412 -22.27 -62.46 49.34
CA LEU M 412 -22.70 -63.83 49.19
C LEU M 412 -23.15 -64.11 47.76
N ALA M 413 -23.96 -63.21 47.20
CA ALA M 413 -24.41 -63.36 45.82
C ALA M 413 -23.23 -63.31 44.85
N LYS M 414 -22.29 -62.40 45.09
CA LYS M 414 -21.12 -62.30 44.22
C LYS M 414 -20.30 -63.58 44.24
N LEU M 415 -20.12 -64.18 45.42
CA LEU M 415 -19.29 -65.37 45.52
C LEU M 415 -20.01 -66.62 45.03
N SER M 416 -21.34 -66.67 45.16
CA SER M 416 -22.07 -67.90 44.90
C SER M 416 -22.72 -67.96 43.52
N GLY M 417 -23.00 -66.80 42.91
CA GLY M 417 -23.81 -66.79 41.70
C GLY M 417 -23.12 -67.43 40.51
N GLY M 418 -21.81 -67.24 40.39
CA GLY M 418 -21.10 -67.67 39.20
C GLY M 418 -21.23 -66.68 38.07
N VAL M 419 -20.68 -67.06 36.91
CA VAL M 419 -20.65 -66.19 35.74
C VAL M 419 -21.09 -66.98 34.53
N ALA M 420 -21.99 -66.43 33.73
CA ALA M 420 -22.34 -67.02 32.46
C ALA M 420 -21.40 -66.52 31.38
N VAL M 421 -20.82 -67.45 30.62
CA VAL M 421 -19.89 -67.12 29.56
C VAL M 421 -20.48 -67.63 28.26
N ILE M 422 -20.53 -66.75 27.26
CA ILE M 422 -21.00 -67.09 25.93
C ILE M 422 -19.78 -67.14 25.02
N LYS M 423 -19.44 -68.34 24.58
CA LYS M 423 -18.32 -68.56 23.68
C LYS M 423 -18.84 -68.51 22.25
N VAL M 424 -18.33 -67.55 21.48
CA VAL M 424 -18.82 -67.26 20.15
C VAL M 424 -18.07 -68.14 19.15
N GLY M 425 -18.80 -69.01 18.46
CA GLY M 425 -18.19 -69.90 17.50
C GLY M 425 -18.36 -69.42 16.06
N GLY M 426 -17.44 -69.80 15.19
CA GLY M 426 -17.54 -69.43 13.80
C GLY M 426 -16.52 -70.18 12.97
N SER M 427 -16.63 -69.99 11.65
CA SER M 427 -15.71 -70.65 10.73
C SER M 427 -14.38 -69.92 10.64
N SER M 428 -14.41 -68.63 10.33
CA SER M 428 -13.21 -67.84 10.14
C SER M 428 -12.99 -66.95 11.36
N GLU M 429 -11.82 -66.31 11.40
CA GLU M 429 -11.51 -65.43 12.52
C GLU M 429 -12.30 -64.13 12.44
N LEU M 430 -12.39 -63.54 11.26
CA LEU M 430 -13.12 -62.28 11.11
C LEU M 430 -14.60 -62.47 11.40
N GLU M 431 -15.17 -63.59 10.95
CA GLU M 431 -16.56 -63.89 11.26
C GLU M 431 -16.76 -63.98 12.77
N VAL M 432 -15.85 -64.66 13.46
CA VAL M 432 -15.95 -64.77 14.92
C VAL M 432 -15.89 -63.39 15.56
N GLY M 433 -14.97 -62.54 15.11
CA GLY M 433 -14.85 -61.22 15.71
C GLY M 433 -16.08 -60.36 15.51
N GLU M 434 -16.60 -60.33 14.27
CA GLU M 434 -17.77 -59.50 14.00
C GLU M 434 -19.00 -60.02 14.71
N LYS M 435 -19.18 -61.35 14.75
CA LYS M 435 -20.30 -61.90 15.51
C LYS M 435 -20.15 -61.65 17.00
N LYS M 436 -18.92 -61.65 17.51
CA LYS M 436 -18.69 -61.33 18.92
C LYS M 436 -19.13 -59.91 19.22
N ASP M 437 -18.77 -58.96 18.34
CA ASP M 437 -19.18 -57.58 18.55
C ASP M 437 -20.70 -57.43 18.49
N ARG M 438 -21.34 -58.11 17.52
CA ARG M 438 -22.79 -58.07 17.44
C ARG M 438 -23.43 -58.65 18.70
N PHE M 439 -22.88 -59.75 19.22
CA PHE M 439 -23.44 -60.36 20.41
C PHE M 439 -23.29 -59.45 21.62
N VAL M 440 -22.14 -58.77 21.73
CA VAL M 440 -21.94 -57.84 22.84
C VAL M 440 -22.95 -56.71 22.76
N ASP M 441 -23.17 -56.15 21.56
CA ASP M 441 -24.12 -55.05 21.44
C ASP M 441 -25.55 -55.51 21.77
N ALA M 442 -25.94 -56.69 21.27
CA ALA M 442 -27.27 -57.20 21.55
C ALA M 442 -27.45 -57.54 23.03
N LEU M 443 -26.36 -57.89 23.71
CA LEU M 443 -26.43 -58.11 25.14
C LEU M 443 -26.64 -56.79 25.89
N ASN M 444 -25.91 -55.74 25.60
CA ASN M 444 -26.07 -54.54 26.39
C ASN M 444 -27.39 -53.87 26.31
N ALA M 445 -28.14 -54.13 25.25
CA ALA M 445 -29.44 -53.50 25.05
C ALA M 445 -30.54 -54.25 25.78
N THR M 446 -30.43 -55.56 25.84
CA THR M 446 -31.43 -56.37 26.54
C THR M 446 -31.43 -56.03 28.02
N ARG M 447 -30.25 -55.82 28.59
CA ARG M 447 -30.15 -55.47 30.00
C ARG M 447 -30.89 -54.17 30.30
N ALA M 448 -30.65 -53.14 29.50
CA ALA M 448 -31.32 -51.86 29.70
C ALA M 448 -32.84 -51.98 29.58
N ALA M 449 -33.30 -52.80 28.65
CA ALA M 449 -34.74 -53.01 28.47
C ALA M 449 -35.33 -53.81 29.61
N VAL M 450 -34.54 -54.71 30.19
CA VAL M 450 -35.01 -55.52 31.31
C VAL M 450 -35.07 -54.66 32.57
N GLU M 451 -34.27 -53.60 32.62
CA GLU M 451 -34.23 -52.74 33.78
C GLU M 451 -35.44 -51.82 33.90
N GLU M 452 -35.80 -51.14 32.81
CA GLU M 452 -36.88 -50.16 32.88
C GLU M 452 -38.00 -50.37 31.88
N GLY M 453 -37.75 -50.99 30.73
CA GLY M 453 -38.78 -51.25 29.76
C GLY M 453 -38.41 -50.70 28.40
N THR M 454 -39.38 -50.69 27.49
CA THR M 454 -39.18 -50.22 26.13
C THR M 454 -40.31 -49.28 25.73
N VAL M 455 -39.91 -48.30 24.92
CA VAL M 455 -40.85 -47.33 24.43
C VAL M 455 -40.69 -47.27 22.87
N PRO M 456 -41.76 -46.90 22.06
CA PRO M 456 -41.62 -46.87 20.59
C PRO M 456 -40.43 -46.02 20.15
N GLY M 457 -39.73 -46.51 19.13
CA GLY M 457 -38.53 -45.87 18.64
C GLY M 457 -38.81 -44.84 17.58
N GLY M 458 -37.75 -44.48 16.85
CA GLY M 458 -37.87 -43.49 15.81
C GLY M 458 -37.99 -42.07 16.31
N GLY M 459 -37.78 -41.84 17.61
CA GLY M 459 -37.95 -40.52 18.19
C GLY M 459 -39.38 -40.14 18.50
N VAL M 460 -40.33 -41.08 18.38
CA VAL M 460 -41.73 -40.76 18.58
C VAL M 460 -42.15 -40.80 20.04
N ALA M 461 -41.34 -41.40 20.93
CA ALA M 461 -41.68 -41.40 22.35
C ALA M 461 -41.66 -39.98 22.91
N LEU M 462 -40.58 -39.24 22.67
CA LEU M 462 -40.50 -37.86 23.13
C LEU M 462 -41.53 -36.99 22.42
N LEU M 463 -41.74 -37.23 21.13
CA LEU M 463 -42.72 -36.45 20.37
C LEU M 463 -44.13 -36.63 20.95
N LYS M 464 -44.50 -37.86 21.30
CA LYS M 464 -45.79 -38.09 21.92
C LYS M 464 -45.84 -37.55 23.34
N SER M 465 -44.72 -37.59 24.07
CA SER M 465 -44.68 -37.04 25.41
C SER M 465 -44.81 -35.52 25.42
N THR M 466 -44.51 -34.85 24.31
CA THR M 466 -44.69 -33.41 24.24
C THR M 466 -46.14 -32.97 24.42
N LYS M 467 -47.11 -33.87 24.27
CA LYS M 467 -48.52 -33.53 24.37
C LYS M 467 -49.01 -33.43 25.81
N CYS M 468 -48.19 -33.79 26.78
CA CYS M 468 -48.55 -33.69 28.19
C CYS M 468 -48.05 -32.40 28.83
N LEU M 469 -47.26 -31.60 28.12
CA LEU M 469 -46.71 -30.38 28.70
C LEU M 469 -47.72 -29.25 28.73
N ASP M 470 -48.87 -29.40 28.07
CA ASP M 470 -49.88 -28.34 28.04
C ASP M 470 -50.81 -28.43 29.23
N LYS M 471 -50.40 -29.19 30.26
CA LYS M 471 -51.16 -29.29 31.49
C LYS M 471 -50.41 -28.76 32.69
N LEU M 472 -49.23 -28.17 32.50
CA LEU M 472 -48.43 -27.66 33.61
C LEU M 472 -48.90 -26.26 33.98
N THR M 473 -48.76 -25.92 35.26
CA THR M 473 -49.17 -24.62 35.77
C THR M 473 -47.98 -23.90 36.38
N PRO M 474 -47.21 -23.15 35.61
CA PRO M 474 -46.08 -22.41 36.16
C PRO M 474 -46.56 -21.19 36.96
N GLY M 475 -45.72 -20.78 37.91
CA GLY M 475 -45.96 -19.61 38.71
C GLY M 475 -45.52 -18.31 38.10
N ASN M 476 -44.94 -18.35 36.90
CA ASN M 476 -44.44 -17.16 36.23
C ASN M 476 -44.48 -17.43 34.73
N PHE M 477 -44.49 -16.39 33.91
CA PHE M 477 -44.44 -16.53 32.47
C PHE M 477 -43.09 -17.01 31.95
N ASP M 478 -41.99 -16.68 32.64
CA ASP M 478 -40.69 -17.17 32.22
C ASP M 478 -40.54 -18.68 32.42
N GLN M 479 -41.13 -19.23 33.48
CA GLN M 479 -41.20 -20.68 33.60
C GLN M 479 -42.03 -21.29 32.48
N GLN M 480 -43.10 -20.60 32.07
CA GLN M 480 -43.86 -21.05 30.90
C GLN M 480 -43.02 -21.00 29.64
N LEU M 481 -42.17 -19.97 29.52
CA LEU M 481 -41.26 -19.90 28.38
C LEU M 481 -40.29 -21.08 28.38
N GLY M 482 -39.79 -21.46 29.56
CA GLY M 482 -38.93 -22.63 29.65
C GLY M 482 -39.65 -23.93 29.29
N ILE M 483 -40.90 -24.06 29.74
CA ILE M 483 -41.69 -25.23 29.37
C ILE M 483 -41.88 -25.28 27.85
N ASN M 484 -42.16 -24.14 27.23
CA ASN M 484 -42.26 -24.07 25.78
C ASN M 484 -40.94 -24.40 25.10
N ILE M 485 -39.81 -24.00 25.71
CA ILE M 485 -38.51 -24.36 25.18
C ILE M 485 -38.35 -25.86 25.12
N ILE M 486 -38.68 -26.54 26.22
CA ILE M 486 -38.56 -28.00 26.26
C ILE M 486 -39.51 -28.64 25.26
N LYS M 487 -40.73 -28.11 25.17
CA LYS M 487 -41.73 -28.67 24.27
C LYS M 487 -41.27 -28.57 22.81
N SER M 488 -40.70 -27.43 22.43
CA SER M 488 -40.18 -27.27 21.07
C SER M 488 -38.95 -28.16 20.84
N ALA M 489 -38.08 -28.27 21.84
CA ALA M 489 -36.84 -29.01 21.66
C ALA M 489 -37.07 -30.51 21.55
N LEU M 490 -38.10 -31.03 22.21
CA LEU M 490 -38.32 -32.46 22.21
C LEU M 490 -38.90 -33.01 20.92
N GLN M 491 -38.96 -32.21 19.86
CA GLN M 491 -39.41 -32.67 18.55
C GLN M 491 -38.27 -32.85 17.55
N LYS M 492 -37.06 -32.40 17.89
CA LYS M 492 -35.95 -32.46 16.95
C LYS M 492 -35.53 -33.86 16.53
N PRO M 493 -35.43 -34.87 17.42
CA PRO M 493 -34.97 -36.19 16.96
C PRO M 493 -35.81 -36.79 15.83
N ALA M 494 -37.13 -36.68 15.90
CA ALA M 494 -37.97 -37.22 14.84
C ALA M 494 -37.79 -36.43 13.55
N LYS M 495 -37.67 -35.10 13.65
CA LYS M 495 -37.43 -34.28 12.47
C LYS M 495 -36.13 -34.66 11.79
N ILE M 496 -35.08 -34.88 12.58
CA ILE M 496 -33.77 -35.23 12.02
C ILE M 496 -33.80 -36.62 11.42
N ILE M 497 -34.48 -37.57 12.07
CA ILE M 497 -34.59 -38.91 11.51
C ILE M 497 -35.31 -38.87 10.17
N ALA M 498 -36.38 -38.08 10.07
CA ALA M 498 -37.09 -37.95 8.80
C ALA M 498 -36.23 -37.24 7.76
N ASP M 499 -35.46 -36.24 8.17
CA ASP M 499 -34.59 -35.52 7.24
C ASP M 499 -33.52 -36.43 6.66
N ASN M 500 -32.93 -37.30 7.49
CA ASN M 500 -31.92 -38.23 7.01
C ASN M 500 -32.50 -39.20 5.98
N ALA M 501 -33.79 -39.51 6.07
CA ALA M 501 -34.44 -40.36 5.10
C ALA M 501 -34.67 -39.65 3.76
N GLY M 502 -34.45 -38.34 3.70
CA GLY M 502 -34.66 -37.58 2.49
C GLY M 502 -35.95 -36.79 2.44
N GLU M 503 -36.80 -36.91 3.45
CA GLU M 503 -38.07 -36.21 3.48
C GLU M 503 -37.92 -34.88 4.18
N GLU M 504 -39.03 -34.21 4.47
CA GLU M 504 -39.05 -32.97 5.23
C GLU M 504 -39.55 -33.30 6.64
N GLY M 505 -38.67 -33.14 7.62
CA GLY M 505 -39.00 -33.60 8.97
C GLY M 505 -40.17 -32.85 9.58
N ALA M 506 -40.30 -31.56 9.28
CA ALA M 506 -41.39 -30.77 9.85
C ALA M 506 -42.75 -31.29 9.41
N VAL M 507 -42.88 -31.62 8.13
CA VAL M 507 -44.16 -32.10 7.61
C VAL M 507 -44.51 -33.47 8.19
N ILE M 508 -43.52 -34.36 8.30
CA ILE M 508 -43.75 -35.68 8.88
C ILE M 508 -44.17 -35.54 10.34
N VAL M 509 -43.49 -34.68 11.09
CA VAL M 509 -43.83 -34.49 12.50
C VAL M 509 -45.23 -33.90 12.63
N GLY M 510 -45.57 -32.94 11.77
CA GLY M 510 -46.92 -32.39 11.79
C GLY M 510 -47.98 -33.43 11.50
N LYS M 511 -47.71 -34.31 10.53
CA LYS M 511 -48.65 -35.38 10.22
C LYS M 511 -48.82 -36.32 11.40
N ILE M 512 -47.71 -36.65 12.08
CA ILE M 512 -47.80 -37.55 13.23
C ILE M 512 -48.54 -36.87 14.38
N LEU M 513 -48.31 -35.57 14.57
CA LEU M 513 -48.87 -34.83 15.70
C LEU M 513 -50.26 -34.27 15.45
N ASP M 514 -50.83 -34.46 14.26
CA ASP M 514 -52.13 -33.92 13.93
C ASP M 514 -53.24 -34.96 13.99
N ASN M 515 -53.12 -36.05 13.26
CA ASN M 515 -54.11 -37.11 13.24
C ASN M 515 -53.57 -38.32 13.99
N HIS M 516 -54.42 -39.33 14.15
CA HIS M 516 -54.10 -40.54 14.91
C HIS M 516 -53.63 -40.18 16.32
N THR M 517 -54.48 -39.42 17.02
CA THR M 517 -54.17 -38.88 18.32
C THR M 517 -54.45 -39.86 19.45
N ASP M 518 -54.97 -41.04 19.15
CA ASP M 518 -55.26 -42.06 20.15
C ASP M 518 -54.36 -43.28 19.95
N ASP M 519 -53.14 -43.05 19.49
CA ASP M 519 -52.18 -44.13 19.25
C ASP M 519 -50.79 -43.65 19.67
N PHE M 520 -50.34 -44.10 20.84
CA PHE M 520 -49.02 -43.76 21.33
C PHE M 520 -47.92 -44.44 20.52
N ASN M 521 -48.24 -45.49 19.77
CA ASN M 521 -47.24 -46.30 19.09
C ASN M 521 -47.22 -46.00 17.59
N TYR M 522 -47.88 -44.91 17.18
CA TYR M 522 -48.02 -44.60 15.76
C TYR M 522 -46.96 -43.59 15.37
N GLY M 523 -46.27 -43.87 14.26
CA GLY M 523 -45.21 -42.99 13.83
C GLY M 523 -44.73 -43.33 12.44
N TYR M 524 -43.56 -42.79 12.11
CA TYR M 524 -42.97 -42.90 10.78
C TYR M 524 -41.89 -43.97 10.77
N ASP M 525 -42.07 -44.99 9.95
CA ASP M 525 -41.03 -45.99 9.66
C ASP M 525 -40.17 -45.42 8.54
N ALA M 526 -38.99 -44.91 8.89
CA ALA M 526 -38.13 -44.29 7.89
C ALA M 526 -37.46 -45.34 7.00
N ALA M 527 -37.24 -46.54 7.52
CA ALA M 527 -36.61 -47.59 6.72
C ALA M 527 -37.48 -47.96 5.52
N LYS M 528 -38.80 -48.11 5.74
CA LYS M 528 -39.73 -48.40 4.67
C LYS M 528 -40.48 -47.17 4.18
N SER M 529 -40.19 -45.99 4.74
CA SER M 529 -40.85 -44.74 4.36
C SER M 529 -42.37 -44.86 4.44
N GLU M 530 -42.85 -45.44 5.54
CA GLU M 530 -44.27 -45.71 5.73
C GLU M 530 -44.73 -45.10 7.05
N TYR M 531 -46.04 -45.16 7.30
CA TYR M 531 -46.63 -44.76 8.56
C TYR M 531 -47.29 -45.96 9.20
N GLY M 532 -47.23 -46.04 10.52
CA GLY M 532 -47.93 -47.10 11.21
C GLY M 532 -47.40 -47.31 12.62
N ASP M 533 -47.82 -48.42 13.21
CA ASP M 533 -47.44 -48.78 14.56
C ASP M 533 -45.99 -49.23 14.56
N LEU M 534 -45.14 -48.49 15.27
CA LEU M 534 -43.71 -48.78 15.27
C LEU M 534 -43.37 -49.98 16.13
N VAL M 535 -44.12 -50.22 17.21
CA VAL M 535 -43.85 -51.36 18.07
C VAL M 535 -44.14 -52.66 17.33
N SER M 536 -45.19 -52.67 16.50
CA SER M 536 -45.50 -53.87 15.71
C SER M 536 -44.38 -54.19 14.72
N ARG M 537 -43.67 -53.16 14.24
CA ARG M 537 -42.56 -53.35 13.31
C ARG M 537 -41.23 -53.57 14.03
N GLY M 538 -41.21 -53.59 15.36
CA GLY M 538 -39.99 -53.83 16.08
C GLY M 538 -39.09 -52.63 16.26
N ILE M 539 -39.61 -51.42 16.07
CA ILE M 539 -38.84 -50.20 16.24
C ILE M 539 -39.12 -49.70 17.65
N VAL M 540 -38.33 -50.19 18.62
CA VAL M 540 -38.45 -49.78 20.00
C VAL M 540 -37.06 -49.48 20.55
N ASP M 541 -37.01 -48.67 21.60
CA ASP M 541 -35.78 -48.35 22.30
C ASP M 541 -36.02 -48.37 23.80
N PRO M 542 -35.00 -48.70 24.59
CA PRO M 542 -35.19 -48.77 26.04
C PRO M 542 -35.54 -47.42 26.64
N LEU M 543 -36.36 -47.46 27.70
CA LEU M 543 -36.70 -46.23 28.42
C LEU M 543 -35.46 -45.64 29.11
N LYS M 544 -34.53 -46.49 29.53
CA LYS M 544 -33.35 -46.03 30.25
C LYS M 544 -32.53 -45.06 29.42
N VAL M 545 -32.27 -45.41 28.15
CA VAL M 545 -31.39 -44.59 27.33
C VAL M 545 -32.04 -43.24 27.02
N VAL M 546 -33.34 -43.24 26.72
CA VAL M 546 -34.01 -41.98 26.38
C VAL M 546 -34.13 -41.10 27.62
N ARG M 547 -34.41 -41.70 28.79
CA ARG M 547 -34.49 -40.92 30.02
C ARG M 547 -33.15 -40.32 30.38
N THR M 548 -32.08 -41.11 30.29
CA THR M 548 -30.75 -40.60 30.60
C THR M 548 -30.34 -39.49 29.63
N ALA M 549 -30.60 -39.69 28.34
CA ALA M 549 -30.27 -38.66 27.36
C ALA M 549 -31.03 -37.37 27.64
N LEU M 550 -32.32 -37.47 27.91
CA LEU M 550 -33.12 -36.29 28.19
C LEU M 550 -32.60 -35.55 29.43
N VAL M 551 -32.36 -36.30 30.51
CA VAL M 551 -31.95 -35.66 31.76
C VAL M 551 -30.59 -34.98 31.60
N ASP M 552 -29.62 -35.69 30.99
CA ASP M 552 -28.29 -35.13 30.85
C ASP M 552 -28.27 -33.94 29.90
N ALA M 553 -28.99 -34.03 28.78
CA ALA M 553 -29.05 -32.90 27.85
C ALA M 553 -29.69 -31.69 28.52
N SER M 554 -30.79 -31.89 29.25
CA SER M 554 -31.44 -30.78 29.93
C SER M 554 -30.50 -30.13 30.95
N GLY M 555 -29.81 -30.95 31.74
CA GLY M 555 -28.92 -30.41 32.75
C GLY M 555 -27.76 -29.62 32.15
N VAL M 556 -27.11 -30.18 31.14
CA VAL M 556 -25.97 -29.50 30.54
C VAL M 556 -26.41 -28.24 29.81
N ALA M 557 -27.58 -28.27 29.17
CA ALA M 557 -28.07 -27.08 28.48
C ALA M 557 -28.41 -25.98 29.47
N SER M 558 -29.03 -26.33 30.60
CA SER M 558 -29.30 -25.32 31.63
C SER M 558 -28.00 -24.76 32.19
N LEU M 559 -27.01 -25.61 32.41
CA LEU M 559 -25.72 -25.13 32.91
C LEU M 559 -25.06 -24.18 31.93
N LEU M 560 -25.13 -24.51 30.63
CA LEU M 560 -24.55 -23.63 29.61
C LEU M 560 -25.30 -22.31 29.53
N THR M 561 -26.63 -22.34 29.66
CA THR M 561 -27.41 -21.11 29.63
C THR M 561 -27.09 -20.22 30.82
N THR M 562 -26.88 -20.82 32.00
CA THR M 562 -26.62 -20.04 33.20
C THR M 562 -25.21 -19.41 33.19
N THR M 563 -24.29 -19.94 32.40
CA THR M 563 -22.91 -19.47 32.42
C THR M 563 -22.82 -17.99 32.05
N GLU M 564 -22.06 -17.24 32.84
CA GLU M 564 -21.92 -15.80 32.67
C GLU M 564 -20.51 -15.34 32.32
N CYS M 565 -19.49 -16.17 32.55
CA CYS M 565 -18.12 -15.81 32.23
C CYS M 565 -17.36 -17.06 31.83
N THR M 566 -16.49 -16.93 30.83
CA THR M 566 -15.66 -18.04 30.37
C THR M 566 -14.22 -17.57 30.24
N ILE M 567 -13.30 -18.37 30.76
CA ILE M 567 -11.88 -18.04 30.79
C ILE M 567 -11.11 -19.13 30.05
N THR M 568 -10.29 -18.71 29.08
CA THR M 568 -9.41 -19.63 28.37
C THR M 568 -7.97 -19.11 28.41
N GLU M 569 -7.07 -19.77 27.69
CA GLU M 569 -5.68 -19.37 27.65
C GLU M 569 -5.39 -18.62 26.35
N ALA M 570 -4.58 -17.58 26.46
CA ALA M 570 -4.22 -16.80 25.28
C ALA M 570 -3.28 -17.62 24.39
N PRO M 571 -3.56 -17.75 23.09
CA PRO M 571 -2.74 -18.52 22.16
C PRO M 571 -1.31 -17.98 22.03
N THR N 44 -5.21 -32.32 18.94
CA THR N 44 -5.31 -32.06 17.51
C THR N 44 -6.51 -31.19 17.18
N HIS N 45 -6.40 -30.42 16.11
CA HIS N 45 -7.46 -29.53 15.66
C HIS N 45 -7.93 -29.95 14.28
N LYS N 46 -9.24 -29.93 14.07
CA LYS N 46 -9.85 -30.47 12.87
C LYS N 46 -10.57 -29.37 12.08
N GLU N 47 -10.79 -29.66 10.80
CA GLU N 47 -11.58 -28.83 9.92
C GLU N 47 -12.73 -29.65 9.36
N LEU N 48 -13.91 -29.06 9.33
CA LEU N 48 -15.12 -29.78 8.94
C LEU N 48 -15.79 -29.10 7.75
N LYS N 49 -16.24 -29.91 6.81
CA LYS N 49 -17.03 -29.44 5.67
C LYS N 49 -18.33 -30.23 5.60
N PHE N 50 -19.41 -29.53 5.31
CA PHE N 50 -20.76 -30.10 5.31
C PHE N 50 -21.42 -29.92 3.95
N GLY N 51 -22.14 -30.94 3.52
CA GLY N 51 -23.01 -30.84 2.37
C GLY N 51 -22.34 -30.61 1.02
N VAL N 52 -22.71 -29.51 0.36
CA VAL N 52 -22.33 -29.32 -1.04
C VAL N 52 -20.83 -29.05 -1.18
N GLU N 53 -20.25 -28.26 -0.25
CA GLU N 53 -18.85 -27.88 -0.39
C GLU N 53 -17.91 -29.08 -0.20
N GLY N 54 -18.21 -29.93 0.79
CA GLY N 54 -17.39 -31.12 0.97
C GLY N 54 -17.46 -32.06 -0.22
N ARG N 55 -18.66 -32.26 -0.76
CA ARG N 55 -18.81 -33.09 -1.94
C ARG N 55 -18.11 -32.47 -3.15
N ALA N 56 -18.11 -31.14 -3.24
CA ALA N 56 -17.40 -30.47 -4.33
C ALA N 56 -15.89 -30.70 -4.23
N SER N 57 -15.34 -30.62 -3.02
CA SER N 57 -13.91 -30.90 -2.86
C SER N 57 -13.58 -32.35 -3.18
N LEU N 58 -14.41 -33.29 -2.71
CA LEU N 58 -14.21 -34.70 -3.04
C LEU N 58 -14.29 -34.92 -4.54
N LEU N 59 -15.24 -34.26 -5.21
CA LEU N 59 -15.37 -34.38 -6.65
C LEU N 59 -14.15 -33.81 -7.37
N LYS N 60 -13.59 -32.72 -6.86
CA LYS N 60 -12.36 -32.18 -7.45
C LYS N 60 -11.23 -33.20 -7.36
N GLY N 61 -11.07 -33.83 -6.20
CA GLY N 61 -10.03 -34.83 -6.05
C GLY N 61 -10.22 -36.02 -6.98
N VAL N 62 -11.44 -36.55 -7.03
CA VAL N 62 -11.73 -37.68 -7.90
C VAL N 62 -11.56 -37.29 -9.36
N ASP N 63 -11.91 -36.05 -9.70
CA ASP N 63 -11.75 -35.57 -11.06
C ASP N 63 -10.28 -35.55 -11.46
N ILE N 64 -9.42 -35.03 -10.58
CA ILE N 64 -7.99 -34.99 -10.88
C ILE N 64 -7.45 -36.40 -11.07
N LEU N 65 -7.81 -37.31 -10.15
CA LEU N 65 -7.30 -38.68 -10.24
C LEU N 65 -7.76 -39.36 -11.52
N ALA N 66 -9.06 -39.25 -11.84
CA ALA N 66 -9.59 -39.91 -13.03
C ALA N 66 -9.01 -39.30 -14.31
N LYS N 67 -8.84 -37.98 -14.34
CA LYS N 67 -8.25 -37.34 -15.51
C LYS N 67 -6.82 -37.81 -15.73
N ALA N 68 -6.06 -37.96 -14.64
CA ALA N 68 -4.70 -38.46 -14.79
C ALA N 68 -4.67 -39.91 -15.26
N VAL N 69 -5.59 -40.74 -14.75
CA VAL N 69 -5.51 -42.17 -15.05
C VAL N 69 -6.11 -42.50 -16.41
N ALA N 70 -7.10 -41.72 -16.89
CA ALA N 70 -7.85 -42.11 -18.07
C ALA N 70 -7.04 -42.03 -19.36
N VAL N 71 -5.96 -41.24 -19.40
CA VAL N 71 -5.19 -41.08 -20.62
C VAL N 71 -4.44 -42.34 -21.02
N THR N 72 -4.35 -43.34 -20.14
CA THR N 72 -3.59 -44.56 -20.39
C THR N 72 -4.48 -45.74 -20.74
N LEU N 73 -5.75 -45.51 -21.04
CA LEU N 73 -6.68 -46.60 -21.30
C LEU N 73 -6.82 -46.84 -22.80
N GLY N 74 -6.69 -48.10 -23.20
CA GLY N 74 -6.83 -48.49 -24.58
C GLY N 74 -5.52 -48.81 -25.24
N PRO N 75 -5.56 -49.40 -26.43
CA PRO N 75 -4.31 -49.65 -27.17
C PRO N 75 -3.55 -48.38 -27.52
N LYS N 76 -4.25 -47.27 -27.74
CA LYS N 76 -3.63 -46.00 -28.09
C LYS N 76 -3.53 -45.06 -26.89
N GLY N 77 -3.34 -45.61 -25.69
CA GLY N 77 -3.22 -44.77 -24.51
C GLY N 77 -1.97 -43.89 -24.58
N ARG N 78 -2.09 -42.70 -24.00
CA ARG N 78 -1.01 -41.74 -24.04
C ARG N 78 0.01 -42.03 -22.93
N ASN N 79 1.08 -41.25 -22.91
CA ASN N 79 2.17 -41.43 -21.96
C ASN N 79 2.01 -40.50 -20.77
N VAL N 80 2.52 -40.94 -19.62
CA VAL N 80 2.56 -40.13 -18.41
C VAL N 80 4.01 -40.04 -17.95
N LEU N 81 4.46 -38.82 -17.68
CA LEU N 81 5.80 -38.57 -17.15
C LEU N 81 5.72 -38.37 -15.66
N ILE N 82 6.40 -39.24 -14.90
CA ILE N 82 6.46 -39.15 -13.45
C ILE N 82 7.88 -38.84 -13.04
N GLU N 83 8.05 -37.78 -12.26
CA GLU N 83 9.37 -37.29 -11.87
C GLU N 83 9.78 -37.89 -10.54
N GLN N 84 10.99 -38.47 -10.50
CA GLN N 84 11.62 -39.03 -9.30
C GLN N 84 12.48 -37.96 -8.61
N PRO N 85 12.63 -38.06 -7.29
CA PRO N 85 13.46 -37.06 -6.58
C PRO N 85 14.88 -36.98 -7.11
N TYR N 86 15.43 -38.15 -7.47
CA TYR N 86 16.77 -38.21 -8.03
C TYR N 86 16.76 -39.31 -9.09
N GLY N 87 17.12 -38.99 -10.33
CA GLY N 87 17.12 -39.97 -11.40
C GLY N 87 16.33 -39.50 -12.59
N SER N 88 16.43 -40.28 -13.67
CA SER N 88 15.76 -39.96 -14.90
C SER N 88 14.24 -40.10 -14.74
N PRO N 89 13.46 -39.27 -15.44
CA PRO N 89 12.00 -39.36 -15.32
C PRO N 89 11.49 -40.68 -15.86
N LYS N 90 10.36 -41.12 -15.30
CA LYS N 90 9.75 -42.40 -15.67
C LYS N 90 8.62 -42.16 -16.65
N ILE N 91 8.62 -42.92 -17.75
CA ILE N 91 7.58 -42.84 -18.78
C ILE N 91 6.71 -44.07 -18.63
N THR N 92 5.41 -43.86 -18.36
CA THR N 92 4.52 -44.98 -18.06
C THR N 92 3.23 -44.87 -18.86
N LYS N 93 2.74 -46.04 -19.31
CA LYS N 93 1.43 -46.19 -19.91
C LYS N 93 0.51 -47.03 -19.05
N ASP N 94 0.87 -47.25 -17.79
CA ASP N 94 0.19 -48.19 -16.91
C ASP N 94 -0.69 -47.42 -15.93
N GLY N 95 -1.97 -47.79 -15.89
CA GLY N 95 -2.92 -47.02 -15.09
C GLY N 95 -2.68 -47.12 -13.60
N VAL N 96 -2.37 -48.32 -13.10
CA VAL N 96 -2.18 -48.50 -11.67
C VAL N 96 -0.92 -47.78 -11.19
N THR N 97 0.14 -47.78 -12.02
CA THR N 97 1.35 -47.05 -11.67
C THR N 97 1.08 -45.55 -11.56
N VAL N 98 0.30 -45.00 -12.49
CA VAL N 98 -0.06 -43.59 -12.44
C VAL N 98 -0.93 -43.31 -11.22
N ALA N 99 -1.87 -44.19 -10.91
CA ALA N 99 -2.77 -43.98 -9.79
C ALA N 99 -2.04 -44.02 -8.45
N LYS N 100 -1.06 -44.91 -8.31
CA LYS N 100 -0.35 -45.07 -7.05
C LYS N 100 0.59 -43.90 -6.74
N SER N 101 0.83 -43.00 -7.68
CA SER N 101 1.78 -41.91 -7.51
C SER N 101 1.12 -40.54 -7.46
N ILE N 102 -0.17 -40.47 -7.07
CA ILE N 102 -0.90 -39.21 -7.04
C ILE N 102 -1.24 -38.89 -5.60
N SER N 103 -0.81 -37.71 -5.15
CA SER N 103 -1.16 -37.19 -3.84
C SER N 103 -1.44 -35.69 -3.98
N LEU N 104 -2.53 -35.24 -3.36
CA LEU N 104 -2.97 -33.86 -3.48
C LEU N 104 -2.68 -33.10 -2.19
N LYS N 105 -2.41 -31.82 -2.36
CA LYS N 105 -2.09 -30.93 -1.27
C LYS N 105 -3.26 -30.58 -0.46
N ASP N 106 -4.38 -30.33 -1.06
CA ASP N 106 -5.63 -30.07 -0.36
C ASP N 106 -6.13 -31.33 0.31
N LYS N 107 -6.64 -31.19 1.53
CA LYS N 107 -6.94 -32.35 2.36
C LYS N 107 -8.20 -33.08 1.91
N PHE N 108 -9.26 -32.37 1.55
CA PHE N 108 -10.51 -33.03 1.20
C PHE N 108 -10.44 -33.68 -0.18
N GLU N 109 -9.80 -32.99 -1.14
CA GLU N 109 -9.57 -33.60 -2.45
C GLU N 109 -8.67 -34.82 -2.32
N ASN N 110 -7.64 -34.74 -1.49
CA ASN N 110 -6.81 -35.90 -1.23
C ASN N 110 -7.60 -37.02 -0.56
N LEU N 111 -8.57 -36.68 0.29
CA LEU N 111 -9.40 -37.71 0.92
C LEU N 111 -10.22 -38.46 -0.12
N GLY N 112 -10.88 -37.73 -1.02
CA GLY N 112 -11.63 -38.38 -2.09
C GLY N 112 -10.75 -39.22 -2.99
N ALA N 113 -9.60 -38.67 -3.39
CA ALA N 113 -8.67 -39.41 -4.24
C ALA N 113 -8.16 -40.66 -3.54
N ARG N 114 -7.91 -40.57 -2.24
CA ARG N 114 -7.44 -41.72 -1.49
C ARG N 114 -8.50 -42.80 -1.43
N LEU N 115 -9.74 -42.42 -1.18
CA LEU N 115 -10.82 -43.40 -1.16
C LEU N 115 -10.93 -44.13 -2.49
N VAL N 116 -10.92 -43.38 -3.59
CA VAL N 116 -11.03 -44.02 -4.90
C VAL N 116 -9.78 -44.86 -5.19
N GLN N 117 -8.61 -44.40 -4.76
CA GLN N 117 -7.38 -45.15 -4.96
C GLN N 117 -7.42 -46.47 -4.21
N ASP N 118 -7.92 -46.46 -2.97
CA ASP N 118 -8.03 -47.69 -2.19
C ASP N 118 -8.98 -48.67 -2.87
N VAL N 119 -10.13 -48.18 -3.35
CA VAL N 119 -11.08 -49.09 -4.00
C VAL N 119 -10.50 -49.65 -5.28
N ALA N 120 -9.84 -48.81 -6.08
CA ALA N 120 -9.23 -49.28 -7.33
C ALA N 120 -8.10 -50.28 -7.07
N ASN N 121 -7.27 -50.04 -6.06
CA ASN N 121 -6.22 -50.99 -5.71
C ASN N 121 -6.83 -52.31 -5.25
N LYS N 122 -7.90 -52.26 -4.47
CA LYS N 122 -8.53 -53.48 -4.00
C LYS N 122 -9.11 -54.30 -5.15
N THR N 123 -9.79 -53.64 -6.10
CA THR N 123 -10.35 -54.40 -7.22
C THR N 123 -9.25 -54.93 -8.12
N ASN N 124 -8.16 -54.17 -8.31
CA ASN N 124 -7.04 -54.66 -9.10
C ASN N 124 -6.40 -55.88 -8.45
N GLU N 125 -6.25 -55.86 -7.12
CA GLU N 125 -5.69 -57.00 -6.42
C GLU N 125 -6.61 -58.21 -6.49
N VAL N 126 -7.92 -57.99 -6.35
CA VAL N 126 -8.87 -59.10 -6.34
C VAL N 126 -8.96 -59.75 -7.72
N ALA N 127 -9.12 -58.94 -8.77
CA ALA N 127 -9.41 -59.46 -10.09
C ALA N 127 -8.18 -59.58 -10.99
N GLY N 128 -7.14 -58.80 -10.74
CA GLY N 128 -5.97 -58.82 -11.61
C GLY N 128 -5.77 -57.51 -12.34
N ASP N 129 -6.88 -56.89 -12.77
CA ASP N 129 -6.83 -55.61 -13.46
C ASP N 129 -8.19 -54.93 -13.31
N GLY N 130 -8.31 -53.76 -13.91
CA GLY N 130 -9.52 -52.97 -13.85
C GLY N 130 -9.45 -51.69 -13.04
N THR N 131 -8.25 -51.16 -12.79
CA THR N 131 -8.13 -49.93 -12.02
C THR N 131 -8.64 -48.72 -12.80
N THR N 132 -8.22 -48.61 -14.07
CA THR N 132 -8.62 -47.44 -14.86
C THR N 132 -10.12 -47.42 -15.10
N THR N 133 -10.70 -48.57 -15.46
CA THR N 133 -12.14 -48.63 -15.69
C THR N 133 -12.93 -48.31 -14.43
N ALA N 134 -12.49 -48.85 -13.29
CA ALA N 134 -13.17 -48.57 -12.03
C ALA N 134 -13.09 -47.09 -11.68
N THR N 135 -11.92 -46.49 -11.86
CA THR N 135 -11.76 -45.07 -11.57
C THR N 135 -12.66 -44.22 -12.48
N ILE N 136 -12.70 -44.55 -13.77
CA ILE N 136 -13.52 -43.78 -14.71
C ILE N 136 -14.99 -43.89 -14.35
N LEU N 137 -15.45 -45.11 -14.06
CA LEU N 137 -16.85 -45.31 -13.71
C LEU N 137 -17.19 -44.60 -12.40
N THR N 138 -16.27 -44.64 -11.43
CA THR N 138 -16.48 -43.92 -10.18
C THR N 138 -16.65 -42.44 -10.43
N ARG N 139 -15.76 -41.85 -11.24
CA ARG N 139 -15.84 -40.43 -11.52
C ARG N 139 -17.16 -40.08 -12.19
N ALA N 140 -17.56 -40.88 -13.19
CA ALA N 140 -18.79 -40.59 -13.92
C ALA N 140 -20.01 -40.66 -13.01
N ILE N 141 -20.14 -41.76 -12.26
CA ILE N 141 -21.31 -41.93 -11.39
C ILE N 141 -21.34 -40.86 -10.31
N PHE N 142 -20.19 -40.56 -9.71
CA PHE N 142 -20.15 -39.56 -8.64
C PHE N 142 -20.53 -38.18 -9.17
N ALA N 143 -19.99 -37.79 -10.33
CA ALA N 143 -20.31 -36.48 -10.88
C ALA N 143 -21.80 -36.38 -11.23
N GLU N 144 -22.34 -37.42 -11.85
CA GLU N 144 -23.75 -37.38 -12.24
C GLU N 144 -24.66 -37.37 -11.00
N GLY N 145 -24.30 -38.13 -9.97
CA GLY N 145 -25.07 -38.12 -8.75
C GLY N 145 -25.03 -36.78 -8.04
N VAL N 146 -23.86 -36.12 -8.05
CA VAL N 146 -23.75 -34.79 -7.47
C VAL N 146 -24.65 -33.82 -8.23
N LYS N 147 -24.65 -33.89 -9.56
CA LYS N 147 -25.52 -33.02 -10.35
C LYS N 147 -26.99 -33.27 -10.03
N ASN N 148 -27.40 -34.53 -9.95
CA ASN N 148 -28.80 -34.85 -9.69
C ASN N 148 -29.22 -34.43 -8.29
N VAL N 149 -28.32 -34.59 -7.31
CA VAL N 149 -28.63 -34.13 -5.95
C VAL N 149 -28.77 -32.61 -5.92
N ALA N 150 -27.87 -31.90 -6.61
CA ALA N 150 -28.01 -30.45 -6.70
C ALA N 150 -29.31 -30.05 -7.38
N ALA N 151 -29.79 -30.85 -8.32
CA ALA N 151 -31.06 -30.57 -8.99
C ALA N 151 -32.26 -30.71 -8.06
N GLY N 152 -32.07 -31.28 -6.86
CA GLY N 152 -33.16 -31.40 -5.90
C GLY N 152 -33.77 -32.77 -5.84
N CYS N 153 -32.94 -33.81 -5.81
CA CYS N 153 -33.39 -35.19 -5.80
C CYS N 153 -32.97 -35.88 -4.50
N ASN N 154 -33.60 -37.01 -4.22
CA ASN N 154 -33.35 -37.76 -3.00
C ASN N 154 -32.18 -38.72 -3.23
N PRO N 155 -31.07 -38.58 -2.52
CA PRO N 155 -29.92 -39.47 -2.74
C PRO N 155 -30.20 -40.93 -2.47
N MET N 156 -31.08 -41.26 -1.52
CA MET N 156 -31.35 -42.66 -1.21
C MET N 156 -32.03 -43.37 -2.38
N ASP N 157 -32.99 -42.70 -3.01
CA ASP N 157 -33.64 -43.30 -4.18
C ASP N 157 -32.69 -43.39 -5.36
N LEU N 158 -31.77 -42.42 -5.48
CA LEU N 158 -30.70 -42.54 -6.47
C LEU N 158 -29.87 -43.78 -6.22
N ARG N 159 -29.51 -44.04 -4.96
CA ARG N 159 -28.75 -45.22 -4.62
C ARG N 159 -29.51 -46.49 -4.96
N ARG N 160 -30.82 -46.52 -4.66
CA ARG N 160 -31.62 -47.70 -4.96
C ARG N 160 -31.68 -47.95 -6.47
N GLY N 161 -31.88 -46.88 -7.26
CA GLY N 161 -31.92 -47.04 -8.70
C GLY N 161 -30.59 -47.49 -9.27
N VAL N 162 -29.50 -46.95 -8.74
CA VAL N 162 -28.16 -47.36 -9.19
C VAL N 162 -27.92 -48.84 -8.88
N GLN N 163 -28.33 -49.28 -7.69
CA GLN N 163 -28.18 -50.68 -7.33
C GLN N 163 -29.00 -51.57 -8.26
N MET N 164 -30.24 -51.19 -8.54
CA MET N 164 -31.08 -51.99 -9.42
C MET N 164 -30.50 -52.08 -10.83
N ALA N 165 -30.02 -50.95 -11.35
CA ALA N 165 -29.41 -50.94 -12.68
C ALA N 165 -28.15 -51.80 -12.71
N VAL N 166 -27.32 -51.72 -11.68
CA VAL N 166 -26.09 -52.51 -11.65
C VAL N 166 -26.41 -54.00 -11.59
N ASP N 167 -27.42 -54.38 -10.80
CA ASP N 167 -27.83 -55.78 -10.75
C ASP N 167 -28.31 -56.26 -12.11
N SER N 168 -29.11 -55.44 -12.80
CA SER N 168 -29.59 -55.81 -14.13
C SER N 168 -28.43 -55.98 -15.10
N ILE N 169 -27.46 -55.06 -15.06
CA ILE N 169 -26.31 -55.14 -15.96
C ILE N 169 -25.51 -56.40 -15.68
N VAL N 170 -25.29 -56.72 -14.40
CA VAL N 170 -24.52 -57.91 -14.05
C VAL N 170 -25.23 -59.16 -14.53
N LYS N 171 -26.56 -59.22 -14.35
CA LYS N 171 -27.30 -60.38 -14.82
C LYS N 171 -27.20 -60.53 -16.33
N PHE N 172 -27.33 -59.43 -17.07
CA PHE N 172 -27.22 -59.49 -18.53
C PHE N 172 -25.83 -59.96 -18.95
N LEU N 173 -24.78 -59.42 -18.32
CA LEU N 173 -23.42 -59.79 -18.68
C LEU N 173 -23.16 -61.26 -18.38
N ARG N 174 -23.64 -61.75 -17.23
CA ARG N 174 -23.50 -63.17 -16.92
C ARG N 174 -24.25 -64.03 -17.91
N GLU N 175 -25.41 -63.57 -18.38
CA GLU N 175 -26.16 -64.32 -19.38
C GLU N 175 -25.40 -64.40 -20.70
N LYS N 176 -24.73 -63.31 -21.09
CA LYS N 176 -24.07 -63.24 -22.39
C LYS N 176 -22.61 -63.67 -22.37
N SER N 177 -22.12 -64.18 -21.24
CA SER N 177 -20.72 -64.58 -21.16
C SER N 177 -20.47 -65.88 -21.91
N ARG N 178 -19.23 -66.08 -22.35
CA ARG N 178 -18.80 -67.28 -23.04
C ARG N 178 -17.86 -68.08 -22.13
N VAL N 179 -18.28 -69.28 -21.76
CA VAL N 179 -17.51 -70.14 -20.86
C VAL N 179 -16.51 -70.96 -21.68
N ILE N 180 -15.33 -71.17 -21.11
CA ILE N 180 -14.28 -71.96 -21.75
C ILE N 180 -13.96 -73.14 -20.85
N THR N 181 -14.03 -74.35 -21.40
CA THR N 181 -13.82 -75.57 -20.64
C THR N 181 -12.67 -76.43 -21.16
N THR N 182 -12.63 -76.71 -22.46
CA THR N 182 -11.66 -77.66 -22.98
C THR N 182 -10.28 -77.01 -23.13
N SER N 183 -9.28 -77.85 -23.36
CA SER N 183 -7.89 -77.39 -23.37
C SER N 183 -7.60 -76.46 -24.54
N GLU N 184 -8.24 -76.68 -25.69
CA GLU N 184 -7.96 -75.82 -26.85
C GLU N 184 -8.41 -74.39 -26.61
N GLU N 185 -9.58 -74.20 -25.97
CA GLU N 185 -10.04 -72.85 -25.67
C GLU N 185 -9.16 -72.19 -24.61
N ILE N 186 -8.69 -72.97 -23.62
CA ILE N 186 -7.76 -72.43 -22.64
C ILE N 186 -6.46 -71.98 -23.32
N ALA N 187 -5.96 -72.79 -24.24
CA ALA N 187 -4.74 -72.43 -24.97
C ALA N 187 -4.95 -71.17 -25.79
N GLN N 188 -6.10 -71.07 -26.47
CA GLN N 188 -6.39 -69.87 -27.26
C GLN N 188 -6.49 -68.63 -26.37
N VAL N 189 -7.16 -68.75 -25.23
CA VAL N 189 -7.31 -67.61 -24.32
C VAL N 189 -5.95 -67.18 -23.80
N ALA N 190 -5.10 -68.15 -23.43
CA ALA N 190 -3.77 -67.81 -22.93
C ALA N 190 -2.90 -67.19 -24.02
N THR N 191 -3.05 -67.66 -25.26
CA THR N 191 -2.31 -67.05 -26.37
C THR N 191 -2.75 -65.61 -26.60
N ILE N 192 -4.06 -65.35 -26.56
CA ILE N 192 -4.55 -63.98 -26.70
C ILE N 192 -4.04 -63.11 -25.55
N SER N 193 -4.08 -63.64 -24.34
CA SER N 193 -3.61 -62.88 -23.17
C SER N 193 -2.10 -62.65 -23.19
N ALA N 194 -1.37 -63.38 -24.03
CA ALA N 194 0.08 -63.24 -24.13
C ALA N 194 0.49 -62.43 -25.36
N ASN N 195 -0.40 -61.58 -25.88
CA ASN N 195 -0.14 -60.77 -27.07
C ASN N 195 0.26 -61.63 -28.26
N GLY N 196 -0.51 -62.70 -28.46
CA GLY N 196 -0.30 -63.57 -29.61
C GLY N 196 0.85 -64.55 -29.48
N ASP N 197 1.36 -64.76 -28.28
CA ASP N 197 2.48 -65.69 -28.08
C ASP N 197 1.93 -67.11 -27.97
N THR N 198 2.26 -67.95 -28.95
CA THR N 198 1.76 -69.33 -28.96
C THR N 198 2.47 -70.19 -27.93
N HIS N 199 3.77 -69.97 -27.70
CA HIS N 199 4.50 -70.80 -26.74
C HIS N 199 3.94 -70.62 -25.33
N VAL N 200 3.67 -69.37 -24.93
CA VAL N 200 3.13 -69.13 -23.59
C VAL N 200 1.75 -69.77 -23.45
N GLY N 201 0.91 -69.64 -24.46
CA GLY N 201 -0.41 -70.24 -24.40
C GLY N 201 -0.35 -71.75 -24.32
N LYS N 202 0.56 -72.37 -25.07
CA LYS N 202 0.72 -73.82 -25.00
C LYS N 202 1.24 -74.26 -23.63
N LEU N 203 2.20 -73.51 -23.08
CA LEU N 203 2.75 -73.87 -21.77
C LEU N 203 1.70 -73.74 -20.68
N ILE N 204 0.90 -72.68 -20.71
CA ILE N 204 -0.11 -72.47 -19.67
C ILE N 204 -1.17 -73.57 -19.73
N ALA N 205 -1.76 -73.81 -20.86
CA ALA N 205 -2.79 -74.80 -21.00
C ALA N 205 -2.42 -76.13 -20.58
N ASN N 206 -1.14 -76.38 -20.29
CA ASN N 206 -0.68 -77.70 -19.92
C ASN N 206 -0.49 -77.77 -18.45
N ALA N 207 0.06 -76.74 -17.88
CA ALA N 207 0.18 -76.72 -16.42
C ALA N 207 -1.18 -76.88 -15.77
N MET N 208 -2.18 -76.15 -16.25
CA MET N 208 -3.53 -76.24 -15.72
C MET N 208 -4.27 -77.46 -16.22
N GLU N 209 -3.72 -78.17 -17.21
CA GLU N 209 -4.17 -79.52 -17.49
C GLU N 209 -3.67 -80.49 -16.42
N LYS N 210 -2.40 -80.35 -16.02
CA LYS N 210 -1.81 -81.25 -15.04
C LYS N 210 -2.43 -81.06 -13.66
N VAL N 211 -2.50 -79.81 -13.18
CA VAL N 211 -2.97 -79.57 -11.82
C VAL N 211 -4.46 -79.25 -11.77
N GLY N 212 -5.12 -79.11 -12.91
CA GLY N 212 -6.51 -78.70 -12.95
C GLY N 212 -6.67 -77.19 -13.03
N LYS N 213 -7.91 -76.77 -13.23
CA LYS N 213 -8.19 -75.34 -13.30
C LYS N 213 -7.94 -74.66 -11.95
N GLU N 214 -8.22 -75.36 -10.86
CA GLU N 214 -8.07 -74.82 -9.51
C GLU N 214 -6.71 -75.12 -8.89
N GLY N 215 -5.79 -75.72 -9.65
CA GLY N 215 -4.51 -76.08 -9.10
C GLY N 215 -3.61 -74.87 -8.86
N VAL N 216 -2.42 -75.16 -8.36
CA VAL N 216 -1.41 -74.12 -8.09
C VAL N 216 -0.39 -74.14 -9.20
N ILE N 217 -0.24 -73.00 -9.89
CA ILE N 217 0.76 -72.82 -10.93
C ILE N 217 1.59 -71.60 -10.56
N THR N 218 2.91 -71.75 -10.61
CA THR N 218 3.82 -70.66 -10.30
C THR N 218 4.90 -70.57 -11.36
N VAL N 219 5.50 -69.39 -11.46
CA VAL N 219 6.48 -69.07 -12.49
C VAL N 219 7.79 -68.69 -11.83
N LYS N 220 8.89 -69.34 -12.24
CA LYS N 220 10.20 -69.08 -11.67
C LYS N 220 11.22 -68.96 -12.81
N GLU N 221 12.39 -68.42 -12.47
CA GLU N 221 13.46 -68.27 -13.44
C GLU N 221 14.08 -69.62 -13.77
N GLY N 222 14.50 -69.77 -15.03
CA GLY N 222 15.09 -71.01 -15.48
C GLY N 222 16.61 -70.96 -15.58
N LYS N 223 17.20 -72.14 -15.75
CA LYS N 223 18.64 -72.28 -15.85
C LYS N 223 19.14 -72.37 -17.29
N THR N 224 18.25 -72.42 -18.27
CA THR N 224 18.60 -72.78 -19.63
C THR N 224 17.84 -71.86 -20.59
N ILE N 225 17.80 -72.27 -21.87
CA ILE N 225 17.10 -71.46 -22.87
C ILE N 225 15.67 -71.95 -23.06
N GLU N 226 15.44 -73.25 -23.12
CA GLU N 226 14.11 -73.78 -23.35
C GLU N 226 13.29 -73.73 -22.06
N ASP N 227 11.98 -73.73 -22.24
CA ASP N 227 11.03 -73.53 -21.14
C ASP N 227 10.63 -74.88 -20.54
N GLU N 228 10.57 -74.92 -19.21
CA GLU N 228 10.33 -76.19 -18.53
C GLU N 228 9.04 -76.12 -17.72
N LEU N 229 8.37 -77.25 -17.63
CA LEU N 229 7.17 -77.39 -16.80
C LEU N 229 7.34 -78.64 -15.95
N GLU N 230 7.40 -78.47 -14.63
CA GLU N 230 7.64 -79.60 -13.74
C GLU N 230 6.60 -79.61 -12.62
N ILE N 231 6.12 -80.80 -12.29
CA ILE N 231 5.19 -81.00 -11.19
C ILE N 231 5.99 -81.40 -9.96
N THR N 232 5.89 -80.62 -8.89
CA THR N 232 6.62 -80.89 -7.66
C THR N 232 5.63 -81.04 -6.52
N GLU N 233 6.19 -81.26 -5.33
CA GLU N 233 5.42 -81.27 -4.10
C GLU N 233 5.49 -79.89 -3.45
N GLY N 234 4.36 -79.38 -3.00
CA GLY N 234 4.33 -78.08 -2.36
C GLY N 234 2.90 -77.75 -2.02
N MET N 235 2.71 -76.57 -1.42
CA MET N 235 1.36 -76.19 -1.03
C MET N 235 1.32 -74.71 -0.65
N ARG N 236 0.12 -74.16 -0.65
CA ARG N 236 -0.10 -72.73 -0.51
C ARG N 236 -1.04 -72.45 0.65
N PHE N 237 -0.80 -71.34 1.36
CA PHE N 237 -1.73 -70.82 2.35
C PHE N 237 -2.10 -69.39 2.00
N ASP N 238 -3.22 -68.94 2.58
CA ASP N 238 -3.74 -67.60 2.40
C ASP N 238 -3.23 -66.63 3.46
N ARG N 239 -2.07 -66.89 4.04
CA ARG N 239 -1.44 -65.98 5.00
C ARG N 239 -0.08 -65.52 4.47
N GLY N 240 0.11 -64.21 4.42
CA GLY N 240 1.33 -63.61 3.93
C GLY N 240 2.27 -63.20 5.04
N TYR N 241 3.25 -62.36 4.68
CA TYR N 241 4.26 -61.96 5.64
C TYR N 241 3.70 -60.93 6.62
N ILE N 242 4.29 -60.89 7.82
CA ILE N 242 3.78 -60.03 8.89
C ILE N 242 4.05 -58.57 8.56
N SER N 243 5.27 -58.24 8.14
CA SER N 243 5.63 -56.84 7.96
C SER N 243 6.11 -56.59 6.53
N PRO N 244 5.63 -55.53 5.89
CA PRO N 244 6.12 -55.17 4.56
C PRO N 244 7.63 -55.11 4.44
N TYR N 245 8.35 -54.77 5.52
CA TYR N 245 9.81 -54.66 5.45
C TYR N 245 10.49 -55.96 5.08
N PHE N 246 9.82 -57.11 5.25
CA PHE N 246 10.42 -58.40 4.92
C PHE N 246 10.62 -58.59 3.42
N ILE N 247 10.07 -57.71 2.59
CA ILE N 247 10.18 -57.85 1.14
C ILE N 247 11.64 -57.81 0.74
N THR N 248 12.08 -58.83 0.01
CA THR N 248 13.42 -58.86 -0.58
C THR N 248 13.41 -58.53 -2.06
N ASP N 249 12.32 -58.80 -2.75
CA ASP N 249 12.14 -58.45 -4.16
C ASP N 249 11.15 -57.29 -4.22
N ALA N 250 11.69 -56.06 -4.17
CA ALA N 250 10.83 -54.88 -4.18
C ALA N 250 10.14 -54.66 -5.51
N LYS N 251 10.57 -55.35 -6.57
CA LYS N 251 9.92 -55.18 -7.87
C LYS N 251 8.48 -55.65 -7.82
N THR N 252 8.22 -56.78 -7.17
CA THR N 252 6.88 -57.36 -7.08
C THR N 252 6.37 -57.43 -5.65
N GLN N 253 7.12 -56.85 -4.70
CA GLN N 253 6.73 -56.79 -3.29
C GLN N 253 6.52 -58.19 -2.72
N LYS N 254 7.50 -59.06 -2.92
CA LYS N 254 7.42 -60.43 -2.42
C LYS N 254 8.78 -60.85 -1.86
N VAL N 255 8.77 -61.99 -1.17
CA VAL N 255 9.95 -62.55 -0.51
C VAL N 255 10.20 -63.93 -1.09
N GLU N 256 11.44 -64.20 -1.50
CA GLU N 256 11.80 -65.50 -2.05
C GLU N 256 13.03 -66.04 -1.33
N PHE N 257 12.93 -67.28 -0.86
CA PHE N 257 14.06 -67.94 -0.22
C PHE N 257 14.30 -69.30 -0.85
N GLU N 258 15.58 -69.63 -1.05
CA GLU N 258 15.98 -70.91 -1.62
C GLU N 258 16.55 -71.79 -0.53
N LYS N 259 15.92 -72.95 -0.33
CA LYS N 259 16.32 -73.93 0.66
C LYS N 259 16.43 -73.31 2.07
N PRO N 260 15.32 -72.84 2.64
CA PRO N 260 15.38 -72.22 3.97
C PRO N 260 15.06 -73.20 5.09
N LEU N 261 15.26 -72.72 6.32
CA LEU N 261 14.89 -73.45 7.51
C LEU N 261 13.55 -72.95 8.04
N ILE N 262 12.66 -73.90 8.33
CA ILE N 262 11.28 -73.60 8.69
C ILE N 262 11.08 -73.93 10.16
N LEU N 263 10.53 -72.97 10.91
CA LEU N 263 10.22 -73.15 12.33
C LEU N 263 8.71 -73.08 12.51
N LEU N 264 8.09 -74.22 12.76
CA LEU N 264 6.65 -74.32 12.96
C LEU N 264 6.38 -74.42 14.46
N THR N 265 5.63 -73.46 15.00
CA THR N 265 5.29 -73.44 16.42
C THR N 265 3.84 -73.02 16.61
N GLU N 266 3.17 -73.68 17.55
CA GLU N 266 1.79 -73.36 17.90
C GLU N 266 1.82 -72.47 19.14
N LYS N 267 2.42 -71.29 18.99
CA LYS N 267 2.65 -70.43 20.15
C LYS N 267 2.57 -68.97 19.73
N LYS N 268 2.37 -68.12 20.72
CA LYS N 268 2.49 -66.68 20.57
C LYS N 268 3.89 -66.29 21.06
N ILE N 269 4.71 -65.76 20.14
CA ILE N 269 6.10 -65.44 20.42
C ILE N 269 6.26 -63.94 20.50
N SER N 270 6.77 -63.46 21.63
CA SER N 270 7.08 -62.04 21.80
C SER N 270 8.42 -61.78 22.48
N ILE N 271 9.03 -62.78 23.11
CA ILE N 271 10.31 -62.62 23.77
C ILE N 271 11.38 -63.28 22.91
N LEU N 272 12.55 -62.64 22.86
CA LEU N 272 13.62 -63.06 21.98
C LEU N 272 14.42 -64.24 22.53
N GLN N 273 14.29 -64.55 23.82
CA GLN N 273 15.08 -65.63 24.40
C GLN N 273 14.70 -66.97 23.77
N ASP N 274 13.42 -67.14 23.43
CA ASP N 274 12.99 -68.37 22.77
C ASP N 274 13.50 -68.43 21.33
N ILE N 275 13.68 -67.27 20.69
CA ILE N 275 14.11 -67.26 19.30
C ILE N 275 15.63 -67.41 19.16
N LEU N 276 16.40 -67.05 20.19
CA LEU N 276 17.86 -67.05 20.09
C LEU N 276 18.46 -68.39 19.65
N PRO N 277 18.07 -69.54 20.21
CA PRO N 277 18.66 -70.80 19.72
C PRO N 277 18.38 -71.05 18.25
N ALA N 278 17.14 -70.81 17.80
CA ALA N 278 16.79 -71.02 16.40
C ALA N 278 17.59 -70.08 15.50
N LEU N 279 17.69 -68.80 15.89
CA LEU N 279 18.41 -67.84 15.08
C LEU N 279 19.90 -68.18 15.01
N GLU N 280 20.48 -68.62 16.12
CA GLU N 280 21.89 -69.00 16.14
C GLU N 280 22.13 -70.23 15.26
N THR N 281 21.25 -71.23 15.35
CA THR N 281 21.39 -72.41 14.50
C THR N 281 21.28 -72.04 13.04
N SER N 282 20.38 -71.11 12.70
CA SER N 282 20.30 -70.62 11.33
C SER N 282 21.56 -69.88 10.90
N SER N 283 22.12 -69.05 11.78
CA SER N 283 23.33 -68.31 11.44
C SER N 283 24.51 -69.24 11.21
N THR N 284 24.62 -70.30 12.01
CA THR N 284 25.68 -71.29 11.82
C THR N 284 25.57 -72.00 10.47
N GLN N 285 24.35 -72.34 10.04
CA GLN N 285 24.15 -73.03 8.78
C GLN N 285 24.14 -72.09 7.58
N ARG N 286 24.18 -70.78 7.82
CA ARG N 286 24.13 -69.77 6.75
C ARG N 286 22.93 -69.96 5.83
N ARG N 287 21.75 -70.15 6.41
CA ARG N 287 20.54 -70.37 5.63
C ARG N 287 19.44 -69.42 6.11
N PRO N 288 18.58 -68.97 5.20
CA PRO N 288 17.48 -68.08 5.61
C PRO N 288 16.43 -68.84 6.41
N LEU N 289 15.71 -68.09 7.26
CA LEU N 289 14.77 -68.67 8.20
C LEU N 289 13.37 -68.14 7.95
N LEU N 290 12.39 -69.04 8.02
CA LEU N 290 10.97 -68.69 7.95
C LEU N 290 10.29 -69.28 9.17
N ILE N 291 9.55 -68.45 9.91
CA ILE N 291 8.85 -68.88 11.11
C ILE N 291 7.35 -68.80 10.86
N ILE N 292 6.67 -69.93 11.00
CA ILE N 292 5.23 -70.04 10.80
C ILE N 292 4.60 -70.24 12.18
N ALA N 293 4.10 -69.18 12.77
CA ALA N 293 3.64 -69.23 14.15
C ALA N 293 2.18 -68.81 14.24
N GLU N 294 1.62 -68.88 15.44
CA GLU N 294 0.29 -68.34 15.67
C GLU N 294 0.29 -66.82 15.48
N ASP N 295 1.33 -66.15 15.96
CA ASP N 295 1.49 -64.72 15.77
C ASP N 295 2.89 -64.33 16.24
N ILE N 296 3.47 -63.36 15.55
CA ILE N 296 4.77 -62.81 15.91
C ILE N 296 4.58 -61.32 16.18
N ASP N 297 4.40 -60.96 17.44
CA ASP N 297 4.16 -59.59 17.83
C ASP N 297 5.10 -59.20 18.97
N GLY N 298 5.05 -57.92 19.34
CA GLY N 298 5.91 -57.39 20.38
C GLY N 298 7.30 -57.07 19.91
N GLU N 299 8.29 -57.19 20.80
CA GLU N 299 9.67 -56.91 20.43
C GLU N 299 10.22 -57.96 19.48
N ALA N 300 9.56 -59.11 19.40
CA ALA N 300 10.04 -60.20 18.55
C ALA N 300 10.09 -59.77 17.09
N LEU N 301 9.00 -59.17 16.60
CA LEU N 301 8.99 -58.76 15.20
C LEU N 301 10.06 -57.72 14.95
N ALA N 302 10.22 -56.77 15.86
CA ALA N 302 11.20 -55.70 15.67
C ALA N 302 12.61 -56.26 15.59
N ALA N 303 12.94 -57.22 16.47
CA ALA N 303 14.24 -57.86 16.39
C ALA N 303 14.41 -58.56 15.05
N CYS N 304 13.36 -59.26 14.59
CA CYS N 304 13.45 -59.93 13.31
C CYS N 304 13.70 -58.95 12.17
N ILE N 305 12.99 -57.82 12.19
CA ILE N 305 13.13 -56.81 11.14
C ILE N 305 14.53 -56.22 11.08
N LEU N 306 15.06 -55.77 12.21
CA LEU N 306 16.37 -55.15 12.19
C LEU N 306 17.43 -56.15 11.80
N ASN N 307 17.26 -57.40 12.22
CA ASN N 307 18.19 -58.44 11.83
C ASN N 307 18.13 -58.60 10.33
N LYS N 308 16.92 -58.60 9.76
CA LYS N 308 16.79 -58.81 8.32
C LYS N 308 17.32 -57.62 7.53
N LEU N 309 17.05 -56.40 7.99
CA LEU N 309 17.50 -55.20 7.30
C LEU N 309 19.02 -55.14 7.25
N ARG N 310 19.69 -55.59 8.30
CA ARG N 310 21.14 -55.71 8.33
C ARG N 310 21.53 -57.07 7.78
N GLY N 311 22.84 -57.30 7.67
CA GLY N 311 23.35 -58.52 7.09
C GLY N 311 23.52 -59.69 8.04
N ASN N 312 23.05 -59.55 9.28
CA ASN N 312 23.24 -60.62 10.26
C ASN N 312 22.54 -61.90 9.83
N LEU N 313 21.25 -61.81 9.51
CA LEU N 313 20.48 -62.96 9.04
C LEU N 313 19.22 -62.44 8.37
N GLN N 314 18.80 -63.14 7.31
CA GLN N 314 17.57 -62.82 6.58
C GLN N 314 16.48 -63.77 7.03
N VAL N 315 15.36 -63.22 7.49
CA VAL N 315 14.30 -63.99 8.13
C VAL N 315 12.94 -63.49 7.63
N ALA N 316 11.93 -64.34 7.76
CA ALA N 316 10.56 -64.01 7.42
C ALA N 316 9.61 -64.68 8.41
N ALA N 317 8.43 -64.10 8.58
CA ALA N 317 7.45 -64.58 9.55
C ALA N 317 6.07 -64.58 8.94
N VAL N 318 5.33 -65.67 9.14
CA VAL N 318 3.94 -65.77 8.71
C VAL N 318 3.11 -66.40 9.83
N LYS N 319 1.80 -66.17 9.75
CA LYS N 319 0.87 -66.73 10.72
C LYS N 319 0.37 -68.10 10.28
N ALA N 320 0.08 -68.95 11.24
CA ALA N 320 -0.38 -70.29 10.93
C ALA N 320 -1.75 -70.25 10.26
N PRO N 321 -1.96 -71.03 9.21
CA PRO N 321 -3.25 -71.00 8.52
C PRO N 321 -4.36 -71.64 9.35
N GLY N 322 -5.58 -71.20 9.09
CA GLY N 322 -6.74 -71.73 9.79
C GLY N 322 -6.82 -71.23 11.22
N PHE N 323 -7.96 -71.66 11.85
CA PHE N 323 -8.31 -71.23 13.21
C PHE N 323 -8.95 -72.43 13.95
N GLY N 324 -8.69 -72.60 15.26
CA GLY N 324 -9.27 -73.72 15.98
C GLY N 324 -8.41 -74.96 15.86
N ASP N 325 -9.06 -76.13 15.85
CA ASP N 325 -8.33 -77.37 15.67
C ASP N 325 -7.87 -77.54 14.23
N ASN N 326 -8.53 -76.86 13.29
CA ASN N 326 -8.09 -76.89 11.90
C ASN N 326 -6.68 -76.34 11.77
N ARG N 327 -6.36 -75.28 12.52
CA ARG N 327 -5.00 -74.73 12.50
C ARG N 327 -3.98 -75.75 12.96
N LYS N 328 -4.28 -76.48 14.05
CA LYS N 328 -3.35 -77.49 14.53
C LYS N 328 -3.18 -78.61 13.52
N SER N 329 -4.27 -79.05 12.91
CA SER N 329 -4.18 -80.13 11.92
C SER N 329 -3.37 -79.69 10.69
N ILE N 330 -3.58 -78.46 10.23
CA ILE N 330 -2.82 -77.97 9.09
C ILE N 330 -1.35 -77.83 9.45
N LEU N 331 -1.04 -77.36 10.66
CA LEU N 331 0.36 -77.27 11.06
C LEU N 331 0.99 -78.65 11.16
N GLY N 332 0.24 -79.65 11.60
CA GLY N 332 0.77 -81.01 11.60
C GLY N 332 1.05 -81.53 10.20
N ASP N 333 0.12 -81.30 9.27
CA ASP N 333 0.34 -81.71 7.89
C ASP N 333 1.56 -81.01 7.30
N LEU N 334 1.71 -79.72 7.59
CA LEU N 334 2.82 -78.96 7.05
C LEU N 334 4.14 -79.38 7.68
N ALA N 335 4.15 -79.71 8.97
CA ALA N 335 5.35 -80.22 9.60
C ALA N 335 5.74 -81.57 9.02
N ILE N 336 4.77 -82.42 8.71
CA ILE N 336 5.08 -83.68 8.03
C ILE N 336 5.67 -83.41 6.65
N LEU N 337 5.08 -82.48 5.91
CA LEU N 337 5.55 -82.21 4.55
C LEU N 337 6.94 -81.60 4.54
N THR N 338 7.21 -80.67 5.44
CA THR N 338 8.48 -79.96 5.45
C THR N 338 9.61 -80.75 6.09
N GLY N 339 9.32 -81.92 6.66
CA GLY N 339 10.34 -82.74 7.26
C GLY N 339 10.72 -82.35 8.66
N GLY N 340 10.08 -81.34 9.24
CA GLY N 340 10.37 -80.94 10.59
C GLY N 340 9.31 -81.39 11.58
N THR N 341 9.31 -80.81 12.77
CA THR N 341 8.33 -81.12 13.80
C THR N 341 7.71 -79.83 14.33
N VAL N 342 6.42 -79.88 14.65
CA VAL N 342 5.72 -78.73 15.18
C VAL N 342 5.94 -78.64 16.69
N PHE N 343 5.97 -77.42 17.20
CA PHE N 343 6.21 -77.16 18.61
C PHE N 343 4.90 -76.68 19.25
N SER N 344 4.41 -77.42 20.24
CA SER N 344 3.11 -77.16 20.84
C SER N 344 3.25 -77.16 22.35
N ASP N 345 2.59 -76.21 23.01
CA ASP N 345 2.58 -76.19 24.47
C ASP N 345 1.80 -77.36 25.03
N GLU N 346 0.81 -77.87 24.30
CA GLU N 346 0.08 -79.04 24.75
C GLU N 346 1.00 -80.26 24.86
N LEU N 347 2.09 -80.28 24.11
CA LEU N 347 3.13 -81.30 24.27
C LEU N 347 4.21 -80.89 25.26
N ASP N 348 4.13 -79.67 25.79
CA ASP N 348 5.06 -79.18 26.82
C ASP N 348 6.52 -79.24 26.35
N ILE N 349 6.75 -78.89 25.09
CA ILE N 349 8.10 -78.78 24.54
C ILE N 349 8.42 -77.31 24.33
N LYS N 350 9.60 -76.89 24.78
CA LYS N 350 9.99 -75.49 24.80
C LYS N 350 10.80 -75.14 23.55
N LEU N 351 10.75 -73.85 23.18
CA LEU N 351 11.45 -73.39 21.98
C LEU N 351 12.96 -73.37 22.17
N GLU N 352 13.44 -73.29 23.42
CA GLU N 352 14.87 -73.36 23.67
C GLU N 352 15.44 -74.76 23.46
N ARG N 353 14.56 -75.76 23.35
CA ARG N 353 14.95 -77.13 23.07
C ARG N 353 15.16 -77.38 21.58
N ALA N 354 14.95 -76.36 20.75
CA ALA N 354 15.00 -76.53 19.30
C ALA N 354 16.39 -76.96 18.85
N THR N 355 16.42 -77.96 17.97
CA THR N 355 17.62 -78.47 17.34
C THR N 355 17.40 -78.54 15.83
N PRO N 356 18.46 -78.39 15.03
CA PRO N 356 18.28 -78.40 13.57
C PRO N 356 17.62 -79.66 13.03
N ASP N 357 17.59 -80.74 13.79
CA ASP N 357 16.90 -81.94 13.33
C ASP N 357 15.40 -81.69 13.20
N LEU N 358 14.81 -80.96 14.15
CA LEU N 358 13.37 -80.72 14.10
C LEU N 358 13.00 -79.56 13.18
N PHE N 359 13.98 -78.82 12.68
CA PHE N 359 13.70 -77.73 11.76
C PHE N 359 13.28 -78.27 10.40
N GLY N 360 12.30 -77.61 9.78
CA GLY N 360 11.84 -78.02 8.48
C GLY N 360 12.67 -77.42 7.35
N SER N 361 12.76 -78.17 6.25
CA SER N 361 13.50 -77.73 5.08
C SER N 361 12.66 -77.98 3.83
N THR N 362 12.86 -77.13 2.83
CA THR N 362 12.10 -77.23 1.59
C THR N 362 12.92 -76.63 0.45
N GLY N 363 12.48 -76.91 -0.77
CA GLY N 363 13.20 -76.42 -1.94
C GLY N 363 13.20 -74.90 -2.02
N SER N 364 12.04 -74.28 -1.83
CA SER N 364 11.97 -72.82 -1.85
C SER N 364 10.69 -72.38 -1.17
N VAL N 365 10.65 -71.11 -0.81
CA VAL N 365 9.46 -70.48 -0.25
C VAL N 365 9.26 -69.12 -0.92
N THR N 366 8.00 -68.79 -1.20
CA THR N 366 7.66 -67.50 -1.80
C THR N 366 6.49 -66.91 -1.03
N ILE N 367 6.65 -65.67 -0.56
CA ILE N 367 5.69 -65.02 0.31
C ILE N 367 5.22 -63.75 -0.36
N THR N 368 3.90 -63.56 -0.43
CA THR N 368 3.30 -62.36 -0.96
C THR N 368 2.47 -61.68 0.13
N LYS N 369 1.73 -60.63 -0.25
CA LYS N 369 0.86 -59.95 0.71
C LYS N 369 -0.23 -60.88 1.22
N GLU N 370 -0.85 -61.65 0.32
CA GLU N 370 -1.98 -62.49 0.72
C GLU N 370 -1.58 -63.96 0.89
N ASP N 371 -0.90 -64.52 -0.09
CA ASP N 371 -0.63 -65.96 -0.11
C ASP N 371 0.86 -66.22 0.07
N THR N 372 1.17 -67.42 0.58
CA THR N 372 2.54 -67.92 0.63
C THR N 372 2.53 -69.33 0.11
N ILE N 373 3.63 -69.75 -0.52
CA ILE N 373 3.72 -71.05 -1.17
C ILE N 373 5.06 -71.68 -0.84
N LEU N 374 5.02 -72.92 -0.36
CA LEU N 374 6.20 -73.72 -0.10
C LEU N 374 6.36 -74.73 -1.22
N LEU N 375 7.60 -74.94 -1.65
CA LEU N 375 7.92 -75.70 -2.85
C LEU N 375 9.01 -76.73 -2.55
N ASN N 376 8.79 -77.96 -3.01
CA ASN N 376 9.77 -79.04 -2.92
C ASN N 376 10.15 -79.30 -1.46
N GLY N 377 9.17 -79.74 -0.68
CA GLY N 377 9.41 -80.07 0.70
C GLY N 377 10.33 -81.27 0.83
N GLU N 378 11.05 -81.31 1.94
CA GLU N 378 12.03 -82.37 2.18
C GLU N 378 11.43 -83.61 2.83
N GLY N 379 10.12 -83.63 3.04
CA GLY N 379 9.51 -84.81 3.63
C GLY N 379 9.58 -86.00 2.70
N SER N 380 9.73 -87.19 3.28
CA SER N 380 9.71 -88.41 2.50
C SER N 380 8.34 -88.64 1.90
N LYS N 381 8.31 -89.32 0.75
CA LYS N 381 7.04 -89.59 0.08
C LYS N 381 6.14 -90.47 0.92
N ASP N 382 6.71 -91.49 1.55
CA ASP N 382 5.89 -92.52 2.21
C ASP N 382 5.06 -91.93 3.34
N MET N 383 5.64 -91.03 4.14
CA MET N 383 4.87 -90.47 5.24
C MET N 383 3.82 -89.48 4.75
N ILE N 384 4.12 -88.73 3.69
CA ILE N 384 3.09 -87.91 3.04
C ILE N 384 1.93 -88.79 2.61
N ASN N 385 2.24 -89.98 2.08
CA ASN N 385 1.18 -90.89 1.67
C ASN N 385 0.37 -91.37 2.87
N GLN N 386 1.04 -91.76 3.95
CA GLN N 386 0.26 -92.32 5.04
C GLN N 386 -0.65 -91.23 5.58
N ARG N 387 -0.14 -90.04 5.71
CA ARG N 387 -0.93 -88.92 6.17
C ARG N 387 -2.13 -88.72 5.26
N CYS N 388 -1.94 -88.87 3.94
CA CYS N 388 -3.08 -88.86 3.03
C CYS N 388 -4.09 -89.95 3.39
N GLU N 389 -3.58 -91.12 3.79
CA GLU N 389 -4.48 -92.20 4.18
C GLU N 389 -5.27 -91.84 5.44
N GLN N 390 -4.62 -91.24 6.43
CA GLN N 390 -5.38 -90.79 7.59
C GLN N 390 -6.39 -89.71 7.22
N ILE N 391 -6.04 -88.85 6.25
CA ILE N 391 -6.97 -87.82 5.84
C ILE N 391 -8.23 -88.43 5.23
N ARG N 392 -8.05 -89.42 4.35
CA ARG N 392 -9.23 -90.05 3.74
C ARG N 392 -10.00 -90.88 4.77
N ALA N 393 -9.30 -91.49 5.72
CA ALA N 393 -9.99 -92.20 6.80
C ALA N 393 -10.84 -91.25 7.63
N ALA N 394 -10.30 -90.07 7.95
CA ALA N 394 -11.06 -89.07 8.68
C ALA N 394 -12.23 -88.55 7.85
N ILE N 395 -12.06 -88.43 6.52
CA ILE N 395 -13.17 -88.09 5.65
C ILE N 395 -14.28 -89.13 5.79
N ASN N 396 -13.91 -90.40 5.78
CA ASN N 396 -14.90 -91.46 5.94
C ASN N 396 -15.58 -91.40 7.30
N ASP N 397 -14.81 -91.15 8.37
CA ASP N 397 -15.37 -91.19 9.72
C ASP N 397 -16.16 -89.93 10.07
N SER N 398 -15.78 -88.78 9.54
CA SER N 398 -16.39 -87.52 9.96
C SER N 398 -17.88 -87.51 9.69
N SER N 399 -18.64 -87.00 10.65
CA SER N 399 -20.09 -86.97 10.57
C SER N 399 -20.64 -85.68 9.97
N VAL N 400 -19.93 -84.57 10.14
CA VAL N 400 -20.41 -83.30 9.62
C VAL N 400 -20.39 -83.35 8.10
N SER N 401 -21.58 -83.24 7.50
CA SER N 401 -21.71 -83.42 6.05
C SER N 401 -21.01 -82.31 5.29
N ASP N 402 -21.18 -81.06 5.73
CA ASP N 402 -20.68 -79.93 4.95
C ASP N 402 -19.34 -79.42 5.47
N TYR N 403 -19.29 -79.04 6.75
CA TYR N 403 -18.15 -78.28 7.25
C TYR N 403 -16.89 -79.15 7.33
N GLU N 404 -16.92 -80.18 8.18
CA GLU N 404 -15.72 -80.97 8.43
C GLU N 404 -15.31 -81.75 7.18
N ARG N 405 -16.29 -82.30 6.45
CA ARG N 405 -15.95 -83.04 5.24
C ARG N 405 -15.28 -82.15 4.21
N GLU N 406 -15.81 -80.95 3.99
CA GLU N 406 -15.22 -80.08 2.99
C GLU N 406 -13.85 -79.58 3.42
N LYS N 407 -13.65 -79.35 4.73
CA LYS N 407 -12.33 -78.91 5.17
C LYS N 407 -11.30 -80.03 5.03
N LEU N 408 -11.67 -81.26 5.39
CA LEU N 408 -10.77 -82.38 5.19
C LEU N 408 -10.48 -82.59 3.72
N GLN N 409 -11.50 -82.45 2.86
CA GLN N 409 -11.27 -82.58 1.42
C GLN N 409 -10.32 -81.51 0.91
N GLU N 410 -10.49 -80.27 1.38
CA GLU N 410 -9.64 -79.19 0.90
C GLU N 410 -8.19 -79.41 1.34
N ARG N 411 -7.97 -79.88 2.56
CA ARG N 411 -6.58 -80.09 2.97
C ARG N 411 -5.99 -81.34 2.34
N LEU N 412 -6.81 -82.35 2.06
CA LEU N 412 -6.34 -83.48 1.25
C LEU N 412 -5.90 -83.02 -0.13
N ALA N 413 -6.70 -82.17 -0.78
CA ALA N 413 -6.32 -81.64 -2.09
C ALA N 413 -5.06 -80.81 -2.00
N LYS N 414 -4.93 -80.00 -0.95
CA LYS N 414 -3.73 -79.18 -0.79
C LYS N 414 -2.49 -80.05 -0.62
N LEU N 415 -2.59 -81.13 0.14
CA LEU N 415 -1.42 -81.96 0.40
C LEU N 415 -1.09 -82.87 -0.78
N SER N 416 -2.10 -83.27 -1.56
CA SER N 416 -1.88 -84.29 -2.57
C SER N 416 -1.71 -83.72 -3.99
N GLY N 417 -2.23 -82.53 -4.26
CA GLY N 417 -2.27 -82.03 -5.62
C GLY N 417 -0.91 -81.76 -6.21
N GLY N 418 0.01 -81.23 -5.40
CA GLY N 418 1.29 -80.78 -5.92
C GLY N 418 1.20 -79.39 -6.50
N VAL N 419 2.31 -78.95 -7.07
CA VAL N 419 2.42 -77.60 -7.62
C VAL N 419 3.06 -77.69 -9.00
N ALA N 420 2.47 -77.00 -9.98
CA ALA N 420 3.10 -76.87 -11.28
C ALA N 420 4.02 -75.66 -11.28
N VAL N 421 5.25 -75.87 -11.72
CA VAL N 421 6.25 -74.81 -11.78
C VAL N 421 6.66 -74.65 -13.24
N ILE N 422 6.64 -73.41 -13.71
CA ILE N 422 7.06 -73.06 -15.06
C ILE N 422 8.40 -72.34 -14.93
N LYS N 423 9.46 -73.00 -15.38
CA LYS N 423 10.80 -72.43 -15.36
C LYS N 423 11.04 -71.72 -16.68
N VAL N 424 11.26 -70.41 -16.61
CA VAL N 424 11.37 -69.56 -17.79
C VAL N 424 12.82 -69.56 -18.27
N GLY N 425 13.02 -70.07 -19.49
CA GLY N 425 14.36 -70.11 -20.04
C GLY N 425 14.64 -68.99 -21.02
N GLY N 426 15.91 -68.61 -21.16
CA GLY N 426 16.28 -67.57 -22.08
C GLY N 426 17.78 -67.50 -22.25
N SER N 427 18.20 -66.65 -23.19
CA SER N 427 19.62 -66.49 -23.45
C SER N 427 20.27 -65.54 -22.44
N SER N 428 19.73 -64.33 -22.31
CA SER N 428 20.29 -63.32 -21.43
C SER N 428 19.45 -63.21 -20.16
N GLU N 429 19.96 -62.45 -19.19
CA GLU N 429 19.23 -62.28 -17.93
C GLU N 429 18.02 -61.38 -18.12
N LEU N 430 18.20 -60.26 -18.83
CA LEU N 430 17.09 -59.34 -19.03
C LEU N 430 15.97 -59.98 -19.84
N GLU N 431 16.33 -60.77 -20.86
CA GLU N 431 15.32 -61.50 -21.62
C GLU N 431 14.54 -62.44 -20.71
N VAL N 432 15.24 -63.15 -19.82
CA VAL N 432 14.57 -64.05 -18.90
C VAL N 432 13.61 -63.28 -18.00
N GLY N 433 14.06 -62.14 -17.47
CA GLY N 433 13.20 -61.38 -16.58
C GLY N 433 11.95 -60.85 -17.27
N GLU N 434 12.11 -60.28 -18.47
CA GLU N 434 10.96 -59.71 -19.16
C GLU N 434 9.99 -60.81 -19.60
N LYS N 435 10.52 -61.94 -20.08
CA LYS N 435 9.65 -63.05 -20.44
C LYS N 435 8.95 -63.62 -19.21
N LYS N 436 9.62 -63.63 -18.05
CA LYS N 436 8.99 -64.08 -16.82
C LYS N 436 7.82 -63.18 -16.46
N ASP N 437 7.99 -61.87 -16.57
CA ASP N 437 6.89 -60.96 -16.28
C ASP N 437 5.74 -61.15 -17.26
N ARG N 438 6.05 -61.31 -18.54
CA ARG N 438 5.00 -61.56 -19.52
C ARG N 438 4.26 -62.86 -19.22
N PHE N 439 4.99 -63.91 -18.83
CA PHE N 439 4.35 -65.18 -18.53
C PHE N 439 3.45 -65.06 -17.30
N VAL N 440 3.89 -64.32 -16.28
CA VAL N 440 3.07 -64.12 -15.10
C VAL N 440 1.78 -63.39 -15.46
N ASP N 441 1.88 -62.34 -16.29
CA ASP N 441 0.68 -61.61 -16.67
C ASP N 441 -0.28 -62.47 -17.48
N ALA N 442 0.26 -63.24 -18.44
CA ALA N 442 -0.58 -64.11 -19.25
C ALA N 442 -1.20 -65.22 -18.41
N LEU N 443 -0.53 -65.63 -17.33
CA LEU N 443 -1.13 -66.60 -16.43
C LEU N 443 -2.28 -66.00 -15.65
N ASN N 444 -2.16 -64.83 -15.08
CA ASN N 444 -3.25 -64.32 -14.26
C ASN N 444 -4.52 -64.04 -14.97
N ALA N 445 -4.45 -63.85 -16.28
CA ALA N 445 -5.64 -63.51 -17.06
C ALA N 445 -6.40 -64.76 -17.48
N THR N 446 -5.67 -65.84 -17.76
CA THR N 446 -6.32 -67.09 -18.15
C THR N 446 -7.15 -67.63 -17.00
N ARG N 447 -6.65 -67.51 -15.78
CA ARG N 447 -7.39 -67.95 -14.62
C ARG N 447 -8.73 -67.24 -14.49
N ALA N 448 -8.72 -65.92 -14.60
CA ALA N 448 -9.96 -65.14 -14.51
C ALA N 448 -10.95 -65.52 -15.60
N ALA N 449 -10.44 -65.78 -16.80
CA ALA N 449 -11.31 -66.17 -17.91
C ALA N 449 -11.86 -67.58 -17.72
N VAL N 450 -11.07 -68.44 -17.07
CA VAL N 450 -11.51 -69.81 -16.82
C VAL N 450 -12.57 -69.82 -15.72
N GLU N 451 -12.53 -68.80 -14.85
CA GLU N 451 -13.49 -68.73 -13.75
C GLU N 451 -14.88 -68.33 -14.18
N GLU N 452 -15.01 -67.27 -14.97
CA GLU N 452 -16.33 -66.76 -15.32
C GLU N 452 -16.59 -66.64 -16.82
N GLY N 453 -15.56 -66.45 -17.65
CA GLY N 453 -15.76 -66.36 -19.08
C GLY N 453 -15.14 -65.10 -19.63
N THR N 454 -15.45 -64.82 -20.91
CA THR N 454 -14.93 -63.66 -21.60
C THR N 454 -16.05 -62.93 -22.32
N VAL N 455 -15.90 -61.61 -22.35
CA VAL N 455 -16.85 -60.77 -23.02
C VAL N 455 -16.06 -59.82 -24.00
N PRO N 456 -16.65 -59.34 -25.14
CA PRO N 456 -15.92 -58.49 -26.08
C PRO N 456 -15.28 -57.29 -25.38
N GLY N 457 -14.07 -56.97 -25.80
CA GLY N 457 -13.28 -55.92 -25.18
C GLY N 457 -13.53 -54.56 -25.80
N GLY N 458 -12.61 -53.65 -25.53
CA GLY N 458 -12.74 -52.30 -26.05
C GLY N 458 -13.77 -51.44 -25.35
N GLY N 459 -14.31 -51.92 -24.23
CA GLY N 459 -15.37 -51.22 -23.54
C GLY N 459 -16.75 -51.40 -24.13
N VAL N 460 -16.91 -52.30 -25.10
CA VAL N 460 -18.21 -52.47 -25.76
C VAL N 460 -19.15 -53.41 -25.01
N ALA N 461 -18.65 -54.19 -24.05
CA ALA N 461 -19.55 -55.03 -23.26
C ALA N 461 -20.50 -54.19 -22.44
N LEU N 462 -19.98 -53.22 -21.68
CA LEU N 462 -20.83 -52.34 -20.90
C LEU N 462 -21.72 -51.48 -21.80
N LEU N 463 -21.16 -51.01 -22.93
CA LEU N 463 -21.93 -50.20 -23.86
C LEU N 463 -23.13 -50.97 -24.41
N LYS N 464 -22.93 -52.24 -24.76
CA LYS N 464 -24.05 -53.06 -25.22
C LYS N 464 -25.00 -53.39 -24.08
N SER N 465 -24.48 -53.58 -22.87
CA SER N 465 -25.34 -53.85 -21.72
C SER N 465 -26.22 -52.67 -21.36
N THR N 466 -25.83 -51.45 -21.75
CA THR N 466 -26.67 -50.28 -21.48
C THR N 466 -28.04 -50.36 -22.16
N LYS N 467 -28.22 -51.23 -23.16
CA LYS N 467 -29.47 -51.31 -23.90
C LYS N 467 -30.53 -52.13 -23.16
N CYS N 468 -30.18 -52.78 -22.06
CA CYS N 468 -31.13 -53.53 -21.26
C CYS N 468 -31.73 -52.74 -20.10
N LEU N 469 -31.23 -51.52 -19.86
CA LEU N 469 -31.71 -50.72 -18.74
C LEU N 469 -33.05 -50.05 -19.03
N ASP N 470 -33.51 -50.07 -20.29
CA ASP N 470 -34.76 -49.43 -20.64
C ASP N 470 -35.94 -50.37 -20.41
N LYS N 471 -35.71 -51.44 -19.66
CA LYS N 471 -36.78 -52.37 -19.31
C LYS N 471 -37.04 -52.42 -17.81
N LEU N 472 -36.40 -51.58 -17.01
CA LEU N 472 -36.58 -51.58 -15.57
C LEU N 472 -37.80 -50.76 -15.19
N THR N 473 -38.44 -51.16 -14.09
CA THR N 473 -39.64 -50.47 -13.62
C THR N 473 -39.41 -49.96 -12.20
N PRO N 474 -38.88 -48.74 -12.04
CA PRO N 474 -38.69 -48.20 -10.70
C PRO N 474 -40.01 -47.76 -10.08
N GLY N 475 -40.03 -47.76 -8.75
CA GLY N 475 -41.18 -47.30 -7.99
C GLY N 475 -41.24 -45.81 -7.75
N ASN N 476 -40.25 -45.06 -8.24
CA ASN N 476 -40.19 -43.62 -8.04
C ASN N 476 -39.40 -43.03 -9.20
N PHE N 477 -39.56 -41.75 -9.49
CA PHE N 477 -38.79 -41.09 -10.54
C PHE N 477 -37.32 -40.87 -10.16
N ASP N 478 -37.02 -40.72 -8.87
CA ASP N 478 -35.62 -40.61 -8.46
C ASP N 478 -34.83 -41.90 -8.68
N GLN N 479 -35.46 -43.05 -8.47
CA GLN N 479 -34.84 -44.31 -8.86
C GLN N 479 -34.63 -44.37 -10.37
N GLN N 480 -35.57 -43.83 -11.15
CA GLN N 480 -35.37 -43.74 -12.58
C GLN N 480 -34.21 -42.82 -12.92
N LEU N 481 -34.05 -41.73 -12.16
CA LEU N 481 -32.91 -40.85 -12.36
C LEU N 481 -31.60 -41.59 -12.07
N GLY N 482 -31.58 -42.42 -11.04
CA GLY N 482 -30.39 -43.22 -10.76
C GLY N 482 -30.09 -44.23 -11.86
N ILE N 483 -31.13 -44.87 -12.40
CA ILE N 483 -30.96 -45.79 -13.52
C ILE N 483 -30.38 -45.05 -14.72
N ASN N 484 -30.89 -43.85 -14.99
CA ASN N 484 -30.34 -43.04 -16.08
C ASN N 484 -28.89 -42.63 -15.80
N ILE N 485 -28.56 -42.38 -14.53
CA ILE N 485 -27.17 -42.08 -14.17
C ILE N 485 -26.27 -43.24 -14.56
N ILE N 486 -26.66 -44.46 -14.19
CA ILE N 486 -25.85 -45.63 -14.51
C ILE N 486 -25.76 -45.82 -16.02
N LYS N 487 -26.88 -45.62 -16.72
CA LYS N 487 -26.92 -45.80 -18.16
C LYS N 487 -25.99 -44.82 -18.88
N SER N 488 -25.97 -43.56 -18.43
CA SER N 488 -25.05 -42.58 -19.01
C SER N 488 -23.61 -42.89 -18.65
N ALA N 489 -23.36 -43.33 -17.41
CA ALA N 489 -21.99 -43.55 -16.96
C ALA N 489 -21.34 -44.75 -17.64
N LEU N 490 -22.14 -45.76 -17.99
CA LEU N 490 -21.58 -46.99 -18.55
C LEU N 490 -21.13 -46.84 -20.00
N GLN N 491 -21.10 -45.64 -20.55
CA GLN N 491 -20.59 -45.40 -21.90
C GLN N 491 -19.23 -44.74 -21.92
N LYS N 492 -18.73 -44.29 -20.77
CA LYS N 492 -17.45 -43.57 -20.74
C LYS N 492 -16.25 -44.39 -21.18
N PRO N 493 -16.06 -45.66 -20.79
CA PRO N 493 -14.85 -46.37 -21.22
C PRO N 493 -14.65 -46.44 -22.72
N ALA N 494 -15.70 -46.68 -23.49
CA ALA N 494 -15.55 -46.73 -24.94
C ALA N 494 -15.24 -45.34 -25.51
N LYS N 495 -15.88 -44.31 -24.96
CA LYS N 495 -15.59 -42.94 -25.40
C LYS N 495 -14.13 -42.59 -25.14
N ILE N 496 -13.61 -42.96 -23.98
CA ILE N 496 -12.22 -42.64 -23.64
C ILE N 496 -11.26 -43.44 -24.49
N ILE N 497 -11.57 -44.71 -24.76
CA ILE N 497 -10.72 -45.52 -25.62
C ILE N 497 -10.66 -44.93 -27.02
N ALA N 498 -11.80 -44.47 -27.55
CA ALA N 498 -11.81 -43.83 -28.85
C ALA N 498 -11.07 -42.50 -28.84
N ASP N 499 -11.20 -41.74 -27.75
CA ASP N 499 -10.51 -40.46 -27.63
C ASP N 499 -9.00 -40.64 -27.63
N ASN N 500 -8.51 -41.67 -26.92
CA ASN N 500 -7.07 -41.93 -26.89
C ASN N 500 -6.54 -42.27 -28.27
N ALA N 501 -7.37 -42.87 -29.12
CA ALA N 501 -6.96 -43.16 -30.49
C ALA N 501 -6.89 -41.92 -31.37
N GLY N 502 -7.37 -40.78 -30.88
CA GLY N 502 -7.36 -39.55 -31.64
C GLY N 502 -8.68 -39.18 -32.28
N GLU N 503 -9.70 -40.02 -32.14
CA GLU N 503 -11.01 -39.76 -32.74
C GLU N 503 -11.90 -39.03 -31.74
N GLU N 504 -13.18 -38.89 -32.06
CA GLU N 504 -14.17 -38.31 -31.17
C GLU N 504 -15.00 -39.46 -30.59
N GLY N 505 -14.89 -39.67 -29.28
CA GLY N 505 -15.50 -40.84 -28.68
C GLY N 505 -17.01 -40.84 -28.78
N ALA N 506 -17.63 -39.66 -28.69
CA ALA N 506 -19.08 -39.58 -28.75
C ALA N 506 -19.62 -40.06 -30.09
N VAL N 507 -18.97 -39.67 -31.18
CA VAL N 507 -19.43 -40.06 -32.51
C VAL N 507 -19.25 -41.56 -32.73
N ILE N 508 -18.12 -42.11 -32.28
CA ILE N 508 -17.89 -43.55 -32.41
C ILE N 508 -18.91 -44.33 -31.61
N VAL N 509 -19.19 -43.89 -30.38
CA VAL N 509 -20.18 -44.57 -29.55
C VAL N 509 -21.56 -44.49 -30.18
N GLY N 510 -21.92 -43.32 -30.72
CA GLY N 510 -23.19 -43.20 -31.41
C GLY N 510 -23.30 -44.12 -32.62
N LYS N 511 -22.22 -44.23 -33.39
CA LYS N 511 -22.22 -45.15 -34.53
C LYS N 511 -22.40 -46.59 -34.08
N ILE N 512 -21.73 -46.97 -32.99
CA ILE N 512 -21.86 -48.34 -32.49
C ILE N 512 -23.27 -48.58 -31.95
N LEU N 513 -23.86 -47.58 -31.29
CA LEU N 513 -25.14 -47.73 -30.62
C LEU N 513 -26.33 -47.46 -31.54
N ASP N 514 -26.11 -47.09 -32.80
CA ASP N 514 -27.20 -46.77 -33.71
C ASP N 514 -27.51 -47.90 -34.69
N ASN N 515 -26.52 -48.35 -35.44
CA ASN N 515 -26.70 -49.42 -36.41
C ASN N 515 -26.03 -50.69 -35.90
N HIS N 516 -26.22 -51.78 -36.63
CA HIS N 516 -25.71 -53.10 -36.24
C HIS N 516 -26.19 -53.47 -34.84
N THR N 517 -27.51 -53.41 -34.67
CA THR N 517 -28.15 -53.62 -33.37
C THR N 517 -28.36 -55.09 -33.05
N ASP N 518 -28.00 -56.01 -33.95
CA ASP N 518 -28.15 -57.44 -33.73
C ASP N 518 -26.79 -58.12 -33.65
N ASP N 519 -25.80 -57.39 -33.13
CA ASP N 519 -24.43 -57.92 -33.01
C ASP N 519 -23.87 -57.45 -31.68
N PHE N 520 -23.82 -58.35 -30.69
CA PHE N 520 -23.25 -58.04 -29.39
C PHE N 520 -21.73 -57.90 -29.46
N ASN N 521 -21.10 -58.43 -30.51
CA ASN N 521 -19.65 -58.46 -30.58
C ASN N 521 -19.11 -57.40 -31.54
N TYR N 522 -19.95 -56.46 -31.94
CA TYR N 522 -19.58 -55.46 -32.94
C TYR N 522 -19.13 -54.20 -32.24
N GLY N 523 -18.00 -53.66 -32.66
CA GLY N 523 -17.46 -52.48 -32.02
C GLY N 523 -16.31 -51.88 -32.79
N TYR N 524 -15.58 -51.01 -32.11
CA TYR N 524 -14.49 -50.24 -32.71
C TYR N 524 -13.15 -50.86 -32.33
N ASP N 525 -12.38 -51.27 -33.34
CA ASP N 525 -10.99 -51.69 -33.16
C ASP N 525 -10.14 -50.43 -33.24
N ALA N 526 -9.70 -49.93 -32.08
CA ALA N 526 -8.93 -48.70 -32.05
C ALA N 526 -7.51 -48.91 -32.56
N ALA N 527 -6.97 -50.12 -32.41
CA ALA N 527 -5.61 -50.38 -32.89
C ALA N 527 -5.52 -50.23 -34.40
N LYS N 528 -6.50 -50.76 -35.12
CA LYS N 528 -6.56 -50.63 -36.57
C LYS N 528 -7.51 -49.54 -37.04
N SER N 529 -8.16 -48.83 -36.11
CA SER N 529 -9.09 -47.76 -36.43
C SER N 529 -10.19 -48.25 -37.38
N GLU N 530 -10.74 -49.42 -37.08
CA GLU N 530 -11.73 -50.06 -37.94
C GLU N 530 -12.97 -50.38 -37.13
N TYR N 531 -14.00 -50.87 -37.82
CA TYR N 531 -15.21 -51.36 -37.18
C TYR N 531 -15.39 -52.83 -37.50
N GLY N 532 -15.89 -53.59 -36.55
CA GLY N 532 -16.17 -54.99 -36.83
C GLY N 532 -16.32 -55.80 -35.57
N ASP N 533 -16.33 -57.12 -35.75
CA ASP N 533 -16.48 -58.05 -34.65
C ASP N 533 -15.18 -58.10 -33.85
N LEU N 534 -15.26 -57.68 -32.59
CA LEU N 534 -14.06 -57.60 -31.75
C LEU N 534 -13.60 -58.96 -31.27
N VAL N 535 -14.52 -59.91 -31.07
CA VAL N 535 -14.12 -61.25 -30.63
C VAL N 535 -13.34 -61.96 -31.73
N SER N 536 -13.72 -61.75 -32.98
CA SER N 536 -12.99 -62.35 -34.10
C SER N 536 -11.56 -61.83 -34.16
N ARG N 537 -11.34 -60.58 -33.75
CA ARG N 537 -10.01 -59.98 -33.75
C ARG N 537 -9.25 -60.24 -32.46
N GLY N 538 -9.83 -60.97 -31.53
CA GLY N 538 -9.14 -61.29 -30.28
C GLY N 538 -9.17 -60.21 -29.23
N ILE N 539 -10.08 -59.25 -29.34
CA ILE N 539 -10.21 -58.17 -28.35
C ILE N 539 -11.32 -58.60 -27.38
N VAL N 540 -10.93 -59.34 -26.34
CA VAL N 540 -11.84 -59.80 -25.31
C VAL N 540 -11.22 -59.54 -23.95
N ASP N 541 -12.09 -59.45 -22.94
CA ASP N 541 -11.65 -59.29 -21.56
C ASP N 541 -12.50 -60.18 -20.67
N PRO N 542 -11.94 -60.64 -19.54
CA PRO N 542 -12.70 -61.53 -18.66
C PRO N 542 -13.93 -60.83 -18.07
N LEU N 543 -14.98 -61.63 -17.86
CA LEU N 543 -16.17 -61.11 -17.19
C LEU N 543 -15.88 -60.73 -15.75
N LYS N 544 -14.96 -61.44 -15.10
CA LYS N 544 -14.66 -61.20 -13.70
C LYS N 544 -14.17 -59.77 -13.47
N VAL N 545 -13.23 -59.31 -14.29
CA VAL N 545 -12.64 -57.99 -14.06
C VAL N 545 -13.66 -56.89 -14.30
N VAL N 546 -14.47 -57.01 -15.35
CA VAL N 546 -15.45 -55.97 -15.65
C VAL N 546 -16.55 -55.96 -14.60
N ARG N 547 -16.97 -57.14 -14.14
CA ARG N 547 -17.99 -57.20 -13.09
C ARG N 547 -17.47 -56.60 -11.78
N THR N 548 -16.24 -56.95 -11.39
CA THR N 548 -15.67 -56.41 -10.17
C THR N 548 -15.50 -54.90 -10.26
N ALA N 549 -15.01 -54.41 -11.39
CA ALA N 549 -14.84 -52.97 -11.57
C ALA N 549 -16.18 -52.25 -11.48
N LEU N 550 -17.20 -52.78 -12.15
CA LEU N 550 -18.52 -52.15 -12.12
C LEU N 550 -19.07 -52.11 -10.69
N VAL N 551 -19.01 -53.24 -9.99
CA VAL N 551 -19.60 -53.32 -8.65
C VAL N 551 -18.87 -52.37 -7.69
N ASP N 552 -17.53 -52.39 -7.72
CA ASP N 552 -16.77 -51.57 -6.79
C ASP N 552 -16.94 -50.08 -7.09
N ALA N 553 -16.92 -49.71 -8.37
CA ALA N 553 -17.11 -48.31 -8.74
C ALA N 553 -18.49 -47.83 -8.32
N SER N 554 -19.52 -48.65 -8.56
CA SER N 554 -20.88 -48.26 -8.17
C SER N 554 -20.98 -48.08 -6.66
N GLY N 555 -20.41 -49.02 -5.90
CA GLY N 555 -20.50 -48.93 -4.44
C GLY N 555 -19.78 -47.71 -3.89
N VAL N 556 -18.56 -47.47 -4.36
CA VAL N 556 -17.80 -46.33 -3.85
C VAL N 556 -18.43 -45.01 -4.28
N ALA N 557 -18.99 -44.95 -5.49
CA ALA N 557 -19.64 -43.73 -5.94
C ALA N 557 -20.90 -43.45 -5.13
N SER N 558 -21.69 -44.49 -4.84
CA SER N 558 -22.86 -44.30 -3.98
C SER N 558 -22.46 -43.85 -2.59
N LEU N 559 -21.39 -44.44 -2.04
CA LEU N 559 -20.92 -44.03 -0.72
C LEU N 559 -20.46 -42.58 -0.71
N LEU N 560 -19.77 -42.15 -1.76
CA LEU N 560 -19.33 -40.75 -1.86
C LEU N 560 -20.52 -39.82 -2.00
N THR N 561 -21.54 -40.21 -2.77
CA THR N 561 -22.72 -39.37 -2.93
C THR N 561 -23.48 -39.23 -1.62
N THR N 562 -23.55 -40.32 -0.83
CA THR N 562 -24.30 -40.28 0.42
C THR N 562 -23.60 -39.45 1.49
N THR N 563 -22.29 -39.24 1.37
CA THR N 563 -21.52 -38.56 2.42
C THR N 563 -22.04 -37.14 2.65
N GLU N 564 -22.22 -36.78 3.93
CA GLU N 564 -22.78 -35.49 4.32
C GLU N 564 -21.82 -34.62 5.11
N CYS N 565 -20.75 -35.19 5.69
CA CYS N 565 -19.80 -34.41 6.45
C CYS N 565 -18.42 -35.03 6.29
N THR N 566 -17.40 -34.19 6.17
CA THR N 566 -16.02 -34.65 6.05
C THR N 566 -15.14 -33.87 7.01
N ILE N 567 -14.29 -34.59 7.73
CA ILE N 567 -13.44 -34.02 8.78
C ILE N 567 -11.98 -34.33 8.43
N THR N 568 -11.16 -33.28 8.39
CA THR N 568 -9.72 -33.43 8.18
C THR N 568 -8.96 -32.71 9.29
N GLU N 569 -7.64 -32.65 9.17
CA GLU N 569 -6.79 -31.98 10.15
C GLU N 569 -6.37 -30.61 9.64
N ALA N 570 -6.36 -29.64 10.54
CA ALA N 570 -5.96 -28.29 10.18
C ALA N 570 -4.46 -28.25 9.91
N PRO N 571 -4.01 -27.72 8.77
CA PRO N 571 -2.59 -27.65 8.41
C PRO N 571 -1.77 -26.82 9.40
#